data_5CDI
#
_entry.id   5CDI
#
_cell.length_a   143.338
_cell.length_b   174.390
_cell.length_c   213.678
_cell.angle_alpha   90.00
_cell.angle_beta   94.69
_cell.angle_gamma   90.00
#
_symmetry.space_group_name_H-M   'P 1 21 1'
#
_entity_poly.entity_id   1
_entity_poly.type   'polypeptide(L)'
_entity_poly.pdbx_seq_one_letter_code
;MAKELHFNKDMQALKRMQAGVDKLATVVGVTIGPKGRNVVLESKFGAPKIVNDGVTIAREVELSDPVENIGATLVRQAAA
RTNDTAGDGTTTATVLSAAFIAEGMKIVSAGTNPVQLVRGMEKTVQELVKELRKMSSVVQTDKDLANVACVSAGGNTDIG
SLISDAMAKVGRTGVVTMEEGKTAEDQLVFVEGMQFERGYTSPYFVTDPERMICEYENCKILLVDKKISTARDIITILES
AIRGNYPLLIMAEEVEQEALATLVVNKLRGTLKVVAIKAPGFGERRSSYLEDIAILTGGTVVRDEMGVSLEQATDAVLGT
AAKITITKERTTVVGDGSTAADVAARVKQIRNLQMQTDQDYEREKLQERIARLSGGVAIIQVGAQTETELKEKKLRVEDA
LNATRAAVEEGVVPGGGCTLLRLSEKVDVIKRRMTDPEQQMGADIIKRALCYPIKLIAQNAGVNGSVVMNEVMKNLDRPH
YGYNAATDSFENLMETGIIDPSKVVRCSMENAVSVAKTFLLADVVVTELKEIEAGAKPNPVAPGAAGFGGGL
;
_entity_poly.pdbx_strand_id   A,N,B,C,D,E,F,G,H,I,J,K,L,M
#
# COMPACT_ATOMS: atom_id res chain seq x y z
N GLU A 4 2.50 28.87 -15.45
CA GLU A 4 1.05 29.08 -15.42
C GLU A 4 0.43 28.95 -16.80
N LEU A 5 1.22 28.47 -17.76
CA LEU A 5 0.74 28.18 -19.10
C LEU A 5 1.13 26.77 -19.51
N HIS A 6 0.20 26.04 -20.11
CA HIS A 6 0.46 24.67 -20.53
C HIS A 6 0.73 24.60 -22.02
N PHE A 7 1.47 23.57 -22.44
CA PHE A 7 1.90 23.42 -23.83
C PHE A 7 1.31 22.18 -24.48
N ASN A 8 0.64 22.36 -25.61
CA ASN A 8 0.03 21.25 -26.33
C ASN A 8 0.43 21.26 -27.81
N LYS A 9 1.15 20.23 -28.23
CA LYS A 9 1.69 20.19 -29.58
C LYS A 9 1.43 18.85 -30.29
N ASP A 10 1.97 18.75 -31.50
CA ASP A 10 1.92 17.55 -32.34
C ASP A 10 0.51 17.26 -32.87
N MET A 11 0.33 16.05 -33.38
CA MET A 11 -0.89 15.62 -34.05
C MET A 11 -2.03 15.33 -33.07
N GLN A 12 -1.67 14.81 -31.90
CA GLN A 12 -2.67 14.40 -30.91
C GLN A 12 -3.36 15.59 -30.25
N ALA A 13 -2.69 16.74 -30.21
CA ALA A 13 -3.28 17.94 -29.63
C ALA A 13 -4.46 18.42 -30.46
N LEU A 14 -4.40 18.14 -31.76
CA LEU A 14 -5.49 18.45 -32.67
C LEU A 14 -6.69 17.54 -32.43
N LYS A 15 -6.41 16.28 -32.16
CA LYS A 15 -7.47 15.29 -31.95
C LYS A 15 -8.20 15.49 -30.63
N ARG A 16 -7.54 16.15 -29.68
CA ARG A 16 -8.14 16.41 -28.38
C ARG A 16 -9.34 17.34 -28.51
N MET A 17 -9.12 18.53 -29.08
CA MET A 17 -10.21 19.46 -29.28
C MET A 17 -11.17 18.97 -30.36
N GLN A 18 -10.68 18.06 -31.22
CA GLN A 18 -11.54 17.43 -32.21
C GLN A 18 -12.60 16.58 -31.54
N ALA A 19 -12.17 15.86 -30.50
CA ALA A 19 -13.09 15.07 -29.70
C ALA A 19 -14.10 15.96 -29.00
N GLY A 20 -13.65 17.12 -28.51
CA GLY A 20 -14.53 18.06 -27.86
C GLY A 20 -15.52 18.65 -28.83
N VAL A 21 -15.05 18.88 -30.06
CA VAL A 21 -15.92 19.30 -31.14
C VAL A 21 -16.90 18.17 -31.48
N ASP A 22 -16.39 16.94 -31.53
CA ASP A 22 -17.21 15.79 -31.88
C ASP A 22 -18.30 15.51 -30.85
N LYS A 23 -18.03 15.86 -29.59
CA LYS A 23 -19.01 15.68 -28.52
C LYS A 23 -20.13 16.70 -28.62
N LEU A 24 -19.78 17.92 -29.02
CA LEU A 24 -20.77 18.96 -29.21
C LEU A 24 -21.67 18.63 -30.39
N ALA A 25 -21.07 18.09 -31.45
CA ALA A 25 -21.83 17.71 -32.64
C ALA A 25 -22.63 16.44 -32.38
N THR A 26 -22.31 15.76 -31.28
CA THR A 26 -23.01 14.53 -30.93
C THR A 26 -24.34 14.84 -30.24
N VAL A 27 -24.36 15.90 -29.43
CA VAL A 27 -25.57 16.27 -28.70
C VAL A 27 -26.49 17.15 -29.54
N VAL A 28 -25.92 18.06 -30.31
CA VAL A 28 -26.69 18.89 -31.22
C VAL A 28 -27.11 18.06 -32.42
N GLY A 29 -26.36 16.99 -32.67
CA GLY A 29 -26.62 16.09 -33.79
C GLY A 29 -27.92 15.31 -33.65
N VAL A 30 -28.25 14.92 -32.42
CA VAL A 30 -29.48 14.17 -32.18
C VAL A 30 -30.67 15.12 -32.08
N THR A 31 -30.38 16.40 -31.98
CA THR A 31 -31.40 17.45 -31.90
C THR A 31 -31.97 17.74 -33.27
N ILE A 32 -31.11 17.63 -34.27
CA ILE A 32 -31.49 17.97 -35.65
C ILE A 32 -32.58 17.04 -36.17
N GLY A 33 -33.28 17.48 -37.20
CA GLY A 33 -34.32 16.68 -37.82
C GLY A 33 -35.70 16.96 -37.25
N PRO A 34 -36.74 16.67 -38.04
CA PRO A 34 -38.13 16.83 -37.60
C PRO A 34 -38.44 15.94 -36.41
N LYS A 35 -37.96 14.70 -36.45
CA LYS A 35 -38.13 13.77 -35.35
C LYS A 35 -36.96 13.89 -34.38
N GLY A 36 -36.64 15.13 -34.00
CA GLY A 36 -35.53 15.39 -33.09
C GLY A 36 -35.77 14.84 -31.70
N ARG A 37 -34.68 14.55 -30.99
CA ARG A 37 -34.78 14.01 -29.64
C ARG A 37 -34.62 15.11 -28.60
N ASN A 38 -35.24 14.91 -27.45
CA ASN A 38 -35.14 15.88 -26.37
C ASN A 38 -33.80 15.78 -25.64
N VAL A 39 -33.33 16.91 -25.12
CA VAL A 39 -32.11 16.93 -24.32
C VAL A 39 -32.40 17.50 -22.94
N VAL A 40 -32.16 16.71 -21.91
CA VAL A 40 -32.48 17.11 -20.54
C VAL A 40 -31.36 17.94 -19.91
N LEU A 41 -31.71 19.15 -19.46
CA LEU A 41 -30.74 20.03 -18.83
C LEU A 41 -31.00 20.16 -17.32
N GLU A 42 -29.94 20.05 -16.53
CA GLU A 42 -30.06 20.22 -15.09
C GLU A 42 -30.34 21.69 -14.75
N SER A 43 -31.39 21.92 -13.99
CA SER A 43 -31.79 23.28 -13.62
C SER A 43 -30.76 23.94 -12.73
N LYS A 44 -30.76 25.28 -12.74
CA LYS A 44 -29.89 26.05 -11.86
C LYS A 44 -30.34 25.87 -10.41
N PHE A 45 -31.64 25.69 -10.22
CA PHE A 45 -32.23 25.47 -8.91
C PHE A 45 -33.67 25.01 -9.05
N GLY A 46 -33.89 23.69 -9.02
CA GLY A 46 -35.22 23.15 -9.08
C GLY A 46 -35.48 22.21 -10.25
N ALA A 47 -36.65 22.35 -10.84
CA ALA A 47 -37.10 21.45 -11.91
C ALA A 47 -36.30 21.64 -13.19
N PRO A 48 -35.80 20.53 -13.75
CA PRO A 48 -34.99 20.50 -14.97
C PRO A 48 -35.69 21.12 -16.19
N LYS A 49 -34.95 21.32 -17.26
CA LYS A 49 -35.47 21.94 -18.47
C LYS A 49 -35.16 21.12 -19.71
N ILE A 50 -36.20 20.62 -20.38
CA ILE A 50 -36.04 19.85 -21.59
C ILE A 50 -36.00 20.76 -22.81
N VAL A 51 -35.13 20.44 -23.77
CA VAL A 51 -34.93 21.29 -24.93
C VAL A 51 -35.09 20.52 -26.25
N ASN A 52 -35.69 21.17 -27.24
CA ASN A 52 -35.81 20.60 -28.57
C ASN A 52 -34.98 21.40 -29.59
N ASP A 53 -34.43 22.51 -29.12
CA ASP A 53 -33.65 23.40 -29.98
C ASP A 53 -32.16 23.07 -29.92
N GLY A 54 -31.42 23.47 -30.95
CA GLY A 54 -29.98 23.31 -30.96
C GLY A 54 -29.30 24.56 -30.46
N VAL A 55 -30.10 25.61 -30.28
CA VAL A 55 -29.60 26.90 -29.82
C VAL A 55 -29.25 26.87 -28.33
N THR A 56 -30.21 26.45 -27.51
CA THR A 56 -30.04 26.43 -26.06
C THR A 56 -28.95 25.44 -25.65
N ILE A 57 -28.82 24.35 -26.39
CA ILE A 57 -27.81 23.35 -26.11
C ILE A 57 -26.41 23.89 -26.33
N ALA A 58 -26.19 24.51 -27.48
CA ALA A 58 -24.89 25.08 -27.81
C ALA A 58 -24.49 26.19 -26.83
N ARG A 59 -25.50 26.80 -26.21
CA ARG A 59 -25.26 27.85 -25.23
C ARG A 59 -24.69 27.30 -23.92
N GLU A 60 -25.05 26.05 -23.60
CA GLU A 60 -24.73 25.48 -22.30
C GLU A 60 -23.50 24.58 -22.31
N VAL A 61 -23.20 23.97 -23.45
CA VAL A 61 -22.13 22.97 -23.52
C VAL A 61 -20.74 23.58 -23.33
N GLU A 62 -20.01 22.99 -22.39
CA GLU A 62 -18.62 23.35 -22.13
C GLU A 62 -17.97 22.26 -21.26
N LEU A 63 -17.05 21.52 -21.83
CA LEU A 63 -16.48 20.34 -21.17
C LEU A 63 -15.38 20.69 -20.17
N SER A 64 -14.97 19.69 -19.39
CA SER A 64 -13.96 19.88 -18.36
C SER A 64 -12.59 20.19 -18.96
N ASP A 65 -12.08 19.26 -19.75
CA ASP A 65 -10.79 19.39 -20.40
C ASP A 65 -10.73 20.66 -21.26
N PRO A 66 -9.91 21.63 -20.86
CA PRO A 66 -9.84 22.96 -21.47
C PRO A 66 -9.60 22.95 -22.98
N VAL A 67 -8.74 22.06 -23.46
CA VAL A 67 -8.42 22.02 -24.89
C VAL A 67 -9.60 21.57 -25.73
N GLU A 68 -10.35 20.57 -25.24
CA GLU A 68 -11.52 20.09 -25.95
C GLU A 68 -12.71 21.00 -25.64
N ASN A 69 -12.54 21.85 -24.64
CA ASN A 69 -13.54 22.85 -24.30
C ASN A 69 -13.47 24.04 -25.26
N ILE A 70 -12.25 24.53 -25.49
CA ILE A 70 -12.04 25.65 -26.40
C ILE A 70 -12.21 25.20 -27.85
N GLY A 71 -12.11 23.89 -28.07
CA GLY A 71 -12.34 23.35 -29.39
C GLY A 71 -13.82 23.38 -29.72
N ALA A 72 -14.63 22.93 -28.77
CA ALA A 72 -16.08 22.96 -28.92
C ALA A 72 -16.59 24.41 -28.90
N THR A 73 -15.89 25.26 -28.17
CA THR A 73 -16.23 26.68 -28.11
C THR A 73 -15.98 27.34 -29.46
N LEU A 74 -14.96 26.87 -30.17
CA LEU A 74 -14.61 27.42 -31.47
C LEU A 74 -15.70 27.17 -32.50
N VAL A 75 -16.38 26.03 -32.38
CA VAL A 75 -17.50 25.69 -33.24
C VAL A 75 -18.74 26.46 -32.79
N ARG A 76 -18.87 26.64 -31.48
CA ARG A 76 -19.96 27.42 -30.92
C ARG A 76 -19.99 28.83 -31.48
N GLN A 77 -18.81 29.38 -31.72
CA GLN A 77 -18.70 30.71 -32.31
C GLN A 77 -19.31 30.72 -33.72
N ALA A 78 -19.09 29.63 -34.46
CA ALA A 78 -19.66 29.50 -35.80
C ALA A 78 -21.17 29.38 -35.74
N ALA A 79 -21.66 28.58 -34.80
CA ALA A 79 -23.08 28.38 -34.62
C ALA A 79 -23.76 29.66 -34.15
N ALA A 80 -23.10 30.36 -33.22
CA ALA A 80 -23.64 31.61 -32.69
C ALA A 80 -23.64 32.70 -33.75
N ARG A 81 -22.55 32.78 -34.51
CA ARG A 81 -22.43 33.78 -35.58
C ARG A 81 -23.48 33.54 -36.66
N THR A 82 -23.69 32.27 -37.00
CA THR A 82 -24.72 31.90 -37.98
C THR A 82 -26.10 32.29 -37.46
N ASN A 83 -26.30 32.12 -36.16
CA ASN A 83 -27.59 32.40 -35.54
C ASN A 83 -27.97 33.87 -35.57
N ASP A 84 -27.00 34.75 -35.29
CA ASP A 84 -27.29 36.18 -35.19
C ASP A 84 -27.09 36.93 -36.51
N THR A 85 -26.87 36.18 -37.60
CA THR A 85 -26.69 36.79 -38.90
C THR A 85 -27.67 36.21 -39.92
N ALA A 86 -28.35 35.13 -39.54
CA ALA A 86 -29.32 34.48 -40.41
C ALA A 86 -30.64 34.25 -39.69
N GLY A 87 -30.57 34.08 -38.38
CA GLY A 87 -31.76 33.87 -37.57
C GLY A 87 -31.98 32.41 -37.20
N ASP A 88 -31.38 31.51 -37.97
CA ASP A 88 -31.56 30.07 -37.73
C ASP A 88 -30.37 29.29 -38.28
N GLY A 89 -30.33 27.99 -37.97
CA GLY A 89 -29.31 27.11 -38.52
C GLY A 89 -28.13 26.88 -37.61
N THR A 90 -28.38 26.89 -36.31
CA THR A 90 -27.34 26.58 -35.33
C THR A 90 -26.97 25.11 -35.41
N THR A 91 -27.99 24.28 -35.60
CA THR A 91 -27.79 22.84 -35.71
C THR A 91 -27.00 22.48 -36.97
N THR A 92 -27.40 23.07 -38.09
CA THR A 92 -26.77 22.80 -39.37
C THR A 92 -25.32 23.31 -39.39
N ALA A 93 -25.08 24.41 -38.69
CA ALA A 93 -23.74 25.01 -38.64
C ALA A 93 -22.76 24.12 -37.88
N THR A 94 -23.23 23.54 -36.78
CA THR A 94 -22.37 22.70 -35.94
C THR A 94 -22.05 21.37 -36.60
N VAL A 95 -23.05 20.71 -37.14
CA VAL A 95 -22.85 19.40 -37.76
C VAL A 95 -21.96 19.51 -38.98
N LEU A 96 -22.10 20.59 -39.74
CA LEU A 96 -21.26 20.83 -40.92
C LEU A 96 -19.84 21.17 -40.50
N SER A 97 -19.71 21.96 -39.44
CA SER A 97 -18.42 22.35 -38.91
C SER A 97 -17.61 21.13 -38.50
N ALA A 98 -18.23 20.27 -37.71
CA ALA A 98 -17.57 19.04 -37.27
C ALA A 98 -17.36 18.10 -38.45
N ALA A 99 -18.26 18.16 -39.43
CA ALA A 99 -18.14 17.37 -40.65
C ALA A 99 -16.88 17.75 -41.40
N PHE A 100 -16.66 19.06 -41.55
CA PHE A 100 -15.47 19.56 -42.25
C PHE A 100 -14.20 19.22 -41.49
N ILE A 101 -14.28 19.24 -40.16
CA ILE A 101 -13.14 18.95 -39.32
C ILE A 101 -12.84 17.45 -39.29
N ALA A 102 -13.87 16.63 -39.12
CA ALA A 102 -13.71 15.19 -39.06
C ALA A 102 -13.14 14.65 -40.37
N GLU A 103 -13.78 15.01 -41.49
CA GLU A 103 -13.31 14.63 -42.80
C GLU A 103 -11.97 15.28 -43.12
N GLY A 104 -11.71 16.41 -42.47
CA GLY A 104 -10.46 17.12 -42.66
C GLY A 104 -9.28 16.34 -42.12
N MET A 105 -9.29 16.07 -40.81
CA MET A 105 -8.19 15.35 -40.17
C MET A 105 -8.14 13.90 -40.58
N LYS A 106 -9.22 13.42 -41.20
CA LYS A 106 -9.25 12.08 -41.76
C LYS A 106 -8.30 12.00 -42.96
N ILE A 107 -8.06 13.16 -43.57
CA ILE A 107 -7.14 13.29 -44.69
C ILE A 107 -5.79 13.85 -44.23
N VAL A 108 -5.83 14.76 -43.26
CA VAL A 108 -4.62 15.34 -42.70
C VAL A 108 -3.72 14.26 -42.09
N SER A 109 -4.35 13.20 -41.59
CA SER A 109 -3.63 12.08 -40.99
C SER A 109 -2.73 11.34 -42.00
N ALA A 110 -2.85 11.71 -43.27
CA ALA A 110 -2.00 11.12 -44.31
C ALA A 110 -0.84 12.06 -44.65
N GLY A 111 -0.49 12.95 -43.73
CA GLY A 111 0.63 13.85 -43.91
C GLY A 111 0.42 14.84 -45.03
N THR A 112 -0.84 15.10 -45.37
CA THR A 112 -1.18 16.00 -46.47
C THR A 112 -1.09 17.46 -46.03
N ASN A 113 -0.54 18.30 -46.90
CA ASN A 113 -0.38 19.72 -46.62
C ASN A 113 -1.68 20.41 -46.22
N PRO A 114 -1.74 20.92 -44.98
CA PRO A 114 -2.94 21.58 -44.44
C PRO A 114 -3.29 22.84 -45.21
N VAL A 115 -2.28 23.56 -45.69
CA VAL A 115 -2.50 24.82 -46.40
C VAL A 115 -3.23 24.61 -47.72
N GLN A 116 -2.83 23.58 -48.46
CA GLN A 116 -3.44 23.30 -49.75
C GLN A 116 -4.83 22.68 -49.58
N LEU A 117 -5.04 22.04 -48.44
CA LEU A 117 -6.33 21.44 -48.13
C LEU A 117 -7.39 22.50 -47.84
N VAL A 118 -7.06 23.42 -46.94
CA VAL A 118 -7.99 24.48 -46.56
C VAL A 118 -8.24 25.43 -47.73
N ARG A 119 -7.23 25.59 -48.58
CA ARG A 119 -7.39 26.39 -49.80
C ARG A 119 -8.40 25.72 -50.73
N GLY A 120 -8.33 24.40 -50.80
CA GLY A 120 -9.28 23.63 -51.60
C GLY A 120 -10.68 23.72 -51.01
N MET A 121 -10.75 23.77 -49.69
CA MET A 121 -12.03 23.89 -48.99
C MET A 121 -12.67 25.25 -49.24
N GLU A 122 -11.90 26.31 -49.02
CA GLU A 122 -12.40 27.69 -49.16
C GLU A 122 -12.97 27.97 -50.54
N LYS A 123 -12.22 27.60 -51.57
CA LYS A 123 -12.61 27.88 -52.95
C LYS A 123 -13.76 26.97 -53.40
N THR A 124 -13.81 25.76 -52.86
CA THR A 124 -14.88 24.82 -53.20
C THR A 124 -16.21 25.33 -52.67
N VAL A 125 -16.23 25.71 -51.40
CA VAL A 125 -17.47 26.15 -50.76
C VAL A 125 -17.90 27.52 -51.29
N GLN A 126 -16.93 28.36 -51.67
CA GLN A 126 -17.25 29.69 -52.17
C GLN A 126 -17.91 29.61 -53.54
N GLU A 127 -17.42 28.69 -54.37
CA GLU A 127 -18.03 28.46 -55.67
C GLU A 127 -19.36 27.73 -55.49
N LEU A 128 -19.51 27.07 -54.36
CA LEU A 128 -20.77 26.41 -54.02
C LEU A 128 -21.77 27.44 -53.50
N VAL A 129 -21.26 28.55 -52.97
CA VAL A 129 -22.10 29.67 -52.58
C VAL A 129 -22.64 30.35 -53.84
N LYS A 130 -21.76 30.52 -54.83
CA LYS A 130 -22.15 31.04 -56.13
C LYS A 130 -23.12 30.06 -56.80
N GLU A 131 -23.01 28.79 -56.43
CA GLU A 131 -23.92 27.75 -56.92
C GLU A 131 -25.22 27.77 -56.12
N LEU A 132 -25.12 28.13 -54.84
CA LEU A 132 -26.29 28.18 -53.97
C LEU A 132 -27.25 29.29 -54.38
N ARG A 133 -26.69 30.40 -54.86
CA ARG A 133 -27.50 31.50 -55.36
C ARG A 133 -28.25 31.09 -56.63
N LYS A 134 -27.65 30.18 -57.39
CA LYS A 134 -28.30 29.58 -58.55
C LYS A 134 -29.39 28.61 -58.10
N MET A 135 -29.08 27.84 -57.06
CA MET A 135 -30.03 26.89 -56.49
C MET A 135 -31.23 27.59 -55.86
N SER A 136 -31.05 28.85 -55.49
CA SER A 136 -32.07 29.61 -54.79
C SER A 136 -33.30 29.89 -55.64
N SER A 137 -34.45 30.01 -54.99
CA SER A 137 -35.69 30.37 -55.65
C SER A 137 -36.10 31.77 -55.22
N VAL A 138 -36.49 32.61 -56.18
CA VAL A 138 -36.79 34.00 -55.91
C VAL A 138 -38.29 34.25 -55.77
N VAL A 139 -38.64 35.12 -54.82
CA VAL A 139 -40.04 35.54 -54.64
C VAL A 139 -40.20 37.01 -54.99
N GLN A 140 -41.11 37.30 -55.92
CA GLN A 140 -41.28 38.67 -56.40
C GLN A 140 -42.73 39.12 -56.36
N THR A 141 -43.64 38.18 -56.17
CA THR A 141 -45.07 38.51 -56.08
C THR A 141 -45.57 38.34 -54.65
N ASP A 142 -46.44 39.25 -54.23
CA ASP A 142 -46.94 39.26 -52.86
C ASP A 142 -47.85 38.07 -52.55
N LYS A 143 -48.42 37.48 -53.59
CA LYS A 143 -49.32 36.34 -53.41
C LYS A 143 -48.54 35.04 -53.26
N ASP A 144 -47.43 34.92 -53.97
CA ASP A 144 -46.53 33.79 -53.78
C ASP A 144 -45.77 33.99 -52.48
N LEU A 145 -45.57 35.25 -52.12
CA LEU A 145 -44.99 35.61 -50.83
C LEU A 145 -45.93 35.17 -49.72
N ALA A 146 -47.23 35.28 -49.98
CA ALA A 146 -48.24 34.85 -49.03
C ALA A 146 -48.22 33.33 -48.86
N ASN A 147 -47.97 32.63 -49.95
CA ASN A 147 -47.90 31.17 -49.92
C ASN A 147 -46.65 30.68 -49.22
N VAL A 148 -45.56 31.41 -49.40
CA VAL A 148 -44.30 31.09 -48.74
C VAL A 148 -44.39 31.39 -47.24
N ALA A 149 -44.97 32.54 -46.90
CA ALA A 149 -45.07 32.98 -45.51
C ALA A 149 -45.98 32.07 -44.69
N CYS A 150 -47.11 31.67 -45.26
CA CYS A 150 -48.09 30.85 -44.55
C CYS A 150 -47.57 29.44 -44.30
N VAL A 151 -46.85 28.90 -45.29
CA VAL A 151 -46.26 27.57 -45.17
C VAL A 151 -45.11 27.59 -44.16
N SER A 152 -44.26 28.59 -44.25
CA SER A 152 -43.15 28.75 -43.32
C SER A 152 -43.67 28.96 -41.90
N ALA A 153 -44.86 29.56 -41.79
CA ALA A 153 -45.51 29.69 -40.50
C ALA A 153 -46.04 28.34 -40.03
N GLY A 154 -46.11 28.15 -38.72
CA GLY A 154 -46.50 26.89 -38.15
C GLY A 154 -47.96 26.52 -38.38
N GLY A 155 -48.17 25.37 -39.03
CA GLY A 155 -49.50 24.84 -39.24
C GLY A 155 -50.34 25.60 -40.24
N ASN A 156 -51.51 26.05 -39.80
CA ASN A 156 -52.46 26.74 -40.66
C ASN A 156 -51.93 28.08 -41.19
N THR A 157 -52.65 28.64 -42.15
CA THR A 157 -52.19 29.83 -42.86
C THR A 157 -52.56 31.13 -42.14
N ASP A 158 -53.86 31.45 -42.17
CA ASP A 158 -54.45 32.69 -41.64
C ASP A 158 -53.49 33.73 -41.05
N ILE A 159 -52.75 33.34 -40.03
CA ILE A 159 -51.83 34.27 -39.38
C ILE A 159 -50.63 34.58 -40.29
N GLY A 160 -50.17 33.58 -41.03
CA GLY A 160 -49.12 33.79 -42.00
C GLY A 160 -49.64 34.59 -43.18
N SER A 161 -50.95 34.51 -43.37
CA SER A 161 -51.63 35.29 -44.41
C SER A 161 -51.81 36.73 -43.97
N LEU A 162 -51.64 36.97 -42.67
CA LEU A 162 -51.71 38.32 -42.12
C LEU A 162 -50.36 39.02 -42.23
N ILE A 163 -49.29 38.27 -41.96
CA ILE A 163 -47.93 38.79 -42.10
C ILE A 163 -47.64 39.09 -43.57
N SER A 164 -48.29 38.34 -44.45
CA SER A 164 -48.12 38.52 -45.89
C SER A 164 -48.52 39.92 -46.34
N ASP A 165 -49.73 40.33 -45.97
CA ASP A 165 -50.21 41.66 -46.31
C ASP A 165 -49.54 42.73 -45.46
N ALA A 166 -48.98 42.30 -44.33
CA ALA A 166 -48.27 43.22 -43.44
C ALA A 166 -46.98 43.71 -44.10
N MET A 167 -46.34 42.83 -44.87
CA MET A 167 -45.13 43.18 -45.58
C MET A 167 -45.46 43.54 -47.03
N ALA A 168 -46.68 43.25 -47.45
CA ALA A 168 -47.14 43.66 -48.77
C ALA A 168 -47.37 45.17 -48.79
N LYS A 169 -47.60 45.74 -47.61
CA LYS A 169 -47.75 47.18 -47.47
C LYS A 169 -46.39 47.87 -47.52
N VAL A 170 -45.53 47.51 -46.56
CA VAL A 170 -44.16 48.03 -46.55
C VAL A 170 -43.28 47.16 -47.45
N GLY A 171 -42.97 47.69 -48.63
CA GLY A 171 -42.26 46.95 -49.66
C GLY A 171 -40.94 46.33 -49.23
N ARG A 172 -39.89 47.15 -49.14
CA ARG A 172 -38.57 46.66 -48.81
C ARG A 172 -38.07 47.23 -47.48
N THR A 173 -36.74 47.19 -47.30
CA THR A 173 -36.01 47.76 -46.16
C THR A 173 -36.64 47.54 -44.77
N GLY A 174 -37.67 46.70 -44.68
CA GLY A 174 -38.34 46.44 -43.43
C GLY A 174 -39.00 47.68 -42.86
N VAL A 175 -39.32 47.66 -41.56
CA VAL A 175 -39.09 46.51 -40.71
C VAL A 175 -40.34 46.18 -39.89
N VAL A 176 -40.73 44.91 -39.89
CA VAL A 176 -41.96 44.50 -39.21
C VAL A 176 -41.69 44.06 -37.77
N THR A 177 -42.36 44.70 -36.82
CA THR A 177 -42.28 44.34 -35.41
C THR A 177 -43.66 43.90 -34.92
N MET A 178 -43.70 42.86 -34.10
CA MET A 178 -44.97 42.31 -33.64
C MET A 178 -45.22 42.58 -32.16
N GLU A 179 -46.49 42.44 -31.76
CA GLU A 179 -46.87 42.56 -30.36
C GLU A 179 -48.28 42.00 -30.17
N GLU A 180 -48.59 41.56 -28.95
CA GLU A 180 -49.89 40.97 -28.66
C GLU A 180 -50.81 41.97 -27.98
N GLY A 181 -52.09 41.59 -27.84
CA GLY A 181 -53.07 42.45 -27.20
C GLY A 181 -53.80 43.32 -28.20
N LYS A 182 -55.02 43.74 -27.86
CA LYS A 182 -55.64 43.36 -26.59
C LYS A 182 -56.94 42.59 -26.84
N THR A 183 -57.59 42.88 -27.96
CA THR A 183 -58.85 42.23 -28.30
C THR A 183 -58.66 41.30 -29.50
N ALA A 184 -59.36 40.16 -29.48
CA ALA A 184 -59.18 39.12 -30.48
C ALA A 184 -59.55 39.55 -31.90
N GLU A 185 -58.59 40.16 -32.60
CA GLU A 185 -58.74 40.51 -34.01
C GLU A 185 -57.37 40.62 -34.67
N ASP A 186 -57.35 41.14 -35.90
CA ASP A 186 -56.09 41.39 -36.59
C ASP A 186 -55.90 42.90 -36.82
N GLN A 187 -55.12 43.51 -35.93
CA GLN A 187 -54.93 44.96 -35.97
C GLN A 187 -53.57 45.34 -36.57
N LEU A 188 -53.61 45.92 -37.76
CA LEU A 188 -52.40 46.41 -38.41
C LEU A 188 -52.22 47.89 -38.10
N VAL A 189 -51.02 48.26 -37.65
CA VAL A 189 -50.74 49.63 -37.28
C VAL A 189 -49.45 50.13 -37.92
N PHE A 190 -49.54 51.23 -38.66
CA PHE A 190 -48.35 51.84 -39.25
C PHE A 190 -48.09 53.20 -38.61
N VAL A 191 -46.87 53.40 -38.11
CA VAL A 191 -46.50 54.64 -37.45
C VAL A 191 -45.09 55.08 -37.82
N GLU A 192 -44.64 56.17 -37.21
CA GLU A 192 -43.31 56.70 -37.48
C GLU A 192 -42.25 55.97 -36.66
N GLY A 193 -41.62 54.97 -37.27
CA GLY A 193 -40.60 54.19 -36.60
C GLY A 193 -39.34 54.06 -37.43
N MET A 194 -38.23 53.74 -36.77
CA MET A 194 -36.94 53.65 -37.45
C MET A 194 -36.07 52.55 -36.83
N GLN A 195 -35.02 52.16 -37.55
CA GLN A 195 -34.08 51.17 -37.03
C GLN A 195 -32.67 51.40 -37.58
N PHE A 196 -31.70 50.78 -36.92
CA PHE A 196 -30.30 50.86 -37.36
C PHE A 196 -29.59 49.52 -37.15
N GLU A 197 -28.47 49.33 -37.83
CA GLU A 197 -27.71 48.09 -37.74
C GLU A 197 -26.58 48.19 -36.72
N ARG A 198 -26.84 48.89 -35.62
CA ARG A 198 -25.89 48.97 -34.51
C ARG A 198 -26.38 48.12 -33.35
N GLY A 199 -25.53 47.92 -32.36
CA GLY A 199 -25.87 47.07 -31.23
C GLY A 199 -25.67 47.73 -29.88
N TYR A 200 -26.07 47.03 -28.83
CA TYR A 200 -25.90 47.51 -27.46
C TYR A 200 -24.43 47.51 -27.07
N THR A 201 -24.10 48.20 -25.98
CA THR A 201 -22.73 48.27 -25.49
C THR A 201 -22.36 46.99 -24.74
N SER A 202 -23.24 46.56 -23.85
CA SER A 202 -22.99 45.35 -23.06
C SER A 202 -24.21 44.42 -23.07
N PRO A 203 -23.96 43.10 -23.10
CA PRO A 203 -25.02 42.09 -23.05
C PRO A 203 -25.65 41.96 -21.66
N TYR A 204 -25.36 42.91 -20.78
CA TYR A 204 -25.89 42.88 -19.41
C TYR A 204 -27.13 43.75 -19.29
N PHE A 205 -27.52 44.39 -20.38
CA PHE A 205 -28.69 45.26 -20.40
C PHE A 205 -29.97 44.54 -20.85
N VAL A 206 -29.87 43.23 -21.04
CA VAL A 206 -30.99 42.44 -21.53
C VAL A 206 -32.15 42.49 -20.53
N THR A 207 -33.31 42.93 -21.01
CA THR A 207 -34.49 43.07 -20.15
C THR A 207 -35.12 41.74 -19.77
N ASP A 208 -35.41 40.92 -20.77
CA ASP A 208 -36.09 39.65 -20.52
C ASP A 208 -35.48 38.47 -21.29
N PRO A 209 -34.56 37.75 -20.65
CA PRO A 209 -34.04 36.48 -21.18
C PRO A 209 -35.15 35.42 -21.18
N GLU A 210 -35.04 34.36 -22.00
CA GLU A 210 -33.88 34.09 -22.83
C GLU A 210 -33.90 34.83 -24.16
N ARG A 211 -34.89 35.71 -24.33
CA ARG A 211 -34.97 36.53 -25.54
C ARG A 211 -33.85 37.55 -25.57
N MET A 212 -33.28 37.83 -24.39
CA MET A 212 -32.20 38.80 -24.18
C MET A 212 -32.32 40.06 -25.05
N ILE A 213 -33.56 40.53 -25.23
CA ILE A 213 -33.82 41.73 -26.01
C ILE A 213 -34.38 42.83 -25.12
N CYS A 214 -33.71 43.99 -25.14
CA CYS A 214 -34.10 45.10 -24.29
C CYS A 214 -35.28 45.89 -24.86
N GLU A 215 -36.43 45.77 -24.21
CA GLU A 215 -37.62 46.51 -24.61
C GLU A 215 -38.13 47.45 -23.51
N TYR A 216 -38.44 48.68 -23.90
CA TYR A 216 -38.91 49.67 -22.94
C TYR A 216 -40.03 50.54 -23.52
N GLU A 217 -41.04 50.81 -22.70
CA GLU A 217 -42.20 51.58 -23.14
C GLU A 217 -42.25 52.96 -22.49
N ASN A 218 -42.68 53.96 -23.26
CA ASN A 218 -42.81 55.34 -22.79
C ASN A 218 -41.50 55.88 -22.23
N CYS A 219 -40.53 56.12 -23.11
CA CYS A 219 -39.21 56.56 -22.68
C CYS A 219 -38.65 57.68 -23.55
N LYS A 220 -37.96 58.63 -22.92
CA LYS A 220 -37.32 59.73 -23.65
C LYS A 220 -35.98 59.29 -24.23
N ILE A 221 -35.52 60.01 -25.25
CA ILE A 221 -34.28 59.67 -25.93
C ILE A 221 -33.25 60.79 -25.80
N LEU A 222 -31.97 60.44 -25.99
CA LEU A 222 -30.88 61.42 -25.88
C LEU A 222 -29.67 60.96 -26.68
N LEU A 223 -29.14 61.83 -27.52
CA LEU A 223 -28.00 61.45 -28.36
C LEU A 223 -27.08 62.62 -28.72
N VAL A 224 -25.78 62.34 -28.72
CA VAL A 224 -24.77 63.28 -29.21
C VAL A 224 -23.83 62.50 -30.12
N ASP A 225 -22.91 63.19 -30.79
CA ASP A 225 -21.99 62.53 -31.72
C ASP A 225 -20.64 62.23 -31.06
N LYS A 226 -20.20 63.10 -30.17
CA LYS A 226 -18.90 62.95 -29.53
C LYS A 226 -18.91 61.85 -28.47
N LYS A 227 -17.71 61.39 -28.09
CA LYS A 227 -17.58 60.36 -27.07
C LYS A 227 -17.89 60.92 -25.69
N ILE A 228 -18.57 60.12 -24.87
CA ILE A 228 -18.93 60.53 -23.52
C ILE A 228 -18.17 59.72 -22.47
N SER A 229 -17.54 60.42 -21.54
CA SER A 229 -16.79 59.78 -20.47
C SER A 229 -17.15 60.39 -19.11
N THR A 230 -17.42 61.70 -19.11
CA THR A 230 -17.84 62.39 -17.90
C THR A 230 -19.18 61.86 -17.42
N ALA A 231 -19.41 61.95 -16.12
CA ALA A 231 -20.63 61.38 -15.52
C ALA A 231 -21.55 62.44 -14.94
N ARG A 232 -20.98 63.51 -14.41
CA ARG A 232 -21.74 64.52 -13.68
C ARG A 232 -22.82 65.17 -14.53
N ASP A 233 -22.61 65.20 -15.85
CA ASP A 233 -23.63 65.72 -16.76
C ASP A 233 -24.82 64.77 -16.78
N ILE A 234 -24.53 63.49 -16.92
CA ILE A 234 -25.57 62.47 -16.95
C ILE A 234 -26.20 62.32 -15.56
N ILE A 235 -25.45 62.66 -14.52
CA ILE A 235 -25.96 62.65 -13.16
C ILE A 235 -27.06 63.69 -13.00
N THR A 236 -26.87 64.85 -13.63
CA THR A 236 -27.89 65.89 -13.63
C THR A 236 -29.10 65.46 -14.47
N ILE A 237 -28.83 64.69 -15.53
CA ILE A 237 -29.89 64.15 -16.35
C ILE A 237 -30.54 62.97 -15.62
N LEU A 238 -29.76 62.31 -14.76
CA LEU A 238 -30.29 61.27 -13.89
C LEU A 238 -31.32 61.89 -12.93
N GLU A 239 -31.03 63.10 -12.48
CA GLU A 239 -31.95 63.85 -11.63
C GLU A 239 -33.19 64.24 -12.43
N SER A 240 -33.02 64.34 -13.74
CA SER A 240 -34.13 64.60 -14.65
C SER A 240 -34.87 63.30 -14.97
N ALA A 241 -34.21 62.18 -14.70
CA ALA A 241 -34.82 60.86 -14.89
C ALA A 241 -35.52 60.43 -13.61
N ILE A 242 -35.21 61.09 -12.51
CA ILE A 242 -35.87 60.84 -11.24
C ILE A 242 -37.01 61.84 -11.07
N ARG A 243 -36.82 63.05 -11.61
CA ARG A 243 -37.85 64.08 -11.67
C ARG A 243 -39.15 63.51 -12.26
N GLY A 244 -39.00 62.69 -13.29
CA GLY A 244 -40.09 61.90 -13.82
C GLY A 244 -39.64 60.46 -13.93
N ASN A 245 -40.09 59.63 -13.00
CA ASN A 245 -39.65 58.23 -12.93
C ASN A 245 -39.84 57.47 -14.24
N TYR A 246 -38.97 57.75 -15.19
CA TYR A 246 -39.03 57.11 -16.51
C TYR A 246 -37.63 56.70 -16.97
N PRO A 247 -37.53 55.60 -17.73
CA PRO A 247 -36.27 55.16 -18.32
C PRO A 247 -35.70 56.18 -19.30
N LEU A 248 -34.43 56.04 -19.64
CA LEU A 248 -33.78 56.98 -20.54
C LEU A 248 -33.03 56.26 -21.66
N LEU A 249 -32.97 56.89 -22.83
CA LEU A 249 -32.32 56.30 -24.00
C LEU A 249 -31.09 57.10 -24.42
N ILE A 250 -29.96 56.41 -24.52
CA ILE A 250 -28.70 57.04 -24.93
C ILE A 250 -27.96 56.19 -25.96
N MET A 251 -27.55 56.81 -27.07
CA MET A 251 -26.75 56.13 -28.07
C MET A 251 -25.72 57.07 -28.70
N ALA A 252 -24.72 57.45 -27.91
CA ALA A 252 -23.69 58.38 -28.37
C ALA A 252 -22.36 57.68 -28.63
N GLU A 253 -22.33 56.86 -29.68
CA GLU A 253 -21.13 56.13 -30.09
C GLU A 253 -20.51 55.32 -28.95
N GLU A 254 -19.37 55.79 -28.45
CA GLU A 254 -18.60 55.04 -27.46
C GLU A 254 -18.73 55.60 -26.06
N VAL A 255 -19.20 54.77 -25.14
CA VAL A 255 -19.24 55.12 -23.73
C VAL A 255 -18.16 54.36 -22.98
N GLU A 256 -17.27 55.09 -22.31
CA GLU A 256 -16.11 54.48 -21.67
C GLU A 256 -16.49 53.63 -20.47
N GLN A 257 -15.52 52.90 -19.93
CA GLN A 257 -15.74 51.95 -18.85
C GLN A 257 -16.28 52.59 -17.57
N GLU A 258 -15.96 53.86 -17.36
CA GLU A 258 -16.40 54.57 -16.16
C GLU A 258 -17.91 54.80 -16.17
N ALA A 259 -18.40 55.46 -17.21
CA ALA A 259 -19.82 55.75 -17.32
C ALA A 259 -20.63 54.48 -17.52
N LEU A 260 -20.03 53.50 -18.20
CA LEU A 260 -20.70 52.23 -18.44
C LEU A 260 -20.90 51.46 -17.15
N ALA A 261 -19.90 51.52 -16.26
CA ALA A 261 -19.99 50.87 -14.96
C ALA A 261 -21.04 51.56 -14.09
N THR A 262 -21.10 52.87 -14.19
CA THR A 262 -22.09 53.65 -13.45
C THR A 262 -23.49 53.31 -13.92
N LEU A 263 -23.62 53.04 -15.22
CA LEU A 263 -24.91 52.73 -15.83
C LEU A 263 -25.42 51.35 -15.42
N VAL A 264 -24.56 50.34 -15.48
CA VAL A 264 -24.96 48.97 -15.18
C VAL A 264 -25.24 48.77 -13.69
N VAL A 265 -24.62 49.59 -12.84
CA VAL A 265 -24.84 49.52 -11.41
C VAL A 265 -26.16 50.17 -11.04
N ASN A 266 -26.43 51.34 -11.63
CA ASN A 266 -27.68 52.04 -11.40
C ASN A 266 -28.88 51.30 -11.98
N LYS A 267 -28.61 50.40 -12.92
CA LYS A 267 -29.66 49.61 -13.56
C LYS A 267 -29.92 48.32 -12.79
N LEU A 268 -28.87 47.77 -12.19
CA LEU A 268 -28.99 46.51 -11.45
C LEU A 268 -29.82 46.67 -10.18
N ARG A 269 -29.85 47.87 -9.63
CA ARG A 269 -30.59 48.15 -8.41
C ARG A 269 -32.03 48.56 -8.71
N GLY A 270 -32.29 48.94 -9.95
CA GLY A 270 -33.63 49.32 -10.37
C GLY A 270 -33.97 50.77 -10.10
N THR A 271 -33.01 51.51 -9.56
CA THR A 271 -33.21 52.93 -9.28
C THR A 271 -33.26 53.72 -10.58
N LEU A 272 -32.37 53.40 -11.50
CA LEU A 272 -32.32 54.06 -12.80
C LEU A 272 -32.42 53.04 -13.94
N LYS A 273 -33.43 53.21 -14.79
CA LYS A 273 -33.58 52.37 -15.96
C LYS A 273 -32.82 52.99 -17.14
N VAL A 274 -31.67 52.43 -17.47
CA VAL A 274 -30.81 53.01 -18.51
C VAL A 274 -30.58 52.04 -19.68
N VAL A 275 -30.25 52.60 -20.84
CA VAL A 275 -30.00 51.81 -22.05
C VAL A 275 -28.70 52.26 -22.70
N ALA A 276 -27.92 51.31 -23.22
CA ALA A 276 -26.67 51.62 -23.89
C ALA A 276 -26.65 51.00 -25.29
N ILE A 277 -25.94 51.65 -26.21
CA ILE A 277 -25.70 51.26 -27.57
C ILE A 277 -24.72 52.10 -28.32
N LYS A 278 -24.58 51.92 -29.63
CA LYS A 278 -23.64 52.70 -30.42
C LYS A 278 -24.22 53.65 -31.47
N ALA A 279 -23.35 54.37 -32.16
CA ALA A 279 -23.79 55.32 -33.17
C ALA A 279 -23.68 54.75 -34.58
N PRO A 280 -24.66 55.07 -35.45
CA PRO A 280 -24.65 54.63 -36.84
C PRO A 280 -23.79 55.51 -37.74
N GLY A 281 -23.21 54.93 -38.78
CA GLY A 281 -22.41 55.68 -39.73
C GLY A 281 -21.05 56.08 -39.19
N PHE A 282 -20.30 56.82 -39.99
CA PHE A 282 -18.97 57.27 -39.61
C PHE A 282 -18.71 58.70 -40.06
N GLY A 283 -17.99 59.47 -39.25
CA GLY A 283 -17.62 60.82 -39.60
C GLY A 283 -18.79 61.80 -39.58
N GLU A 284 -18.92 62.55 -40.67
CA GLU A 284 -19.99 63.53 -40.79
C GLU A 284 -21.36 62.87 -40.89
N ARG A 285 -21.36 61.57 -41.21
CA ARG A 285 -22.59 60.80 -41.29
C ARG A 285 -23.21 60.61 -39.92
N ARG A 286 -22.35 60.51 -38.91
CA ARG A 286 -22.79 60.29 -37.54
C ARG A 286 -23.76 61.38 -37.07
N SER A 287 -23.33 62.63 -37.20
CA SER A 287 -24.11 63.77 -36.74
C SER A 287 -25.43 63.92 -37.51
N SER A 288 -25.39 63.65 -38.81
CA SER A 288 -26.55 63.79 -39.67
C SER A 288 -27.61 62.72 -39.39
N TYR A 289 -27.17 61.53 -39.01
CA TYR A 289 -28.09 60.42 -38.78
C TYR A 289 -28.76 60.51 -37.42
N LEU A 290 -28.04 61.06 -36.43
CA LEU A 290 -28.59 61.21 -35.10
C LEU A 290 -29.50 62.44 -35.02
N GLU A 291 -29.25 63.41 -35.88
CA GLU A 291 -30.11 64.59 -35.97
C GLU A 291 -31.35 64.23 -36.78
N ASP A 292 -31.24 63.16 -37.55
CA ASP A 292 -32.36 62.65 -38.34
C ASP A 292 -33.35 61.93 -37.43
N ILE A 293 -32.85 61.44 -36.30
CA ILE A 293 -33.69 60.74 -35.33
C ILE A 293 -33.99 61.65 -34.13
N ALA A 294 -33.35 62.81 -34.11
CA ALA A 294 -33.54 63.76 -33.02
C ALA A 294 -34.92 64.40 -33.07
N ILE A 295 -35.20 65.11 -34.16
CA ILE A 295 -36.50 65.77 -34.33
C ILE A 295 -37.59 64.73 -34.56
N LEU A 296 -37.20 63.59 -35.13
CA LEU A 296 -38.14 62.48 -35.33
C LEU A 296 -38.70 62.01 -33.99
N THR A 297 -37.87 62.10 -32.95
CA THR A 297 -38.30 61.78 -31.60
C THR A 297 -38.77 63.03 -30.86
N GLY A 298 -38.72 64.17 -31.55
CA GLY A 298 -39.15 65.42 -30.97
C GLY A 298 -38.17 65.99 -29.96
N GLY A 299 -36.93 66.15 -30.37
CA GLY A 299 -35.90 66.68 -29.49
C GLY A 299 -34.77 67.35 -30.26
N THR A 300 -34.18 68.38 -29.67
CA THR A 300 -33.08 69.10 -30.30
C THR A 300 -31.77 68.34 -30.16
N VAL A 301 -30.77 68.76 -30.92
CA VAL A 301 -29.45 68.13 -30.86
C VAL A 301 -28.54 68.85 -29.89
N VAL A 302 -27.89 68.10 -29.01
CA VAL A 302 -27.03 68.68 -27.99
C VAL A 302 -25.56 68.61 -28.42
N ARG A 303 -25.29 69.02 -29.66
CA ARG A 303 -23.93 69.00 -30.20
C ARG A 303 -23.24 70.34 -29.98
N ASP A 304 -21.93 70.30 -29.81
CA ASP A 304 -21.14 71.50 -29.51
C ASP A 304 -20.77 72.29 -30.76
N GLU A 305 -21.31 71.88 -31.91
CA GLU A 305 -21.01 72.56 -33.16
C GLU A 305 -21.73 73.90 -33.27
N MET A 306 -22.81 74.06 -32.51
CA MET A 306 -23.57 75.31 -32.49
C MET A 306 -23.11 76.32 -31.42
N GLY A 307 -22.98 75.93 -30.14
CA GLY A 307 -23.22 74.60 -29.61
C GLY A 307 -23.54 74.60 -28.13
N VAL A 308 -24.63 73.95 -27.75
CA VAL A 308 -25.04 73.89 -26.35
C VAL A 308 -24.68 72.55 -25.72
N SER A 309 -23.91 72.60 -24.65
CA SER A 309 -23.48 71.39 -23.93
C SER A 309 -22.99 71.74 -22.52
N LEU A 310 -23.89 71.68 -21.55
CA LEU A 310 -23.54 72.05 -20.18
C LEU A 310 -23.99 70.99 -19.18
N GLU A 311 -24.15 71.41 -17.93
CA GLU A 311 -24.51 70.51 -16.84
C GLU A 311 -25.95 70.04 -16.95
N GLN A 312 -26.87 70.99 -16.99
CA GLN A 312 -28.30 70.70 -16.95
C GLN A 312 -28.85 70.25 -18.30
N ALA A 313 -30.02 69.63 -18.28
CA ALA A 313 -30.68 69.18 -19.50
C ALA A 313 -32.19 69.10 -19.28
N THR A 314 -32.95 69.74 -20.16
CA THR A 314 -34.40 69.77 -20.05
C THR A 314 -35.06 68.94 -21.13
N ASP A 315 -36.38 69.08 -21.27
CA ASP A 315 -37.15 68.31 -22.23
C ASP A 315 -36.84 68.73 -23.67
N ALA A 316 -36.31 69.94 -23.83
CA ALA A 316 -36.01 70.47 -25.16
C ALA A 316 -34.82 69.76 -25.80
N VAL A 317 -33.92 69.23 -24.97
CA VAL A 317 -32.71 68.60 -25.48
C VAL A 317 -32.89 67.09 -25.66
N LEU A 318 -34.00 66.56 -25.15
CA LEU A 318 -34.26 65.12 -25.24
C LEU A 318 -35.59 64.82 -25.93
N GLY A 319 -35.56 63.94 -26.93
CA GLY A 319 -36.75 63.56 -27.66
C GLY A 319 -37.53 62.49 -26.92
N THR A 320 -38.63 62.03 -27.53
CA THR A 320 -39.48 61.03 -26.89
C THR A 320 -39.67 59.79 -27.79
N ALA A 321 -39.89 58.65 -27.16
CA ALA A 321 -40.12 57.40 -27.87
C ALA A 321 -41.07 56.50 -27.08
N ALA A 322 -42.20 56.18 -27.67
CA ALA A 322 -43.22 55.37 -27.00
C ALA A 322 -42.70 53.98 -26.67
N LYS A 323 -42.08 53.34 -27.65
CA LYS A 323 -41.55 51.99 -27.47
C LYS A 323 -40.23 51.80 -28.23
N ILE A 324 -39.26 51.16 -27.60
CA ILE A 324 -38.00 50.86 -28.26
C ILE A 324 -37.56 49.41 -27.99
N THR A 325 -37.25 48.69 -29.07
CA THR A 325 -36.81 47.31 -28.98
C THR A 325 -35.45 47.13 -29.66
N ILE A 326 -34.44 46.81 -28.87
CA ILE A 326 -33.09 46.64 -29.41
C ILE A 326 -32.56 45.22 -29.16
N THR A 327 -31.73 44.74 -30.08
CA THR A 327 -31.15 43.41 -29.96
C THR A 327 -29.64 43.46 -30.20
N LYS A 328 -29.08 42.33 -30.66
CA LYS A 328 -27.64 42.20 -30.81
C LYS A 328 -27.09 43.13 -31.89
N GLU A 329 -27.60 43.01 -33.12
CA GLU A 329 -27.07 43.79 -34.23
C GLU A 329 -28.09 44.78 -34.78
N ARG A 330 -29.22 44.90 -34.09
CA ARG A 330 -30.26 45.83 -34.51
C ARG A 330 -30.79 46.67 -33.36
N THR A 331 -31.20 47.90 -33.65
CA THR A 331 -31.81 48.79 -32.67
C THR A 331 -33.02 49.46 -33.28
N THR A 332 -34.21 49.13 -32.78
CA THR A 332 -35.45 49.61 -33.37
C THR A 332 -36.25 50.53 -32.45
N VAL A 333 -36.82 51.58 -33.02
CA VAL A 333 -37.70 52.49 -32.29
C VAL A 333 -39.05 52.60 -33.01
N VAL A 334 -40.12 52.80 -32.25
CA VAL A 334 -41.47 52.83 -32.81
C VAL A 334 -42.51 53.35 -31.83
N GLY A 335 -43.62 53.87 -32.35
CA GLY A 335 -44.77 54.20 -31.53
C GLY A 335 -44.98 55.66 -31.18
N ASP A 336 -43.89 56.41 -31.04
CA ASP A 336 -43.96 57.79 -30.57
C ASP A 336 -44.80 58.68 -31.49
N GLY A 337 -45.68 59.48 -30.90
CA GLY A 337 -46.50 60.41 -31.65
C GLY A 337 -45.92 61.79 -31.67
N SER A 338 -44.82 61.96 -32.38
CA SER A 338 -44.15 63.25 -32.49
C SER A 338 -44.34 63.87 -33.86
N THR A 339 -43.43 64.76 -34.24
CA THR A 339 -43.51 65.46 -35.51
C THR A 339 -43.45 64.47 -36.68
N ALA A 340 -44.60 64.20 -37.27
CA ALA A 340 -44.71 63.26 -38.37
C ALA A 340 -44.21 63.86 -39.68
N ALA A 341 -44.35 65.17 -39.81
CA ALA A 341 -43.91 65.86 -41.02
C ALA A 341 -42.39 65.96 -41.07
N ASP A 342 -41.74 65.76 -39.93
CA ASP A 342 -40.28 65.64 -39.90
C ASP A 342 -39.87 64.45 -40.75
N VAL A 343 -40.61 63.36 -40.60
CA VAL A 343 -40.38 62.16 -41.41
C VAL A 343 -40.81 62.40 -42.85
N ALA A 344 -41.54 63.49 -43.07
CA ALA A 344 -42.05 63.82 -44.39
C ALA A 344 -41.33 65.02 -45.02
N ALA A 345 -40.47 65.67 -44.24
CA ALA A 345 -39.72 66.82 -44.74
C ALA A 345 -38.25 66.49 -44.91
N ARG A 346 -37.72 65.60 -44.07
CA ARG A 346 -36.34 65.19 -44.19
C ARG A 346 -36.15 64.34 -45.45
N VAL A 347 -37.20 63.64 -45.85
CA VAL A 347 -37.18 62.87 -47.08
C VAL A 347 -37.16 63.82 -48.29
N LYS A 348 -37.71 65.02 -48.10
CA LYS A 348 -37.68 66.05 -49.13
C LYS A 348 -36.28 66.63 -49.24
N GLN A 349 -35.61 66.75 -48.08
CA GLN A 349 -34.24 67.26 -48.03
C GLN A 349 -33.29 66.27 -48.70
N ILE A 350 -33.57 64.98 -48.52
CA ILE A 350 -32.76 63.94 -49.14
C ILE A 350 -32.92 63.96 -50.66
N ARG A 351 -34.16 64.14 -51.11
CA ARG A 351 -34.43 64.24 -52.55
C ARG A 351 -33.75 65.45 -53.16
N ASN A 352 -33.71 66.55 -52.40
CA ASN A 352 -33.03 67.76 -52.85
C ASN A 352 -31.53 67.56 -52.96
N LEU A 353 -30.96 66.87 -51.97
CA LEU A 353 -29.54 66.55 -51.96
C LEU A 353 -29.22 65.55 -53.07
N GLN A 354 -30.13 64.61 -53.30
CA GLN A 354 -29.96 63.58 -54.33
C GLN A 354 -29.93 64.19 -55.73
N MET A 355 -30.73 65.24 -55.94
CA MET A 355 -30.82 65.89 -57.24
C MET A 355 -29.53 66.64 -57.58
N GLN A 356 -28.93 67.25 -56.57
CA GLN A 356 -27.73 68.07 -56.78
C GLN A 356 -26.45 67.30 -56.52
N THR A 357 -26.58 66.01 -56.21
CA THR A 357 -25.40 65.18 -55.92
C THR A 357 -24.71 64.74 -57.20
N ASP A 358 -23.40 64.95 -57.25
CA ASP A 358 -22.59 64.54 -58.40
C ASP A 358 -21.76 63.31 -58.07
N GLN A 359 -21.60 63.04 -56.78
CA GLN A 359 -20.81 61.91 -56.32
C GLN A 359 -21.54 60.59 -56.49
N ASP A 360 -20.98 59.52 -55.92
CA ASP A 360 -21.57 58.19 -56.04
C ASP A 360 -21.95 57.64 -54.67
N TYR A 361 -21.04 57.75 -53.72
CA TYR A 361 -21.27 57.22 -52.37
C TYR A 361 -22.37 57.99 -51.65
N GLU A 362 -22.48 59.29 -51.94
CA GLU A 362 -23.52 60.11 -51.33
C GLU A 362 -24.90 59.72 -51.85
N ARG A 363 -24.95 59.28 -53.11
CA ARG A 363 -26.21 58.88 -53.72
C ARG A 363 -26.81 57.65 -53.03
N GLU A 364 -25.95 56.70 -52.69
CA GLU A 364 -26.41 55.46 -52.06
C GLU A 364 -26.61 55.62 -50.56
N LYS A 365 -25.86 56.55 -49.95
CA LYS A 365 -26.04 56.86 -48.54
C LYS A 365 -27.36 57.59 -48.33
N LEU A 366 -27.72 58.43 -49.29
CA LEU A 366 -29.02 59.09 -49.27
C LEU A 366 -30.11 58.11 -49.68
N GLN A 367 -29.73 57.08 -50.44
CA GLN A 367 -30.67 56.08 -50.90
C GLN A 367 -30.99 55.08 -49.80
N GLU A 368 -29.99 54.74 -48.98
CA GLU A 368 -30.20 53.82 -47.88
C GLU A 368 -30.92 54.52 -46.74
N ARG A 369 -30.79 55.84 -46.67
CA ARG A 369 -31.47 56.60 -45.62
C ARG A 369 -32.90 56.89 -46.03
N ILE A 370 -33.12 57.20 -47.30
CA ILE A 370 -34.47 57.44 -47.82
C ILE A 370 -35.26 56.14 -47.83
N ALA A 371 -34.55 55.02 -47.79
CA ALA A 371 -35.18 53.70 -47.79
C ALA A 371 -35.79 53.42 -46.42
N ARG A 372 -34.95 53.38 -45.40
CA ARG A 372 -35.39 53.08 -44.04
C ARG A 372 -36.35 54.15 -43.51
N LEU A 373 -36.20 55.38 -43.98
CA LEU A 373 -37.10 56.46 -43.60
C LEU A 373 -38.49 56.26 -44.19
N SER A 374 -38.54 55.88 -45.46
CA SER A 374 -39.81 55.65 -46.15
C SER A 374 -40.47 54.36 -45.69
N GLY A 375 -39.65 53.37 -45.35
CA GLY A 375 -40.15 52.08 -44.91
C GLY A 375 -40.86 52.17 -43.57
N GLY A 376 -40.36 53.06 -42.70
CA GLY A 376 -40.93 53.25 -41.38
C GLY A 376 -40.76 52.01 -40.53
N VAL A 377 -41.80 51.67 -39.77
CA VAL A 377 -41.79 50.47 -38.93
C VAL A 377 -43.21 50.03 -38.63
N ALA A 378 -43.76 49.20 -39.50
CA ALA A 378 -45.12 48.69 -39.33
C ALA A 378 -45.18 47.71 -38.15
N ILE A 379 -46.10 47.97 -37.23
CA ILE A 379 -46.29 47.10 -36.07
C ILE A 379 -47.63 46.37 -36.16
N ILE A 380 -47.61 45.06 -35.93
CA ILE A 380 -48.80 44.23 -36.07
C ILE A 380 -49.29 43.75 -34.69
N GLN A 381 -50.60 43.69 -34.53
CA GLN A 381 -51.21 43.21 -33.28
C GLN A 381 -51.95 41.90 -33.51
N VAL A 382 -51.60 40.87 -32.76
CA VAL A 382 -52.21 39.55 -32.91
C VAL A 382 -53.46 39.43 -32.04
N GLY A 383 -54.33 38.48 -32.38
CA GLY A 383 -55.55 38.25 -31.62
C GLY A 383 -55.28 37.50 -30.32
N ALA A 384 -56.36 37.12 -29.64
CA ALA A 384 -56.22 36.41 -28.37
C ALA A 384 -57.47 35.59 -28.04
N GLN A 385 -57.31 34.26 -28.08
CA GLN A 385 -58.39 33.35 -27.72
C GLN A 385 -58.44 33.16 -26.22
N THR A 386 -57.38 32.58 -25.67
CA THR A 386 -57.24 32.44 -24.22
C THR A 386 -56.07 33.29 -23.74
N GLU A 387 -55.37 32.82 -22.71
CA GLU A 387 -54.20 33.53 -22.21
C GLU A 387 -52.93 32.78 -22.60
N THR A 388 -53.05 31.47 -22.77
CA THR A 388 -51.93 30.64 -23.20
C THR A 388 -51.89 30.53 -24.71
N GLU A 389 -53.02 30.84 -25.35
CA GLU A 389 -53.13 30.79 -26.80
C GLU A 389 -52.44 31.99 -27.44
N LEU A 390 -52.56 33.15 -26.80
CA LEU A 390 -51.95 34.38 -27.32
C LEU A 390 -50.43 34.31 -27.23
N LYS A 391 -49.93 33.66 -26.19
CA LYS A 391 -48.49 33.49 -26.02
C LYS A 391 -47.94 32.45 -27.00
N GLU A 392 -48.69 31.37 -27.19
CA GLU A 392 -48.31 30.34 -28.14
C GLU A 392 -48.33 30.89 -29.56
N LYS A 393 -49.32 31.74 -29.83
CA LYS A 393 -49.39 32.46 -31.10
C LYS A 393 -48.20 33.38 -31.26
N LYS A 394 -47.98 34.25 -30.27
CA LYS A 394 -46.91 35.23 -30.31
C LYS A 394 -45.55 34.60 -30.56
N LEU A 395 -45.35 33.40 -30.02
CA LEU A 395 -44.12 32.66 -30.26
C LEU A 395 -44.09 32.09 -31.67
N ARG A 396 -45.23 31.62 -32.14
CA ARG A 396 -45.34 31.05 -33.48
C ARG A 396 -45.21 32.13 -34.55
N VAL A 397 -45.72 33.33 -34.27
CA VAL A 397 -45.61 34.44 -35.22
C VAL A 397 -44.22 35.07 -35.15
N GLU A 398 -43.51 34.80 -34.05
CA GLU A 398 -42.15 35.31 -33.89
C GLU A 398 -41.21 34.50 -34.76
N ASP A 399 -41.33 33.18 -34.67
CA ASP A 399 -40.52 32.27 -35.46
C ASP A 399 -40.92 32.34 -36.93
N ALA A 400 -42.16 32.74 -37.18
CA ALA A 400 -42.66 32.88 -38.55
C ALA A 400 -42.03 34.10 -39.22
N LEU A 401 -42.07 35.23 -38.53
CA LEU A 401 -41.51 36.48 -39.06
C LEU A 401 -40.02 36.35 -39.35
N ASN A 402 -39.28 35.77 -38.41
CA ASN A 402 -37.85 35.58 -38.54
C ASN A 402 -37.51 34.63 -39.69
N ALA A 403 -38.37 33.65 -39.91
CA ALA A 403 -38.17 32.68 -40.98
C ALA A 403 -38.49 33.29 -42.33
N THR A 404 -39.58 34.07 -42.39
CA THR A 404 -39.99 34.70 -43.64
C THR A 404 -38.98 35.75 -44.09
N ARG A 405 -38.49 36.55 -43.15
CA ARG A 405 -37.50 37.57 -43.46
C ARG A 405 -36.19 36.96 -43.95
N ALA A 406 -35.76 35.91 -43.28
CA ALA A 406 -34.52 35.23 -43.65
C ALA A 406 -34.64 34.55 -45.01
N ALA A 407 -35.87 34.27 -45.41
CA ALA A 407 -36.12 33.61 -46.69
C ALA A 407 -36.14 34.61 -47.83
N VAL A 408 -36.91 35.68 -47.66
CA VAL A 408 -37.07 36.68 -48.72
C VAL A 408 -35.79 37.47 -48.94
N GLU A 409 -34.92 37.50 -47.93
CA GLU A 409 -33.70 38.29 -47.99
C GLU A 409 -32.68 37.71 -48.97
N GLU A 410 -32.49 36.40 -48.91
CA GLU A 410 -31.47 35.74 -49.73
C GLU A 410 -32.04 34.70 -50.68
N GLY A 411 -33.36 34.66 -50.79
CA GLY A 411 -34.01 33.69 -51.66
C GLY A 411 -34.30 32.40 -50.92
N VAL A 412 -34.92 31.45 -51.60
CA VAL A 412 -35.36 30.21 -50.96
C VAL A 412 -34.75 28.99 -51.65
N VAL A 413 -34.41 27.99 -50.83
CA VAL A 413 -33.87 26.72 -51.33
C VAL A 413 -34.64 25.55 -50.71
N PRO A 414 -34.69 24.41 -51.41
CA PRO A 414 -35.38 23.23 -50.88
C PRO A 414 -34.80 22.77 -49.55
N GLY A 415 -35.66 22.63 -48.54
CA GLY A 415 -35.23 22.28 -47.20
C GLY A 415 -34.93 20.81 -47.01
N GLY A 416 -34.97 20.36 -45.76
CA GLY A 416 -34.71 18.97 -45.44
C GLY A 416 -33.24 18.60 -45.55
N GLY A 417 -32.40 19.60 -45.80
CA GLY A 417 -30.98 19.39 -45.96
C GLY A 417 -30.63 18.74 -47.29
N CYS A 418 -31.63 18.60 -48.15
CA CYS A 418 -31.44 17.96 -49.46
C CYS A 418 -30.66 18.86 -50.40
N THR A 419 -30.72 20.17 -50.14
CA THR A 419 -29.98 21.14 -50.95
C THR A 419 -28.48 20.98 -50.74
N LEU A 420 -28.09 20.33 -49.65
CA LEU A 420 -26.69 20.07 -49.36
C LEU A 420 -26.17 18.92 -50.22
N LEU A 421 -27.05 17.98 -50.56
CA LEU A 421 -26.68 16.88 -51.43
C LEU A 421 -26.51 17.37 -52.87
N ARG A 422 -27.45 18.19 -53.30
CA ARG A 422 -27.41 18.79 -54.64
C ARG A 422 -26.18 19.67 -54.80
N LEU A 423 -25.77 20.32 -53.72
CA LEU A 423 -24.56 21.12 -53.72
C LEU A 423 -23.32 20.23 -53.72
N SER A 424 -23.42 19.08 -53.07
CA SER A 424 -22.30 18.15 -52.93
C SER A 424 -21.99 17.45 -54.25
N GLU A 425 -23.02 17.16 -55.04
CA GLU A 425 -22.84 16.46 -56.29
C GLU A 425 -22.57 17.44 -57.44
N LYS A 426 -21.78 18.46 -57.15
CA LYS A 426 -21.35 19.42 -58.17
C LYS A 426 -19.88 19.75 -58.00
N VAL A 427 -19.23 19.11 -57.03
CA VAL A 427 -17.81 19.28 -56.82
C VAL A 427 -17.03 18.25 -57.65
N ASP A 428 -17.76 17.29 -58.21
CA ASP A 428 -17.17 16.25 -59.04
C ASP A 428 -16.83 16.78 -60.42
N VAL A 429 -17.37 17.95 -60.75
CA VAL A 429 -17.12 18.57 -62.06
C VAL A 429 -16.17 19.75 -61.92
N ILE A 430 -15.81 20.09 -60.69
CA ILE A 430 -14.94 21.23 -60.44
C ILE A 430 -13.47 20.88 -60.63
N LYS A 431 -12.91 21.35 -61.75
CA LYS A 431 -11.48 21.22 -62.02
C LYS A 431 -10.77 22.51 -61.67
N ARG A 432 -10.10 22.52 -60.53
CA ARG A 432 -9.49 23.75 -60.02
C ARG A 432 -8.06 23.96 -60.50
N ARG A 433 -7.45 25.05 -60.03
CA ARG A 433 -6.10 25.43 -60.42
C ARG A 433 -5.23 25.58 -59.17
N MET A 434 -4.05 24.95 -59.16
CA MET A 434 -3.53 24.21 -60.32
C MET A 434 -3.84 22.72 -60.22
N THR A 435 -5.05 22.39 -59.76
CA THR A 435 -5.54 21.01 -59.71
C THR A 435 -4.59 20.06 -58.97
N ASP A 436 -3.85 20.59 -58.00
CA ASP A 436 -3.01 19.76 -57.16
C ASP A 436 -3.90 18.81 -56.37
N PRO A 437 -3.44 17.56 -56.17
CA PRO A 437 -4.24 16.53 -55.52
C PRO A 437 -4.77 16.94 -54.16
N GLU A 438 -4.03 17.78 -53.44
CA GLU A 438 -4.43 18.23 -52.11
C GLU A 438 -5.75 19.01 -52.14
N GLN A 439 -5.86 19.95 -53.09
CA GLN A 439 -7.08 20.72 -53.22
C GLN A 439 -8.23 19.84 -53.64
N GLN A 440 -7.93 18.79 -54.40
CA GLN A 440 -8.94 17.82 -54.80
C GLN A 440 -9.44 17.05 -53.59
N MET A 441 -8.54 16.77 -52.65
CA MET A 441 -8.92 16.12 -51.40
C MET A 441 -9.85 17.03 -50.61
N GLY A 442 -9.55 18.33 -50.64
CA GLY A 442 -10.36 19.31 -49.97
C GLY A 442 -11.76 19.39 -50.54
N ALA A 443 -11.89 19.10 -51.83
CA ALA A 443 -13.18 19.08 -52.49
C ALA A 443 -13.96 17.83 -52.12
N ASP A 444 -13.26 16.70 -52.05
CA ASP A 444 -13.86 15.44 -51.63
C ASP A 444 -14.23 15.49 -50.15
N ILE A 445 -13.50 16.28 -49.38
CA ILE A 445 -13.79 16.47 -47.97
C ILE A 445 -15.12 17.19 -47.79
N ILE A 446 -15.30 18.27 -48.55
CA ILE A 446 -16.57 19.01 -48.54
C ILE A 446 -17.71 18.11 -48.99
N LYS A 447 -17.44 17.27 -49.98
CA LYS A 447 -18.44 16.34 -50.49
C LYS A 447 -18.94 15.39 -49.40
N ARG A 448 -18.03 14.68 -48.77
CA ARG A 448 -18.38 13.71 -47.74
C ARG A 448 -18.89 14.38 -46.47
N ALA A 449 -18.53 15.64 -46.27
CA ALA A 449 -18.96 16.38 -45.09
C ALA A 449 -20.38 16.89 -45.23
N LEU A 450 -20.76 17.26 -46.46
CA LEU A 450 -22.12 17.72 -46.74
C LEU A 450 -23.11 16.55 -46.66
N CYS A 451 -22.58 15.33 -46.71
CA CYS A 451 -23.39 14.14 -46.65
C CYS A 451 -23.81 13.81 -45.21
N TYR A 452 -23.05 14.36 -44.25
CA TYR A 452 -23.30 14.09 -42.84
C TYR A 452 -24.63 14.63 -42.29
N PRO A 453 -24.98 15.91 -42.54
CA PRO A 453 -26.22 16.42 -41.94
C PRO A 453 -27.47 15.64 -42.30
N ILE A 454 -27.66 15.37 -43.59
CA ILE A 454 -28.84 14.63 -44.04
C ILE A 454 -28.85 13.21 -43.48
N LYS A 455 -27.66 12.64 -43.29
CA LYS A 455 -27.52 11.30 -42.75
C LYS A 455 -27.97 11.28 -41.30
N LEU A 456 -27.51 12.26 -40.51
CA LEU A 456 -27.88 12.36 -39.11
C LEU A 456 -29.37 12.61 -38.93
N ILE A 457 -29.96 13.36 -39.86
CA ILE A 457 -31.39 13.64 -39.82
C ILE A 457 -32.21 12.37 -40.00
N ALA A 458 -31.91 11.63 -41.06
CA ALA A 458 -32.62 10.40 -41.36
C ALA A 458 -32.37 9.32 -40.31
N GLN A 459 -31.12 9.20 -39.88
CA GLN A 459 -30.73 8.19 -38.90
C GLN A 459 -31.45 8.36 -37.57
N ASN A 460 -31.29 9.52 -36.96
CA ASN A 460 -31.87 9.77 -35.65
C ASN A 460 -33.39 9.88 -35.71
N ALA A 461 -33.92 9.95 -36.92
CA ALA A 461 -35.36 9.88 -37.12
C ALA A 461 -35.83 8.44 -37.01
N GLY A 462 -35.03 7.50 -37.51
CA GLY A 462 -35.33 6.09 -37.41
C GLY A 462 -35.28 5.34 -38.73
N VAL A 463 -34.54 5.87 -39.70
CA VAL A 463 -34.44 5.22 -41.01
C VAL A 463 -33.00 5.32 -41.54
N ASN A 464 -32.58 4.32 -42.31
CA ASN A 464 -31.25 4.32 -42.93
C ASN A 464 -31.06 5.48 -43.88
N GLY A 465 -30.00 6.25 -43.68
CA GLY A 465 -29.74 7.42 -44.49
C GLY A 465 -29.06 7.09 -45.81
N SER A 466 -28.45 5.90 -45.89
CA SER A 466 -27.73 5.48 -47.08
C SER A 466 -28.69 5.23 -48.24
N VAL A 467 -29.79 4.56 -47.96
CA VAL A 467 -30.79 4.26 -48.99
C VAL A 467 -31.53 5.54 -49.39
N VAL A 468 -31.73 6.44 -48.42
CA VAL A 468 -32.38 7.72 -48.68
C VAL A 468 -31.51 8.58 -49.60
N MET A 469 -30.22 8.64 -49.29
CA MET A 469 -29.27 9.40 -50.09
C MET A 469 -29.22 8.86 -51.53
N ASN A 470 -29.23 7.54 -51.65
CA ASN A 470 -29.19 6.89 -52.95
C ASN A 470 -30.41 7.18 -53.81
N GLU A 471 -31.58 7.19 -53.18
CA GLU A 471 -32.84 7.39 -53.90
C GLU A 471 -32.97 8.81 -54.46
N VAL A 472 -32.47 9.78 -53.71
CA VAL A 472 -32.55 11.18 -54.13
C VAL A 472 -31.48 11.50 -55.17
N MET A 473 -30.29 10.95 -54.98
CA MET A 473 -29.16 11.27 -55.85
C MET A 473 -29.23 10.55 -57.19
N LYS A 474 -29.60 9.27 -57.17
CA LYS A 474 -29.71 8.50 -58.40
C LYS A 474 -30.81 9.06 -59.30
N ASN A 475 -31.89 9.53 -58.67
CA ASN A 475 -32.95 10.22 -59.39
C ASN A 475 -32.47 11.58 -59.89
N LEU A 476 -33.22 12.17 -60.80
CA LEU A 476 -32.89 13.50 -61.33
C LEU A 476 -32.92 14.53 -60.21
N ASP A 477 -31.79 15.21 -60.01
CA ASP A 477 -31.64 16.15 -58.90
C ASP A 477 -32.32 17.48 -59.16
N ARG A 478 -32.82 17.66 -60.38
CA ARG A 478 -33.39 18.95 -60.79
C ARG A 478 -34.90 19.13 -60.50
N PRO A 479 -35.73 18.09 -60.76
CA PRO A 479 -37.17 18.33 -60.52
C PRO A 479 -37.57 18.42 -59.04
N HIS A 480 -36.74 19.09 -58.22
CA HIS A 480 -37.06 19.33 -56.82
C HIS A 480 -37.39 18.06 -56.03
N TYR A 481 -36.82 16.94 -56.45
CA TYR A 481 -37.01 15.68 -55.73
C TYR A 481 -36.40 15.76 -54.33
N GLY A 482 -37.06 15.14 -53.36
CA GLY A 482 -36.57 15.15 -51.99
C GLY A 482 -37.21 14.08 -51.12
N TYR A 483 -36.88 14.11 -49.84
CA TYR A 483 -37.41 13.13 -48.89
C TYR A 483 -37.81 13.82 -47.59
N ASN A 484 -39.11 13.87 -47.32
CA ASN A 484 -39.61 14.45 -46.09
C ASN A 484 -39.57 13.44 -44.95
N ALA A 485 -38.73 13.71 -43.95
CA ALA A 485 -38.58 12.82 -42.82
C ALA A 485 -39.79 12.86 -41.89
N ALA A 486 -40.65 13.85 -42.11
CA ALA A 486 -41.84 14.03 -41.28
C ALA A 486 -42.96 13.08 -41.71
N THR A 487 -42.89 12.58 -42.95
CA THR A 487 -43.92 11.70 -43.46
C THR A 487 -43.36 10.40 -44.00
N ASP A 488 -42.04 10.36 -44.23
CA ASP A 488 -41.36 9.20 -44.80
C ASP A 488 -42.01 8.78 -46.13
N SER A 489 -41.79 9.59 -47.17
CA SER A 489 -42.34 9.31 -48.49
C SER A 489 -41.65 10.15 -49.56
N PHE A 490 -41.62 9.64 -50.78
CA PHE A 490 -41.01 10.35 -51.90
C PHE A 490 -41.91 11.52 -52.32
N GLU A 491 -41.42 12.74 -52.12
CA GLU A 491 -42.18 13.95 -52.39
C GLU A 491 -41.28 15.11 -52.79
N ASN A 492 -41.82 16.05 -53.55
CA ASN A 492 -41.09 17.27 -53.90
C ASN A 492 -41.16 18.29 -52.77
N LEU A 493 -39.99 18.79 -52.37
CA LEU A 493 -39.88 19.62 -51.19
C LEU A 493 -40.59 20.97 -51.32
N MET A 494 -40.78 21.42 -52.55
CA MET A 494 -41.38 22.73 -52.79
C MET A 494 -42.89 22.71 -52.59
N GLU A 495 -43.58 21.77 -53.24
CA GLU A 495 -45.04 21.72 -53.20
C GLU A 495 -45.59 21.14 -51.90
N THR A 496 -44.75 20.42 -51.17
CA THR A 496 -45.18 19.81 -49.92
C THR A 496 -45.22 20.83 -48.79
N GLY A 497 -44.10 21.52 -48.57
CA GLY A 497 -44.06 22.57 -47.56
C GLY A 497 -42.84 22.50 -46.66
N ILE A 498 -41.78 21.87 -47.13
CA ILE A 498 -40.53 21.79 -46.38
C ILE A 498 -39.47 22.61 -47.09
N ILE A 499 -39.27 23.84 -46.64
CA ILE A 499 -38.38 24.78 -47.30
C ILE A 499 -37.41 25.43 -46.30
N ASP A 500 -36.16 25.61 -46.71
CA ASP A 500 -35.17 26.30 -45.89
C ASP A 500 -34.74 27.61 -46.55
N PRO A 501 -34.54 28.65 -45.73
CA PRO A 501 -34.02 29.93 -46.25
C PRO A 501 -32.57 29.79 -46.71
N SER A 502 -32.26 30.30 -47.90
CA SER A 502 -30.92 30.15 -48.46
C SER A 502 -29.87 30.91 -47.64
N LYS A 503 -30.33 31.91 -46.87
CA LYS A 503 -29.45 32.70 -46.03
C LYS A 503 -28.87 31.84 -44.91
N VAL A 504 -29.70 31.01 -44.31
CA VAL A 504 -29.28 30.10 -43.25
C VAL A 504 -28.27 29.08 -43.78
N VAL A 505 -28.59 28.47 -44.92
CA VAL A 505 -27.72 27.49 -45.54
C VAL A 505 -26.35 28.08 -45.87
N ARG A 506 -26.36 29.28 -46.45
CA ARG A 506 -25.13 29.95 -46.86
C ARG A 506 -24.26 30.32 -45.65
N CYS A 507 -24.88 30.97 -44.67
CA CYS A 507 -24.14 31.45 -43.49
C CYS A 507 -23.56 30.30 -42.67
N SER A 508 -24.36 29.26 -42.46
CA SER A 508 -23.92 28.10 -41.70
C SER A 508 -22.80 27.36 -42.42
N MET A 509 -22.86 27.36 -43.74
CA MET A 509 -21.86 26.66 -44.56
C MET A 509 -20.55 27.43 -44.60
N GLU A 510 -20.65 28.75 -44.78
CA GLU A 510 -19.46 29.60 -44.84
C GLU A 510 -18.73 29.66 -43.50
N ASN A 511 -19.50 29.80 -42.42
CA ASN A 511 -18.91 29.89 -41.10
C ASN A 511 -18.29 28.57 -40.64
N ALA A 512 -18.88 27.45 -41.08
CA ALA A 512 -18.36 26.13 -40.75
C ALA A 512 -16.99 25.92 -41.35
N VAL A 513 -16.82 26.37 -42.59
CA VAL A 513 -15.53 26.30 -43.26
C VAL A 513 -14.56 27.28 -42.61
N SER A 514 -15.09 28.41 -42.15
CA SER A 514 -14.29 29.44 -41.52
C SER A 514 -13.65 28.97 -40.22
N VAL A 515 -14.39 28.23 -39.41
CA VAL A 515 -13.85 27.72 -38.16
C VAL A 515 -13.03 26.46 -38.42
N ALA A 516 -13.39 25.72 -39.47
CA ALA A 516 -12.59 24.57 -39.89
C ALA A 516 -11.27 25.05 -40.47
N LYS A 517 -11.28 26.26 -41.01
CA LYS A 517 -10.08 26.90 -41.52
C LYS A 517 -9.10 27.16 -40.38
N THR A 518 -9.57 27.84 -39.34
CA THR A 518 -8.73 28.18 -38.20
C THR A 518 -8.60 27.01 -37.22
N PHE A 519 -8.96 25.82 -37.68
CA PHE A 519 -8.86 24.61 -36.87
C PHE A 519 -7.74 23.71 -37.40
N LEU A 520 -7.84 23.33 -38.66
CA LEU A 520 -6.85 22.48 -39.28
C LEU A 520 -5.54 23.23 -39.49
N LEU A 521 -5.62 24.55 -39.58
CA LEU A 521 -4.44 25.39 -39.74
C LEU A 521 -3.65 25.46 -38.43
N ALA A 522 -4.33 25.27 -37.32
CA ALA A 522 -3.69 25.26 -36.01
C ALA A 522 -2.75 24.06 -35.87
N ASP A 523 -1.72 24.23 -35.04
CA ASP A 523 -0.73 23.18 -34.83
C ASP A 523 -0.29 23.14 -33.37
N VAL A 524 -0.33 24.29 -32.70
CA VAL A 524 0.05 24.38 -31.31
C VAL A 524 -0.99 25.13 -30.48
N VAL A 525 -1.43 24.52 -29.38
CA VAL A 525 -2.41 25.13 -28.49
C VAL A 525 -1.84 25.36 -27.11
N VAL A 526 -2.20 26.49 -26.50
CA VAL A 526 -1.76 26.79 -25.14
C VAL A 526 -2.97 26.88 -24.21
N THR A 527 -2.73 26.73 -22.91
CA THR A 527 -3.81 26.72 -21.94
C THR A 527 -3.29 27.03 -20.53
N GLU A 528 -3.89 28.02 -19.88
CA GLU A 528 -3.51 28.35 -18.52
C GLU A 528 -4.01 27.26 -17.57
N LEU A 529 -3.13 26.79 -16.69
CA LEU A 529 -3.48 25.72 -15.76
C LEU A 529 -3.75 26.24 -14.35
N LYS A 530 -4.22 25.36 -13.48
CA LYS A 530 -4.63 25.73 -12.12
C LYS A 530 -3.47 26.26 -11.28
N GLU A 531 -2.44 25.43 -11.11
CA GLU A 531 -1.32 25.76 -10.24
C GLU A 531 -0.16 26.38 -11.01
N GLU B 4 12.02 -13.35 -28.39
CA GLU B 4 13.21 -13.79 -27.67
C GLU B 4 14.43 -12.95 -28.05
N LEU B 5 14.19 -11.84 -28.75
CA LEU B 5 15.24 -10.92 -29.13
C LEU B 5 14.88 -9.49 -28.74
N HIS B 6 15.78 -8.83 -28.00
CA HIS B 6 15.54 -7.47 -27.55
C HIS B 6 16.18 -6.47 -28.51
N PHE B 7 15.67 -5.24 -28.50
CA PHE B 7 16.11 -4.20 -29.44
C PHE B 7 16.70 -2.99 -28.72
N ASN B 8 17.88 -2.55 -29.17
CA ASN B 8 18.51 -1.36 -28.62
C ASN B 8 19.03 -0.45 -29.73
N LYS B 9 18.50 0.77 -29.76
CA LYS B 9 18.82 1.69 -30.84
C LYS B 9 19.12 3.10 -30.34
N ASP B 10 19.36 3.99 -31.31
CA ASP B 10 19.59 5.41 -31.07
C ASP B 10 20.91 5.67 -30.34
N MET B 11 21.06 6.89 -29.84
CA MET B 11 22.31 7.37 -29.26
C MET B 11 22.62 6.75 -27.90
N GLN B 12 21.58 6.50 -27.11
CA GLN B 12 21.77 6.02 -25.75
C GLN B 12 22.17 4.55 -25.69
N ALA B 13 21.80 3.78 -26.71
CA ALA B 13 22.17 2.37 -26.75
C ALA B 13 23.69 2.24 -26.90
N LEU B 14 24.29 3.22 -27.55
CA LEU B 14 25.74 3.28 -27.71
C LEU B 14 26.42 3.60 -26.38
N LYS B 15 25.84 4.55 -25.65
CA LYS B 15 26.40 5.01 -24.38
C LYS B 15 26.37 3.91 -23.32
N ARG B 16 25.44 2.97 -23.47
CA ARG B 16 25.29 1.88 -22.51
C ARG B 16 26.51 0.97 -22.53
N MET B 17 26.85 0.46 -23.71
CA MET B 17 28.02 -0.40 -23.84
C MET B 17 29.30 0.42 -23.76
N GLN B 18 29.19 1.72 -24.00
CA GLN B 18 30.32 2.63 -23.82
C GLN B 18 30.69 2.70 -22.34
N ALA B 19 29.66 2.70 -21.49
CA ALA B 19 29.87 2.70 -20.05
C ALA B 19 30.51 1.40 -19.59
N GLY B 20 30.08 0.29 -20.19
CA GLY B 20 30.63 -1.02 -19.85
C GLY B 20 32.09 -1.11 -20.26
N VAL B 21 32.40 -0.53 -21.41
CA VAL B 21 33.78 -0.42 -21.87
C VAL B 21 34.58 0.43 -20.88
N ASP B 22 34.02 1.57 -20.50
CA ASP B 22 34.68 2.48 -19.57
C ASP B 22 34.94 1.83 -18.21
N LYS B 23 34.03 0.95 -17.80
CA LYS B 23 34.17 0.23 -16.53
C LYS B 23 35.31 -0.77 -16.59
N LEU B 24 35.44 -1.43 -17.73
CA LEU B 24 36.53 -2.37 -17.96
C LEU B 24 37.86 -1.64 -17.94
N ALA B 25 37.90 -0.48 -18.60
CA ALA B 25 39.11 0.32 -18.67
C ALA B 25 39.41 0.97 -17.33
N THR B 26 38.41 1.03 -16.46
CA THR B 26 38.57 1.64 -15.15
C THR B 26 39.38 0.75 -14.22
N VAL B 27 39.10 -0.55 -14.25
CA VAL B 27 39.79 -1.52 -13.40
C VAL B 27 41.15 -1.92 -13.98
N VAL B 28 41.22 -2.03 -15.30
CA VAL B 28 42.48 -2.32 -15.97
C VAL B 28 43.34 -1.06 -15.95
N GLY B 29 42.69 0.09 -15.80
CA GLY B 29 43.38 1.36 -15.75
C GLY B 29 44.21 1.55 -14.49
N VAL B 30 43.67 1.12 -13.35
CA VAL B 30 44.38 1.25 -12.09
C VAL B 30 45.44 0.16 -11.95
N THR B 31 45.45 -0.75 -12.92
CA THR B 31 46.41 -1.84 -12.98
C THR B 31 47.71 -1.39 -13.62
N ILE B 32 47.59 -0.57 -14.65
CA ILE B 32 48.74 -0.12 -15.43
C ILE B 32 49.70 0.72 -14.58
N GLY B 33 50.94 0.84 -15.05
CA GLY B 33 51.93 1.67 -14.39
C GLY B 33 52.88 0.87 -13.51
N PRO B 34 54.10 1.37 -13.34
CA PRO B 34 55.11 0.75 -12.45
C PRO B 34 54.60 0.64 -11.02
N LYS B 35 53.85 1.66 -10.58
CA LYS B 35 53.21 1.63 -9.28
C LYS B 35 51.78 1.12 -9.41
N GLY B 36 51.63 -0.06 -10.01
CA GLY B 36 50.33 -0.66 -10.24
C GLY B 36 49.59 -1.01 -8.97
N ARG B 37 48.27 -0.88 -9.00
CA ARG B 37 47.44 -1.19 -7.83
C ARG B 37 47.00 -2.65 -7.85
N ASN B 38 46.59 -3.15 -6.70
CA ASN B 38 46.12 -4.53 -6.58
C ASN B 38 44.61 -4.64 -6.76
N VAL B 39 44.19 -5.66 -7.52
CA VAL B 39 42.77 -5.92 -7.70
C VAL B 39 42.41 -7.26 -7.07
N VAL B 40 41.53 -7.23 -6.08
CA VAL B 40 41.19 -8.42 -5.32
C VAL B 40 40.07 -9.22 -5.98
N LEU B 41 40.36 -10.48 -6.31
CA LEU B 41 39.37 -11.35 -6.94
C LEU B 41 38.80 -12.37 -5.96
N GLU B 42 37.49 -12.55 -5.99
CA GLU B 42 36.85 -13.57 -5.18
C GLU B 42 37.12 -14.95 -5.76
N SER B 43 37.60 -15.86 -4.92
CA SER B 43 37.94 -17.20 -5.35
C SER B 43 36.71 -18.02 -5.72
N LYS B 44 36.90 -19.03 -6.57
CA LYS B 44 35.83 -19.94 -6.93
C LYS B 44 35.43 -20.78 -5.72
N PHE B 45 36.40 -21.04 -4.84
CA PHE B 45 36.17 -21.82 -3.62
C PHE B 45 37.37 -21.71 -2.68
N GLY B 46 37.33 -20.73 -1.78
CA GLY B 46 38.39 -20.56 -0.80
C GLY B 46 38.91 -19.15 -0.65
N ALA B 47 40.21 -19.03 -0.42
CA ALA B 47 40.85 -17.74 -0.17
C ALA B 47 41.00 -16.92 -1.45
N PRO B 48 40.80 -15.59 -1.35
CA PRO B 48 40.85 -14.65 -2.48
C PRO B 48 42.17 -14.67 -3.24
N LYS B 49 42.21 -13.95 -4.36
CA LYS B 49 43.39 -13.90 -5.21
C LYS B 49 43.68 -12.47 -5.67
N ILE B 50 44.78 -11.91 -5.17
CA ILE B 50 45.19 -10.56 -5.57
C ILE B 50 45.91 -10.59 -6.91
N VAL B 51 45.62 -9.61 -7.76
CA VAL B 51 46.16 -9.57 -9.12
C VAL B 51 46.80 -8.22 -9.44
N ASN B 52 48.02 -8.28 -9.98
CA ASN B 52 48.70 -7.07 -10.45
C ASN B 52 48.71 -7.00 -11.96
N ASP B 53 48.33 -8.10 -12.60
CA ASP B 53 48.31 -8.20 -14.06
C ASP B 53 47.00 -7.66 -14.64
N GLY B 54 47.08 -7.11 -15.85
CA GLY B 54 45.90 -6.63 -16.53
C GLY B 54 45.25 -7.73 -17.35
N VAL B 55 45.99 -8.82 -17.53
CA VAL B 55 45.52 -9.95 -18.34
C VAL B 55 44.46 -10.76 -17.61
N THR B 56 44.74 -11.08 -16.36
CA THR B 56 43.82 -11.89 -15.55
C THR B 56 42.51 -11.15 -15.33
N ILE B 57 42.58 -9.84 -15.17
CA ILE B 57 41.40 -9.01 -14.95
C ILE B 57 40.49 -9.03 -16.17
N ALA B 58 41.08 -8.79 -17.34
CA ALA B 58 40.33 -8.74 -18.59
C ALA B 58 39.68 -10.08 -18.92
N ARG B 59 40.21 -11.15 -18.34
CA ARG B 59 39.66 -12.48 -18.52
C ARG B 59 38.41 -12.68 -17.67
N GLU B 60 38.42 -12.10 -16.47
CA GLU B 60 37.37 -12.35 -15.48
C GLU B 60 36.18 -11.38 -15.59
N VAL B 61 36.41 -10.20 -16.14
CA VAL B 61 35.40 -9.15 -16.15
C VAL B 61 34.26 -9.42 -17.13
N GLU B 62 33.04 -9.33 -16.62
CA GLU B 62 31.83 -9.41 -17.43
C GLU B 62 30.65 -8.87 -16.62
N LEU B 63 30.14 -7.71 -17.03
CA LEU B 63 29.11 -7.02 -16.27
C LEU B 63 27.74 -7.68 -16.39
N SER B 64 26.78 -7.15 -15.66
CA SER B 64 25.42 -7.68 -15.65
C SER B 64 24.67 -7.35 -16.94
N ASP B 65 24.47 -6.05 -17.18
CA ASP B 65 23.75 -5.57 -18.36
C ASP B 65 24.40 -6.07 -19.64
N PRO B 66 23.71 -6.95 -20.39
CA PRO B 66 24.25 -7.63 -21.58
C PRO B 66 24.87 -6.69 -22.62
N VAL B 67 24.28 -5.53 -22.85
CA VAL B 67 24.81 -4.59 -23.83
C VAL B 67 26.16 -4.04 -23.39
N GLU B 68 26.26 -3.65 -22.11
CA GLU B 68 27.51 -3.13 -21.58
C GLU B 68 28.46 -4.29 -21.28
N ASN B 69 27.93 -5.51 -21.35
CA ASN B 69 28.74 -6.71 -21.18
C ASN B 69 29.45 -7.07 -22.49
N ILE B 70 28.70 -7.06 -23.59
CA ILE B 70 29.27 -7.36 -24.89
C ILE B 70 30.10 -6.18 -25.40
N GLY B 71 29.85 -5.01 -24.83
CA GLY B 71 30.64 -3.83 -25.15
C GLY B 71 32.04 -3.98 -24.60
N ALA B 72 32.11 -4.34 -23.31
CA ALA B 72 33.39 -4.58 -22.66
C ALA B 72 34.05 -5.83 -23.24
N THR B 73 33.23 -6.77 -23.70
CA THR B 73 33.73 -7.99 -24.34
C THR B 73 34.38 -7.66 -25.68
N LEU B 74 33.83 -6.66 -26.36
CA LEU B 74 34.38 -6.21 -27.64
C LEU B 74 35.79 -5.68 -27.48
N VAL B 75 36.03 -5.00 -26.36
CA VAL B 75 37.35 -4.49 -26.03
C VAL B 75 38.27 -5.63 -25.61
N ARG B 76 37.71 -6.59 -24.89
CA ARG B 76 38.45 -7.79 -24.47
C ARG B 76 39.02 -8.53 -25.68
N GLN B 77 38.30 -8.48 -26.80
CA GLN B 77 38.78 -9.09 -28.04
C GLN B 77 40.06 -8.41 -28.51
N ALA B 78 40.10 -7.08 -28.44
CA ALA B 78 41.27 -6.33 -28.86
C ALA B 78 42.45 -6.59 -27.91
N ALA B 79 42.15 -6.68 -26.62
CA ALA B 79 43.18 -6.92 -25.63
C ALA B 79 43.73 -8.33 -25.74
N ALA B 80 42.85 -9.30 -25.96
CA ALA B 80 43.26 -10.70 -26.09
C ALA B 80 44.03 -10.91 -27.39
N ARG B 81 43.57 -10.29 -28.46
CA ARG B 81 44.21 -10.41 -29.76
C ARG B 81 45.62 -9.81 -29.72
N THR B 82 45.76 -8.67 -29.07
CA THR B 82 47.05 -8.02 -28.91
C THR B 82 48.01 -8.90 -28.10
N ASN B 83 47.46 -9.57 -27.09
CA ASN B 83 48.26 -10.41 -26.22
C ASN B 83 48.82 -11.65 -26.92
N ASP B 84 47.99 -12.31 -27.71
CA ASP B 84 48.41 -13.55 -28.37
C ASP B 84 49.03 -13.29 -29.74
N THR B 85 49.41 -12.04 -30.00
CA THR B 85 50.07 -11.70 -31.26
C THR B 85 51.32 -10.86 -31.00
N ALA B 86 51.47 -10.38 -29.77
CA ALA B 86 52.62 -9.55 -29.41
C ALA B 86 53.22 -9.97 -28.07
N GLY B 87 52.53 -10.84 -27.36
CA GLY B 87 53.02 -11.37 -26.10
C GLY B 87 52.70 -10.52 -24.90
N ASP B 88 52.39 -9.25 -25.13
CA ASP B 88 52.10 -8.32 -24.04
C ASP B 88 51.29 -7.13 -24.55
N GLY B 89 50.87 -6.26 -23.63
CA GLY B 89 50.17 -5.04 -23.99
C GLY B 89 48.67 -5.15 -23.92
N THR B 90 48.16 -5.82 -22.89
CA THR B 90 46.72 -5.93 -22.69
C THR B 90 46.17 -4.65 -22.07
N THR B 91 46.90 -4.12 -21.09
CA THR B 91 46.49 -2.90 -20.41
C THR B 91 46.51 -1.71 -21.36
N THR B 92 47.55 -1.63 -22.18
CA THR B 92 47.68 -0.54 -23.15
C THR B 92 46.59 -0.61 -24.21
N ALA B 93 46.29 -1.83 -24.66
CA ALA B 93 45.28 -2.03 -25.69
C ALA B 93 43.90 -1.61 -25.21
N THR B 94 43.58 -1.96 -23.97
CA THR B 94 42.28 -1.62 -23.39
C THR B 94 42.12 -0.11 -23.20
N VAL B 95 43.08 0.51 -22.52
CA VAL B 95 43.01 1.92 -22.19
C VAL B 95 43.02 2.78 -23.46
N LEU B 96 43.67 2.30 -24.51
CA LEU B 96 43.66 3.01 -25.79
C LEU B 96 42.34 2.81 -26.49
N SER B 97 41.80 1.60 -26.40
CA SER B 97 40.52 1.27 -27.02
C SER B 97 39.41 2.16 -26.46
N ALA B 98 39.33 2.24 -25.14
CA ALA B 98 38.33 3.07 -24.49
C ALA B 98 38.59 4.54 -24.75
N ALA B 99 39.86 4.90 -24.90
CA ALA B 99 40.26 6.26 -25.22
C ALA B 99 39.69 6.68 -26.58
N PHE B 100 39.81 5.79 -27.56
CA PHE B 100 39.28 6.06 -28.89
C PHE B 100 37.75 6.10 -28.86
N ILE B 101 37.17 5.27 -28.00
CA ILE B 101 35.72 5.21 -27.86
C ILE B 101 35.17 6.44 -27.13
N ALA B 102 35.77 6.78 -26.00
CA ALA B 102 35.33 7.91 -25.19
C ALA B 102 35.43 9.23 -25.96
N GLU B 103 36.61 9.52 -26.48
CA GLU B 103 36.85 10.73 -27.26
C GLU B 103 36.11 10.69 -28.59
N GLY B 104 35.81 9.47 -29.05
CA GLY B 104 35.09 9.30 -30.29
C GLY B 104 33.65 9.79 -30.19
N MET B 105 32.89 9.17 -29.29
CA MET B 105 31.49 9.51 -29.10
C MET B 105 31.32 10.91 -28.51
N LYS B 106 32.39 11.42 -27.91
CA LYS B 106 32.39 12.78 -27.37
C LYS B 106 32.26 13.78 -28.51
N ILE B 107 32.69 13.36 -29.70
CA ILE B 107 32.59 14.16 -30.91
C ILE B 107 31.35 13.77 -31.70
N VAL B 108 31.02 12.48 -31.69
CA VAL B 108 29.84 11.98 -32.39
C VAL B 108 28.57 12.61 -31.83
N SER B 109 28.62 12.96 -30.54
CA SER B 109 27.50 13.60 -29.86
C SER B 109 27.08 14.91 -30.53
N ALA B 110 28.01 15.52 -31.27
CA ALA B 110 27.74 16.77 -31.96
C ALA B 110 27.23 16.54 -33.38
N GLY B 111 26.60 15.38 -33.59
CA GLY B 111 26.03 15.03 -34.89
C GLY B 111 27.06 14.92 -36.00
N THR B 112 28.28 14.56 -35.63
CA THR B 112 29.36 14.44 -36.60
C THR B 112 29.27 13.10 -37.35
N ASN B 113 29.51 13.13 -38.64
CA ASN B 113 29.45 11.93 -39.48
C ASN B 113 30.43 10.86 -39.01
N PRO B 114 29.89 9.70 -38.59
CA PRO B 114 30.69 8.59 -38.07
C PRO B 114 31.65 8.00 -39.10
N VAL B 115 31.21 7.93 -40.36
CA VAL B 115 32.01 7.34 -41.43
C VAL B 115 33.31 8.10 -41.66
N GLN B 116 33.21 9.42 -41.74
CA GLN B 116 34.39 10.25 -41.97
C GLN B 116 35.29 10.28 -40.75
N LEU B 117 34.68 10.14 -39.57
CA LEU B 117 35.42 10.10 -38.32
C LEU B 117 36.34 8.88 -38.24
N VAL B 118 35.76 7.70 -38.41
CA VAL B 118 36.52 6.45 -38.33
C VAL B 118 37.53 6.37 -39.47
N ARG B 119 37.19 6.96 -40.62
CA ARG B 119 38.12 7.04 -41.74
C ARG B 119 39.33 7.89 -41.34
N GLY B 120 39.05 8.97 -40.61
CA GLY B 120 40.10 9.83 -40.11
C GLY B 120 40.95 9.11 -39.07
N MET B 121 40.32 8.22 -38.32
CA MET B 121 41.01 7.44 -37.29
C MET B 121 41.90 6.37 -37.92
N GLU B 122 41.35 5.64 -38.88
CA GLU B 122 42.08 4.55 -39.53
C GLU B 122 43.34 5.02 -40.23
N LYS B 123 43.21 6.10 -41.01
CA LYS B 123 44.34 6.61 -41.77
C LYS B 123 45.37 7.28 -40.86
N THR B 124 44.90 7.88 -39.77
CA THR B 124 45.80 8.56 -38.84
C THR B 124 46.69 7.55 -38.11
N VAL B 125 46.08 6.48 -37.61
CA VAL B 125 46.81 5.47 -36.87
C VAL B 125 47.71 4.65 -37.82
N GLN B 126 47.30 4.56 -39.08
CA GLN B 126 48.06 3.79 -40.06
C GLN B 126 49.32 4.56 -40.47
N GLU B 127 49.19 5.88 -40.60
CA GLU B 127 50.34 6.73 -40.90
C GLU B 127 51.21 6.91 -39.66
N LEU B 128 50.63 6.63 -38.50
CA LEU B 128 51.38 6.69 -37.25
C LEU B 128 52.06 5.35 -36.98
N VAL B 129 51.62 4.31 -37.68
CA VAL B 129 52.31 3.03 -37.68
C VAL B 129 53.55 3.14 -38.56
N LYS B 130 53.40 3.82 -39.69
CA LYS B 130 54.52 4.11 -40.57
C LYS B 130 55.48 5.07 -39.89
N GLU B 131 54.95 5.85 -38.95
CA GLU B 131 55.77 6.76 -38.14
C GLU B 131 56.40 6.03 -36.97
N LEU B 132 55.71 5.00 -36.48
CA LEU B 132 56.21 4.20 -35.36
C LEU B 132 57.44 3.40 -35.77
N ARG B 133 57.46 2.93 -37.01
CA ARG B 133 58.60 2.20 -37.54
C ARG B 133 59.83 3.10 -37.62
N LYS B 134 59.58 4.39 -37.86
CA LYS B 134 60.64 5.39 -37.86
C LYS B 134 61.11 5.66 -36.44
N MET B 135 60.17 5.71 -35.51
CA MET B 135 60.46 5.94 -34.10
C MET B 135 61.25 4.78 -33.49
N SER B 136 61.07 3.58 -34.05
CA SER B 136 61.66 2.37 -33.48
C SER B 136 63.17 2.32 -33.60
N SER B 137 63.81 1.65 -32.65
CA SER B 137 65.25 1.42 -32.68
C SER B 137 65.52 -0.05 -33.01
N VAL B 138 66.56 -0.30 -33.79
CA VAL B 138 66.85 -1.64 -34.27
C VAL B 138 68.08 -2.25 -33.58
N VAL B 139 68.06 -3.57 -33.40
CA VAL B 139 69.21 -4.28 -32.85
C VAL B 139 69.81 -5.21 -33.91
N GLN B 140 71.10 -5.09 -34.14
CA GLN B 140 71.76 -5.87 -35.19
C GLN B 140 73.00 -6.59 -34.70
N THR B 141 73.50 -6.18 -33.53
CA THR B 141 74.67 -6.83 -32.94
C THR B 141 74.27 -7.65 -31.72
N ASP B 142 74.92 -8.80 -31.56
CA ASP B 142 74.60 -9.73 -30.48
C ASP B 142 74.97 -9.18 -29.11
N LYS B 143 75.89 -8.21 -29.07
CA LYS B 143 76.31 -7.62 -27.81
C LYS B 143 75.36 -6.51 -27.36
N ASP B 144 74.82 -5.77 -28.32
CA ASP B 144 73.77 -4.80 -28.01
C ASP B 144 72.49 -5.56 -27.74
N LEU B 145 72.36 -6.73 -28.36
CA LEU B 145 71.25 -7.63 -28.11
C LEU B 145 71.34 -8.16 -26.68
N ALA B 146 72.57 -8.34 -26.22
CA ALA B 146 72.82 -8.82 -24.86
C ALA B 146 72.40 -7.76 -23.83
N ASN B 147 72.67 -6.51 -24.14
CA ASN B 147 72.33 -5.41 -23.24
C ASN B 147 70.82 -5.17 -23.21
N VAL B 148 70.17 -5.34 -24.35
CA VAL B 148 68.73 -5.22 -24.43
C VAL B 148 68.04 -6.36 -23.68
N ALA B 149 68.56 -7.57 -23.87
CA ALA B 149 67.98 -8.76 -23.24
C ALA B 149 68.14 -8.73 -21.73
N CYS B 150 69.29 -8.28 -21.25
CA CYS B 150 69.59 -8.27 -19.82
C CYS B 150 68.81 -7.19 -19.08
N VAL B 151 68.49 -6.11 -19.79
CA VAL B 151 67.71 -5.03 -19.20
C VAL B 151 66.22 -5.37 -19.23
N SER B 152 65.77 -5.94 -20.35
CA SER B 152 64.38 -6.36 -20.48
C SER B 152 64.05 -7.45 -19.47
N ALA B 153 65.06 -8.23 -19.10
CA ALA B 153 64.91 -9.24 -18.06
C ALA B 153 64.82 -8.57 -16.69
N GLY B 154 64.24 -9.26 -15.72
CA GLY B 154 64.04 -8.70 -14.40
C GLY B 154 65.31 -8.56 -13.57
N GLY B 155 65.57 -7.36 -13.10
CA GLY B 155 66.69 -7.09 -12.22
C GLY B 155 68.06 -7.30 -12.84
N ASN B 156 68.84 -8.19 -12.24
CA ASN B 156 70.21 -8.44 -12.67
C ASN B 156 70.29 -9.04 -14.07
N THR B 157 71.49 -8.99 -14.65
CA THR B 157 71.71 -9.43 -16.02
C THR B 157 71.85 -10.95 -16.11
N ASP B 158 73.08 -11.42 -15.91
CA ASP B 158 73.47 -12.84 -15.95
C ASP B 158 72.56 -13.78 -16.74
N ILE B 159 71.33 -13.96 -16.28
CA ILE B 159 70.40 -14.86 -16.94
C ILE B 159 69.94 -14.27 -18.27
N GLY B 160 69.81 -12.95 -18.33
CA GLY B 160 69.50 -12.26 -19.57
C GLY B 160 70.71 -12.32 -20.49
N SER B 161 71.88 -12.43 -19.88
CA SER B 161 73.13 -12.57 -20.63
C SER B 161 73.30 -14.01 -21.11
N LEU B 162 72.48 -14.92 -20.56
CA LEU B 162 72.49 -16.31 -20.99
C LEU B 162 71.59 -16.53 -22.19
N ILE B 163 70.42 -15.90 -22.15
CA ILE B 163 69.48 -15.96 -23.28
C ILE B 163 70.06 -15.25 -24.49
N SER B 164 70.92 -14.26 -24.23
CA SER B 164 71.55 -13.49 -25.29
C SER B 164 72.42 -14.37 -26.17
N ASP B 165 73.29 -15.17 -25.56
CA ASP B 165 74.14 -16.09 -26.31
C ASP B 165 73.35 -17.30 -26.78
N ALA B 166 72.22 -17.55 -26.13
CA ALA B 166 71.34 -18.64 -26.54
C ALA B 166 70.69 -18.34 -27.88
N MET B 167 70.45 -17.07 -28.14
CA MET B 167 69.89 -16.63 -29.41
C MET B 167 70.99 -16.15 -30.35
N ALA B 168 72.18 -15.92 -29.80
CA ALA B 168 73.32 -15.55 -30.61
C ALA B 168 73.79 -16.75 -31.43
N LYS B 169 73.49 -17.95 -30.93
CA LYS B 169 73.82 -19.17 -31.63
C LYS B 169 72.88 -19.37 -32.82
N VAL B 170 71.59 -19.52 -32.53
CA VAL B 170 70.59 -19.62 -33.58
C VAL B 170 70.19 -18.22 -34.05
N GLY B 171 70.72 -17.83 -35.22
CA GLY B 171 70.57 -16.49 -35.73
C GLY B 171 69.15 -15.96 -35.82
N ARG B 172 68.40 -16.48 -36.79
CA ARG B 172 67.04 -16.00 -37.02
C ARG B 172 66.01 -17.12 -36.83
N THR B 173 64.81 -16.90 -37.36
CA THR B 173 63.70 -17.87 -37.40
C THR B 173 63.42 -18.65 -36.10
N GLY B 174 64.12 -18.32 -35.02
CA GLY B 174 63.95 -19.02 -33.76
C GLY B 174 64.35 -20.49 -33.85
N VAL B 175 63.87 -21.30 -32.91
CA VAL B 175 63.01 -20.83 -31.83
C VAL B 175 63.53 -21.35 -30.48
N VAL B 176 63.61 -20.46 -29.50
CA VAL B 176 64.16 -20.81 -28.19
C VAL B 176 63.07 -21.25 -27.22
N THR B 177 63.25 -22.44 -26.64
CA THR B 177 62.34 -22.96 -25.63
C THR B 177 63.10 -23.20 -24.33
N MET B 178 62.45 -22.94 -23.20
CA MET B 178 63.12 -23.04 -21.91
C MET B 178 62.61 -24.22 -21.07
N GLU B 179 63.40 -24.59 -20.06
CA GLU B 179 63.01 -25.62 -19.12
C GLU B 179 63.94 -25.60 -17.91
N GLU B 180 63.44 -26.02 -16.76
CA GLU B 180 64.23 -26.03 -15.53
C GLU B 180 64.80 -27.40 -15.23
N GLY B 181 65.66 -27.47 -14.22
CA GLY B 181 66.27 -28.73 -13.83
C GLY B 181 67.58 -28.99 -14.57
N LYS B 182 68.46 -29.77 -13.96
CA LYS B 182 68.22 -30.33 -12.64
C LYS B 182 69.29 -29.88 -11.65
N THR B 183 70.48 -29.59 -12.18
CA THR B 183 71.59 -29.13 -11.35
C THR B 183 71.84 -27.63 -11.58
N ALA B 184 72.26 -26.93 -10.53
CA ALA B 184 72.42 -25.49 -10.58
C ALA B 184 73.57 -25.05 -11.48
N GLU B 185 73.28 -24.91 -12.77
CA GLU B 185 74.24 -24.38 -13.74
C GLU B 185 73.51 -23.76 -14.92
N ASP B 186 74.26 -23.46 -15.98
CA ASP B 186 73.66 -22.96 -17.22
C ASP B 186 73.90 -23.96 -18.36
N GLN B 187 72.88 -24.77 -18.62
CA GLN B 187 73.00 -25.86 -19.61
C GLN B 187 72.29 -25.51 -20.91
N LEU B 188 73.07 -25.23 -21.95
CA LEU B 188 72.52 -24.96 -23.27
C LEU B 188 72.48 -26.25 -24.09
N VAL B 189 71.33 -26.53 -24.70
CA VAL B 189 71.15 -27.75 -25.46
C VAL B 189 70.52 -27.47 -26.83
N PHE B 190 71.19 -27.91 -27.89
CA PHE B 190 70.65 -27.80 -29.24
C PHE B 190 70.38 -29.19 -29.81
N VAL B 191 69.14 -29.42 -30.23
CA VAL B 191 68.74 -30.72 -30.77
C VAL B 191 67.83 -30.55 -31.99
N GLU B 192 67.41 -31.67 -32.56
CA GLU B 192 66.56 -31.65 -33.75
C GLU B 192 65.12 -31.31 -33.36
N GLY B 193 64.77 -30.03 -33.51
CA GLY B 193 63.43 -29.57 -33.18
C GLY B 193 62.85 -28.69 -34.26
N MET B 194 61.52 -28.57 -34.28
CA MET B 194 60.83 -27.80 -35.31
C MET B 194 59.59 -27.11 -34.75
N GLN B 195 59.04 -26.16 -35.50
CA GLN B 195 57.81 -25.49 -35.09
C GLN B 195 56.99 -25.02 -36.29
N PHE B 196 55.71 -24.73 -36.04
CA PHE B 196 54.82 -24.22 -37.07
C PHE B 196 53.88 -23.18 -36.49
N GLU B 197 53.22 -22.41 -37.35
CA GLU B 197 52.33 -21.35 -36.90
C GLU B 197 50.86 -21.75 -36.97
N ARG B 198 50.58 -23.01 -36.66
CA ARG B 198 49.20 -23.49 -36.55
C ARG B 198 48.83 -23.62 -35.08
N GLY B 199 47.55 -23.88 -34.81
CA GLY B 199 47.07 -23.97 -33.45
C GLY B 199 46.28 -25.23 -33.16
N TYR B 200 45.92 -25.41 -31.90
CA TYR B 200 45.12 -26.56 -31.48
C TYR B 200 43.70 -26.46 -32.01
N THR B 201 42.99 -27.58 -32.02
CA THR B 201 41.61 -27.62 -32.49
C THR B 201 40.66 -27.04 -31.45
N SER B 202 40.83 -27.46 -30.20
CA SER B 202 39.99 -26.99 -29.11
C SER B 202 40.82 -26.54 -27.91
N PRO B 203 40.38 -25.46 -27.24
CA PRO B 203 41.03 -24.94 -26.03
C PRO B 203 40.78 -25.81 -24.80
N TYR B 204 40.21 -26.99 -25.01
CA TYR B 204 39.90 -27.90 -23.91
C TYR B 204 41.01 -28.92 -23.71
N PHE B 205 42.07 -28.81 -24.51
CA PHE B 205 43.20 -29.74 -24.44
C PHE B 205 44.32 -29.20 -23.56
N VAL B 206 44.16 -27.95 -22.94
CA VAL B 206 45.19 -27.30 -22.15
C VAL B 206 45.61 -28.17 -20.97
N THR B 207 46.88 -28.50 -20.84
CA THR B 207 47.46 -29.37 -19.83
C THR B 207 47.53 -28.70 -18.46
N ASP B 208 48.14 -27.52 -18.41
CA ASP B 208 48.33 -26.83 -17.13
C ASP B 208 48.08 -25.33 -17.21
N PRO B 209 46.85 -24.91 -16.84
CA PRO B 209 46.49 -23.49 -16.67
C PRO B 209 47.24 -22.89 -15.48
N GLU B 210 47.38 -21.57 -15.40
CA GLU B 210 46.80 -20.62 -16.35
C GLU B 210 47.68 -20.41 -17.57
N ARG B 211 48.71 -21.23 -17.72
CA ARG B 211 49.58 -21.17 -18.88
C ARG B 211 48.85 -21.67 -20.13
N MET B 212 47.78 -22.43 -19.90
CA MET B 212 46.96 -23.07 -20.94
C MET B 212 47.76 -23.57 -22.14
N ILE B 213 48.91 -24.17 -21.85
CA ILE B 213 49.78 -24.71 -22.88
C ILE B 213 49.97 -26.22 -22.72
N CYS B 214 49.66 -26.98 -23.76
CA CYS B 214 49.73 -28.43 -23.71
C CYS B 214 51.15 -28.94 -23.94
N GLU B 215 51.73 -29.46 -22.88
CA GLU B 215 53.06 -30.05 -22.94
C GLU B 215 53.05 -31.53 -22.60
N TYR B 216 53.74 -32.38 -23.40
CA TYR B 216 53.80 -33.82 -23.15
C TYR B 216 55.20 -34.37 -23.44
N GLU B 217 55.63 -35.33 -22.63
CA GLU B 217 56.97 -35.88 -22.76
C GLU B 217 56.95 -37.35 -23.16
N ASN B 218 57.92 -37.73 -23.99
CA ASN B 218 58.05 -39.10 -24.51
C ASN B 218 56.77 -39.59 -25.17
N CYS B 219 56.47 -39.04 -26.35
CA CYS B 219 55.23 -39.36 -27.04
C CYS B 219 55.45 -39.59 -28.53
N LYS B 220 54.66 -40.48 -29.12
CA LYS B 220 54.73 -40.77 -30.55
C LYS B 220 53.86 -39.80 -31.34
N ILE B 221 54.17 -39.66 -32.64
CA ILE B 221 53.45 -38.72 -33.49
C ILE B 221 52.76 -39.44 -34.65
N LEU B 222 51.74 -38.80 -35.22
CA LEU B 222 50.97 -39.39 -36.32
C LEU B 222 50.33 -38.30 -37.16
N LEU B 223 50.51 -38.36 -38.48
CA LEU B 223 49.98 -37.33 -39.36
C LEU B 223 49.62 -37.82 -40.76
N VAL B 224 48.53 -37.28 -41.29
CA VAL B 224 48.13 -37.50 -42.68
C VAL B 224 47.70 -36.16 -43.25
N ASP B 225 47.45 -36.09 -44.56
CA ASP B 225 47.06 -34.84 -45.20
C ASP B 225 45.55 -34.68 -45.30
N LYS B 226 44.85 -35.80 -45.51
CA LYS B 226 43.40 -35.77 -45.69
C LYS B 226 42.67 -35.53 -44.37
N LYS B 227 41.39 -35.17 -44.47
CA LYS B 227 40.57 -34.94 -43.29
C LYS B 227 40.17 -36.26 -42.62
N ILE B 228 40.03 -36.22 -41.30
CA ILE B 228 39.68 -37.42 -40.55
C ILE B 228 38.30 -37.28 -39.89
N SER B 229 37.47 -38.30 -40.05
CA SER B 229 36.13 -38.29 -39.46
C SER B 229 35.79 -39.65 -38.85
N THR B 230 36.23 -40.71 -39.52
CA THR B 230 36.02 -42.07 -39.02
C THR B 230 36.78 -42.27 -37.72
N ALA B 231 36.27 -43.13 -36.85
CA ALA B 231 36.84 -43.29 -35.52
C ALA B 231 37.50 -44.66 -35.33
N ARG B 232 36.93 -45.69 -35.96
CA ARG B 232 37.37 -47.06 -35.73
C ARG B 232 38.84 -47.28 -36.06
N ASP B 233 39.39 -46.46 -36.96
CA ASP B 233 40.80 -46.52 -37.27
C ASP B 233 41.62 -46.00 -36.10
N ILE B 234 41.18 -44.87 -35.53
CA ILE B 234 41.85 -44.27 -34.39
C ILE B 234 41.64 -45.14 -33.14
N ILE B 235 40.53 -45.87 -33.12
CA ILE B 235 40.24 -46.80 -32.03
C ILE B 235 41.28 -47.92 -31.98
N THR B 236 41.68 -48.40 -33.15
CA THR B 236 42.71 -49.43 -33.25
C THR B 236 44.06 -48.86 -32.84
N ILE B 237 44.30 -47.59 -33.17
CA ILE B 237 45.52 -46.91 -32.79
C ILE B 237 45.45 -46.57 -31.30
N LEU B 238 44.23 -46.39 -30.80
CA LEU B 238 44.02 -46.21 -29.36
C LEU B 238 44.45 -47.47 -28.62
N GLU B 239 44.17 -48.63 -29.23
CA GLU B 239 44.60 -49.90 -28.68
C GLU B 239 46.12 -50.00 -28.72
N SER B 240 46.72 -49.33 -29.69
CA SER B 240 48.17 -49.25 -29.81
C SER B 240 48.72 -48.24 -28.81
N ALA B 241 47.86 -47.32 -28.38
CA ALA B 241 48.22 -46.33 -27.37
C ALA B 241 48.02 -46.91 -25.98
N ILE B 242 47.22 -47.96 -25.88
CA ILE B 242 47.02 -48.69 -24.64
C ILE B 242 48.06 -49.80 -24.53
N ARG B 243 48.42 -50.36 -25.69
CA ARG B 243 49.49 -51.35 -25.80
C ARG B 243 50.76 -50.83 -25.12
N GLY B 244 51.05 -49.55 -25.33
CA GLY B 244 52.13 -48.87 -24.63
C GLY B 244 51.59 -47.59 -24.04
N ASN B 245 51.33 -47.60 -22.73
CA ASN B 245 50.72 -46.47 -22.03
C ASN B 245 51.45 -45.15 -22.29
N TYR B 246 51.23 -44.58 -23.47
CA TYR B 246 51.87 -43.34 -23.87
C TYR B 246 50.89 -42.45 -24.63
N PRO B 247 51.03 -41.12 -24.45
CA PRO B 247 50.22 -40.15 -25.20
C PRO B 247 50.46 -40.24 -26.70
N LEU B 248 49.53 -39.71 -27.48
CA LEU B 248 49.63 -39.77 -28.94
C LEU B 248 49.46 -38.39 -29.57
N LEU B 249 50.18 -38.16 -30.67
CA LEU B 249 50.13 -36.87 -31.36
C LEU B 249 49.46 -36.98 -32.72
N ILE B 250 48.47 -36.11 -32.95
CA ILE B 250 47.74 -36.09 -34.22
C ILE B 250 47.56 -34.67 -34.72
N MET B 251 47.92 -34.43 -35.98
CA MET B 251 47.72 -33.12 -36.61
C MET B 251 47.40 -33.26 -38.10
N ALA B 252 46.22 -33.80 -38.39
CA ALA B 252 45.80 -34.02 -39.77
C ALA B 252 44.73 -33.02 -40.21
N GLU B 253 45.15 -31.76 -40.33
CA GLU B 253 44.28 -30.66 -40.76
C GLU B 253 43.01 -30.56 -39.93
N GLU B 254 41.90 -31.03 -40.49
CA GLU B 254 40.59 -30.84 -39.86
C GLU B 254 40.03 -32.13 -39.28
N VAL B 255 39.88 -32.16 -37.97
CA VAL B 255 39.21 -33.27 -37.30
C VAL B 255 37.77 -32.86 -36.98
N GLU B 256 36.82 -33.62 -37.52
CA GLU B 256 35.42 -33.25 -37.40
C GLU B 256 34.90 -33.44 -35.96
N GLN B 257 33.67 -33.02 -35.74
CA GLN B 257 33.07 -33.02 -34.41
C GLN B 257 33.00 -34.40 -33.77
N GLU B 258 32.84 -35.44 -34.58
CA GLU B 258 32.71 -36.80 -34.08
C GLU B 258 34.01 -37.28 -33.41
N ALA B 259 35.10 -37.25 -34.17
CA ALA B 259 36.39 -37.69 -33.65
C ALA B 259 36.90 -36.74 -32.56
N LEU B 260 36.57 -35.46 -32.69
CA LEU B 260 36.98 -34.46 -31.71
C LEU B 260 36.29 -34.69 -30.37
N ALA B 261 35.00 -35.02 -30.41
CA ALA B 261 34.25 -35.30 -29.20
C ALA B 261 34.74 -36.58 -28.55
N THR B 262 35.08 -37.56 -29.36
CA THR B 262 35.63 -38.82 -28.87
C THR B 262 36.98 -38.57 -28.20
N LEU B 263 37.74 -37.62 -28.75
CA LEU B 263 39.05 -37.28 -28.23
C LEU B 263 39.00 -36.55 -26.89
N VAL B 264 38.11 -35.58 -26.77
CA VAL B 264 38.02 -34.77 -25.55
C VAL B 264 37.38 -35.56 -24.41
N VAL B 265 36.60 -36.58 -24.74
CA VAL B 265 35.97 -37.43 -23.74
C VAL B 265 36.98 -38.44 -23.20
N ASN B 266 37.73 -39.06 -24.10
CA ASN B 266 38.76 -40.03 -23.72
C ASN B 266 39.93 -39.37 -22.99
N LYS B 267 40.06 -38.05 -23.15
CA LYS B 267 41.12 -37.30 -22.49
C LYS B 267 40.66 -36.79 -21.13
N LEU B 268 39.36 -36.53 -21.01
CA LEU B 268 38.80 -36.01 -19.77
C LEU B 268 38.79 -37.05 -18.65
N ARG B 269 38.87 -38.32 -19.03
CA ARG B 269 38.87 -39.41 -18.06
C ARG B 269 40.29 -39.85 -17.70
N GLY B 270 41.23 -39.57 -18.58
CA GLY B 270 42.63 -39.87 -18.33
C GLY B 270 43.06 -41.22 -18.88
N THR B 271 42.15 -41.91 -19.55
CA THR B 271 42.46 -43.20 -20.15
C THR B 271 43.38 -43.03 -21.36
N LEU B 272 43.07 -42.05 -22.18
CA LEU B 272 43.87 -41.75 -23.37
C LEU B 272 44.36 -40.31 -23.37
N LYS B 273 45.68 -40.13 -23.44
CA LYS B 273 46.26 -38.80 -23.54
C LYS B 273 46.40 -38.41 -25.01
N VAL B 274 45.51 -37.53 -25.48
CA VAL B 274 45.47 -37.18 -26.89
C VAL B 274 45.70 -35.68 -27.11
N VAL B 275 46.16 -35.33 -28.31
CA VAL B 275 46.42 -33.94 -28.67
C VAL B 275 45.84 -33.63 -30.04
N ALA B 276 45.22 -32.46 -30.17
CA ALA B 276 44.63 -32.04 -31.44
C ALA B 276 45.34 -30.82 -32.02
N ILE B 277 45.29 -30.55 -33.19
CA ILE B 277 45.75 -29.40 -33.88
C ILE B 277 45.51 -29.38 -35.36
N LYS B 278 46.19 -28.61 -36.23
CA LYS B 278 45.85 -28.40 -37.63
C LYS B 278 47.06 -28.65 -38.53
N ALA B 279 46.86 -28.55 -39.84
CA ALA B 279 47.94 -28.79 -40.80
C ALA B 279 48.59 -27.50 -41.28
N PRO B 280 49.91 -27.53 -41.48
CA PRO B 280 50.67 -26.39 -42.01
C PRO B 280 50.57 -26.29 -43.53
N GLY B 281 50.56 -25.06 -44.05
CA GLY B 281 50.51 -24.84 -45.48
C GLY B 281 49.17 -25.20 -46.08
N PHE B 282 49.15 -25.34 -47.41
CA PHE B 282 47.93 -25.67 -48.13
C PHE B 282 48.23 -26.39 -49.44
N GLY B 283 47.36 -27.33 -49.81
CA GLY B 283 47.50 -28.07 -51.05
C GLY B 283 48.67 -29.03 -51.06
N GLU B 284 49.51 -28.91 -52.09
CA GLU B 284 50.67 -29.77 -52.24
C GLU B 284 51.71 -29.50 -51.17
N ARG B 285 51.60 -28.34 -50.52
CA ARG B 285 52.51 -27.97 -49.46
C ARG B 285 52.30 -28.84 -48.22
N ARG B 286 51.04 -29.14 -47.92
CA ARG B 286 50.70 -29.96 -46.76
C ARG B 286 51.36 -31.32 -46.83
N SER B 287 51.21 -32.00 -47.97
CA SER B 287 51.78 -33.32 -48.17
C SER B 287 53.30 -33.27 -48.31
N SER B 288 53.85 -32.07 -48.37
CA SER B 288 55.29 -31.88 -48.47
C SER B 288 55.87 -31.38 -47.15
N TYR B 289 55.00 -31.09 -46.19
CA TYR B 289 55.42 -30.60 -44.89
C TYR B 289 55.28 -31.67 -43.81
N LEU B 290 54.23 -32.47 -43.90
CA LEU B 290 54.00 -33.53 -42.92
C LEU B 290 55.01 -34.66 -43.11
N GLU B 291 55.44 -34.86 -44.36
CA GLU B 291 56.46 -35.86 -44.64
C GLU B 291 57.84 -35.30 -44.30
N ASP B 292 57.91 -33.98 -44.18
CA ASP B 292 59.15 -33.31 -43.78
C ASP B 292 59.36 -33.45 -42.29
N ILE B 293 58.28 -33.70 -41.56
CA ILE B 293 58.35 -33.87 -40.11
C ILE B 293 58.11 -35.33 -39.72
N ALA B 294 57.67 -36.14 -40.69
CA ALA B 294 57.42 -37.55 -40.45
C ALA B 294 58.72 -38.30 -40.16
N ILE B 295 59.64 -38.26 -41.11
CA ILE B 295 60.93 -38.92 -40.95
C ILE B 295 61.77 -38.20 -39.89
N LEU B 296 61.56 -36.89 -39.78
CA LEU B 296 62.23 -36.10 -38.76
C LEU B 296 61.90 -36.61 -37.37
N THR B 297 60.68 -37.13 -37.22
CA THR B 297 60.26 -37.75 -35.96
C THR B 297 60.47 -39.26 -36.00
N GLY B 298 60.97 -39.76 -37.14
CA GLY B 298 61.26 -41.17 -37.28
C GLY B 298 60.02 -42.00 -37.56
N GLY B 299 59.27 -41.62 -38.58
CA GLY B 299 58.06 -42.34 -38.95
C GLY B 299 57.71 -42.16 -40.42
N THR B 300 57.06 -43.18 -40.99
CA THR B 300 56.67 -43.14 -42.39
C THR B 300 55.40 -42.32 -42.58
N VAL B 301 54.99 -42.15 -43.83
CA VAL B 301 53.79 -41.39 -44.14
C VAL B 301 52.62 -42.31 -44.45
N VAL B 302 51.47 -42.04 -43.83
CA VAL B 302 50.29 -42.87 -44.02
C VAL B 302 49.31 -42.23 -45.02
N ARG B 303 49.84 -41.71 -46.11
CA ARG B 303 49.02 -41.06 -47.12
C ARG B 303 48.54 -42.07 -48.17
N ASP B 304 47.37 -41.83 -48.75
CA ASP B 304 46.77 -42.76 -49.70
C ASP B 304 47.29 -42.56 -51.12
N GLU B 305 48.31 -41.70 -51.27
CA GLU B 305 48.88 -41.41 -52.58
C GLU B 305 49.79 -42.54 -53.06
N MET B 306 50.25 -43.37 -52.13
CA MET B 306 51.11 -44.50 -52.49
C MET B 306 50.36 -45.83 -52.72
N GLY B 307 49.48 -46.28 -51.81
CA GLY B 307 49.15 -45.64 -50.55
C GLY B 307 48.60 -46.62 -49.53
N VAL B 308 49.16 -46.59 -48.32
CA VAL B 308 48.73 -47.48 -47.26
C VAL B 308 47.86 -46.75 -46.23
N SER B 309 46.65 -47.25 -46.05
CA SER B 309 45.71 -46.67 -45.09
C SER B 309 44.62 -47.67 -44.72
N LEU B 310 44.83 -48.39 -43.63
CA LEU B 310 43.88 -49.41 -43.20
C LEU B 310 43.49 -49.28 -41.73
N GLU B 311 43.06 -50.39 -41.14
CA GLU B 311 42.59 -50.40 -39.77
C GLU B 311 43.74 -50.30 -38.76
N GLN B 312 44.71 -51.20 -38.90
CA GLN B 312 45.81 -51.31 -37.94
C GLN B 312 46.89 -50.26 -38.16
N ALA B 313 47.75 -50.10 -37.17
CA ALA B 313 48.86 -49.16 -37.24
C ALA B 313 49.98 -49.56 -36.28
N THR B 314 51.20 -49.64 -36.79
CA THR B 314 52.34 -50.04 -35.96
C THR B 314 53.32 -48.90 -35.75
N ASP B 315 54.51 -49.21 -35.24
CA ASP B 315 55.53 -48.21 -34.94
C ASP B 315 56.11 -47.60 -36.21
N ALA B 316 55.98 -48.32 -37.32
CA ALA B 316 56.55 -47.88 -38.58
C ALA B 316 55.80 -46.68 -39.17
N VAL B 317 54.51 -46.58 -38.86
CA VAL B 317 53.68 -45.52 -39.42
C VAL B 317 53.63 -44.29 -38.52
N LEU B 318 54.15 -44.43 -37.30
CA LEU B 318 54.16 -43.33 -36.35
C LEU B 318 55.57 -42.98 -35.88
N GLY B 319 55.91 -41.69 -35.96
CA GLY B 319 57.23 -41.23 -35.52
C GLY B 319 57.26 -41.02 -34.03
N THR B 320 58.42 -40.57 -33.52
CA THR B 320 58.59 -40.35 -32.09
C THR B 320 59.02 -38.91 -31.77
N ALA B 321 58.64 -38.44 -30.60
CA ALA B 321 59.01 -37.11 -30.15
C ALA B 321 59.20 -37.10 -28.63
N ALA B 322 60.39 -36.72 -28.19
CA ALA B 322 60.71 -36.73 -26.76
C ALA B 322 59.82 -35.76 -25.98
N LYS B 323 59.70 -34.54 -26.50
CA LYS B 323 58.87 -33.52 -25.85
C LYS B 323 58.17 -32.64 -26.88
N ILE B 324 56.90 -32.33 -26.62
CA ILE B 324 56.16 -31.43 -27.50
C ILE B 324 55.38 -30.40 -26.69
N THR B 325 55.46 -29.15 -27.12
CA THR B 325 54.78 -28.03 -26.45
C THR B 325 54.04 -27.16 -27.46
N ILE B 326 52.71 -27.11 -27.34
CA ILE B 326 51.89 -26.34 -28.28
C ILE B 326 51.08 -25.27 -27.55
N THR B 327 50.78 -24.19 -28.26
CA THR B 327 49.99 -23.10 -27.69
C THR B 327 48.91 -22.63 -28.66
N LYS B 328 48.51 -21.37 -28.53
CA LYS B 328 47.40 -20.83 -29.30
C LYS B 328 47.68 -20.80 -30.80
N GLU B 329 48.74 -20.11 -31.20
CA GLU B 329 49.06 -19.95 -32.61
C GLU B 329 50.38 -20.60 -32.99
N ARG B 330 50.97 -21.36 -32.07
CA ARG B 330 52.23 -22.04 -32.34
C ARG B 330 52.20 -23.50 -31.88
N THR B 331 52.94 -24.34 -32.60
CA THR B 331 53.09 -25.75 -32.23
C THR B 331 54.56 -26.15 -32.35
N THR B 332 55.17 -26.56 -31.24
CA THR B 332 56.60 -26.84 -31.23
C THR B 332 56.93 -28.28 -30.82
N VAL B 333 57.92 -28.87 -31.50
CA VAL B 333 58.44 -30.20 -31.15
C VAL B 333 59.94 -30.13 -30.93
N VAL B 334 60.46 -30.96 -30.02
CA VAL B 334 61.88 -30.92 -29.68
C VAL B 334 62.30 -32.13 -28.84
N GLY B 335 63.60 -32.41 -28.81
CA GLY B 335 64.15 -33.40 -27.90
C GLY B 335 64.44 -34.77 -28.50
N ASP B 336 63.60 -35.21 -29.43
CA ASP B 336 63.69 -36.56 -29.97
C ASP B 336 65.03 -36.83 -30.65
N GLY B 337 65.65 -37.94 -30.28
CA GLY B 337 66.92 -38.34 -30.87
C GLY B 337 66.72 -39.33 -32.00
N SER B 338 66.18 -38.83 -33.11
CA SER B 338 65.93 -39.67 -34.27
C SER B 338 66.97 -39.45 -35.36
N THR B 339 66.55 -39.65 -36.61
CA THR B 339 67.44 -39.48 -37.75
C THR B 339 67.80 -38.01 -37.96
N ALA B 340 68.97 -37.62 -37.44
CA ALA B 340 69.46 -36.27 -37.64
C ALA B 340 69.95 -36.09 -39.07
N ALA B 341 70.21 -37.20 -39.74
CA ALA B 341 70.60 -37.19 -41.14
C ALA B 341 69.47 -36.65 -42.01
N ASP B 342 68.24 -36.95 -41.61
CA ASP B 342 67.05 -36.44 -42.30
C ASP B 342 67.04 -34.92 -42.29
N VAL B 343 67.29 -34.33 -41.13
CA VAL B 343 67.33 -32.88 -40.99
C VAL B 343 68.51 -32.31 -41.78
N ALA B 344 69.47 -33.17 -42.11
CA ALA B 344 70.66 -32.76 -42.85
C ALA B 344 70.57 -33.15 -44.31
N ALA B 345 69.56 -33.94 -44.67
CA ALA B 345 69.39 -34.39 -46.05
C ALA B 345 68.24 -33.66 -46.73
N ARG B 346 67.19 -33.35 -45.97
CA ARG B 346 66.05 -32.61 -46.53
C ARG B 346 66.46 -31.19 -46.90
N VAL B 347 67.40 -30.63 -46.15
CA VAL B 347 67.92 -29.31 -46.45
C VAL B 347 68.72 -29.33 -47.75
N LYS B 348 69.29 -30.48 -48.07
CA LYS B 348 70.02 -30.66 -49.32
C LYS B 348 69.03 -30.74 -50.47
N GLN B 349 67.89 -31.38 -50.23
CA GLN B 349 66.84 -31.52 -51.23
C GLN B 349 66.23 -30.16 -51.53
N ILE B 350 66.09 -29.33 -50.51
CA ILE B 350 65.56 -27.98 -50.66
C ILE B 350 66.51 -27.12 -51.48
N ARG B 351 67.81 -27.25 -51.21
CA ARG B 351 68.82 -26.52 -51.97
C ARG B 351 68.81 -26.94 -53.44
N ASN B 352 68.55 -28.22 -53.68
CA ASN B 352 68.44 -28.74 -55.04
C ASN B 352 67.19 -28.22 -55.73
N LEU B 353 66.10 -28.12 -54.99
CA LEU B 353 64.85 -27.60 -55.51
C LEU B 353 64.96 -26.10 -55.76
N GLN B 354 65.59 -25.39 -54.82
CA GLN B 354 65.82 -23.95 -54.95
C GLN B 354 66.70 -23.66 -56.16
N MET B 355 67.60 -24.59 -56.46
CA MET B 355 68.48 -24.48 -57.62
C MET B 355 67.70 -24.46 -58.93
N GLN B 356 66.83 -25.45 -59.12
CA GLN B 356 66.10 -25.60 -60.37
C GLN B 356 64.78 -24.83 -60.37
N THR B 357 64.50 -24.11 -59.29
CA THR B 357 63.28 -23.33 -59.19
C THR B 357 63.35 -22.09 -60.07
N ASP B 358 62.33 -21.91 -60.92
CA ASP B 358 62.28 -20.77 -61.83
C ASP B 358 61.20 -19.78 -61.38
N GLN B 359 60.32 -20.24 -60.51
CA GLN B 359 59.23 -19.41 -60.00
C GLN B 359 59.72 -18.43 -58.93
N ASP B 360 58.77 -17.79 -58.25
CA ASP B 360 59.10 -16.83 -57.20
C ASP B 360 58.53 -17.29 -55.86
N TYR B 361 57.29 -17.79 -55.87
CA TYR B 361 56.64 -18.23 -54.66
C TYR B 361 57.29 -19.50 -54.12
N GLU B 362 57.78 -20.35 -55.01
CA GLU B 362 58.47 -21.57 -54.60
C GLU B 362 59.83 -21.24 -53.98
N ARG B 363 60.43 -20.14 -54.41
CA ARG B 363 61.72 -19.72 -53.88
C ARG B 363 61.61 -19.30 -52.42
N GLU B 364 60.53 -18.62 -52.06
CA GLU B 364 60.34 -18.13 -50.70
C GLU B 364 59.72 -19.19 -49.80
N LYS B 365 58.98 -20.12 -50.39
CA LYS B 365 58.41 -21.24 -49.65
C LYS B 365 59.51 -22.21 -49.24
N LEU B 366 60.47 -22.42 -50.14
CA LEU B 366 61.63 -23.24 -49.82
C LEU B 366 62.56 -22.48 -48.89
N GLN B 367 62.48 -21.15 -48.92
CA GLN B 367 63.32 -20.30 -48.08
C GLN B 367 62.81 -20.27 -46.64
N GLU B 368 61.50 -20.35 -46.47
CA GLU B 368 60.92 -20.33 -45.13
C GLU B 368 61.01 -21.70 -44.48
N ARG B 369 61.08 -22.75 -45.31
CA ARG B 369 61.20 -24.11 -44.80
C ARG B 369 62.66 -24.41 -44.46
N ILE B 370 63.59 -23.94 -45.29
CA ILE B 370 65.01 -24.10 -45.03
C ILE B 370 65.42 -23.26 -43.82
N ALA B 371 64.62 -22.25 -43.52
CA ALA B 371 64.89 -21.36 -42.39
C ALA B 371 64.62 -22.09 -41.07
N ARG B 372 63.37 -22.49 -40.88
CA ARG B 372 62.96 -23.17 -39.66
C ARG B 372 63.68 -24.49 -39.46
N LEU B 373 64.01 -25.16 -40.57
CA LEU B 373 64.75 -26.41 -40.52
C LEU B 373 66.17 -26.19 -40.00
N SER B 374 66.84 -25.17 -40.53
CA SER B 374 68.21 -24.86 -40.13
C SER B 374 68.27 -24.29 -38.72
N GLY B 375 67.29 -23.47 -38.38
CA GLY B 375 67.22 -22.87 -37.06
C GLY B 375 67.04 -23.89 -35.97
N GLY B 376 66.28 -24.94 -36.27
CA GLY B 376 66.02 -26.00 -35.32
C GLY B 376 65.21 -25.51 -34.14
N VAL B 377 65.47 -26.16 -33.02
CA VAL B 377 64.86 -25.81 -31.77
C VAL B 377 66.00 -25.79 -30.80
N ALA B 378 66.09 -24.74 -30.02
CA ALA B 378 67.18 -24.65 -29.07
C ALA B 378 66.53 -24.72 -27.73
N ILE B 379 67.02 -25.57 -26.86
CA ILE B 379 66.40 -25.61 -25.55
C ILE B 379 67.41 -25.28 -24.46
N ILE B 380 67.04 -24.37 -23.56
CA ILE B 380 67.93 -23.92 -22.50
C ILE B 380 67.50 -24.48 -21.14
N GLN B 381 68.49 -24.79 -20.30
CA GLN B 381 68.21 -25.29 -18.95
C GLN B 381 68.75 -24.32 -17.90
N VAL B 382 67.88 -23.90 -16.99
CA VAL B 382 68.25 -22.95 -15.95
C VAL B 382 68.76 -23.69 -14.71
N GLY B 383 69.46 -22.97 -13.84
CA GLY B 383 69.99 -23.54 -12.62
C GLY B 383 68.92 -23.68 -11.54
N ALA B 384 69.35 -23.99 -10.33
CA ALA B 384 68.41 -24.18 -9.22
C ALA B 384 69.08 -23.97 -7.87
N GLN B 385 68.77 -22.84 -7.22
CA GLN B 385 69.29 -22.55 -5.89
C GLN B 385 68.46 -23.29 -4.84
N THR B 386 67.17 -22.95 -4.75
CA THR B 386 66.24 -23.67 -3.90
C THR B 386 65.17 -24.33 -4.76
N GLU B 387 63.95 -24.44 -4.24
CA GLU B 387 62.84 -24.99 -5.02
C GLU B 387 61.89 -23.89 -5.45
N THR B 388 61.85 -22.81 -4.68
CA THR B 388 61.01 -21.66 -5.01
C THR B 388 61.79 -20.66 -5.85
N GLU B 389 63.12 -20.78 -5.82
CA GLU B 389 63.98 -19.89 -6.59
C GLU B 389 64.00 -20.30 -8.06
N LEU B 390 64.00 -21.61 -8.32
CA LEU B 390 64.02 -22.11 -9.69
C LEU B 390 62.69 -21.81 -10.39
N LYS B 391 61.60 -21.82 -9.62
CA LYS B 391 60.29 -21.49 -10.16
C LYS B 391 60.16 -20.00 -10.41
N GLU B 392 60.67 -19.20 -9.48
CA GLU B 392 60.66 -17.75 -9.62
C GLU B 392 61.53 -17.34 -10.80
N LYS B 393 62.65 -18.04 -10.96
CA LYS B 393 63.52 -17.84 -12.12
C LYS B 393 62.78 -18.20 -13.40
N LYS B 394 62.23 -19.41 -13.43
CA LYS B 394 61.55 -19.93 -14.62
C LYS B 394 60.46 -18.99 -15.11
N LEU B 395 59.77 -18.34 -14.17
CA LEU B 395 58.74 -17.36 -14.50
C LEU B 395 59.36 -16.07 -15.01
N ARG B 396 60.47 -15.67 -14.39
CA ARG B 396 61.17 -14.45 -14.79
C ARG B 396 61.82 -14.61 -16.15
N VAL B 397 62.37 -15.79 -16.43
CA VAL B 397 63.01 -16.04 -17.71
C VAL B 397 61.96 -16.30 -18.79
N GLU B 398 60.75 -16.62 -18.36
CA GLU B 398 59.64 -16.81 -19.29
C GLU B 398 59.20 -15.46 -19.84
N ASP B 399 59.05 -14.51 -18.92
CA ASP B 399 58.67 -13.15 -19.27
C ASP B 399 59.82 -12.43 -19.95
N ALA B 400 61.04 -12.87 -19.69
CA ALA B 400 62.23 -12.29 -20.29
C ALA B 400 62.33 -12.68 -21.77
N LEU B 401 62.19 -13.97 -22.05
CA LEU B 401 62.28 -14.48 -23.41
C LEU B 401 61.21 -13.89 -24.31
N ASN B 402 59.98 -13.88 -23.82
CA ASN B 402 58.84 -13.37 -24.57
C ASN B 402 58.97 -11.87 -24.87
N ALA B 403 59.61 -11.15 -23.96
CA ALA B 403 59.82 -9.72 -24.12
C ALA B 403 60.94 -9.45 -25.12
N THR B 404 62.00 -10.25 -25.05
CA THR B 404 63.14 -10.10 -25.96
C THR B 404 62.74 -10.41 -27.39
N ARG B 405 61.99 -11.49 -27.59
CA ARG B 405 61.52 -11.87 -28.91
C ARG B 405 60.59 -10.83 -29.49
N ALA B 406 59.71 -10.29 -28.65
CA ALA B 406 58.75 -9.28 -29.09
C ALA B 406 59.44 -7.95 -29.39
N ALA B 407 60.66 -7.80 -28.89
CA ALA B 407 61.42 -6.57 -29.09
C ALA B 407 62.28 -6.65 -30.35
N VAL B 408 62.91 -7.80 -30.58
CA VAL B 408 63.81 -7.97 -31.71
C VAL B 408 63.02 -8.17 -33.01
N GLU B 409 61.75 -8.55 -32.86
CA GLU B 409 60.92 -8.86 -34.03
C GLU B 409 60.52 -7.61 -34.81
N GLU B 410 59.95 -6.63 -34.11
CA GLU B 410 59.43 -5.43 -34.76
C GLU B 410 60.27 -4.19 -34.45
N GLY B 411 61.29 -4.35 -33.61
CA GLY B 411 62.11 -3.23 -33.21
C GLY B 411 61.77 -2.76 -31.81
N VAL B 412 62.48 -1.76 -31.32
CA VAL B 412 62.30 -1.29 -29.95
C VAL B 412 61.94 0.20 -29.92
N VAL B 413 61.05 0.57 -29.00
CA VAL B 413 60.63 1.95 -28.81
C VAL B 413 60.72 2.34 -27.33
N PRO B 414 60.91 3.65 -27.05
CA PRO B 414 60.98 4.09 -25.65
C PRO B 414 59.70 3.79 -24.87
N GLY B 415 59.83 3.10 -23.74
CA GLY B 415 58.69 2.68 -22.96
C GLY B 415 58.09 3.77 -22.10
N GLY B 416 57.34 3.36 -21.07
CA GLY B 416 56.71 4.30 -20.16
C GLY B 416 55.48 4.96 -20.76
N GLY B 417 55.13 4.55 -21.97
CA GLY B 417 53.99 5.12 -22.67
C GLY B 417 54.30 6.49 -23.25
N CYS B 418 55.56 6.89 -23.20
CA CYS B 418 55.99 8.19 -23.70
C CYS B 418 56.08 8.22 -25.22
N THR B 419 56.19 7.04 -25.82
CA THR B 419 56.23 6.94 -27.28
C THR B 419 54.86 7.28 -27.87
N LEU B 420 53.83 7.22 -27.04
CA LEU B 420 52.48 7.57 -27.46
C LEU B 420 52.30 9.08 -27.52
N LEU B 421 53.13 9.81 -26.76
CA LEU B 421 53.10 11.27 -26.79
C LEU B 421 53.83 11.78 -28.03
N ARG B 422 54.96 11.15 -28.34
CA ARG B 422 55.76 11.50 -29.51
C ARG B 422 55.01 11.21 -30.80
N LEU B 423 54.17 10.17 -30.77
CA LEU B 423 53.32 9.84 -31.91
C LEU B 423 52.11 10.76 -31.96
N SER B 424 51.73 11.29 -30.79
CA SER B 424 50.58 12.19 -30.71
C SER B 424 50.93 13.57 -31.23
N GLU B 425 52.18 13.99 -31.03
CA GLU B 425 52.61 15.31 -31.46
C GLU B 425 53.17 15.26 -32.88
N LYS B 426 52.53 14.48 -33.72
CA LYS B 426 52.89 14.40 -35.14
C LYS B 426 51.65 14.26 -36.01
N VAL B 427 50.48 14.42 -35.39
CA VAL B 427 49.23 14.43 -36.13
C VAL B 427 48.83 15.86 -36.45
N ASP B 428 49.48 16.81 -35.79
CA ASP B 428 49.22 18.22 -35.98
C ASP B 428 49.74 18.70 -37.33
N VAL B 429 50.66 17.94 -37.91
CA VAL B 429 51.26 18.28 -39.19
C VAL B 429 50.59 17.51 -40.33
N ILE B 430 49.72 16.57 -39.97
CA ILE B 430 49.05 15.73 -40.96
C ILE B 430 47.89 16.45 -41.62
N LYS B 431 48.10 16.85 -42.87
CA LYS B 431 47.06 17.47 -43.69
C LYS B 431 46.51 16.46 -44.69
N ARG B 432 45.36 15.86 -44.37
CA ARG B 432 44.83 14.76 -45.17
C ARG B 432 43.91 15.21 -46.30
N ARG B 433 43.31 14.23 -46.98
CA ARG B 433 42.44 14.47 -48.11
C ARG B 433 41.06 13.85 -47.87
N MET B 434 39.99 14.59 -48.14
CA MET B 434 40.05 15.93 -48.70
C MET B 434 40.01 17.00 -47.59
N THR B 435 40.70 16.72 -46.50
CA THR B 435 40.83 17.65 -45.38
C THR B 435 39.47 18.14 -44.87
N ASP B 436 38.45 17.30 -44.97
CA ASP B 436 37.15 17.61 -44.40
C ASP B 436 37.29 17.66 -42.88
N PRO B 437 36.56 18.58 -42.23
CA PRO B 437 36.68 18.81 -40.78
C PRO B 437 36.46 17.54 -39.95
N GLU B 438 35.60 16.63 -40.42
CA GLU B 438 35.30 15.42 -39.67
C GLU B 438 36.53 14.54 -39.48
N GLN B 439 37.30 14.36 -40.54
CA GLN B 439 38.54 13.56 -40.46
C GLN B 439 39.55 14.24 -39.55
N GLN B 440 39.52 15.58 -39.52
CA GLN B 440 40.39 16.34 -38.63
C GLN B 440 40.00 16.10 -37.18
N MET B 441 38.70 15.93 -36.93
CA MET B 441 38.21 15.60 -35.60
C MET B 441 38.73 14.22 -35.20
N GLY B 442 38.71 13.29 -36.15
CA GLY B 442 39.19 11.94 -35.92
C GLY B 442 40.67 11.91 -35.58
N ALA B 443 41.42 12.85 -36.14
CA ALA B 443 42.84 12.97 -35.84
C ALA B 443 43.05 13.55 -34.45
N ASP B 444 42.25 14.58 -34.13
CA ASP B 444 42.31 15.20 -32.80
C ASP B 444 41.84 14.21 -31.73
N ILE B 445 40.93 13.33 -32.12
CA ILE B 445 40.46 12.27 -31.23
C ILE B 445 41.62 11.34 -30.88
N ILE B 446 42.39 10.94 -31.88
CA ILE B 446 43.56 10.09 -31.69
C ILE B 446 44.59 10.80 -30.81
N LYS B 447 44.74 12.11 -31.01
CA LYS B 447 45.68 12.90 -30.22
C LYS B 447 45.35 12.88 -28.73
N ARG B 448 44.11 13.21 -28.40
CA ARG B 448 43.68 13.26 -27.01
C ARG B 448 43.54 11.86 -26.42
N ALA B 449 43.42 10.86 -27.29
CA ALA B 449 43.30 9.47 -26.83
C ALA B 449 44.65 8.90 -26.43
N LEU B 450 45.68 9.26 -27.18
CA LEU B 450 47.04 8.82 -26.89
C LEU B 450 47.57 9.50 -25.63
N CYS B 451 46.89 10.57 -25.21
CA CYS B 451 47.26 11.31 -24.03
C CYS B 451 46.82 10.59 -22.76
N TYR B 452 45.75 9.80 -22.87
CA TYR B 452 45.18 9.10 -21.73
C TYR B 452 46.12 8.09 -21.04
N PRO B 453 46.80 7.20 -21.80
CA PRO B 453 47.60 6.18 -21.11
C PRO B 453 48.66 6.74 -20.16
N ILE B 454 49.44 7.71 -20.63
CA ILE B 454 50.49 8.29 -19.80
C ILE B 454 49.89 9.05 -18.61
N LYS B 455 48.70 9.60 -18.80
CA LYS B 455 48.02 10.34 -17.75
C LYS B 455 47.57 9.40 -16.64
N LEU B 456 47.03 8.26 -17.02
CA LEU B 456 46.58 7.25 -16.06
C LEU B 456 47.76 6.62 -15.32
N ILE B 457 48.87 6.46 -16.04
CA ILE B 457 50.09 5.92 -15.44
C ILE B 457 50.63 6.84 -14.35
N ALA B 458 50.73 8.12 -14.69
CA ALA B 458 51.26 9.11 -13.75
C ALA B 458 50.30 9.35 -12.58
N GLN B 459 49.01 9.48 -12.88
CA GLN B 459 48.02 9.78 -11.87
C GLN B 459 47.90 8.67 -10.83
N ASN B 460 47.69 7.44 -11.28
CA ASN B 460 47.52 6.31 -10.36
C ASN B 460 48.81 5.96 -9.64
N ALA B 461 49.93 6.51 -10.13
CA ALA B 461 51.20 6.36 -9.46
C ALA B 461 51.25 7.27 -8.24
N GLY B 462 50.68 8.46 -8.37
CA GLY B 462 50.61 9.40 -7.26
C GLY B 462 51.14 10.78 -7.60
N VAL B 463 51.10 11.15 -8.87
CA VAL B 463 51.59 12.45 -9.32
C VAL B 463 50.76 12.98 -10.49
N ASN B 464 50.64 14.30 -10.59
CA ASN B 464 49.89 14.93 -11.67
C ASN B 464 50.47 14.62 -13.04
N GLY B 465 49.62 14.17 -13.96
CA GLY B 465 50.06 13.82 -15.29
C GLY B 465 50.13 15.00 -16.23
N SER B 466 49.49 16.10 -15.83
CA SER B 466 49.47 17.31 -16.65
C SER B 466 50.84 17.94 -16.73
N VAL B 467 51.50 18.06 -15.58
CA VAL B 467 52.83 18.64 -15.52
C VAL B 467 53.86 17.71 -16.16
N VAL B 468 53.67 16.41 -15.99
CA VAL B 468 54.57 15.41 -16.58
C VAL B 468 54.52 15.48 -18.10
N MET B 469 53.32 15.50 -18.65
CA MET B 469 53.13 15.61 -20.09
C MET B 469 53.72 16.91 -20.62
N ASN B 470 53.59 17.97 -19.81
CA ASN B 470 54.13 19.27 -20.17
C ASN B 470 55.65 19.25 -20.33
N GLU B 471 56.33 18.75 -19.31
CA GLU B 471 57.79 18.71 -19.30
C GLU B 471 58.35 17.87 -20.45
N VAL B 472 57.72 16.72 -20.70
CA VAL B 472 58.18 15.82 -21.76
C VAL B 472 57.95 16.41 -23.15
N MET B 473 56.79 17.02 -23.34
CA MET B 473 56.41 17.54 -24.65
C MET B 473 57.07 18.88 -24.98
N LYS B 474 57.13 19.78 -24.01
CA LYS B 474 57.72 21.09 -24.22
C LYS B 474 59.21 20.98 -24.56
N ASN B 475 59.89 20.06 -23.88
CA ASN B 475 61.28 19.78 -24.19
C ASN B 475 61.40 19.09 -25.55
N LEU B 476 62.61 19.00 -26.06
CA LEU B 476 62.84 18.37 -27.35
C LEU B 476 62.45 16.90 -27.31
N ASP B 477 61.56 16.51 -28.22
CA ASP B 477 60.98 15.17 -28.22
C ASP B 477 61.89 14.11 -28.84
N ARG B 478 63.03 14.55 -29.37
CA ARG B 478 63.93 13.66 -30.09
C ARG B 478 65.06 13.04 -29.24
N PRO B 479 65.71 13.82 -28.36
CA PRO B 479 66.81 13.20 -27.59
C PRO B 479 66.36 12.19 -26.53
N HIS B 480 65.38 11.34 -26.85
CA HIS B 480 64.94 10.27 -25.96
C HIS B 480 64.54 10.75 -24.56
N TYR B 481 64.03 11.97 -24.46
CA TYR B 481 63.57 12.50 -23.17
C TYR B 481 62.33 11.74 -22.70
N GLY B 482 62.22 11.57 -21.38
CA GLY B 482 61.10 10.85 -20.81
C GLY B 482 60.93 11.06 -19.33
N TYR B 483 60.05 10.26 -18.72
CA TYR B 483 59.78 10.37 -17.29
C TYR B 483 59.50 8.99 -16.71
N ASN B 484 60.44 8.49 -15.90
CA ASN B 484 60.28 7.19 -15.27
C ASN B 484 59.46 7.31 -13.98
N ALA B 485 58.28 6.71 -13.98
CA ALA B 485 57.39 6.76 -12.82
C ALA B 485 57.93 5.93 -11.66
N ALA B 486 58.82 4.99 -11.98
CA ALA B 486 59.40 4.12 -10.96
C ALA B 486 60.31 4.89 -10.01
N THR B 487 61.00 5.89 -10.54
CA THR B 487 61.93 6.67 -9.73
C THR B 487 61.47 8.11 -9.57
N ASP B 488 60.51 8.52 -10.39
CA ASP B 488 59.99 9.88 -10.40
C ASP B 488 61.13 10.88 -10.60
N SER B 489 61.63 10.95 -11.84
CA SER B 489 62.72 11.86 -12.17
C SER B 489 62.87 12.01 -13.68
N PHE B 490 63.41 13.15 -14.10
CA PHE B 490 63.68 13.40 -15.51
C PHE B 490 64.84 12.53 -15.98
N GLU B 491 64.55 11.58 -16.86
CA GLU B 491 65.56 10.63 -17.34
C GLU B 491 65.31 10.19 -18.77
N ASN B 492 66.36 9.79 -19.46
CA ASN B 492 66.23 9.21 -20.79
C ASN B 492 65.84 7.74 -20.71
N LEU B 493 64.78 7.36 -21.41
CA LEU B 493 64.19 6.04 -21.28
C LEU B 493 65.09 4.92 -21.82
N MET B 494 66.06 5.28 -22.66
CA MET B 494 66.92 4.29 -23.27
C MET B 494 68.07 3.85 -22.35
N GLU B 495 68.85 4.81 -21.88
CA GLU B 495 70.02 4.51 -21.07
C GLU B 495 69.64 4.08 -19.65
N THR B 496 68.44 4.45 -19.21
CA THR B 496 67.99 4.08 -17.88
C THR B 496 67.57 2.61 -17.82
N GLY B 497 66.69 2.21 -18.73
CA GLY B 497 66.29 0.82 -18.82
C GLY B 497 64.80 0.60 -18.92
N ILE B 498 64.06 1.64 -19.30
CA ILE B 498 62.61 1.53 -19.48
C ILE B 498 62.29 1.49 -20.97
N ILE B 499 62.11 0.27 -21.49
CA ILE B 499 61.89 0.08 -22.92
C ILE B 499 60.69 -0.83 -23.19
N ASP B 500 59.91 -0.47 -24.20
CA ASP B 500 58.79 -1.28 -24.65
C ASP B 500 59.02 -1.79 -26.06
N PRO B 501 58.63 -3.05 -26.34
CA PRO B 501 58.73 -3.60 -27.70
C PRO B 501 57.75 -2.92 -28.66
N SER B 502 58.22 -2.60 -29.87
CA SER B 502 57.41 -1.89 -30.84
C SER B 502 56.24 -2.74 -31.35
N LYS B 503 56.40 -4.06 -31.26
CA LYS B 503 55.34 -4.98 -31.68
C LYS B 503 54.12 -4.84 -30.79
N VAL B 504 54.36 -4.70 -29.49
CA VAL B 504 53.29 -4.53 -28.51
C VAL B 504 52.52 -3.23 -28.75
N VAL B 505 53.26 -2.14 -28.92
CA VAL B 505 52.66 -0.83 -29.13
C VAL B 505 51.83 -0.79 -30.41
N ARG B 506 52.39 -1.32 -31.49
CA ARG B 506 51.72 -1.30 -32.79
C ARG B 506 50.44 -2.14 -32.77
N CYS B 507 50.54 -3.36 -32.26
CA CYS B 507 49.39 -4.26 -32.22
C CYS B 507 48.27 -3.74 -31.34
N SER B 508 48.65 -3.20 -30.18
CA SER B 508 47.67 -2.66 -29.25
C SER B 508 46.98 -1.43 -29.83
N MET B 509 47.75 -0.64 -30.57
CA MET B 509 47.23 0.59 -31.16
C MET B 509 46.33 0.32 -32.34
N GLU B 510 46.74 -0.62 -33.19
CA GLU B 510 45.96 -0.99 -34.37
C GLU B 510 44.66 -1.69 -33.98
N ASN B 511 44.74 -2.63 -33.05
CA ASN B 511 43.57 -3.36 -32.59
C ASN B 511 42.57 -2.46 -31.87
N ALA B 512 43.09 -1.45 -31.17
CA ALA B 512 42.25 -0.51 -30.45
C ALA B 512 41.41 0.32 -31.42
N VAL B 513 42.05 0.75 -32.51
CA VAL B 513 41.35 1.47 -33.56
C VAL B 513 40.41 0.52 -34.30
N SER B 514 40.81 -0.74 -34.38
CA SER B 514 40.02 -1.76 -35.05
C SER B 514 38.68 -2.00 -34.35
N VAL B 515 38.69 -2.08 -33.02
CA VAL B 515 37.45 -2.29 -32.28
C VAL B 515 36.67 -1.00 -32.12
N ALA B 516 37.38 0.13 -32.04
CA ALA B 516 36.72 1.42 -32.00
C ALA B 516 36.08 1.73 -33.35
N LYS B 517 36.59 1.09 -34.40
CA LYS B 517 36.00 1.18 -35.72
C LYS B 517 34.63 0.52 -35.73
N THR B 518 34.58 -0.72 -35.27
CA THR B 518 33.34 -1.49 -35.25
C THR B 518 32.47 -1.17 -34.03
N PHE B 519 32.84 -0.10 -33.32
CA PHE B 519 32.09 0.33 -32.14
C PHE B 519 31.27 1.57 -32.46
N LEU B 520 31.92 2.58 -33.04
CA LEU B 520 31.25 3.82 -33.39
C LEU B 520 30.48 3.68 -34.70
N LEU B 521 30.81 2.66 -35.48
CA LEU B 521 30.09 2.39 -36.72
C LEU B 521 28.77 1.69 -36.41
N ALA B 522 28.74 0.99 -35.28
CA ALA B 522 27.54 0.31 -34.83
C ALA B 522 26.45 1.33 -34.47
N ASP B 523 25.20 0.99 -34.77
CA ASP B 523 24.09 1.87 -34.50
C ASP B 523 22.93 1.12 -33.85
N VAL B 524 22.85 -0.18 -34.13
CA VAL B 524 21.80 -1.02 -33.57
C VAL B 524 22.39 -2.27 -32.92
N VAL B 525 22.00 -2.51 -31.67
CA VAL B 525 22.49 -3.67 -30.92
C VAL B 525 21.33 -4.57 -30.49
N VAL B 526 21.44 -5.85 -30.80
CA VAL B 526 20.42 -6.81 -30.40
C VAL B 526 20.90 -7.68 -29.25
N THR B 527 19.96 -8.26 -28.52
CA THR B 527 20.26 -9.07 -27.34
C THR B 527 19.14 -10.04 -27.00
N GLU B 528 19.48 -11.31 -26.82
CA GLU B 528 18.49 -12.30 -26.40
C GLU B 528 18.22 -12.15 -24.91
N LEU B 529 16.95 -12.12 -24.53
CA LEU B 529 16.56 -11.89 -23.15
C LEU B 529 16.12 -13.16 -22.44
N LYS B 530 15.81 -13.03 -21.16
CA LYS B 530 15.45 -14.17 -20.31
C LYS B 530 14.16 -14.86 -20.78
N GLU B 531 13.05 -14.17 -20.62
CA GLU B 531 11.74 -14.71 -20.94
C GLU B 531 11.34 -14.41 -22.38
N GLU C 4 -29.16 14.61 -1.66
CA GLU C 4 -28.96 15.00 -0.27
C GLU C 4 -29.84 14.18 0.67
N LEU C 5 -30.43 13.12 0.14
CA LEU C 5 -31.25 12.20 0.93
C LEU C 5 -30.76 10.76 0.75
N HIS C 6 -30.76 10.00 1.85
CA HIS C 6 -30.34 8.61 1.79
C HIS C 6 -31.55 7.68 1.83
N PHE C 7 -31.46 6.57 1.12
CA PHE C 7 -32.58 5.64 0.98
C PHE C 7 -32.31 4.30 1.68
N ASN C 8 -33.23 3.90 2.56
CA ASN C 8 -33.12 2.62 3.24
C ASN C 8 -34.39 1.80 3.06
N LYS C 9 -34.27 0.61 2.50
CA LYS C 9 -35.44 -0.19 2.17
C LYS C 9 -35.30 -1.65 2.58
N ASP C 10 -36.36 -2.41 2.30
CA ASP C 10 -36.44 -3.87 2.52
C ASP C 10 -36.51 -4.26 3.99
N MET C 11 -36.02 -5.46 4.29
CA MET C 11 -36.17 -6.10 5.59
C MET C 11 -35.10 -5.70 6.58
N GLN C 12 -33.90 -5.44 6.07
CA GLN C 12 -32.76 -5.11 6.91
C GLN C 12 -32.80 -3.67 7.41
N ALA C 13 -33.50 -2.80 6.68
CA ALA C 13 -33.65 -1.42 7.08
C ALA C 13 -34.43 -1.33 8.39
N LEU C 14 -35.40 -2.23 8.52
CA LEU C 14 -36.20 -2.33 9.74
C LEU C 14 -35.34 -2.80 10.91
N LYS C 15 -34.51 -3.81 10.65
CA LYS C 15 -33.67 -4.41 11.68
C LYS C 15 -32.64 -3.42 12.23
N ARG C 16 -32.24 -2.46 11.40
CA ARG C 16 -31.25 -1.47 11.81
C ARG C 16 -31.76 -0.62 12.97
N MET C 17 -32.93 -0.01 12.78
CA MET C 17 -33.52 0.83 13.83
C MET C 17 -34.08 -0.03 14.95
N GLN C 18 -34.31 -1.31 14.66
CA GLN C 18 -34.71 -2.25 15.69
C GLN C 18 -33.58 -2.43 16.68
N ALA C 19 -32.35 -2.43 16.16
CA ALA C 19 -31.17 -2.56 16.99
C ALA C 19 -30.95 -1.31 17.83
N GLY C 20 -31.30 -0.16 17.28
CA GLY C 20 -31.17 1.10 17.99
C GLY C 20 -32.18 1.17 19.11
N VAL C 21 -33.39 0.71 18.82
CA VAL C 21 -34.42 0.57 19.85
C VAL C 21 -33.97 -0.41 20.91
N ASP C 22 -33.46 -1.55 20.47
CA ASP C 22 -33.02 -2.61 21.39
C ASP C 22 -31.89 -2.13 22.28
N LYS C 23 -31.05 -1.21 21.77
CA LYS C 23 -29.95 -0.66 22.56
C LYS C 23 -30.47 0.35 23.58
N LEU C 24 -31.53 1.05 23.24
CA LEU C 24 -32.13 2.01 24.15
C LEU C 24 -32.75 1.27 25.33
N ALA C 25 -33.48 0.20 25.04
CA ALA C 25 -34.14 -0.57 26.08
C ALA C 25 -33.15 -1.46 26.83
N THR C 26 -31.92 -1.49 26.35
CA THR C 26 -30.88 -2.27 27.00
C THR C 26 -30.32 -1.52 28.20
N VAL C 27 -30.18 -0.20 28.07
CA VAL C 27 -29.65 0.64 29.14
C VAL C 27 -30.74 1.08 30.12
N VAL C 28 -31.93 1.33 29.59
CA VAL C 28 -33.09 1.66 30.41
C VAL C 28 -33.58 0.36 31.08
N GLY C 29 -33.25 -0.75 30.46
CA GLY C 29 -33.65 -2.06 30.98
C GLY C 29 -32.95 -2.42 32.27
N VAL C 30 -31.69 -2.05 32.39
CA VAL C 30 -30.92 -2.34 33.60
C VAL C 30 -31.22 -1.30 34.68
N THR C 31 -31.98 -0.28 34.29
CA THR C 31 -32.40 0.77 35.21
C THR C 31 -33.59 0.31 36.04
N ILE C 32 -34.47 -0.46 35.40
CA ILE C 32 -35.71 -0.91 36.03
C ILE C 32 -35.43 -1.81 37.22
N GLY C 33 -36.43 -2.00 38.07
CA GLY C 33 -36.32 -2.89 39.20
C GLY C 33 -35.87 -2.19 40.46
N PRO C 34 -36.34 -2.67 41.62
CA PRO C 34 -35.94 -2.13 42.93
C PRO C 34 -34.44 -2.25 43.16
N LYS C 35 -33.85 -3.32 42.62
CA LYS C 35 -32.40 -3.48 42.66
C LYS C 35 -31.79 -3.05 41.33
N GLY C 36 -32.20 -1.89 40.85
CA GLY C 36 -31.72 -1.35 39.59
C GLY C 36 -30.23 -1.06 39.62
N ARG C 37 -29.64 -0.92 38.44
CA ARG C 37 -28.21 -0.66 38.33
C ARG C 37 -27.95 0.82 38.04
N ASN C 38 -26.78 1.30 38.44
CA ASN C 38 -26.40 2.68 38.18
C ASN C 38 -25.92 2.89 36.76
N VAL C 39 -26.18 4.06 36.20
CA VAL C 39 -25.70 4.42 34.87
C VAL C 39 -24.93 5.73 34.94
N VAL C 40 -23.62 5.65 34.70
CA VAL C 40 -22.75 6.82 34.82
C VAL C 40 -22.72 7.66 33.55
N LEU C 41 -23.00 8.95 33.69
CA LEU C 41 -23.05 9.86 32.55
C LEU C 41 -21.81 10.74 32.43
N GLU C 42 -21.34 10.94 31.21
CA GLU C 42 -20.25 11.86 30.94
C GLU C 42 -20.74 13.30 31.14
N SER C 43 -20.06 14.02 32.02
CA SER C 43 -20.45 15.40 32.34
C SER C 43 -20.23 16.32 31.15
N LYS C 44 -21.02 17.40 31.09
CA LYS C 44 -20.84 18.41 30.06
C LYS C 44 -19.50 19.12 30.27
N PHE C 45 -19.11 19.22 31.53
CA PHE C 45 -17.84 19.86 31.91
C PHE C 45 -17.53 19.59 33.38
N GLY C 46 -16.81 18.50 33.65
CA GLY C 46 -16.39 18.20 35.01
C GLY C 46 -16.75 16.82 35.52
N ALA C 47 -17.26 16.78 36.74
CA ALA C 47 -17.54 15.52 37.44
C ALA C 47 -18.77 14.82 36.89
N PRO C 48 -18.68 13.49 36.70
CA PRO C 48 -19.74 12.64 36.14
C PRO C 48 -21.04 12.68 36.93
N LYS C 49 -22.09 12.12 36.35
CA LYS C 49 -23.42 12.13 36.96
C LYS C 49 -24.05 10.73 36.94
N ILE C 50 -24.12 10.10 38.11
CA ILE C 50 -24.74 8.78 38.22
C ILE C 50 -26.25 8.89 38.18
N VAL C 51 -26.90 7.95 37.51
CA VAL C 51 -28.35 8.01 37.31
C VAL C 51 -29.03 6.68 37.64
N ASN C 52 -30.11 6.74 38.41
CA ASN C 52 -30.91 5.56 38.72
C ASN C 52 -32.30 5.66 38.12
N ASP C 53 -32.58 6.80 37.49
CA ASP C 53 -33.87 7.07 36.87
C ASP C 53 -33.88 6.59 35.42
N GLY C 54 -35.06 6.25 34.92
CA GLY C 54 -35.21 5.85 33.54
C GLY C 54 -35.51 7.04 32.65
N VAL C 55 -35.94 8.13 33.27
CA VAL C 55 -36.28 9.35 32.54
C VAL C 55 -35.02 10.04 32.03
N THR C 56 -34.03 10.21 32.91
CA THR C 56 -32.80 10.90 32.57
C THR C 56 -32.03 10.16 31.48
N ILE C 57 -32.07 8.84 31.53
CA ILE C 57 -31.37 8.02 30.54
C ILE C 57 -32.00 8.16 29.16
N ALA C 58 -33.32 8.08 29.12
CA ALA C 58 -34.06 8.19 27.86
C ALA C 58 -33.91 9.58 27.25
N ARG C 59 -33.48 10.54 28.06
CA ARG C 59 -33.26 11.91 27.60
C ARG C 59 -31.92 12.06 26.88
N GLU C 60 -30.91 11.37 27.37
CA GLU C 60 -29.54 11.57 26.90
C GLU C 60 -29.14 10.65 25.75
N VAL C 61 -29.95 9.62 25.49
CA VAL C 61 -29.59 8.62 24.49
C VAL C 61 -29.88 9.06 23.05
N GLU C 62 -28.85 9.00 22.21
CA GLU C 62 -28.98 9.24 20.78
C GLU C 62 -27.74 8.71 20.06
N LEU C 63 -27.94 7.70 19.22
CA LEU C 63 -26.84 6.96 18.62
C LEU C 63 -26.28 7.62 17.37
N SER C 64 -25.22 7.03 16.83
CA SER C 64 -24.57 7.54 15.62
C SER C 64 -25.44 7.31 14.38
N ASP C 65 -25.54 6.05 13.96
CA ASP C 65 -26.31 5.66 12.78
C ASP C 65 -27.72 6.22 12.84
N PRO C 66 -28.02 7.19 11.96
CA PRO C 66 -29.27 7.96 11.96
C PRO C 66 -30.54 7.10 11.95
N VAL C 67 -30.51 5.95 11.30
CA VAL C 67 -31.68 5.08 11.26
C VAL C 67 -31.95 4.49 12.63
N GLU C 68 -30.92 3.97 13.29
CA GLU C 68 -31.07 3.41 14.63
C GLU C 68 -31.18 4.53 15.65
N ASN C 69 -30.92 5.75 15.21
CA ASN C 69 -31.06 6.93 16.06
C ASN C 69 -32.51 7.39 16.12
N ILE C 70 -33.14 7.51 14.95
CA ILE C 70 -34.54 7.93 14.89
C ILE C 70 -35.45 6.80 15.35
N GLY C 71 -34.92 5.58 15.34
CA GLY C 71 -35.66 4.43 15.84
C GLY C 71 -35.75 4.48 17.35
N ALA C 72 -34.62 4.77 17.99
CA ALA C 72 -34.58 4.91 19.44
C ALA C 72 -35.35 6.16 19.87
N THR C 73 -35.27 7.21 19.06
CA THR C 73 -35.99 8.45 19.34
C THR C 73 -37.50 8.22 19.20
N LEU C 74 -37.86 7.28 18.32
CA LEU C 74 -39.26 6.94 18.11
C LEU C 74 -39.85 6.30 19.36
N VAL C 75 -39.03 5.53 20.07
CA VAL C 75 -39.42 4.95 21.34
C VAL C 75 -39.38 6.01 22.44
N ARG C 76 -38.39 6.88 22.37
CA ARG C 76 -38.26 8.00 23.30
C ARG C 76 -39.52 8.85 23.33
N GLN C 77 -40.18 8.95 22.18
CA GLN C 77 -41.45 9.66 22.10
C GLN C 77 -42.49 9.02 23.00
N ALA C 78 -42.61 7.70 22.91
CA ALA C 78 -43.59 6.96 23.71
C ALA C 78 -43.28 7.06 25.20
N ALA C 79 -42.01 6.96 25.55
CA ALA C 79 -41.59 7.02 26.95
C ALA C 79 -41.87 8.40 27.53
N ALA C 80 -41.50 9.44 26.79
CA ALA C 80 -41.70 10.80 27.22
C ALA C 80 -43.19 11.14 27.27
N ARG C 81 -43.94 10.66 26.28
CA ARG C 81 -45.37 10.91 26.22
C ARG C 81 -46.09 10.26 27.39
N THR C 82 -45.69 9.03 27.72
CA THR C 82 -46.26 8.32 28.86
C THR C 82 -45.93 9.05 30.15
N ASN C 83 -44.72 9.58 30.23
CA ASN C 83 -44.27 10.29 31.43
C ASN C 83 -45.06 11.56 31.70
N ASP C 84 -45.29 12.38 30.68
CA ASP C 84 -45.99 13.64 30.87
C ASP C 84 -47.50 13.49 30.75
N THR C 85 -47.99 12.26 30.79
CA THR C 85 -49.42 12.00 30.73
C THR C 85 -49.87 11.08 31.87
N ALA C 86 -48.89 10.50 32.56
CA ALA C 86 -49.19 9.57 33.65
C ALA C 86 -48.30 9.82 34.87
N GLY C 87 -47.23 10.59 34.67
CA GLY C 87 -46.36 10.95 35.77
C GLY C 87 -45.14 10.06 35.92
N ASP C 88 -45.26 8.82 35.46
CA ASP C 88 -44.17 7.86 35.59
C ASP C 88 -44.30 6.73 34.56
N GLY C 89 -43.33 5.84 34.53
CA GLY C 89 -43.40 4.66 33.69
C GLY C 89 -42.61 4.74 32.40
N THR C 90 -41.49 5.47 32.44
CA THR C 90 -40.61 5.58 31.27
C THR C 90 -39.88 4.26 31.05
N THR C 91 -39.42 3.65 32.13
CA THR C 91 -38.72 2.37 32.06
C THR C 91 -39.65 1.29 31.52
N THR C 92 -40.88 1.28 32.03
CA THR C 92 -41.86 0.27 31.63
C THR C 92 -42.30 0.46 30.18
N ALA C 93 -42.46 1.71 29.76
CA ALA C 93 -42.90 2.01 28.40
C ALA C 93 -41.85 1.62 27.36
N THR C 94 -40.58 1.86 27.67
CA THR C 94 -39.50 1.56 26.74
C THR C 94 -39.29 0.07 26.55
N VAL C 95 -39.18 -0.67 27.65
CA VAL C 95 -38.93 -2.10 27.59
C VAL C 95 -40.12 -2.83 26.94
N LEU C 96 -41.33 -2.32 27.17
CA LEU C 96 -42.51 -2.91 26.57
C LEU C 96 -42.56 -2.57 25.08
N SER C 97 -42.15 -1.35 24.75
CA SER C 97 -42.10 -0.91 23.35
C SER C 97 -41.14 -1.80 22.57
N ALA C 98 -39.96 -2.02 23.10
CA ALA C 98 -38.98 -2.89 22.47
C ALA C 98 -39.47 -4.33 22.46
N ALA C 99 -40.27 -4.68 23.47
CA ALA C 99 -40.83 -6.03 23.57
C ALA C 99 -41.77 -6.32 22.41
N PHE C 100 -42.70 -5.41 22.17
CA PHE C 100 -43.62 -5.52 21.05
C PHE C 100 -42.89 -5.53 19.72
N ILE C 101 -41.80 -4.75 19.66
CA ILE C 101 -41.00 -4.65 18.45
C ILE C 101 -40.19 -5.92 18.19
N ALA C 102 -39.50 -6.40 19.23
CA ALA C 102 -38.67 -7.60 19.11
C ALA C 102 -39.53 -8.81 18.76
N GLU C 103 -40.58 -9.03 19.52
CA GLU C 103 -41.50 -10.13 19.26
C GLU C 103 -42.27 -9.93 17.97
N GLY C 104 -42.43 -8.66 17.58
CA GLY C 104 -43.09 -8.33 16.34
C GLY C 104 -42.23 -8.70 15.15
N MET C 105 -41.00 -8.20 15.16
CA MET C 105 -40.03 -8.50 14.10
C MET C 105 -39.78 -10.00 13.99
N LYS C 106 -39.82 -10.69 15.13
CA LYS C 106 -39.56 -12.11 15.19
C LYS C 106 -40.58 -12.89 14.35
N ILE C 107 -41.80 -12.39 14.31
CA ILE C 107 -42.89 -13.03 13.55
C ILE C 107 -42.96 -12.48 12.12
N VAL C 108 -42.71 -11.18 11.99
CA VAL C 108 -42.70 -10.52 10.67
C VAL C 108 -41.70 -11.20 9.75
N SER C 109 -40.59 -11.66 10.33
CA SER C 109 -39.54 -12.34 9.58
C SER C 109 -40.02 -13.61 8.88
N ALA C 110 -41.20 -14.09 9.25
CA ALA C 110 -41.77 -15.28 8.63
C ALA C 110 -42.74 -14.92 7.51
N GLY C 111 -42.62 -13.70 7.00
CA GLY C 111 -43.43 -13.24 5.89
C GLY C 111 -44.89 -13.03 6.23
N THR C 112 -45.17 -12.85 7.52
CA THR C 112 -46.54 -12.63 7.98
C THR C 112 -46.98 -11.20 7.67
N ASN C 113 -48.24 -11.06 7.25
CA ASN C 113 -48.80 -9.75 6.93
C ASN C 113 -48.77 -8.81 8.12
N PRO C 114 -47.99 -7.73 8.01
CA PRO C 114 -47.83 -6.76 9.10
C PRO C 114 -49.14 -6.06 9.44
N VAL C 115 -50.02 -5.91 8.45
CA VAL C 115 -51.28 -5.21 8.65
C VAL C 115 -52.21 -5.97 9.59
N GLN C 116 -52.34 -7.27 9.38
CA GLN C 116 -53.20 -8.08 10.23
C GLN C 116 -52.55 -8.30 11.60
N LEU C 117 -51.22 -8.27 11.62
CA LEU C 117 -50.46 -8.42 12.86
C LEU C 117 -50.72 -7.25 13.81
N VAL C 118 -50.50 -6.04 13.32
CA VAL C 118 -50.69 -4.85 14.15
C VAL C 118 -52.16 -4.70 14.54
N ARG C 119 -53.07 -5.15 13.68
CA ARG C 119 -54.49 -5.15 13.99
C ARG C 119 -54.78 -6.04 15.19
N GLY C 120 -54.12 -7.20 15.22
CA GLY C 120 -54.24 -8.12 16.34
C GLY C 120 -53.71 -7.49 17.61
N MET C 121 -52.59 -6.79 17.49
CA MET C 121 -51.96 -6.13 18.64
C MET C 121 -52.84 -5.01 19.20
N GLU C 122 -53.34 -4.16 18.30
CA GLU C 122 -54.16 -3.02 18.70
C GLU C 122 -55.40 -3.46 19.46
N LYS C 123 -56.11 -4.44 18.92
CA LYS C 123 -57.37 -4.88 19.53
C LYS C 123 -57.12 -5.63 20.83
N THR C 124 -56.03 -6.39 20.87
CA THR C 124 -55.71 -7.18 22.06
C THR C 124 -55.36 -6.27 23.24
N VAL C 125 -54.50 -5.28 23.00
CA VAL C 125 -54.10 -4.37 24.05
C VAL C 125 -55.26 -3.46 24.46
N GLN C 126 -56.16 -3.18 23.52
CA GLN C 126 -57.31 -2.34 23.82
C GLN C 126 -58.29 -3.08 24.71
N GLU C 127 -58.48 -4.38 24.44
CA GLU C 127 -59.32 -5.22 25.27
C GLU C 127 -58.62 -5.53 26.59
N LEU C 128 -57.31 -5.43 26.60
CA LEU C 128 -56.53 -5.64 27.81
C LEU C 128 -56.52 -4.38 28.66
N VAL C 129 -56.80 -3.24 28.04
CA VAL C 129 -57.01 -2.00 28.77
C VAL C 129 -58.39 -2.04 29.41
N LYS C 130 -59.36 -2.57 28.67
CA LYS C 130 -60.70 -2.81 29.19
C LYS C 130 -60.64 -3.80 30.34
N GLU C 131 -59.72 -4.76 30.21
CA GLU C 131 -59.48 -5.73 31.26
C GLU C 131 -58.73 -5.09 32.43
N LEU C 132 -57.88 -4.11 32.13
CA LEU C 132 -57.09 -3.43 33.15
C LEU C 132 -57.98 -2.61 34.10
N ARG C 133 -59.05 -2.04 33.56
CA ARG C 133 -59.98 -1.26 34.38
C ARG C 133 -60.74 -2.18 35.34
N LYS C 134 -60.85 -3.45 34.97
CA LYS C 134 -61.42 -4.46 35.85
C LYS C 134 -60.41 -4.87 36.91
N MET C 135 -59.16 -4.99 36.50
CA MET C 135 -58.07 -5.35 37.40
C MET C 135 -57.85 -4.31 38.49
N SER C 136 -58.17 -3.06 38.18
CA SER C 136 -57.86 -1.93 39.07
C SER C 136 -58.67 -1.96 40.37
N SER C 137 -58.05 -1.45 41.43
CA SER C 137 -58.71 -1.31 42.73
C SER C 137 -59.01 0.16 43.02
N VAL C 138 -60.28 0.46 43.23
CA VAL C 138 -60.72 1.84 43.39
C VAL C 138 -60.53 2.33 44.83
N VAL C 139 -60.24 3.62 44.98
CA VAL C 139 -60.13 4.24 46.29
C VAL C 139 -61.19 5.32 46.45
N GLN C 140 -61.99 5.21 47.51
CA GLN C 140 -63.12 6.11 47.70
C GLN C 140 -63.15 6.76 49.09
N THR C 141 -62.41 6.18 50.04
CA THR C 141 -62.37 6.72 51.39
C THR C 141 -61.04 7.39 51.68
N ASP C 142 -61.07 8.48 52.42
CA ASP C 142 -59.88 9.26 52.72
C ASP C 142 -58.91 8.49 53.63
N LYS C 143 -59.45 7.54 54.40
CA LYS C 143 -58.63 6.75 55.32
C LYS C 143 -57.88 5.65 54.57
N ASP C 144 -58.50 5.12 53.53
CA ASP C 144 -57.82 4.15 52.67
C ASP C 144 -56.91 4.90 51.71
N LEU C 145 -57.31 6.12 51.36
CA LEU C 145 -56.49 6.98 50.53
C LEU C 145 -55.25 7.43 51.32
N ALA C 146 -55.42 7.56 52.63
CA ALA C 146 -54.31 7.90 53.52
C ALA C 146 -53.30 6.77 53.56
N ASN C 147 -53.81 5.54 53.57
CA ASN C 147 -52.96 4.36 53.60
C ASN C 147 -52.24 4.16 52.27
N VAL C 148 -52.93 4.52 51.18
CA VAL C 148 -52.33 4.45 49.86
C VAL C 148 -51.27 5.54 49.69
N ALA C 149 -51.59 6.75 50.15
CA ALA C 149 -50.69 7.89 50.03
C ALA C 149 -49.41 7.70 50.84
N CYS C 150 -49.55 7.17 52.05
CA CYS C 150 -48.41 6.98 52.94
C CYS C 150 -47.48 5.88 52.44
N VAL C 151 -48.06 4.80 51.92
CA VAL C 151 -47.27 3.69 51.40
C VAL C 151 -46.58 4.10 50.10
N SER C 152 -47.31 4.79 49.23
CA SER C 152 -46.75 5.28 47.97
C SER C 152 -45.63 6.28 48.24
N ALA C 153 -45.76 7.02 49.34
CA ALA C 153 -44.71 7.92 49.77
C ALA C 153 -43.51 7.13 50.28
N GLY C 154 -42.33 7.72 50.21
CA GLY C 154 -41.10 7.05 50.60
C GLY C 154 -41.00 6.76 52.08
N GLY C 155 -40.91 5.47 52.42
CA GLY C 155 -40.69 5.06 53.80
C GLY C 155 -41.84 5.34 54.75
N ASN C 156 -41.54 6.14 55.77
CA ASN C 156 -42.52 6.43 56.81
C ASN C 156 -43.75 7.18 56.31
N THR C 157 -44.80 7.18 57.11
CA THR C 157 -46.09 7.73 56.71
C THR C 157 -46.17 9.25 56.88
N ASP C 158 -46.34 9.68 58.13
CA ASP C 158 -46.51 11.08 58.56
C ASP C 158 -46.70 12.12 57.46
N ILE C 159 -45.72 12.24 56.56
CA ILE C 159 -45.80 13.22 55.50
C ILE C 159 -46.82 12.79 54.43
N GLY C 160 -46.89 11.48 54.18
CA GLY C 160 -47.91 10.94 53.29
C GLY C 160 -49.26 11.03 53.97
N SER C 161 -49.22 11.07 55.31
CA SER C 161 -50.42 11.25 56.11
C SER C 161 -50.82 12.73 56.12
N LEU C 162 -49.91 13.59 55.67
CA LEU C 162 -50.18 15.02 55.58
C LEU C 162 -50.81 15.37 54.24
N ILE C 163 -50.31 14.74 53.18
CA ILE C 163 -50.84 14.90 51.83
C ILE C 163 -52.26 14.34 51.76
N SER C 164 -52.52 13.32 52.57
CA SER C 164 -53.82 12.67 52.61
C SER C 164 -54.91 13.65 53.02
N ASP C 165 -54.73 14.30 54.16
CA ASP C 165 -55.70 15.27 54.65
C ASP C 165 -55.67 16.54 53.81
N ALA C 166 -54.56 16.76 53.11
CA ALA C 166 -54.43 17.92 52.23
C ALA C 166 -55.37 17.79 51.03
N MET C 167 -55.57 16.56 50.58
CA MET C 167 -56.46 16.30 49.47
C MET C 167 -57.82 15.81 49.99
N ALA C 168 -57.89 15.52 51.28
CA ALA C 168 -59.16 15.17 51.90
C ALA C 168 -60.02 16.41 52.05
N LYS C 169 -59.36 17.56 52.14
CA LYS C 169 -60.05 18.84 52.21
C LYS C 169 -60.63 19.20 50.85
N VAL C 170 -59.77 19.32 49.85
CA VAL C 170 -60.21 19.56 48.49
C VAL C 170 -60.54 18.23 47.81
N GLY C 171 -61.83 17.92 47.74
CA GLY C 171 -62.31 16.64 47.28
C GLY C 171 -61.79 16.18 45.93
N ARG C 172 -62.27 16.82 44.86
CA ARG C 172 -61.91 16.43 43.51
C ARG C 172 -61.16 17.53 42.77
N THR C 173 -61.11 17.39 41.45
CA THR C 173 -60.52 18.37 40.51
C THR C 173 -59.20 19.02 40.93
N GLY C 174 -58.58 18.54 42.01
CA GLY C 174 -57.34 19.12 42.49
C GLY C 174 -57.50 20.57 42.91
N VAL C 175 -56.39 21.29 43.00
CA VAL C 175 -55.07 20.74 42.70
C VAL C 175 -54.07 21.14 43.80
N VAL C 176 -53.35 20.15 44.32
CA VAL C 176 -52.42 20.37 45.41
C VAL C 176 -51.04 20.81 44.91
N THR C 177 -50.54 21.91 45.46
CA THR C 177 -49.21 22.42 45.14
C THR C 177 -48.37 22.46 46.42
N MET C 178 -47.09 22.13 46.31
CA MET C 178 -46.23 22.05 47.48
C MET C 178 -45.18 23.16 47.49
N GLU C 179 -44.63 23.42 48.69
CA GLU C 179 -43.54 24.38 48.84
C GLU C 179 -42.90 24.20 50.22
N GLU C 180 -41.61 24.51 50.32
CA GLU C 180 -40.89 24.34 51.59
C GLU C 180 -40.82 25.66 52.36
N GLY C 181 -40.32 25.59 53.58
CA GLY C 181 -40.20 26.76 54.43
C GLY C 181 -41.45 26.99 55.25
N LYS C 182 -41.31 27.69 56.37
CA LYS C 182 -40.02 28.20 56.81
C LYS C 182 -39.66 27.69 58.20
N THR C 183 -40.68 27.24 58.93
CA THR C 183 -40.49 26.71 60.28
C THR C 183 -40.93 25.25 60.33
N ALA C 184 -40.23 24.45 61.13
CA ALA C 184 -40.46 23.01 61.18
C ALA C 184 -41.84 22.64 61.73
N GLU C 185 -42.85 22.68 60.86
CA GLU C 185 -44.20 22.23 61.19
C GLU C 185 -44.94 21.81 59.93
N ASP C 186 -46.21 21.43 60.08
CA ASP C 186 -47.05 21.09 58.95
C ASP C 186 -48.06 22.21 58.70
N GLN C 187 -47.72 23.12 57.79
CA GLN C 187 -48.54 24.29 57.52
C GLN C 187 -49.39 24.11 56.26
N LEU C 188 -50.70 23.95 56.46
CA LEU C 188 -51.63 23.85 55.34
C LEU C 188 -52.24 25.22 55.04
N VAL C 189 -52.25 25.59 53.77
CA VAL C 189 -52.76 26.89 53.35
C VAL C 189 -53.69 26.77 52.15
N PHE C 190 -54.92 27.26 52.29
CA PHE C 190 -55.85 27.30 51.18
C PHE C 190 -56.12 28.75 50.78
N VAL C 191 -55.92 29.05 49.50
CA VAL C 191 -56.13 30.41 49.00
C VAL C 191 -56.81 30.39 47.64
N GLU C 192 -56.93 31.57 47.03
CA GLU C 192 -57.59 31.70 45.73
C GLU C 192 -56.62 31.38 44.60
N GLY C 193 -56.69 30.16 44.10
CA GLY C 193 -55.84 29.73 43.00
C GLY C 193 -56.60 28.98 41.93
N MET C 194 -56.03 28.92 40.73
CA MET C 194 -56.68 28.27 39.60
C MET C 194 -55.68 27.57 38.70
N GLN C 195 -56.17 26.67 37.85
CA GLN C 195 -55.31 25.97 36.90
C GLN C 195 -56.02 25.68 35.59
N PHE C 196 -55.24 25.36 34.55
CA PHE C 196 -55.78 24.99 33.26
C PHE C 196 -54.92 23.91 32.61
N GLU C 197 -55.47 23.24 31.60
CA GLU C 197 -54.74 22.17 30.93
C GLU C 197 -54.05 22.64 29.64
N ARG C 198 -53.50 23.84 29.69
CA ARG C 198 -52.72 24.38 28.58
C ARG C 198 -51.24 24.40 28.94
N GLY C 199 -50.38 24.62 27.96
CA GLY C 199 -48.95 24.62 28.19
C GLY C 199 -48.24 25.86 27.71
N TYR C 200 -46.93 25.92 27.95
CA TYR C 200 -46.11 27.05 27.52
C TYR C 200 -45.95 27.06 26.00
N THR C 201 -45.54 28.21 25.47
CA THR C 201 -45.33 28.35 24.03
C THR C 201 -44.02 27.69 23.59
N SER C 202 -42.96 27.95 24.35
CA SER C 202 -41.64 27.39 24.05
C SER C 202 -40.98 26.80 25.29
N PRO C 203 -40.27 25.68 25.12
CA PRO C 203 -39.53 25.02 26.21
C PRO C 203 -38.27 25.78 26.61
N TYR C 204 -38.09 26.99 26.08
CA TYR C 204 -36.91 27.80 26.38
C TYR C 204 -37.16 28.72 27.57
N PHE C 205 -38.36 28.66 28.12
CA PHE C 205 -38.74 29.51 29.24
C PHE C 205 -38.54 28.80 30.58
N VAL C 206 -38.06 27.65 30.57
CA VAL C 206 -37.89 26.88 31.79
C VAL C 206 -36.98 27.62 32.79
N THR C 207 -37.40 27.86 33.91
CA THR C 207 -36.70 28.61 34.95
C THR C 207 -35.59 27.79 35.60
N ASP C 208 -35.93 26.62 36.13
CA ASP C 208 -34.97 25.79 36.84
C ASP C 208 -35.02 24.31 36.46
N PRO C 209 -34.17 23.92 35.50
CA PRO C 209 -33.96 22.51 35.14
C PRO C 209 -33.28 21.77 36.29
N GLU C 210 -33.37 20.44 36.36
CA GLU C 210 -34.01 19.60 35.34
C GLU C 210 -35.52 19.50 35.54
N ARG C 211 -36.06 20.27 36.47
CA ARG C 211 -37.50 20.29 36.69
C ARG C 211 -38.22 20.96 35.52
N MET C 212 -37.46 21.75 34.75
CA MET C 212 -37.95 22.53 33.61
C MET C 212 -39.35 23.12 33.80
N ILE C 213 -39.59 23.62 35.00
CA ILE C 213 -40.87 24.23 35.36
C ILE C 213 -40.70 25.71 35.70
N CYS C 214 -41.44 26.56 34.99
CA CYS C 214 -41.34 28.00 35.17
C CYS C 214 -42.15 28.48 36.38
N GLU C 215 -41.39 28.90 37.42
CA GLU C 215 -42.02 29.45 38.61
C GLU C 215 -41.59 30.89 38.88
N TYR C 216 -42.58 31.76 39.18
CA TYR C 216 -42.27 33.15 39.46
C TYR C 216 -43.12 33.69 40.60
N GLU C 217 -42.50 34.51 41.45
CA GLU C 217 -43.19 35.04 42.63
C GLU C 217 -43.43 36.55 42.51
N ASN C 218 -44.59 36.99 43.00
CA ASN C 218 -44.98 38.39 42.98
C ASN C 218 -44.94 38.98 41.57
N CYS C 219 -45.88 38.58 40.74
CA CYS C 219 -45.90 39.00 39.35
C CYS C 219 -47.31 39.36 38.86
N LYS C 220 -47.39 40.36 37.99
CA LYS C 220 -48.67 40.79 37.43
C LYS C 220 -49.06 39.93 36.24
N ILE C 221 -50.35 39.93 35.90
CA ILE C 221 -50.86 39.10 34.81
C ILE C 221 -51.47 39.97 33.71
N LEU C 222 -51.62 39.40 32.52
CA LEU C 222 -52.18 40.12 31.38
C LEU C 222 -52.70 39.15 30.33
N LEU C 223 -53.94 39.36 29.88
CA LEU C 223 -54.54 38.44 28.91
C LEU C 223 -55.57 39.08 28.00
N VAL C 224 -55.58 38.64 26.74
CA VAL C 224 -56.61 39.00 25.77
C VAL C 224 -57.04 37.73 25.04
N ASP C 225 -58.04 37.82 24.18
CA ASP C 225 -58.54 36.66 23.46
C ASP C 225 -57.96 36.56 22.04
N LYS C 226 -57.75 37.71 21.42
CA LYS C 226 -57.26 37.74 20.04
C LYS C 226 -55.78 37.38 19.96
N LYS C 227 -55.32 37.07 18.75
CA LYS C 227 -53.92 36.75 18.51
C LYS C 227 -53.06 38.01 18.57
N ILE C 228 -51.82 37.86 19.01
CA ILE C 228 -50.90 38.99 19.14
C ILE C 228 -49.68 38.83 18.23
N SER C 229 -49.37 39.88 17.48
CA SER C 229 -48.22 39.87 16.58
C SER C 229 -47.44 41.18 16.68
N THR C 230 -48.15 42.28 16.88
CA THR C 230 -47.52 43.58 17.06
C THR C 230 -46.71 43.60 18.35
N ALA C 231 -45.64 44.40 18.37
CA ALA C 231 -44.72 44.39 19.49
C ALA C 231 -44.73 45.72 20.26
N ARG C 232 -44.98 46.81 19.55
CA ARG C 232 -44.88 48.15 20.14
C ARG C 232 -45.80 48.34 21.34
N ASP C 233 -46.92 47.63 21.36
CA ASP C 233 -47.84 47.69 22.50
C ASP C 233 -47.18 47.05 23.72
N ILE C 234 -46.56 45.90 23.51
CA ILE C 234 -45.90 45.17 24.60
C ILE C 234 -44.63 45.90 25.04
N ILE C 235 -44.04 46.64 24.11
CA ILE C 235 -42.86 47.46 24.41
C ILE C 235 -43.20 48.55 25.42
N THR C 236 -44.39 49.12 25.28
CA THR C 236 -44.87 50.12 26.23
C THR C 236 -45.18 49.46 27.57
N ILE C 237 -45.64 48.21 27.52
CA ILE C 237 -45.90 47.45 28.73
C ILE C 237 -44.57 46.95 29.30
N LEU C 238 -43.58 46.77 28.43
CA LEU C 238 -42.22 46.45 28.86
C LEU C 238 -41.69 47.61 29.69
N GLU C 239 -42.02 48.84 29.27
CA GLU C 239 -41.66 50.03 30.01
C GLU C 239 -42.38 50.06 31.35
N SER C 240 -43.56 49.45 31.38
CA SER C 240 -44.34 49.31 32.60
C SER C 240 -43.80 48.16 33.44
N ALA C 241 -43.02 47.29 32.79
CA ALA C 241 -42.36 46.18 33.48
C ALA C 241 -40.99 46.61 33.98
N ILE C 242 -40.48 47.71 33.43
CA ILE C 242 -39.23 48.29 33.88
C ILE C 242 -39.53 49.37 34.93
N ARG C 243 -40.68 50.04 34.76
CA ARG C 243 -41.19 51.01 35.73
C ARG C 243 -41.21 50.40 37.13
N GLY C 244 -41.62 49.14 37.21
CA GLY C 244 -41.52 48.37 38.43
C GLY C 244 -40.86 47.04 38.10
N ASN C 245 -39.59 46.92 38.49
CA ASN C 245 -38.79 45.74 38.16
C ASN C 245 -39.45 44.43 38.58
N TYR C 246 -40.45 44.01 37.81
CA TYR C 246 -41.20 42.80 38.09
C TYR C 246 -41.46 42.02 36.81
N PRO C 247 -41.50 40.67 36.92
CA PRO C 247 -41.86 39.82 35.79
C PRO C 247 -43.29 40.04 35.33
N LEU C 248 -43.64 39.52 34.15
CA LEU C 248 -44.97 39.72 33.59
C LEU C 248 -45.56 38.42 33.07
N LEU C 249 -46.87 38.28 33.18
CA LEU C 249 -47.57 37.08 32.74
C LEU C 249 -48.44 37.35 31.51
N ILE C 250 -48.28 36.53 30.48
CA ILE C 250 -49.05 36.68 29.24
C ILE C 250 -49.56 35.33 28.74
N MET C 251 -50.85 35.25 28.45
CA MET C 251 -51.44 34.05 27.90
C MET C 251 -52.60 34.36 26.94
N ALA C 252 -52.28 34.95 25.80
CA ALA C 252 -53.30 35.34 24.82
C ALA C 252 -53.27 34.45 23.58
N GLU C 253 -53.71 33.21 23.76
CA GLU C 253 -53.77 32.21 22.68
C GLU C 253 -52.44 32.09 21.92
N GLU C 254 -52.42 32.58 20.68
CA GLU C 254 -51.27 32.37 19.81
C GLU C 254 -50.41 33.63 19.68
N VAL C 255 -49.13 33.49 20.04
CA VAL C 255 -48.16 34.55 19.85
C VAL C 255 -47.22 34.19 18.69
N GLU C 256 -47.14 35.06 17.70
CA GLU C 256 -46.38 34.77 16.49
C GLU C 256 -44.88 34.76 16.74
N GLN C 257 -44.12 34.34 15.75
CA GLN C 257 -42.67 34.18 15.88
C GLN C 257 -41.94 35.49 16.16
N GLU C 258 -42.52 36.60 15.72
CA GLU C 258 -41.91 37.91 15.93
C GLU C 258 -41.84 38.27 17.41
N ALA C 259 -43.00 38.29 18.06
CA ALA C 259 -43.08 38.64 19.47
C ALA C 259 -42.41 37.57 20.33
N LEU C 260 -42.49 36.31 19.88
CA LEU C 260 -41.89 35.20 20.62
C LEU C 260 -40.37 35.31 20.62
N ALA C 261 -39.79 35.71 19.50
CA ALA C 261 -38.35 35.87 19.40
C ALA C 261 -37.89 37.06 20.23
N THR C 262 -38.70 38.11 20.26
CA THR C 262 -38.39 39.30 21.06
C THR C 262 -38.44 38.95 22.54
N LEU C 263 -39.37 38.07 22.90
CA LEU C 263 -39.55 37.67 24.30
C LEU C 263 -38.40 36.80 24.81
N VAL C 264 -37.99 35.82 24.01
CA VAL C 264 -36.93 34.90 24.43
C VAL C 264 -35.56 35.58 24.45
N VAL C 265 -35.42 36.67 23.69
CA VAL C 265 -34.18 37.43 23.67
C VAL C 265 -34.10 38.35 24.90
N ASN C 266 -35.19 39.04 25.18
CA ASN C 266 -35.26 39.93 26.34
C ASN C 266 -35.21 39.16 27.66
N LYS C 267 -35.52 37.88 27.60
CA LYS C 267 -35.49 37.03 28.78
C LYS C 267 -34.10 36.42 28.98
N LEU C 268 -33.41 36.17 27.87
CA LEU C 268 -32.09 35.57 27.92
C LEU C 268 -31.04 36.51 28.51
N ARG C 269 -31.30 37.80 28.44
CA ARG C 269 -30.37 38.80 28.97
C ARG C 269 -30.67 39.13 30.43
N GLY C 270 -31.89 38.80 30.87
CA GLY C 270 -32.28 39.04 32.25
C GLY C 270 -32.85 40.42 32.48
N THR C 271 -32.96 41.20 31.39
CA THR C 271 -33.51 42.54 31.48
C THR C 271 -35.02 42.49 31.70
N LEU C 272 -35.69 41.60 30.97
CA LEU C 272 -37.12 41.43 31.08
C LEU C 272 -37.50 39.99 31.42
N LYS C 273 -38.18 39.80 32.53
CA LYS C 273 -38.66 38.47 32.91
C LYS C 273 -40.05 38.24 32.33
N VAL C 274 -40.15 37.41 31.30
CA VAL C 274 -41.40 37.21 30.59
C VAL C 274 -41.85 35.75 30.61
N VAL C 275 -43.08 35.47 30.20
CA VAL C 275 -43.38 34.06 29.91
C VAL C 275 -44.53 33.73 28.95
N ALA C 276 -44.31 32.73 28.11
CA ALA C 276 -45.26 32.32 27.08
C ALA C 276 -46.11 31.14 27.51
N ILE C 277 -47.25 31.47 28.10
CA ILE C 277 -48.31 30.56 28.58
C ILE C 277 -49.69 30.31 27.96
N LYS C 278 -50.02 29.17 27.39
CA LYS C 278 -51.14 29.23 26.44
C LYS C 278 -52.55 29.67 26.91
N ALA C 279 -53.48 29.73 25.96
CA ALA C 279 -54.87 30.16 26.20
C ALA C 279 -55.85 29.03 25.90
N PRO C 280 -57.01 29.05 26.57
CA PRO C 280 -57.68 27.79 26.87
C PRO C 280 -58.96 27.67 26.04
N GLY C 281 -59.86 26.77 26.39
CA GLY C 281 -61.13 26.71 25.69
C GLY C 281 -61.03 27.16 24.25
N PHE C 282 -62.19 27.41 23.64
CA PHE C 282 -62.25 27.83 22.25
C PHE C 282 -63.49 28.68 21.97
N GLY C 283 -63.34 29.66 21.07
CA GLY C 283 -64.45 30.51 20.69
C GLY C 283 -64.93 31.43 21.79
N GLU C 284 -66.22 31.41 22.06
CA GLU C 284 -66.82 32.26 23.09
C GLU C 284 -66.38 31.82 24.49
N ARG C 285 -65.89 30.59 24.59
CA ARG C 285 -65.38 30.07 25.85
C ARG C 285 -64.13 30.81 26.28
N ARG C 286 -63.27 31.13 25.32
CA ARG C 286 -62.03 31.85 25.59
C ARG C 286 -62.30 33.19 26.25
N SER C 287 -63.20 33.97 25.66
CA SER C 287 -63.54 35.29 26.18
C SER C 287 -64.37 35.19 27.45
N SER C 288 -64.75 33.98 27.82
CA SER C 288 -65.52 33.73 29.04
C SER C 288 -64.65 33.09 30.11
N TYR C 289 -63.42 32.74 29.75
CA TYR C 289 -62.49 32.10 30.68
C TYR C 289 -61.40 33.06 31.15
N LEU C 290 -60.92 33.90 30.24
CA LEU C 290 -59.86 34.84 30.57
C LEU C 290 -60.40 35.98 31.45
N GLU C 291 -61.68 36.31 31.27
CA GLU C 291 -62.30 37.32 32.10
C GLU C 291 -62.68 36.71 33.45
N ASP C 292 -62.72 35.39 33.50
CA ASP C 292 -63.02 34.67 34.74
C ASP C 292 -61.78 34.63 35.63
N ILE C 293 -60.62 34.83 35.03
CA ILE C 293 -59.36 34.82 35.76
C ILE C 293 -58.77 36.23 35.85
N ALA C 294 -59.32 37.15 35.06
CA ALA C 294 -58.86 38.53 35.06
C ALA C 294 -59.15 39.22 36.39
N ILE C 295 -60.42 39.27 36.75
CA ILE C 295 -60.84 39.89 38.00
C ILE C 295 -60.37 39.04 39.18
N LEU C 296 -60.28 37.73 38.96
CA LEU C 296 -59.76 36.81 39.97
C LEU C 296 -58.33 37.19 40.33
N THR C 297 -57.59 37.69 39.34
CA THR C 297 -56.24 38.18 39.58
C THR C 297 -56.24 39.68 39.88
N GLY C 298 -57.43 40.27 39.84
CA GLY C 298 -57.59 41.68 40.14
C GLY C 298 -57.21 42.58 38.98
N GLY C 299 -57.79 42.32 37.81
CA GLY C 299 -57.53 43.12 36.63
C GLY C 299 -58.69 43.11 35.67
N THR C 300 -58.82 44.19 34.89
CA THR C 300 -59.88 44.31 33.91
C THR C 300 -59.53 43.56 32.63
N VAL C 301 -60.46 43.53 31.69
CA VAL C 301 -60.25 42.85 30.42
C VAL C 301 -59.91 43.83 29.32
N VAL C 302 -58.86 43.54 28.56
CA VAL C 302 -58.40 44.43 27.49
C VAL C 302 -58.87 43.92 26.13
N ARG C 303 -60.14 43.52 26.05
CA ARG C 303 -60.70 43.02 24.80
C ARG C 303 -61.32 44.14 23.98
N ASP C 304 -61.29 44.00 22.66
CA ASP C 304 -61.78 45.03 21.75
C ASP C 304 -63.30 45.00 21.59
N GLU C 305 -63.95 44.11 22.32
CA GLU C 305 -65.40 43.95 22.22
C GLU C 305 -66.16 45.10 22.87
N MET C 306 -65.52 45.76 23.83
CA MET C 306 -66.15 46.89 24.52
C MET C 306 -65.90 48.27 23.86
N GLY C 307 -64.67 48.66 23.55
CA GLY C 307 -63.44 47.92 23.78
C GLY C 307 -62.22 48.80 23.80
N VAL C 308 -61.43 48.70 24.88
CA VAL C 308 -60.22 49.49 25.01
C VAL C 308 -58.98 48.68 24.64
N SER C 309 -58.24 49.16 23.63
CA SER C 309 -57.04 48.48 23.17
C SER C 309 -56.11 49.47 22.47
N LEU C 310 -55.19 50.05 23.24
CA LEU C 310 -54.28 51.06 22.70
C LEU C 310 -52.82 50.75 22.99
N GLU C 311 -51.99 51.78 22.93
CA GLU C 311 -50.55 51.63 23.15
C GLU C 311 -50.25 51.41 24.63
N GLN C 312 -50.72 52.32 25.47
CA GLN C 312 -50.39 52.32 26.89
C GLN C 312 -51.17 51.26 27.66
N ALA C 313 -50.67 50.93 28.84
CA ALA C 313 -51.30 49.95 29.71
C ALA C 313 -50.92 50.19 31.18
N THR C 314 -51.93 50.40 32.02
CA THR C 314 -51.69 50.70 33.43
C THR C 314 -52.01 49.50 34.31
N ASP C 315 -52.06 49.72 35.62
CA ASP C 315 -52.32 48.66 36.58
C ASP C 315 -53.77 48.19 36.51
N ALA C 316 -54.63 49.03 35.94
CA ALA C 316 -56.06 48.70 35.85
C ALA C 316 -56.33 47.61 34.83
N VAL C 317 -55.44 47.47 33.84
CA VAL C 317 -55.64 46.50 32.77
C VAL C 317 -54.91 45.18 33.06
N LEU C 318 -54.07 45.18 34.09
CA LEU C 318 -53.33 43.98 34.44
C LEU C 318 -53.58 43.55 35.89
N GLY C 319 -53.91 42.27 36.06
CA GLY C 319 -54.18 41.73 37.38
C GLY C 319 -52.89 41.38 38.11
N THR C 320 -53.02 40.87 39.33
CA THR C 320 -51.86 40.51 40.14
C THR C 320 -51.88 39.03 40.52
N ALA C 321 -50.69 38.47 40.75
CA ALA C 321 -50.55 37.07 41.13
C ALA C 321 -49.31 36.88 41.99
N ALA C 322 -49.50 36.32 43.18
CA ALA C 322 -48.39 36.13 44.11
C ALA C 322 -47.39 35.09 43.60
N LYS C 323 -47.89 33.93 43.22
CA LYS C 323 -47.03 32.86 42.71
C LYS C 323 -47.69 32.11 41.56
N ILE C 324 -46.92 31.86 40.51
CA ILE C 324 -47.41 31.09 39.37
C ILE C 324 -46.43 29.98 38.99
N THR C 325 -46.93 28.77 38.84
CA THR C 325 -46.12 27.62 38.47
C THR C 325 -46.72 26.91 37.25
N ILE C 326 -45.99 26.91 36.14
CA ILE C 326 -46.47 26.28 34.91
C ILE C 326 -45.53 25.18 34.43
N THR C 327 -46.09 24.18 33.76
CA THR C 327 -45.30 23.06 33.25
C THR C 327 -45.68 22.72 31.80
N LYS C 328 -45.47 21.48 31.41
CA LYS C 328 -45.67 21.05 30.03
C LYS C 328 -47.13 21.15 29.58
N GLU C 329 -48.02 20.46 30.29
CA GLU C 329 -49.42 20.43 29.89
C GLU C 329 -50.34 21.10 30.91
N ARG C 330 -49.75 21.74 31.91
CA ARG C 330 -50.53 22.41 32.95
C ARG C 330 -50.00 23.82 33.25
N THR C 331 -50.90 24.69 33.66
CA THR C 331 -50.55 26.04 34.07
C THR C 331 -51.31 26.42 35.34
N THR C 332 -50.58 26.72 36.41
CA THR C 332 -51.22 26.96 37.71
C THR C 332 -50.88 28.33 38.31
N VAL C 333 -51.87 28.97 38.92
CA VAL C 333 -51.68 30.22 39.63
C VAL C 333 -52.19 30.08 41.06
N VAL C 334 -51.57 30.80 41.99
CA VAL C 334 -51.91 30.68 43.40
C VAL C 334 -51.30 31.80 44.26
N GLY C 335 -51.91 32.05 45.41
CA GLY C 335 -51.33 32.94 46.40
C GLY C 335 -51.86 34.36 46.47
N ASP C 336 -52.28 34.90 45.33
CA ASP C 336 -52.68 36.30 45.24
C ASP C 336 -53.83 36.64 46.18
N GLY C 337 -53.68 37.75 46.90
CA GLY C 337 -54.71 38.22 47.81
C GLY C 337 -55.63 39.22 47.15
N SER C 338 -56.33 38.78 46.11
CA SER C 338 -57.22 39.65 45.37
C SER C 338 -58.66 39.52 45.85
N THR C 339 -59.61 39.90 45.00
CA THR C 339 -61.03 39.83 45.34
C THR C 339 -61.49 38.39 45.46
N ALA C 340 -61.61 37.93 46.70
CA ALA C 340 -62.13 36.58 46.97
C ALA C 340 -63.63 36.53 46.70
N ALA C 341 -64.27 37.69 46.71
CA ALA C 341 -65.69 37.78 46.42
C ALA C 341 -65.96 37.39 44.97
N ASP C 342 -65.00 37.69 44.10
CA ASP C 342 -65.08 37.31 42.70
C ASP C 342 -65.20 35.79 42.56
N VAL C 343 -64.36 35.07 43.29
CA VAL C 343 -64.39 33.62 43.27
C VAL C 343 -65.67 33.10 43.91
N ALA C 344 -66.33 33.96 44.68
CA ALA C 344 -67.57 33.60 45.37
C ALA C 344 -68.80 34.13 44.64
N ALA C 345 -68.58 34.96 43.63
CA ALA C 345 -69.69 35.54 42.87
C ALA C 345 -69.80 34.93 41.48
N ARG C 346 -68.67 34.55 40.90
CA ARG C 346 -68.68 33.92 39.58
C ARG C 346 -69.29 32.53 39.66
N VAL C 347 -69.10 31.87 40.80
CA VAL C 347 -69.71 30.57 41.03
C VAL C 347 -71.23 30.70 41.13
N LYS C 348 -71.68 31.87 41.58
CA LYS C 348 -73.10 32.16 41.64
C LYS C 348 -73.65 32.34 40.23
N GLN C 349 -72.89 33.03 39.40
CA GLN C 349 -73.28 33.28 38.02
C GLN C 349 -73.38 31.97 37.24
N ILE C 350 -72.48 31.05 37.54
CA ILE C 350 -72.48 29.74 36.89
C ILE C 350 -73.71 28.93 37.32
N ARG C 351 -74.05 28.99 38.60
CA ARG C 351 -75.24 28.32 39.11
C ARG C 351 -76.50 28.89 38.47
N ASN C 352 -76.50 30.20 38.25
CA ASN C 352 -77.62 30.86 37.59
C ASN C 352 -77.73 30.43 36.13
N LEU C 353 -76.59 30.32 35.46
CA LEU C 353 -76.55 29.87 34.08
C LEU C 353 -76.91 28.39 33.97
N GLN C 354 -76.47 27.61 34.95
CA GLN C 354 -76.76 26.18 34.98
C GLN C 354 -78.25 25.92 35.17
N MET C 355 -78.90 26.80 35.93
CA MET C 355 -80.33 26.66 36.22
C MET C 355 -81.17 26.90 34.98
N GLN C 356 -80.75 27.84 34.13
CA GLN C 356 -81.53 28.22 32.96
C GLN C 356 -81.03 27.53 31.69
N THR C 357 -80.00 26.71 31.81
CA THR C 357 -79.42 26.02 30.66
C THR C 357 -80.31 24.86 30.21
N ASP C 358 -80.62 24.83 28.92
CA ASP C 358 -81.43 23.75 28.35
C ASP C 358 -80.55 22.80 27.53
N GLN C 359 -79.35 23.27 27.18
CA GLN C 359 -78.42 22.46 26.40
C GLN C 359 -77.75 21.39 27.26
N ASP C 360 -76.74 20.73 26.68
CA ASP C 360 -76.03 19.66 27.37
C ASP C 360 -74.55 20.02 27.53
N TYR C 361 -73.93 20.47 26.45
CA TYR C 361 -72.51 20.81 26.46
C TYR C 361 -72.24 22.00 27.39
N GLU C 362 -73.18 22.93 27.45
CA GLU C 362 -73.05 24.08 28.34
C GLU C 362 -73.13 23.65 29.80
N ARG C 363 -73.93 22.61 30.07
CA ARG C 363 -74.08 22.10 31.42
C ARG C 363 -72.78 21.53 31.97
N GLU C 364 -72.02 20.83 31.11
CA GLU C 364 -70.78 20.21 31.53
C GLU C 364 -69.61 21.20 31.46
N LYS C 365 -69.72 22.19 30.60
CA LYS C 365 -68.72 23.26 30.52
C LYS C 365 -68.80 24.16 31.74
N LEU C 366 -70.02 24.42 32.18
CA LEU C 366 -70.25 25.16 33.41
C LEU C 366 -69.90 24.27 34.60
N GLN C 367 -70.03 22.96 34.42
CA GLN C 367 -69.72 22.01 35.47
C GLN C 367 -68.22 21.85 35.66
N GLU C 368 -67.46 21.91 34.57
CA GLU C 368 -66.02 21.77 34.65
C GLU C 368 -65.39 23.08 35.14
N ARG C 369 -66.11 24.19 34.93
CA ARG C 369 -65.63 25.49 35.39
C ARG C 369 -65.97 25.70 36.86
N ILE C 370 -67.17 25.27 37.26
CA ILE C 370 -67.57 25.36 38.66
C ILE C 370 -66.75 24.39 39.51
N ALA C 371 -66.17 23.39 38.86
CA ALA C 371 -65.37 22.39 39.56
C ALA C 371 -64.03 22.96 39.96
N ARG C 372 -63.27 23.43 38.97
CA ARG C 372 -61.93 23.99 39.20
C ARG C 372 -62.00 25.27 40.01
N LEU C 373 -63.08 26.03 39.86
CA LEU C 373 -63.28 27.26 40.63
C LEU C 373 -63.49 26.96 42.11
N SER C 374 -64.35 25.99 42.39
CA SER C 374 -64.66 25.61 43.77
C SER C 374 -63.49 24.90 44.43
N GLY C 375 -62.75 24.14 43.64
CA GLY C 375 -61.61 23.39 44.16
C GLY C 375 -60.48 24.29 44.61
N GLY C 376 -60.31 25.41 43.90
CA GLY C 376 -59.25 26.36 44.22
C GLY C 376 -57.87 25.78 44.01
N VAL C 377 -56.92 25.96 44.92
CA VAL C 377 -55.56 25.43 44.83
C VAL C 377 -54.92 25.42 46.20
N ALA C 378 -55.07 24.42 46.92
CA ALA C 378 -54.49 24.27 48.26
C ALA C 378 -52.98 24.09 48.19
N ILE C 379 -52.25 24.97 48.87
CA ILE C 379 -50.80 24.90 48.91
C ILE C 379 -50.30 24.44 50.29
N ILE C 380 -49.42 23.45 50.30
CA ILE C 380 -48.93 22.86 51.54
C ILE C 380 -47.49 23.29 51.83
N GLN C 381 -47.20 23.55 53.10
CA GLN C 381 -45.85 23.90 53.53
C GLN C 381 -45.26 22.82 54.42
N VAL C 382 -44.09 22.31 54.03
CA VAL C 382 -43.45 21.22 54.74
C VAL C 382 -42.54 21.77 55.85
N GLY C 383 -42.20 20.92 56.82
CA GLY C 383 -41.31 21.30 57.90
C GLY C 383 -39.86 21.35 57.46
N ALA C 384 -38.96 21.52 58.43
CA ALA C 384 -37.54 21.61 58.13
C ALA C 384 -36.67 21.25 59.33
N GLN C 385 -35.94 20.15 59.22
CA GLN C 385 -35.01 19.73 60.27
C GLN C 385 -33.66 20.40 60.05
N THR C 386 -32.97 20.01 58.98
CA THR C 386 -31.73 20.67 58.58
C THR C 386 -31.96 21.44 57.29
N GLU C 387 -30.92 21.53 56.45
CA GLU C 387 -31.05 22.20 55.17
C GLU C 387 -31.05 21.19 54.02
N THR C 388 -30.42 20.05 54.24
CA THR C 388 -30.41 18.97 53.26
C THR C 388 -31.60 18.05 53.48
N GLU C 389 -32.18 18.12 54.68
CA GLU C 389 -33.34 17.30 55.01
C GLU C 389 -34.61 17.86 54.37
N LEU C 390 -34.73 19.18 54.34
CA LEU C 390 -35.90 19.82 53.76
C LEU C 390 -35.92 19.65 52.25
N LYS C 391 -34.75 19.62 51.63
CA LYS C 391 -34.65 19.40 50.20
C LYS C 391 -34.89 17.94 49.85
N GLU C 392 -34.38 17.04 50.69
CA GLU C 392 -34.60 15.61 50.51
C GLU C 392 -36.07 15.28 50.71
N LYS C 393 -36.70 15.95 51.68
CA LYS C 393 -38.13 15.82 51.90
C LYS C 393 -38.91 16.34 50.69
N LYS C 394 -38.60 17.58 50.29
CA LYS C 394 -39.29 18.23 49.18
C LYS C 394 -39.29 17.39 47.91
N LEU C 395 -38.21 16.65 47.69
CA LEU C 395 -38.11 15.76 46.55
C LEU C 395 -38.97 14.51 46.77
N ARG C 396 -38.99 14.01 48.00
CA ARG C 396 -39.78 12.83 48.35
C ARG C 396 -41.28 13.13 48.29
N VAL C 397 -41.66 14.32 48.74
CA VAL C 397 -43.07 14.70 48.73
C VAL C 397 -43.53 15.08 47.33
N GLU C 398 -42.56 15.40 46.47
CA GLU C 398 -42.87 15.73 45.08
C GLU C 398 -43.22 14.46 44.33
N ASP C 399 -42.41 13.42 44.53
CA ASP C 399 -42.64 12.13 43.92
C ASP C 399 -43.86 11.46 44.56
N ALA C 400 -44.16 11.85 45.80
CA ALA C 400 -45.31 11.32 46.51
C ALA C 400 -46.61 11.85 45.94
N LEU C 401 -46.70 13.18 45.83
CA LEU C 401 -47.90 13.83 45.30
C LEU C 401 -48.21 13.38 43.87
N ASN C 402 -47.17 13.33 43.05
CA ASN C 402 -47.32 12.94 41.66
C ASN C 402 -47.78 11.49 41.52
N ALA C 403 -47.38 10.67 42.48
CA ALA C 403 -47.77 9.26 42.49
C ALA C 403 -49.19 9.09 43.01
N THR C 404 -49.51 9.78 44.09
CA THR C 404 -50.85 9.70 44.68
C THR C 404 -51.91 10.21 43.72
N ARG C 405 -51.58 11.28 42.99
CA ARG C 405 -52.49 11.82 41.99
C ARG C 405 -52.66 10.84 40.84
N ALA C 406 -51.57 10.21 40.43
CA ALA C 406 -51.59 9.25 39.33
C ALA C 406 -52.36 7.99 39.71
N ALA C 407 -52.46 7.74 41.01
CA ALA C 407 -53.16 6.55 41.52
C ALA C 407 -54.65 6.83 41.68
N VAL C 408 -54.98 7.96 42.27
CA VAL C 408 -56.37 8.31 42.55
C VAL C 408 -57.13 8.65 41.27
N GLU C 409 -56.39 8.95 40.21
CA GLU C 409 -57.00 9.37 38.95
C GLU C 409 -57.63 8.20 38.20
N GLU C 410 -56.84 7.17 37.94
CA GLU C 410 -57.29 6.04 37.11
C GLU C 410 -57.52 4.77 37.92
N GLY C 411 -57.08 4.77 39.17
CA GLY C 411 -57.19 3.58 40.01
C GLY C 411 -55.83 3.00 40.31
N VAL C 412 -55.81 1.83 40.95
CA VAL C 412 -54.57 1.22 41.39
C VAL C 412 -54.50 -0.26 40.99
N VAL C 413 -53.29 -0.72 40.66
CA VAL C 413 -53.07 -2.12 40.29
C VAL C 413 -51.81 -2.64 40.99
N PRO C 414 -51.76 -3.96 41.24
CA PRO C 414 -50.59 -4.56 41.91
C PRO C 414 -49.30 -4.33 41.14
N GLY C 415 -48.33 -3.68 41.79
CA GLY C 415 -47.08 -3.33 41.14
C GLY C 415 -46.13 -4.49 40.93
N GLY C 416 -44.85 -4.17 40.74
CA GLY C 416 -43.84 -5.18 40.52
C GLY C 416 -43.89 -5.77 39.13
N GLY C 417 -44.74 -5.21 38.29
CA GLY C 417 -44.92 -5.69 36.93
C GLY C 417 -45.72 -6.97 36.85
N CYS C 418 -46.19 -7.43 38.00
CA CYS C 418 -46.96 -8.67 38.08
C CYS C 418 -48.32 -8.52 37.41
N THR C 419 -48.83 -7.29 37.40
CA THR C 419 -50.11 -7.00 36.76
C THR C 419 -50.04 -7.27 35.26
N LEU C 420 -48.82 -7.18 34.71
CA LEU C 420 -48.61 -7.43 33.29
C LEU C 420 -48.71 -8.93 32.98
N LEU C 421 -48.35 -9.75 33.96
CA LEU C 421 -48.48 -11.20 33.80
C LEU C 421 -49.96 -11.59 33.80
N ARG C 422 -50.69 -11.07 34.78
CA ARG C 422 -52.11 -11.32 34.90
C ARG C 422 -52.87 -10.83 33.66
N LEU C 423 -52.36 -9.74 33.07
CA LEU C 423 -52.93 -9.23 31.83
C LEU C 423 -52.53 -10.11 30.65
N SER C 424 -51.42 -10.82 30.80
CA SER C 424 -50.90 -11.66 29.73
C SER C 424 -51.61 -13.01 29.68
N GLU C 425 -52.02 -13.49 30.84
CA GLU C 425 -52.69 -14.79 30.91
C GLU C 425 -54.20 -14.65 30.73
N LYS C 426 -54.60 -13.75 29.82
CA LYS C 426 -56.01 -13.57 29.50
C LYS C 426 -56.17 -13.33 28.00
N VAL C 427 -55.08 -13.38 27.27
CA VAL C 427 -55.12 -13.27 25.82
C VAL C 427 -55.34 -14.64 25.20
N ASP C 428 -55.12 -15.68 26.01
CA ASP C 428 -55.29 -17.06 25.56
C ASP C 428 -56.76 -17.40 25.39
N VAL C 429 -57.62 -16.64 26.04
CA VAL C 429 -59.06 -16.85 25.96
C VAL C 429 -59.69 -15.94 24.93
N ILE C 430 -58.88 -15.08 24.32
CA ILE C 430 -59.39 -14.12 23.35
C ILE C 430 -59.54 -14.73 21.96
N LYS C 431 -60.78 -14.99 21.58
CA LYS C 431 -61.11 -15.45 20.23
C LYS C 431 -61.66 -14.29 19.41
N ARG C 432 -60.85 -13.75 18.52
CA ARG C 432 -61.21 -12.55 17.78
C ARG C 432 -61.93 -12.83 16.47
N ARG C 433 -62.14 -11.76 15.70
CA ARG C 433 -62.85 -11.84 14.43
C ARG C 433 -62.05 -11.12 13.34
N MET C 434 -61.85 -11.76 12.19
CA MET C 434 -62.40 -13.08 11.89
C MET C 434 -61.44 -14.20 12.27
N THR C 435 -60.73 -14.03 13.38
CA THR C 435 -59.86 -15.05 13.94
C THR C 435 -58.84 -15.59 12.94
N ASP C 436 -58.42 -14.75 11.99
CA ASP C 436 -57.35 -15.13 11.08
C ASP C 436 -56.07 -15.31 11.88
N PRO C 437 -55.27 -16.33 11.51
CA PRO C 437 -54.08 -16.72 12.28
C PRO C 437 -53.13 -15.57 12.57
N GLU C 438 -53.05 -14.59 11.67
CA GLU C 438 -52.14 -13.46 11.84
C GLU C 438 -52.48 -12.65 13.09
N GLN C 439 -53.77 -12.43 13.32
CA GLN C 439 -54.21 -11.68 14.51
C GLN C 439 -53.91 -12.49 15.77
N GLN C 440 -53.94 -13.81 15.65
CA GLN C 440 -53.60 -14.68 16.78
C GLN C 440 -52.12 -14.58 17.09
N MET C 441 -51.31 -14.37 16.06
CA MET C 441 -49.88 -14.16 16.24
C MET C 441 -49.67 -12.89 17.04
N GLY C 442 -50.42 -11.84 16.69
CA GLY C 442 -50.33 -10.56 17.38
C GLY C 442 -50.71 -10.65 18.84
N ALA C 443 -51.61 -11.56 19.16
CA ALA C 443 -51.99 -11.80 20.55
C ALA C 443 -50.85 -12.49 21.30
N ASP C 444 -50.28 -13.51 20.66
CA ASP C 444 -49.15 -14.23 21.24
C ASP C 444 -47.94 -13.31 21.37
N ILE C 445 -47.84 -12.33 20.49
CA ILE C 445 -46.77 -11.34 20.55
C ILE C 445 -46.96 -10.46 21.79
N ILE C 446 -48.19 -10.01 22.00
CA ILE C 446 -48.52 -9.23 23.19
C ILE C 446 -48.27 -10.04 24.45
N LYS C 447 -48.57 -11.34 24.39
CA LYS C 447 -48.34 -12.26 25.51
C LYS C 447 -46.87 -12.32 25.88
N ARG C 448 -46.03 -12.68 24.91
CA ARG C 448 -44.61 -12.87 25.16
C ARG C 448 -43.90 -11.54 25.42
N ALA C 449 -44.51 -10.45 24.97
CA ALA C 449 -43.93 -9.12 25.20
C ALA C 449 -44.17 -8.66 26.63
N LEU C 450 -45.37 -8.91 27.14
CA LEU C 450 -45.71 -8.56 28.51
C LEU C 450 -44.90 -9.37 29.51
N CYS C 451 -44.31 -10.46 29.03
CA CYS C 451 -43.48 -11.31 29.86
C CYS C 451 -42.11 -10.68 30.11
N TYR C 452 -41.66 -9.87 29.16
CA TYR C 452 -40.33 -9.26 29.23
C TYR C 452 -40.08 -8.35 30.46
N PRO C 453 -41.02 -7.43 30.79
CA PRO C 453 -40.72 -6.52 31.91
C PRO C 453 -40.39 -7.22 33.23
N ILE C 454 -41.21 -8.19 33.64
CA ILE C 454 -40.98 -8.89 34.90
C ILE C 454 -39.67 -9.68 34.84
N LYS C 455 -39.34 -10.18 33.66
CA LYS C 455 -38.14 -10.98 33.46
C LYS C 455 -36.90 -10.12 33.70
N LEU C 456 -36.87 -8.94 33.08
CA LEU C 456 -35.74 -8.03 33.22
C LEU C 456 -35.61 -7.48 34.63
N ILE C 457 -36.74 -7.30 35.31
CA ILE C 457 -36.72 -6.83 36.69
C ILE C 457 -36.09 -7.88 37.61
N ALA C 458 -36.54 -9.12 37.47
CA ALA C 458 -36.02 -10.22 38.28
C ALA C 458 -34.58 -10.55 37.90
N GLN C 459 -34.28 -10.55 36.61
CA GLN C 459 -32.94 -10.89 36.12
C GLN C 459 -31.87 -9.95 36.64
N ASN C 460 -32.07 -8.65 36.44
CA ASN C 460 -31.07 -7.66 36.85
C ASN C 460 -31.09 -7.44 38.36
N ALA C 461 -32.01 -8.11 39.05
CA ALA C 461 -32.05 -8.10 40.50
C ALA C 461 -31.07 -9.10 41.07
N GLY C 462 -30.98 -10.27 40.43
CA GLY C 462 -30.03 -11.30 40.83
C GLY C 462 -30.64 -12.68 40.97
N VAL C 463 -31.83 -12.88 40.40
CA VAL C 463 -32.50 -14.17 40.49
C VAL C 463 -33.19 -14.52 39.17
N ASN C 464 -33.32 -15.82 38.90
CA ASN C 464 -33.98 -16.29 37.68
C ASN C 464 -35.42 -15.82 37.61
N GLY C 465 -35.82 -15.30 36.44
CA GLY C 465 -37.16 -14.79 36.26
C GLY C 465 -38.12 -15.86 35.78
N SER C 466 -37.57 -16.95 35.25
CA SER C 466 -38.37 -18.06 34.76
C SER C 466 -39.10 -18.76 35.92
N VAL C 467 -38.39 -18.95 37.02
CA VAL C 467 -38.98 -19.59 38.19
C VAL C 467 -39.97 -18.66 38.89
N VAL C 468 -39.69 -17.36 38.81
CA VAL C 468 -40.56 -16.35 39.40
C VAL C 468 -41.90 -16.30 38.66
N MET C 469 -41.84 -16.22 37.33
CA MET C 469 -43.03 -16.18 36.50
C MET C 469 -43.89 -17.43 36.68
N ASN C 470 -43.23 -18.57 36.78
CA ASN C 470 -43.93 -19.84 36.97
C ASN C 470 -44.65 -19.90 38.32
N GLU C 471 -43.97 -19.45 39.37
CA GLU C 471 -44.52 -19.50 40.72
C GLU C 471 -45.75 -18.60 40.88
N VAL C 472 -45.76 -17.49 40.16
CA VAL C 472 -46.87 -16.55 40.22
C VAL C 472 -48.02 -16.99 39.32
N MET C 473 -47.68 -17.59 38.19
CA MET C 473 -48.68 -17.97 37.20
C MET C 473 -49.36 -19.30 37.55
N LYS C 474 -48.59 -20.26 38.05
CA LYS C 474 -49.14 -21.57 38.41
C LYS C 474 -50.10 -21.44 39.58
N ASN C 475 -49.79 -20.56 40.51
CA ASN C 475 -50.68 -20.25 41.61
C ASN C 475 -51.92 -19.51 41.13
N LEU C 476 -52.93 -19.40 41.98
CA LEU C 476 -54.13 -18.65 41.65
C LEU C 476 -53.76 -17.19 41.40
N ASP C 477 -54.08 -16.71 40.20
CA ASP C 477 -53.69 -15.37 39.78
C ASP C 477 -54.54 -14.28 40.40
N ARG C 478 -55.55 -14.67 41.16
CA ARG C 478 -56.52 -13.73 41.72
C ARG C 478 -56.18 -13.19 43.12
N PRO C 479 -55.80 -14.06 44.07
CA PRO C 479 -55.58 -13.53 45.44
C PRO C 479 -54.38 -12.60 45.60
N HIS C 480 -54.17 -11.70 44.64
CA HIS C 480 -53.11 -10.69 44.72
C HIS C 480 -51.72 -11.27 44.98
N TYR C 481 -51.49 -12.51 44.56
CA TYR C 481 -50.17 -13.13 44.70
C TYR C 481 -49.16 -12.40 43.82
N GLY C 482 -47.99 -12.12 44.38
CA GLY C 482 -46.94 -11.45 43.65
C GLY C 482 -45.55 -11.78 44.15
N TYR C 483 -44.56 -11.10 43.61
CA TYR C 483 -43.17 -11.33 44.00
C TYR C 483 -42.44 -10.01 44.20
N ASN C 484 -42.26 -9.62 45.46
CA ASN C 484 -41.52 -8.40 45.78
C ASN C 484 -40.01 -8.64 45.68
N ALA C 485 -39.41 -8.05 44.64
CA ALA C 485 -37.99 -8.26 44.38
C ALA C 485 -37.09 -7.57 45.40
N ALA C 486 -37.66 -6.62 46.13
CA ALA C 486 -36.91 -5.88 47.14
C ALA C 486 -36.63 -6.76 48.36
N THR C 487 -37.51 -7.73 48.61
CA THR C 487 -37.35 -8.61 49.76
C THR C 487 -37.11 -10.06 49.33
N ASP C 488 -37.40 -10.35 48.07
CA ASP C 488 -37.24 -11.69 47.51
C ASP C 488 -38.01 -12.72 48.34
N SER C 489 -39.34 -12.66 48.25
CA SER C 489 -40.19 -13.59 48.99
C SER C 489 -41.61 -13.62 48.43
N PHE C 490 -42.27 -14.77 48.56
CA PHE C 490 -43.66 -14.89 48.12
C PHE C 490 -44.56 -14.06 49.01
N GLU C 491 -45.18 -13.03 48.43
CA GLU C 491 -46.02 -12.11 49.19
C GLU C 491 -47.18 -11.59 48.36
N ASN C 492 -48.16 -11.01 49.05
CA ASN C 492 -49.26 -10.32 48.39
C ASN C 492 -48.93 -8.84 48.20
N LEU C 493 -48.91 -8.40 46.95
CA LEU C 493 -48.44 -7.06 46.60
C LEU C 493 -49.26 -5.94 47.23
N MET C 494 -50.50 -6.23 47.59
CA MET C 494 -51.38 -5.22 48.15
C MET C 494 -51.00 -4.84 49.58
N GLU C 495 -51.09 -5.81 50.48
CA GLU C 495 -50.86 -5.55 51.91
C GLU C 495 -49.40 -5.27 52.24
N THR C 496 -48.50 -5.71 51.37
CA THR C 496 -47.08 -5.50 51.60
C THR C 496 -46.68 -4.05 51.38
N GLY C 497 -47.08 -3.49 50.24
CA GLY C 497 -46.81 -2.09 49.96
C GLY C 497 -46.13 -1.85 48.62
N ILE C 498 -46.34 -2.76 47.68
CA ILE C 498 -45.77 -2.64 46.34
C ILE C 498 -46.89 -2.49 45.33
N ILE C 499 -47.21 -1.25 44.99
CA ILE C 499 -48.35 -0.95 44.14
C ILE C 499 -47.96 0.01 43.02
N ASP C 500 -48.58 -0.17 41.84
CA ASP C 500 -48.40 0.74 40.72
C ASP C 500 -49.72 1.39 40.34
N PRO C 501 -49.70 2.69 40.04
CA PRO C 501 -50.91 3.36 39.56
C PRO C 501 -51.35 2.81 38.20
N SER C 502 -52.65 2.58 38.03
CA SER C 502 -53.17 1.97 36.81
C SER C 502 -53.01 2.88 35.60
N LYS C 503 -52.89 4.18 35.85
CA LYS C 503 -52.71 5.16 34.77
C LYS C 503 -51.36 4.93 34.08
N VAL C 504 -50.33 4.69 34.87
CA VAL C 504 -48.99 4.43 34.35
C VAL C 504 -48.98 3.17 33.47
N VAL C 505 -49.61 2.11 33.98
CA VAL C 505 -49.66 0.85 33.25
C VAL C 505 -50.43 0.98 31.93
N ARG C 506 -51.56 1.66 31.98
CA ARG C 506 -52.40 1.82 30.79
C ARG C 506 -51.72 2.68 29.73
N CYS C 507 -51.17 3.81 30.15
CA CYS C 507 -50.53 4.75 29.23
C CYS C 507 -49.28 4.15 28.59
N SER C 508 -48.45 3.51 29.40
CA SER C 508 -47.20 2.92 28.90
C SER C 508 -47.48 1.75 27.96
N MET C 509 -48.59 1.07 28.20
CA MET C 509 -48.97 -0.09 27.41
C MET C 509 -49.53 0.34 26.05
N GLU C 510 -50.44 1.31 26.07
CA GLU C 510 -51.04 1.82 24.84
C GLU C 510 -50.02 2.52 23.95
N ASN C 511 -49.16 3.33 24.57
CA ASN C 511 -48.13 4.05 23.82
C ASN C 511 -47.11 3.12 23.19
N ALA C 512 -46.76 2.07 23.92
CA ALA C 512 -45.80 1.08 23.43
C ALA C 512 -46.34 0.37 22.20
N VAL C 513 -47.64 0.08 22.21
CA VAL C 513 -48.29 -0.53 21.06
C VAL C 513 -48.42 0.49 19.93
N SER C 514 -48.62 1.76 20.31
CA SER C 514 -48.76 2.84 19.35
C SER C 514 -47.49 3.04 18.51
N VAL C 515 -46.33 3.02 19.17
CA VAL C 515 -45.08 3.20 18.45
C VAL C 515 -44.68 1.92 17.72
N ALA C 516 -45.03 0.77 18.30
CA ALA C 516 -44.79 -0.51 17.66
C ALA C 516 -45.71 -0.64 16.44
N LYS C 517 -46.88 0.00 16.51
CA LYS C 517 -47.80 0.04 15.39
C LYS C 517 -47.15 0.71 14.19
N THR C 518 -46.62 1.91 14.42
CA THR C 518 -46.00 2.69 13.37
C THR C 518 -44.54 2.28 13.16
N PHE C 519 -44.17 1.13 13.73
CA PHE C 519 -42.82 0.60 13.57
C PHE C 519 -42.83 -0.53 12.57
N LEU C 520 -43.65 -1.55 12.84
CA LEU C 520 -43.74 -2.72 11.98
C LEU C 520 -44.44 -2.37 10.68
N LEU C 521 -45.24 -1.31 10.70
CA LEU C 521 -45.95 -0.86 9.51
C LEU C 521 -45.01 -0.12 8.57
N ALA C 522 -43.85 0.27 9.08
CA ALA C 522 -42.84 0.94 8.26
C ALA C 522 -42.19 -0.03 7.30
N ASP C 523 -41.84 0.45 6.12
CA ASP C 523 -41.22 -0.40 5.11
C ASP C 523 -40.10 0.34 4.38
N VAL C 524 -40.13 1.67 4.45
CA VAL C 524 -39.07 2.50 3.86
C VAL C 524 -38.68 3.63 4.80
N VAL C 525 -37.38 3.78 5.05
CA VAL C 525 -36.86 4.83 5.92
C VAL C 525 -35.91 5.75 5.17
N VAL C 526 -36.15 7.06 5.27
CA VAL C 526 -35.29 8.03 4.61
C VAL C 526 -34.48 8.84 5.63
N THR C 527 -33.37 9.42 5.17
CA THR C 527 -32.46 10.13 6.05
C THR C 527 -31.54 11.07 5.26
N GLU C 528 -31.47 12.32 5.68
CA GLU C 528 -30.54 13.26 5.07
C GLU C 528 -29.12 12.92 5.51
N LEU C 529 -28.18 12.92 4.57
CA LEU C 529 -26.81 12.50 4.87
C LEU C 529 -25.85 13.69 4.95
N LYS C 530 -24.58 13.39 5.20
CA LYS C 530 -23.55 14.41 5.38
C LYS C 530 -23.31 15.20 4.10
N GLU C 531 -22.69 14.55 3.12
CA GLU C 531 -22.34 15.20 1.86
C GLU C 531 -23.50 15.15 0.88
N GLU D 4 -17.22 22.82 -16.73
CA GLU D 4 -18.19 22.94 -15.65
C GLU D 4 -19.51 22.24 -16.01
N LEU D 5 -19.52 21.54 -17.13
CA LEU D 5 -20.69 20.77 -17.56
C LEU D 5 -20.28 19.32 -17.85
N HIS D 6 -21.10 18.38 -17.41
CA HIS D 6 -20.82 16.96 -17.62
C HIS D 6 -21.69 16.41 -18.76
N PHE D 7 -21.28 15.27 -19.31
CA PHE D 7 -21.93 14.70 -20.47
C PHE D 7 -22.40 13.26 -20.24
N ASN D 8 -23.66 13.00 -20.59
CA ASN D 8 -24.23 11.66 -20.45
C ASN D 8 -24.96 11.25 -21.72
N LYS D 9 -24.53 10.15 -22.33
CA LYS D 9 -25.12 9.70 -23.59
C LYS D 9 -25.41 8.21 -23.63
N ASP D 10 -25.92 7.76 -24.78
CA ASP D 10 -26.20 6.36 -25.09
C ASP D 10 -27.38 5.81 -24.27
N MET D 11 -27.48 4.49 -24.23
CA MET D 11 -28.61 3.79 -23.64
C MET D 11 -28.54 3.71 -22.13
N GLN D 12 -27.33 3.67 -21.59
CA GLN D 12 -27.14 3.53 -20.15
C GLN D 12 -27.44 4.81 -19.39
N ALA D 13 -27.30 5.95 -20.06
CA ALA D 13 -27.62 7.24 -19.44
C ALA D 13 -29.11 7.33 -19.15
N LEU D 14 -29.91 6.70 -20.00
CA LEU D 14 -31.35 6.61 -19.81
C LEU D 14 -31.70 5.77 -18.60
N LYS D 15 -30.99 4.66 -18.44
CA LYS D 15 -31.23 3.73 -17.34
C LYS D 15 -30.87 4.32 -15.98
N ARG D 16 -29.99 5.31 -16.00
CA ARG D 16 -29.57 5.96 -14.76
C ARG D 16 -30.74 6.68 -14.08
N MET D 17 -31.36 7.60 -14.82
CA MET D 17 -32.49 8.34 -14.28
C MET D 17 -33.72 7.44 -14.16
N GLN D 18 -33.77 6.39 -14.97
CA GLN D 18 -34.85 5.41 -14.88
C GLN D 18 -34.81 4.72 -13.52
N ALA D 19 -33.60 4.50 -13.03
CA ALA D 19 -33.39 3.91 -11.71
C ALA D 19 -33.82 4.87 -10.61
N GLY D 20 -33.53 6.14 -10.81
CA GLY D 20 -33.93 7.17 -9.86
C GLY D 20 -35.42 7.35 -9.84
N VAL D 21 -36.03 7.29 -11.02
CA VAL D 21 -37.48 7.30 -11.13
C VAL D 21 -38.07 6.09 -10.44
N ASP D 22 -37.49 4.93 -10.70
CA ASP D 22 -37.96 3.67 -10.13
C ASP D 22 -37.85 3.68 -8.60
N LYS D 23 -36.85 4.39 -8.09
CA LYS D 23 -36.64 4.47 -6.65
C LYS D 23 -37.63 5.43 -5.99
N LEU D 24 -38.02 6.47 -6.71
CA LEU D 24 -39.02 7.39 -6.20
C LEU D 24 -40.38 6.70 -6.16
N ALA D 25 -40.68 5.93 -7.20
CA ALA D 25 -41.95 5.21 -7.27
C ALA D 25 -41.93 4.00 -6.36
N THR D 26 -40.77 3.68 -5.81
CA THR D 26 -40.64 2.56 -4.89
C THR D 26 -41.12 2.94 -3.50
N VAL D 27 -40.75 4.14 -3.04
CA VAL D 27 -41.16 4.62 -1.73
C VAL D 27 -42.61 5.13 -1.75
N VAL D 28 -43.01 5.74 -2.85
CA VAL D 28 -44.39 6.18 -3.02
C VAL D 28 -45.26 4.97 -3.32
N GLY D 29 -44.64 3.92 -3.85
CA GLY D 29 -45.33 2.69 -4.16
C GLY D 29 -45.84 1.94 -2.95
N VAL D 30 -45.07 1.98 -1.87
CA VAL D 30 -45.46 1.30 -0.64
C VAL D 30 -46.42 2.18 0.17
N THR D 31 -46.60 3.41 -0.30
CA THR D 31 -47.49 4.37 0.32
C THR D 31 -48.93 4.14 -0.12
N ILE D 32 -49.09 3.78 -1.39
CA ILE D 32 -50.40 3.62 -1.99
C ILE D 32 -51.24 2.54 -1.30
N GLY D 33 -52.55 2.59 -1.51
CA GLY D 33 -53.45 1.58 -0.98
C GLY D 33 -54.06 1.96 0.34
N PRO D 34 -55.24 1.39 0.64
CA PRO D 34 -55.90 1.60 1.93
C PRO D 34 -55.04 1.09 3.09
N LYS D 35 -54.38 -0.04 2.88
CA LYS D 35 -53.44 -0.58 3.86
C LYS D 35 -52.02 -0.11 3.56
N GLY D 36 -51.86 1.19 3.36
CA GLY D 36 -50.56 1.77 3.04
C GLY D 36 -49.56 1.61 4.16
N ARG D 37 -48.28 1.57 3.79
CA ARG D 37 -47.21 1.41 4.77
C ARG D 37 -46.68 2.77 5.23
N ASN D 38 -46.14 2.81 6.44
CA ASN D 38 -45.61 4.05 7.00
C ASN D 38 -44.20 4.35 6.49
N VAL D 39 -43.95 5.60 6.14
CA VAL D 39 -42.62 6.02 5.71
C VAL D 39 -42.04 6.99 6.73
N VAL D 40 -40.91 6.62 7.32
CA VAL D 40 -40.32 7.42 8.39
C VAL D 40 -39.32 8.45 7.85
N LEU D 41 -39.62 9.73 8.09
CA LEU D 41 -38.76 10.82 7.65
C LEU D 41 -37.94 11.39 8.81
N GLU D 42 -36.68 11.67 8.55
CA GLU D 42 -35.83 12.31 9.54
C GLU D 42 -36.25 13.78 9.70
N SER D 43 -36.29 14.25 10.94
CA SER D 43 -36.72 15.61 11.21
C SER D 43 -35.60 16.62 10.98
N LYS D 44 -35.99 17.84 10.65
CA LYS D 44 -35.01 18.92 10.49
C LYS D 44 -34.30 19.20 11.81
N PHE D 45 -35.02 19.02 12.92
CA PHE D 45 -34.48 19.23 14.25
C PHE D 45 -35.42 18.67 15.31
N GLY D 46 -35.20 17.42 15.70
CA GLY D 46 -35.99 16.81 16.75
C GLY D 46 -36.58 15.45 16.41
N ALA D 47 -37.79 15.22 16.92
CA ALA D 47 -38.45 13.93 16.76
C ALA D 47 -38.89 13.68 15.32
N PRO D 48 -38.76 12.44 14.84
CA PRO D 48 -39.09 12.01 13.47
C PRO D 48 -40.53 12.34 13.05
N LYS D 49 -40.82 12.18 11.77
CA LYS D 49 -42.13 12.48 11.22
C LYS D 49 -42.64 11.34 10.35
N ILE D 50 -43.61 10.58 10.86
CA ILE D 50 -44.19 9.47 10.11
C ILE D 50 -45.12 9.98 9.03
N VAL D 51 -45.03 9.40 7.83
CA VAL D 51 -45.81 9.86 6.69
C VAL D 51 -46.63 8.72 6.06
N ASN D 52 -47.91 8.99 5.83
CA ASN D 52 -48.77 8.04 5.14
C ASN D 52 -49.22 8.57 3.79
N ASP D 53 -48.94 9.85 3.55
CA ASP D 53 -49.30 10.50 2.29
C ASP D 53 -48.22 10.29 1.24
N GLY D 54 -48.60 10.36 -0.03
CA GLY D 54 -47.64 10.28 -1.11
C GLY D 54 -47.17 11.66 -1.50
N VAL D 55 -47.87 12.68 -1.01
CA VAL D 55 -47.54 14.06 -1.30
C VAL D 55 -46.27 14.49 -0.58
N THR D 56 -46.23 14.26 0.73
CA THR D 56 -45.09 14.66 1.54
C THR D 56 -43.83 13.88 1.13
N ILE D 57 -44.01 12.64 0.71
CA ILE D 57 -42.90 11.82 0.26
C ILE D 57 -42.27 12.38 -1.01
N ALA D 58 -43.09 12.61 -2.02
CA ALA D 58 -42.63 13.13 -3.30
C ALA D 58 -41.99 14.51 -3.16
N ARG D 59 -42.39 15.24 -2.12
CA ARG D 59 -41.87 16.57 -1.85
C ARG D 59 -40.43 16.53 -1.33
N GLU D 60 -40.13 15.52 -0.52
CA GLU D 60 -38.86 15.47 0.21
C GLU D 60 -37.78 14.66 -0.50
N VAL D 61 -38.18 13.80 -1.43
CA VAL D 61 -37.23 12.89 -2.07
C VAL D 61 -36.34 13.59 -3.11
N GLU D 62 -35.03 13.41 -2.96
CA GLU D 62 -34.06 13.88 -3.94
C GLU D 62 -32.73 13.17 -3.73
N LEU D 63 -32.36 12.33 -4.70
CA LEU D 63 -31.20 11.45 -4.57
C LEU D 63 -29.88 12.20 -4.78
N SER D 64 -28.78 11.49 -4.62
CA SER D 64 -27.44 12.07 -4.75
C SER D 64 -27.06 12.24 -6.22
N ASP D 65 -26.96 11.12 -6.92
CA ASP D 65 -26.58 11.11 -8.33
C ASP D 65 -27.49 12.00 -9.16
N PRO D 66 -26.95 13.10 -9.70
CA PRO D 66 -27.70 14.15 -10.41
C PRO D 66 -28.61 13.64 -11.52
N VAL D 67 -28.16 12.66 -12.31
CA VAL D 67 -28.98 12.15 -13.41
C VAL D 67 -30.24 11.47 -12.90
N GLU D 68 -30.10 10.62 -11.88
CA GLU D 68 -31.24 9.91 -11.33
C GLU D 68 -32.02 10.81 -10.38
N ASN D 69 -31.41 11.94 -10.00
CA ASN D 69 -32.09 12.92 -9.18
C ASN D 69 -33.02 13.78 -10.03
N ILE D 70 -32.51 14.27 -11.16
CA ILE D 70 -33.32 15.08 -12.06
C ILE D 70 -34.33 14.20 -12.81
N GLY D 71 -34.08 12.90 -12.79
CA GLY D 71 -35.03 11.95 -13.35
C GLY D 71 -36.21 11.79 -12.41
N ALA D 72 -35.90 11.66 -11.12
CA ALA D 72 -36.92 11.55 -10.09
C ALA D 72 -37.70 12.85 -9.98
N THR D 73 -36.99 13.97 -10.13
CA THR D 73 -37.62 15.28 -10.10
C THR D 73 -38.51 15.47 -11.33
N LEU D 74 -38.13 14.83 -12.42
CA LEU D 74 -38.90 14.91 -13.67
C LEU D 74 -40.28 14.30 -13.49
N VAL D 75 -40.38 13.30 -12.63
CA VAL D 75 -41.65 12.66 -12.29
C VAL D 75 -42.38 13.45 -11.22
N ARG D 76 -41.61 14.06 -10.32
CA ARG D 76 -42.16 14.91 -9.27
C ARG D 76 -42.97 16.05 -9.86
N GLN D 77 -42.57 16.52 -11.04
CA GLN D 77 -43.32 17.53 -11.76
C GLN D 77 -44.72 17.03 -12.10
N ALA D 78 -44.79 15.79 -12.59
CA ALA D 78 -46.07 15.19 -12.96
C ALA D 78 -46.96 14.95 -11.74
N ALA D 79 -46.34 14.53 -10.65
CA ALA D 79 -47.07 14.26 -9.42
C ALA D 79 -47.63 15.54 -8.83
N ALA D 80 -46.79 16.58 -8.77
CA ALA D 80 -47.21 17.87 -8.24
C ALA D 80 -48.25 18.53 -9.13
N ARG D 81 -48.05 18.45 -10.44
CA ARG D 81 -48.97 19.06 -11.39
C ARG D 81 -50.35 18.41 -11.30
N THR D 82 -50.37 17.09 -11.12
CA THR D 82 -51.61 16.36 -10.94
C THR D 82 -52.33 16.78 -9.66
N ASN D 83 -51.55 17.01 -8.61
CA ASN D 83 -52.11 17.36 -7.31
C ASN D 83 -52.75 18.74 -7.28
N ASP D 84 -52.14 19.71 -7.96
CA ASP D 84 -52.66 21.07 -7.91
C ASP D 84 -53.60 21.37 -9.08
N THR D 85 -54.00 20.33 -9.80
CA THR D 85 -54.95 20.49 -10.90
C THR D 85 -56.14 19.56 -10.73
N ALA D 86 -56.03 18.62 -9.79
CA ALA D 86 -57.09 17.65 -9.54
C ALA D 86 -57.38 17.50 -8.06
N GLY D 87 -56.47 18.00 -7.22
CA GLY D 87 -56.65 17.96 -5.78
C GLY D 87 -56.07 16.72 -5.12
N ASP D 88 -55.93 15.64 -5.88
CA ASP D 88 -55.44 14.38 -5.34
C ASP D 88 -54.81 13.52 -6.44
N GLY D 89 -54.11 12.48 -6.04
CA GLY D 89 -53.58 11.51 -6.98
C GLY D 89 -52.12 11.72 -7.34
N THR D 90 -51.27 11.88 -6.33
CA THR D 90 -49.83 11.98 -6.55
C THR D 90 -49.22 10.59 -6.59
N THR D 91 -49.77 9.70 -5.77
CA THR D 91 -49.31 8.32 -5.70
C THR D 91 -49.62 7.61 -7.02
N THR D 92 -50.85 7.76 -7.48
CA THR D 92 -51.29 7.11 -8.72
C THR D 92 -50.54 7.66 -9.92
N ALA D 93 -50.26 8.96 -9.91
CA ALA D 93 -49.54 9.59 -10.99
C ALA D 93 -48.11 9.06 -11.08
N THR D 94 -47.45 8.97 -9.93
CA THR D 94 -46.05 8.53 -9.88
C THR D 94 -45.90 7.07 -10.31
N VAL D 95 -46.73 6.19 -9.76
CA VAL D 95 -46.62 4.77 -10.05
C VAL D 95 -46.96 4.48 -11.51
N LEU D 96 -47.87 5.27 -12.07
CA LEU D 96 -48.22 5.14 -13.49
C LEU D 96 -47.12 5.71 -14.36
N SER D 97 -46.48 6.77 -13.88
CA SER D 97 -45.38 7.40 -14.60
C SER D 97 -44.22 6.44 -14.77
N ALA D 98 -43.77 5.86 -13.66
CA ALA D 98 -42.68 4.89 -13.70
C ALA D 98 -43.09 3.62 -14.44
N ALA D 99 -44.40 3.35 -14.45
CA ALA D 99 -44.94 2.21 -15.17
C ALA D 99 -44.73 2.38 -16.67
N PHE D 100 -45.08 3.55 -17.18
CA PHE D 100 -44.89 3.86 -18.60
C PHE D 100 -43.41 3.88 -18.94
N ILE D 101 -42.60 4.31 -17.99
CA ILE D 101 -41.15 4.38 -18.18
C ILE D 101 -40.52 3.00 -18.21
N ALA D 102 -40.85 2.19 -17.21
CA ALA D 102 -40.30 0.83 -17.09
C ALA D 102 -40.68 -0.04 -18.29
N GLU D 103 -41.98 -0.07 -18.59
CA GLU D 103 -42.47 -0.83 -19.74
C GLU D 103 -42.01 -0.22 -21.05
N GLY D 104 -41.79 1.08 -21.03
CA GLY D 104 -41.33 1.79 -22.22
C GLY D 104 -39.92 1.42 -22.59
N MET D 105 -39.00 1.60 -21.65
CA MET D 105 -37.60 1.28 -21.87
C MET D 105 -37.39 -0.21 -22.13
N LYS D 106 -38.29 -1.03 -21.59
CA LYS D 106 -38.22 -2.48 -21.76
C LYS D 106 -38.42 -2.86 -23.23
N ILE D 107 -39.18 -2.03 -23.94
CA ILE D 107 -39.43 -2.24 -25.36
C ILE D 107 -38.39 -1.48 -26.21
N VAL D 108 -38.05 -0.27 -25.78
CA VAL D 108 -37.03 0.53 -26.46
C VAL D 108 -35.70 -0.20 -26.51
N SER D 109 -35.42 -0.99 -25.47
CA SER D 109 -34.18 -1.75 -25.40
C SER D 109 -34.04 -2.76 -26.54
N ALA D 110 -35.15 -3.04 -27.22
CA ALA D 110 -35.13 -3.92 -28.38
C ALA D 110 -34.88 -3.15 -29.67
N GLY D 111 -34.29 -1.96 -29.54
CA GLY D 111 -33.97 -1.12 -30.68
C GLY D 111 -35.20 -0.58 -31.39
N THR D 112 -36.30 -0.48 -30.65
CA THR D 112 -37.56 0.00 -31.22
C THR D 112 -37.56 1.52 -31.34
N ASN D 113 -38.14 2.03 -32.42
CA ASN D 113 -38.22 3.47 -32.66
C ASN D 113 -39.01 4.18 -31.56
N PRO D 114 -38.34 5.08 -30.82
CA PRO D 114 -38.96 5.82 -29.71
C PRO D 114 -40.04 6.79 -30.19
N VAL D 115 -39.92 7.26 -31.43
CA VAL D 115 -40.87 8.22 -31.99
C VAL D 115 -42.25 7.59 -32.22
N GLN D 116 -42.26 6.41 -32.84
CA GLN D 116 -43.51 5.72 -33.10
C GLN D 116 -44.11 5.16 -31.81
N LEU D 117 -43.25 4.88 -30.85
CA LEU D 117 -43.68 4.37 -29.55
C LEU D 117 -44.43 5.42 -28.75
N VAL D 118 -43.87 6.62 -28.66
CA VAL D 118 -44.49 7.70 -27.90
C VAL D 118 -45.76 8.19 -28.60
N ARG D 119 -45.79 8.07 -29.92
CA ARG D 119 -47.00 8.41 -30.68
C ARG D 119 -48.11 7.42 -30.37
N GLY D 120 -47.73 6.16 -30.20
CA GLY D 120 -48.67 5.11 -29.84
C GLY D 120 -49.23 5.33 -28.44
N MET D 121 -48.36 5.72 -27.51
CA MET D 121 -48.77 5.97 -26.14
C MET D 121 -49.72 7.16 -26.04
N GLU D 122 -49.34 8.27 -26.68
CA GLU D 122 -50.12 9.49 -26.65
C GLU D 122 -51.56 9.28 -27.12
N LYS D 123 -51.70 8.62 -28.27
CA LYS D 123 -53.02 8.39 -28.86
C LYS D 123 -53.81 7.34 -28.08
N THR D 124 -53.11 6.37 -27.50
CA THR D 124 -53.77 5.32 -26.73
C THR D 124 -54.40 5.88 -25.46
N VAL D 125 -53.63 6.65 -24.71
CA VAL D 125 -54.12 7.22 -23.47
C VAL D 125 -55.16 8.30 -23.73
N GLN D 126 -55.02 8.99 -24.87
CA GLN D 126 -55.94 10.06 -25.22
C GLN D 126 -57.31 9.50 -25.56
N GLU D 127 -57.33 8.39 -26.27
CA GLU D 127 -58.58 7.70 -26.59
C GLU D 127 -59.11 7.00 -25.35
N LEU D 128 -58.21 6.70 -24.41
CA LEU D 128 -58.61 6.11 -23.14
C LEU D 128 -59.19 7.18 -22.23
N VAL D 129 -58.78 8.42 -22.45
CA VAL D 129 -59.39 9.57 -21.77
C VAL D 129 -60.78 9.80 -22.33
N LYS D 130 -60.91 9.73 -23.65
CA LYS D 130 -62.21 9.80 -24.31
C LYS D 130 -63.08 8.64 -23.85
N GLU D 131 -62.43 7.54 -23.50
CA GLU D 131 -63.11 6.37 -22.96
C GLU D 131 -63.42 6.58 -21.47
N LEU D 132 -62.57 7.34 -20.81
CA LEU D 132 -62.75 7.60 -19.37
C LEU D 132 -63.99 8.45 -19.11
N ARG D 133 -64.23 9.43 -19.98
CA ARG D 133 -65.42 10.27 -19.87
C ARG D 133 -66.68 9.45 -20.11
N LYS D 134 -66.53 8.33 -20.83
CA LYS D 134 -67.63 7.40 -21.02
C LYS D 134 -67.79 6.51 -19.79
N MET D 135 -66.67 6.18 -19.17
CA MET D 135 -66.66 5.35 -17.97
C MET D 135 -67.26 6.09 -16.76
N SER D 136 -67.16 7.41 -16.79
CA SER D 136 -67.55 8.22 -15.64
C SER D 136 -69.06 8.24 -15.40
N SER D 137 -69.45 8.17 -14.13
CA SER D 137 -70.85 8.31 -13.74
C SER D 137 -71.13 9.75 -13.36
N VAL D 138 -72.18 10.33 -13.94
CA VAL D 138 -72.45 11.75 -13.76
C VAL D 138 -73.41 12.02 -12.60
N VAL D 139 -73.13 13.10 -11.86
CA VAL D 139 -74.03 13.55 -10.80
C VAL D 139 -74.68 14.87 -11.21
N GLN D 140 -76.00 14.92 -11.16
CA GLN D 140 -76.75 16.08 -11.62
C GLN D 140 -77.81 16.53 -10.59
N THR D 141 -78.05 15.71 -9.58
CA THR D 141 -79.05 16.02 -8.56
C THR D 141 -78.43 16.19 -7.17
N ASP D 142 -79.02 17.09 -6.38
CA ASP D 142 -78.48 17.45 -5.07
C ASP D 142 -78.50 16.29 -4.08
N LYS D 143 -79.49 15.40 -4.20
CA LYS D 143 -79.60 14.29 -3.27
C LYS D 143 -78.63 13.16 -3.63
N ASP D 144 -78.33 13.03 -4.92
CA ASP D 144 -77.31 12.08 -5.36
C ASP D 144 -75.95 12.70 -5.05
N LEU D 145 -75.89 14.03 -5.10
CA LEU D 145 -74.70 14.76 -4.70
C LEU D 145 -74.48 14.59 -3.20
N ALA D 146 -75.58 14.45 -2.48
CA ALA D 146 -75.54 14.28 -1.03
C ALA D 146 -74.94 12.93 -0.65
N ASN D 147 -75.38 11.88 -1.33
CA ASN D 147 -74.90 10.54 -1.04
C ASN D 147 -73.44 10.36 -1.45
N VAL D 148 -73.07 11.03 -2.54
CA VAL D 148 -71.69 11.01 -2.99
C VAL D 148 -70.78 11.77 -2.02
N ALA D 149 -71.24 12.93 -1.57
CA ALA D 149 -70.47 13.77 -0.66
C ALA D 149 -70.23 13.10 0.69
N CYS D 150 -71.28 12.48 1.23
CA CYS D 150 -71.20 11.84 2.54
C CYS D 150 -70.28 10.63 2.52
N VAL D 151 -70.35 9.85 1.45
CA VAL D 151 -69.50 8.68 1.30
C VAL D 151 -68.05 9.10 1.08
N SER D 152 -67.85 10.09 0.22
CA SER D 152 -66.52 10.62 -0.03
C SER D 152 -65.93 11.20 1.25
N ALA D 153 -66.80 11.72 2.10
CA ALA D 153 -66.37 12.19 3.42
C ALA D 153 -66.03 11.01 4.31
N GLY D 154 -65.04 11.19 5.19
CA GLY D 154 -64.57 10.13 6.04
C GLY D 154 -65.59 9.67 7.07
N GLY D 155 -65.90 8.37 7.04
CA GLY D 155 -66.78 7.78 8.02
C GLY D 155 -68.24 8.17 7.89
N ASN D 156 -68.80 8.70 8.98
CA ASN D 156 -70.21 9.06 9.03
C ASN D 156 -70.60 10.15 8.04
N THR D 157 -71.90 10.34 7.86
CA THR D 157 -72.41 11.24 6.84
C THR D 157 -72.54 12.67 7.34
N ASP D 158 -73.43 12.87 8.31
CA ASP D 158 -73.82 14.19 8.87
C ASP D 158 -73.10 15.42 8.34
N ILE D 159 -71.77 15.44 8.44
CA ILE D 159 -71.00 16.60 8.00
C ILE D 159 -70.92 16.64 6.47
N GLY D 160 -70.86 15.48 5.83
CA GLY D 160 -70.90 15.40 4.39
C GLY D 160 -72.28 15.74 3.89
N SER D 161 -73.27 15.52 4.76
CA SER D 161 -74.65 15.88 4.47
C SER D 161 -74.85 17.38 4.64
N LEU D 162 -73.91 18.02 5.32
CA LEU D 162 -73.95 19.48 5.51
C LEU D 162 -73.34 20.19 4.30
N ILE D 163 -72.24 19.64 3.80
CA ILE D 163 -71.60 20.17 2.59
C ILE D 163 -72.53 19.98 1.38
N SER D 164 -73.36 18.94 1.45
CA SER D 164 -74.30 18.64 0.38
C SER D 164 -75.27 19.79 0.14
N ASP D 165 -75.95 20.21 1.21
CA ASP D 165 -76.90 21.32 1.12
C ASP D 165 -76.16 22.65 0.99
N ALA D 166 -74.88 22.65 1.34
CA ALA D 166 -74.06 23.85 1.22
C ALA D 166 -73.79 24.17 -0.25
N MET D 167 -73.69 23.13 -1.06
CA MET D 167 -73.49 23.31 -2.49
C MET D 167 -74.81 23.13 -3.24
N ALA D 168 -75.84 22.70 -2.52
CA ALA D 168 -77.18 22.60 -3.10
C ALA D 168 -77.79 24.00 -3.18
N LYS D 169 -77.28 24.92 -2.37
CA LYS D 169 -77.72 26.31 -2.38
C LYS D 169 -77.07 27.04 -3.56
N VAL D 170 -75.74 27.06 -3.58
CA VAL D 170 -75.00 27.63 -4.69
C VAL D 170 -74.82 26.59 -5.79
N GLY D 171 -75.59 26.76 -6.87
CA GLY D 171 -75.64 25.78 -7.94
C GLY D 171 -74.31 25.37 -8.55
N ARG D 172 -73.73 26.26 -9.34
CA ARG D 172 -72.49 25.95 -10.04
C ARG D 172 -71.36 26.91 -9.67
N THR D 173 -70.34 26.97 -10.53
CA THR D 173 -69.19 27.88 -10.42
C THR D 173 -68.59 28.08 -9.03
N GLY D 174 -69.03 27.29 -8.05
CA GLY D 174 -68.54 27.43 -6.69
C GLY D 174 -68.91 28.77 -6.09
N VAL D 175 -68.18 29.19 -5.06
CA VAL D 175 -67.09 28.39 -4.49
C VAL D 175 -67.22 28.32 -2.97
N VAL D 176 -67.23 27.10 -2.44
CA VAL D 176 -67.41 26.88 -1.01
C VAL D 176 -66.09 26.96 -0.25
N THR D 177 -66.07 27.77 0.81
CA THR D 177 -64.92 27.88 1.68
C THR D 177 -65.34 27.52 3.11
N MET D 178 -64.44 26.91 3.86
CA MET D 178 -64.77 26.45 5.21
C MET D 178 -63.99 27.20 6.28
N GLU D 179 -64.49 27.15 7.52
CA GLU D 179 -63.82 27.72 8.68
C GLU D 179 -64.44 27.21 9.97
N GLU D 180 -63.62 27.09 11.01
CA GLU D 180 -64.10 26.56 12.29
C GLU D 180 -64.53 27.69 13.22
N GLY D 181 -65.09 27.31 14.37
CA GLY D 181 -65.54 28.28 15.35
C GLY D 181 -66.98 28.70 15.13
N LYS D 182 -67.67 29.07 16.21
CA LYS D 182 -67.08 29.08 17.54
C LYS D 182 -67.91 28.24 18.51
N THR D 183 -69.17 28.00 18.14
CA THR D 183 -70.07 27.21 18.96
C THR D 183 -70.49 25.94 18.22
N ALA D 184 -70.66 24.85 18.97
CA ALA D 184 -70.92 23.54 18.38
C ALA D 184 -72.28 23.44 17.70
N GLU D 185 -72.33 23.82 16.42
CA GLU D 185 -73.52 23.67 15.60
C GLU D 185 -73.14 23.62 14.12
N ASP D 186 -74.13 23.82 13.25
CA ASP D 186 -73.87 23.91 11.81
C ASP D 186 -74.32 25.26 11.28
N GLN D 187 -73.38 26.20 11.23
CA GLN D 187 -73.68 27.57 10.83
C GLN D 187 -73.30 27.83 9.37
N LEU D 188 -74.31 27.97 8.52
CA LEU D 188 -74.09 28.30 7.12
C LEU D 188 -74.21 29.81 6.91
N VAL D 189 -73.24 30.39 6.22
CA VAL D 189 -73.21 31.83 5.99
C VAL D 189 -72.91 32.16 4.53
N PHE D 190 -73.83 32.91 3.90
CA PHE D 190 -73.60 33.37 2.53
C PHE D 190 -73.37 34.88 2.52
N VAL D 191 -72.28 35.30 1.90
CA VAL D 191 -71.93 36.72 1.85
C VAL D 191 -71.37 37.12 0.48
N GLU D 192 -71.01 38.38 0.35
CA GLU D 192 -70.48 38.90 -0.91
C GLU D 192 -69.01 38.52 -1.07
N GLY D 193 -68.76 37.43 -1.77
CA GLY D 193 -67.39 36.97 -2.00
C GLY D 193 -67.13 36.66 -3.46
N MET D 194 -65.86 36.61 -3.83
CA MET D 194 -65.47 36.37 -5.22
C MET D 194 -64.18 35.58 -5.30
N GLN D 195 -63.90 35.02 -6.47
CA GLN D 195 -62.66 34.29 -6.70
C GLN D 195 -62.17 34.43 -8.14
N PHE D 196 -60.88 34.15 -8.33
CA PHE D 196 -60.28 34.17 -9.66
C PHE D 196 -59.27 33.04 -9.80
N GLU D 197 -58.97 32.67 -11.05
CA GLU D 197 -58.06 31.57 -11.32
C GLU D 197 -56.63 32.05 -11.60
N ARG D 198 -56.15 32.96 -10.76
CA ARG D 198 -54.77 33.42 -10.85
C ARG D 198 -54.02 33.00 -9.59
N GLY D 199 -52.70 33.15 -9.59
CA GLY D 199 -51.89 32.71 -8.47
C GLY D 199 -51.00 33.80 -7.91
N TYR D 200 -50.32 33.49 -6.81
CA TYR D 200 -49.41 34.43 -6.16
C TYR D 200 -48.16 34.65 -7.01
N THR D 201 -47.38 35.67 -6.65
CA THR D 201 -46.15 35.98 -7.37
C THR D 201 -45.00 35.09 -6.92
N SER D 202 -44.82 34.97 -5.61
CA SER D 202 -43.76 34.15 -5.05
C SER D 202 -44.31 33.19 -3.99
N PRO D 203 -43.78 31.96 -3.97
CA PRO D 203 -44.17 30.94 -2.98
C PRO D 203 -43.62 31.24 -1.58
N TYR D 204 -43.04 32.42 -1.40
CA TYR D 204 -42.45 32.80 -0.12
C TYR D 204 -43.43 33.60 0.73
N PHE D 205 -44.63 33.80 0.21
CA PHE D 205 -45.67 34.54 0.92
C PHE D 205 -46.57 33.62 1.74
N VAL D 206 -46.33 32.30 1.68
CA VAL D 206 -47.18 31.32 2.37
C VAL D 206 -47.26 31.62 3.86
N THR D 207 -48.38 31.77 4.43
CA THR D 207 -48.63 32.12 5.81
C THR D 207 -48.42 30.94 6.75
N ASP D 208 -49.14 29.85 6.52
CA ASP D 208 -49.09 28.70 7.41
C ASP D 208 -48.90 27.37 6.68
N PRO D 209 -47.64 26.94 6.52
CA PRO D 209 -47.30 25.61 6.01
C PRO D 209 -47.75 24.53 7.00
N GLU D 210 -47.92 23.29 6.56
CA GLU D 210 -47.65 22.84 5.20
C GLU D 210 -48.82 23.10 4.24
N ARG D 211 -49.81 23.85 4.71
CA ARG D 211 -50.94 24.21 3.87
C ARG D 211 -50.51 25.24 2.83
N MET D 212 -49.40 25.91 3.10
CA MET D 212 -48.81 26.96 2.26
C MET D 212 -49.84 27.86 1.58
N ILE D 213 -50.90 28.18 2.31
CA ILE D 213 -51.96 29.05 1.81
C ILE D 213 -51.99 30.36 2.59
N CYS D 214 -51.88 31.47 1.87
CA CYS D 214 -51.86 32.79 2.50
C CYS D 214 -53.27 33.28 2.84
N GLU D 215 -53.57 33.27 4.18
CA GLU D 215 -54.85 33.76 4.69
C GLU D 215 -54.68 34.97 5.61
N TYR D 216 -55.50 36.01 5.37
CA TYR D 216 -55.42 37.20 6.20
C TYR D 216 -56.81 37.73 6.53
N GLU D 217 -56.97 38.27 7.74
CA GLU D 217 -58.26 38.77 8.20
C GLU D 217 -58.25 40.28 8.42
N ASN D 218 -59.35 40.93 8.06
CA ASN D 218 -59.51 42.37 8.22
C ASN D 218 -58.40 43.16 7.53
N CYS D 219 -58.42 43.15 6.19
CA CYS D 219 -57.36 43.80 5.42
C CYS D 219 -57.92 44.58 4.23
N LYS D 220 -57.30 45.71 3.93
CA LYS D 220 -57.70 46.54 2.81
C LYS D 220 -57.13 46.01 1.50
N ILE D 221 -57.74 46.39 0.38
CA ILE D 221 -57.32 45.91 -0.94
C ILE D 221 -56.89 47.07 -1.83
N LEU D 222 -56.08 46.78 -2.84
CA LEU D 222 -55.60 47.80 -3.77
C LEU D 222 -55.23 47.16 -5.11
N LEU D 223 -55.74 47.74 -6.20
CA LEU D 223 -55.48 47.17 -7.52
C LEU D 223 -55.45 48.22 -8.65
N VAL D 224 -54.54 48.01 -9.59
CA VAL D 224 -54.48 48.79 -10.82
C VAL D 224 -54.30 47.82 -11.99
N ASP D 225 -54.23 48.34 -13.21
CA ASP D 225 -54.08 47.49 -14.40
C ASP D 225 -52.65 47.50 -14.94
N LYS D 226 -51.99 48.64 -14.83
CA LYS D 226 -50.65 48.80 -15.38
C LYS D 226 -49.60 48.07 -14.55
N LYS D 227 -48.40 47.91 -15.12
CA LYS D 227 -47.29 47.28 -14.44
C LYS D 227 -46.66 48.23 -13.43
N ILE D 228 -46.30 47.70 -12.26
CA ILE D 228 -45.70 48.52 -11.21
C ILE D 228 -44.22 48.19 -11.02
N SER D 229 -43.40 49.24 -10.95
CA SER D 229 -41.96 49.08 -10.75
C SER D 229 -41.45 50.10 -9.74
N THR D 230 -42.07 51.27 -9.72
CA THR D 230 -41.71 52.30 -8.76
C THR D 230 -42.09 51.86 -7.35
N ALA D 231 -41.33 52.32 -6.36
CA ALA D 231 -41.52 51.89 -4.99
C ALA D 231 -42.04 52.99 -4.08
N ARG D 232 -41.62 54.22 -4.33
CA ARG D 232 -41.92 55.35 -3.45
C ARG D 232 -43.42 55.60 -3.29
N ASP D 233 -44.21 55.19 -4.29
CA ASP D 233 -45.65 55.31 -4.20
C ASP D 233 -46.19 54.35 -3.14
N ILE D 234 -45.74 53.11 -3.20
CA ILE D 234 -46.17 52.08 -2.25
C ILE D 234 -45.59 52.35 -0.86
N ILE D 235 -44.44 53.03 -0.83
CA ILE D 235 -43.82 53.43 0.43
C ILE D 235 -44.73 54.39 1.19
N THR D 236 -45.39 55.29 0.45
CA THR D 236 -46.37 56.18 1.04
C THR D 236 -47.60 55.41 1.48
N ILE D 237 -47.94 54.37 0.73
CA ILE D 237 -49.06 53.50 1.09
C ILE D 237 -48.63 52.59 2.25
N LEU D 238 -47.33 52.31 2.32
CA LEU D 238 -46.77 51.59 3.46
C LEU D 238 -46.95 52.41 4.72
N GLU D 239 -46.79 53.72 4.59
CA GLU D 239 -47.01 54.65 5.69
C GLU D 239 -48.50 54.67 6.06
N SER D 240 -49.33 54.38 5.06
CA SER D 240 -50.77 54.26 5.28
C SER D 240 -51.09 52.89 5.87
N ALA D 241 -50.16 51.95 5.69
CA ALA D 241 -50.31 50.61 6.25
C ALA D 241 -49.76 50.55 7.67
N ILE D 242 -48.97 51.57 8.03
CA ILE D 242 -48.45 51.70 9.37
C ILE D 242 -49.36 52.62 10.18
N ARG D 243 -49.95 53.59 9.48
CA ARG D 243 -50.97 54.48 10.05
C ARG D 243 -52.06 53.68 10.76
N GLY D 244 -52.43 52.55 10.16
CA GLY D 244 -53.32 51.59 10.79
C GLY D 244 -52.70 50.20 10.66
N ASN D 245 -52.21 49.67 11.76
CA ASN D 245 -51.51 48.37 11.77
C ASN D 245 -52.34 47.26 11.15
N TYR D 246 -52.41 47.25 9.82
CA TYR D 246 -53.18 46.27 9.07
C TYR D 246 -52.45 45.83 7.81
N PRO D 247 -52.59 44.55 7.44
CA PRO D 247 -52.04 44.02 6.20
C PRO D 247 -52.65 44.70 4.97
N LEU D 248 -52.01 44.54 3.81
CA LEU D 248 -52.48 45.16 2.59
C LEU D 248 -52.57 44.16 1.44
N LEU D 249 -53.57 44.33 0.58
CA LEU D 249 -53.78 43.45 -0.56
C LEU D 249 -53.43 44.13 -1.88
N ILE D 250 -52.57 43.49 -2.67
CA ILE D 250 -52.16 44.03 -3.96
C ILE D 250 -52.20 42.95 -5.04
N MET D 251 -52.86 43.26 -6.16
CA MET D 251 -52.91 42.33 -7.28
C MET D 251 -52.93 43.05 -8.63
N ALA D 252 -51.83 43.73 -8.94
CA ALA D 252 -51.73 44.47 -10.20
C ALA D 252 -50.76 43.79 -11.17
N GLU D 253 -51.33 42.98 -12.06
CA GLU D 253 -50.60 42.20 -13.08
C GLU D 253 -49.18 41.78 -12.69
N GLU D 254 -48.19 42.45 -13.26
CA GLU D 254 -46.79 42.05 -13.10
C GLU D 254 -46.02 43.00 -12.20
N VAL D 255 -45.50 42.47 -11.10
CA VAL D 255 -44.62 43.22 -10.21
C VAL D 255 -43.17 42.80 -10.45
N GLU D 256 -42.30 43.77 -10.73
CA GLU D 256 -40.92 43.46 -11.09
C GLU D 256 -40.11 43.02 -9.88
N GLN D 257 -38.86 42.65 -10.13
CA GLN D 257 -37.99 42.09 -9.09
C GLN D 257 -37.68 43.07 -7.97
N GLU D 258 -37.68 44.36 -8.27
CA GLU D 258 -37.34 45.38 -7.29
C GLU D 258 -38.40 45.48 -6.20
N ALA D 259 -39.65 45.71 -6.61
CA ALA D 259 -40.75 45.83 -5.66
C ALA D 259 -41.02 44.51 -4.95
N LEU D 260 -40.82 43.41 -5.67
CA LEU D 260 -41.03 42.08 -5.10
C LEU D 260 -40.01 41.78 -3.99
N ALA D 261 -38.78 42.23 -4.19
CA ALA D 261 -37.73 42.03 -3.20
C ALA D 261 -37.98 42.87 -1.96
N THR D 262 -38.46 44.09 -2.16
CA THR D 262 -38.78 44.98 -1.06
C THR D 262 -39.96 44.43 -0.25
N LEU D 263 -40.90 43.81 -0.95
CA LEU D 263 -42.10 43.27 -0.31
C LEU D 263 -41.77 42.06 0.57
N VAL D 264 -40.97 41.13 0.05
CA VAL D 264 -40.65 39.92 0.79
C VAL D 264 -39.72 40.19 1.97
N VAL D 265 -38.96 41.28 1.89
CA VAL D 265 -38.07 41.68 2.97
C VAL D 265 -38.88 42.32 4.10
N ASN D 266 -39.78 43.21 3.73
CA ASN D 266 -40.66 43.88 4.70
C ASN D 266 -41.62 42.90 5.34
N LYS D 267 -41.86 41.78 4.68
CA LYS D 267 -42.77 40.76 5.19
C LYS D 267 -42.01 39.77 6.09
N LEU D 268 -40.74 39.55 5.78
CA LEU D 268 -39.91 38.61 6.53
C LEU D 268 -39.62 39.12 7.94
N ARG D 269 -39.68 40.43 8.13
CA ARG D 269 -39.41 41.03 9.43
C ARG D 269 -40.68 41.21 10.25
N GLY D 270 -41.83 41.06 9.60
CA GLY D 270 -43.10 41.18 10.27
C GLY D 270 -43.54 42.61 10.48
N THR D 271 -42.80 43.54 9.90
CA THR D 271 -43.13 44.96 10.00
C THR D 271 -44.29 45.29 9.08
N LEU D 272 -44.23 44.80 7.85
CA LEU D 272 -45.30 45.02 6.88
C LEU D 272 -45.87 43.70 6.38
N LYS D 273 -47.16 43.49 6.63
CA LYS D 273 -47.85 42.31 6.12
C LYS D 273 -48.37 42.58 4.72
N VAL D 274 -47.71 42.01 3.71
CA VAL D 274 -48.04 42.30 2.32
C VAL D 274 -48.43 41.03 1.57
N VAL D 275 -49.21 41.21 0.49
CA VAL D 275 -49.64 40.10 -0.34
C VAL D 275 -49.40 40.41 -1.82
N ALA D 276 -48.86 39.44 -2.55
CA ALA D 276 -48.61 39.61 -3.98
C ALA D 276 -49.50 38.69 -4.81
N ILE D 277 -49.76 38.80 -6.00
CA ILE D 277 -50.44 37.99 -6.97
C ILE D 277 -50.56 38.60 -8.33
N LYS D 278 -51.47 38.36 -9.20
CA LYS D 278 -51.49 38.77 -10.61
C LYS D 278 -52.85 39.33 -11.00
N ALA D 279 -53.02 39.66 -12.28
CA ALA D 279 -54.28 40.22 -12.76
C ALA D 279 -55.10 39.20 -13.54
N PRO D 280 -56.43 39.25 -13.37
CA PRO D 280 -57.36 38.39 -14.11
C PRO D 280 -57.62 38.89 -15.52
N GLY D 281 -57.84 37.96 -16.46
CA GLY D 281 -58.14 38.31 -17.83
C GLY D 281 -56.97 38.95 -18.55
N PHE D 282 -57.25 39.61 -19.66
CA PHE D 282 -56.22 40.26 -20.45
C PHE D 282 -56.79 41.40 -21.29
N GLY D 283 -56.02 42.45 -21.47
CA GLY D 283 -56.42 43.59 -22.28
C GLY D 283 -57.47 44.45 -21.60
N GLU D 284 -58.55 44.73 -22.33
CA GLU D 284 -59.64 45.55 -21.81
C GLU D 284 -60.42 44.80 -20.73
N ARG D 285 -60.21 43.49 -20.66
CA ARG D 285 -60.85 42.66 -19.64
C ARG D 285 -60.30 42.97 -18.25
N ARG D 286 -58.99 43.21 -18.18
CA ARG D 286 -58.33 43.51 -16.91
C ARG D 286 -58.92 44.74 -16.25
N SER D 287 -59.03 45.82 -17.02
CA SER D 287 -59.57 47.09 -16.50
C SER D 287 -61.07 47.02 -16.30
N SER D 288 -61.67 45.87 -16.63
CA SER D 288 -63.10 45.66 -16.45
C SER D 288 -63.37 44.63 -15.36
N TYR D 289 -62.29 44.02 -14.86
CA TYR D 289 -62.41 43.02 -13.80
C TYR D 289 -61.96 43.55 -12.46
N LEU D 290 -60.91 44.37 -12.46
CA LEU D 290 -60.39 44.95 -11.22
C LEU D 290 -61.34 46.03 -10.69
N GLU D 291 -62.02 46.70 -11.61
CA GLU D 291 -63.02 47.69 -11.21
C GLU D 291 -64.30 47.00 -10.80
N ASP D 292 -64.45 45.75 -11.23
CA ASP D 292 -65.60 44.95 -10.86
C ASP D 292 -65.46 44.46 -9.42
N ILE D 293 -64.22 44.39 -8.95
CA ILE D 293 -63.93 43.93 -7.60
C ILE D 293 -63.54 45.11 -6.70
N ALA D 294 -63.31 46.26 -7.32
CA ALA D 294 -62.93 47.47 -6.58
C ALA D 294 -64.07 47.97 -5.71
N ILE D 295 -65.18 48.31 -6.35
CA ILE D 295 -66.36 48.79 -5.63
C ILE D 295 -66.97 47.65 -4.80
N LEU D 296 -66.80 46.43 -5.30
CA LEU D 296 -67.25 45.24 -4.57
C LEU D 296 -66.54 45.15 -3.21
N THR D 297 -65.29 45.61 -3.19
CA THR D 297 -64.53 45.67 -1.95
C THR D 297 -64.65 47.05 -1.31
N GLY D 298 -65.41 47.93 -1.95
CA GLY D 298 -65.65 49.26 -1.42
C GLY D 298 -64.47 50.21 -1.60
N GLY D 299 -64.00 50.34 -2.84
CA GLY D 299 -62.88 51.20 -3.14
C GLY D 299 -62.87 51.66 -4.58
N THR D 300 -62.32 52.85 -4.82
CA THR D 300 -62.25 53.39 -6.17
C THR D 300 -61.06 52.82 -6.93
N VAL D 301 -61.00 53.11 -8.22
CA VAL D 301 -59.93 52.62 -9.07
C VAL D 301 -58.85 53.69 -9.26
N VAL D 302 -57.60 53.27 -9.15
CA VAL D 302 -56.47 54.20 -9.27
C VAL D 302 -55.80 54.09 -10.64
N ARG D 303 -56.61 54.10 -11.69
CA ARG D 303 -56.10 53.98 -13.06
C ARG D 303 -55.85 55.36 -13.69
N ASP D 304 -54.85 55.44 -14.56
CA ASP D 304 -54.47 56.70 -15.19
C ASP D 304 -55.35 57.06 -16.38
N GLU D 305 -56.39 56.26 -16.62
CA GLU D 305 -57.28 56.49 -17.75
C GLU D 305 -58.21 57.67 -17.51
N MET D 306 -58.43 58.01 -16.24
CA MET D 306 -59.28 59.14 -15.89
C MET D 306 -58.54 60.49 -15.74
N GLY D 307 -57.47 60.58 -14.95
CA GLY D 307 -56.87 59.50 -14.17
C GLY D 307 -56.03 60.02 -13.02
N VAL D 308 -56.24 59.44 -11.84
CA VAL D 308 -55.51 59.84 -10.65
C VAL D 308 -54.47 58.78 -10.26
N SER D 309 -53.21 59.18 -10.19
CA SER D 309 -52.12 58.29 -9.83
C SER D 309 -50.91 59.07 -9.33
N LEU D 310 -50.85 59.29 -8.02
CA LEU D 310 -49.78 60.09 -7.44
C LEU D 310 -49.08 59.37 -6.29
N GLU D 311 -48.39 60.14 -5.46
CA GLU D 311 -47.63 59.60 -4.34
C GLU D 311 -48.56 59.04 -3.25
N GLN D 312 -49.42 59.91 -2.72
CA GLN D 312 -50.27 59.56 -1.60
C GLN D 312 -51.42 58.65 -2.00
N ALA D 313 -52.02 58.00 -1.01
CA ALA D 313 -53.16 57.11 -1.22
C ALA D 313 -54.00 57.01 0.05
N THR D 314 -55.27 57.37 -0.06
CA THR D 314 -56.16 57.37 1.09
C THR D 314 -57.10 56.18 1.09
N ASP D 315 -58.08 56.20 1.99
CA ASP D 315 -59.05 55.12 2.12
C ASP D 315 -59.98 55.05 0.91
N ALA D 316 -60.07 56.15 0.17
CA ALA D 316 -60.95 56.23 -0.99
C ALA D 316 -60.43 55.41 -2.16
N VAL D 317 -59.11 55.29 -2.25
CA VAL D 317 -58.49 54.59 -3.38
C VAL D 317 -58.32 53.10 -3.11
N LEU D 318 -58.53 52.69 -1.86
CA LEU D 318 -58.37 51.30 -1.48
C LEU D 318 -59.65 50.72 -0.87
N GLY D 319 -60.06 49.55 -1.35
CA GLY D 319 -61.24 48.88 -0.85
C GLY D 319 -60.94 48.08 0.40
N THR D 320 -61.94 47.37 0.90
CA THR D 320 -61.78 46.57 2.12
C THR D 320 -62.17 45.11 1.90
N ALA D 321 -61.56 44.23 2.69
CA ALA D 321 -61.85 42.80 2.62
C ALA D 321 -61.68 42.15 3.98
N ALA D 322 -62.75 41.58 4.51
CA ALA D 322 -62.73 40.97 5.83
C ALA D 322 -61.76 39.80 5.90
N LYS D 323 -61.86 38.90 4.93
CA LYS D 323 -60.99 37.72 4.87
C LYS D 323 -60.63 37.37 3.43
N ILE D 324 -59.35 37.07 3.19
CA ILE D 324 -58.91 36.63 1.87
C ILE D 324 -58.02 35.39 1.97
N THR D 325 -58.35 34.38 1.17
CA THR D 325 -57.61 33.14 1.13
C THR D 325 -57.13 32.84 -0.29
N ILE D 326 -55.82 32.85 -0.50
CA ILE D 326 -55.25 32.60 -1.82
C ILE D 326 -54.33 31.38 -1.82
N THR D 327 -54.29 30.68 -2.95
CA THR D 327 -53.45 29.49 -3.07
C THR D 327 -52.63 29.52 -4.35
N LYS D 328 -52.26 28.34 -4.85
CA LYS D 328 -51.38 28.23 -6.01
C LYS D 328 -52.01 28.78 -7.28
N GLU D 329 -53.20 28.30 -7.62
CA GLU D 329 -53.85 28.69 -8.87
C GLU D 329 -55.16 29.43 -8.64
N ARG D 330 -55.50 29.67 -7.38
CA ARG D 330 -56.76 30.34 -7.06
C ARG D 330 -56.55 31.48 -6.06
N THR D 331 -57.40 32.50 -6.17
CA THR D 331 -57.40 33.63 -5.23
C THR D 331 -58.83 33.96 -4.82
N THR D 332 -59.13 33.81 -3.55
CA THR D 332 -60.51 33.97 -3.07
C THR D 332 -60.65 35.09 -2.03
N VAL D 333 -61.70 35.88 -2.17
CA VAL D 333 -62.03 36.92 -1.20
C VAL D 333 -63.45 36.69 -0.66
N VAL D 334 -63.68 37.06 0.59
CA VAL D 334 -64.97 36.81 1.23
C VAL D 334 -65.10 37.56 2.56
N GLY D 335 -66.34 37.79 2.99
CA GLY D 335 -66.59 38.30 4.32
C GLY D 335 -66.93 39.78 4.44
N ASP D 336 -66.33 40.61 3.59
CA ASP D 336 -66.48 42.06 3.69
C ASP D 336 -67.94 42.51 3.55
N GLY D 337 -68.37 43.35 4.47
CA GLY D 337 -69.72 43.89 4.44
C GLY D 337 -69.77 45.24 3.77
N SER D 338 -69.49 45.27 2.47
CA SER D 338 -69.48 46.51 1.72
C SER D 338 -70.78 46.71 0.96
N THR D 339 -70.71 47.44 -0.15
CA THR D 339 -71.88 47.71 -0.96
C THR D 339 -72.37 46.43 -1.65
N ALA D 340 -73.38 45.80 -1.05
CA ALA D 340 -74.00 44.63 -1.64
C ALA D 340 -74.80 45.01 -2.88
N ALA D 341 -75.13 46.29 -2.98
CA ALA D 341 -75.85 46.80 -4.13
C ALA D 341 -74.99 46.72 -5.39
N ASP D 342 -73.67 46.84 -5.19
CA ASP D 342 -72.72 46.70 -6.29
C ASP D 342 -72.81 45.32 -6.93
N VAL D 343 -72.81 44.29 -6.08
CA VAL D 343 -72.90 42.91 -6.55
C VAL D 343 -74.26 42.64 -7.17
N ALA D 344 -75.23 43.50 -6.87
CA ALA D 344 -76.58 43.35 -7.39
C ALA D 344 -76.86 44.29 -8.56
N ALA D 345 -75.93 45.21 -8.83
CA ALA D 345 -76.09 46.17 -9.92
C ALA D 345 -75.15 45.85 -11.08
N ARG D 346 -73.96 45.34 -10.78
CA ARG D 346 -73.02 44.98 -11.82
C ARG D 346 -73.56 43.82 -12.65
N VAL D 347 -74.33 42.96 -12.01
CA VAL D 347 -74.98 41.85 -12.71
C VAL D 347 -76.04 42.37 -13.67
N LYS D 348 -76.64 43.51 -13.33
CA LYS D 348 -77.62 44.15 -14.20
C LYS D 348 -76.94 44.75 -15.41
N GLN D 349 -75.73 45.26 -15.21
CA GLN D 349 -74.93 45.83 -16.29
C GLN D 349 -74.51 44.74 -17.27
N ILE D 350 -74.18 43.58 -16.73
CA ILE D 350 -73.77 42.43 -17.55
C ILE D 350 -74.94 41.93 -18.38
N ARG D 351 -76.12 41.87 -17.77
CA ARG D 351 -77.33 41.46 -18.49
C ARG D 351 -77.66 42.44 -19.61
N ASN D 352 -77.41 43.71 -19.37
CA ASN D 352 -77.64 44.75 -20.38
C ASN D 352 -76.66 44.60 -21.54
N LEU D 353 -75.39 44.35 -21.21
CA LEU D 353 -74.37 44.16 -22.23
C LEU D 353 -74.59 42.85 -22.99
N GLN D 354 -75.03 41.81 -22.27
CA GLN D 354 -75.31 40.51 -22.86
C GLN D 354 -76.43 40.59 -23.88
N MET D 355 -77.46 41.37 -23.54
CA MET D 355 -78.62 41.54 -24.40
C MET D 355 -78.29 42.19 -25.73
N GLN D 356 -77.39 43.17 -25.69
CA GLN D 356 -77.04 43.95 -26.87
C GLN D 356 -75.76 43.46 -27.55
N THR D 357 -75.20 42.37 -27.04
CA THR D 357 -73.97 41.81 -27.61
C THR D 357 -74.26 40.98 -28.86
N ASP D 358 -73.61 41.33 -29.95
CA ASP D 358 -73.76 40.60 -31.21
C ASP D 358 -72.62 39.60 -31.39
N GLN D 359 -71.54 39.81 -30.65
CA GLN D 359 -70.36 38.95 -30.72
C GLN D 359 -70.62 37.61 -30.05
N ASP D 360 -69.57 36.80 -29.94
CA ASP D 360 -69.67 35.47 -29.34
C ASP D 360 -68.79 35.37 -28.10
N TYR D 361 -67.55 35.85 -28.21
CA TYR D 361 -66.60 35.79 -27.11
C TYR D 361 -67.04 36.68 -25.96
N GLU D 362 -67.67 37.82 -26.29
CA GLU D 362 -68.16 38.72 -25.26
C GLU D 362 -69.33 38.11 -24.51
N ARG D 363 -70.09 37.26 -25.19
CA ARG D 363 -71.24 36.58 -24.57
C ARG D 363 -70.80 35.61 -23.49
N GLU D 364 -69.72 34.86 -23.76
CA GLU D 364 -69.24 33.87 -22.81
C GLU D 364 -68.38 34.50 -21.71
N LYS D 365 -67.73 35.61 -22.04
CA LYS D 365 -66.94 36.35 -21.05
C LYS D 365 -67.86 37.02 -20.05
N LEU D 366 -68.99 37.53 -20.52
CA LEU D 366 -70.01 38.09 -19.65
C LEU D 366 -70.72 36.97 -18.92
N GLN D 367 -70.71 35.77 -19.51
CA GLN D 367 -71.37 34.61 -18.93
C GLN D 367 -70.53 34.03 -17.80
N GLU D 368 -69.21 34.05 -17.94
CA GLU D 368 -68.34 33.52 -16.91
C GLU D 368 -68.20 34.51 -15.75
N ARG D 369 -68.40 35.79 -16.05
CA ARG D 369 -68.34 36.82 -15.02
C ARG D 369 -69.63 36.86 -14.22
N ILE D 370 -70.76 36.75 -14.92
CA ILE D 370 -72.06 36.73 -14.26
C ILE D 370 -72.20 35.42 -13.47
N ALA D 371 -71.42 34.42 -13.83
CA ALA D 371 -71.45 33.14 -13.13
C ALA D 371 -70.81 33.26 -11.75
N ARG D 372 -69.55 33.65 -11.72
CA ARG D 372 -68.81 33.79 -10.47
C ARG D 372 -69.38 34.89 -9.59
N LEU D 373 -69.94 35.92 -10.21
CA LEU D 373 -70.58 37.02 -9.49
C LEU D 373 -71.84 36.54 -8.76
N SER D 374 -72.70 35.83 -9.48
CA SER D 374 -73.93 35.32 -8.91
C SER D 374 -73.66 34.18 -7.93
N GLY D 375 -72.62 33.40 -8.22
CA GLY D 375 -72.23 32.29 -7.36
C GLY D 375 -71.77 32.76 -6.00
N GLY D 376 -71.09 33.90 -5.97
CA GLY D 376 -70.60 34.47 -4.73
C GLY D 376 -69.54 33.60 -4.08
N VAL D 377 -69.65 33.43 -2.69
CA VAL D 377 -68.72 32.57 -1.97
C VAL D 377 -69.32 32.17 -0.62
N ALA D 378 -69.96 31.13 -0.60
CA ALA D 378 -70.58 30.67 0.65
C ALA D 378 -69.53 30.11 1.61
N ILE D 379 -69.57 30.58 2.84
CA ILE D 379 -68.64 30.12 3.88
C ILE D 379 -69.39 29.32 4.95
N ILE D 380 -68.85 28.15 5.30
CA ILE D 380 -69.50 27.27 6.26
C ILE D 380 -68.75 27.23 7.59
N GLN D 381 -69.49 27.18 8.69
CA GLN D 381 -68.91 27.10 10.02
C GLN D 381 -69.22 25.76 10.68
N VAL D 382 -68.18 25.05 11.11
CA VAL D 382 -68.35 23.72 11.69
C VAL D 382 -68.51 23.83 13.21
N GLY D 383 -69.04 22.76 13.81
CA GLY D 383 -69.21 22.71 15.25
C GLY D 383 -67.91 22.41 15.97
N ALA D 384 -67.99 22.16 17.27
CA ALA D 384 -66.81 21.88 18.07
C ALA D 384 -67.14 21.14 19.37
N GLN D 385 -66.76 19.87 19.43
CA GLN D 385 -66.94 19.07 20.64
C GLN D 385 -65.84 19.38 21.64
N THR D 386 -64.59 19.12 21.25
CA THR D 386 -63.43 19.49 22.04
C THR D 386 -62.56 20.47 21.25
N GLU D 387 -61.25 20.45 21.50
CA GLU D 387 -60.33 21.32 20.79
C GLU D 387 -59.57 20.54 19.72
N THR D 388 -59.38 19.25 19.95
CA THR D 388 -58.73 18.39 18.98
C THR D 388 -59.76 17.79 18.03
N GLU D 389 -61.02 17.80 18.46
CA GLU D 389 -62.10 17.27 17.64
C GLU D 389 -62.45 18.25 16.52
N LEU D 390 -62.41 19.54 16.82
CA LEU D 390 -62.71 20.56 15.82
C LEU D 390 -61.61 20.62 14.77
N LYS D 391 -60.38 20.35 15.19
CA LYS D 391 -59.24 20.33 14.28
C LYS D 391 -59.27 19.08 13.41
N GLU D 392 -59.61 17.95 14.03
CA GLU D 392 -59.72 16.69 13.30
C GLU D 392 -60.86 16.76 12.30
N LYS D 393 -61.94 17.43 12.70
CA LYS D 393 -63.07 17.69 11.81
C LYS D 393 -62.64 18.57 10.64
N LYS D 394 -62.05 19.72 10.97
CA LYS D 394 -61.64 20.70 9.98
C LYS D 394 -60.76 20.10 8.89
N LEU D 395 -59.90 19.16 9.28
CA LEU D 395 -59.05 18.46 8.33
C LEU D 395 -59.86 17.48 7.49
N ARG D 396 -60.79 16.79 8.14
CA ARG D 396 -61.62 15.81 7.46
C ARG D 396 -62.60 16.47 6.50
N VAL D 397 -63.07 17.67 6.84
CA VAL D 397 -64.00 18.38 5.97
C VAL D 397 -63.25 19.12 4.87
N GLU D 398 -61.95 19.28 5.05
CA GLU D 398 -61.12 19.93 4.03
C GLU D 398 -60.88 18.95 2.89
N ASP D 399 -60.52 17.73 3.25
CA ASP D 399 -60.30 16.67 2.27
C ASP D 399 -61.63 16.25 1.66
N ALA D 400 -62.71 16.43 2.40
CA ALA D 400 -64.04 16.09 1.91
C ALA D 400 -64.46 17.05 0.81
N LEU D 401 -64.39 18.35 1.08
CA LEU D 401 -64.75 19.37 0.12
C LEU D 401 -63.92 19.26 -1.16
N ASN D 402 -62.61 19.06 -0.98
CA ASN D 402 -61.70 18.94 -2.11
C ASN D 402 -62.00 17.70 -2.95
N ALA D 403 -62.46 16.64 -2.30
CA ALA D 403 -62.80 15.41 -3.00
C ALA D 403 -64.15 15.54 -3.71
N THR D 404 -65.10 16.20 -3.05
CA THR D 404 -66.43 16.39 -3.63
C THR D 404 -66.38 17.29 -4.85
N ARG D 405 -65.60 18.37 -4.76
CA ARG D 405 -65.44 19.29 -5.89
C ARG D 405 -64.79 18.58 -7.07
N ALA D 406 -63.76 17.80 -6.79
CA ALA D 406 -63.05 17.06 -7.82
C ALA D 406 -63.93 15.98 -8.42
N ALA D 407 -64.93 15.54 -7.67
CA ALA D 407 -65.84 14.49 -8.12
C ALA D 407 -66.95 15.05 -9.00
N VAL D 408 -67.53 16.16 -8.56
CA VAL D 408 -68.66 16.76 -9.28
C VAL D 408 -68.18 17.47 -10.55
N GLU D 409 -66.91 17.84 -10.58
CA GLU D 409 -66.36 18.60 -11.70
C GLU D 409 -66.27 17.75 -12.97
N GLU D 410 -65.59 16.61 -12.88
CA GLU D 410 -65.33 15.78 -14.05
C GLU D 410 -66.12 14.48 -14.04
N GLY D 411 -66.95 14.28 -13.02
CA GLY D 411 -67.71 13.05 -12.89
C GLY D 411 -67.02 12.08 -11.96
N VAL D 412 -67.60 10.90 -11.79
CA VAL D 412 -67.07 9.92 -10.85
C VAL D 412 -66.83 8.56 -11.52
N VAL D 413 -65.77 7.89 -11.08
CA VAL D 413 -65.40 6.58 -11.60
C VAL D 413 -65.10 5.63 -10.44
N PRO D 414 -65.33 4.32 -10.64
CA PRO D 414 -65.05 3.35 -9.57
C PRO D 414 -63.58 3.37 -9.13
N GLY D 415 -63.36 3.59 -7.84
CA GLY D 415 -62.01 3.72 -7.31
C GLY D 415 -61.27 2.41 -7.16
N GLY D 416 -60.27 2.40 -6.29
CA GLY D 416 -59.47 1.20 -6.06
C GLY D 416 -58.52 0.89 -7.20
N GLY D 417 -58.43 1.82 -8.15
CA GLY D 417 -57.57 1.64 -9.31
C GLY D 417 -58.12 0.61 -10.28
N CYS D 418 -59.36 0.18 -10.05
CA CYS D 418 -60.00 -0.83 -10.89
C CYS D 418 -60.42 -0.26 -12.24
N THR D 419 -60.67 1.05 -12.26
CA THR D 419 -61.03 1.73 -13.50
C THR D 419 -59.87 1.70 -14.49
N LEU D 420 -58.66 1.52 -13.97
CA LEU D 420 -57.48 1.42 -14.81
C LEU D 420 -57.42 0.08 -15.54
N LEU D 421 -57.93 -0.97 -14.89
CA LEU D 421 -58.00 -2.29 -15.51
C LEU D 421 -59.00 -2.28 -16.65
N ARG D 422 -60.18 -1.73 -16.38
CA ARG D 422 -61.23 -1.62 -17.37
C ARG D 422 -60.77 -0.78 -18.56
N LEU D 423 -59.99 0.25 -18.28
CA LEU D 423 -59.42 1.09 -19.32
C LEU D 423 -58.32 0.34 -20.08
N SER D 424 -57.62 -0.53 -19.36
CA SER D 424 -56.54 -1.30 -19.95
C SER D 424 -57.10 -2.37 -20.89
N GLU D 425 -58.25 -2.92 -20.54
CA GLU D 425 -58.86 -3.97 -21.35
C GLU D 425 -59.77 -3.37 -22.41
N LYS D 426 -59.29 -2.32 -23.06
CA LYS D 426 -59.99 -1.71 -24.18
C LYS D 426 -58.99 -1.21 -25.22
N VAL D 427 -57.70 -1.42 -24.93
CA VAL D 427 -56.65 -1.06 -25.87
C VAL D 427 -56.44 -2.19 -26.87
N ASP D 428 -56.99 -3.36 -26.54
CA ASP D 428 -56.84 -4.54 -27.38
C ASP D 428 -57.69 -4.43 -28.65
N VAL D 429 -58.70 -3.58 -28.60
CA VAL D 429 -59.61 -3.40 -29.73
C VAL D 429 -59.19 -2.20 -30.57
N ILE D 430 -58.16 -1.50 -30.13
CA ILE D 430 -57.69 -0.30 -30.82
C ILE D 430 -56.78 -0.65 -32.00
N LYS D 431 -57.35 -0.61 -33.19
CA LYS D 431 -56.58 -0.77 -34.42
C LYS D 431 -56.27 0.61 -34.99
N ARG D 432 -55.02 1.04 -34.84
CA ARG D 432 -54.65 2.40 -35.19
C ARG D 432 -54.13 2.53 -36.62
N ARG D 433 -53.70 3.74 -36.97
CA ARG D 433 -53.20 4.05 -38.31
C ARG D 433 -51.81 4.68 -38.20
N MET D 434 -50.85 4.17 -38.99
CA MET D 434 -51.10 3.13 -39.98
C MET D 434 -50.81 1.73 -39.43
N THR D 435 -51.18 1.51 -38.16
CA THR D 435 -51.07 0.20 -37.52
C THR D 435 -49.66 -0.39 -37.60
N ASP D 436 -48.65 0.47 -37.60
CA ASP D 436 -47.27 0.01 -37.55
C ASP D 436 -47.01 -0.66 -36.20
N PRO D 437 -46.24 -1.76 -36.20
CA PRO D 437 -46.02 -2.58 -35.00
C PRO D 437 -45.51 -1.78 -33.79
N GLU D 438 -44.74 -0.73 -34.03
CA GLU D 438 -44.20 0.08 -32.93
C GLU D 438 -45.31 0.73 -32.10
N GLN D 439 -46.30 1.30 -32.78
CA GLN D 439 -47.42 1.93 -32.08
C GLN D 439 -48.22 0.89 -31.31
N GLN D 440 -48.26 -0.32 -31.84
CA GLN D 440 -48.94 -1.42 -31.16
C GLN D 440 -48.20 -1.77 -29.88
N MET D 441 -46.87 -1.68 -29.92
CA MET D 441 -46.06 -1.94 -28.74
C MET D 441 -46.38 -0.89 -27.67
N GLY D 442 -46.52 0.36 -28.10
CA GLY D 442 -46.86 1.45 -27.19
C GLY D 442 -48.21 1.25 -26.53
N ALA D 443 -49.13 0.63 -27.28
CA ALA D 443 -50.45 0.31 -26.74
C ALA D 443 -50.34 -0.77 -25.67
N ASP D 444 -49.58 -1.82 -25.97
CA ASP D 444 -49.36 -2.90 -25.01
C ASP D 444 -48.56 -2.41 -23.81
N ILE D 445 -47.77 -1.36 -24.03
CA ILE D 445 -47.03 -0.75 -22.93
C ILE D 445 -47.99 -0.08 -21.97
N ILE D 446 -48.95 0.67 -22.51
CA ILE D 446 -49.99 1.30 -21.69
C ILE D 446 -50.83 0.23 -20.99
N LYS D 447 -51.05 -0.89 -21.66
CA LYS D 447 -51.81 -2.00 -21.09
C LYS D 447 -51.12 -2.56 -19.84
N ARG D 448 -49.87 -2.96 -20.00
CA ARG D 448 -49.12 -3.57 -18.90
C ARG D 448 -48.77 -2.57 -17.82
N ALA D 449 -48.75 -1.28 -18.17
CA ALA D 449 -48.43 -0.23 -17.21
C ALA D 449 -49.62 0.11 -16.33
N LEU D 450 -50.82 0.05 -16.92
CA LEU D 450 -52.04 0.32 -16.19
C LEU D 450 -52.35 -0.79 -15.19
N CYS D 451 -51.64 -1.92 -15.35
CA CYS D 451 -51.79 -3.06 -14.46
C CYS D 451 -50.99 -2.87 -13.18
N TYR D 452 -49.92 -2.09 -13.27
CA TYR D 452 -49.03 -1.86 -12.13
C TYR D 452 -49.69 -1.25 -10.88
N PRO D 453 -50.53 -0.21 -11.03
CA PRO D 453 -51.09 0.41 -9.82
C PRO D 453 -51.88 -0.55 -8.93
N ILE D 454 -52.84 -1.27 -9.51
CA ILE D 454 -53.65 -2.21 -8.74
C ILE D 454 -52.79 -3.33 -8.15
N LYS D 455 -51.75 -3.71 -8.87
CA LYS D 455 -50.85 -4.77 -8.44
C LYS D 455 -50.11 -4.35 -7.17
N LEU D 456 -49.60 -3.14 -7.16
CA LEU D 456 -48.90 -2.61 -5.99
C LEU D 456 -49.87 -2.42 -4.82
N ILE D 457 -51.11 -2.07 -5.12
CA ILE D 457 -52.12 -1.90 -4.09
C ILE D 457 -52.39 -3.21 -3.37
N ALA D 458 -52.68 -4.25 -4.12
CA ALA D 458 -52.99 -5.56 -3.55
C ALA D 458 -51.76 -6.19 -2.88
N GLN D 459 -50.62 -6.14 -3.57
CA GLN D 459 -49.40 -6.75 -3.08
C GLN D 459 -48.95 -6.17 -1.74
N ASN D 460 -48.87 -4.85 -1.65
CA ASN D 460 -48.36 -4.21 -0.44
C ASN D 460 -49.43 -4.16 0.65
N ALA D 461 -50.64 -4.61 0.31
CA ALA D 461 -51.71 -4.74 1.30
C ALA D 461 -51.54 -6.05 2.06
N GLY D 462 -51.25 -7.12 1.31
CA GLY D 462 -51.02 -8.43 1.92
C GLY D 462 -51.70 -9.56 1.18
N VAL D 463 -51.82 -9.44 -0.13
CA VAL D 463 -52.46 -10.46 -0.96
C VAL D 463 -51.96 -10.39 -2.40
N ASN D 464 -51.86 -11.55 -3.05
CA ASN D 464 -51.44 -11.63 -4.45
C ASN D 464 -52.37 -10.84 -5.36
N GLY D 465 -51.79 -10.06 -6.27
CA GLY D 465 -52.56 -9.20 -7.14
C GLY D 465 -52.95 -9.84 -8.45
N SER D 466 -52.19 -10.85 -8.88
CA SER D 466 -52.45 -11.54 -10.14
C SER D 466 -53.79 -12.27 -10.11
N VAL D 467 -54.12 -12.84 -8.97
CA VAL D 467 -55.40 -13.54 -8.79
C VAL D 467 -56.53 -12.52 -8.69
N VAL D 468 -56.26 -11.40 -8.04
CA VAL D 468 -57.24 -10.32 -7.92
C VAL D 468 -57.58 -9.75 -9.30
N MET D 469 -56.56 -9.53 -10.11
CA MET D 469 -56.75 -9.03 -11.47
C MET D 469 -57.55 -10.02 -12.31
N ASN D 470 -57.29 -11.31 -12.10
CA ASN D 470 -58.00 -12.36 -12.83
C ASN D 470 -59.48 -12.38 -12.51
N GLU D 471 -59.82 -12.31 -11.23
CA GLU D 471 -61.21 -12.36 -10.79
C GLU D 471 -62.02 -11.17 -11.30
N VAL D 472 -61.39 -10.00 -11.32
CA VAL D 472 -62.04 -8.78 -11.78
C VAL D 472 -62.21 -8.78 -13.30
N MET D 473 -61.16 -9.17 -14.01
CA MET D 473 -61.15 -9.09 -15.47
C MET D 473 -61.97 -10.22 -16.12
N LYS D 474 -61.84 -11.44 -15.60
CA LYS D 474 -62.56 -12.57 -16.17
C LYS D 474 -64.07 -12.39 -16.00
N ASN D 475 -64.48 -11.82 -14.86
CA ASN D 475 -65.87 -11.49 -14.64
C ASN D 475 -66.29 -10.32 -15.52
N LEU D 476 -67.60 -10.11 -15.62
CA LEU D 476 -68.14 -9.02 -16.44
C LEU D 476 -67.66 -7.67 -15.92
N ASP D 477 -67.05 -6.88 -16.80
CA ASP D 477 -66.43 -5.62 -16.42
C ASP D 477 -67.43 -4.45 -16.35
N ARG D 478 -68.70 -4.73 -16.61
CA ARG D 478 -69.73 -3.69 -16.63
C ARG D 478 -70.59 -3.58 -15.36
N PRO D 479 -70.96 -4.71 -14.72
CA PRO D 479 -71.77 -4.55 -13.51
C PRO D 479 -71.03 -3.96 -12.31
N HIS D 480 -70.09 -3.04 -12.56
CA HIS D 480 -69.36 -2.35 -11.50
C HIS D 480 -68.66 -3.28 -10.52
N TYR D 481 -68.28 -4.47 -10.98
CA TYR D 481 -67.54 -5.40 -10.15
C TYR D 481 -66.20 -4.81 -9.75
N GLY D 482 -65.76 -5.11 -8.53
CA GLY D 482 -64.49 -4.59 -8.05
C GLY D 482 -63.96 -5.36 -6.86
N TYR D 483 -62.85 -4.88 -6.30
CA TYR D 483 -62.22 -5.52 -5.16
C TYR D 483 -61.78 -4.48 -4.14
N ASN D 484 -62.46 -4.45 -3.00
CA ASN D 484 -62.12 -3.54 -1.92
C ASN D 484 -61.00 -4.10 -1.05
N ALA D 485 -59.82 -3.49 -1.15
CA ALA D 485 -58.66 -3.95 -0.41
C ALA D 485 -58.81 -3.72 1.09
N ALA D 486 -59.73 -2.82 1.45
CA ALA D 486 -59.97 -2.49 2.85
C ALA D 486 -60.67 -3.63 3.59
N THR D 487 -61.50 -4.39 2.86
CA THR D 487 -62.26 -5.47 3.47
C THR D 487 -61.88 -6.83 2.90
N ASP D 488 -61.18 -6.82 1.77
CA ASP D 488 -60.78 -8.04 1.07
C ASP D 488 -61.98 -8.92 0.77
N SER D 489 -62.79 -8.50 -0.20
CA SER D 489 -63.99 -9.24 -0.59
C SER D 489 -64.50 -8.81 -1.96
N PHE D 490 -65.14 -9.74 -2.66
CA PHE D 490 -65.75 -9.43 -3.95
C PHE D 490 -66.95 -8.51 -3.76
N GLU D 491 -66.83 -7.27 -4.21
CA GLU D 491 -67.86 -6.26 -3.98
C GLU D 491 -67.90 -5.23 -5.09
N ASN D 492 -69.09 -4.68 -5.34
CA ASN D 492 -69.24 -3.57 -6.27
C ASN D 492 -68.80 -2.26 -5.62
N LEU D 493 -67.85 -1.59 -6.27
CA LEU D 493 -67.19 -0.43 -5.68
C LEU D 493 -68.13 0.76 -5.47
N MET D 494 -69.10 0.91 -6.36
CA MET D 494 -70.05 2.01 -6.26
C MET D 494 -70.94 1.86 -5.04
N GLU D 495 -71.42 0.64 -4.81
CA GLU D 495 -72.32 0.36 -3.71
C GLU D 495 -71.62 0.44 -2.36
N THR D 496 -70.44 -0.15 -2.26
CA THR D 496 -69.71 -0.24 -1.01
C THR D 496 -69.19 1.12 -0.53
N GLY D 497 -68.80 1.97 -1.46
CA GLY D 497 -68.38 3.32 -1.12
C GLY D 497 -66.91 3.59 -1.35
N ILE D 498 -66.31 2.88 -2.30
CA ILE D 498 -64.92 3.11 -2.67
C ILE D 498 -64.88 3.70 -4.07
N ILE D 499 -64.85 5.03 -4.14
CA ILE D 499 -64.96 5.74 -5.40
C ILE D 499 -63.84 6.78 -5.55
N ASP D 500 -63.37 6.96 -6.78
CA ASP D 500 -62.38 7.98 -7.09
C ASP D 500 -62.95 9.01 -8.08
N PRO D 501 -62.63 10.29 -7.87
CA PRO D 501 -63.05 11.34 -8.82
C PRO D 501 -62.38 11.16 -10.18
N SER D 502 -63.15 11.30 -11.26
CA SER D 502 -62.62 11.06 -12.60
C SER D 502 -61.58 12.11 -13.00
N LYS D 503 -61.58 13.24 -12.30
CA LYS D 503 -60.61 14.30 -12.58
C LYS D 503 -59.20 13.88 -12.18
N VAL D 504 -59.09 13.20 -11.03
CA VAL D 504 -57.80 12.72 -10.54
C VAL D 504 -57.19 11.68 -11.47
N VAL D 505 -58.01 10.71 -11.87
CA VAL D 505 -57.57 9.64 -12.76
C VAL D 505 -57.10 10.20 -14.10
N ARG D 506 -57.88 11.10 -14.67
CA ARG D 506 -57.55 11.69 -15.97
C ARG D 506 -56.24 12.48 -15.92
N CYS D 507 -56.13 13.37 -14.93
CA CYS D 507 -54.96 14.23 -14.81
C CYS D 507 -53.69 13.45 -14.51
N SER D 508 -53.82 12.43 -13.65
CA SER D 508 -52.67 11.60 -13.30
C SER D 508 -52.25 10.72 -14.47
N MET D 509 -53.21 10.41 -15.34
CA MET D 509 -52.95 9.57 -16.49
C MET D 509 -52.32 10.37 -17.62
N GLU D 510 -52.82 11.58 -17.84
CA GLU D 510 -52.32 12.45 -18.89
C GLU D 510 -50.91 12.96 -18.57
N ASN D 511 -50.70 13.36 -17.33
CA ASN D 511 -49.40 13.88 -16.90
C ASN D 511 -48.32 12.81 -16.87
N ALA D 512 -48.71 11.57 -16.52
CA ALA D 512 -47.77 10.47 -16.48
C ALA D 512 -47.25 10.15 -17.86
N VAL D 513 -48.15 10.20 -18.85
CA VAL D 513 -47.78 9.99 -20.24
C VAL D 513 -46.96 11.18 -20.74
N SER D 514 -47.30 12.37 -20.25
CA SER D 514 -46.61 13.59 -20.63
C SER D 514 -45.13 13.58 -20.25
N VAL D 515 -44.82 13.13 -19.05
CA VAL D 515 -43.43 13.07 -18.60
C VAL D 515 -42.74 11.83 -19.15
N ALA D 516 -43.51 10.78 -19.41
CA ALA D 516 -42.97 9.59 -20.06
C ALA D 516 -42.63 9.91 -21.51
N LYS D 517 -43.36 10.86 -22.08
CA LYS D 517 -43.09 11.35 -23.42
C LYS D 517 -41.72 12.01 -23.50
N THR D 518 -41.49 12.97 -22.60
CA THR D 518 -40.26 13.73 -22.59
C THR D 518 -39.14 12.98 -21.87
N PHE D 519 -39.38 11.71 -21.58
CA PHE D 519 -38.38 10.87 -20.93
C PHE D 519 -37.75 9.90 -21.91
N LEU D 520 -38.59 9.15 -22.62
CA LEU D 520 -38.12 8.18 -23.60
C LEU D 520 -37.60 8.88 -24.85
N LEU D 521 -38.14 10.06 -25.13
CA LEU D 521 -37.71 10.85 -26.28
C LEU D 521 -36.31 11.40 -26.07
N ALA D 522 -35.90 11.49 -24.81
CA ALA D 522 -34.55 11.96 -24.47
C ALA D 522 -33.51 10.95 -24.91
N ASP D 523 -32.30 11.44 -25.19
CA ASP D 523 -31.21 10.57 -25.62
C ASP D 523 -29.87 11.07 -25.07
N VAL D 524 -29.84 12.34 -24.69
CA VAL D 524 -28.64 12.94 -24.11
C VAL D 524 -29.00 13.81 -22.90
N VAL D 525 -28.28 13.62 -21.81
CA VAL D 525 -28.50 14.40 -20.59
C VAL D 525 -27.24 15.13 -20.13
N VAL D 526 -27.37 16.40 -19.79
CA VAL D 526 -26.24 17.19 -19.30
C VAL D 526 -26.38 17.42 -17.79
N THR D 527 -25.27 17.83 -17.17
CA THR D 527 -25.23 18.01 -15.73
C THR D 527 -24.02 18.85 -15.31
N GLU D 528 -24.24 19.84 -14.45
CA GLU D 528 -23.14 20.62 -13.90
C GLU D 528 -22.50 19.85 -12.74
N LEU D 529 -21.17 19.76 -12.76
CA LEU D 529 -20.46 18.96 -11.76
C LEU D 529 -19.80 19.85 -10.70
N LYS D 530 -19.15 19.21 -9.74
CA LYS D 530 -18.52 19.91 -8.62
C LYS D 530 -17.41 20.83 -9.08
N GLU D 531 -16.24 20.26 -9.39
CA GLU D 531 -15.09 21.03 -9.81
C GLU D 531 -15.19 21.44 -11.27
N GLU E 4 12.09 -25.13 18.23
CA GLU E 4 11.01 -25.94 17.69
C GLU E 4 9.96 -26.25 18.75
N LEU E 5 9.92 -25.43 19.79
CA LEU E 5 8.93 -25.58 20.86
C LEU E 5 8.32 -24.22 21.20
N HIS E 6 7.00 -24.16 21.23
CA HIS E 6 6.31 -22.91 21.54
C HIS E 6 5.96 -22.85 23.03
N PHE E 7 5.95 -21.64 23.58
CA PHE E 7 5.74 -21.45 25.01
C PHE E 7 4.43 -20.73 25.31
N ASN E 8 3.66 -21.26 26.25
CA ASN E 8 2.40 -20.65 26.66
C ASN E 8 2.29 -20.57 28.17
N LYS E 9 2.16 -19.36 28.69
CA LYS E 9 2.16 -19.15 30.14
C LYS E 9 1.05 -18.21 30.62
N ASP E 10 1.07 -17.95 31.93
CA ASP E 10 0.18 -17.02 32.60
C ASP E 10 -1.28 -17.49 32.64
N MET E 11 -2.19 -16.52 32.76
CA MET E 11 -3.60 -16.77 33.02
C MET E 11 -4.41 -17.00 31.74
N GLN E 12 -3.94 -16.42 30.65
CA GLN E 12 -4.64 -16.52 29.38
C GLN E 12 -4.40 -17.84 28.67
N ALA E 13 -3.27 -18.47 28.99
CA ALA E 13 -2.94 -19.77 28.39
C ALA E 13 -3.96 -20.82 28.81
N LEU E 14 -4.36 -20.76 30.08
CA LEU E 14 -5.39 -21.65 30.61
C LEU E 14 -6.72 -21.44 29.92
N LYS E 15 -7.09 -20.18 29.72
CA LYS E 15 -8.36 -19.82 29.08
C LYS E 15 -8.42 -20.31 27.65
N ARG E 16 -7.28 -20.37 26.98
CA ARG E 16 -7.22 -20.80 25.59
C ARG E 16 -7.69 -22.23 25.43
N MET E 17 -7.09 -23.15 26.16
CA MET E 17 -7.48 -24.55 26.05
C MET E 17 -8.82 -24.79 26.75
N GLN E 18 -9.21 -23.87 27.62
CA GLN E 18 -10.53 -23.93 28.24
C GLN E 18 -11.60 -23.70 27.19
N ALA E 19 -11.30 -22.81 26.25
CA ALA E 19 -12.21 -22.51 25.15
C ALA E 19 -12.37 -23.72 24.24
N GLY E 20 -11.27 -24.43 24.00
CA GLY E 20 -11.31 -25.62 23.18
C GLY E 20 -12.13 -26.70 23.84
N VAL E 21 -11.97 -26.83 25.15
CA VAL E 21 -12.79 -27.71 25.96
C VAL E 21 -14.25 -27.32 25.84
N ASP E 22 -14.53 -26.03 26.04
CA ASP E 22 -15.89 -25.53 26.02
C ASP E 22 -16.55 -25.72 24.66
N LYS E 23 -15.74 -25.71 23.60
CA LYS E 23 -16.26 -25.94 22.25
C LYS E 23 -16.59 -27.40 22.01
N LEU E 24 -15.82 -28.29 22.66
CA LEU E 24 -16.10 -29.72 22.57
C LEU E 24 -17.39 -30.04 23.32
N ALA E 25 -17.51 -29.47 24.51
CA ALA E 25 -18.69 -29.70 25.34
C ALA E 25 -19.91 -29.00 24.77
N THR E 26 -19.69 -28.14 23.78
CA THR E 26 -20.79 -27.43 23.15
C THR E 26 -21.51 -28.33 22.14
N VAL E 27 -20.74 -29.06 21.34
CA VAL E 27 -21.31 -29.94 20.32
C VAL E 27 -21.82 -31.24 20.95
N VAL E 28 -21.11 -31.74 21.95
CA VAL E 28 -21.55 -32.92 22.67
C VAL E 28 -22.68 -32.53 23.62
N GLY E 29 -22.74 -31.23 23.93
CA GLY E 29 -23.77 -30.71 24.80
C GLY E 29 -25.15 -30.72 24.18
N VAL E 30 -25.21 -30.50 22.87
CA VAL E 30 -26.47 -30.51 22.14
C VAL E 30 -26.83 -31.93 21.74
N THR E 31 -25.93 -32.86 22.04
CA THR E 31 -26.15 -34.27 21.78
C THR E 31 -26.98 -34.89 22.90
N ILE E 32 -26.70 -34.46 24.12
CA ILE E 32 -27.35 -35.01 25.30
C ILE E 32 -28.85 -34.75 25.29
N GLY E 33 -29.59 -35.50 26.08
CA GLY E 33 -31.03 -35.33 26.20
C GLY E 33 -31.81 -36.29 25.32
N PRO E 34 -32.99 -36.72 25.79
CA PRO E 34 -33.88 -37.59 25.03
C PRO E 34 -34.34 -36.93 23.72
N LYS E 35 -34.41 -35.61 23.73
CA LYS E 35 -34.73 -34.85 22.51
C LYS E 35 -33.48 -34.17 21.96
N GLY E 36 -32.43 -34.96 21.76
CA GLY E 36 -31.16 -34.44 21.28
C GLY E 36 -31.23 -33.93 19.85
N ARG E 37 -30.15 -33.30 19.40
CA ARG E 37 -30.10 -32.75 18.05
C ARG E 37 -29.17 -33.58 17.16
N ASN E 38 -29.34 -33.41 15.85
CA ASN E 38 -28.49 -34.11 14.89
C ASN E 38 -27.26 -33.29 14.53
N VAL E 39 -26.09 -33.93 14.59
CA VAL E 39 -24.84 -33.28 14.21
C VAL E 39 -24.33 -33.85 12.89
N VAL E 40 -24.10 -32.98 11.92
CA VAL E 40 -23.70 -33.39 10.58
C VAL E 40 -22.18 -33.42 10.43
N LEU E 41 -21.66 -34.57 10.00
CA LEU E 41 -20.23 -34.74 9.77
C LEU E 41 -19.91 -34.84 8.28
N GLU E 42 -18.90 -34.12 7.84
CA GLU E 42 -18.46 -34.20 6.45
C GLU E 42 -17.79 -35.54 6.20
N SER E 43 -18.24 -36.24 5.17
CA SER E 43 -17.70 -37.56 4.85
C SER E 43 -16.26 -37.50 4.38
N LYS E 44 -15.53 -38.59 4.57
CA LYS E 44 -14.17 -38.71 4.08
C LYS E 44 -14.16 -38.67 2.55
N PHE E 45 -15.21 -39.23 1.96
CA PHE E 45 -15.37 -39.27 0.52
C PHE E 45 -16.78 -39.70 0.15
N GLY E 46 -17.67 -38.74 -0.05
CA GLY E 46 -19.04 -39.04 -0.44
C GLY E 46 -20.09 -38.38 0.43
N ALA E 47 -21.21 -39.07 0.61
CA ALA E 47 -22.35 -38.53 1.36
C ALA E 47 -22.05 -38.42 2.85
N PRO E 48 -22.41 -37.29 3.46
CA PRO E 48 -22.16 -36.98 4.87
C PRO E 48 -22.80 -37.97 5.82
N LYS E 49 -22.38 -37.95 7.08
CA LYS E 49 -22.86 -38.88 8.09
C LYS E 49 -23.53 -38.13 9.24
N ILE E 50 -24.82 -38.39 9.45
CA ILE E 50 -25.55 -37.79 10.55
C ILE E 50 -25.28 -38.55 11.85
N VAL E 51 -25.09 -37.82 12.94
CA VAL E 51 -24.72 -38.43 14.22
C VAL E 51 -25.65 -37.98 15.35
N ASN E 52 -26.07 -38.94 16.18
CA ASN E 52 -26.87 -38.62 17.37
C ASN E 52 -26.13 -39.05 18.64
N ASP E 53 -25.04 -39.78 18.46
CA ASP E 53 -24.26 -40.29 19.58
C ASP E 53 -23.23 -39.28 20.04
N GLY E 54 -22.91 -39.30 21.33
CA GLY E 54 -21.89 -38.41 21.87
C GLY E 54 -20.50 -39.01 21.74
N VAL E 55 -20.47 -40.33 21.52
CA VAL E 55 -19.20 -41.04 21.37
C VAL E 55 -18.56 -40.72 20.03
N THR E 56 -19.36 -40.76 18.97
CA THR E 56 -18.87 -40.54 17.62
C THR E 56 -18.38 -39.10 17.46
N ILE E 57 -19.07 -38.16 18.09
CA ILE E 57 -18.69 -36.76 18.03
C ILE E 57 -17.35 -36.51 18.71
N ALA E 58 -17.19 -37.04 19.93
CA ALA E 58 -15.97 -36.85 20.70
C ALA E 58 -14.76 -37.47 20.01
N ARG E 59 -15.01 -38.47 19.17
CA ARG E 59 -13.95 -39.16 18.45
C ARG E 59 -13.40 -38.34 17.29
N GLU E 60 -14.26 -37.55 16.66
CA GLU E 60 -13.92 -36.85 15.43
C GLU E 60 -13.44 -35.41 15.65
N VAL E 61 -13.75 -34.85 16.83
CA VAL E 61 -13.43 -33.45 17.09
C VAL E 61 -11.95 -33.21 17.39
N GLU E 62 -11.37 -32.25 16.66
CA GLU E 62 -10.02 -31.78 16.92
C GLU E 62 -9.81 -30.44 16.21
N LEU E 63 -9.53 -29.41 17.01
CA LEU E 63 -9.50 -28.04 16.51
C LEU E 63 -8.16 -27.67 15.86
N SER E 64 -8.02 -26.39 15.51
CA SER E 64 -6.82 -25.89 14.85
C SER E 64 -5.75 -25.53 15.86
N ASP E 65 -6.01 -24.50 16.65
CA ASP E 65 -5.08 -24.01 17.67
C ASP E 65 -4.68 -25.14 18.61
N PRO E 66 -3.42 -25.56 18.56
CA PRO E 66 -2.89 -26.73 19.28
C PRO E 66 -3.20 -26.74 20.78
N VAL E 67 -3.11 -25.58 21.43
CA VAL E 67 -3.37 -25.51 22.86
C VAL E 67 -4.81 -25.88 23.18
N GLU E 68 -5.76 -25.31 22.44
CA GLU E 68 -7.17 -25.62 22.65
C GLU E 68 -7.52 -26.95 22.02
N ASN E 69 -6.59 -27.50 21.25
CA ASN E 69 -6.76 -28.83 20.66
C ASN E 69 -6.41 -29.91 21.67
N ILE E 70 -5.31 -29.72 22.38
CA ILE E 70 -4.90 -30.67 23.41
C ILE E 70 -5.76 -30.51 24.66
N GLY E 71 -6.46 -29.38 24.73
CA GLY E 71 -7.39 -29.14 25.83
C GLY E 71 -8.63 -29.99 25.66
N ALA E 72 -9.20 -29.96 24.46
CA ALA E 72 -10.38 -30.74 24.14
C ALA E 72 -10.06 -32.23 24.13
N THR E 73 -8.86 -32.58 23.67
CA THR E 73 -8.40 -33.96 23.66
C THR E 73 -8.21 -34.48 25.08
N LEU E 74 -7.83 -33.58 25.98
CA LEU E 74 -7.61 -33.94 27.37
C LEU E 74 -8.92 -34.34 28.04
N VAL E 75 -10.02 -33.77 27.55
CA VAL E 75 -11.35 -34.14 28.01
C VAL E 75 -11.82 -35.41 27.31
N ARG E 76 -11.43 -35.55 26.04
CA ARG E 76 -11.72 -36.75 25.27
C ARG E 76 -11.17 -37.99 25.95
N GLN E 77 -10.04 -37.84 26.62
CA GLN E 77 -9.44 -38.93 27.39
C GLN E 77 -10.41 -39.40 28.47
N ALA E 78 -10.95 -38.46 29.23
CA ALA E 78 -11.90 -38.77 30.29
C ALA E 78 -13.18 -39.38 29.72
N ALA E 79 -13.60 -38.87 28.57
CA ALA E 79 -14.80 -39.36 27.91
C ALA E 79 -14.59 -40.78 27.40
N ALA E 80 -13.45 -41.01 26.74
CA ALA E 80 -13.13 -42.32 26.20
C ALA E 80 -12.89 -43.33 27.32
N ARG E 81 -12.18 -42.91 28.36
CA ARG E 81 -11.86 -43.78 29.48
C ARG E 81 -13.11 -44.19 30.23
N THR E 82 -14.05 -43.24 30.36
CA THR E 82 -15.34 -43.53 30.99
C THR E 82 -16.13 -44.55 30.18
N ASN E 83 -16.06 -44.43 28.87
CA ASN E 83 -16.79 -45.33 27.99
C ASN E 83 -16.28 -46.76 28.07
N ASP E 84 -14.95 -46.94 28.01
CA ASP E 84 -14.39 -48.29 28.00
C ASP E 84 -14.22 -48.87 29.39
N THR E 85 -14.95 -48.32 30.36
CA THR E 85 -14.89 -48.82 31.73
C THR E 85 -16.29 -48.88 32.35
N ALA E 86 -17.26 -48.30 31.65
CA ALA E 86 -18.64 -48.27 32.14
C ALA E 86 -19.63 -48.66 31.05
N GLY E 87 -19.24 -48.47 29.79
CA GLY E 87 -20.09 -48.85 28.67
C GLY E 87 -20.90 -47.69 28.12
N ASP E 88 -20.96 -46.60 28.87
CA ASP E 88 -21.70 -45.41 28.46
C ASP E 88 -21.28 -44.20 29.26
N GLY E 89 -21.93 -43.06 29.01
CA GLY E 89 -21.67 -41.85 29.78
C GLY E 89 -20.52 -41.02 29.23
N THR E 90 -20.45 -40.89 27.91
CA THR E 90 -19.46 -40.04 27.28
C THR E 90 -19.92 -38.58 27.29
N THR E 91 -21.20 -38.39 26.97
CA THR E 91 -21.79 -37.06 26.96
C THR E 91 -21.77 -36.46 28.36
N THR E 92 -22.14 -37.27 29.35
CA THR E 92 -22.18 -36.83 30.74
C THR E 92 -20.77 -36.52 31.26
N ALA E 93 -19.80 -37.34 30.84
CA ALA E 93 -18.42 -37.15 31.28
C ALA E 93 -17.84 -35.84 30.76
N THR E 94 -18.13 -35.53 29.49
CA THR E 94 -17.60 -34.33 28.86
C THR E 94 -18.21 -33.05 29.45
N VAL E 95 -19.53 -33.03 29.55
CA VAL E 95 -20.22 -31.84 30.02
C VAL E 95 -19.88 -31.55 31.49
N LEU E 96 -19.71 -32.60 32.28
CA LEU E 96 -19.30 -32.46 33.67
C LEU E 96 -17.86 -32.01 33.74
N SER E 97 -17.03 -32.55 32.85
CA SER E 97 -15.62 -32.17 32.77
C SER E 97 -15.48 -30.68 32.52
N ALA E 98 -16.22 -30.18 31.53
CA ALA E 98 -16.19 -28.76 31.20
C ALA E 98 -16.85 -27.94 32.30
N ALA E 99 -17.83 -28.54 32.97
CA ALA E 99 -18.51 -27.89 34.08
C ALA E 99 -17.54 -27.60 35.22
N PHE E 100 -16.78 -28.62 35.60
CA PHE E 100 -15.78 -28.48 36.66
C PHE E 100 -14.72 -27.46 36.26
N ILE E 101 -14.36 -27.47 34.98
CA ILE E 101 -13.34 -26.56 34.45
C ILE E 101 -13.83 -25.13 34.41
N ALA E 102 -15.03 -24.92 33.83
CA ALA E 102 -15.60 -23.59 33.72
C ALA E 102 -15.81 -22.95 35.09
N GLU E 103 -16.46 -23.69 35.98
CA GLU E 103 -16.69 -23.22 37.34
C GLU E 103 -15.37 -23.13 38.11
N GLY E 104 -14.40 -23.93 37.70
CA GLY E 104 -13.08 -23.89 38.30
C GLY E 104 -12.34 -22.62 37.92
N MET E 105 -12.27 -22.35 36.62
CA MET E 105 -11.62 -21.15 36.12
C MET E 105 -12.31 -19.88 36.63
N LYS E 106 -13.61 -19.99 36.87
CA LYS E 106 -14.41 -18.88 37.35
C LYS E 106 -13.93 -18.41 38.73
N ILE E 107 -13.67 -19.37 39.61
CA ILE E 107 -13.24 -19.06 40.98
C ILE E 107 -11.74 -18.79 41.04
N VAL E 108 -10.96 -19.55 40.28
CA VAL E 108 -9.50 -19.39 40.24
C VAL E 108 -9.12 -17.97 39.82
N SER E 109 -9.90 -17.39 38.92
CA SER E 109 -9.65 -16.04 38.42
C SER E 109 -9.64 -14.99 39.54
N ALA E 110 -10.21 -15.34 40.68
CA ALA E 110 -10.21 -14.46 41.84
C ALA E 110 -8.97 -14.67 42.69
N GLY E 111 -7.88 -15.10 42.06
CA GLY E 111 -6.61 -15.30 42.75
C GLY E 111 -6.69 -16.34 43.85
N THR E 112 -7.49 -17.38 43.62
CA THR E 112 -7.68 -18.44 44.61
C THR E 112 -6.63 -19.54 44.43
N ASN E 113 -6.14 -20.07 45.55
CA ASN E 113 -5.14 -21.14 45.53
C ASN E 113 -5.68 -22.41 44.88
N PRO E 114 -5.06 -22.83 43.77
CA PRO E 114 -5.47 -24.00 43.00
C PRO E 114 -5.33 -25.31 43.77
N VAL E 115 -4.33 -25.39 44.65
CA VAL E 115 -4.04 -26.63 45.37
C VAL E 115 -5.16 -26.99 46.35
N GLN E 116 -5.65 -26.00 47.08
CA GLN E 116 -6.70 -26.24 48.06
C GLN E 116 -8.05 -26.41 47.37
N LEU E 117 -8.19 -25.80 46.20
CA LEU E 117 -9.41 -25.94 45.40
C LEU E 117 -9.58 -27.36 44.89
N VAL E 118 -8.53 -27.89 44.27
CA VAL E 118 -8.59 -29.24 43.72
C VAL E 118 -8.67 -30.28 44.84
N ARG E 119 -8.11 -29.96 46.01
CA ARG E 119 -8.23 -30.83 47.16
C ARG E 119 -9.69 -30.92 47.60
N GLY E 120 -10.37 -29.77 47.59
CA GLY E 120 -11.78 -29.71 47.94
C GLY E 120 -12.63 -30.50 46.96
N MET E 121 -12.30 -30.38 45.67
CA MET E 121 -13.03 -31.08 44.63
C MET E 121 -12.85 -32.59 44.75
N GLU E 122 -11.61 -33.03 44.96
CA GLU E 122 -11.30 -34.45 45.09
C GLU E 122 -12.07 -35.10 46.23
N LYS E 123 -12.02 -34.50 47.41
CA LYS E 123 -12.66 -35.04 48.58
C LYS E 123 -14.19 -34.97 48.47
N THR E 124 -14.69 -33.94 47.82
CA THR E 124 -16.14 -33.75 47.68
C THR E 124 -16.75 -34.84 46.80
N VAL E 125 -16.15 -35.05 45.63
CA VAL E 125 -16.65 -36.05 44.70
C VAL E 125 -16.42 -37.45 45.24
N GLN E 126 -15.37 -37.61 46.06
CA GLN E 126 -15.05 -38.91 46.64
C GLN E 126 -16.11 -39.31 47.66
N GLU E 127 -16.52 -38.36 48.49
CA GLU E 127 -17.56 -38.60 49.47
C GLU E 127 -18.91 -38.69 48.78
N LEU E 128 -19.03 -38.04 47.63
CA LEU E 128 -20.25 -38.11 46.84
C LEU E 128 -20.34 -39.44 46.10
N VAL E 129 -19.20 -40.08 45.90
CA VAL E 129 -19.16 -41.44 45.36
C VAL E 129 -19.59 -42.41 46.45
N LYS E 130 -19.10 -42.21 47.66
CA LYS E 130 -19.53 -42.99 48.81
C LYS E 130 -21.02 -42.77 49.05
N GLU E 131 -21.48 -41.56 48.75
CA GLU E 131 -22.90 -41.23 48.86
C GLU E 131 -23.68 -41.83 47.70
N LEU E 132 -23.05 -41.92 46.54
CA LEU E 132 -23.70 -42.48 45.35
C LEU E 132 -24.04 -43.95 45.54
N ARG E 133 -23.17 -44.66 46.27
CA ARG E 133 -23.40 -46.08 46.57
C ARG E 133 -24.62 -46.23 47.48
N LYS E 134 -24.83 -45.24 48.35
CA LYS E 134 -26.02 -45.20 49.19
C LYS E 134 -27.25 -44.91 48.35
N MET E 135 -27.09 -44.03 47.36
CA MET E 135 -28.17 -43.65 46.46
C MET E 135 -28.63 -44.82 45.59
N SER E 136 -27.71 -45.75 45.33
CA SER E 136 -27.95 -46.84 44.40
C SER E 136 -29.03 -47.81 44.86
N SER E 137 -29.83 -48.29 43.90
CA SER E 137 -30.83 -49.31 44.16
C SER E 137 -30.32 -50.67 43.68
N VAL E 138 -30.25 -51.63 44.60
CA VAL E 138 -29.64 -52.93 44.30
C VAL E 138 -30.65 -53.91 43.73
N VAL E 139 -30.18 -54.79 42.84
CA VAL E 139 -30.99 -55.86 42.29
C VAL E 139 -30.47 -57.21 42.74
N GLN E 140 -31.36 -58.04 43.29
CA GLN E 140 -30.96 -59.33 43.85
C GLN E 140 -31.81 -60.48 43.35
N THR E 141 -32.98 -60.17 42.79
CA THR E 141 -33.87 -61.20 42.28
C THR E 141 -33.90 -61.18 40.75
N ASP E 142 -33.97 -62.37 40.17
CA ASP E 142 -33.93 -62.52 38.72
C ASP E 142 -35.17 -61.94 38.03
N LYS E 143 -36.27 -61.82 38.78
CA LYS E 143 -37.50 -61.29 38.22
C LYS E 143 -37.49 -59.76 38.23
N ASP E 144 -36.88 -59.17 39.24
CA ASP E 144 -36.67 -57.73 39.27
C ASP E 144 -35.56 -57.38 38.29
N LEU E 145 -34.61 -58.30 38.16
CA LEU E 145 -33.56 -58.20 37.16
C LEU E 145 -34.19 -58.23 35.77
N ALA E 146 -35.25 -59.02 35.64
CA ALA E 146 -35.98 -59.12 34.38
C ALA E 146 -36.66 -57.81 34.05
N ASN E 147 -37.23 -57.17 35.07
CA ASN E 147 -37.90 -55.89 34.90
C ASN E 147 -36.88 -54.80 34.59
N VAL E 148 -35.73 -54.85 35.27
CA VAL E 148 -34.65 -53.93 35.02
C VAL E 148 -34.12 -54.10 33.59
N ALA E 149 -33.96 -55.35 33.18
CA ALA E 149 -33.41 -55.66 31.86
C ALA E 149 -34.35 -55.23 30.73
N CYS E 150 -35.62 -55.58 30.84
CA CYS E 150 -36.60 -55.31 29.79
C CYS E 150 -36.87 -53.82 29.64
N VAL E 151 -36.83 -53.09 30.75
CA VAL E 151 -37.03 -51.65 30.72
C VAL E 151 -35.80 -50.96 30.12
N SER E 152 -34.63 -51.36 30.58
CA SER E 152 -33.37 -50.81 30.05
C SER E 152 -33.23 -51.16 28.57
N ALA E 153 -33.89 -52.24 28.16
CA ALA E 153 -33.96 -52.60 26.74
C ALA E 153 -34.94 -51.69 26.02
N GLY E 154 -34.64 -51.37 24.77
CA GLY E 154 -35.45 -50.46 23.99
C GLY E 154 -36.85 -50.97 23.68
N GLY E 155 -37.85 -50.15 24.01
CA GLY E 155 -39.24 -50.45 23.69
C GLY E 155 -39.82 -51.63 24.45
N ASN E 156 -40.35 -52.60 23.70
CA ASN E 156 -41.00 -53.76 24.30
C ASN E 156 -40.06 -54.64 25.10
N THR E 157 -40.64 -55.48 25.94
CA THR E 157 -39.86 -56.36 26.83
C THR E 157 -39.29 -57.55 26.08
N ASP E 158 -40.06 -58.63 26.03
CA ASP E 158 -39.73 -59.90 25.36
C ASP E 158 -38.24 -60.19 25.19
N ILE E 159 -37.56 -59.39 24.38
CA ILE E 159 -36.13 -59.59 24.14
C ILE E 159 -35.32 -59.28 25.40
N GLY E 160 -35.74 -58.28 26.15
CA GLY E 160 -35.12 -57.96 27.43
C GLY E 160 -35.49 -59.03 28.44
N SER E 161 -36.63 -59.67 28.22
CA SER E 161 -37.08 -60.77 29.05
C SER E 161 -36.32 -62.05 28.70
N LEU E 162 -35.65 -62.03 27.55
CA LEU E 162 -34.84 -63.15 27.11
C LEU E 162 -33.43 -63.07 27.69
N ILE E 163 -32.89 -61.86 27.72
CA ILE E 163 -31.57 -61.61 28.32
C ILE E 163 -31.62 -61.88 29.82
N SER E 164 -32.79 -61.67 30.41
CA SER E 164 -32.99 -61.87 31.84
C SER E 164 -32.74 -63.31 32.26
N ASP E 165 -33.41 -64.25 31.59
CA ASP E 165 -33.23 -65.67 31.90
C ASP E 165 -31.88 -66.17 31.38
N ALA E 166 -31.31 -65.44 30.43
CA ALA E 166 -30.01 -65.80 29.88
C ALA E 166 -28.91 -65.61 30.92
N MET E 167 -29.07 -64.59 31.75
CA MET E 167 -28.12 -64.32 32.82
C MET E 167 -28.62 -64.93 34.13
N ALA E 168 -29.88 -65.34 34.16
CA ALA E 168 -30.41 -66.02 35.32
C ALA E 168 -29.82 -67.42 35.42
N LYS E 169 -29.42 -67.96 34.27
CA LYS E 169 -28.75 -69.26 34.23
C LYS E 169 -27.34 -69.15 34.79
N VAL E 170 -26.50 -68.38 34.10
CA VAL E 170 -25.15 -68.10 34.58
C VAL E 170 -25.20 -66.93 35.57
N GLY E 171 -25.17 -67.27 36.86
CA GLY E 171 -25.36 -66.31 37.93
C GLY E 171 -24.50 -65.07 37.88
N ARG E 172 -23.22 -65.21 38.19
CA ARG E 172 -22.31 -64.08 38.22
C ARG E 172 -21.17 -64.23 37.22
N THR E 173 -20.08 -63.50 37.46
CA THR E 173 -18.83 -63.55 36.68
C THR E 173 -18.97 -63.56 35.16
N GLY E 174 -20.18 -63.42 34.64
CA GLY E 174 -20.42 -63.44 33.22
C GLY E 174 -20.07 -64.77 32.59
N VAL E 175 -19.89 -64.79 31.27
CA VAL E 175 -20.04 -63.59 30.45
C VAL E 175 -20.94 -63.86 29.25
N VAL E 176 -21.98 -63.04 29.10
CA VAL E 176 -22.96 -63.23 28.03
C VAL E 176 -22.49 -62.63 26.70
N THR E 177 -22.53 -63.44 25.65
CA THR E 177 -22.17 -63.00 24.31
C THR E 177 -23.35 -63.25 23.37
N MET E 178 -23.54 -62.37 22.39
CA MET E 178 -24.69 -62.49 21.49
C MET E 178 -24.28 -62.72 20.04
N GLU E 179 -25.24 -63.21 19.25
CA GLU E 179 -25.04 -63.43 17.82
C GLU E 179 -26.38 -63.63 17.13
N GLU E 180 -26.46 -63.28 15.86
CA GLU E 180 -27.71 -63.39 15.11
C GLU E 180 -27.80 -64.72 14.37
N GLY E 181 -28.95 -64.97 13.74
CA GLY E 181 -29.17 -66.20 13.01
C GLY E 181 -29.64 -67.32 13.92
N LYS E 182 -30.17 -68.40 13.34
CA LYS E 182 -30.31 -68.50 11.88
C LYS E 182 -31.79 -68.53 11.50
N THR E 183 -32.63 -69.00 12.41
CA THR E 183 -34.06 -69.06 12.18
C THR E 183 -34.80 -68.27 13.25
N ALA E 184 -35.96 -67.72 12.88
CA ALA E 184 -36.71 -66.82 13.77
C ALA E 184 -37.22 -67.49 15.04
N GLU E 185 -36.35 -67.59 16.04
CA GLU E 185 -36.73 -68.08 17.36
C GLU E 185 -35.78 -67.54 18.42
N ASP E 186 -35.86 -68.09 19.63
CA ASP E 186 -34.94 -67.72 20.69
C ASP E 186 -34.10 -68.93 21.10
N GLN E 187 -32.87 -68.98 20.60
CA GLN E 187 -31.99 -70.12 20.82
C GLN E 187 -30.91 -69.80 21.84
N LEU E 188 -31.04 -70.37 23.04
CA LEU E 188 -30.03 -70.22 24.08
C LEU E 188 -29.02 -71.36 23.98
N VAL E 189 -27.73 -71.00 24.02
CA VAL E 189 -26.67 -71.98 23.89
C VAL E 189 -25.59 -71.78 24.95
N PHE E 190 -25.32 -72.81 25.73
CA PHE E 190 -24.23 -72.77 26.69
C PHE E 190 -23.13 -73.74 26.29
N VAL E 191 -21.92 -73.22 26.14
CA VAL E 191 -20.78 -74.03 25.73
C VAL E 191 -19.52 -73.68 26.51
N GLU E 192 -18.47 -74.48 26.32
CA GLU E 192 -17.21 -74.26 27.01
C GLU E 192 -16.51 -73.01 26.50
N GLY E 193 -16.61 -71.92 27.26
CA GLY E 193 -15.99 -70.67 26.88
C GLY E 193 -15.37 -69.96 28.06
N MET E 194 -14.43 -69.06 27.78
CA MET E 194 -13.71 -68.35 28.84
C MET E 194 -13.40 -66.92 28.43
N GLN E 195 -13.09 -66.08 29.42
CA GLN E 195 -12.71 -64.69 29.14
C GLN E 195 -11.63 -64.20 30.09
N PHE E 196 -10.98 -63.10 29.71
CA PHE E 196 -9.97 -62.46 30.54
C PHE E 196 -10.05 -60.95 30.41
N GLU E 197 -9.43 -60.23 31.35
CA GLU E 197 -9.48 -58.77 31.35
C GLU E 197 -8.22 -58.16 30.75
N ARG E 198 -7.66 -58.81 29.74
CA ARG E 198 -6.53 -58.25 29.01
C ARG E 198 -6.99 -57.70 27.67
N GLY E 199 -6.10 -57.02 26.96
CA GLY E 199 -6.45 -56.40 25.70
C GLY E 199 -5.48 -56.71 24.57
N TYR E 200 -5.81 -56.25 23.38
CA TYR E 200 -4.95 -56.45 22.21
C TYR E 200 -3.67 -55.64 22.33
N THR E 201 -2.68 -55.98 21.50
CA THR E 201 -1.41 -55.27 21.50
C THR E 201 -1.51 -53.95 20.74
N SER E 202 -2.13 -54.01 19.56
CA SER E 202 -2.29 -52.82 18.73
C SER E 202 -3.74 -52.67 18.26
N PRO E 203 -4.22 -51.41 18.21
CA PRO E 203 -5.57 -51.09 17.72
C PRO E 203 -5.69 -51.22 16.21
N TYR E 204 -4.70 -51.83 15.56
CA TYR E 204 -4.70 -51.98 14.11
C TYR E 204 -5.19 -53.36 13.70
N PHE E 205 -5.57 -54.18 14.69
CA PHE E 205 -6.05 -55.52 14.43
C PHE E 205 -7.57 -55.57 14.36
N VAL E 206 -8.26 -54.39 14.50
CA VAL E 206 -9.73 -54.33 14.53
C VAL E 206 -10.30 -54.89 13.23
N THR E 207 -11.10 -55.85 13.28
CA THR E 207 -11.69 -56.53 12.13
C THR E 207 -12.74 -55.68 11.43
N ASP E 208 -13.72 -55.21 12.20
CA ASP E 208 -14.84 -54.46 11.63
C ASP E 208 -15.22 -53.22 12.44
N PRO E 209 -14.71 -52.06 12.03
CA PRO E 209 -15.12 -50.75 12.56
C PRO E 209 -16.57 -50.44 12.18
N GLU E 210 -17.27 -49.56 12.89
CA GLU E 210 -16.71 -48.78 13.99
C GLU E 210 -16.76 -49.51 15.32
N ARG E 211 -17.12 -50.79 15.29
CA ARG E 211 -17.16 -51.59 16.50
C ARG E 211 -15.74 -51.91 16.98
N MET E 212 -14.77 -51.76 16.08
CA MET E 212 -13.34 -52.01 16.31
C MET E 212 -13.06 -53.23 17.20
N ILE E 213 -13.84 -54.29 17.00
CA ILE E 213 -13.68 -55.52 17.76
C ILE E 213 -13.26 -56.67 16.84
N CYS E 214 -12.16 -57.33 17.20
CA CYS E 214 -11.62 -58.41 16.39
C CYS E 214 -12.31 -59.74 16.68
N GLU E 215 -13.19 -60.22 15.68
CA GLU E 215 -13.87 -61.50 15.76
C GLU E 215 -13.45 -62.46 14.66
N TYR E 216 -13.11 -63.68 15.06
CA TYR E 216 -12.70 -64.67 14.08
C TYR E 216 -13.33 -66.03 14.37
N GLU E 217 -13.75 -66.72 13.32
CA GLU E 217 -14.42 -68.02 13.47
C GLU E 217 -13.57 -69.17 12.95
N ASN E 218 -13.65 -70.30 13.64
CA ASN E 218 -12.89 -71.51 13.29
C ASN E 218 -11.39 -71.24 13.19
N CYS E 219 -10.76 -71.03 14.34
CA CYS E 219 -9.34 -70.68 14.37
C CYS E 219 -8.59 -71.41 15.48
N LYS E 220 -7.33 -71.76 15.22
CA LYS E 220 -6.49 -72.42 16.21
C LYS E 220 -5.86 -71.41 17.15
N ILE E 221 -5.39 -71.88 18.30
CA ILE E 221 -4.82 -71.01 19.32
C ILE E 221 -3.39 -71.43 19.68
N LEU E 222 -2.59 -70.48 20.16
CA LEU E 222 -1.21 -70.74 20.53
C LEU E 222 -0.75 -69.77 21.61
N LEU E 223 -0.15 -70.30 22.67
CA LEU E 223 0.29 -69.46 23.78
C LEU E 223 1.52 -69.99 24.51
N VAL E 224 2.39 -69.07 24.92
CA VAL E 224 3.53 -69.39 25.78
C VAL E 224 3.60 -68.32 26.87
N ASP E 225 4.48 -68.51 27.84
CA ASP E 225 4.61 -67.57 28.95
C ASP E 225 5.73 -66.55 28.72
N LYS E 226 6.82 -67.01 28.09
CA LYS E 226 7.98 -66.17 27.87
C LYS E 226 7.74 -65.13 26.78
N LYS E 227 8.57 -64.09 26.77
CA LYS E 227 8.47 -63.04 25.76
C LYS E 227 8.94 -63.55 24.40
N ILE E 228 8.25 -63.13 23.35
CA ILE E 228 8.58 -63.56 21.99
C ILE E 228 9.15 -62.39 21.18
N SER E 229 10.29 -62.64 20.54
CA SER E 229 10.94 -61.63 19.71
C SER E 229 11.39 -62.24 18.39
N THR E 230 11.84 -63.49 18.43
CA THR E 230 12.24 -64.20 17.23
C THR E 230 11.04 -64.40 16.31
N ALA E 231 11.30 -64.46 15.00
CA ALA E 231 10.22 -64.53 14.03
C ALA E 231 10.21 -65.87 13.28
N ARG E 232 11.39 -66.43 13.06
CA ARG E 232 11.52 -67.64 12.24
C ARG E 232 10.71 -68.82 12.77
N ASP E 233 10.47 -68.84 14.07
CA ASP E 233 9.62 -69.87 14.66
C ASP E 233 8.18 -69.68 14.21
N ILE E 234 7.71 -68.44 14.29
CA ILE E 234 6.35 -68.11 13.89
C ILE E 234 6.21 -68.22 12.37
N ILE E 235 7.30 -68.01 11.66
CA ILE E 235 7.33 -68.16 10.21
C ILE E 235 7.03 -69.62 9.82
N THR E 236 7.56 -70.55 10.61
CA THR E 236 7.29 -71.97 10.40
C THR E 236 5.83 -72.28 10.74
N ILE E 237 5.32 -71.60 11.76
CA ILE E 237 3.92 -71.75 12.14
C ILE E 237 3.04 -71.02 11.12
N LEU E 238 3.60 -69.98 10.50
CA LEU E 238 2.92 -69.30 9.41
C LEU E 238 2.71 -70.26 8.25
N GLU E 239 3.71 -71.10 8.00
CA GLU E 239 3.61 -72.13 6.97
C GLU E 239 2.55 -73.15 7.36
N SER E 240 2.39 -73.34 8.67
CA SER E 240 1.35 -74.21 9.20
C SER E 240 -0.01 -73.52 9.13
N ALA E 241 0.02 -72.19 9.08
CA ALA E 241 -1.19 -71.40 8.92
C ALA E 241 -1.54 -71.27 7.44
N ILE E 242 -0.58 -71.58 6.58
CA ILE E 242 -0.81 -71.60 5.14
C ILE E 242 -1.13 -73.04 4.72
N ARG E 243 -0.51 -73.99 5.41
CA ARG E 243 -0.81 -75.41 5.24
C ARG E 243 -2.32 -75.66 5.34
N GLY E 244 -2.94 -75.00 6.31
CA GLY E 244 -4.38 -74.95 6.42
C GLY E 244 -4.81 -73.49 6.52
N ASN E 245 -5.28 -72.94 5.42
CA ASN E 245 -5.63 -71.52 5.34
C ASN E 245 -6.61 -71.08 6.42
N TYR E 246 -6.10 -70.93 7.64
CA TYR E 246 -6.90 -70.54 8.79
C TYR E 246 -6.16 -69.50 9.63
N PRO E 247 -6.92 -68.58 10.25
CA PRO E 247 -6.34 -67.59 11.15
C PRO E 247 -5.67 -68.22 12.36
N LEU E 248 -4.81 -67.46 13.05
CA LEU E 248 -4.07 -67.99 14.18
C LEU E 248 -4.18 -67.08 15.40
N LEU E 249 -4.26 -67.68 16.57
CA LEU E 249 -4.39 -66.93 17.82
C LEU E 249 -3.09 -66.96 18.62
N ILE E 250 -2.61 -65.79 19.00
CA ILE E 250 -1.38 -65.68 19.79
C ILE E 250 -1.55 -64.72 20.97
N MET E 251 -1.23 -65.19 22.17
CA MET E 251 -1.31 -64.35 23.35
C MET E 251 -0.21 -64.71 24.36
N ALA E 252 1.02 -64.36 24.02
CA ALA E 252 2.17 -64.68 24.87
C ALA E 252 2.80 -63.44 25.47
N GLU E 253 2.09 -62.82 26.42
CA GLU E 253 2.56 -61.62 27.13
C GLU E 253 2.97 -60.50 26.18
N GLU E 254 4.27 -60.26 26.09
CA GLU E 254 4.77 -59.11 25.34
C GLU E 254 5.40 -59.53 24.01
N VAL E 255 4.84 -59.02 22.92
CA VAL E 255 5.41 -59.20 21.59
C VAL E 255 6.13 -57.93 21.18
N GLU E 256 7.43 -58.05 20.89
CA GLU E 256 8.26 -56.89 20.60
C GLU E 256 7.88 -56.26 19.26
N GLN E 257 8.47 -55.11 18.97
CA GLN E 257 8.14 -54.34 17.77
C GLN E 257 8.44 -55.08 16.47
N GLU E 258 9.42 -55.98 16.50
CA GLU E 258 9.79 -56.73 15.30
C GLU E 258 8.69 -57.70 14.87
N ALA E 259 8.32 -58.59 15.77
CA ALA E 259 7.28 -59.58 15.46
C ALA E 259 5.93 -58.92 15.25
N LEU E 260 5.69 -57.84 15.99
CA LEU E 260 4.42 -57.10 15.87
C LEU E 260 4.29 -56.44 14.50
N ALA E 261 5.41 -55.93 13.99
CA ALA E 261 5.41 -55.30 12.67
C ALA E 261 5.20 -56.33 11.57
N THR E 262 5.83 -57.49 11.73
CA THR E 262 5.67 -58.58 10.78
C THR E 262 4.22 -59.07 10.77
N LEU E 263 3.60 -59.03 11.95
CA LEU E 263 2.22 -59.47 12.10
C LEU E 263 1.22 -58.55 11.40
N VAL E 264 1.38 -57.24 11.61
CA VAL E 264 0.44 -56.27 11.05
C VAL E 264 0.62 -56.11 9.54
N VAL E 265 1.82 -56.41 9.05
CA VAL E 265 2.10 -56.35 7.62
C VAL E 265 1.49 -57.54 6.89
N ASN E 266 1.67 -58.72 7.46
CA ASN E 266 1.10 -59.95 6.90
C ASN E 266 -0.42 -59.97 7.03
N LYS E 267 -0.96 -59.12 7.90
CA LYS E 267 -2.40 -59.04 8.11
C LYS E 267 -3.03 -58.01 7.18
N LEU E 268 -2.27 -56.94 6.89
CA LEU E 268 -2.76 -55.87 6.04
C LEU E 268 -2.92 -56.33 4.59
N ARG E 269 -2.11 -57.30 4.19
CA ARG E 269 -2.19 -57.85 2.84
C ARG E 269 -3.23 -58.96 2.77
N GLY E 270 -3.55 -59.53 3.93
CA GLY E 270 -4.56 -60.56 4.01
C GLY E 270 -4.02 -61.97 3.80
N THR E 271 -2.72 -62.07 3.56
CA THR E 271 -2.08 -63.36 3.37
C THR E 271 -2.14 -64.18 4.65
N LEU E 272 -1.91 -63.52 5.77
CA LEU E 272 -1.96 -64.18 7.08
C LEU E 272 -2.92 -63.47 8.02
N LYS E 273 -3.91 -64.22 8.53
CA LYS E 273 -4.83 -63.67 9.51
C LYS E 273 -4.30 -63.92 10.91
N VAL E 274 -3.78 -62.87 11.54
CA VAL E 274 -3.12 -63.01 12.83
C VAL E 274 -3.79 -62.16 13.91
N VAL E 275 -3.60 -62.55 15.17
CA VAL E 275 -4.17 -61.84 16.30
C VAL E 275 -3.13 -61.64 17.40
N ALA E 276 -3.03 -60.44 17.96
CA ALA E 276 -2.00 -60.21 18.96
C ALA E 276 -2.55 -59.76 20.31
N ILE E 277 -2.16 -60.46 21.39
CA ILE E 277 -2.62 -60.06 22.72
C ILE E 277 -1.78 -60.56 23.91
N LYS E 278 -2.10 -60.05 25.10
CA LYS E 278 -1.18 -60.10 26.22
C LYS E 278 -1.47 -61.32 27.10
N ALA E 279 -0.72 -61.49 28.17
CA ALA E 279 -0.91 -62.62 29.08
C ALA E 279 -1.67 -62.23 30.33
N PRO E 280 -2.49 -63.16 30.85
CA PRO E 280 -3.22 -62.95 32.11
C PRO E 280 -2.36 -63.24 33.34
N GLY E 281 -2.56 -62.49 34.41
CA GLY E 281 -1.84 -62.70 35.64
C GLY E 281 -0.37 -62.31 35.57
N PHE E 282 0.39 -62.68 36.59
CA PHE E 282 1.81 -62.35 36.65
C PHE E 282 2.59 -63.44 37.38
N GLY E 283 3.84 -63.63 36.96
CA GLY E 283 4.71 -64.61 37.59
C GLY E 283 4.29 -66.04 37.35
N GLU E 284 4.15 -66.80 38.43
CA GLU E 284 3.75 -68.21 38.34
C GLU E 284 2.29 -68.35 37.93
N ARG E 285 1.54 -67.27 38.04
CA ARG E 285 0.13 -67.27 37.67
C ARG E 285 -0.03 -67.42 36.15
N ARG E 286 0.87 -66.80 35.41
CA ARG E 286 0.83 -66.84 33.94
C ARG E 286 0.94 -68.28 33.42
N SER E 287 1.93 -69.01 33.92
CA SER E 287 2.16 -70.38 33.48
C SER E 287 1.10 -71.34 34.02
N SER E 288 0.21 -70.83 34.87
CA SER E 288 -0.87 -71.63 35.44
C SER E 288 -2.21 -71.24 34.83
N TYR E 289 -2.21 -70.18 34.04
CA TYR E 289 -3.43 -69.69 33.40
C TYR E 289 -3.49 -70.06 31.92
N LEU E 290 -2.34 -70.01 31.25
CA LEU E 290 -2.28 -70.34 29.84
C LEU E 290 -2.42 -71.85 29.64
N GLU E 291 -1.97 -72.62 30.62
CA GLU E 291 -2.11 -74.08 30.57
C GLU E 291 -3.53 -74.45 30.97
N ASP E 292 -4.23 -73.52 31.59
CA ASP E 292 -5.62 -73.75 31.99
C ASP E 292 -6.55 -73.56 30.80
N ILE E 293 -6.09 -72.79 29.81
CA ILE E 293 -6.88 -72.53 28.62
C ILE E 293 -6.35 -73.36 27.44
N ALA E 294 -5.18 -73.96 27.63
CA ALA E 294 -4.55 -74.76 26.57
C ALA E 294 -5.35 -76.02 26.28
N ILE E 295 -5.52 -76.87 27.28
CA ILE E 295 -6.25 -78.12 27.13
C ILE E 295 -7.74 -77.83 26.92
N LEU E 296 -8.20 -76.72 27.48
CA LEU E 296 -9.58 -76.27 27.27
C LEU E 296 -9.84 -76.05 25.79
N THR E 297 -8.82 -75.57 25.09
CA THR E 297 -8.90 -75.39 23.65
C THR E 297 -8.39 -76.62 22.91
N GLY E 298 -7.94 -77.62 23.67
CA GLY E 298 -7.46 -78.85 23.10
C GLY E 298 -6.06 -78.75 22.51
N GLY E 299 -5.12 -78.28 23.33
CA GLY E 299 -3.74 -78.14 22.89
C GLY E 299 -2.77 -78.22 24.04
N THR E 300 -1.56 -78.71 23.75
CA THR E 300 -0.53 -78.83 24.77
C THR E 300 0.17 -77.49 25.01
N VAL E 301 1.07 -77.47 25.99
CA VAL E 301 1.80 -76.26 26.33
C VAL E 301 3.22 -76.31 25.75
N VAL E 302 3.62 -75.21 25.11
CA VAL E 302 4.93 -75.15 24.48
C VAL E 302 5.92 -74.36 25.35
N ARG E 303 5.97 -74.70 26.63
CA ARG E 303 6.85 -74.02 27.57
C ARG E 303 8.19 -74.77 27.70
N ASP E 304 9.25 -74.03 27.98
CA ASP E 304 10.59 -74.60 28.05
C ASP E 304 10.90 -75.21 29.41
N GLU E 305 9.90 -75.24 30.29
CA GLU E 305 10.08 -75.78 31.64
C GLU E 305 10.18 -77.30 31.63
N MET E 306 9.60 -77.92 30.61
CA MET E 306 9.64 -79.38 30.48
C MET E 306 10.89 -79.91 29.73
N GLY E 307 11.24 -79.42 28.54
CA GLY E 307 10.54 -78.36 27.81
C GLY E 307 10.76 -78.45 26.32
N VAL E 308 9.68 -78.40 25.56
CA VAL E 308 9.75 -78.46 24.10
C VAL E 308 9.51 -77.08 23.48
N SER E 309 10.50 -76.60 22.74
CA SER E 309 10.41 -75.31 22.07
C SER E 309 11.42 -75.20 20.94
N LEU E 310 10.97 -75.50 19.72
CA LEU E 310 11.86 -75.49 18.57
C LEU E 310 11.27 -74.72 17.39
N GLU E 311 11.79 -75.00 16.20
CA GLU E 311 11.37 -74.33 14.98
C GLU E 311 9.94 -74.70 14.59
N GLN E 312 9.70 -76.01 14.53
CA GLN E 312 8.43 -76.54 14.03
C GLN E 312 7.32 -76.51 15.07
N ALA E 313 6.08 -76.65 14.62
CA ALA E 313 4.91 -76.68 15.48
C ALA E 313 3.74 -77.35 14.79
N THR E 314 3.20 -78.41 15.40
CA THR E 314 2.12 -79.18 14.80
C THR E 314 0.79 -78.92 15.50
N ASP E 315 -0.20 -79.76 15.19
CA ASP E 315 -1.53 -79.62 15.77
C ASP E 315 -1.54 -79.92 17.27
N ALA E 316 -0.55 -80.67 17.72
CA ALA E 316 -0.47 -81.07 19.12
C ALA E 316 -0.13 -79.91 20.04
N VAL E 317 0.63 -78.94 19.52
CA VAL E 317 1.09 -77.82 20.33
C VAL E 317 0.13 -76.65 20.30
N LEU E 318 -0.85 -76.71 19.41
CA LEU E 318 -1.84 -75.62 19.29
C LEU E 318 -3.26 -76.13 19.50
N GLY E 319 -4.02 -75.43 20.33
CA GLY E 319 -5.40 -75.79 20.60
C GLY E 319 -6.34 -75.22 19.56
N THR E 320 -7.63 -75.46 19.73
CA THR E 320 -8.63 -74.98 18.78
C THR E 320 -9.73 -74.18 19.46
N ALA E 321 -10.28 -73.21 18.73
CA ALA E 321 -11.37 -72.39 19.24
C ALA E 321 -12.32 -72.04 18.09
N ALA E 322 -13.60 -72.39 18.25
CA ALA E 322 -14.59 -72.16 17.21
C ALA E 322 -14.75 -70.68 16.90
N LYS E 323 -14.92 -69.88 17.94
CA LYS E 323 -15.07 -68.44 17.78
C LYS E 323 -14.36 -67.68 18.89
N ILE E 324 -13.72 -66.56 18.53
CA ILE E 324 -13.08 -65.71 19.52
C ILE E 324 -13.36 -64.23 19.26
N THR E 325 -13.80 -63.54 20.31
CA THR E 325 -14.11 -62.12 20.22
C THR E 325 -13.33 -61.33 21.27
N ILE E 326 -12.45 -60.44 20.83
CA ILE E 326 -11.64 -59.65 21.74
C ILE E 326 -11.87 -58.16 21.54
N THR E 327 -11.76 -57.39 22.62
CA THR E 327 -11.95 -55.94 22.56
C THR E 327 -10.83 -55.19 23.27
N LYS E 328 -11.14 -53.98 23.72
CA LYS E 328 -10.13 -53.10 24.31
C LYS E 328 -9.55 -53.68 25.61
N GLU E 329 -10.42 -53.98 26.57
CA GLU E 329 -9.95 -54.45 27.86
C GLU E 329 -10.41 -55.87 28.18
N ARG E 330 -11.02 -56.54 27.20
CA ARG E 330 -11.49 -57.90 27.39
C ARG E 330 -11.12 -58.80 26.22
N THR E 331 -10.90 -60.08 26.52
CA THR E 331 -10.63 -61.08 25.50
C THR E 331 -11.46 -62.33 25.77
N THR E 332 -12.30 -62.71 24.81
CA THR E 332 -13.24 -63.81 25.04
C THR E 332 -13.10 -64.93 24.01
N VAL E 333 -13.18 -66.17 24.49
CA VAL E 333 -13.19 -67.35 23.63
C VAL E 333 -14.45 -68.18 23.89
N VAL E 334 -14.96 -68.85 22.86
CA VAL E 334 -16.20 -69.59 22.99
C VAL E 334 -16.45 -70.52 21.80
N GLY E 335 -17.34 -71.50 21.96
CA GLY E 335 -17.82 -72.30 20.86
C GLY E 335 -17.17 -73.66 20.67
N ASP E 336 -15.87 -73.75 20.93
CA ASP E 336 -15.10 -74.96 20.65
C ASP E 336 -15.64 -76.18 21.40
N GLY E 337 -15.83 -77.27 20.67
CA GLY E 337 -16.29 -78.51 21.25
C GLY E 337 -15.13 -79.42 21.61
N SER E 338 -14.25 -78.94 22.49
CA SER E 338 -13.08 -79.69 22.90
C SER E 338 -13.36 -80.53 24.14
N THR E 339 -12.30 -80.84 24.89
CA THR E 339 -12.41 -81.63 26.10
C THR E 339 -13.20 -80.89 27.16
N ALA E 340 -14.48 -81.20 27.26
CA ALA E 340 -15.35 -80.60 28.27
C ALA E 340 -15.00 -81.14 29.66
N ALA E 341 -14.38 -82.31 29.69
CA ALA E 341 -13.95 -82.91 30.94
C ALA E 341 -12.83 -82.10 31.58
N ASP E 342 -12.02 -81.47 30.74
CA ASP E 342 -10.96 -80.58 31.21
C ASP E 342 -11.56 -79.45 32.04
N VAL E 343 -12.65 -78.87 31.53
CA VAL E 343 -13.35 -77.81 32.25
C VAL E 343 -14.00 -78.37 33.50
N ALA E 344 -14.19 -79.68 33.53
CA ALA E 344 -14.81 -80.35 34.67
C ALA E 344 -13.78 -80.99 35.59
N ALA E 345 -12.53 -81.00 35.17
CA ALA E 345 -11.46 -81.61 35.96
C ALA E 345 -10.56 -80.55 36.58
N ARG E 346 -10.32 -79.46 35.86
CA ARG E 346 -9.49 -78.38 36.39
C ARG E 346 -10.18 -77.70 37.56
N VAL E 347 -11.50 -77.71 37.55
CA VAL E 347 -12.28 -77.17 38.66
C VAL E 347 -12.14 -78.05 39.90
N LYS E 348 -11.86 -79.34 39.67
CA LYS E 348 -11.64 -80.28 40.77
C LYS E 348 -10.27 -80.03 41.38
N GLN E 349 -9.31 -79.67 40.54
CA GLN E 349 -7.95 -79.38 40.98
C GLN E 349 -7.93 -78.11 41.83
N ILE E 350 -8.77 -77.15 41.47
CA ILE E 350 -8.87 -75.89 42.21
C ILE E 350 -9.46 -76.13 43.60
N ARG E 351 -10.48 -76.99 43.67
CA ARG E 351 -11.10 -77.33 44.95
C ARG E 351 -10.12 -78.04 45.87
N ASN E 352 -9.28 -78.90 45.29
CA ASN E 352 -8.26 -79.61 46.05
C ASN E 352 -7.18 -78.66 46.55
N LEU E 353 -6.77 -77.74 45.70
CA LEU E 353 -5.75 -76.75 46.06
C LEU E 353 -6.26 -75.79 47.13
N GLN E 354 -7.53 -75.41 47.02
CA GLN E 354 -8.14 -74.46 47.95
C GLN E 354 -8.40 -75.11 49.32
N MET E 355 -8.63 -76.43 49.31
CA MET E 355 -8.84 -77.17 50.54
C MET E 355 -7.58 -77.23 51.38
N GLN E 356 -6.42 -77.29 50.72
CA GLN E 356 -5.14 -77.39 51.39
C GLN E 356 -4.45 -76.04 51.52
N THR E 357 -5.08 -75.00 50.97
CA THR E 357 -4.49 -73.67 50.99
C THR E 357 -4.60 -73.02 52.37
N ASP E 358 -3.47 -72.55 52.88
CA ASP E 358 -3.44 -71.87 54.16
C ASP E 358 -3.31 -70.36 53.97
N GLN E 359 -2.86 -69.96 52.78
CA GLN E 359 -2.67 -68.54 52.47
C GLN E 359 -4.01 -67.83 52.28
N ASP E 360 -3.94 -66.59 51.83
CA ASP E 360 -5.14 -65.78 51.61
C ASP E 360 -5.27 -65.39 50.14
N TYR E 361 -4.16 -64.95 49.55
CA TYR E 361 -4.17 -64.51 48.16
C TYR E 361 -4.43 -65.70 47.23
N GLU E 362 -3.92 -66.86 47.61
CA GLU E 362 -4.15 -68.07 46.83
C GLU E 362 -5.62 -68.49 46.89
N ARG E 363 -6.27 -68.15 48.00
CA ARG E 363 -7.68 -68.48 48.17
C ARG E 363 -8.56 -67.70 47.20
N GLU E 364 -8.27 -66.40 47.04
CA GLU E 364 -9.07 -65.55 46.17
C GLU E 364 -8.68 -65.69 44.70
N LYS E 365 -7.43 -66.07 44.45
CA LYS E 365 -6.96 -66.31 43.09
C LYS E 365 -7.57 -67.60 42.54
N LEU E 366 -7.70 -68.59 43.40
CA LEU E 366 -8.38 -69.83 43.06
C LEU E 366 -9.88 -69.59 43.00
N GLN E 367 -10.33 -68.58 43.73
CA GLN E 367 -11.75 -68.23 43.77
C GLN E 367 -12.17 -67.49 42.52
N GLU E 368 -11.29 -66.65 41.99
CA GLU E 368 -11.60 -65.90 40.78
C GLU E 368 -11.43 -66.78 39.55
N ARG E 369 -10.61 -67.82 39.66
CA ARG E 369 -10.41 -68.75 38.56
C ARG E 369 -11.54 -69.77 38.51
N ILE E 370 -11.98 -70.22 39.68
CA ILE E 370 -13.09 -71.16 39.76
C ILE E 370 -14.39 -70.46 39.37
N ALA E 371 -14.39 -69.14 39.44
CA ALA E 371 -15.56 -68.34 39.11
C ALA E 371 -15.80 -68.30 37.61
N ARG E 372 -14.83 -67.75 36.89
CA ARG E 372 -14.93 -67.59 35.44
C ARG E 372 -14.99 -68.94 34.73
N LEU E 373 -14.35 -69.95 35.32
CA LEU E 373 -14.38 -71.30 34.79
C LEU E 373 -15.80 -71.88 34.87
N SER E 374 -16.38 -71.84 36.07
CA SER E 374 -17.73 -72.35 36.29
C SER E 374 -18.77 -71.52 35.54
N GLY E 375 -18.51 -70.22 35.43
CA GLY E 375 -19.41 -69.32 34.75
C GLY E 375 -19.51 -69.63 33.26
N GLY E 376 -18.39 -70.07 32.69
CA GLY E 376 -18.35 -70.40 31.27
C GLY E 376 -18.59 -69.19 30.39
N VAL E 377 -19.22 -69.49 29.26
CA VAL E 377 -19.70 -68.53 28.30
C VAL E 377 -21.08 -69.00 27.96
N ALA E 378 -21.98 -68.06 27.82
CA ALA E 378 -23.29 -68.39 27.34
C ALA E 378 -23.47 -67.58 26.11
N ILE E 379 -23.85 -68.22 25.04
CA ILE E 379 -24.07 -67.45 23.82
C ILE E 379 -25.54 -67.53 23.40
N ILE E 380 -26.13 -66.39 23.05
CA ILE E 380 -27.54 -66.31 22.71
C ILE E 380 -27.75 -66.04 21.21
N GLN E 381 -28.77 -66.66 20.64
CA GLN E 381 -29.10 -66.45 19.23
C GLN E 381 -30.46 -65.76 19.09
N VAL E 382 -30.50 -64.70 18.28
CA VAL E 382 -31.70 -63.89 18.14
C VAL E 382 -32.54 -64.36 16.94
N GLY E 383 -33.81 -63.96 16.92
CA GLY E 383 -34.72 -64.33 15.85
C GLY E 383 -34.48 -63.55 14.56
N ALA E 384 -35.39 -63.69 13.61
CA ALA E 384 -35.22 -63.05 12.30
C ALA E 384 -36.55 -62.84 11.59
N GLN E 385 -36.97 -61.57 11.50
CA GLN E 385 -38.17 -61.22 10.75
C GLN E 385 -37.80 -60.80 9.33
N THR E 386 -37.20 -59.62 9.20
CA THR E 386 -36.71 -59.15 7.91
C THR E 386 -35.20 -58.92 7.97
N GLU E 387 -34.59 -58.58 6.84
CA GLU E 387 -33.14 -58.46 6.76
C GLU E 387 -32.63 -57.25 7.54
N THR E 388 -33.49 -56.25 7.70
CA THR E 388 -33.15 -55.05 8.45
C THR E 388 -33.66 -55.15 9.88
N GLU E 389 -34.39 -56.21 10.18
CA GLU E 389 -35.02 -56.34 11.49
C GLU E 389 -34.04 -56.76 12.58
N LEU E 390 -33.38 -57.90 12.41
CA LEU E 390 -32.46 -58.36 13.45
C LEU E 390 -31.23 -57.47 13.51
N LYS E 391 -30.86 -56.87 12.37
CA LYS E 391 -29.78 -55.89 12.35
C LYS E 391 -30.15 -54.73 13.27
N GLU E 392 -31.43 -54.37 13.26
CA GLU E 392 -31.95 -53.36 14.17
C GLU E 392 -32.05 -53.95 15.57
N LYS E 393 -32.43 -55.23 15.65
CA LYS E 393 -32.49 -55.94 16.91
C LYS E 393 -31.11 -56.12 17.53
N LYS E 394 -30.18 -56.69 16.76
CA LYS E 394 -28.83 -56.99 17.25
C LYS E 394 -28.16 -55.76 17.85
N LEU E 395 -28.43 -54.60 17.26
CA LEU E 395 -27.93 -53.34 17.79
C LEU E 395 -28.64 -52.98 19.08
N ARG E 396 -29.94 -53.22 19.11
CA ARG E 396 -30.75 -52.94 20.30
C ARG E 396 -30.37 -53.87 21.45
N VAL E 397 -30.16 -55.14 21.14
CA VAL E 397 -29.81 -56.12 22.17
C VAL E 397 -28.34 -55.96 22.59
N GLU E 398 -27.55 -55.32 21.73
CA GLU E 398 -26.16 -55.04 22.06
C GLU E 398 -26.11 -53.93 23.11
N ASP E 399 -26.91 -52.90 22.86
CA ASP E 399 -27.02 -51.78 23.79
C ASP E 399 -27.77 -52.20 25.05
N ALA E 400 -28.60 -53.23 24.91
CA ALA E 400 -29.36 -53.75 26.04
C ALA E 400 -28.46 -54.51 27.01
N LEU E 401 -27.68 -55.43 26.46
CA LEU E 401 -26.77 -56.25 27.28
C LEU E 401 -25.76 -55.40 28.02
N ASN E 402 -25.12 -54.47 27.32
CA ASN E 402 -24.10 -53.62 27.91
C ASN E 402 -24.68 -52.71 28.99
N ALA E 403 -25.92 -52.29 28.80
CA ALA E 403 -26.60 -51.44 29.79
C ALA E 403 -26.96 -52.25 31.03
N THR E 404 -27.49 -53.45 30.81
CA THR E 404 -27.88 -54.32 31.92
C THR E 404 -26.67 -54.74 32.74
N ARG E 405 -25.59 -55.09 32.06
CA ARG E 405 -24.35 -55.48 32.73
C ARG E 405 -23.81 -54.33 33.55
N ALA E 406 -23.83 -53.13 32.98
CA ALA E 406 -23.34 -51.95 33.68
C ALA E 406 -24.22 -51.60 34.87
N ALA E 407 -25.49 -51.99 34.79
CA ALA E 407 -26.45 -51.69 35.85
C ALA E 407 -26.34 -52.69 36.99
N VAL E 408 -26.20 -53.97 36.65
CA VAL E 408 -26.14 -55.03 37.64
C VAL E 408 -24.77 -55.08 38.32
N GLU E 409 -23.79 -54.42 37.71
CA GLU E 409 -22.43 -54.44 38.22
C GLU E 409 -22.26 -53.56 39.46
N GLU E 410 -22.70 -52.31 39.36
CA GLU E 410 -22.48 -51.34 40.43
C GLU E 410 -23.77 -50.92 41.12
N GLY E 411 -24.90 -51.26 40.52
CA GLY E 411 -26.19 -50.87 41.06
C GLY E 411 -26.93 -49.94 40.14
N VAL E 412 -28.11 -49.48 40.57
CA VAL E 412 -28.96 -48.65 39.71
C VAL E 412 -29.36 -47.35 40.42
N VAL E 413 -29.41 -46.27 39.65
CA VAL E 413 -29.78 -44.95 40.17
C VAL E 413 -30.75 -44.28 39.21
N PRO E 414 -31.61 -43.38 39.73
CA PRO E 414 -32.56 -42.66 38.86
C PRO E 414 -31.85 -41.85 37.79
N GLY E 415 -32.22 -42.09 36.53
CA GLY E 415 -31.58 -41.44 35.41
C GLY E 415 -32.03 -40.01 35.18
N GLY E 416 -31.93 -39.55 33.93
CA GLY E 416 -32.34 -38.21 33.57
C GLY E 416 -31.41 -37.13 34.11
N GLY E 417 -30.30 -37.55 34.70
CA GLY E 417 -29.35 -36.61 35.28
C GLY E 417 -29.82 -36.04 36.60
N CYS E 418 -30.95 -36.54 37.09
CA CYS E 418 -31.53 -36.06 38.34
C CYS E 418 -30.73 -36.55 39.54
N THR E 419 -30.05 -37.68 39.37
CA THR E 419 -29.22 -38.23 40.44
C THR E 419 -28.03 -37.32 40.73
N LEU E 420 -27.71 -36.46 39.77
CA LEU E 420 -26.63 -35.50 39.93
C LEU E 420 -27.08 -34.32 40.79
N LEU E 421 -28.38 -34.05 40.80
CA LEU E 421 -28.94 -32.98 41.63
C LEU E 421 -28.95 -33.41 43.09
N ARG E 422 -29.45 -34.60 43.34
CA ARG E 422 -29.54 -35.16 44.70
C ARG E 422 -28.15 -35.26 45.33
N LEU E 423 -27.15 -35.54 44.50
CA LEU E 423 -25.77 -35.58 44.97
C LEU E 423 -25.24 -34.18 45.22
N SER E 424 -25.74 -33.22 44.44
CA SER E 424 -25.31 -31.84 44.55
C SER E 424 -25.83 -31.18 45.82
N GLU E 425 -27.07 -31.51 46.18
CA GLU E 425 -27.69 -30.93 47.36
C GLU E 425 -27.34 -31.73 48.62
N LYS E 426 -26.09 -32.17 48.70
CA LYS E 426 -25.58 -32.85 49.88
C LYS E 426 -24.17 -32.37 50.19
N VAL E 427 -23.69 -31.40 49.43
CA VAL E 427 -22.39 -30.80 49.69
C VAL E 427 -22.54 -29.64 50.66
N ASP E 428 -23.78 -29.20 50.84
CA ASP E 428 -24.07 -28.09 51.74
C ASP E 428 -23.91 -28.49 53.20
N VAL E 429 -24.00 -29.79 53.47
CA VAL E 429 -23.86 -30.30 54.82
C VAL E 429 -22.43 -30.76 55.09
N ILE E 430 -21.61 -30.78 54.04
CA ILE E 430 -20.23 -31.23 54.16
C ILE E 430 -19.34 -30.16 54.77
N LYS E 431 -19.02 -30.35 56.04
CA LYS E 431 -18.07 -29.48 56.75
C LYS E 431 -16.71 -30.17 56.78
N ARG E 432 -15.79 -29.72 55.93
CA ARG E 432 -14.52 -30.41 55.76
C ARG E 432 -13.43 -29.93 56.72
N ARG E 433 -12.24 -30.50 56.56
CA ARG E 433 -11.09 -30.20 57.41
C ARG E 433 -9.90 -29.77 56.55
N MET E 434 -9.27 -28.65 56.89
CA MET E 434 -9.62 -27.85 58.07
C MET E 434 -10.60 -26.72 57.71
N THR E 435 -11.59 -27.03 56.87
CA THR E 435 -12.65 -26.10 56.51
C THR E 435 -12.13 -24.75 56.01
N ASP E 436 -10.98 -24.75 55.36
CA ASP E 436 -10.47 -23.54 54.74
C ASP E 436 -11.42 -23.11 53.62
N PRO E 437 -11.59 -21.78 53.45
CA PRO E 437 -12.57 -21.23 52.49
C PRO E 437 -12.38 -21.77 51.07
N GLU E 438 -11.14 -22.04 50.68
CA GLU E 438 -10.84 -22.52 49.33
C GLU E 438 -11.52 -23.85 49.05
N GLN E 439 -11.42 -24.79 49.99
CA GLN E 439 -12.04 -26.11 49.81
C GLN E 439 -13.57 -25.98 49.75
N GLN E 440 -14.11 -24.99 50.44
CA GLN E 440 -15.55 -24.74 50.40
C GLN E 440 -15.95 -24.21 49.03
N MET E 441 -15.07 -23.41 48.42
CA MET E 441 -15.30 -22.93 47.06
C MET E 441 -15.37 -24.12 46.11
N GLY E 442 -14.46 -25.07 46.30
CA GLY E 442 -14.42 -26.27 45.48
C GLY E 442 -15.67 -27.10 45.65
N ALA E 443 -16.25 -27.06 46.84
CA ALA E 443 -17.50 -27.76 47.12
C ALA E 443 -18.65 -27.10 46.37
N ASP E 444 -18.68 -25.76 46.40
CA ASP E 444 -19.68 -25.00 45.69
C ASP E 444 -19.48 -25.12 44.18
N ILE E 445 -18.23 -25.32 43.78
CA ILE E 445 -17.92 -25.54 42.37
C ILE E 445 -18.54 -26.85 41.89
N ILE E 446 -18.36 -27.91 42.68
CA ILE E 446 -18.97 -29.20 42.37
C ILE E 446 -20.49 -29.07 42.32
N LYS E 447 -21.03 -28.28 43.25
CA LYS E 447 -22.47 -28.04 43.30
C LYS E 447 -22.98 -27.43 42.00
N ARG E 448 -22.41 -26.29 41.61
CA ARG E 448 -22.85 -25.57 40.43
C ARG E 448 -22.52 -26.33 39.14
N ALA E 449 -21.51 -27.20 39.21
CA ALA E 449 -21.09 -27.96 38.04
C ALA E 449 -22.02 -29.14 37.79
N LEU E 450 -22.52 -29.74 38.87
CA LEU E 450 -23.46 -30.85 38.76
C LEU E 450 -24.81 -30.37 38.26
N CYS E 451 -25.02 -29.06 38.34
CA CYS E 451 -26.26 -28.45 37.86
C CYS E 451 -26.28 -28.38 36.34
N TYR E 452 -25.10 -28.27 35.73
CA TYR E 452 -25.00 -28.08 34.28
C TYR E 452 -25.62 -29.20 33.42
N PRO E 453 -25.36 -30.48 33.73
CA PRO E 453 -25.90 -31.53 32.85
C PRO E 453 -27.42 -31.50 32.69
N ILE E 454 -28.16 -31.46 33.79
CA ILE E 454 -29.62 -31.47 33.73
C ILE E 454 -30.13 -30.20 33.04
N LYS E 455 -29.44 -29.09 33.24
CA LYS E 455 -29.83 -27.81 32.65
C LYS E 455 -29.73 -27.88 31.13
N LEU E 456 -28.61 -28.43 30.64
CA LEU E 456 -28.41 -28.57 29.19
C LEU E 456 -29.41 -29.55 28.59
N ILE E 457 -29.77 -30.57 29.36
CA ILE E 457 -30.73 -31.57 28.89
C ILE E 457 -32.10 -30.94 28.67
N ALA E 458 -32.59 -30.22 29.67
CA ALA E 458 -33.89 -29.59 29.60
C ALA E 458 -33.92 -28.46 28.56
N GLN E 459 -32.85 -27.66 28.54
CA GLN E 459 -32.78 -26.51 27.64
C GLN E 459 -32.83 -26.91 26.18
N ASN E 460 -31.94 -27.82 25.78
CA ASN E 460 -31.86 -28.23 24.38
C ASN E 460 -33.03 -29.15 24.01
N ALA E 461 -33.81 -29.55 25.01
CA ALA E 461 -35.03 -30.31 24.76
C ALA E 461 -36.15 -29.38 24.32
N GLY E 462 -36.25 -28.23 24.99
CA GLY E 462 -37.23 -27.22 24.62
C GLY E 462 -37.97 -26.61 25.79
N VAL E 463 -37.36 -26.65 26.98
CA VAL E 463 -38.00 -26.10 28.18
C VAL E 463 -36.95 -25.53 29.13
N ASN E 464 -37.32 -24.50 29.89
CA ASN E 464 -36.43 -23.88 30.86
C ASN E 464 -35.99 -24.86 31.94
N GLY E 465 -34.68 -24.93 32.18
CA GLY E 465 -34.14 -25.85 33.16
C GLY E 465 -34.22 -25.32 34.58
N SER E 466 -34.32 -24.00 34.71
CA SER E 466 -34.37 -23.36 36.01
C SER E 466 -35.64 -23.75 36.78
N VAL E 467 -36.77 -23.80 36.08
CA VAL E 467 -38.04 -24.15 36.70
C VAL E 467 -38.09 -25.66 36.97
N VAL E 468 -37.48 -26.44 36.10
CA VAL E 468 -37.44 -27.89 36.27
C VAL E 468 -36.59 -28.27 37.48
N MET E 469 -35.44 -27.62 37.59
CA MET E 469 -34.55 -27.83 38.74
C MET E 469 -35.23 -27.40 40.03
N ASN E 470 -35.96 -26.29 39.96
CA ASN E 470 -36.68 -25.77 41.12
C ASN E 470 -37.80 -26.71 41.57
N GLU E 471 -38.49 -27.31 40.61
CA GLU E 471 -39.62 -28.18 40.92
C GLU E 471 -39.19 -29.47 41.62
N VAL E 472 -38.03 -29.99 41.21
CA VAL E 472 -37.51 -31.24 41.76
C VAL E 472 -36.80 -31.00 43.10
N MET E 473 -36.06 -29.92 43.19
CA MET E 473 -35.26 -29.63 44.38
C MET E 473 -36.13 -29.20 45.56
N LYS E 474 -37.13 -28.36 45.30
CA LYS E 474 -38.03 -27.91 46.35
C LYS E 474 -38.87 -29.06 46.86
N ASN E 475 -39.28 -29.94 45.94
CA ASN E 475 -39.97 -31.16 46.32
C ASN E 475 -39.00 -32.11 47.01
N LEU E 476 -39.54 -33.12 47.69
CA LEU E 476 -38.71 -34.05 48.44
C LEU E 476 -37.83 -34.88 47.52
N ASP E 477 -36.54 -34.96 47.85
CA ASP E 477 -35.56 -35.62 47.01
C ASP E 477 -35.53 -37.13 47.22
N ARG E 478 -36.32 -37.61 48.18
CA ARG E 478 -36.29 -39.03 48.56
C ARG E 478 -37.30 -39.92 47.82
N PRO E 479 -38.56 -39.47 47.64
CA PRO E 479 -39.50 -40.37 46.97
C PRO E 479 -39.28 -40.54 45.47
N HIS E 480 -38.02 -40.58 45.02
CA HIS E 480 -37.67 -40.82 43.63
C HIS E 480 -38.33 -39.84 42.65
N TYR E 481 -38.59 -38.62 43.12
CA TYR E 481 -39.15 -37.59 42.25
C TYR E 481 -38.16 -37.20 41.17
N GLY E 482 -38.65 -37.04 39.95
CA GLY E 482 -37.80 -36.67 38.83
C GLY E 482 -38.56 -35.98 37.72
N TYR E 483 -37.88 -35.76 36.60
CA TYR E 483 -38.50 -35.10 35.45
C TYR E 483 -38.10 -35.77 34.14
N ASN E 484 -39.04 -36.46 33.52
CA ASN E 484 -38.80 -37.11 32.24
C ASN E 484 -38.93 -36.13 31.08
N ALA E 485 -37.81 -35.88 30.41
CA ALA E 485 -37.79 -34.93 29.30
C ALA E 485 -38.50 -35.48 28.07
N ALA E 486 -38.67 -36.81 28.03
CA ALA E 486 -39.32 -37.46 26.90
C ALA E 486 -40.82 -37.18 26.88
N THR E 487 -41.42 -37.08 28.06
CA THR E 487 -42.86 -36.88 28.17
C THR E 487 -43.20 -35.48 28.70
N ASP E 488 -42.21 -34.81 29.27
CA ASP E 488 -42.41 -33.49 29.87
C ASP E 488 -43.52 -33.54 30.91
N SER E 489 -43.25 -34.19 32.04
CA SER E 489 -44.23 -34.33 33.11
C SER E 489 -43.57 -34.75 34.42
N PHE E 490 -44.19 -34.39 35.54
CA PHE E 490 -43.69 -34.78 36.85
C PHE E 490 -43.97 -36.25 37.11
N GLU E 491 -42.90 -37.04 37.23
CA GLU E 491 -43.03 -38.48 37.40
C GLU E 491 -41.88 -39.06 38.23
N ASN E 492 -42.09 -40.24 38.81
CA ASN E 492 -41.04 -40.96 39.49
C ASN E 492 -40.20 -41.77 38.49
N LEU E 493 -38.89 -41.51 38.50
CA LEU E 493 -38.01 -42.06 37.47
C LEU E 493 -37.88 -43.58 37.52
N MET E 494 -38.20 -44.17 38.67
CA MET E 494 -38.05 -45.61 38.83
C MET E 494 -39.20 -46.39 38.22
N GLU E 495 -40.42 -46.04 38.60
CA GLU E 495 -41.61 -46.75 38.12
C GLU E 495 -41.88 -46.47 36.65
N THR E 496 -41.45 -45.30 36.17
CA THR E 496 -41.68 -44.92 34.78
C THR E 496 -40.81 -45.73 33.83
N GLY E 497 -39.50 -45.69 34.03
CA GLY E 497 -38.59 -46.46 33.21
C GLY E 497 -37.36 -45.69 32.76
N ILE E 498 -37.09 -44.57 33.42
CA ILE E 498 -35.91 -43.77 33.12
C ILE E 498 -34.86 -43.99 34.22
N ILE E 499 -33.95 -44.93 33.95
CA ILE E 499 -32.95 -45.30 34.94
C ILE E 499 -31.55 -45.30 34.33
N ASP E 500 -30.57 -44.87 35.13
CA ASP E 500 -29.17 -44.92 34.72
C ASP E 500 -28.38 -45.87 35.60
N PRO E 501 -27.46 -46.64 34.99
CA PRO E 501 -26.56 -47.50 35.75
C PRO E 501 -25.60 -46.68 36.61
N SER E 502 -25.49 -47.02 37.89
CA SER E 502 -24.67 -46.26 38.83
C SER E 502 -23.19 -46.27 38.45
N LYS E 503 -22.79 -47.27 37.69
CA LYS E 503 -21.41 -47.38 37.22
C LYS E 503 -21.07 -46.23 36.28
N VAL E 504 -22.03 -45.87 35.42
CA VAL E 504 -21.85 -44.77 34.48
C VAL E 504 -21.69 -43.43 35.19
N VAL E 505 -22.59 -43.16 36.14
CA VAL E 505 -22.57 -41.91 36.89
C VAL E 505 -21.27 -41.74 37.67
N ARG E 506 -20.82 -42.81 38.32
CA ARG E 506 -19.62 -42.76 39.13
C ARG E 506 -18.37 -42.52 38.30
N CYS E 507 -18.22 -43.30 37.23
CA CYS E 507 -17.04 -43.22 36.37
C CYS E 507 -16.91 -41.84 35.71
N SER E 508 -17.99 -41.38 35.10
CA SER E 508 -17.99 -40.09 34.42
C SER E 508 -17.72 -38.96 35.40
N MET E 509 -18.15 -39.14 36.64
CA MET E 509 -17.97 -38.13 37.67
C MET E 509 -16.53 -38.07 38.13
N GLU E 510 -15.97 -39.24 38.45
CA GLU E 510 -14.59 -39.33 38.93
C GLU E 510 -13.59 -38.89 37.86
N ASN E 511 -13.83 -39.32 36.62
CA ASN E 511 -12.95 -38.98 35.51
C ASN E 511 -12.99 -37.49 35.20
N ALA E 512 -14.17 -36.88 35.31
CA ALA E 512 -14.33 -35.46 35.03
C ALA E 512 -13.56 -34.63 36.04
N VAL E 513 -13.59 -35.05 37.31
CA VAL E 513 -12.82 -34.40 38.35
C VAL E 513 -11.34 -34.68 38.14
N SER E 514 -11.04 -35.87 37.62
CA SER E 514 -9.67 -36.28 37.37
C SER E 514 -8.98 -35.38 36.34
N VAL E 515 -9.66 -35.09 35.24
CA VAL E 515 -9.09 -34.22 34.22
C VAL E 515 -9.13 -32.77 34.65
N ALA E 516 -10.17 -32.39 35.39
CA ALA E 516 -10.27 -31.03 35.92
C ALA E 516 -9.18 -30.80 36.97
N LYS E 517 -8.75 -31.88 37.61
CA LYS E 517 -7.64 -31.82 38.54
C LYS E 517 -6.36 -31.40 37.82
N THR E 518 -6.01 -32.17 36.80
CA THR E 518 -4.77 -31.94 36.04
C THR E 518 -4.94 -30.84 35.00
N PHE E 519 -6.06 -30.12 35.06
CA PHE E 519 -6.30 -29.00 34.15
C PHE E 519 -6.05 -27.67 34.83
N LEU E 520 -6.63 -27.49 36.00
CA LEU E 520 -6.47 -26.28 36.77
C LEU E 520 -5.09 -26.26 37.45
N LEU E 521 -4.54 -27.44 37.68
CA LEU E 521 -3.22 -27.56 38.31
C LEU E 521 -2.13 -27.12 37.34
N ALA E 522 -2.44 -27.17 36.04
CA ALA E 522 -1.50 -26.73 35.02
C ALA E 522 -1.29 -25.22 35.08
N ASP E 523 -0.08 -24.78 34.73
CA ASP E 523 0.25 -23.37 34.74
C ASP E 523 1.07 -22.98 33.51
N VAL E 524 1.70 -23.96 32.89
CA VAL E 524 2.48 -23.73 31.67
C VAL E 524 2.24 -24.85 30.66
N VAL E 525 2.02 -24.48 29.40
CA VAL E 525 1.81 -25.44 28.33
C VAL E 525 2.78 -25.23 27.18
N VAL E 526 3.42 -26.30 26.73
CA VAL E 526 4.34 -26.24 25.60
C VAL E 526 3.73 -26.93 24.39
N THR E 527 4.27 -26.61 23.21
CA THR E 527 3.73 -27.14 21.96
C THR E 527 4.72 -26.97 20.82
N GLU E 528 4.99 -28.07 20.10
CA GLU E 528 5.87 -27.99 18.93
C GLU E 528 5.16 -27.25 17.80
N LEU E 529 5.87 -26.33 17.15
CA LEU E 529 5.26 -25.47 16.13
C LEU E 529 5.71 -25.87 14.73
N LYS E 530 5.14 -25.19 13.73
CA LYS E 530 5.37 -25.51 12.32
C LYS E 530 6.81 -25.32 11.90
N GLU E 531 7.32 -24.10 12.03
CA GLU E 531 8.66 -23.77 11.59
C GLU E 531 9.67 -23.84 12.74
N GLU F 4 -7.83 -29.61 12.57
CA GLU F 4 -8.13 -30.14 11.24
C GLU F 4 -9.63 -30.31 11.04
N LEU F 5 -10.40 -29.78 11.97
CA LEU F 5 -11.86 -29.80 11.88
C LEU F 5 -12.43 -28.40 12.14
N HIS F 6 -13.30 -27.94 11.25
CA HIS F 6 -13.89 -26.61 11.40
C HIS F 6 -15.25 -26.71 12.08
N PHE F 7 -15.57 -25.72 12.91
CA PHE F 7 -16.81 -25.72 13.68
C PHE F 7 -17.83 -24.71 13.15
N ASN F 8 -19.05 -25.17 12.92
CA ASN F 8 -20.14 -24.29 12.47
C ASN F 8 -21.36 -24.44 13.35
N LYS F 9 -21.75 -23.36 14.02
CA LYS F 9 -22.83 -23.44 14.99
C LYS F 9 -23.86 -22.32 14.86
N ASP F 10 -24.85 -22.34 15.75
CA ASP F 10 -25.89 -21.33 15.87
C ASP F 10 -26.88 -21.34 14.70
N MET F 11 -27.59 -20.23 14.54
CA MET F 11 -28.69 -20.11 13.59
C MET F 11 -28.22 -19.93 12.16
N GLN F 12 -27.15 -19.16 11.98
CA GLN F 12 -26.65 -18.85 10.64
C GLN F 12 -26.01 -20.06 9.97
N ALA F 13 -25.54 -21.01 10.76
CA ALA F 13 -24.94 -22.23 10.21
C ALA F 13 -25.98 -23.04 9.45
N LEU F 14 -27.22 -22.96 9.91
CA LEU F 14 -28.34 -23.62 9.25
C LEU F 14 -28.68 -22.94 7.93
N LYS F 15 -28.64 -21.61 7.95
CA LYS F 15 -28.99 -20.82 6.76
C LYS F 15 -27.95 -20.98 5.66
N ARG F 16 -26.73 -21.35 6.04
CA ARG F 16 -25.67 -21.55 5.07
C ARG F 16 -25.96 -22.72 4.14
N MET F 17 -26.16 -23.90 4.72
CA MET F 17 -26.46 -25.08 3.92
C MET F 17 -27.87 -25.02 3.36
N GLN F 18 -28.71 -24.17 3.95
CA GLN F 18 -30.05 -23.94 3.40
C GLN F 18 -29.95 -23.24 2.06
N ALA F 19 -29.00 -22.30 1.97
CA ALA F 19 -28.76 -21.57 0.72
C ALA F 19 -28.23 -22.51 -0.36
N GLY F 20 -27.35 -23.43 0.04
CA GLY F 20 -26.81 -24.40 -0.89
C GLY F 20 -27.89 -25.33 -1.40
N VAL F 21 -28.82 -25.68 -0.51
CA VAL F 21 -29.99 -26.45 -0.88
C VAL F 21 -30.85 -25.66 -1.86
N ASP F 22 -31.08 -24.39 -1.53
CA ASP F 22 -31.91 -23.52 -2.36
C ASP F 22 -31.31 -23.32 -3.75
N LYS F 23 -29.99 -23.40 -3.85
CA LYS F 23 -29.30 -23.25 -5.12
C LYS F 23 -29.44 -24.50 -5.98
N LEU F 24 -29.46 -25.66 -5.33
CA LEU F 24 -29.67 -26.91 -6.03
C LEU F 24 -31.11 -26.97 -6.52
N ALA F 25 -32.05 -26.57 -5.66
CA ALA F 25 -33.45 -26.58 -6.02
C ALA F 25 -33.73 -25.56 -7.11
N THR F 26 -32.91 -24.51 -7.17
CA THR F 26 -33.07 -23.45 -8.14
C THR F 26 -32.81 -23.95 -9.57
N VAL F 27 -31.74 -24.73 -9.75
CA VAL F 27 -31.36 -25.22 -11.08
C VAL F 27 -32.21 -26.42 -11.50
N VAL F 28 -32.50 -27.30 -10.55
CA VAL F 28 -33.38 -28.43 -10.82
C VAL F 28 -34.81 -27.90 -10.98
N GLY F 29 -35.06 -26.73 -10.41
CA GLY F 29 -36.37 -26.11 -10.48
C GLY F 29 -36.74 -25.64 -11.87
N VAL F 30 -35.75 -25.15 -12.62
CA VAL F 30 -36.01 -24.67 -13.98
C VAL F 30 -36.07 -25.83 -14.95
N THR F 31 -35.73 -27.02 -14.45
CA THR F 31 -35.78 -28.25 -15.23
C THR F 31 -37.19 -28.80 -15.25
N ILE F 32 -37.90 -28.65 -14.14
CA ILE F 32 -39.23 -29.22 -13.97
C ILE F 32 -40.22 -28.63 -14.96
N GLY F 33 -41.34 -29.31 -15.14
CA GLY F 33 -42.41 -28.83 -16.00
C GLY F 33 -42.28 -29.32 -17.43
N PRO F 34 -43.43 -29.46 -18.13
CA PRO F 34 -43.45 -29.85 -19.53
C PRO F 34 -42.67 -28.86 -20.39
N LYS F 35 -42.79 -27.58 -20.07
CA LYS F 35 -42.02 -26.54 -20.74
C LYS F 35 -40.74 -26.27 -19.96
N GLY F 36 -39.98 -27.33 -19.69
CA GLY F 36 -38.75 -27.22 -18.92
C GLY F 36 -37.66 -26.46 -19.67
N ARG F 37 -36.70 -25.94 -18.92
CA ARG F 37 -35.60 -25.19 -19.51
C ARG F 37 -34.34 -26.05 -19.60
N ASN F 38 -33.56 -25.84 -20.64
CA ASN F 38 -32.31 -26.57 -20.83
C ASN F 38 -31.23 -26.11 -19.86
N VAL F 39 -30.37 -27.03 -19.44
CA VAL F 39 -29.24 -26.70 -18.59
C VAL F 39 -27.95 -27.17 -19.23
N VAL F 40 -27.11 -26.22 -19.64
CA VAL F 40 -25.88 -26.54 -20.35
C VAL F 40 -24.74 -26.95 -19.42
N LEU F 41 -24.19 -28.14 -19.63
CA LEU F 41 -23.08 -28.64 -18.83
C LEU F 41 -21.77 -28.57 -19.59
N GLU F 42 -20.71 -28.14 -18.90
CA GLU F 42 -19.38 -28.15 -19.50
C GLU F 42 -18.85 -29.58 -19.53
N SER F 43 -18.45 -30.03 -20.72
CA SER F 43 -17.98 -31.39 -20.90
C SER F 43 -16.65 -31.64 -20.18
N LYS F 44 -16.37 -32.90 -19.92
CA LYS F 44 -15.10 -33.29 -19.31
C LYS F 44 -13.94 -32.99 -20.26
N PHE F 45 -14.22 -33.10 -21.56
CA PHE F 45 -13.22 -32.83 -22.60
C PHE F 45 -13.88 -32.74 -23.97
N GLY F 46 -14.27 -31.54 -24.37
CA GLY F 46 -14.84 -31.33 -25.69
C GLY F 46 -16.18 -30.63 -25.70
N ALA F 47 -17.05 -31.06 -26.62
CA ALA F 47 -18.34 -30.41 -26.85
C ALA F 47 -19.29 -30.56 -25.67
N PRO F 48 -19.97 -29.46 -25.29
CA PRO F 48 -20.88 -29.39 -24.14
C PRO F 48 -22.02 -30.39 -24.21
N LYS F 49 -22.73 -30.54 -23.09
CA LYS F 49 -23.84 -31.48 -23.00
C LYS F 49 -25.08 -30.81 -22.42
N ILE F 50 -26.09 -30.61 -23.27
CA ILE F 50 -27.34 -30.01 -22.83
C ILE F 50 -28.20 -31.03 -22.09
N VAL F 51 -28.85 -30.59 -21.03
CA VAL F 51 -29.61 -31.49 -20.17
C VAL F 51 -31.03 -30.99 -19.90
N ASN F 52 -32.02 -31.86 -20.11
CA ASN F 52 -33.40 -31.55 -19.80
C ASN F 52 -33.91 -32.39 -18.62
N ASP F 53 -33.05 -33.27 -18.13
CA ASP F 53 -33.38 -34.14 -17.01
C ASP F 53 -32.95 -33.53 -15.70
N GLY F 54 -33.63 -33.90 -14.61
CA GLY F 54 -33.27 -33.42 -13.29
C GLY F 54 -32.29 -34.35 -12.61
N VAL F 55 -32.18 -35.58 -13.14
CA VAL F 55 -31.29 -36.58 -12.58
C VAL F 55 -29.84 -36.26 -12.88
N THR F 56 -29.57 -35.86 -14.12
CA THR F 56 -28.22 -35.57 -14.56
C THR F 56 -27.65 -34.34 -13.83
N ILE F 57 -28.52 -33.36 -13.58
CA ILE F 57 -28.11 -32.16 -12.88
C ILE F 57 -27.75 -32.46 -11.42
N ALA F 58 -28.61 -33.21 -10.75
CA ALA F 58 -28.42 -33.56 -9.34
C ALA F 58 -27.20 -34.45 -9.14
N ARG F 59 -26.71 -35.05 -10.22
CA ARG F 59 -25.52 -35.90 -10.18
C ARG F 59 -24.25 -35.06 -10.17
N GLU F 60 -24.28 -33.95 -10.90
CA GLU F 60 -23.08 -33.14 -11.12
C GLU F 60 -22.89 -32.02 -10.11
N VAL F 61 -23.99 -31.46 -9.61
CA VAL F 61 -23.93 -30.27 -8.76
C VAL F 61 -23.21 -30.50 -7.44
N GLU F 62 -22.25 -29.63 -7.15
CA GLU F 62 -21.55 -29.61 -5.87
C GLU F 62 -20.81 -28.28 -5.73
N LEU F 63 -21.15 -27.52 -4.69
CA LEU F 63 -20.64 -26.17 -4.53
C LEU F 63 -19.28 -26.11 -3.86
N SER F 64 -18.70 -24.91 -3.83
CA SER F 64 -17.40 -24.68 -3.23
C SER F 64 -17.45 -24.84 -1.71
N ASP F 65 -18.14 -23.92 -1.06
CA ASP F 65 -18.31 -23.93 0.39
C ASP F 65 -18.85 -25.28 0.87
N PRO F 66 -18.04 -26.01 1.65
CA PRO F 66 -18.32 -27.38 2.09
C PRO F 66 -19.64 -27.54 2.85
N VAL F 67 -20.00 -26.58 3.68
CA VAL F 67 -21.23 -26.68 4.46
C VAL F 67 -22.47 -26.62 3.59
N GLU F 68 -22.47 -25.73 2.59
CA GLU F 68 -23.60 -25.63 1.68
C GLU F 68 -23.50 -26.71 0.61
N ASN F 69 -22.35 -27.38 0.55
CA ASN F 69 -22.17 -28.52 -0.33
C ASN F 69 -22.83 -29.77 0.27
N ILE F 70 -22.52 -30.05 1.53
CA ILE F 70 -23.07 -31.21 2.21
C ILE F 70 -24.57 -31.02 2.47
N GLY F 71 -25.02 -29.77 2.46
CA GLY F 71 -26.43 -29.47 2.59
C GLY F 71 -27.14 -29.82 1.30
N ALA F 72 -26.51 -29.47 0.19
CA ALA F 72 -27.06 -29.78 -1.13
C ALA F 72 -26.96 -31.28 -1.42
N THR F 73 -25.91 -31.90 -0.88
CA THR F 73 -25.71 -33.34 -1.06
C THR F 73 -26.72 -34.12 -0.21
N LEU F 74 -27.11 -33.54 0.92
CA LEU F 74 -28.10 -34.16 1.79
C LEU F 74 -29.45 -34.29 1.08
N VAL F 75 -29.75 -33.31 0.24
CA VAL F 75 -30.96 -33.32 -0.58
C VAL F 75 -30.82 -34.31 -1.73
N ARG F 76 -29.62 -34.33 -2.30
CA ARG F 76 -29.30 -35.28 -3.37
C ARG F 76 -29.51 -36.71 -2.92
N GLN F 77 -29.26 -36.97 -1.63
CA GLN F 77 -29.52 -38.28 -1.05
C GLN F 77 -30.99 -38.64 -1.17
N ALA F 78 -31.86 -37.69 -0.84
CA ALA F 78 -33.29 -37.90 -0.93
C ALA F 78 -33.73 -38.05 -2.38
N ALA F 79 -33.15 -37.24 -3.26
CA ALA F 79 -33.48 -37.27 -4.68
C ALA F 79 -33.05 -38.58 -5.32
N ALA F 80 -31.83 -39.00 -5.01
CA ALA F 80 -31.30 -40.25 -5.55
C ALA F 80 -32.06 -41.44 -4.98
N ARG F 81 -32.35 -41.39 -3.69
CA ARG F 81 -33.07 -42.47 -3.02
C ARG F 81 -34.47 -42.64 -3.62
N THR F 82 -35.13 -41.52 -3.88
CA THR F 82 -36.46 -41.54 -4.50
C THR F 82 -36.36 -42.11 -5.91
N ASN F 83 -35.27 -41.80 -6.60
CA ASN F 83 -35.07 -42.28 -7.96
C ASN F 83 -34.86 -43.78 -8.05
N ASP F 84 -34.02 -44.32 -7.17
CA ASP F 84 -33.70 -45.75 -7.21
C ASP F 84 -34.67 -46.59 -6.38
N THR F 85 -35.79 -46.00 -5.97
CA THR F 85 -36.80 -46.74 -5.23
C THR F 85 -38.16 -46.61 -5.91
N ALA F 86 -38.26 -45.68 -6.86
CA ALA F 86 -39.51 -45.46 -7.58
C ALA F 86 -39.28 -45.47 -9.09
N GLY F 87 -38.16 -44.90 -9.52
CA GLY F 87 -37.83 -44.87 -10.93
C GLY F 87 -37.87 -43.47 -11.52
N ASP F 88 -38.50 -42.55 -10.80
CA ASP F 88 -38.64 -41.18 -11.27
C ASP F 88 -39.00 -40.23 -10.11
N GLY F 89 -38.94 -38.94 -10.37
CA GLY F 89 -39.35 -37.94 -9.39
C GLY F 89 -38.20 -37.25 -8.69
N THR F 90 -37.05 -37.18 -9.35
CA THR F 90 -35.89 -36.49 -8.79
C THR F 90 -36.16 -35.01 -8.64
N THR F 91 -36.75 -34.41 -9.68
CA THR F 91 -37.08 -33.00 -9.67
C THR F 91 -38.08 -32.68 -8.57
N THR F 92 -39.12 -33.49 -8.47
CA THR F 92 -40.18 -33.29 -7.49
C THR F 92 -39.65 -33.46 -6.07
N ALA F 93 -38.76 -34.44 -5.88
CA ALA F 93 -38.19 -34.70 -4.57
C ALA F 93 -37.30 -33.56 -4.12
N THR F 94 -36.59 -32.94 -5.06
CA THR F 94 -35.68 -31.85 -4.75
C THR F 94 -36.41 -30.56 -4.40
N VAL F 95 -37.40 -30.19 -5.21
CA VAL F 95 -38.14 -28.97 -4.97
C VAL F 95 -38.96 -29.07 -3.67
N LEU F 96 -39.52 -30.25 -3.42
CA LEU F 96 -40.27 -30.49 -2.20
C LEU F 96 -39.35 -30.50 -0.97
N SER F 97 -38.14 -31.02 -1.16
CA SER F 97 -37.15 -31.05 -0.10
C SER F 97 -36.81 -29.65 0.35
N ALA F 98 -36.47 -28.79 -0.60
CA ALA F 98 -36.15 -27.40 -0.31
C ALA F 98 -37.38 -26.66 0.18
N ALA F 99 -38.56 -27.08 -0.29
CA ALA F 99 -39.82 -26.49 0.14
C ALA F 99 -40.01 -26.67 1.64
N PHE F 100 -39.89 -27.91 2.09
CA PHE F 100 -40.04 -28.23 3.52
C PHE F 100 -38.93 -27.56 4.33
N ILE F 101 -37.77 -27.39 3.72
CA ILE F 101 -36.63 -26.75 4.38
C ILE F 101 -36.81 -25.24 4.46
N ALA F 102 -37.20 -24.63 3.35
CA ALA F 102 -37.42 -23.19 3.31
C ALA F 102 -38.51 -22.78 4.29
N GLU F 103 -39.70 -23.37 4.14
CA GLU F 103 -40.81 -23.10 5.04
C GLU F 103 -40.47 -23.51 6.46
N GLY F 104 -39.60 -24.51 6.59
CA GLY F 104 -39.16 -24.98 7.89
C GLY F 104 -38.35 -23.93 8.60
N MET F 105 -37.26 -23.49 7.96
CA MET F 105 -36.40 -22.46 8.52
C MET F 105 -37.16 -21.15 8.71
N LYS F 106 -38.19 -20.95 7.90
CA LYS F 106 -39.02 -19.76 7.98
C LYS F 106 -39.72 -19.66 9.33
N ILE F 107 -40.06 -20.82 9.88
CA ILE F 107 -40.74 -20.89 11.16
C ILE F 107 -39.75 -21.05 12.32
N VAL F 108 -38.72 -21.86 12.09
CA VAL F 108 -37.68 -22.10 13.11
C VAL F 108 -37.00 -20.80 13.52
N SER F 109 -36.87 -19.87 12.57
CA SER F 109 -36.25 -18.58 12.84
C SER F 109 -36.99 -17.80 13.93
N ALA F 110 -38.26 -18.14 14.14
CA ALA F 110 -39.07 -17.50 15.18
C ALA F 110 -38.89 -18.18 16.54
N GLY F 111 -37.80 -18.94 16.68
CA GLY F 111 -37.50 -19.62 17.92
C GLY F 111 -38.47 -20.72 18.28
N THR F 112 -39.15 -21.26 17.27
CA THR F 112 -40.13 -22.31 17.48
C THR F 112 -39.45 -23.64 17.79
N ASN F 113 -40.05 -24.41 18.69
CA ASN F 113 -39.51 -25.73 19.07
C ASN F 113 -39.40 -26.64 17.85
N PRO F 114 -38.15 -26.99 17.47
CA PRO F 114 -37.89 -27.81 16.29
C PRO F 114 -38.46 -29.21 16.40
N VAL F 115 -38.44 -29.79 17.60
CA VAL F 115 -38.91 -31.15 17.82
C VAL F 115 -40.40 -31.28 17.54
N GLN F 116 -41.16 -30.28 17.96
CA GLN F 116 -42.62 -30.30 17.77
C GLN F 116 -42.98 -30.01 16.32
N LEU F 117 -42.14 -29.24 15.64
CA LEU F 117 -42.37 -28.91 14.25
C LEU F 117 -42.18 -30.13 13.34
N VAL F 118 -41.05 -30.82 13.51
CA VAL F 118 -40.75 -31.98 12.69
C VAL F 118 -41.71 -33.13 12.99
N ARG F 119 -42.11 -33.26 14.25
CA ARG F 119 -43.11 -34.24 14.64
C ARG F 119 -44.41 -33.97 13.91
N GLY F 120 -44.74 -32.69 13.77
CA GLY F 120 -45.91 -32.27 13.03
C GLY F 120 -45.78 -32.62 11.56
N MET F 121 -44.60 -32.40 11.00
CA MET F 121 -44.33 -32.71 9.60
C MET F 121 -44.43 -34.20 9.32
N GLU F 122 -43.84 -35.01 10.21
CA GLU F 122 -43.83 -36.46 10.06
C GLU F 122 -45.24 -37.04 10.04
N LYS F 123 -46.05 -36.64 11.00
CA LYS F 123 -47.41 -37.15 11.12
C LYS F 123 -48.31 -36.60 10.02
N THR F 124 -48.01 -35.38 9.57
CA THR F 124 -48.80 -34.75 8.51
C THR F 124 -48.63 -35.49 7.19
N VAL F 125 -47.38 -35.74 6.82
CA VAL F 125 -47.08 -36.41 5.56
C VAL F 125 -47.48 -37.89 5.63
N GLN F 126 -47.41 -38.47 6.83
CA GLN F 126 -47.73 -39.88 7.00
C GLN F 126 -49.22 -40.11 6.80
N GLU F 127 -50.04 -39.23 7.36
CA GLU F 127 -51.49 -39.30 7.19
C GLU F 127 -51.87 -38.89 5.76
N LEU F 128 -51.04 -38.05 5.16
CA LEU F 128 -51.26 -37.63 3.78
C LEU F 128 -50.89 -38.76 2.82
N VAL F 129 -50.00 -39.63 3.26
CA VAL F 129 -49.69 -40.85 2.51
C VAL F 129 -50.86 -41.81 2.59
N LYS F 130 -51.43 -41.94 3.79
CA LYS F 130 -52.65 -42.72 3.98
C LYS F 130 -53.78 -42.13 3.16
N GLU F 131 -53.72 -40.81 2.97
CA GLU F 131 -54.68 -40.09 2.14
C GLU F 131 -54.33 -40.29 0.66
N LEU F 132 -53.04 -40.46 0.38
CA LEU F 132 -52.58 -40.62 -1.00
C LEU F 132 -53.02 -41.95 -1.60
N ARG F 133 -53.02 -43.00 -0.78
CA ARG F 133 -53.47 -44.31 -1.21
C ARG F 133 -54.97 -44.27 -1.55
N LYS F 134 -55.69 -43.37 -0.87
CA LYS F 134 -57.09 -43.12 -1.19
C LYS F 134 -57.20 -42.36 -2.50
N MET F 135 -56.30 -41.41 -2.70
CA MET F 135 -56.27 -40.59 -3.91
C MET F 135 -55.89 -41.42 -5.15
N SER F 136 -55.25 -42.56 -4.92
CA SER F 136 -54.75 -43.38 -6.01
C SER F 136 -55.87 -44.07 -6.78
N SER F 137 -55.69 -44.17 -8.09
CA SER F 137 -56.62 -44.91 -8.95
C SER F 137 -56.03 -46.26 -9.30
N VAL F 138 -56.81 -47.33 -9.08
CA VAL F 138 -56.31 -48.68 -9.26
C VAL F 138 -56.66 -49.24 -10.64
N VAL F 139 -55.76 -50.06 -11.18
CA VAL F 139 -56.00 -50.75 -12.45
C VAL F 139 -56.02 -52.26 -12.21
N GLN F 140 -57.09 -52.92 -12.67
CA GLN F 140 -57.26 -54.34 -12.43
C GLN F 140 -57.58 -55.13 -13.70
N THR F 141 -57.81 -54.41 -14.80
CA THR F 141 -58.08 -55.05 -16.08
C THR F 141 -56.96 -54.79 -17.07
N ASP F 142 -56.63 -55.80 -17.87
CA ASP F 142 -55.53 -55.72 -18.81
C ASP F 142 -55.77 -54.73 -19.94
N LYS F 143 -57.04 -54.42 -20.19
CA LYS F 143 -57.39 -53.47 -21.25
C LYS F 143 -57.29 -52.03 -20.75
N ASP F 144 -57.62 -51.80 -19.49
CA ASP F 144 -57.40 -50.51 -18.87
C ASP F 144 -55.91 -50.33 -18.61
N LEU F 145 -55.24 -51.45 -18.37
CA LEU F 145 -53.79 -51.47 -18.23
C LEU F 145 -53.15 -51.11 -19.57
N ALA F 146 -53.79 -51.55 -20.64
CA ALA F 146 -53.32 -51.25 -22.00
C ALA F 146 -53.44 -49.77 -22.30
N ASN F 147 -54.54 -49.16 -21.85
CA ASN F 147 -54.77 -47.75 -22.07
C ASN F 147 -53.82 -46.92 -21.21
N VAL F 148 -53.54 -47.39 -20.00
CA VAL F 148 -52.61 -46.72 -19.11
C VAL F 148 -51.18 -46.79 -19.67
N ALA F 149 -50.79 -47.98 -20.13
CA ALA F 149 -49.45 -48.21 -20.65
C ALA F 149 -49.18 -47.41 -21.93
N CYS F 150 -50.16 -47.38 -22.82
CA CYS F 150 -50.00 -46.71 -24.10
C CYS F 150 -49.94 -45.19 -23.96
N VAL F 151 -50.70 -44.67 -23.00
CA VAL F 151 -50.71 -43.23 -22.74
C VAL F 151 -49.43 -42.81 -22.02
N SER F 152 -49.01 -43.59 -21.04
CA SER F 152 -47.79 -43.32 -20.31
C SER F 152 -46.59 -43.41 -21.25
N ALA F 153 -46.70 -44.25 -22.27
CA ALA F 153 -45.67 -44.36 -23.30
C ALA F 153 -45.64 -43.09 -24.15
N GLY F 154 -44.50 -42.83 -24.77
CA GLY F 154 -44.32 -41.62 -25.55
C GLY F 154 -45.16 -41.58 -26.82
N GLY F 155 -46.07 -40.62 -26.87
CA GLY F 155 -46.87 -40.38 -28.07
C GLY F 155 -47.83 -41.50 -28.41
N ASN F 156 -47.59 -42.14 -29.55
CA ASN F 156 -48.49 -43.16 -30.07
C ASN F 156 -48.59 -44.39 -29.16
N THR F 157 -49.57 -45.24 -29.46
CA THR F 157 -49.92 -46.35 -28.56
C THR F 157 -49.19 -47.64 -28.88
N ASP F 158 -49.23 -48.04 -30.15
CA ASP F 158 -48.77 -49.36 -30.64
C ASP F 158 -47.72 -50.07 -29.80
N ILE F 159 -46.65 -49.37 -29.46
CA ILE F 159 -45.56 -49.99 -28.70
C ILE F 159 -45.96 -50.16 -27.23
N GLY F 160 -46.74 -49.22 -26.69
CA GLY F 160 -47.27 -49.34 -25.35
C GLY F 160 -48.38 -50.38 -25.33
N SER F 161 -48.96 -50.61 -26.50
CA SER F 161 -49.97 -51.64 -26.67
C SER F 161 -49.32 -53.01 -26.77
N LEU F 162 -48.00 -53.01 -26.97
CA LEU F 162 -47.23 -54.25 -27.02
C LEU F 162 -46.76 -54.65 -25.63
N ILE F 163 -46.34 -53.66 -24.85
CA ILE F 163 -45.92 -53.88 -23.46
C ILE F 163 -47.11 -54.34 -22.62
N SER F 164 -48.30 -53.90 -23.03
CA SER F 164 -49.53 -54.25 -22.34
C SER F 164 -49.78 -55.75 -22.34
N ASP F 165 -49.75 -56.35 -23.52
CA ASP F 165 -49.96 -57.79 -23.65
C ASP F 165 -48.73 -58.57 -23.18
N ALA F 166 -47.60 -57.89 -23.13
CA ALA F 166 -46.36 -58.50 -22.65
C ALA F 166 -46.44 -58.77 -21.16
N MET F 167 -47.13 -57.88 -20.44
CA MET F 167 -47.32 -58.04 -19.01
C MET F 167 -48.68 -58.67 -18.72
N ALA F 168 -49.53 -58.73 -19.75
CA ALA F 168 -50.81 -59.42 -19.62
C ALA F 168 -50.59 -60.92 -19.62
N LYS F 169 -49.46 -61.34 -20.17
CA LYS F 169 -49.08 -62.74 -20.17
C LYS F 169 -48.58 -63.16 -18.79
N VAL F 170 -47.51 -62.51 -18.33
CA VAL F 170 -46.99 -62.75 -16.99
C VAL F 170 -47.74 -61.88 -15.98
N GLY F 171 -48.62 -62.50 -15.21
CA GLY F 171 -49.53 -61.80 -14.31
C GLY F 171 -48.87 -60.85 -13.33
N ARG F 172 -48.35 -61.39 -12.23
CA ARG F 172 -47.78 -60.57 -11.18
C ARG F 172 -46.27 -60.75 -11.06
N THR F 173 -45.73 -60.35 -9.92
CA THR F 173 -44.31 -60.49 -9.53
C THR F 173 -43.28 -60.27 -10.66
N GLY F 174 -43.69 -59.61 -11.73
CA GLY F 174 -42.79 -59.36 -12.86
C GLY F 174 -42.26 -60.62 -13.48
N VAL F 175 -41.19 -60.50 -14.26
CA VAL F 175 -40.55 -59.20 -14.52
C VAL F 175 -40.24 -59.06 -16.02
N VAL F 176 -40.50 -57.87 -16.56
CA VAL F 176 -40.29 -57.63 -17.99
C VAL F 176 -38.97 -56.93 -18.25
N THR F 177 -38.21 -57.46 -19.20
CA THR F 177 -36.94 -56.87 -19.63
C THR F 177 -36.96 -56.69 -21.14
N MET F 178 -36.32 -55.63 -21.63
CA MET F 178 -36.37 -55.33 -23.06
C MET F 178 -35.01 -55.49 -23.73
N GLU F 179 -35.04 -55.55 -25.06
CA GLU F 179 -33.83 -55.61 -25.87
C GLU F 179 -34.18 -55.33 -27.33
N GLU F 180 -33.20 -54.88 -28.10
CA GLU F 180 -33.43 -54.56 -29.51
C GLU F 180 -32.92 -55.67 -30.42
N GLY F 181 -33.27 -55.59 -31.70
CA GLY F 181 -32.85 -56.58 -32.67
C GLY F 181 -33.90 -57.66 -32.87
N LYS F 182 -33.93 -58.25 -34.06
CA LYS F 182 -33.02 -57.88 -35.14
C LYS F 182 -33.80 -57.47 -36.40
N THR F 183 -35.01 -57.98 -36.52
CA THR F 183 -35.86 -57.67 -37.66
C THR F 183 -37.06 -56.83 -37.23
N ALA F 184 -37.48 -55.91 -38.09
CA ALA F 184 -38.54 -54.95 -37.75
C ALA F 184 -39.89 -55.63 -37.54
N GLU F 185 -40.10 -56.17 -36.35
CA GLU F 185 -41.39 -56.73 -35.95
C GLU F 185 -41.57 -56.65 -34.44
N ASP F 186 -42.60 -57.29 -33.92
CA ASP F 186 -42.82 -57.34 -32.48
C ASP F 186 -42.63 -58.77 -31.96
N GLN F 187 -41.45 -59.02 -31.39
CA GLN F 187 -41.10 -60.36 -30.91
C GLN F 187 -41.13 -60.46 -29.39
N LEU F 188 -42.11 -61.20 -28.88
CA LEU F 188 -42.22 -61.45 -27.45
C LEU F 188 -41.65 -62.83 -27.11
N VAL F 189 -40.76 -62.88 -26.11
CA VAL F 189 -40.10 -64.12 -25.74
C VAL F 189 -40.12 -64.35 -24.23
N PHE F 190 -41.07 -65.14 -23.74
CA PHE F 190 -41.09 -65.49 -22.33
C PHE F 190 -40.20 -66.71 -22.11
N VAL F 191 -39.27 -66.61 -21.17
CA VAL F 191 -38.29 -67.66 -20.94
C VAL F 191 -38.09 -67.98 -19.47
N GLU F 192 -37.25 -68.98 -19.20
CA GLU F 192 -36.92 -69.35 -17.83
C GLU F 192 -35.88 -68.38 -17.26
N GLY F 193 -36.35 -67.37 -16.54
CA GLY F 193 -35.47 -66.39 -15.93
C GLY F 193 -35.89 -66.08 -14.51
N MET F 194 -35.02 -65.39 -13.78
CA MET F 194 -35.30 -65.05 -12.38
C MET F 194 -34.75 -63.68 -12.01
N GLN F 195 -35.16 -63.18 -10.84
CA GLN F 195 -34.66 -61.90 -10.34
C GLN F 195 -34.68 -61.86 -8.82
N PHE F 196 -33.94 -60.92 -8.26
CA PHE F 196 -33.91 -60.72 -6.82
C PHE F 196 -33.84 -59.23 -6.48
N GLU F 197 -33.83 -58.90 -5.20
CA GLU F 197 -34.03 -57.53 -4.76
C GLU F 197 -32.79 -56.94 -4.06
N ARG F 198 -31.62 -57.53 -4.31
CA ARG F 198 -30.41 -57.07 -3.63
C ARG F 198 -29.61 -56.06 -4.45
N GLY F 199 -28.74 -55.35 -3.73
CA GLY F 199 -28.07 -54.14 -4.20
C GLY F 199 -26.82 -54.27 -5.03
N TYR F 200 -26.52 -53.26 -5.85
CA TYR F 200 -25.37 -53.29 -6.76
C TYR F 200 -23.97 -53.34 -6.11
N THR F 201 -23.76 -52.57 -5.05
CA THR F 201 -22.46 -52.47 -4.38
C THR F 201 -21.54 -51.66 -5.29
N SER F 202 -20.55 -50.98 -4.74
CA SER F 202 -20.00 -49.79 -5.36
C SER F 202 -20.48 -49.86 -6.80
N PRO F 203 -20.42 -51.10 -7.47
CA PRO F 203 -19.27 -51.93 -7.09
C PRO F 203 -18.03 -51.26 -7.67
N TYR F 204 -18.29 -50.25 -8.49
CA TYR F 204 -17.27 -49.40 -9.11
C TYR F 204 -16.74 -50.07 -10.37
N PHE F 205 -17.24 -51.27 -10.65
CA PHE F 205 -17.07 -51.91 -11.93
C PHE F 205 -18.52 -52.02 -12.35
N VAL F 206 -18.83 -51.56 -13.54
CA VAL F 206 -20.21 -51.57 -13.99
C VAL F 206 -20.31 -51.51 -15.49
N THR F 207 -21.46 -51.87 -16.03
CA THR F 207 -21.72 -51.56 -17.41
C THR F 207 -21.77 -50.05 -17.45
N ASP F 208 -21.02 -49.46 -18.36
CA ASP F 208 -20.96 -48.03 -18.47
C ASP F 208 -22.29 -47.30 -18.32
N PRO F 209 -22.23 -46.20 -17.46
CA PRO F 209 -23.45 -45.37 -17.49
C PRO F 209 -23.40 -44.54 -18.77
N GLU F 210 -24.40 -43.71 -19.01
CA GLU F 210 -25.23 -43.09 -18.00
C GLU F 210 -25.98 -44.11 -17.19
N ARG F 211 -26.41 -45.17 -17.84
CA ARG F 211 -27.23 -46.16 -17.19
C ARG F 211 -26.53 -46.84 -16.00
N MET F 212 -25.23 -47.11 -16.14
CA MET F 212 -24.48 -47.74 -15.06
C MET F 212 -25.08 -49.08 -14.63
N ILE F 213 -25.54 -49.82 -15.62
CA ILE F 213 -26.07 -51.16 -15.41
C ILE F 213 -25.16 -52.21 -16.05
N CYS F 214 -24.70 -53.16 -15.25
CA CYS F 214 -23.82 -54.21 -15.75
C CYS F 214 -24.61 -55.28 -16.49
N GLU F 215 -24.20 -55.65 -17.68
CA GLU F 215 -24.77 -56.87 -18.24
C GLU F 215 -23.77 -57.55 -19.14
N TYR F 216 -23.85 -58.87 -19.27
CA TYR F 216 -23.13 -59.54 -20.33
C TYR F 216 -23.80 -60.77 -20.90
N GLU F 217 -23.56 -61.01 -22.17
CA GLU F 217 -24.16 -62.15 -22.87
C GLU F 217 -23.24 -63.36 -22.78
N ASN F 218 -23.83 -64.55 -22.69
CA ASN F 218 -23.10 -65.78 -22.37
C ASN F 218 -22.37 -65.62 -21.03
N CYS F 219 -23.14 -65.21 -20.03
CA CYS F 219 -22.59 -64.86 -18.71
C CYS F 219 -22.31 -66.07 -17.83
N LYS F 220 -21.85 -65.81 -16.61
CA LYS F 220 -21.53 -66.86 -15.65
C LYS F 220 -21.71 -66.32 -14.23
N ILE F 221 -22.34 -67.12 -13.37
CA ILE F 221 -22.60 -66.68 -12.01
C ILE F 221 -22.17 -67.73 -10.98
N LEU F 222 -21.74 -67.27 -9.81
CA LEU F 222 -21.27 -68.16 -8.76
C LEU F 222 -21.83 -67.75 -7.40
N LEU F 223 -22.23 -68.73 -6.59
CA LEU F 223 -22.87 -68.46 -5.32
C LEU F 223 -22.12 -69.02 -4.12
N VAL F 224 -21.94 -68.19 -3.10
CA VAL F 224 -21.34 -68.61 -1.83
C VAL F 224 -22.21 -68.11 -0.68
N ASP F 225 -22.31 -68.90 0.39
CA ASP F 225 -23.19 -68.58 1.50
C ASP F 225 -22.51 -67.78 2.61
N LYS F 226 -21.21 -67.97 2.78
CA LYS F 226 -20.49 -67.27 3.85
C LYS F 226 -19.58 -66.17 3.31
N LYS F 227 -19.06 -65.36 4.22
CA LYS F 227 -18.32 -64.15 3.87
C LYS F 227 -16.92 -64.42 3.33
N ILE F 228 -16.56 -63.71 2.27
CA ILE F 228 -15.19 -63.74 1.74
C ILE F 228 -14.41 -62.57 2.33
N SER F 229 -13.12 -62.78 2.60
CA SER F 229 -12.31 -61.75 3.23
C SER F 229 -10.88 -61.72 2.72
N THR F 230 -10.38 -62.88 2.31
CA THR F 230 -8.96 -63.06 2.05
C THR F 230 -8.52 -62.71 0.63
N ALA F 231 -9.37 -63.03 -0.35
CA ALA F 231 -8.96 -63.17 -1.74
C ALA F 231 -7.87 -64.24 -1.80
N ARG F 232 -7.05 -64.24 -2.85
CA ARG F 232 -6.07 -65.29 -3.08
C ARG F 232 -6.74 -66.67 -3.04
N ASP F 233 -7.08 -67.13 -1.84
CA ASP F 233 -7.90 -68.32 -1.69
C ASP F 233 -9.36 -67.93 -1.82
N ILE F 234 -10.26 -68.91 -1.82
CA ILE F 234 -11.69 -68.70 -2.08
C ILE F 234 -11.93 -68.16 -3.50
N ILE F 235 -11.06 -67.26 -3.95
CA ILE F 235 -11.10 -66.78 -5.32
C ILE F 235 -10.14 -67.56 -6.21
N THR F 236 -9.77 -68.75 -5.77
CA THR F 236 -8.96 -69.66 -6.59
C THR F 236 -9.73 -70.02 -7.85
N ILE F 237 -11.06 -69.98 -7.75
CA ILE F 237 -11.92 -70.19 -8.89
C ILE F 237 -11.98 -68.93 -9.75
N LEU F 238 -11.68 -67.79 -9.14
CA LEU F 238 -11.62 -66.54 -9.88
C LEU F 238 -10.36 -66.50 -10.72
N GLU F 239 -9.32 -67.19 -10.23
CA GLU F 239 -8.12 -67.40 -11.02
C GLU F 239 -8.45 -68.38 -12.13
N SER F 240 -9.36 -69.30 -11.83
CA SER F 240 -9.86 -70.23 -12.84
C SER F 240 -10.81 -69.49 -13.78
N ALA F 241 -11.30 -68.34 -13.34
CA ALA F 241 -12.11 -67.46 -14.18
C ALA F 241 -11.20 -66.59 -15.03
N ILE F 242 -9.99 -66.33 -14.56
CA ILE F 242 -9.00 -65.64 -15.36
C ILE F 242 -8.58 -66.57 -16.50
N ARG F 243 -8.53 -67.86 -16.19
CA ARG F 243 -8.30 -68.88 -17.22
C ARG F 243 -9.59 -69.10 -18.01
N GLY F 244 -10.73 -68.92 -17.33
CA GLY F 244 -12.02 -68.86 -18.00
C GLY F 244 -12.08 -67.63 -18.88
N ASN F 245 -11.35 -66.60 -18.45
CA ASN F 245 -10.99 -65.44 -19.25
C ASN F 245 -12.14 -64.54 -19.67
N TYR F 246 -13.36 -64.89 -19.27
CA TYR F 246 -14.53 -64.09 -19.62
C TYR F 246 -15.63 -64.13 -18.54
N PRO F 247 -16.22 -62.95 -18.26
CA PRO F 247 -17.06 -62.55 -17.12
C PRO F 247 -17.70 -63.63 -16.25
N LEU F 248 -17.60 -63.39 -14.94
CA LEU F 248 -18.22 -64.20 -13.90
C LEU F 248 -18.72 -63.27 -12.79
N LEU F 249 -19.95 -63.49 -12.32
CA LEU F 249 -20.50 -62.65 -11.26
C LEU F 249 -20.68 -63.40 -9.95
N ILE F 250 -20.26 -62.77 -8.86
CA ILE F 250 -20.38 -63.38 -7.54
C ILE F 250 -21.49 -62.70 -6.73
N MET F 251 -22.47 -63.49 -6.32
CA MET F 251 -23.60 -62.99 -5.54
C MET F 251 -23.57 -63.57 -4.13
N ALA F 252 -22.39 -63.58 -3.53
CA ALA F 252 -22.22 -64.22 -2.22
C ALA F 252 -22.69 -63.32 -1.08
N GLU F 253 -22.45 -63.77 0.14
CA GLU F 253 -22.92 -63.06 1.32
C GLU F 253 -22.27 -61.69 1.45
N GLU F 254 -21.04 -61.65 1.94
CA GLU F 254 -20.34 -60.39 2.14
C GLU F 254 -18.91 -60.41 1.60
N VAL F 255 -18.21 -59.29 1.77
CA VAL F 255 -16.81 -59.19 1.40
C VAL F 255 -16.11 -58.16 2.28
N GLU F 256 -14.97 -58.54 2.85
CA GLU F 256 -14.24 -57.67 3.77
C GLU F 256 -13.80 -56.37 3.08
N GLN F 257 -12.66 -56.43 2.40
CA GLN F 257 -12.13 -55.27 1.71
C GLN F 257 -11.03 -55.71 0.75
N GLU F 258 -10.27 -56.71 1.18
CA GLU F 258 -9.16 -57.25 0.41
C GLU F 258 -9.64 -57.88 -0.88
N ALA F 259 -10.67 -58.70 -0.78
CA ALA F 259 -11.21 -59.43 -1.93
C ALA F 259 -11.81 -58.48 -2.96
N LEU F 260 -12.67 -57.57 -2.51
CA LEU F 260 -13.33 -56.65 -3.42
C LEU F 260 -12.33 -55.74 -4.12
N ALA F 261 -11.34 -55.25 -3.37
CA ALA F 261 -10.35 -54.34 -3.94
C ALA F 261 -9.47 -55.04 -4.96
N THR F 262 -9.21 -56.33 -4.72
CA THR F 262 -8.36 -57.10 -5.62
C THR F 262 -9.06 -57.38 -6.95
N LEU F 263 -10.37 -57.62 -6.88
CA LEU F 263 -11.12 -58.00 -8.08
C LEU F 263 -11.57 -56.80 -8.91
N VAL F 264 -11.79 -55.65 -8.26
CA VAL F 264 -12.18 -54.46 -8.99
C VAL F 264 -11.00 -53.93 -9.80
N VAL F 265 -9.80 -54.08 -9.27
CA VAL F 265 -8.58 -53.63 -9.94
C VAL F 265 -8.23 -54.55 -11.10
N ASN F 266 -8.30 -55.85 -10.84
CA ASN F 266 -8.05 -56.85 -11.87
C ASN F 266 -9.05 -56.74 -13.02
N LYS F 267 -10.29 -56.39 -12.69
CA LYS F 267 -11.32 -56.08 -13.69
C LYS F 267 -11.06 -54.80 -14.49
N LEU F 268 -10.62 -53.75 -13.79
CA LEU F 268 -10.24 -52.49 -14.40
C LEU F 268 -9.02 -52.65 -15.29
N ARG F 269 -8.18 -53.62 -14.95
CA ARG F 269 -7.02 -53.94 -15.78
C ARG F 269 -7.48 -54.53 -17.10
N GLY F 270 -8.58 -55.27 -17.05
CA GLY F 270 -9.16 -55.85 -18.26
C GLY F 270 -9.14 -57.37 -18.28
N THR F 271 -9.18 -57.93 -19.48
CA THR F 271 -9.11 -59.36 -19.73
C THR F 271 -10.33 -60.14 -19.23
N LEU F 272 -10.90 -59.73 -18.10
CA LEU F 272 -12.10 -60.38 -17.54
C LEU F 272 -12.96 -59.42 -16.73
N LYS F 273 -14.23 -59.76 -16.56
CA LYS F 273 -15.16 -58.91 -15.80
C LYS F 273 -15.73 -59.63 -14.59
N VAL F 274 -15.41 -59.13 -13.40
CA VAL F 274 -15.93 -59.70 -12.16
C VAL F 274 -16.85 -58.70 -11.47
N VAL F 275 -18.03 -59.18 -11.05
CA VAL F 275 -19.01 -58.32 -10.39
C VAL F 275 -19.46 -58.94 -9.08
N ALA F 276 -19.62 -58.11 -8.06
CA ALA F 276 -19.91 -58.61 -6.72
C ALA F 276 -21.24 -58.13 -6.20
N ILE F 277 -22.02 -59.03 -5.64
CA ILE F 277 -23.33 -58.68 -5.14
C ILE F 277 -23.49 -59.15 -3.72
N LYS F 278 -24.37 -58.50 -3.00
CA LYS F 278 -24.64 -58.96 -1.64
C LYS F 278 -25.83 -59.92 -1.62
N ALA F 279 -25.67 -61.03 -0.90
CA ALA F 279 -26.68 -62.09 -0.89
C ALA F 279 -27.92 -61.69 -0.07
N PRO F 280 -29.11 -62.08 -0.57
CA PRO F 280 -30.40 -61.81 0.09
C PRO F 280 -30.74 -62.74 1.25
N GLY F 281 -31.38 -62.17 2.26
CA GLY F 281 -31.94 -62.94 3.36
C GLY F 281 -30.95 -63.45 4.39
N PHE F 282 -31.42 -64.36 5.23
CA PHE F 282 -30.60 -64.98 6.26
C PHE F 282 -30.36 -66.45 5.94
N GLY F 283 -29.68 -67.15 6.85
CA GLY F 283 -29.30 -68.54 6.64
C GLY F 283 -30.46 -69.43 6.18
N GLU F 284 -31.68 -69.09 6.57
CA GLU F 284 -32.87 -69.74 6.04
C GLU F 284 -33.10 -69.34 4.59
N ARG F 285 -33.05 -68.03 4.34
CA ARG F 285 -33.24 -67.47 3.01
C ARG F 285 -31.99 -67.65 2.16
N ARG F 286 -30.84 -67.33 2.76
CA ARG F 286 -29.56 -67.41 2.08
C ARG F 286 -29.35 -68.81 1.50
N SER F 287 -29.64 -69.83 2.29
CA SER F 287 -29.56 -71.21 1.79
C SER F 287 -30.61 -71.41 0.72
N SER F 288 -31.85 -71.07 1.03
CA SER F 288 -32.96 -71.22 0.10
C SER F 288 -32.70 -70.53 -1.23
N TYR F 289 -32.29 -69.27 -1.16
CA TYR F 289 -32.05 -68.48 -2.36
C TYR F 289 -30.83 -68.99 -3.10
N LEU F 290 -29.81 -69.43 -2.35
CA LEU F 290 -28.61 -70.01 -2.96
C LEU F 290 -28.96 -71.24 -3.77
N GLU F 291 -29.74 -72.14 -3.17
CA GLU F 291 -30.18 -73.36 -3.83
C GLU F 291 -30.96 -73.01 -5.10
N ASP F 292 -31.76 -71.95 -5.02
CA ASP F 292 -32.56 -71.52 -6.16
C ASP F 292 -31.70 -71.12 -7.35
N ILE F 293 -30.78 -70.18 -7.13
CA ILE F 293 -29.91 -69.71 -8.21
C ILE F 293 -28.98 -70.81 -8.68
N ALA F 294 -28.61 -71.70 -7.77
CA ALA F 294 -27.76 -72.84 -8.12
C ALA F 294 -28.57 -73.96 -8.73
N ILE F 295 -29.88 -73.74 -8.88
CA ILE F 295 -30.74 -74.75 -9.48
C ILE F 295 -31.27 -74.30 -10.83
N LEU F 296 -31.54 -72.99 -10.96
CA LEU F 296 -31.98 -72.46 -12.25
C LEU F 296 -30.80 -72.44 -13.21
N THR F 297 -29.60 -72.31 -12.63
CA THR F 297 -28.37 -72.47 -13.39
C THR F 297 -27.63 -73.70 -12.87
N GLY F 298 -26.52 -74.05 -13.50
CA GLY F 298 -25.79 -75.25 -13.17
C GLY F 298 -24.87 -75.10 -11.97
N GLY F 299 -25.19 -74.16 -11.10
CA GLY F 299 -24.38 -73.89 -9.93
C GLY F 299 -24.59 -74.91 -8.84
N THR F 300 -23.79 -74.81 -7.78
CA THR F 300 -23.89 -75.71 -6.64
C THR F 300 -23.58 -74.97 -5.35
N VAL F 301 -24.61 -74.81 -4.51
CA VAL F 301 -24.56 -74.14 -3.20
C VAL F 301 -23.60 -72.89 -3.23
N VAL F 302 -22.39 -72.76 -2.63
CA VAL F 302 -21.66 -73.63 -1.71
C VAL F 302 -21.70 -73.08 -0.29
N ARG F 303 -22.17 -73.90 0.66
CA ARG F 303 -22.08 -73.56 2.08
C ARG F 303 -21.40 -74.70 2.82
N ASP F 304 -20.46 -74.35 3.70
CA ASP F 304 -19.67 -75.35 4.39
C ASP F 304 -19.39 -74.96 5.85
N GLU F 305 -20.13 -75.58 6.76
CA GLU F 305 -19.83 -75.49 8.18
C GLU F 305 -18.93 -76.66 8.54
N MET F 306 -18.39 -77.29 7.50
CA MET F 306 -17.44 -78.40 7.63
C MET F 306 -16.22 -78.13 8.56
N GLY F 307 -15.53 -76.99 8.45
CA GLY F 307 -15.85 -75.87 7.58
C GLY F 307 -14.68 -75.30 6.81
N VAL F 308 -14.81 -75.30 5.48
CA VAL F 308 -13.79 -74.71 4.61
C VAL F 308 -14.33 -74.49 3.20
N SER F 309 -14.34 -73.23 2.76
CA SER F 309 -14.58 -72.94 1.36
C SER F 309 -13.38 -73.48 0.58
N LEU F 310 -13.53 -74.71 0.09
CA LEU F 310 -12.44 -75.52 -0.47
C LEU F 310 -11.30 -74.75 -1.11
N GLU F 311 -10.08 -75.06 -0.70
CA GLU F 311 -8.88 -74.50 -1.33
C GLU F 311 -8.93 -74.86 -2.81
N GLN F 312 -9.41 -76.05 -3.09
CA GLN F 312 -9.75 -76.46 -4.46
C GLN F 312 -11.25 -76.32 -4.64
N ALA F 313 -11.72 -75.08 -4.64
CA ALA F 313 -13.16 -74.78 -4.74
C ALA F 313 -13.76 -75.30 -6.04
N THR F 314 -12.92 -75.47 -7.05
CA THR F 314 -13.29 -76.00 -8.38
C THR F 314 -14.27 -75.10 -9.14
N ASP F 315 -14.02 -74.97 -10.44
CA ASP F 315 -14.85 -74.15 -11.30
C ASP F 315 -16.31 -74.63 -11.36
N ALA F 316 -16.50 -75.95 -11.26
CA ALA F 316 -17.82 -76.58 -11.46
C ALA F 316 -18.94 -75.98 -10.61
N VAL F 317 -18.59 -75.21 -9.59
CA VAL F 317 -19.56 -74.52 -8.75
C VAL F 317 -20.32 -73.45 -9.54
N LEU F 318 -19.73 -73.03 -10.66
CA LEU F 318 -20.29 -71.96 -11.48
C LEU F 318 -21.68 -72.30 -12.00
N GLY F 319 -22.48 -71.26 -12.22
CA GLY F 319 -23.77 -71.41 -12.86
C GLY F 319 -23.78 -70.60 -14.14
N THR F 320 -24.22 -71.23 -15.23
CA THR F 320 -24.16 -70.59 -16.53
C THR F 320 -25.49 -69.90 -16.89
N ALA F 321 -25.42 -68.58 -17.07
CA ALA F 321 -26.58 -67.82 -17.50
C ALA F 321 -26.27 -67.14 -18.84
N ALA F 322 -27.23 -67.15 -19.75
CA ALA F 322 -27.03 -66.58 -21.07
C ALA F 322 -26.84 -65.07 -21.00
N LYS F 323 -27.68 -64.41 -20.22
CA LYS F 323 -27.60 -62.96 -20.05
C LYS F 323 -27.89 -62.54 -18.61
N ILE F 324 -27.21 -61.50 -18.14
CA ILE F 324 -27.47 -60.97 -16.81
C ILE F 324 -27.58 -59.44 -16.87
N THR F 325 -28.30 -58.87 -15.90
CA THR F 325 -28.52 -57.44 -15.85
C THR F 325 -28.88 -57.01 -14.42
N ILE F 326 -27.97 -56.29 -13.78
CA ILE F 326 -28.18 -55.85 -12.40
C ILE F 326 -28.10 -54.33 -12.27
N THR F 327 -28.80 -53.79 -11.27
CA THR F 327 -28.77 -52.37 -11.01
C THR F 327 -28.61 -52.11 -9.51
N LYS F 328 -28.82 -50.86 -9.10
CA LYS F 328 -28.54 -50.42 -7.74
C LYS F 328 -29.21 -51.27 -6.66
N GLU F 329 -30.46 -51.67 -6.88
CA GLU F 329 -31.16 -52.47 -5.88
C GLU F 329 -31.85 -53.69 -6.47
N ARG F 330 -31.48 -54.04 -7.70
CA ARG F 330 -32.04 -55.24 -8.34
C ARG F 330 -30.98 -56.04 -9.08
N THR F 331 -31.10 -57.37 -8.99
CA THR F 331 -30.22 -58.27 -9.72
C THR F 331 -31.05 -59.27 -10.51
N THR F 332 -30.96 -59.21 -11.83
CA THR F 332 -31.80 -60.04 -12.69
C THR F 332 -30.99 -60.98 -13.59
N VAL F 333 -31.39 -62.24 -13.64
CA VAL F 333 -30.77 -63.23 -14.52
C VAL F 333 -31.79 -63.76 -15.51
N VAL F 334 -31.33 -64.15 -16.70
CA VAL F 334 -32.25 -64.58 -17.75
C VAL F 334 -31.53 -65.24 -18.93
N GLY F 335 -32.28 -66.01 -19.72
CA GLY F 335 -31.80 -66.50 -21.00
C GLY F 335 -31.26 -67.91 -21.07
N ASP F 336 -30.65 -68.38 -19.97
CA ASP F 336 -29.96 -69.66 -19.96
C ASP F 336 -30.84 -70.82 -20.37
N GLY F 337 -30.29 -71.71 -21.18
CA GLY F 337 -31.01 -72.89 -21.63
C GLY F 337 -30.67 -74.12 -20.81
N SER F 338 -30.72 -73.97 -19.48
CA SER F 338 -30.44 -75.09 -18.58
C SER F 338 -31.67 -75.98 -18.42
N THR F 339 -31.72 -76.70 -17.30
CA THR F 339 -32.82 -77.61 -17.05
C THR F 339 -34.10 -76.83 -16.76
N ALA F 340 -35.15 -77.13 -17.52
CA ALA F 340 -36.43 -76.43 -17.39
C ALA F 340 -37.37 -77.15 -16.43
N ALA F 341 -37.33 -78.48 -16.43
CA ALA F 341 -38.11 -79.27 -15.50
C ALA F 341 -37.64 -78.99 -14.08
N ASP F 342 -36.39 -78.57 -13.97
CA ASP F 342 -35.81 -78.12 -12.71
C ASP F 342 -36.67 -77.05 -12.05
N VAL F 343 -36.93 -75.97 -12.77
CA VAL F 343 -37.73 -74.87 -12.26
C VAL F 343 -39.17 -75.32 -12.00
N ALA F 344 -39.59 -76.33 -12.76
CA ALA F 344 -40.94 -76.86 -12.63
C ALA F 344 -41.04 -77.88 -11.50
N ALA F 345 -39.89 -78.25 -10.95
CA ALA F 345 -39.84 -79.25 -9.89
C ALA F 345 -39.63 -78.59 -8.53
N ARG F 346 -38.96 -77.44 -8.51
CA ARG F 346 -38.69 -76.76 -7.26
C ARG F 346 -39.96 -76.08 -6.74
N VAL F 347 -40.86 -75.71 -7.66
CA VAL F 347 -42.15 -75.16 -7.28
C VAL F 347 -43.03 -76.25 -6.67
N LYS F 348 -42.75 -77.49 -7.04
CA LYS F 348 -43.45 -78.65 -6.50
C LYS F 348 -43.03 -78.88 -5.05
N GLN F 349 -41.73 -78.73 -4.79
CA GLN F 349 -41.20 -78.91 -3.45
C GLN F 349 -41.70 -77.81 -2.52
N ILE F 350 -41.90 -76.62 -3.08
CA ILE F 350 -42.43 -75.50 -2.32
C ILE F 350 -43.88 -75.76 -1.93
N ARG F 351 -44.66 -76.29 -2.88
CA ARG F 351 -46.05 -76.64 -2.61
C ARG F 351 -46.16 -77.73 -1.56
N ASN F 352 -45.21 -78.66 -1.58
CA ASN F 352 -45.16 -79.72 -0.59
C ASN F 352 -44.84 -79.17 0.80
N LEU F 353 -43.88 -78.25 0.85
CA LEU F 353 -43.52 -77.59 2.10
C LEU F 353 -44.65 -76.68 2.58
N GLN F 354 -45.32 -76.03 1.63
CA GLN F 354 -46.45 -75.17 1.93
C GLN F 354 -47.61 -75.97 2.50
N MET F 355 -47.75 -77.20 2.04
CA MET F 355 -48.82 -78.08 2.48
C MET F 355 -48.63 -78.54 3.93
N GLN F 356 -47.38 -78.81 4.31
CA GLN F 356 -47.08 -79.34 5.63
C GLN F 356 -46.66 -78.25 6.62
N THR F 357 -46.67 -77.00 6.18
CA THR F 357 -46.26 -75.89 7.03
C THR F 357 -47.35 -75.48 8.01
N ASP F 358 -46.99 -75.39 9.28
CA ASP F 358 -47.93 -74.98 10.32
C ASP F 358 -47.64 -73.55 10.75
N GLN F 359 -46.44 -73.08 10.46
CA GLN F 359 -46.02 -71.73 10.83
C GLN F 359 -46.70 -70.67 9.96
N ASP F 360 -46.31 -69.42 10.15
CA ASP F 360 -46.89 -68.31 9.39
C ASP F 360 -45.84 -67.67 8.50
N TYR F 361 -44.66 -67.41 9.06
CA TYR F 361 -43.58 -66.76 8.33
C TYR F 361 -43.08 -67.65 7.19
N GLU F 362 -43.06 -68.96 7.43
CA GLU F 362 -42.62 -69.91 6.41
C GLU F 362 -43.58 -69.94 5.23
N ARG F 363 -44.85 -69.68 5.50
CA ARG F 363 -45.86 -69.67 4.45
C ARG F 363 -45.65 -68.52 3.46
N GLU F 364 -45.39 -67.34 3.98
CA GLU F 364 -45.18 -66.16 3.13
C GLU F 364 -43.79 -66.19 2.49
N LYS F 365 -42.84 -66.84 3.14
CA LYS F 365 -41.51 -67.01 2.59
C LYS F 365 -41.56 -67.93 1.38
N LEU F 366 -42.32 -69.02 1.50
CA LEU F 366 -42.52 -69.95 0.40
C LEU F 366 -43.42 -69.30 -0.66
N GLN F 367 -44.26 -68.37 -0.24
CA GLN F 367 -45.17 -67.69 -1.14
C GLN F 367 -44.43 -66.71 -2.04
N GLU F 368 -43.56 -65.89 -1.45
CA GLU F 368 -42.79 -64.92 -2.22
C GLU F 368 -41.76 -65.61 -3.10
N ARG F 369 -41.32 -66.79 -2.69
CA ARG F 369 -40.35 -67.54 -3.47
C ARG F 369 -41.02 -68.19 -4.68
N ILE F 370 -42.15 -68.86 -4.44
CA ILE F 370 -42.89 -69.50 -5.53
C ILE F 370 -43.56 -68.47 -6.43
N ALA F 371 -43.63 -67.23 -5.95
CA ALA F 371 -44.17 -66.13 -6.75
C ALA F 371 -43.23 -65.80 -7.90
N ARG F 372 -42.05 -65.31 -7.55
CA ARG F 372 -41.07 -64.88 -8.53
C ARG F 372 -40.51 -66.05 -9.33
N LEU F 373 -40.62 -67.26 -8.77
CA LEU F 373 -40.23 -68.47 -9.48
C LEU F 373 -41.22 -68.78 -10.60
N SER F 374 -42.51 -68.59 -10.30
CA SER F 374 -43.56 -68.85 -11.28
C SER F 374 -43.62 -67.75 -12.33
N GLY F 375 -43.46 -66.50 -11.89
CA GLY F 375 -43.51 -65.36 -12.78
C GLY F 375 -42.41 -65.40 -13.83
N GLY F 376 -41.27 -65.95 -13.44
CA GLY F 376 -40.13 -66.06 -14.33
C GLY F 376 -39.57 -64.71 -14.72
N VAL F 377 -38.93 -64.51 -15.78
CA VAL F 377 -38.41 -63.23 -16.27
C VAL F 377 -38.64 -63.11 -17.77
N ALA F 378 -39.98 -62.61 -18.44
CA ALA F 378 -40.26 -62.47 -19.85
C ALA F 378 -39.44 -61.34 -20.46
N ILE F 379 -38.74 -61.62 -21.55
CA ILE F 379 -37.94 -60.62 -22.24
C ILE F 379 -38.56 -60.26 -23.60
N ILE F 380 -38.66 -58.95 -23.88
CA ILE F 380 -39.30 -58.47 -25.09
C ILE F 380 -38.30 -57.89 -26.09
N GLN F 381 -38.45 -58.26 -27.35
CA GLN F 381 -37.60 -57.73 -28.42
C GLN F 381 -38.34 -56.69 -29.25
N VAL F 382 -37.71 -55.54 -29.44
CA VAL F 382 -38.32 -54.45 -30.19
C VAL F 382 -37.91 -54.52 -31.66
N GLY F 383 -38.68 -53.87 -32.53
CA GLY F 383 -38.38 -53.84 -33.95
C GLY F 383 -37.19 -52.94 -34.28
N ALA F 384 -37.00 -52.67 -35.57
CA ALA F 384 -35.89 -51.84 -36.00
C ALA F 384 -36.15 -51.23 -37.39
N GLN F 385 -36.41 -49.92 -37.41
CA GLN F 385 -36.59 -49.20 -38.66
C GLN F 385 -35.25 -48.77 -39.22
N THR F 386 -34.54 -47.93 -38.48
CA THR F 386 -33.17 -47.56 -38.82
C THR F 386 -32.23 -47.99 -37.70
N GLU F 387 -31.11 -47.29 -37.55
CA GLU F 387 -30.18 -47.60 -36.47
C GLU F 387 -30.33 -46.61 -35.31
N THR F 388 -30.84 -45.42 -35.62
CA THR F 388 -31.09 -44.41 -34.60
C THR F 388 -32.52 -44.52 -34.09
N GLU F 389 -33.39 -45.16 -34.87
CA GLU F 389 -34.78 -45.35 -34.48
C GLU F 389 -34.90 -46.45 -33.42
N LEU F 390 -34.09 -47.49 -33.55
CA LEU F 390 -34.13 -48.59 -32.60
C LEU F 390 -33.60 -48.15 -31.25
N LYS F 391 -32.63 -47.24 -31.26
CA LYS F 391 -32.08 -46.69 -30.02
C LYS F 391 -33.06 -45.71 -29.38
N GLU F 392 -33.73 -44.93 -30.22
CA GLU F 392 -34.74 -44.00 -29.73
C GLU F 392 -35.93 -44.77 -29.17
N LYS F 393 -36.27 -45.87 -29.82
CA LYS F 393 -37.31 -46.76 -29.33
C LYS F 393 -36.90 -47.40 -28.01
N LYS F 394 -35.67 -47.92 -27.97
CA LYS F 394 -35.15 -48.61 -26.79
C LYS F 394 -35.20 -47.73 -25.54
N LEU F 395 -34.92 -46.44 -25.71
CA LEU F 395 -34.96 -45.50 -24.59
C LEU F 395 -36.40 -45.14 -24.24
N ARG F 396 -37.25 -45.00 -25.25
CA ARG F 396 -38.65 -44.66 -25.03
C ARG F 396 -39.40 -45.79 -24.35
N VAL F 397 -39.06 -47.03 -24.68
CA VAL F 397 -39.71 -48.18 -24.05
C VAL F 397 -39.07 -48.48 -22.70
N GLU F 398 -37.86 -47.98 -22.48
CA GLU F 398 -37.20 -48.15 -21.20
C GLU F 398 -37.90 -47.29 -20.15
N ASP F 399 -38.17 -46.05 -20.54
CA ASP F 399 -38.87 -45.12 -19.68
C ASP F 399 -40.35 -45.50 -19.59
N ALA F 400 -40.85 -46.17 -20.61
CA ALA F 400 -42.23 -46.64 -20.63
C ALA F 400 -42.42 -47.78 -19.63
N LEU F 401 -41.51 -48.75 -19.66
CA LEU F 401 -41.57 -49.89 -18.75
C LEU F 401 -41.42 -49.45 -17.30
N ASN F 402 -40.44 -48.58 -17.06
CA ASN F 402 -40.17 -48.10 -15.71
C ASN F 402 -41.32 -47.28 -15.14
N ALA F 403 -42.03 -46.57 -16.02
CA ALA F 403 -43.15 -45.75 -15.59
C ALA F 403 -44.39 -46.61 -15.34
N THR F 404 -44.62 -47.58 -16.23
CA THR F 404 -45.76 -48.47 -16.09
C THR F 404 -45.66 -49.34 -14.85
N ARG F 405 -44.46 -49.81 -14.56
CA ARG F 405 -44.22 -50.62 -13.37
C ARG F 405 -44.43 -49.81 -12.10
N ALA F 406 -43.96 -48.56 -12.10
CA ALA F 406 -44.10 -47.67 -10.96
C ALA F 406 -45.54 -47.20 -10.79
N ALA F 407 -46.34 -47.37 -11.84
CA ALA F 407 -47.73 -46.95 -11.82
C ALA F 407 -48.64 -48.07 -11.31
N VAL F 408 -48.35 -49.30 -11.74
CA VAL F 408 -49.17 -50.44 -11.36
C VAL F 408 -48.85 -50.91 -9.95
N GLU F 409 -47.66 -50.56 -9.47
CA GLU F 409 -47.18 -51.00 -8.16
C GLU F 409 -47.95 -50.34 -7.01
N GLU F 410 -48.05 -49.02 -7.05
CA GLU F 410 -48.65 -48.27 -5.95
C GLU F 410 -49.94 -47.56 -6.35
N GLY F 411 -50.32 -47.68 -7.62
CA GLY F 411 -51.52 -47.03 -8.11
C GLY F 411 -51.22 -45.78 -8.91
N VAL F 412 -52.26 -45.10 -9.37
CA VAL F 412 -52.11 -43.93 -10.23
C VAL F 412 -52.84 -42.70 -9.66
N VAL F 413 -52.22 -41.54 -9.82
CA VAL F 413 -52.81 -40.27 -9.37
C VAL F 413 -52.68 -39.22 -10.47
N PRO F 414 -53.59 -38.24 -10.50
CA PRO F 414 -53.52 -37.18 -11.51
C PRO F 414 -52.21 -36.40 -11.44
N GLY F 415 -51.48 -36.36 -12.55
CA GLY F 415 -50.18 -35.73 -12.59
C GLY F 415 -50.22 -34.22 -12.68
N GLY F 416 -49.13 -33.64 -13.20
CA GLY F 416 -49.05 -32.20 -13.35
C GLY F 416 -48.80 -31.47 -12.05
N GLY F 417 -48.64 -32.24 -10.96
CA GLY F 417 -48.43 -31.67 -9.66
C GLY F 417 -49.71 -31.19 -9.01
N CYS F 418 -50.83 -31.42 -9.69
CA CYS F 418 -52.13 -31.01 -9.19
C CYS F 418 -52.57 -31.86 -7.99
N THR F 419 -52.06 -33.09 -7.93
CA THR F 419 -52.40 -34.00 -6.84
C THR F 419 -51.84 -33.48 -5.51
N LEU F 420 -50.81 -32.67 -5.58
CA LEU F 420 -50.21 -32.09 -4.38
C LEU F 420 -51.10 -31.01 -3.79
N LEU F 421 -51.87 -30.34 -4.65
CA LEU F 421 -52.80 -29.32 -4.19
C LEU F 421 -53.97 -29.96 -3.44
N ARG F 422 -54.53 -31.00 -4.04
CA ARG F 422 -55.65 -31.73 -3.44
C ARG F 422 -55.26 -32.31 -2.08
N LEU F 423 -53.99 -32.69 -1.95
CA LEU F 423 -53.45 -33.18 -0.69
C LEU F 423 -53.23 -32.02 0.29
N SER F 424 -52.82 -30.88 -0.26
CA SER F 424 -52.54 -29.71 0.55
C SER F 424 -53.81 -29.14 1.16
N GLU F 425 -54.91 -29.23 0.42
CA GLU F 425 -56.18 -28.70 0.90
C GLU F 425 -56.96 -29.77 1.65
N LYS F 426 -56.23 -30.56 2.44
CA LYS F 426 -56.85 -31.55 3.31
C LYS F 426 -56.17 -31.57 4.67
N VAL F 427 -55.22 -30.65 4.85
CA VAL F 427 -54.56 -30.50 6.15
C VAL F 427 -55.31 -29.47 6.99
N ASP F 428 -56.20 -28.72 6.34
CA ASP F 428 -56.99 -27.70 7.02
C ASP F 428 -58.04 -28.33 7.92
N VAL F 429 -58.36 -29.60 7.65
CA VAL F 429 -59.35 -30.33 8.43
C VAL F 429 -58.66 -31.22 9.47
N ILE F 430 -57.34 -31.35 9.36
CA ILE F 430 -56.59 -32.19 10.28
C ILE F 430 -56.41 -31.50 11.63
N LYS F 431 -57.32 -31.81 12.55
CA LYS F 431 -57.21 -31.35 13.93
C LYS F 431 -56.41 -32.35 14.74
N ARG F 432 -55.18 -31.99 15.09
CA ARG F 432 -54.27 -32.94 15.72
C ARG F 432 -54.30 -32.89 17.24
N ARG F 433 -53.44 -33.70 17.86
CA ARG F 433 -53.36 -33.81 19.31
C ARG F 433 -51.91 -33.61 19.75
N MET F 434 -51.69 -32.73 20.73
CA MET F 434 -52.76 -32.03 21.45
C MET F 434 -53.04 -30.66 20.84
N THR F 435 -53.03 -30.59 19.51
CA THR F 435 -53.39 -29.38 18.77
C THR F 435 -52.61 -28.15 19.23
N ASP F 436 -51.38 -28.35 19.68
CA ASP F 436 -50.51 -27.24 20.04
C ASP F 436 -50.21 -26.41 18.79
N PRO F 437 -50.09 -25.08 18.95
CA PRO F 437 -49.89 -24.18 17.80
C PRO F 437 -48.69 -24.56 16.94
N GLU F 438 -47.64 -25.11 17.56
CA GLU F 438 -46.42 -25.48 16.85
C GLU F 438 -46.68 -26.48 15.73
N GLN F 439 -47.39 -27.54 16.05
CA GLN F 439 -47.71 -28.57 15.07
C GLN F 439 -48.66 -28.05 14.01
N GLN F 440 -49.49 -27.08 14.38
CA GLN F 440 -50.39 -26.44 13.43
C GLN F 440 -49.58 -25.65 12.41
N MET F 441 -48.48 -25.06 12.87
CA MET F 441 -47.56 -24.38 11.96
C MET F 441 -46.94 -25.42 11.04
N GLY F 442 -46.59 -26.57 11.59
CA GLY F 442 -46.03 -27.66 10.82
C GLY F 442 -46.98 -28.16 9.74
N ALA F 443 -48.27 -28.10 10.02
CA ALA F 443 -49.28 -28.47 9.04
C ALA F 443 -49.37 -27.42 7.95
N ASP F 444 -49.38 -26.15 8.34
CA ASP F 444 -49.39 -25.04 7.40
C ASP F 444 -48.09 -24.99 6.60
N ILE F 445 -47.03 -25.53 7.19
CA ILE F 445 -45.74 -25.64 6.51
C ILE F 445 -45.86 -26.57 5.31
N ILE F 446 -46.44 -27.75 5.55
CA ILE F 446 -46.67 -28.72 4.50
C ILE F 446 -47.61 -28.14 3.43
N LYS F 447 -48.60 -27.37 3.87
CA LYS F 447 -49.55 -26.74 2.96
C LYS F 447 -48.85 -25.80 1.98
N ARG F 448 -48.07 -24.87 2.52
CA ARG F 448 -47.40 -23.88 1.70
C ARG F 448 -46.24 -24.49 0.92
N ALA F 449 -45.75 -25.63 1.36
CA ALA F 449 -44.65 -26.30 0.69
C ALA F 449 -45.12 -27.11 -0.51
N LEU F 450 -46.31 -27.69 -0.39
CA LEU F 450 -46.89 -28.45 -1.49
C LEU F 450 -47.35 -27.52 -2.61
N CYS F 451 -47.43 -26.23 -2.28
CA CYS F 451 -47.83 -25.22 -3.25
C CYS F 451 -46.68 -24.89 -4.21
N TYR F 452 -45.46 -25.12 -3.75
CA TYR F 452 -44.26 -24.76 -4.52
C TYR F 452 -44.08 -25.51 -5.84
N PRO F 453 -44.24 -26.85 -5.87
CA PRO F 453 -44.00 -27.54 -7.14
C PRO F 453 -44.87 -27.05 -8.30
N ILE F 454 -46.19 -27.01 -8.10
CA ILE F 454 -47.10 -26.57 -9.15
C ILE F 454 -46.82 -25.12 -9.55
N LYS F 455 -46.37 -24.32 -8.58
CA LYS F 455 -46.07 -22.91 -8.84
C LYS F 455 -44.85 -22.80 -9.75
N LEU F 456 -43.82 -23.58 -9.45
CA LEU F 456 -42.60 -23.58 -10.26
C LEU F 456 -42.85 -24.16 -11.64
N ILE F 457 -43.82 -25.06 -11.75
CA ILE F 457 -44.17 -25.65 -13.04
C ILE F 457 -44.81 -24.61 -13.96
N ALA F 458 -45.83 -23.94 -13.45
CA ALA F 458 -46.57 -22.96 -14.25
C ALA F 458 -45.74 -21.71 -14.53
N GLN F 459 -45.03 -21.23 -13.51
CA GLN F 459 -44.22 -20.02 -13.64
C GLN F 459 -43.15 -20.13 -14.72
N ASN F 460 -42.35 -21.18 -14.64
CA ASN F 460 -41.26 -21.38 -15.59
C ASN F 460 -41.77 -21.83 -16.95
N ALA F 461 -43.07 -22.13 -17.03
CA ALA F 461 -43.71 -22.48 -18.29
C ALA F 461 -44.06 -21.23 -19.08
N GLY F 462 -44.39 -20.16 -18.36
CA GLY F 462 -44.69 -18.88 -18.99
C GLY F 462 -46.05 -18.31 -18.61
N VAL F 463 -46.58 -18.74 -17.47
CA VAL F 463 -47.88 -18.26 -17.00
C VAL F 463 -47.91 -18.18 -15.48
N ASN F 464 -48.64 -17.20 -14.95
CA ASN F 464 -48.76 -17.03 -13.50
C ASN F 464 -49.32 -18.28 -12.82
N GLY F 465 -48.72 -18.65 -11.69
CA GLY F 465 -49.12 -19.85 -10.98
C GLY F 465 -50.23 -19.62 -9.97
N SER F 466 -50.37 -18.38 -9.53
CA SER F 466 -51.40 -18.03 -8.55
C SER F 466 -52.80 -18.20 -9.13
N VAL F 467 -52.97 -17.76 -10.37
CA VAL F 467 -54.27 -17.88 -11.04
C VAL F 467 -54.57 -19.34 -11.36
N VAL F 468 -53.54 -20.10 -11.73
CA VAL F 468 -53.68 -21.53 -11.99
C VAL F 468 -54.13 -22.26 -10.74
N MET F 469 -53.49 -21.96 -9.62
CA MET F 469 -53.83 -22.55 -8.34
C MET F 469 -55.26 -22.19 -7.93
N ASN F 470 -55.68 -20.97 -8.26
CA ASN F 470 -57.01 -20.51 -7.95
C ASN F 470 -58.10 -21.28 -8.69
N GLU F 471 -57.98 -21.34 -10.01
CA GLU F 471 -58.98 -22.01 -10.85
C GLU F 471 -59.09 -23.50 -10.57
N VAL F 472 -57.99 -24.09 -10.12
CA VAL F 472 -57.98 -25.53 -9.79
C VAL F 472 -58.60 -25.78 -8.43
N MET F 473 -58.27 -24.92 -7.47
CA MET F 473 -58.72 -25.10 -6.09
C MET F 473 -60.16 -24.62 -5.87
N LYS F 474 -60.52 -23.50 -6.49
CA LYS F 474 -61.87 -22.95 -6.32
C LYS F 474 -62.92 -23.87 -6.90
N ASN F 475 -62.60 -24.51 -8.03
CA ASN F 475 -63.48 -25.50 -8.62
C ASN F 475 -63.54 -26.77 -7.78
N LEU F 476 -64.46 -27.67 -8.11
CA LEU F 476 -64.58 -28.92 -7.38
C LEU F 476 -63.34 -29.80 -7.60
N ASP F 477 -62.69 -30.17 -6.50
CA ASP F 477 -61.43 -30.89 -6.55
C ASP F 477 -61.60 -32.37 -6.88
N ARG F 478 -62.84 -32.83 -6.87
CA ARG F 478 -63.15 -34.25 -7.04
C ARG F 478 -63.29 -34.71 -8.51
N PRO F 479 -63.97 -33.94 -9.37
CA PRO F 479 -64.09 -34.44 -10.75
C PRO F 479 -62.79 -34.39 -11.58
N HIS F 480 -61.66 -34.71 -10.96
CA HIS F 480 -60.37 -34.81 -11.64
C HIS F 480 -59.99 -33.55 -12.41
N TYR F 481 -60.46 -32.40 -11.96
CA TYR F 481 -60.09 -31.13 -12.58
C TYR F 481 -58.60 -30.87 -12.40
N GLY F 482 -57.98 -30.31 -13.44
CA GLY F 482 -56.55 -30.02 -13.39
C GLY F 482 -56.13 -29.02 -14.45
N TYR F 483 -54.83 -28.75 -14.49
CA TYR F 483 -54.29 -27.80 -15.45
C TYR F 483 -53.09 -28.37 -16.18
N ASN F 484 -53.26 -28.66 -17.47
CA ASN F 484 -52.16 -29.14 -18.30
C ASN F 484 -51.35 -27.99 -18.86
N ALA F 485 -50.12 -27.85 -18.38
CA ALA F 485 -49.25 -26.75 -18.79
C ALA F 485 -48.79 -26.92 -20.24
N ALA F 486 -48.87 -28.14 -20.74
CA ALA F 486 -48.44 -28.44 -22.11
C ALA F 486 -49.36 -27.78 -23.13
N THR F 487 -50.66 -27.80 -22.85
CA THR F 487 -51.65 -27.25 -23.77
C THR F 487 -52.20 -25.91 -23.28
N ASP F 488 -51.97 -25.61 -22.00
CA ASP F 488 -52.49 -24.40 -21.37
C ASP F 488 -54.01 -24.31 -21.56
N SER F 489 -54.73 -25.20 -20.88
CA SER F 489 -56.19 -25.23 -20.98
C SER F 489 -56.81 -26.02 -19.84
N PHE F 490 -58.06 -25.68 -19.51
CA PHE F 490 -58.80 -26.40 -18.48
C PHE F 490 -59.18 -27.80 -18.96
N GLU F 491 -58.62 -28.81 -18.31
CA GLU F 491 -58.82 -30.20 -18.73
C GLU F 491 -58.75 -31.16 -17.54
N ASN F 492 -59.47 -32.28 -17.64
CA ASN F 492 -59.34 -33.34 -16.65
C ASN F 492 -58.10 -34.17 -16.94
N LEU F 493 -57.23 -34.31 -15.94
CA LEU F 493 -55.91 -34.91 -16.14
C LEU F 493 -55.96 -36.39 -16.49
N MET F 494 -57.06 -37.05 -16.13
CA MET F 494 -57.18 -38.49 -16.36
C MET F 494 -57.46 -38.80 -17.82
N GLU F 495 -58.51 -38.19 -18.38
CA GLU F 495 -58.93 -38.48 -19.74
C GLU F 495 -57.98 -37.90 -20.78
N THR F 496 -57.28 -36.83 -20.42
CA THR F 496 -56.36 -36.17 -21.34
C THR F 496 -55.10 -37.01 -21.56
N GLY F 497 -54.41 -37.36 -20.48
CA GLY F 497 -53.25 -38.21 -20.57
C GLY F 497 -52.05 -37.74 -19.79
N ILE F 498 -52.28 -36.89 -18.79
CA ILE F 498 -51.20 -36.39 -17.94
C ILE F 498 -51.36 -37.01 -16.55
N ILE F 499 -50.64 -38.11 -16.32
CA ILE F 499 -50.77 -38.87 -15.10
C ILE F 499 -49.41 -39.12 -14.44
N ASP F 500 -49.39 -39.15 -13.12
CA ASP F 500 -48.18 -39.50 -12.37
C ASP F 500 -48.43 -40.74 -11.52
N PRO F 501 -47.42 -41.61 -11.43
CA PRO F 501 -47.53 -42.81 -10.57
C PRO F 501 -47.56 -42.44 -9.08
N SER F 502 -48.39 -43.14 -8.31
CA SER F 502 -48.54 -42.84 -6.90
C SER F 502 -47.25 -43.12 -6.11
N LYS F 503 -46.45 -44.06 -6.62
CA LYS F 503 -45.21 -44.43 -5.95
C LYS F 503 -44.22 -43.28 -5.93
N VAL F 504 -44.09 -42.61 -7.07
CA VAL F 504 -43.17 -41.47 -7.19
C VAL F 504 -43.55 -40.34 -6.26
N VAL F 505 -44.83 -39.98 -6.24
CA VAL F 505 -45.33 -38.91 -5.40
C VAL F 505 -45.11 -39.22 -3.91
N ARG F 506 -45.36 -40.47 -3.53
CA ARG F 506 -45.22 -40.89 -2.14
C ARG F 506 -43.76 -40.87 -1.67
N CYS F 507 -42.89 -41.48 -2.48
CA CYS F 507 -41.48 -41.58 -2.14
C CYS F 507 -40.82 -40.20 -2.03
N SER F 508 -41.08 -39.36 -3.03
CA SER F 508 -40.53 -38.01 -3.05
C SER F 508 -41.03 -37.21 -1.86
N MET F 509 -42.28 -37.46 -1.46
CA MET F 509 -42.90 -36.75 -0.36
C MET F 509 -42.26 -37.15 0.97
N GLU F 510 -42.22 -38.46 1.22
CA GLU F 510 -41.68 -39.00 2.47
C GLU F 510 -40.20 -38.68 2.64
N ASN F 511 -39.43 -38.85 1.56
CA ASN F 511 -38.00 -38.59 1.59
C ASN F 511 -37.69 -37.12 1.82
N ALA F 512 -38.52 -36.25 1.24
CA ALA F 512 -38.33 -34.80 1.40
C ALA F 512 -38.54 -34.40 2.85
N VAL F 513 -39.53 -35.01 3.49
CA VAL F 513 -39.80 -34.79 4.90
C VAL F 513 -38.68 -35.41 5.73
N SER F 514 -38.14 -36.52 5.25
CA SER F 514 -37.06 -37.22 5.94
C SER F 514 -35.79 -36.37 6.02
N VAL F 515 -35.42 -35.72 4.92
CA VAL F 515 -34.22 -34.89 4.92
C VAL F 515 -34.50 -33.55 5.59
N ALA F 516 -35.74 -33.09 5.51
CA ALA F 516 -36.14 -31.87 6.21
C ALA F 516 -36.12 -32.12 7.72
N LYS F 517 -36.37 -33.37 8.10
CA LYS F 517 -36.32 -33.78 9.50
C LYS F 517 -34.92 -33.59 10.07
N THR F 518 -33.93 -34.18 9.39
CA THR F 518 -32.55 -34.13 9.85
C THR F 518 -31.90 -32.78 9.55
N PHE F 519 -32.60 -31.94 8.80
CA PHE F 519 -32.10 -30.61 8.47
C PHE F 519 -32.46 -29.62 9.55
N LEU F 520 -33.74 -29.54 9.87
CA LEU F 520 -34.24 -28.61 10.88
C LEU F 520 -33.76 -29.00 12.27
N LEU F 521 -33.56 -30.31 12.48
CA LEU F 521 -33.14 -30.82 13.77
C LEU F 521 -31.64 -30.60 13.99
N ALA F 522 -30.93 -30.28 12.93
CA ALA F 522 -29.51 -29.96 13.03
C ALA F 522 -29.31 -28.61 13.71
N ASP F 523 -28.19 -28.47 14.41
CA ASP F 523 -27.89 -27.22 15.10
C ASP F 523 -26.39 -26.98 15.12
N VAL F 524 -25.61 -28.04 14.98
CA VAL F 524 -24.16 -27.94 14.91
C VAL F 524 -23.61 -28.82 13.80
N VAL F 525 -22.85 -28.22 12.89
CA VAL F 525 -22.27 -28.92 11.74
C VAL F 525 -20.76 -28.78 11.70
N VAL F 526 -20.06 -29.91 11.56
CA VAL F 526 -18.60 -29.89 11.46
C VAL F 526 -18.11 -30.23 10.06
N THR F 527 -16.91 -29.78 9.75
CA THR F 527 -16.36 -29.95 8.40
C THR F 527 -14.83 -29.84 8.41
N GLU F 528 -14.16 -30.82 7.82
CA GLU F 528 -12.71 -30.79 7.71
C GLU F 528 -12.27 -29.71 6.74
N LEU F 529 -11.23 -28.97 7.09
CA LEU F 529 -10.77 -27.85 6.28
C LEU F 529 -9.44 -28.16 5.57
N LYS F 530 -8.94 -27.19 4.82
CA LYS F 530 -7.73 -27.36 4.02
C LYS F 530 -6.49 -27.58 4.88
N GLU F 531 -5.96 -26.49 5.42
CA GLU F 531 -4.75 -26.53 6.23
C GLU F 531 -5.04 -27.02 7.65
N GLU G 4 -16.45 -28.15 -6.86
CA GLU G 4 -15.68 -28.19 -8.09
C GLU G 4 -16.54 -27.88 -9.30
N LEU G 5 -17.70 -27.27 -9.04
CA LEU G 5 -18.62 -26.86 -10.11
C LEU G 5 -19.10 -25.43 -9.87
N HIS G 6 -18.93 -24.58 -10.87
CA HIS G 6 -19.37 -23.18 -10.74
C HIS G 6 -20.79 -23.03 -11.26
N PHE G 7 -21.47 -22.00 -10.78
CA PHE G 7 -22.90 -21.80 -11.08
C PHE G 7 -23.16 -20.49 -11.81
N ASN G 8 -23.86 -20.59 -12.94
CA ASN G 8 -24.21 -19.40 -13.71
C ASN G 8 -25.69 -19.36 -14.06
N LYS G 9 -26.38 -18.34 -13.58
CA LYS G 9 -27.82 -18.26 -13.78
C LYS G 9 -28.27 -16.88 -14.24
N ASP G 10 -29.59 -16.75 -14.36
CA ASP G 10 -30.26 -15.49 -14.69
C ASP G 10 -29.99 -15.03 -16.12
N MET G 11 -30.18 -13.72 -16.34
CA MET G 11 -30.18 -13.12 -17.66
C MET G 11 -28.78 -12.85 -18.21
N GLN G 12 -27.87 -12.50 -17.32
CA GLN G 12 -26.51 -12.12 -17.72
C GLN G 12 -25.66 -13.32 -18.08
N ALA G 13 -25.99 -14.49 -17.54
CA ALA G 13 -25.23 -15.71 -17.84
C ALA G 13 -25.42 -16.09 -19.30
N LEU G 14 -26.60 -15.82 -19.83
CA LEU G 14 -26.91 -16.08 -21.23
C LEU G 14 -26.16 -15.12 -22.15
N LYS G 15 -26.03 -13.88 -21.71
CA LYS G 15 -25.35 -12.85 -22.49
C LYS G 15 -23.85 -13.09 -22.59
N ARG G 16 -23.30 -13.78 -21.59
CA ARG G 16 -21.87 -14.07 -21.55
C ARG G 16 -21.47 -14.96 -22.73
N MET G 17 -22.14 -16.09 -22.86
CA MET G 17 -21.84 -17.02 -23.95
C MET G 17 -22.40 -16.50 -25.27
N GLN G 18 -23.33 -15.55 -25.19
CA GLN G 18 -23.83 -14.89 -26.40
C GLN G 18 -22.72 -14.02 -26.99
N ALA G 19 -21.92 -13.43 -26.11
CA ALA G 19 -20.78 -12.63 -26.52
C ALA G 19 -19.70 -13.50 -27.16
N GLY G 20 -19.50 -14.69 -26.59
CA GLY G 20 -18.53 -15.63 -27.12
C GLY G 20 -18.94 -16.12 -28.49
N VAL G 21 -20.24 -16.34 -28.67
CA VAL G 21 -20.79 -16.67 -29.98
C VAL G 21 -20.59 -15.49 -30.92
N ASP G 22 -20.84 -14.29 -30.41
CA ASP G 22 -20.69 -13.07 -31.19
C ASP G 22 -19.23 -12.88 -31.64
N LYS G 23 -18.29 -13.30 -30.80
CA LYS G 23 -16.87 -13.20 -31.14
C LYS G 23 -16.48 -14.19 -32.22
N LEU G 24 -17.06 -15.39 -32.16
CA LEU G 24 -16.80 -16.41 -33.16
C LEU G 24 -17.38 -16.00 -34.51
N ALA G 25 -18.59 -15.44 -34.48
CA ALA G 25 -19.25 -15.01 -35.70
C ALA G 25 -18.58 -13.78 -36.28
N THR G 26 -17.83 -13.06 -35.44
CA THR G 26 -17.13 -11.86 -35.88
C THR G 26 -15.97 -12.21 -36.82
N VAL G 27 -15.21 -13.24 -36.46
CA VAL G 27 -14.03 -13.62 -37.23
C VAL G 27 -14.40 -14.46 -38.46
N VAL G 28 -15.43 -15.29 -38.33
CA VAL G 28 -15.92 -16.06 -39.46
C VAL G 28 -16.75 -15.14 -40.34
N GLY G 29 -17.19 -14.02 -39.76
CA GLY G 29 -17.98 -13.04 -40.48
C GLY G 29 -17.18 -12.27 -41.51
N VAL G 30 -15.91 -11.99 -41.18
CA VAL G 30 -15.03 -11.28 -42.10
C VAL G 30 -14.45 -12.25 -43.14
N THR G 31 -14.73 -13.54 -42.95
CA THR G 31 -14.28 -14.58 -43.86
C THR G 31 -15.24 -14.73 -45.04
N ILE G 32 -16.52 -14.52 -44.77
CA ILE G 32 -17.56 -14.70 -45.77
C ILE G 32 -17.43 -13.67 -46.88
N GLY G 33 -18.00 -13.99 -48.04
CA GLY G 33 -18.00 -13.07 -49.17
C GLY G 33 -16.88 -13.33 -50.15
N PRO G 34 -17.11 -12.99 -51.43
CA PRO G 34 -16.08 -13.11 -52.46
C PRO G 34 -14.87 -12.24 -52.16
N LYS G 35 -15.12 -11.04 -51.65
CA LYS G 35 -14.03 -10.15 -51.25
C LYS G 35 -13.67 -10.37 -49.78
N GLY G 36 -13.53 -11.63 -49.40
CA GLY G 36 -13.21 -11.99 -48.03
C GLY G 36 -11.85 -11.49 -47.60
N ARG G 37 -11.62 -11.47 -46.30
CA ARG G 37 -10.36 -11.01 -45.75
C ARG G 37 -9.52 -12.18 -45.24
N ASN G 38 -8.23 -11.94 -45.04
CA ASN G 38 -7.34 -12.97 -44.52
C ASN G 38 -7.27 -12.94 -43.00
N VAL G 39 -7.30 -14.12 -42.38
CA VAL G 39 -7.16 -14.24 -40.94
C VAL G 39 -5.84 -14.92 -40.59
N VAL G 40 -4.96 -14.19 -39.93
CA VAL G 40 -3.61 -14.69 -39.65
C VAL G 40 -3.59 -15.59 -38.42
N LEU G 41 -3.15 -16.83 -38.61
CA LEU G 41 -3.05 -17.79 -37.51
C LEU G 41 -1.60 -18.00 -37.08
N GLU G 42 -1.39 -18.05 -35.77
CA GLU G 42 -0.06 -18.34 -35.24
C GLU G 42 0.23 -19.83 -35.37
N SER G 43 1.39 -20.16 -35.94
CA SER G 43 1.75 -21.55 -36.16
C SER G 43 2.12 -22.26 -34.86
N LYS G 44 2.00 -23.58 -34.87
CA LYS G 44 2.39 -24.39 -33.72
C LYS G 44 3.89 -24.30 -33.48
N PHE G 45 4.65 -24.15 -34.57
CA PHE G 45 6.10 -24.01 -34.49
C PHE G 45 6.66 -23.55 -35.85
N GLY G 46 6.82 -22.23 -36.01
CA GLY G 46 7.42 -21.69 -37.21
C GLY G 46 6.63 -20.59 -37.88
N ALA G 47 6.60 -20.62 -39.21
CA ALA G 47 5.97 -19.58 -40.01
C ALA G 47 4.45 -19.63 -39.91
N PRO G 48 3.82 -18.45 -39.76
CA PRO G 48 2.37 -18.28 -39.61
C PRO G 48 1.57 -18.84 -40.78
N LYS G 49 0.24 -18.88 -40.63
CA LYS G 49 -0.63 -19.44 -41.65
C LYS G 49 -1.85 -18.55 -41.89
N ILE G 50 -1.94 -17.99 -43.10
CA ILE G 50 -3.09 -17.17 -43.47
C ILE G 50 -4.24 -18.06 -43.93
N VAL G 51 -5.46 -17.69 -43.53
CA VAL G 51 -6.64 -18.50 -43.82
C VAL G 51 -7.76 -17.69 -44.46
N ASN G 52 -8.30 -18.20 -45.58
CA ASN G 52 -9.43 -17.55 -46.24
C ASN G 52 -10.70 -18.39 -46.09
N ASP G 53 -10.56 -19.54 -45.46
CA ASP G 53 -11.68 -20.46 -45.26
C ASP G 53 -12.31 -20.28 -43.87
N GLY G 54 -13.62 -20.47 -43.79
CA GLY G 54 -14.31 -20.36 -42.51
C GLY G 54 -14.20 -21.64 -41.71
N VAL G 55 -13.83 -22.73 -42.39
CA VAL G 55 -13.73 -24.03 -41.75
C VAL G 55 -12.55 -24.10 -40.79
N THR G 56 -11.37 -23.68 -41.26
CA THR G 56 -10.15 -23.75 -40.47
C THR G 56 -10.25 -22.84 -39.24
N ILE G 57 -10.91 -21.70 -39.40
CA ILE G 57 -11.08 -20.76 -38.30
C ILE G 57 -11.97 -21.36 -37.21
N ALA G 58 -13.09 -21.94 -37.62
CA ALA G 58 -14.03 -22.55 -36.69
C ALA G 58 -13.39 -23.70 -35.92
N ARG G 59 -12.39 -24.33 -36.52
CA ARG G 59 -11.68 -25.43 -35.89
C ARG G 59 -10.75 -24.93 -34.78
N GLU G 60 -10.17 -23.75 -34.97
CA GLU G 60 -9.11 -23.26 -34.10
C GLU G 60 -9.60 -22.32 -32.99
N VAL G 61 -10.86 -21.94 -33.04
CA VAL G 61 -11.37 -20.94 -32.09
C VAL G 61 -11.89 -21.54 -30.79
N GLU G 62 -11.35 -21.03 -29.68
CA GLU G 62 -11.83 -21.37 -28.35
C GLU G 62 -11.32 -20.34 -27.35
N LEU G 63 -12.25 -19.60 -26.74
CA LEU G 63 -11.90 -18.45 -25.90
C LEU G 63 -11.49 -18.88 -24.50
N SER G 64 -11.04 -17.90 -23.72
CA SER G 64 -10.58 -18.13 -22.36
C SER G 64 -11.74 -18.44 -21.41
N ASP G 65 -12.63 -17.45 -21.24
CA ASP G 65 -13.78 -17.59 -20.35
C ASP G 65 -14.64 -18.80 -20.74
N PRO G 66 -14.69 -19.80 -19.86
CA PRO G 66 -15.33 -21.10 -20.12
C PRO G 66 -16.77 -21.01 -20.61
N VAL G 67 -17.56 -20.09 -20.06
CA VAL G 67 -18.96 -19.98 -20.46
C VAL G 67 -19.10 -19.50 -21.91
N GLU G 68 -18.31 -18.49 -22.30
CA GLU G 68 -18.37 -17.97 -23.65
C GLU G 68 -17.58 -18.88 -24.60
N ASN G 69 -16.84 -19.82 -24.02
CA ASN G 69 -16.12 -20.82 -24.81
C ASN G 69 -17.06 -21.95 -25.24
N ILE G 70 -17.86 -22.44 -24.29
CA ILE G 70 -18.80 -23.51 -24.59
C ILE G 70 -19.99 -22.98 -25.39
N GLY G 71 -20.17 -21.67 -25.38
CA GLY G 71 -21.19 -21.04 -26.19
C GLY G 71 -20.75 -21.00 -27.64
N ALA G 72 -19.48 -20.63 -27.84
CA ALA G 72 -18.90 -20.61 -29.17
C ALA G 72 -18.75 -22.03 -29.72
N THR G 73 -18.44 -22.97 -28.83
CA THR G 73 -18.32 -24.37 -29.22
C THR G 73 -19.68 -24.93 -29.61
N LEU G 74 -20.73 -24.40 -28.98
CA LEU G 74 -22.09 -24.85 -29.23
C LEU G 74 -22.53 -24.49 -30.66
N VAL G 75 -22.05 -23.36 -31.15
CA VAL G 75 -22.31 -22.94 -32.52
C VAL G 75 -21.40 -23.70 -33.47
N ARG G 76 -20.17 -23.94 -33.03
CA ARG G 76 -19.21 -24.74 -33.79
C ARG G 76 -19.79 -26.11 -34.12
N GLN G 77 -20.61 -26.64 -33.21
CA GLN G 77 -21.31 -27.89 -33.45
C GLN G 77 -22.22 -27.78 -34.67
N ALA G 78 -22.89 -26.63 -34.81
CA ALA G 78 -23.76 -26.40 -35.95
C ALA G 78 -22.96 -26.24 -37.23
N ALA G 79 -21.83 -25.53 -37.14
CA ALA G 79 -20.97 -25.30 -38.29
C ALA G 79 -20.33 -26.59 -38.78
N ALA G 80 -19.81 -27.37 -37.84
CA ALA G 80 -19.17 -28.64 -38.18
C ALA G 80 -20.19 -29.63 -38.73
N ARG G 81 -21.35 -29.71 -38.09
CA ARG G 81 -22.40 -30.63 -38.51
C ARG G 81 -22.89 -30.30 -39.91
N THR G 82 -23.02 -29.01 -40.20
CA THR G 82 -23.40 -28.55 -41.53
C THR G 82 -22.33 -28.91 -42.55
N ASN G 83 -21.08 -28.81 -42.12
CA ASN G 83 -19.95 -29.08 -42.99
C ASN G 83 -19.85 -30.54 -43.42
N ASP G 84 -20.13 -31.44 -42.49
CA ASP G 84 -20.00 -32.87 -42.77
C ASP G 84 -21.32 -33.52 -43.20
N THR G 85 -22.32 -32.70 -43.49
CA THR G 85 -23.61 -33.21 -43.95
C THR G 85 -24.00 -32.58 -45.28
N ALA G 86 -23.28 -31.53 -45.66
CA ALA G 86 -23.55 -30.81 -46.91
C ALA G 86 -22.29 -30.63 -47.73
N GLY G 87 -21.16 -30.44 -47.05
CA GLY G 87 -19.89 -30.27 -47.72
C GLY G 87 -19.37 -28.84 -47.68
N ASP G 88 -20.27 -27.90 -47.40
CA ASP G 88 -19.89 -26.49 -47.36
C ASP G 88 -20.92 -25.68 -46.56
N GLY G 89 -20.61 -24.40 -46.34
CA GLY G 89 -21.54 -23.50 -45.68
C GLY G 89 -21.30 -23.32 -44.20
N THR G 90 -20.05 -23.41 -43.79
CA THR G 90 -19.69 -23.17 -42.39
C THR G 90 -19.82 -21.70 -42.04
N THR G 91 -19.46 -20.84 -42.99
CA THR G 91 -19.54 -19.40 -42.78
C THR G 91 -20.99 -18.94 -42.71
N THR G 92 -21.82 -19.50 -43.57
CA THR G 92 -23.24 -19.16 -43.61
C THR G 92 -23.94 -19.66 -42.35
N ALA G 93 -23.56 -20.84 -41.89
CA ALA G 93 -24.19 -21.44 -40.72
C ALA G 93 -23.93 -20.64 -39.45
N THR G 94 -22.68 -20.24 -39.23
CA THR G 94 -22.29 -19.50 -38.03
C THR G 94 -22.91 -18.12 -37.98
N VAL G 95 -22.86 -17.40 -39.10
CA VAL G 95 -23.40 -16.04 -39.16
C VAL G 95 -24.92 -16.06 -39.01
N LEU G 96 -25.54 -17.17 -39.41
CA LEU G 96 -26.97 -17.34 -39.23
C LEU G 96 -27.28 -17.76 -37.81
N SER G 97 -26.44 -18.63 -37.26
CA SER G 97 -26.62 -19.12 -35.90
C SER G 97 -26.54 -17.97 -34.90
N ALA G 98 -25.57 -17.09 -35.08
CA ALA G 98 -25.42 -15.94 -34.20
C ALA G 98 -26.52 -14.92 -34.48
N ALA G 99 -27.05 -14.94 -35.70
CA ALA G 99 -28.13 -14.04 -36.10
C ALA G 99 -29.41 -14.36 -35.35
N PHE G 100 -29.76 -15.63 -35.30
CA PHE G 100 -30.96 -16.10 -34.59
C PHE G 100 -30.83 -15.85 -33.09
N ILE G 101 -29.60 -15.91 -32.59
CA ILE G 101 -29.33 -15.70 -31.17
C ILE G 101 -29.34 -14.20 -30.83
N ALA G 102 -28.71 -13.40 -31.67
CA ALA G 102 -28.64 -11.95 -31.45
C ALA G 102 -30.03 -11.34 -31.43
N GLU G 103 -30.76 -11.51 -32.54
CA GLU G 103 -32.13 -11.00 -32.65
C GLU G 103 -33.08 -11.74 -31.70
N GLY G 104 -32.70 -12.96 -31.33
CA GLY G 104 -33.50 -13.75 -30.41
C GLY G 104 -33.55 -13.13 -29.04
N MET G 105 -32.39 -13.01 -28.40
CA MET G 105 -32.31 -12.44 -27.06
C MET G 105 -32.64 -10.95 -27.08
N LYS G 106 -32.56 -10.34 -28.26
CA LYS G 106 -32.97 -8.96 -28.46
C LYS G 106 -34.45 -8.80 -28.11
N ILE G 107 -35.21 -9.84 -28.43
CA ILE G 107 -36.65 -9.88 -28.13
C ILE G 107 -36.89 -10.46 -26.74
N VAL G 108 -36.13 -11.48 -26.38
CA VAL G 108 -36.26 -12.13 -25.07
C VAL G 108 -36.01 -11.13 -23.94
N SER G 109 -35.16 -10.14 -24.20
CA SER G 109 -34.83 -9.13 -23.20
C SER G 109 -36.04 -8.33 -22.74
N ALA G 110 -37.14 -8.42 -23.49
CA ALA G 110 -38.37 -7.72 -23.12
C ALA G 110 -39.30 -8.62 -22.29
N GLY G 111 -38.75 -9.72 -21.79
CA GLY G 111 -39.52 -10.62 -20.95
C GLY G 111 -40.49 -11.50 -21.72
N THR G 112 -40.16 -11.77 -22.98
CA THR G 112 -41.01 -12.57 -23.83
C THR G 112 -40.83 -14.05 -23.54
N ASN G 113 -41.92 -14.82 -23.60
CA ASN G 113 -41.87 -16.25 -23.36
C ASN G 113 -40.99 -16.96 -24.39
N PRO G 114 -39.88 -17.55 -23.91
CA PRO G 114 -38.89 -18.20 -24.78
C PRO G 114 -39.46 -19.42 -25.52
N VAL G 115 -40.39 -20.11 -24.89
CA VAL G 115 -40.96 -21.34 -25.45
C VAL G 115 -41.74 -21.07 -26.74
N GLN G 116 -42.54 -20.01 -26.73
CA GLN G 116 -43.36 -19.67 -27.90
C GLN G 116 -42.49 -19.03 -28.98
N LEU G 117 -41.39 -18.41 -28.57
CA LEU G 117 -40.46 -17.80 -29.50
C LEU G 117 -39.73 -18.84 -30.33
N VAL G 118 -39.13 -19.82 -29.67
CA VAL G 118 -38.41 -20.89 -30.34
C VAL G 118 -39.36 -21.76 -31.15
N ARG G 119 -40.60 -21.89 -30.66
CA ARG G 119 -41.64 -22.60 -31.40
C ARG G 119 -41.94 -21.88 -32.70
N GLY G 120 -41.94 -20.55 -32.65
CA GLY G 120 -42.16 -19.74 -33.83
C GLY G 120 -41.00 -19.86 -34.81
N MET G 121 -39.79 -20.00 -34.27
CA MET G 121 -38.60 -20.13 -35.09
C MET G 121 -38.57 -21.47 -35.83
N GLU G 122 -38.90 -22.54 -35.10
CA GLU G 122 -38.89 -23.89 -35.67
C GLU G 122 -39.84 -24.04 -36.85
N LYS G 123 -41.08 -23.60 -36.67
CA LYS G 123 -42.09 -23.73 -37.70
C LYS G 123 -41.85 -22.78 -38.87
N THR G 124 -41.26 -21.63 -38.58
CA THR G 124 -40.95 -20.65 -39.62
C THR G 124 -39.91 -21.19 -40.58
N VAL G 125 -38.80 -21.67 -40.03
CA VAL G 125 -37.70 -22.18 -40.84
C VAL G 125 -38.10 -23.48 -41.52
N GLN G 126 -38.98 -24.25 -40.89
CA GLN G 126 -39.40 -25.53 -41.43
C GLN G 126 -40.25 -25.31 -42.68
N GLU G 127 -41.14 -24.34 -42.63
CA GLU G 127 -41.96 -23.98 -43.78
C GLU G 127 -41.12 -23.28 -44.84
N LEU G 128 -40.01 -22.67 -44.40
CA LEU G 128 -39.10 -22.01 -45.31
C LEU G 128 -38.21 -23.04 -45.99
N VAL G 129 -38.02 -24.19 -45.35
CA VAL G 129 -37.34 -25.32 -45.97
C VAL G 129 -38.26 -25.93 -47.02
N LYS G 130 -39.54 -26.06 -46.68
CA LYS G 130 -40.54 -26.49 -47.63
C LYS G 130 -40.66 -25.47 -48.76
N GLU G 131 -40.35 -24.22 -48.43
CA GLU G 131 -40.34 -23.14 -49.40
C GLU G 131 -39.05 -23.15 -50.22
N LEU G 132 -37.95 -23.55 -49.58
CA LEU G 132 -36.66 -23.61 -50.26
C LEU G 132 -36.66 -24.65 -51.36
N ARG G 133 -37.33 -25.78 -51.12
CA ARG G 133 -37.45 -26.83 -52.11
C ARG G 133 -38.22 -26.34 -53.33
N LYS G 134 -39.09 -25.36 -53.12
CA LYS G 134 -39.81 -24.71 -54.20
C LYS G 134 -38.89 -23.74 -54.93
N MET G 135 -38.06 -23.04 -54.16
CA MET G 135 -37.11 -22.08 -54.70
C MET G 135 -36.05 -22.75 -55.56
N SER G 136 -35.79 -24.03 -55.28
CA SER G 136 -34.72 -24.77 -55.94
C SER G 136 -35.01 -25.03 -57.42
N SER G 137 -33.95 -25.11 -58.20
CA SER G 137 -34.06 -25.45 -59.62
C SER G 137 -33.45 -26.83 -59.87
N VAL G 138 -34.19 -27.68 -60.56
CA VAL G 138 -33.79 -29.07 -60.74
C VAL G 138 -32.99 -29.27 -62.04
N VAL G 139 -32.02 -30.16 -61.99
CA VAL G 139 -31.26 -30.55 -63.17
C VAL G 139 -31.56 -32.00 -63.53
N GLN G 140 -31.96 -32.22 -64.78
CA GLN G 140 -32.37 -33.57 -65.21
C GLN G 140 -31.70 -34.00 -66.51
N THR G 141 -30.94 -33.09 -67.11
CA THR G 141 -30.21 -33.41 -68.33
C THR G 141 -28.71 -33.32 -68.10
N ASP G 142 -27.97 -34.26 -68.69
CA ASP G 142 -26.53 -34.35 -68.49
C ASP G 142 -25.78 -33.17 -69.10
N LYS G 143 -26.41 -32.49 -70.05
CA LYS G 143 -25.79 -31.34 -70.70
C LYS G 143 -25.98 -30.07 -69.86
N ASP G 144 -27.11 -29.95 -69.19
CA ASP G 144 -27.31 -28.89 -68.23
C ASP G 144 -26.51 -29.20 -66.98
N LEU G 145 -26.36 -30.48 -66.70
CA LEU G 145 -25.51 -30.96 -65.62
C LEU G 145 -24.06 -30.58 -65.93
N ALA G 146 -23.71 -30.63 -67.21
CA ALA G 146 -22.38 -30.23 -67.66
C ALA G 146 -22.14 -28.74 -67.44
N ASN G 147 -23.18 -27.95 -67.71
CA ASN G 147 -23.08 -26.51 -67.54
C ASN G 147 -23.02 -26.13 -66.07
N VAL G 148 -23.76 -26.88 -65.25
CA VAL G 148 -23.73 -26.68 -63.80
C VAL G 148 -22.38 -27.08 -63.22
N ALA G 149 -21.87 -28.22 -63.67
CA ALA G 149 -20.61 -28.75 -63.17
C ALA G 149 -19.42 -27.86 -63.53
N CYS G 150 -19.40 -27.37 -64.76
CA CYS G 150 -18.29 -26.56 -65.24
C CYS G 150 -18.26 -25.18 -64.59
N VAL G 151 -19.43 -24.60 -64.38
CA VAL G 151 -19.53 -23.29 -63.74
C VAL G 151 -19.20 -23.40 -62.25
N SER G 152 -19.73 -24.42 -61.60
CA SER G 152 -19.43 -24.66 -60.19
C SER G 152 -17.93 -24.90 -59.99
N ALA G 153 -17.29 -25.51 -60.99
CA ALA G 153 -15.86 -25.68 -60.98
C ALA G 153 -15.17 -24.33 -61.17
N GLY G 154 -14.02 -24.17 -60.53
CA GLY G 154 -13.31 -22.90 -60.58
C GLY G 154 -12.73 -22.57 -61.95
N GLY G 155 -13.10 -21.40 -62.46
CA GLY G 155 -12.55 -20.91 -63.70
C GLY G 155 -13.11 -21.58 -64.94
N ASN G 156 -12.21 -22.11 -65.78
CA ASN G 156 -12.60 -22.70 -67.06
C ASN G 156 -13.44 -23.97 -66.91
N THR G 157 -13.90 -24.50 -68.04
CA THR G 157 -14.91 -25.55 -68.05
C THR G 157 -14.35 -26.97 -68.18
N ASP G 158 -13.37 -27.14 -69.08
CA ASP G 158 -12.86 -28.45 -69.51
C ASP G 158 -12.86 -29.56 -68.46
N ILE G 159 -12.36 -29.27 -67.27
CA ILE G 159 -12.28 -30.29 -66.22
C ILE G 159 -13.65 -30.55 -65.61
N GLY G 160 -14.47 -29.51 -65.50
CA GLY G 160 -15.84 -29.66 -65.04
C GLY G 160 -16.65 -30.34 -66.12
N SER G 161 -16.20 -30.19 -67.36
CA SER G 161 -16.81 -30.85 -68.49
C SER G 161 -16.38 -32.32 -68.52
N LEU G 162 -15.34 -32.65 -67.78
CA LEU G 162 -14.87 -34.03 -67.66
C LEU G 162 -15.63 -34.76 -66.56
N ILE G 163 -15.85 -34.06 -65.45
CA ILE G 163 -16.64 -34.60 -64.34
C ILE G 163 -18.09 -34.81 -64.78
N SER G 164 -18.52 -33.99 -65.73
CA SER G 164 -19.88 -34.07 -66.26
C SER G 164 -20.15 -35.42 -66.91
N ASP G 165 -19.32 -35.78 -67.88
CA ASP G 165 -19.46 -37.07 -68.57
C ASP G 165 -19.08 -38.23 -67.65
N ALA G 166 -18.29 -37.93 -66.62
CA ALA G 166 -17.89 -38.94 -65.66
C ALA G 166 -19.10 -39.38 -64.84
N MET G 167 -19.99 -38.43 -64.54
CA MET G 167 -21.20 -38.72 -63.80
C MET G 167 -22.36 -38.99 -64.76
N ALA G 168 -22.17 -38.63 -66.02
CA ALA G 168 -23.17 -38.93 -67.04
C ALA G 168 -23.17 -40.43 -67.33
N LYS G 169 -22.05 -41.08 -67.05
CA LYS G 169 -21.95 -42.52 -67.22
C LYS G 169 -22.65 -43.24 -66.07
N VAL G 170 -22.20 -43.00 -64.85
CA VAL G 170 -22.85 -43.55 -63.67
C VAL G 170 -24.02 -42.66 -63.25
N GLY G 171 -25.22 -43.10 -63.57
CA GLY G 171 -26.43 -42.31 -63.39
C GLY G 171 -26.65 -41.80 -61.98
N ARG G 172 -27.05 -42.67 -61.07
CA ARG G 172 -27.36 -42.27 -59.71
C ARG G 172 -26.44 -42.94 -58.69
N THR G 173 -26.87 -42.92 -57.43
CA THR G 173 -26.21 -43.58 -56.29
C THR G 173 -24.68 -43.46 -56.22
N GLY G 174 -24.09 -42.63 -57.07
CA GLY G 174 -22.65 -42.46 -57.08
C GLY G 174 -21.92 -43.74 -57.44
N VAL G 175 -20.63 -43.80 -57.10
CA VAL G 175 -19.93 -42.71 -56.43
C VAL G 175 -18.61 -42.43 -57.12
N VAL G 176 -18.33 -41.15 -57.39
CA VAL G 176 -17.12 -40.76 -58.10
C VAL G 176 -15.97 -40.43 -57.16
N THR G 177 -14.83 -41.07 -57.38
CA THR G 177 -13.62 -40.80 -56.60
C THR G 177 -12.49 -40.37 -57.54
N MET G 178 -11.70 -39.39 -57.13
CA MET G 178 -10.65 -38.85 -57.99
C MET G 178 -9.25 -39.26 -57.56
N GLU G 179 -8.30 -39.11 -58.47
CA GLU G 179 -6.89 -39.36 -58.18
C GLU G 179 -6.02 -38.79 -59.30
N GLU G 180 -4.82 -38.35 -58.95
CA GLU G 180 -3.91 -37.74 -59.92
C GLU G 180 -2.95 -38.77 -60.51
N GLY G 181 -2.19 -38.34 -61.50
CA GLY G 181 -1.22 -39.22 -62.15
C GLY G 181 -1.83 -40.00 -63.31
N LYS G 182 -1.00 -40.39 -64.26
CA LYS G 182 0.43 -40.11 -64.21
C LYS G 182 0.87 -39.34 -65.45
N THR G 183 0.13 -39.49 -66.54
CA THR G 183 0.44 -38.81 -67.79
C THR G 183 -0.61 -37.74 -68.11
N ALA G 184 -0.18 -36.64 -68.72
CA ALA G 184 -1.04 -35.51 -68.98
C ALA G 184 -2.17 -35.81 -69.97
N GLU G 185 -3.24 -36.43 -69.47
CA GLU G 185 -4.44 -36.68 -70.26
C GLU G 185 -5.66 -36.79 -69.36
N ASP G 186 -6.79 -37.20 -69.93
CA ASP G 186 -8.00 -37.43 -69.15
C ASP G 186 -8.36 -38.91 -69.17
N GLN G 187 -8.02 -39.61 -68.09
CA GLN G 187 -8.21 -41.05 -68.01
C GLN G 187 -9.37 -41.42 -67.10
N LEU G 188 -10.46 -41.88 -67.69
CA LEU G 188 -11.61 -42.36 -66.92
C LEU G 188 -11.50 -43.86 -66.72
N VAL G 189 -11.71 -44.30 -65.47
CA VAL G 189 -11.58 -45.72 -65.13
C VAL G 189 -12.77 -46.19 -64.31
N PHE G 190 -13.43 -47.26 -64.78
CA PHE G 190 -14.51 -47.87 -64.02
C PHE G 190 -14.13 -49.28 -63.60
N VAL G 191 -14.21 -49.54 -62.30
CA VAL G 191 -13.85 -50.85 -61.76
C VAL G 191 -14.83 -51.29 -60.67
N GLU G 192 -14.54 -52.43 -60.06
CA GLU G 192 -15.42 -52.98 -59.03
C GLU G 192 -15.16 -52.30 -57.68
N GLY G 193 -16.07 -51.41 -57.30
CA GLY G 193 -15.95 -50.69 -56.05
C GLY G 193 -17.28 -50.52 -55.34
N MET G 194 -17.23 -50.23 -54.04
CA MET G 194 -18.44 -50.10 -53.23
C MET G 194 -18.26 -49.07 -52.14
N GLN G 195 -19.37 -48.59 -51.58
CA GLN G 195 -19.32 -47.64 -50.46
C GLN G 195 -20.48 -47.86 -49.49
N PHE G 196 -20.33 -47.30 -48.29
CA PHE G 196 -21.38 -47.37 -47.27
C PHE G 196 -21.45 -46.08 -46.48
N GLU G 197 -22.57 -45.86 -45.80
CA GLU G 197 -22.78 -44.63 -45.05
C GLU G 197 -22.41 -44.76 -43.58
N ARG G 198 -21.37 -45.52 -43.30
CA ARG G 198 -20.82 -45.62 -41.94
C ARG G 198 -19.44 -44.97 -41.90
N GLY G 199 -18.90 -44.81 -40.70
CA GLY G 199 -17.60 -44.18 -40.54
C GLY G 199 -16.65 -44.98 -39.67
N TYR G 200 -15.39 -44.56 -39.63
CA TYR G 200 -14.39 -45.23 -38.81
C TYR G 200 -14.67 -44.99 -37.32
N THR G 201 -14.09 -45.84 -36.48
CA THR G 201 -14.34 -45.79 -35.05
C THR G 201 -13.77 -44.55 -34.38
N SER G 202 -12.47 -44.34 -34.53
CA SER G 202 -11.78 -43.22 -33.89
C SER G 202 -11.15 -42.27 -34.90
N PRO G 203 -11.23 -40.95 -34.64
CA PRO G 203 -10.62 -39.92 -35.49
C PRO G 203 -9.10 -39.91 -35.41
N TYR G 204 -8.51 -40.86 -34.69
CA TYR G 204 -7.08 -40.95 -34.54
C TYR G 204 -6.44 -41.79 -35.65
N PHE G 205 -7.27 -42.28 -36.56
CA PHE G 205 -6.80 -43.12 -37.66
C PHE G 205 -6.54 -42.31 -38.93
N VAL G 206 -6.69 -40.96 -38.86
CA VAL G 206 -6.53 -40.10 -40.04
C VAL G 206 -5.12 -40.20 -40.61
N THR G 207 -5.00 -40.56 -41.84
CA THR G 207 -3.72 -40.75 -42.50
C THR G 207 -3.02 -39.43 -42.80
N ASP G 208 -3.71 -38.53 -43.48
CA ASP G 208 -3.11 -37.27 -43.89
C ASP G 208 -4.02 -36.06 -43.69
N PRO G 209 -3.80 -35.32 -42.58
CA PRO G 209 -4.46 -34.04 -42.31
C PRO G 209 -3.98 -32.97 -43.31
N GLU G 210 -4.72 -31.89 -43.50
CA GLU G 210 -5.96 -31.59 -42.78
C GLU G 210 -7.19 -32.22 -43.42
N ARG G 211 -6.95 -33.12 -44.38
CA ARG G 211 -8.05 -33.81 -45.04
C ARG G 211 -8.65 -34.87 -44.12
N MET G 212 -7.90 -35.23 -43.08
CA MET G 212 -8.26 -36.25 -42.09
C MET G 212 -9.01 -37.46 -42.67
N ILE G 213 -8.61 -37.87 -43.86
CA ILE G 213 -9.21 -39.01 -44.53
C ILE G 213 -8.20 -40.17 -44.63
N CYS G 214 -8.56 -41.33 -44.13
CA CYS G 214 -7.64 -42.43 -44.23
C CYS G 214 -7.69 -43.06 -45.62
N GLU G 215 -6.54 -43.11 -46.28
CA GLU G 215 -6.38 -43.80 -47.56
C GLU G 215 -5.23 -44.80 -47.54
N TYR G 216 -5.37 -45.95 -47.99
CA TYR G 216 -4.24 -46.87 -48.12
C TYR G 216 -4.35 -47.71 -49.38
N GLU G 217 -3.19 -48.08 -49.94
CA GLU G 217 -3.16 -48.80 -51.21
C GLU G 217 -2.66 -50.24 -51.04
N ASN G 218 -3.22 -51.14 -51.83
CA ASN G 218 -2.88 -52.56 -51.81
C ASN G 218 -3.02 -53.16 -50.41
N CYS G 219 -4.26 -53.26 -49.93
CA CYS G 219 -4.52 -53.75 -48.58
C CYS G 219 -5.67 -54.77 -48.56
N LYS G 220 -5.48 -55.85 -47.81
CA LYS G 220 -6.49 -56.90 -47.72
C LYS G 220 -7.52 -56.60 -46.64
N ILE G 221 -8.72 -57.16 -46.82
CA ILE G 221 -9.86 -56.82 -45.97
C ILE G 221 -10.26 -57.98 -45.05
N LEU G 222 -10.93 -57.66 -43.96
CA LEU G 222 -11.41 -58.68 -43.02
C LEU G 222 -12.73 -58.24 -42.40
N LEU G 223 -13.65 -59.19 -42.22
CA LEU G 223 -14.97 -58.86 -41.68
C LEU G 223 -15.61 -60.03 -40.92
N VAL G 224 -16.53 -59.69 -40.03
CA VAL G 224 -17.30 -60.67 -39.28
C VAL G 224 -18.55 -59.99 -38.70
N ASP G 225 -19.53 -60.79 -38.30
CA ASP G 225 -20.81 -60.25 -37.83
C ASP G 225 -20.76 -59.82 -36.36
N LYS G 226 -20.35 -60.74 -35.49
CA LYS G 226 -20.40 -60.50 -34.05
C LYS G 226 -19.40 -59.44 -33.59
N LYS G 227 -19.60 -58.94 -32.37
CA LYS G 227 -18.70 -57.95 -31.79
C LYS G 227 -17.34 -58.57 -31.50
N ILE G 228 -16.31 -57.72 -31.41
CA ILE G 228 -14.96 -58.19 -31.18
C ILE G 228 -14.34 -57.52 -29.95
N SER G 229 -13.79 -58.33 -29.06
CA SER G 229 -13.10 -57.84 -27.87
C SER G 229 -11.85 -58.66 -27.59
N THR G 230 -11.83 -59.87 -28.15
CA THR G 230 -10.65 -60.73 -28.04
C THR G 230 -9.48 -60.12 -28.80
N ALA G 231 -8.27 -60.39 -28.33
CA ALA G 231 -7.07 -59.81 -28.93
C ALA G 231 -6.19 -60.86 -29.58
N ARG G 232 -6.05 -62.01 -28.93
CA ARG G 232 -5.13 -63.05 -29.37
C ARG G 232 -5.40 -63.52 -30.80
N ASP G 233 -6.67 -63.56 -31.18
CA ASP G 233 -7.04 -63.93 -32.53
C ASP G 233 -6.52 -62.90 -33.54
N ILE G 234 -6.48 -61.65 -33.11
CA ILE G 234 -6.06 -60.56 -33.99
C ILE G 234 -4.54 -60.45 -34.07
N ILE G 235 -3.85 -60.81 -32.98
CA ILE G 235 -2.39 -60.75 -32.96
C ILE G 235 -1.79 -61.90 -33.77
N THR G 236 -2.61 -62.92 -34.03
CA THR G 236 -2.19 -64.02 -34.91
C THR G 236 -2.37 -63.61 -36.37
N ILE G 237 -3.41 -62.81 -36.61
CA ILE G 237 -3.62 -62.23 -37.94
C ILE G 237 -2.60 -61.11 -38.13
N LEU G 238 -2.19 -60.49 -37.03
CA LEU G 238 -1.12 -59.51 -37.05
C LEU G 238 0.17 -60.17 -37.50
N GLU G 239 0.37 -61.41 -37.05
CA GLU G 239 1.52 -62.21 -37.48
C GLU G 239 1.41 -62.52 -38.97
N SER G 240 0.18 -62.66 -39.45
CA SER G 240 -0.08 -62.86 -40.86
C SER G 240 0.01 -61.53 -41.60
N ALA G 241 -0.07 -60.44 -40.86
CA ALA G 241 0.07 -59.10 -41.41
C ALA G 241 1.52 -58.63 -41.31
N ILE G 242 2.33 -59.37 -40.57
CA ILE G 242 3.76 -59.08 -40.45
C ILE G 242 4.54 -59.95 -41.43
N ARG G 243 4.04 -61.17 -41.65
CA ARG G 243 4.61 -62.08 -42.64
C ARG G 243 4.62 -61.43 -44.01
N GLY G 244 3.56 -60.68 -44.30
CA GLY G 244 3.49 -59.86 -45.49
C GLY G 244 3.27 -58.41 -45.09
N ASN G 245 4.35 -57.62 -45.13
CA ASN G 245 4.30 -56.22 -44.69
C ASN G 245 3.23 -55.41 -45.41
N TYR G 246 1.98 -55.61 -45.01
CA TYR G 246 0.85 -54.92 -45.62
C TYR G 246 -0.19 -54.54 -44.57
N PRO G 247 -0.85 -53.38 -44.75
CA PRO G 247 -1.93 -52.93 -43.88
C PRO G 247 -3.11 -53.89 -43.87
N LEU G 248 -4.01 -53.74 -42.91
CA LEU G 248 -5.17 -54.63 -42.81
C LEU G 248 -6.47 -53.84 -42.62
N LEU G 249 -7.55 -54.36 -43.19
CA LEU G 249 -8.85 -53.71 -43.10
C LEU G 249 -9.82 -54.50 -42.22
N ILE G 250 -10.41 -53.82 -41.24
CA ILE G 250 -11.35 -54.44 -40.32
C ILE G 250 -12.61 -53.60 -40.15
N MET G 251 -13.77 -54.22 -40.29
CA MET G 251 -15.04 -53.53 -40.05
C MET G 251 -16.09 -54.50 -39.49
N ALA G 252 -16.01 -54.76 -38.19
CA ALA G 252 -16.91 -55.70 -37.54
C ALA G 252 -17.74 -55.03 -36.45
N GLU G 253 -18.62 -54.14 -36.86
CA GLU G 253 -19.52 -53.41 -35.95
C GLU G 253 -18.77 -52.69 -34.83
N GLU G 254 -18.91 -53.20 -33.61
CA GLU G 254 -18.36 -52.51 -32.43
C GLU G 254 -17.09 -53.17 -31.92
N VAL G 255 -16.00 -52.43 -31.96
CA VAL G 255 -14.74 -52.86 -31.36
C VAL G 255 -14.56 -52.18 -30.01
N GLU G 256 -14.41 -52.99 -28.96
CA GLU G 256 -14.35 -52.44 -27.60
C GLU G 256 -13.05 -51.70 -27.34
N GLN G 257 -12.99 -51.05 -26.18
CA GLN G 257 -11.85 -50.21 -25.82
C GLN G 257 -10.53 -50.96 -25.76
N GLU G 258 -10.59 -52.25 -25.44
CA GLU G 258 -9.37 -53.06 -25.33
C GLU G 258 -8.67 -53.23 -26.68
N ALA G 259 -9.40 -53.75 -27.66
CA ALA G 259 -8.84 -53.97 -28.98
C ALA G 259 -8.57 -52.65 -29.69
N LEU G 260 -9.38 -51.64 -29.41
CA LEU G 260 -9.22 -50.33 -30.02
C LEU G 260 -7.93 -49.65 -29.55
N ALA G 261 -7.62 -49.80 -28.27
CA ALA G 261 -6.41 -49.23 -27.70
C ALA G 261 -5.17 -49.93 -28.25
N THR G 262 -5.28 -51.25 -28.43
CA THR G 262 -4.19 -52.03 -28.99
C THR G 262 -3.93 -51.63 -30.44
N LEU G 263 -5.00 -51.31 -31.15
CA LEU G 263 -4.91 -50.95 -32.56
C LEU G 263 -4.22 -49.59 -32.76
N VAL G 264 -4.64 -48.59 -31.99
CA VAL G 264 -4.10 -47.25 -32.13
C VAL G 264 -2.65 -47.15 -31.64
N VAL G 265 -2.27 -48.05 -30.74
CA VAL G 265 -0.91 -48.09 -30.23
C VAL G 265 0.01 -48.73 -31.28
N ASN G 266 -0.45 -49.82 -31.88
CA ASN G 266 0.31 -50.52 -32.91
C ASN G 266 0.39 -49.71 -34.21
N LYS G 267 -0.49 -48.72 -34.35
CA LYS G 267 -0.51 -47.88 -35.54
C LYS G 267 0.34 -46.64 -35.36
N LEU G 268 0.40 -46.13 -34.13
CA LEU G 268 1.16 -44.92 -33.83
C LEU G 268 2.65 -45.14 -34.01
N ARG G 269 3.10 -46.37 -33.81
CA ARG G 269 4.52 -46.72 -33.94
C ARG G 269 4.89 -47.03 -35.38
N GLY G 270 3.88 -47.32 -36.20
CA GLY G 270 4.11 -47.62 -37.60
C GLY G 270 4.45 -49.08 -37.87
N THR G 271 4.42 -49.89 -36.82
CA THR G 271 4.69 -51.31 -36.97
C THR G 271 3.53 -52.02 -37.65
N LEU G 272 2.31 -51.64 -37.29
CA LEU G 272 1.12 -52.21 -37.89
C LEU G 272 0.18 -51.12 -38.41
N LYS G 273 -0.06 -51.13 -39.72
CA LYS G 273 -1.00 -50.19 -40.32
C LYS G 273 -2.41 -50.77 -40.23
N VAL G 274 -3.20 -50.28 -39.29
CA VAL G 274 -4.53 -50.85 -39.05
C VAL G 274 -5.64 -49.83 -39.32
N VAL G 275 -6.84 -50.32 -39.59
CA VAL G 275 -7.99 -49.46 -39.86
C VAL G 275 -9.22 -49.95 -39.10
N ALA G 276 -9.96 -49.04 -38.46
CA ALA G 276 -11.09 -49.45 -37.61
C ALA G 276 -12.51 -49.31 -38.22
N ILE G 277 -13.29 -50.38 -38.19
CA ILE G 277 -14.52 -50.43 -38.94
C ILE G 277 -15.78 -50.60 -38.09
N LYS G 278 -16.85 -49.99 -38.58
CA LYS G 278 -18.22 -50.24 -38.11
C LYS G 278 -18.97 -51.16 -39.08
N ALA G 279 -20.22 -51.50 -38.79
CA ALA G 279 -20.96 -52.40 -39.67
C ALA G 279 -22.15 -51.71 -40.32
N PRO G 280 -22.39 -51.99 -41.61
CA PRO G 280 -23.55 -51.46 -42.34
C PRO G 280 -24.82 -52.24 -42.02
N GLY G 281 -25.96 -51.55 -41.98
CA GLY G 281 -27.23 -52.18 -41.71
C GLY G 281 -27.38 -52.65 -40.28
N PHE G 282 -28.38 -53.48 -40.03
CA PHE G 282 -28.66 -53.99 -38.69
C PHE G 282 -29.33 -55.35 -38.73
N GLY G 283 -29.01 -56.19 -37.75
CA GLY G 283 -29.61 -57.51 -37.64
C GLY G 283 -29.18 -58.47 -38.74
N GLU G 284 -30.15 -59.05 -39.42
CA GLU G 284 -29.88 -60.00 -40.49
C GLU G 284 -29.29 -59.29 -41.71
N ARG G 285 -29.43 -57.97 -41.77
CA ARG G 285 -28.89 -57.18 -42.85
C ARG G 285 -27.37 -57.16 -42.82
N ARG G 286 -26.82 -57.11 -41.60
CA ARG G 286 -25.37 -57.07 -41.41
C ARG G 286 -24.69 -58.29 -42.02
N SER G 287 -25.16 -59.47 -41.65
CA SER G 287 -24.57 -60.72 -42.13
C SER G 287 -24.80 -60.90 -43.64
N SER G 288 -25.73 -60.15 -44.19
CA SER G 288 -26.02 -60.22 -45.63
C SER G 288 -25.26 -59.15 -46.40
N TYR G 289 -24.71 -58.18 -45.68
CA TYR G 289 -23.96 -57.10 -46.31
C TYR G 289 -22.45 -57.37 -46.28
N LEU G 290 -21.97 -57.95 -45.19
CA LEU G 290 -20.55 -58.24 -45.04
C LEU G 290 -20.12 -59.36 -45.98
N GLU G 291 -21.04 -60.28 -46.26
CA GLU G 291 -20.76 -61.36 -47.19
C GLU G 291 -20.92 -60.87 -48.62
N ASP G 292 -21.66 -59.78 -48.78
CA ASP G 292 -21.86 -59.17 -50.09
C ASP G 292 -20.58 -58.48 -50.54
N ILE G 293 -19.76 -58.08 -49.58
CA ILE G 293 -18.50 -57.39 -49.88
C ILE G 293 -17.32 -58.33 -49.67
N ALA G 294 -17.57 -59.49 -49.07
CA ALA G 294 -16.52 -60.45 -48.79
C ALA G 294 -15.99 -61.07 -50.08
N ILE G 295 -16.87 -61.74 -50.82
CA ILE G 295 -16.50 -62.36 -52.09
C ILE G 295 -16.16 -61.29 -53.12
N LEU G 296 -16.80 -60.12 -52.99
CA LEU G 296 -16.52 -58.98 -53.85
C LEU G 296 -15.05 -58.59 -53.73
N THR G 297 -14.51 -58.74 -52.53
CA THR G 297 -13.10 -58.47 -52.27
C THR G 297 -12.28 -59.75 -52.43
N GLY G 298 -12.95 -60.85 -52.70
CA GLY G 298 -12.29 -62.14 -52.89
C GLY G 298 -11.89 -62.80 -51.59
N GLY G 299 -12.86 -62.98 -50.69
CA GLY G 299 -12.61 -63.60 -49.41
C GLY G 299 -13.85 -64.26 -48.83
N THR G 300 -13.65 -65.31 -48.03
CA THR G 300 -14.76 -66.02 -47.43
C THR G 300 -15.23 -65.31 -46.16
N VAL G 301 -16.31 -65.83 -45.57
CA VAL G 301 -16.88 -65.24 -44.37
C VAL G 301 -16.40 -65.98 -43.12
N VAL G 302 -16.00 -65.22 -42.10
CA VAL G 302 -15.46 -65.81 -40.88
C VAL G 302 -16.50 -65.81 -39.77
N ARG G 303 -17.77 -65.91 -40.15
CA ARG G 303 -18.86 -65.94 -39.18
C ARG G 303 -18.96 -67.31 -38.51
N ASP G 304 -19.50 -67.34 -37.29
CA ASP G 304 -19.66 -68.59 -36.56
C ASP G 304 -20.91 -69.35 -36.98
N GLU G 305 -21.34 -69.14 -38.23
CA GLU G 305 -22.53 -69.79 -38.74
C GLU G 305 -22.15 -71.05 -39.54
N MET G 306 -20.87 -71.12 -39.92
CA MET G 306 -20.33 -72.27 -40.65
C MET G 306 -19.79 -73.43 -39.79
N GLY G 307 -18.99 -73.17 -38.75
CA GLY G 307 -18.55 -71.85 -38.31
C GLY G 307 -17.08 -71.80 -37.97
N VAL G 308 -16.29 -71.27 -38.89
CA VAL G 308 -14.85 -71.12 -38.68
C VAL G 308 -14.56 -69.76 -38.04
N SER G 309 -14.11 -69.80 -36.79
CA SER G 309 -13.77 -68.60 -36.03
C SER G 309 -12.71 -68.93 -34.99
N LEU G 310 -11.45 -68.86 -35.41
CA LEU G 310 -10.35 -69.31 -34.57
C LEU G 310 -9.29 -68.23 -34.37
N GLU G 311 -8.10 -68.66 -33.97
CA GLU G 311 -6.98 -67.75 -33.77
C GLU G 311 -6.24 -67.53 -35.07
N GLN G 312 -5.91 -68.63 -35.75
CA GLN G 312 -5.21 -68.57 -37.02
C GLN G 312 -6.12 -68.08 -38.14
N ALA G 313 -5.52 -67.46 -39.16
CA ALA G 313 -6.26 -66.95 -40.30
C ALA G 313 -5.38 -66.89 -41.54
N THR G 314 -5.84 -67.48 -42.64
CA THR G 314 -5.08 -67.51 -43.87
C THR G 314 -5.64 -66.54 -44.91
N ASP G 315 -5.18 -66.68 -46.15
CA ASP G 315 -5.60 -65.79 -47.23
C ASP G 315 -7.05 -66.05 -47.65
N ALA G 316 -7.54 -67.24 -47.33
CA ALA G 316 -8.89 -67.64 -47.75
C ALA G 316 -9.98 -66.93 -46.95
N VAL G 317 -9.67 -66.57 -45.71
CA VAL G 317 -10.66 -65.97 -44.82
C VAL G 317 -10.72 -64.45 -44.98
N LEU G 318 -9.77 -63.89 -45.72
CA LEU G 318 -9.71 -62.45 -45.90
C LEU G 318 -9.64 -62.06 -47.38
N GLY G 319 -10.46 -61.08 -47.77
CA GLY G 319 -10.49 -60.61 -49.14
C GLY G 319 -9.37 -59.63 -49.42
N THR G 320 -9.41 -58.99 -50.58
CA THR G 320 -8.36 -58.03 -50.96
C THR G 320 -8.95 -56.76 -51.57
N ALA G 321 -8.20 -55.67 -51.47
CA ALA G 321 -8.63 -54.38 -52.02
C ALA G 321 -7.41 -53.57 -52.45
N ALA G 322 -7.44 -53.06 -53.68
CA ALA G 322 -6.34 -52.27 -54.20
C ALA G 322 -6.21 -50.94 -53.48
N LYS G 323 -7.32 -50.23 -53.35
CA LYS G 323 -7.34 -48.94 -52.67
C LYS G 323 -8.60 -48.75 -51.84
N ILE G 324 -8.46 -48.19 -50.65
CA ILE G 324 -9.60 -47.87 -49.81
C ILE G 324 -9.50 -46.47 -49.23
N THR G 325 -10.58 -45.70 -49.38
CA THR G 325 -10.63 -44.33 -48.87
C THR G 325 -11.86 -44.15 -47.98
N ILE G 326 -11.62 -43.92 -46.69
CA ILE G 326 -12.72 -43.76 -45.74
C ILE G 326 -12.69 -42.39 -45.07
N THR G 327 -13.87 -41.84 -44.80
CA THR G 327 -13.98 -40.54 -44.16
C THR G 327 -14.92 -40.60 -42.95
N LYS G 328 -15.43 -39.44 -42.56
CA LYS G 328 -16.23 -39.31 -41.34
C LYS G 328 -17.51 -40.16 -41.38
N GLU G 329 -18.31 -39.97 -42.43
CA GLU G 329 -19.59 -40.65 -42.52
C GLU G 329 -19.66 -41.60 -43.71
N ARG G 330 -18.56 -41.73 -44.44
CA ARG G 330 -18.53 -42.62 -45.60
C ARG G 330 -17.30 -43.52 -45.60
N THR G 331 -17.46 -44.73 -46.13
CA THR G 331 -16.37 -45.67 -46.28
C THR G 331 -16.38 -46.25 -47.70
N THR G 332 -15.34 -45.99 -48.47
CA THR G 332 -15.30 -46.39 -49.87
C THR G 332 -14.16 -47.36 -50.19
N VAL G 333 -14.46 -48.35 -51.03
CA VAL G 333 -13.45 -49.29 -51.52
C VAL G 333 -13.47 -49.30 -53.05
N VAL G 334 -12.30 -49.55 -53.65
CA VAL G 334 -12.18 -49.51 -55.11
C VAL G 334 -10.84 -50.07 -55.60
N GLY G 335 -10.79 -50.44 -56.87
CA GLY G 335 -9.52 -50.78 -57.52
C GLY G 335 -9.22 -52.26 -57.68
N ASP G 336 -9.63 -53.07 -56.70
CA ASP G 336 -9.28 -54.48 -56.66
C ASP G 336 -9.77 -55.24 -57.90
N GLY G 337 -8.91 -56.11 -58.42
CA GLY G 337 -9.27 -56.93 -59.57
C GLY G 337 -9.62 -58.35 -59.15
N SER G 338 -10.73 -58.48 -58.44
CA SER G 338 -11.17 -59.78 -57.96
C SER G 338 -12.24 -60.38 -58.86
N THR G 339 -13.09 -61.22 -58.27
CA THR G 339 -14.17 -61.86 -59.03
C THR G 339 -15.24 -60.85 -59.40
N ALA G 340 -15.19 -60.39 -60.65
CA ALA G 340 -16.21 -59.48 -61.17
C ALA G 340 -17.51 -60.22 -61.40
N ALA G 341 -17.43 -61.54 -61.51
CA ALA G 341 -18.62 -62.38 -61.69
C ALA G 341 -19.51 -62.31 -60.46
N ASP G 342 -18.88 -62.14 -59.30
CA ASP G 342 -19.62 -61.98 -58.04
C ASP G 342 -20.52 -60.76 -58.09
N VAL G 343 -19.97 -59.63 -58.52
CA VAL G 343 -20.74 -58.39 -58.63
C VAL G 343 -21.81 -58.51 -59.71
N ALA G 344 -21.64 -59.51 -60.59
CA ALA G 344 -22.58 -59.74 -61.67
C ALA G 344 -23.56 -60.87 -61.34
N ALA G 345 -23.30 -61.59 -60.25
CA ALA G 345 -24.14 -62.71 -59.86
C ALA G 345 -25.01 -62.37 -58.65
N ARG G 346 -24.46 -61.56 -57.74
CA ARG G 346 -25.21 -61.16 -56.56
C ARG G 346 -26.37 -60.24 -56.94
N VAL G 347 -26.18 -59.47 -58.01
CA VAL G 347 -27.23 -58.61 -58.53
C VAL G 347 -28.37 -59.45 -59.10
N LYS G 348 -28.02 -60.65 -59.58
CA LYS G 348 -29.02 -61.58 -60.08
C LYS G 348 -29.79 -62.17 -58.91
N GLN G 349 -29.10 -62.39 -57.80
CA GLN G 349 -29.72 -62.91 -56.60
C GLN G 349 -30.69 -61.90 -56.00
N ILE G 350 -30.32 -60.62 -56.08
CA ILE G 350 -31.18 -59.55 -55.60
C ILE G 350 -32.46 -59.46 -56.44
N ARG G 351 -32.31 -59.60 -57.75
CA ARG G 351 -33.45 -59.58 -58.66
C ARG G 351 -34.38 -60.77 -58.40
N ASN G 352 -33.80 -61.92 -58.07
CA ASN G 352 -34.58 -63.11 -57.74
C ASN G 352 -35.37 -62.92 -56.47
N LEU G 353 -34.73 -62.33 -55.47
CA LEU G 353 -35.38 -62.03 -54.19
C LEU G 353 -36.45 -60.95 -54.37
N GLN G 354 -36.16 -59.98 -55.23
CA GLN G 354 -37.09 -58.89 -55.50
C GLN G 354 -38.36 -59.39 -56.16
N MET G 355 -38.23 -60.41 -57.00
CA MET G 355 -39.35 -60.99 -57.72
C MET G 355 -40.30 -61.74 -56.79
N GLN G 356 -39.73 -62.41 -55.78
CA GLN G 356 -40.51 -63.24 -54.88
C GLN G 356 -40.88 -62.51 -53.59
N THR G 357 -40.42 -61.27 -53.46
CA THR G 357 -40.69 -60.49 -52.25
C THR G 357 -42.13 -59.96 -52.23
N ASP G 358 -42.82 -60.22 -51.14
CA ASP G 358 -44.18 -59.73 -50.95
C ASP G 358 -44.20 -58.53 -50.01
N GLN G 359 -43.13 -58.37 -49.24
CA GLN G 359 -43.02 -57.30 -48.27
C GLN G 359 -42.76 -55.95 -48.95
N ASP G 360 -42.50 -54.93 -48.15
CA ASP G 360 -42.25 -53.59 -48.67
C ASP G 360 -40.85 -53.12 -48.31
N TYR G 361 -40.44 -53.34 -47.07
CA TYR G 361 -39.14 -52.91 -46.60
C TYR G 361 -38.01 -53.71 -47.25
N GLU G 362 -38.30 -54.97 -47.56
CA GLU G 362 -37.32 -55.82 -48.21
C GLU G 362 -37.09 -55.39 -49.66
N ARG G 363 -38.13 -54.83 -50.27
CA ARG G 363 -38.04 -54.36 -51.65
C ARG G 363 -37.08 -53.18 -51.79
N GLU G 364 -37.14 -52.25 -50.84
CA GLU G 364 -36.31 -51.05 -50.89
C GLU G 364 -34.89 -51.32 -50.40
N LYS G 365 -34.75 -52.29 -49.49
CA LYS G 365 -33.43 -52.70 -49.02
C LYS G 365 -32.67 -53.41 -50.13
N LEU G 366 -33.41 -54.19 -50.92
CA LEU G 366 -32.84 -54.83 -52.10
C LEU G 366 -32.63 -53.79 -53.19
N GLN G 367 -33.45 -52.74 -53.16
CA GLN G 367 -33.35 -51.67 -54.15
C GLN G 367 -32.17 -50.74 -53.85
N GLU G 368 -31.88 -50.54 -52.57
CA GLU G 368 -30.77 -49.68 -52.19
C GLU G 368 -29.45 -50.44 -52.33
N ARG G 369 -29.52 -51.77 -52.28
CA ARG G 369 -28.33 -52.58 -52.44
C ARG G 369 -28.03 -52.82 -53.92
N ILE G 370 -29.08 -53.03 -54.71
CA ILE G 370 -28.92 -53.20 -56.15
C ILE G 370 -28.47 -51.88 -56.78
N ALA G 371 -28.73 -50.78 -56.08
CA ALA G 371 -28.34 -49.45 -56.57
C ALA G 371 -26.84 -49.26 -56.47
N ARG G 372 -26.32 -49.34 -55.24
CA ARG G 372 -24.89 -49.14 -54.99
C ARG G 372 -24.04 -50.22 -55.65
N LEU G 373 -24.61 -51.41 -55.80
CA LEU G 373 -23.92 -52.49 -56.49
C LEU G 373 -23.79 -52.20 -57.98
N SER G 374 -24.90 -51.76 -58.59
CA SER G 374 -24.90 -51.42 -60.00
C SER G 374 -24.12 -50.15 -60.28
N GLY G 375 -24.16 -49.21 -59.32
CA GLY G 375 -23.45 -47.95 -59.45
C GLY G 375 -21.96 -48.16 -59.45
N GLY G 376 -21.49 -49.10 -58.64
CA GLY G 376 -20.06 -49.40 -58.54
C GLY G 376 -19.28 -48.24 -57.99
N VAL G 377 -18.08 -47.77 -58.57
CA VAL G 377 -17.29 -46.63 -58.11
C VAL G 377 -16.33 -46.17 -59.20
N ALA G 378 -16.78 -45.30 -59.98
CA ALA G 378 -16.00 -44.76 -61.09
C ALA G 378 -14.88 -43.86 -60.58
N ILE G 379 -13.65 -44.18 -60.96
CA ILE G 379 -12.49 -43.40 -60.55
C ILE G 379 -11.89 -42.65 -61.74
N ILE G 380 -11.66 -41.34 -61.56
CA ILE G 380 -11.14 -40.49 -62.63
C ILE G 380 -9.67 -40.14 -62.40
N GLN G 381 -8.91 -40.06 -63.49
CA GLN G 381 -7.50 -39.66 -63.41
C GLN G 381 -7.26 -38.34 -64.12
N VAL G 382 -6.69 -37.38 -63.40
CA VAL G 382 -6.43 -36.06 -63.96
C VAL G 382 -5.07 -36.02 -64.63
N GLY G 383 -4.86 -35.04 -65.50
CA GLY G 383 -3.59 -34.88 -66.19
C GLY G 383 -2.56 -34.19 -65.32
N ALA G 384 -1.48 -33.73 -65.94
CA ALA G 384 -0.40 -33.06 -65.21
C ALA G 384 0.47 -32.21 -66.12
N GLN G 385 0.43 -30.89 -65.91
CA GLN G 385 1.27 -29.97 -66.66
C GLN G 385 2.63 -29.81 -65.98
N THR G 386 2.60 -29.46 -64.69
CA THR G 386 3.81 -29.44 -63.89
C THR G 386 3.61 -30.32 -62.66
N GLU G 387 4.27 -29.98 -61.56
CA GLU G 387 4.10 -30.73 -60.31
C GLU G 387 3.19 -29.97 -59.35
N THR G 388 3.21 -28.64 -59.45
CA THR G 388 2.34 -27.80 -58.64
C THR G 388 1.00 -27.58 -59.32
N GLU G 389 0.97 -27.82 -60.64
CA GLU G 389 -0.26 -27.65 -61.40
C GLU G 389 -1.20 -28.83 -61.19
N LEU G 390 -0.63 -30.04 -61.10
CA LEU G 390 -1.43 -31.23 -60.87
C LEU G 390 -2.05 -31.21 -59.48
N LYS G 391 -1.32 -30.63 -58.53
CA LYS G 391 -1.83 -30.50 -57.17
C LYS G 391 -2.90 -29.41 -57.08
N GLU G 392 -2.65 -28.30 -57.76
CA GLU G 392 -3.62 -27.20 -57.79
C GLU G 392 -4.90 -27.65 -58.49
N LYS G 393 -4.73 -28.47 -59.52
CA LYS G 393 -5.87 -29.09 -60.20
C LYS G 393 -6.61 -30.03 -59.25
N LYS G 394 -5.87 -30.95 -58.65
CA LYS G 394 -6.42 -31.96 -57.75
C LYS G 394 -7.28 -31.34 -56.64
N LEU G 395 -6.85 -30.18 -56.16
CA LEU G 395 -7.59 -29.46 -55.13
C LEU G 395 -8.83 -28.80 -55.73
N ARG G 396 -8.69 -28.25 -56.92
CA ARG G 396 -9.79 -27.59 -57.60
C ARG G 396 -10.87 -28.59 -58.05
N VAL G 397 -10.44 -29.79 -58.44
CA VAL G 397 -11.39 -30.81 -58.86
C VAL G 397 -12.01 -31.50 -57.65
N GLU G 398 -11.38 -31.36 -56.49
CA GLU G 398 -11.91 -31.91 -55.25
C GLU G 398 -13.07 -31.05 -54.77
N ASP G 399 -12.85 -29.75 -54.80
CA ASP G 399 -13.87 -28.78 -54.40
C ASP G 399 -14.98 -28.73 -55.43
N ALA G 400 -14.65 -29.10 -56.67
CA ALA G 400 -15.62 -29.13 -57.75
C ALA G 400 -16.58 -30.31 -57.60
N LEU G 401 -16.02 -31.50 -57.42
CA LEU G 401 -16.81 -32.71 -57.26
C LEU G 401 -17.74 -32.62 -56.04
N ASN G 402 -17.18 -32.11 -54.94
CA ASN G 402 -17.94 -31.98 -53.70
C ASN G 402 -19.07 -30.97 -53.83
N ALA G 403 -18.85 -29.95 -54.67
CA ALA G 403 -19.86 -28.93 -54.90
C ALA G 403 -20.93 -29.43 -55.87
N THR G 404 -20.51 -30.16 -56.90
CA THR G 404 -21.44 -30.69 -57.88
C THR G 404 -22.37 -31.72 -57.26
N ARG G 405 -21.82 -32.57 -56.41
CA ARG G 405 -22.62 -33.58 -55.71
C ARG G 405 -23.60 -32.93 -54.75
N ALA G 406 -23.15 -31.88 -54.06
CA ALA G 406 -23.98 -31.18 -53.10
C ALA G 406 -25.09 -30.40 -53.80
N ALA G 407 -24.87 -30.10 -55.08
CA ALA G 407 -25.84 -29.33 -55.87
C ALA G 407 -26.90 -30.25 -56.47
N VAL G 408 -26.46 -31.38 -57.02
CA VAL G 408 -27.37 -32.30 -57.70
C VAL G 408 -28.20 -33.09 -56.70
N GLU G 409 -27.74 -33.14 -55.46
CA GLU G 409 -28.40 -33.94 -54.43
C GLU G 409 -29.73 -33.34 -53.97
N GLU G 410 -29.71 -32.05 -53.63
CA GLU G 410 -30.89 -31.39 -53.07
C GLU G 410 -31.40 -30.26 -53.96
N GLY G 411 -30.92 -30.19 -55.20
CA GLY G 411 -31.31 -29.13 -56.11
C GLY G 411 -30.41 -27.92 -55.97
N VAL G 412 -30.66 -26.90 -56.78
CA VAL G 412 -29.80 -25.73 -56.81
C VAL G 412 -30.61 -24.43 -56.60
N VAL G 413 -30.00 -23.46 -55.92
CA VAL G 413 -30.63 -22.17 -55.65
C VAL G 413 -29.66 -21.03 -55.97
N PRO G 414 -30.20 -19.84 -56.29
CA PRO G 414 -29.33 -18.69 -56.57
C PRO G 414 -28.46 -18.32 -55.36
N GLY G 415 -27.15 -18.28 -55.58
CA GLY G 415 -26.21 -18.03 -54.51
C GLY G 415 -26.08 -16.57 -54.12
N GLY G 416 -24.95 -16.21 -53.52
CA GLY G 416 -24.70 -14.85 -53.09
C GLY G 416 -25.46 -14.49 -51.83
N GLY G 417 -26.14 -15.48 -51.26
CA GLY G 417 -26.94 -15.26 -50.06
C GLY G 417 -28.25 -14.54 -50.36
N CYS G 418 -28.53 -14.37 -51.65
CA CYS G 418 -29.75 -13.68 -52.08
C CYS G 418 -30.97 -14.57 -51.91
N THR G 419 -30.75 -15.88 -51.86
CA THR G 419 -31.83 -16.83 -51.65
C THR G 419 -32.38 -16.71 -50.23
N LEU G 420 -31.58 -16.12 -49.34
CA LEU G 420 -31.99 -15.90 -47.96
C LEU G 420 -32.94 -14.71 -47.86
N LEU G 421 -32.80 -13.75 -48.76
CA LEU G 421 -33.71 -12.60 -48.80
C LEU G 421 -35.06 -13.00 -49.35
N ARG G 422 -35.05 -13.80 -50.41
CA ARG G 422 -36.27 -14.30 -51.03
C ARG G 422 -37.03 -15.21 -50.06
N LEU G 423 -36.29 -15.87 -49.18
CA LEU G 423 -36.89 -16.71 -48.14
C LEU G 423 -37.38 -15.86 -46.98
N SER G 424 -36.66 -14.78 -46.69
CA SER G 424 -37.02 -13.89 -45.61
C SER G 424 -38.26 -13.07 -45.95
N GLU G 425 -38.42 -12.76 -47.24
CA GLU G 425 -39.56 -11.99 -47.69
C GLU G 425 -40.74 -12.90 -48.03
N LYS G 426 -40.94 -13.92 -47.20
CA LYS G 426 -42.08 -14.82 -47.33
C LYS G 426 -42.60 -15.23 -45.96
N VAL G 427 -42.07 -14.61 -44.92
CA VAL G 427 -42.52 -14.86 -43.56
C VAL G 427 -43.60 -13.86 -43.17
N ASP G 428 -43.74 -12.81 -43.98
CA ASP G 428 -44.74 -11.78 -43.74
C ASP G 428 -46.14 -12.30 -44.07
N VAL G 429 -46.21 -13.31 -44.93
CA VAL G 429 -47.49 -13.89 -45.33
C VAL G 429 -47.86 -15.06 -44.44
N ILE G 430 -46.93 -15.45 -43.57
CA ILE G 430 -47.14 -16.59 -42.68
C ILE G 430 -48.01 -16.22 -41.48
N LYS G 431 -49.28 -16.61 -41.54
CA LYS G 431 -50.20 -16.46 -40.42
C LYS G 431 -50.34 -17.79 -39.70
N ARG G 432 -49.70 -17.91 -38.54
CA ARG G 432 -49.63 -19.18 -37.84
C ARG G 432 -50.75 -19.39 -36.84
N ARG G 433 -50.68 -20.50 -36.11
CA ARG G 433 -51.70 -20.88 -35.12
C ARG G 433 -51.02 -21.15 -33.78
N MET G 434 -51.55 -20.57 -32.70
CA MET G 434 -52.76 -19.75 -32.73
C MET G 434 -52.44 -18.27 -32.91
N THR G 435 -51.42 -17.98 -33.72
CA THR G 435 -51.03 -16.61 -34.05
C THR G 435 -50.78 -15.76 -32.82
N ASP G 436 -50.30 -16.38 -31.74
CA ASP G 436 -49.90 -15.64 -30.55
C ASP G 436 -48.73 -14.73 -30.90
N PRO G 437 -48.70 -13.52 -30.31
CA PRO G 437 -47.70 -12.50 -30.66
C PRO G 437 -46.26 -13.00 -30.58
N GLU G 438 -45.97 -13.89 -29.63
CA GLU G 438 -44.63 -14.40 -29.43
C GLU G 438 -44.10 -15.14 -30.66
N GLN G 439 -44.94 -15.99 -31.23
CA GLN G 439 -44.55 -16.74 -32.42
C GLN G 439 -44.34 -15.80 -33.60
N GLN G 440 -45.08 -14.70 -33.62
CA GLN G 440 -44.92 -13.69 -34.66
C GLN G 440 -43.59 -12.98 -34.49
N MET G 441 -43.18 -12.79 -33.23
CA MET G 441 -41.88 -12.20 -32.95
C MET G 441 -40.77 -13.11 -33.48
N GLY G 442 -40.94 -14.41 -33.26
CA GLY G 442 -39.98 -15.39 -33.73
C GLY G 442 -39.86 -15.39 -35.25
N ALA G 443 -40.96 -15.11 -35.93
CA ALA G 443 -40.96 -15.01 -37.38
C ALA G 443 -40.23 -13.75 -37.83
N ASP G 444 -40.44 -12.67 -37.09
CA ASP G 444 -39.74 -11.41 -37.37
C ASP G 444 -38.26 -11.54 -37.03
N ILE G 445 -37.96 -12.41 -36.08
CA ILE G 445 -36.57 -12.68 -35.69
C ILE G 445 -35.84 -13.37 -36.84
N ILE G 446 -36.48 -14.39 -37.41
CA ILE G 446 -35.93 -15.09 -38.57
C ILE G 446 -35.72 -14.13 -39.74
N LYS G 447 -36.66 -13.20 -39.90
CA LYS G 447 -36.57 -12.19 -40.95
C LYS G 447 -35.33 -11.32 -40.81
N ARG G 448 -35.18 -10.69 -39.65
CA ARG G 448 -34.06 -9.79 -39.41
C ARG G 448 -32.73 -10.54 -39.31
N ALA G 449 -32.81 -11.85 -39.09
CA ALA G 449 -31.61 -12.67 -38.98
C ALA G 449 -31.09 -13.10 -40.35
N LEU G 450 -32.03 -13.42 -41.25
CA LEU G 450 -31.68 -13.80 -42.61
C LEU G 450 -31.11 -12.62 -43.39
N CYS G 451 -31.31 -11.42 -42.84
CA CYS G 451 -30.80 -10.20 -43.45
C CYS G 451 -29.31 -10.04 -43.17
N TYR G 452 -28.84 -10.65 -42.08
CA TYR G 452 -27.46 -10.50 -41.64
C TYR G 452 -26.39 -11.04 -42.63
N PRO G 453 -26.57 -12.26 -43.18
CA PRO G 453 -25.51 -12.78 -44.06
C PRO G 453 -25.21 -11.89 -45.27
N ILE G 454 -26.24 -11.53 -46.04
CA ILE G 454 -26.05 -10.69 -47.21
C ILE G 454 -25.46 -9.33 -46.83
N LYS G 455 -25.81 -8.86 -45.63
CA LYS G 455 -25.32 -7.58 -45.14
C LYS G 455 -23.82 -7.66 -44.89
N LEU G 456 -23.38 -8.70 -44.19
CA LEU G 456 -21.97 -8.88 -43.90
C LEU G 456 -21.16 -9.13 -45.15
N ILE G 457 -21.76 -9.82 -46.12
CA ILE G 457 -21.10 -10.09 -47.39
C ILE G 457 -20.77 -8.80 -48.13
N ALA G 458 -21.78 -7.95 -48.29
CA ALA G 458 -21.60 -6.69 -48.99
C ALA G 458 -20.73 -5.72 -48.20
N GLN G 459 -20.93 -5.68 -46.89
CA GLN G 459 -20.21 -4.75 -46.03
C GLN G 459 -18.70 -4.99 -46.03
N ASN G 460 -18.30 -6.22 -45.71
CA ASN G 460 -16.88 -6.56 -45.63
C ASN G 460 -16.24 -6.58 -47.02
N ALA G 461 -17.07 -6.55 -48.05
CA ALA G 461 -16.58 -6.43 -49.42
C ALA G 461 -16.15 -4.99 -49.70
N GLY G 462 -16.93 -4.04 -49.20
CA GLY G 462 -16.60 -2.64 -49.33
C GLY G 462 -17.75 -1.76 -49.80
N VAL G 463 -18.97 -2.26 -49.69
CA VAL G 463 -20.14 -1.51 -50.13
C VAL G 463 -21.28 -1.63 -49.12
N ASN G 464 -22.08 -0.58 -48.99
CA ASN G 464 -23.23 -0.59 -48.08
C ASN G 464 -24.24 -1.66 -48.45
N GLY G 465 -24.61 -2.49 -47.47
CA GLY G 465 -25.53 -3.58 -47.71
C GLY G 465 -26.99 -3.16 -47.71
N SER G 466 -27.26 -2.00 -47.13
CA SER G 466 -28.62 -1.48 -47.04
C SER G 466 -29.19 -1.15 -48.41
N VAL G 467 -28.39 -0.47 -49.23
CA VAL G 467 -28.82 -0.08 -50.57
C VAL G 467 -28.88 -1.31 -51.48
N VAL G 468 -27.99 -2.27 -51.23
CA VAL G 468 -27.98 -3.51 -52.01
C VAL G 468 -29.24 -4.31 -51.73
N MET G 469 -29.58 -4.45 -50.45
CA MET G 469 -30.77 -5.17 -50.04
C MET G 469 -32.03 -4.51 -50.60
N ASN G 470 -32.04 -3.18 -50.61
CA ASN G 470 -33.16 -2.43 -51.16
C ASN G 470 -33.39 -2.70 -52.64
N GLU G 471 -32.33 -2.59 -53.42
CA GLU G 471 -32.41 -2.77 -54.87
C GLU G 471 -32.89 -4.16 -55.28
N VAL G 472 -32.43 -5.17 -54.53
CA VAL G 472 -32.80 -6.55 -54.82
C VAL G 472 -34.24 -6.83 -54.39
N MET G 473 -34.63 -6.31 -53.23
CA MET G 473 -35.94 -6.59 -52.67
C MET G 473 -37.05 -5.79 -53.34
N LYS G 474 -36.78 -4.50 -53.61
CA LYS G 474 -37.78 -3.64 -54.24
C LYS G 474 -38.12 -4.13 -55.64
N ASN G 475 -37.12 -4.65 -56.34
CA ASN G 475 -37.34 -5.26 -57.65
C ASN G 475 -38.06 -6.59 -57.52
N LEU G 476 -38.54 -7.12 -58.64
CA LEU G 476 -39.25 -8.40 -58.64
C LEU G 476 -38.31 -9.54 -58.22
N ASP G 477 -38.70 -10.26 -57.19
CA ASP G 477 -37.87 -11.30 -56.60
C ASP G 477 -37.85 -12.58 -57.44
N ARG G 478 -38.76 -12.68 -58.39
CA ARG G 478 -38.92 -13.90 -59.17
C ARG G 478 -37.96 -14.05 -60.37
N PRO G 479 -37.73 -12.97 -61.16
CA PRO G 479 -36.85 -13.16 -62.31
C PRO G 479 -35.36 -13.35 -61.96
N HIS G 480 -35.07 -14.06 -60.88
CA HIS G 480 -33.69 -14.39 -60.49
C HIS G 480 -32.76 -13.19 -60.38
N TYR G 481 -33.32 -12.04 -60.04
CA TYR G 481 -32.52 -10.84 -59.82
C TYR G 481 -31.58 -11.03 -58.64
N GLY G 482 -30.37 -10.48 -58.74
CA GLY G 482 -29.40 -10.61 -57.69
C GLY G 482 -28.29 -9.58 -57.76
N TYR G 483 -27.34 -9.68 -56.84
CA TYR G 483 -26.21 -8.76 -56.78
C TYR G 483 -24.91 -9.52 -56.58
N ASN G 484 -24.11 -9.60 -57.65
CA ASN G 484 -22.80 -10.24 -57.56
C ASN G 484 -21.76 -9.28 -56.99
N ALA G 485 -21.30 -9.59 -55.78
CA ALA G 485 -20.33 -8.73 -55.09
C ALA G 485 -18.95 -8.80 -55.75
N ALA G 486 -18.75 -9.83 -56.56
CA ALA G 486 -17.47 -10.02 -57.25
C ALA G 486 -17.28 -8.97 -58.34
N THR G 487 -18.38 -8.55 -58.96
CA THR G 487 -18.33 -7.57 -60.04
C THR G 487 -18.98 -6.26 -59.65
N ASP G 488 -19.77 -6.29 -58.58
CA ASP G 488 -20.52 -5.11 -58.11
C ASP G 488 -21.40 -4.56 -59.23
N SER G 489 -22.48 -5.27 -59.53
CA SER G 489 -23.41 -4.85 -60.58
C SER G 489 -24.72 -5.65 -60.50
N PHE G 490 -25.78 -5.07 -61.05
CA PHE G 490 -27.08 -5.74 -61.11
C PHE G 490 -27.07 -6.85 -62.15
N GLU G 491 -27.23 -8.08 -61.69
CA GLU G 491 -27.14 -9.25 -62.56
C GLU G 491 -28.03 -10.39 -62.08
N ASN G 492 -28.51 -11.22 -63.02
CA ASN G 492 -29.21 -12.43 -62.66
C ASN G 492 -28.22 -13.53 -62.26
N LEU G 493 -28.39 -14.06 -61.05
CA LEU G 493 -27.42 -14.97 -60.46
C LEU G 493 -27.29 -16.29 -61.20
N MET G 494 -28.30 -16.65 -61.99
CA MET G 494 -28.30 -17.93 -62.69
C MET G 494 -27.39 -17.92 -63.91
N GLU G 495 -27.62 -16.97 -64.81
CA GLU G 495 -26.88 -16.92 -66.07
C GLU G 495 -25.44 -16.45 -65.89
N THR G 496 -25.19 -15.67 -64.84
CA THR G 496 -23.86 -15.13 -64.59
C THR G 496 -22.89 -16.21 -64.11
N GLY G 497 -23.33 -17.05 -63.19
CA GLY G 497 -22.51 -18.15 -62.72
C GLY G 497 -22.27 -18.15 -61.23
N ILE G 498 -23.16 -17.51 -60.47
CA ILE G 498 -23.07 -17.48 -59.02
C ILE G 498 -24.22 -18.30 -58.43
N ILE G 499 -23.93 -19.56 -58.09
CA ILE G 499 -24.97 -20.47 -57.64
C ILE G 499 -24.56 -21.20 -56.36
N ASP G 500 -25.52 -21.41 -55.46
CA ASP G 500 -25.31 -22.19 -54.25
C ASP G 500 -26.17 -23.45 -54.25
N PRO G 501 -25.62 -24.56 -53.73
CA PRO G 501 -26.40 -25.79 -53.59
C PRO G 501 -27.48 -25.67 -52.52
N SER G 502 -28.67 -26.21 -52.78
CA SER G 502 -29.79 -26.08 -51.85
C SER G 502 -29.55 -26.88 -50.57
N LYS G 503 -28.71 -27.91 -50.65
CA LYS G 503 -28.40 -28.75 -49.50
C LYS G 503 -27.66 -27.95 -48.44
N VAL G 504 -26.71 -27.12 -48.88
CA VAL G 504 -25.94 -26.29 -47.98
C VAL G 504 -26.82 -25.28 -47.26
N VAL G 505 -27.65 -24.58 -48.03
CA VAL G 505 -28.54 -23.57 -47.48
C VAL G 505 -29.51 -24.18 -46.47
N ARG G 506 -30.10 -25.32 -46.82
CA ARG G 506 -31.05 -26.00 -45.96
C ARG G 506 -30.41 -26.48 -44.66
N CYS G 507 -29.28 -27.17 -44.78
CA CYS G 507 -28.61 -27.74 -43.61
C CYS G 507 -28.06 -26.67 -42.69
N SER G 508 -27.50 -25.61 -43.26
CA SER G 508 -26.94 -24.52 -42.46
C SER G 508 -28.06 -23.76 -41.76
N MET G 509 -29.21 -23.69 -42.40
CA MET G 509 -30.36 -22.98 -41.84
C MET G 509 -30.97 -23.76 -40.69
N GLU G 510 -31.23 -25.05 -40.93
CA GLU G 510 -31.86 -25.90 -39.93
C GLU G 510 -30.97 -26.08 -38.69
N ASN G 511 -29.68 -26.28 -38.91
CA ASN G 511 -28.74 -26.47 -37.81
C ASN G 511 -28.58 -25.21 -36.98
N ALA G 512 -28.64 -24.05 -37.64
CA ALA G 512 -28.52 -22.77 -36.96
C ALA G 512 -29.71 -22.53 -36.04
N VAL G 513 -30.89 -22.90 -36.52
CA VAL G 513 -32.11 -22.81 -35.72
C VAL G 513 -32.05 -23.83 -34.58
N SER G 514 -31.47 -25.00 -34.88
CA SER G 514 -31.37 -26.07 -33.90
C SER G 514 -30.52 -25.69 -32.70
N VAL G 515 -29.38 -25.03 -32.94
CA VAL G 515 -28.52 -24.61 -31.85
C VAL G 515 -29.06 -23.37 -31.17
N ALA G 516 -29.73 -22.51 -31.94
CA ALA G 516 -30.41 -21.34 -31.37
C ALA G 516 -31.58 -21.79 -30.52
N LYS G 517 -32.16 -22.93 -30.89
CA LYS G 517 -33.23 -23.54 -30.11
C LYS G 517 -32.73 -23.91 -28.72
N THR G 518 -31.63 -24.65 -28.68
CA THR G 518 -31.07 -25.14 -27.43
C THR G 518 -30.21 -24.08 -26.76
N PHE G 519 -30.25 -22.86 -27.27
CA PHE G 519 -29.48 -21.76 -26.71
C PHE G 519 -30.37 -20.82 -25.89
N LEU G 520 -31.43 -20.34 -26.53
CA LEU G 520 -32.37 -19.43 -25.88
C LEU G 520 -33.21 -20.17 -24.84
N LEU G 521 -33.42 -21.46 -25.07
CA LEU G 521 -34.22 -22.28 -24.16
C LEU G 521 -33.49 -22.46 -22.83
N ALA G 522 -32.16 -22.39 -22.87
CA ALA G 522 -31.35 -22.52 -21.68
C ALA G 522 -31.60 -21.37 -20.71
N ASP G 523 -31.41 -21.64 -19.40
CA ASP G 523 -31.62 -20.63 -18.38
C ASP G 523 -30.55 -20.70 -17.30
N VAL G 524 -29.94 -21.88 -17.15
CA VAL G 524 -28.88 -22.08 -16.18
C VAL G 524 -27.71 -22.84 -16.80
N VAL G 525 -26.50 -22.34 -16.58
CA VAL G 525 -25.30 -22.99 -17.11
C VAL G 525 -24.30 -23.31 -16.00
N VAL G 526 -23.76 -24.52 -16.02
CA VAL G 526 -22.75 -24.92 -15.04
C VAL G 526 -21.39 -25.07 -15.70
N THR G 527 -20.34 -25.00 -14.89
CA THR G 527 -18.97 -25.04 -15.40
C THR G 527 -17.97 -25.39 -14.30
N GLU G 528 -17.17 -26.42 -14.54
CA GLU G 528 -16.13 -26.80 -13.58
C GLU G 528 -15.08 -25.70 -13.49
N LEU G 529 -14.70 -25.34 -12.27
CA LEU G 529 -13.73 -24.28 -12.05
C LEU G 529 -12.36 -24.85 -11.67
N LYS G 530 -11.36 -23.99 -11.58
CA LYS G 530 -9.97 -24.40 -11.37
C LYS G 530 -9.78 -25.13 -10.03
N GLU G 531 -9.72 -24.37 -8.94
CA GLU G 531 -9.51 -24.95 -7.62
C GLU G 531 -10.80 -25.56 -7.07
N GLU H 4 -23.80 11.05 18.85
CA GLU H 4 -22.94 11.87 19.70
C GLU H 4 -22.83 11.27 21.10
N LEU H 5 -23.41 10.09 21.29
CA LEU H 5 -23.33 9.37 22.55
C LEU H 5 -22.78 7.96 22.34
N HIS H 6 -21.80 7.58 23.14
CA HIS H 6 -21.18 6.27 23.01
C HIS H 6 -21.72 5.31 24.07
N PHE H 7 -21.86 4.04 23.69
CA PHE H 7 -22.42 3.04 24.59
C PHE H 7 -21.36 2.04 25.06
N ASN H 8 -21.17 1.99 26.38
CA ASN H 8 -20.21 1.06 26.96
C ASN H 8 -20.89 0.12 27.94
N LYS H 9 -20.94 -1.16 27.60
CA LYS H 9 -21.69 -2.12 28.38
C LYS H 9 -20.90 -3.38 28.73
N ASP H 10 -21.60 -4.30 29.39
CA ASP H 10 -21.08 -5.61 29.79
C ASP H 10 -20.04 -5.53 30.91
N MET H 11 -19.14 -6.52 30.91
CA MET H 11 -18.18 -6.72 31.98
C MET H 11 -16.88 -5.96 31.73
N GLN H 12 -16.49 -5.88 30.47
CA GLN H 12 -15.23 -5.24 30.09
C GLN H 12 -15.28 -3.73 30.25
N ALA H 13 -16.49 -3.15 30.14
CA ALA H 13 -16.64 -1.72 30.29
C ALA H 13 -16.34 -1.28 31.72
N LEU H 14 -16.55 -2.20 32.66
CA LEU H 14 -16.23 -1.96 34.05
C LEU H 14 -14.72 -1.96 34.27
N LYS H 15 -14.04 -2.94 33.68
CA LYS H 15 -12.60 -3.08 33.84
C LYS H 15 -11.85 -1.90 33.23
N ARG H 16 -12.47 -1.23 32.25
CA ARG H 16 -11.85 -0.09 31.60
C ARG H 16 -11.61 1.05 32.59
N MET H 17 -12.67 1.49 33.25
CA MET H 17 -12.55 2.58 34.22
C MET H 17 -11.84 2.10 35.48
N GLN H 18 -11.88 0.79 35.73
CA GLN H 18 -11.14 0.22 36.85
C GLN H 18 -9.66 0.41 36.62
N ALA H 19 -9.24 0.29 35.36
CA ALA H 19 -7.85 0.50 34.97
C ALA H 19 -7.44 1.95 35.20
N GLY H 20 -8.33 2.87 34.85
CA GLY H 20 -8.06 4.28 35.05
C GLY H 20 -8.01 4.62 36.53
N VAL H 21 -8.89 3.98 37.29
CA VAL H 21 -8.87 4.08 38.75
C VAL H 21 -7.55 3.55 39.29
N ASP H 22 -7.16 2.37 38.81
CA ASP H 22 -5.93 1.73 39.26
C ASP H 22 -4.69 2.55 38.87
N LYS H 23 -4.79 3.28 37.76
CA LYS H 23 -3.71 4.13 37.32
C LYS H 23 -3.60 5.38 38.19
N LEU H 24 -4.75 5.85 38.67
CA LEU H 24 -4.78 6.99 39.56
C LEU H 24 -4.21 6.59 40.92
N ALA H 25 -4.55 5.39 41.37
CA ALA H 25 -4.09 4.90 42.66
C ALA H 25 -2.63 4.49 42.58
N THR H 26 -2.12 4.31 41.37
CA THR H 26 -0.73 3.91 41.18
C THR H 26 0.22 5.07 41.48
N VAL H 27 -0.14 6.26 41.03
CA VAL H 27 0.70 7.45 41.20
C VAL H 27 0.54 8.04 42.61
N VAL H 28 -0.68 8.05 43.11
CA VAL H 28 -0.93 8.52 44.47
C VAL H 28 -0.45 7.47 45.46
N GLY H 29 -0.35 6.23 44.98
CA GLY H 29 0.12 5.13 45.82
C GLY H 29 1.58 5.25 46.19
N VAL H 30 2.39 5.75 45.27
CA VAL H 30 3.82 5.93 45.54
C VAL H 30 4.07 7.24 46.27
N THR H 31 3.00 8.00 46.48
CA THR H 31 3.06 9.26 47.22
C THR H 31 2.97 9.00 48.71
N ILE H 32 2.16 8.02 49.07
CA ILE H 32 1.89 7.70 50.47
C ILE H 32 3.14 7.25 51.19
N GLY H 33 3.11 7.30 52.53
CA GLY H 33 4.20 6.83 53.34
C GLY H 33 5.18 7.93 53.72
N PRO H 34 5.84 7.78 54.88
CA PRO H 34 6.86 8.73 55.33
C PRO H 34 8.01 8.81 54.33
N LYS H 35 8.42 7.66 53.80
CA LYS H 35 9.44 7.63 52.75
C LYS H 35 8.78 7.69 51.38
N GLY H 36 7.90 8.67 51.21
CA GLY H 36 7.18 8.84 49.96
C GLY H 36 8.08 9.25 48.81
N ARG H 37 7.58 9.08 47.59
CA ARG H 37 8.36 9.42 46.40
C ARG H 37 7.87 10.72 45.78
N ASN H 38 8.74 11.38 45.03
CA ASN H 38 8.39 12.62 44.37
C ASN H 38 7.73 12.39 43.02
N VAL H 39 6.78 13.26 42.66
CA VAL H 39 6.13 13.19 41.37
C VAL H 39 6.31 14.50 40.60
N VAL H 40 6.99 14.42 39.46
CA VAL H 40 7.31 15.61 38.69
C VAL H 40 6.17 16.02 37.76
N LEU H 41 5.66 17.23 37.95
CA LEU H 41 4.58 17.76 37.13
C LEU H 41 5.12 18.71 36.05
N GLU H 42 4.61 18.57 34.84
CA GLU H 42 5.01 19.47 33.77
C GLU H 42 4.41 20.84 33.99
N SER H 43 5.25 21.88 33.93
CA SER H 43 4.81 23.25 34.15
C SER H 43 3.86 23.71 33.07
N LYS H 44 3.00 24.66 33.43
CA LYS H 44 2.12 25.30 32.45
C LYS H 44 2.96 26.13 31.48
N PHE H 45 4.06 26.66 31.99
CA PHE H 45 4.99 27.45 31.19
C PHE H 45 6.30 27.68 31.95
N GLY H 46 7.29 26.84 31.67
CA GLY H 46 8.61 27.03 32.25
C GLY H 46 9.10 25.90 33.14
N ALA H 47 9.60 26.28 34.32
CA ALA H 47 10.21 25.33 35.25
C ALA H 47 9.17 24.41 35.90
N PRO H 48 9.45 23.10 35.90
CA PRO H 48 8.57 22.04 36.42
C PRO H 48 8.25 22.19 37.90
N LYS H 49 7.43 21.29 38.42
CA LYS H 49 6.99 21.34 39.81
C LYS H 49 6.93 19.94 40.42
N ILE H 50 7.83 19.66 41.35
CA ILE H 50 7.86 18.37 42.03
C ILE H 50 6.87 18.35 43.18
N VAL H 51 6.19 17.22 43.37
CA VAL H 51 5.13 17.12 44.36
C VAL H 51 5.30 15.92 45.28
N ASN H 52 5.18 16.14 46.59
CA ASN H 52 5.23 15.07 47.56
C ASN H 52 3.86 14.80 48.17
N ASP H 53 2.91 15.68 47.85
CA ASP H 53 1.55 15.57 48.38
C ASP H 53 0.67 14.73 47.47
N GLY H 54 -0.42 14.20 48.02
CA GLY H 54 -1.36 13.41 47.25
C GLY H 54 -2.52 14.25 46.77
N VAL H 55 -2.68 15.42 47.38
CA VAL H 55 -3.75 16.33 47.02
C VAL H 55 -3.51 16.97 45.65
N THR H 56 -2.30 17.47 45.45
CA THR H 56 -1.94 18.14 44.20
C THR H 56 -2.01 17.20 43.02
N ILE H 57 -1.59 15.95 43.23
CA ILE H 57 -1.61 14.95 42.17
C ILE H 57 -3.04 14.63 41.74
N ALA H 58 -3.92 14.43 42.72
CA ALA H 58 -5.31 14.10 42.45
C ALA H 58 -6.01 15.23 41.71
N ARG H 59 -5.48 16.44 41.83
CA ARG H 59 -6.03 17.61 41.16
C ARG H 59 -5.71 17.59 39.67
N GLU H 60 -4.52 17.10 39.31
CA GLU H 60 -4.01 17.23 37.96
C GLU H 60 -4.28 16.02 37.06
N VAL H 61 -4.51 14.86 37.67
CA VAL H 61 -4.67 13.62 36.91
C VAL H 61 -5.98 13.55 36.13
N GLU H 62 -5.87 13.32 34.83
CA GLU H 62 -7.03 13.05 33.98
C GLU H 62 -6.58 12.39 32.68
N LEU H 63 -6.96 11.13 32.50
CA LEU H 63 -6.48 10.32 31.38
C LEU H 63 -7.18 10.67 30.07
N SER H 64 -6.65 10.13 28.98
CA SER H 64 -7.18 10.38 27.64
C SER H 64 -8.50 9.64 27.43
N ASP H 65 -8.46 8.31 27.55
CA ASP H 65 -9.64 7.48 27.38
C ASP H 65 -10.74 7.90 28.36
N PRO H 66 -11.86 8.41 27.82
CA PRO H 66 -12.97 8.99 28.59
C PRO H 66 -13.52 8.09 29.70
N VAL H 67 -13.71 6.80 29.41
CA VAL H 67 -14.29 5.90 30.40
C VAL H 67 -13.38 5.75 31.62
N GLU H 68 -12.09 5.61 31.40
CA GLU H 68 -11.15 5.46 32.51
C GLU H 68 -10.80 6.83 33.09
N ASN H 69 -11.21 7.87 32.40
CA ASN H 69 -11.04 9.24 32.90
C ASN H 69 -12.11 9.56 33.93
N ILE H 70 -13.36 9.24 33.61
CA ILE H 70 -14.47 9.51 34.52
C ILE H 70 -14.45 8.53 35.69
N GLY H 71 -13.78 7.39 35.50
CA GLY H 71 -13.61 6.42 36.56
C GLY H 71 -12.61 6.94 37.58
N ALA H 72 -11.52 7.49 37.08
CA ALA H 72 -10.51 8.12 37.92
C ALA H 72 -11.07 9.37 38.57
N THR H 73 -11.91 10.10 37.83
CA THR H 73 -12.55 11.31 38.34
C THR H 73 -13.54 10.94 39.45
N LEU H 74 -14.14 9.77 39.34
CA LEU H 74 -15.10 9.28 40.32
C LEU H 74 -14.43 9.05 41.67
N VAL H 75 -13.19 8.59 41.63
CA VAL H 75 -12.40 8.38 42.85
C VAL H 75 -11.93 9.71 43.41
N ARG H 76 -11.57 10.62 42.51
CA ARG H 76 -11.14 11.97 42.89
C ARG H 76 -12.23 12.68 43.70
N GLN H 77 -13.48 12.35 43.42
CA GLN H 77 -14.60 12.91 44.16
C GLN H 77 -14.52 12.53 45.63
N ALA H 78 -14.28 11.24 45.90
CA ALA H 78 -14.14 10.76 47.27
C ALA H 78 -12.89 11.33 47.92
N ALA H 79 -11.84 11.49 47.12
CA ALA H 79 -10.57 12.03 47.60
C ALA H 79 -10.72 13.50 47.98
N ALA H 80 -11.35 14.27 47.10
CA ALA H 80 -11.57 15.69 47.34
C ALA H 80 -12.57 15.91 48.47
N ARG H 81 -13.63 15.10 48.49
CA ARG H 81 -14.65 15.21 49.52
C ARG H 81 -14.08 14.92 50.90
N THR H 82 -13.23 13.89 50.97
CA THR H 82 -12.53 13.55 52.21
C THR H 82 -11.63 14.70 52.64
N ASN H 83 -11.00 15.34 51.67
CA ASN H 83 -10.08 16.45 51.94
C ASN H 83 -10.78 17.67 52.52
N ASP H 84 -11.99 17.97 52.04
CA ASP H 84 -12.69 19.16 52.51
C ASP H 84 -13.73 18.85 53.59
N THR H 85 -13.67 17.64 54.14
CA THR H 85 -14.56 17.26 55.24
C THR H 85 -13.77 16.76 56.44
N ALA H 86 -12.46 16.58 56.24
CA ALA H 86 -11.59 16.10 57.30
C ALA H 86 -10.29 16.91 57.37
N GLY H 87 -9.85 17.39 56.22
CA GLY H 87 -8.64 18.20 56.15
C GLY H 87 -7.44 17.43 55.62
N ASP H 88 -7.51 16.11 55.69
CA ASP H 88 -6.40 15.26 55.26
C ASP H 88 -6.91 13.87 54.88
N GLY H 89 -6.06 13.10 54.21
CA GLY H 89 -6.39 11.73 53.87
C GLY H 89 -6.78 11.49 52.42
N THR H 90 -6.22 12.29 51.52
CA THR H 90 -6.46 12.11 50.10
C THR H 90 -5.79 10.83 49.60
N THR H 91 -4.58 10.59 50.08
CA THR H 91 -3.82 9.41 49.70
C THR H 91 -4.49 8.15 50.24
N THR H 92 -4.97 8.22 51.48
CA THR H 92 -5.61 7.07 52.12
C THR H 92 -6.97 6.75 51.50
N ALA H 93 -7.71 7.79 51.16
CA ALA H 93 -9.03 7.62 50.57
C ALA H 93 -8.94 6.97 49.19
N THR H 94 -7.96 7.42 48.40
CA THR H 94 -7.77 6.91 47.04
C THR H 94 -7.36 5.44 47.02
N VAL H 95 -6.34 5.11 47.81
CA VAL H 95 -5.83 3.73 47.83
C VAL H 95 -6.88 2.77 48.40
N LEU H 96 -7.69 3.25 49.34
CA LEU H 96 -8.76 2.45 49.90
C LEU H 96 -9.88 2.28 48.89
N SER H 97 -10.19 3.36 48.17
CA SER H 97 -11.22 3.33 47.14
C SER H 97 -10.87 2.30 46.06
N ALA H 98 -9.64 2.34 45.59
CA ALA H 98 -9.18 1.41 44.58
C ALA H 98 -9.10 -0.01 45.15
N ALA H 99 -8.80 -0.11 46.43
CA ALA H 99 -8.74 -1.39 47.12
C ALA H 99 -10.10 -2.08 47.10
N PHE H 100 -11.14 -1.34 47.46
CA PHE H 100 -12.51 -1.86 47.45
C PHE H 100 -12.93 -2.23 46.04
N ILE H 101 -12.48 -1.44 45.07
CA ILE H 101 -12.83 -1.66 43.67
C ILE H 101 -12.09 -2.87 43.09
N ALA H 102 -10.78 -2.93 43.34
CA ALA H 102 -9.97 -4.02 42.83
C ALA H 102 -10.41 -5.37 43.40
N GLU H 103 -10.48 -5.43 44.73
CA GLU H 103 -10.92 -6.65 45.41
C GLU H 103 -12.37 -6.96 45.11
N GLY H 104 -13.16 -5.92 44.90
CA GLY H 104 -14.58 -6.08 44.60
C GLY H 104 -14.80 -6.76 43.27
N MET H 105 -14.20 -6.19 42.22
CA MET H 105 -14.32 -6.74 40.87
C MET H 105 -13.66 -8.11 40.78
N LYS H 106 -12.70 -8.36 41.67
CA LYS H 106 -12.02 -9.64 41.75
C LYS H 106 -13.02 -10.73 42.13
N ILE H 107 -14.03 -10.35 42.90
CA ILE H 107 -15.08 -11.26 43.34
C ILE H 107 -16.28 -11.23 42.39
N VAL H 108 -16.63 -10.04 41.92
CA VAL H 108 -17.74 -9.88 40.97
C VAL H 108 -17.50 -10.70 39.71
N SER H 109 -16.23 -10.83 39.33
CA SER H 109 -15.86 -11.60 38.15
C SER H 109 -16.31 -13.06 38.22
N ALA H 110 -16.62 -13.52 39.42
CA ALA H 110 -17.13 -14.87 39.61
C ALA H 110 -18.65 -14.90 39.51
N GLY H 111 -19.21 -13.86 38.91
CA GLY H 111 -20.66 -13.77 38.71
C GLY H 111 -21.43 -13.58 39.99
N THR H 112 -20.75 -13.09 41.02
CA THR H 112 -21.37 -12.90 42.33
C THR H 112 -22.35 -11.72 42.30
N ASN H 113 -23.48 -11.87 42.98
CA ASN H 113 -24.48 -10.82 43.07
C ASN H 113 -23.91 -9.53 43.63
N PRO H 114 -23.86 -8.47 42.81
CA PRO H 114 -23.28 -7.19 43.19
C PRO H 114 -24.06 -6.51 44.31
N VAL H 115 -25.39 -6.70 44.32
CA VAL H 115 -26.26 -6.04 45.28
C VAL H 115 -25.95 -6.50 46.71
N GLN H 116 -25.82 -7.80 46.90
CA GLN H 116 -25.53 -8.34 48.24
C GLN H 116 -24.08 -8.07 48.61
N LEU H 117 -23.23 -7.90 47.61
CA LEU H 117 -21.82 -7.60 47.83
C LEU H 117 -21.64 -6.22 48.42
N VAL H 118 -22.22 -5.22 47.76
CA VAL H 118 -22.12 -3.84 48.22
C VAL H 118 -22.87 -3.67 49.55
N ARG H 119 -23.92 -4.45 49.74
CA ARG H 119 -24.65 -4.46 51.00
C ARG H 119 -23.73 -4.93 52.13
N GLY H 120 -22.93 -5.95 51.83
CA GLY H 120 -21.96 -6.46 52.79
C GLY H 120 -20.87 -5.45 53.07
N MET H 121 -20.51 -4.66 52.05
CA MET H 121 -19.47 -3.65 52.20
C MET H 121 -19.94 -2.50 53.08
N GLU H 122 -21.14 -2.00 52.80
CA GLU H 122 -21.70 -0.87 53.54
C GLU H 122 -21.85 -1.16 55.02
N LYS H 123 -22.40 -2.33 55.33
CA LYS H 123 -22.66 -2.70 56.72
C LYS H 123 -21.36 -3.01 57.47
N THR H 124 -20.40 -3.59 56.76
CA THR H 124 -19.11 -3.92 57.38
C THR H 124 -18.36 -2.66 57.78
N VAL H 125 -18.27 -1.70 56.87
CA VAL H 125 -17.55 -0.47 57.13
C VAL H 125 -18.30 0.41 58.14
N GLN H 126 -19.63 0.31 58.14
CA GLN H 126 -20.44 1.09 59.06
C GLN H 126 -20.25 0.62 60.49
N GLU H 127 -20.19 -0.69 60.67
CA GLU H 127 -19.91 -1.28 61.98
C GLU H 127 -18.44 -1.10 62.33
N LEU H 128 -17.60 -0.93 61.31
CA LEU H 128 -16.19 -0.67 61.52
C LEU H 128 -15.95 0.79 61.88
N VAL H 129 -16.91 1.64 61.54
CA VAL H 129 -16.89 3.03 61.98
C VAL H 129 -17.33 3.10 63.44
N LYS H 130 -18.37 2.33 63.77
CA LYS H 130 -18.82 2.21 65.16
C LYS H 130 -17.72 1.58 66.01
N GLU H 131 -16.90 0.75 65.38
CA GLU H 131 -15.75 0.16 66.03
C GLU H 131 -14.59 1.15 66.09
N LEU H 132 -14.51 2.03 65.09
CA LEU H 132 -13.46 3.04 65.02
C LEU H 132 -13.60 4.04 66.15
N ARG H 133 -14.84 4.34 66.54
CA ARG H 133 -15.11 5.26 67.64
C ARG H 133 -14.65 4.64 68.97
N LYS H 134 -14.65 3.31 69.01
CA LYS H 134 -14.13 2.58 70.16
C LYS H 134 -12.61 2.61 70.15
N MET H 135 -12.02 2.47 68.97
CA MET H 135 -10.57 2.50 68.81
C MET H 135 -9.98 3.87 69.10
N SER H 136 -10.81 4.90 69.00
CA SER H 136 -10.35 6.28 69.15
C SER H 136 -9.91 6.62 70.57
N SER H 137 -8.93 7.52 70.67
CA SER H 137 -8.46 8.01 71.95
C SER H 137 -8.94 9.45 72.16
N VAL H 138 -9.53 9.72 73.31
CA VAL H 138 -10.13 11.02 73.59
C VAL H 138 -9.20 11.92 74.39
N VAL H 139 -9.15 13.20 74.03
CA VAL H 139 -8.40 14.19 74.78
C VAL H 139 -9.34 15.11 75.55
N GLN H 140 -9.14 15.22 76.86
CA GLN H 140 -10.04 16.00 77.70
C GLN H 140 -9.30 17.00 78.59
N THR H 141 -7.97 16.92 78.61
CA THR H 141 -7.18 17.87 79.38
C THR H 141 -6.32 18.72 78.46
N ASP H 142 -6.18 19.99 78.81
CA ASP H 142 -5.45 20.95 77.99
C ASP H 142 -3.95 20.66 77.95
N LYS H 143 -3.46 19.89 78.91
CA LYS H 143 -2.05 19.55 78.97
C LYS H 143 -1.74 18.34 78.10
N ASP H 144 -2.66 17.39 78.05
CA ASP H 144 -2.54 16.27 77.13
C ASP H 144 -2.84 16.76 75.72
N LEU H 145 -3.68 17.79 75.64
CA LEU H 145 -3.97 18.46 74.38
C LEU H 145 -2.71 19.17 73.88
N ALA H 146 -1.91 19.64 74.82
CA ALA H 146 -0.65 20.31 74.50
C ALA H 146 0.36 19.32 73.93
N ASN H 147 0.39 18.13 74.50
CA ASN H 147 1.32 17.09 74.05
C ASN H 147 0.92 16.56 72.69
N VAL H 148 -0.39 16.46 72.46
CA VAL H 148 -0.90 16.02 71.17
C VAL H 148 -0.62 17.08 70.09
N ALA H 149 -0.85 18.34 70.45
CA ALA H 149 -0.67 19.45 69.50
C ALA H 149 0.79 19.62 69.08
N CYS H 150 1.71 19.50 70.04
CA CYS H 150 3.12 19.71 69.78
C CYS H 150 3.71 18.58 68.95
N VAL H 151 3.30 17.35 69.25
CA VAL H 151 3.78 16.18 68.51
C VAL H 151 3.23 16.18 67.09
N SER H 152 1.93 16.48 66.96
CA SER H 152 1.30 16.57 65.65
C SER H 152 1.95 17.67 64.82
N ALA H 153 2.43 18.71 65.49
CA ALA H 153 3.19 19.77 64.83
C ALA H 153 4.55 19.23 64.39
N GLY H 154 5.07 19.77 63.31
CA GLY H 154 6.33 19.30 62.74
C GLY H 154 7.54 19.60 63.61
N GLY H 155 8.26 18.55 63.98
CA GLY H 155 9.50 18.69 64.72
C GLY H 155 9.32 19.13 66.16
N ASN H 156 9.93 20.27 66.49
CA ASN H 156 9.92 20.77 67.86
C ASN H 156 8.53 21.19 68.35
N THR H 157 8.42 21.43 69.65
CA THR H 157 7.14 21.70 70.28
C THR H 157 6.76 23.18 70.23
N ASP H 158 7.43 23.97 71.08
CA ASP H 158 7.22 25.42 71.26
C ASP H 158 6.00 26.04 70.56
N ILE H 159 5.98 25.96 69.23
CA ILE H 159 4.88 26.54 68.47
C ILE H 159 3.61 25.71 68.63
N GLY H 160 3.76 24.39 68.73
CA GLY H 160 2.64 23.52 69.00
C GLY H 160 2.18 23.69 70.43
N SER H 161 3.11 24.17 71.27
CA SER H 161 2.81 24.49 72.65
C SER H 161 2.15 25.86 72.75
N LEU H 162 2.17 26.61 71.65
CA LEU H 162 1.53 27.92 71.60
C LEU H 162 0.08 27.79 71.14
N ILE H 163 -0.14 26.92 70.17
CA ILE H 163 -1.50 26.63 69.69
C ILE H 163 -2.31 25.94 70.78
N SER H 164 -1.60 25.22 71.65
CA SER H 164 -2.23 24.51 72.76
C SER H 164 -2.96 25.47 73.69
N ASP H 165 -2.25 26.50 74.15
CA ASP H 165 -2.85 27.49 75.03
C ASP H 165 -3.76 28.43 74.24
N ALA H 166 -3.59 28.46 72.92
CA ALA H 166 -4.43 29.27 72.06
C ALA H 166 -5.85 28.73 72.00
N MET H 167 -5.98 27.41 72.10
CA MET H 167 -7.28 26.76 72.11
C MET H 167 -7.67 26.39 73.53
N ALA H 168 -6.71 26.49 74.45
CA ALA H 168 -7.02 26.29 75.87
C ALA H 168 -7.79 27.49 76.39
N LYS H 169 -7.65 28.62 75.71
CA LYS H 169 -8.40 29.82 76.04
C LYS H 169 -9.83 29.71 75.53
N VAL H 170 -9.97 29.53 74.22
CA VAL H 170 -11.28 29.30 73.63
C VAL H 170 -11.61 27.81 73.65
N GLY H 171 -12.44 27.42 74.62
CA GLY H 171 -12.74 26.03 74.88
C GLY H 171 -13.21 25.21 73.69
N ARG H 172 -14.46 25.42 73.30
CA ARG H 172 -15.06 24.64 72.21
C ARG H 172 -15.41 25.51 71.01
N THR H 173 -16.27 24.98 70.15
CA THR H 173 -16.81 25.66 68.96
C THR H 173 -15.82 26.48 68.12
N GLY H 174 -14.53 26.39 68.42
CA GLY H 174 -13.52 27.15 67.72
C GLY H 174 -13.72 28.65 67.89
N VAL H 175 -13.11 29.44 67.00
CA VAL H 175 -12.29 28.91 65.92
C VAL H 175 -10.98 29.70 65.83
N VAL H 176 -9.86 28.97 65.82
CA VAL H 176 -8.55 29.61 65.77
C VAL H 176 -8.13 29.92 64.33
N THR H 177 -7.77 31.18 64.10
CA THR H 177 -7.26 31.60 62.80
C THR H 177 -5.86 32.19 62.99
N MET H 178 -4.98 31.94 62.02
CA MET H 178 -3.58 32.36 62.16
C MET H 178 -3.19 33.46 61.18
N GLU H 179 -2.09 34.15 61.48
CA GLU H 179 -1.52 35.15 60.60
C GLU H 179 -0.10 35.50 61.05
N GLU H 180 0.75 35.87 60.09
CA GLU H 180 2.14 36.19 60.42
C GLU H 180 2.31 37.68 60.70
N GLY H 181 3.52 38.06 61.13
CA GLY H 181 3.81 39.44 61.45
C GLY H 181 3.57 39.76 62.91
N LYS H 182 4.28 40.77 63.43
CA LYS H 182 5.24 41.53 62.64
C LYS H 182 6.62 41.46 63.26
N THR H 183 6.68 41.31 64.58
CA THR H 183 7.94 41.22 65.30
C THR H 183 8.11 39.83 65.91
N ALA H 184 9.35 39.38 66.03
CA ALA H 184 9.65 38.03 66.49
C ALA H 184 9.22 37.77 67.93
N GLU H 185 7.94 37.44 68.12
CA GLU H 185 7.41 37.03 69.42
C GLU H 185 6.17 36.17 69.24
N ASP H 186 5.49 35.84 70.34
CA ASP H 186 4.23 35.11 70.28
C ASP H 186 3.07 36.00 70.71
N GLN H 187 2.36 36.53 69.73
CA GLN H 187 1.27 37.48 69.99
C GLN H 187 -0.09 36.84 69.83
N LEU H 188 -0.79 36.66 70.94
CA LEU H 188 -2.15 36.14 70.92
C LEU H 188 -3.16 37.29 70.97
N VAL H 189 -4.14 37.25 70.08
CA VAL H 189 -5.14 38.32 69.98
C VAL H 189 -6.56 37.76 69.92
N PHE H 190 -7.40 38.19 70.87
CA PHE H 190 -8.81 37.81 70.83
C PHE H 190 -9.66 39.05 70.54
N VAL H 191 -10.48 38.96 69.50
CA VAL H 191 -11.32 40.07 69.10
C VAL H 191 -12.72 39.60 68.70
N GLU H 192 -13.56 40.53 68.28
CA GLU H 192 -14.93 40.20 67.90
C GLU H 192 -14.97 39.58 66.51
N GLY H 193 -15.06 38.25 66.46
CA GLY H 193 -15.10 37.53 65.20
C GLY H 193 -16.12 36.41 65.21
N MET H 194 -16.57 36.02 64.03
CA MET H 194 -17.60 35.00 63.91
C MET H 194 -17.38 34.14 62.66
N GLN H 195 -18.08 33.01 62.58
CA GLN H 195 -17.98 32.13 61.42
C GLN H 195 -19.27 31.37 61.17
N PHE H 196 -19.38 30.80 59.98
CA PHE H 196 -20.53 29.98 59.61
C PHE H 196 -20.10 28.82 58.72
N GLU H 197 -20.98 27.83 58.56
CA GLU H 197 -20.66 26.64 57.77
C GLU H 197 -21.22 26.70 56.36
N ARG H 198 -21.21 27.90 55.77
CA ARG H 198 -21.60 28.08 54.38
C ARG H 198 -20.37 28.33 53.52
N GLY H 199 -20.55 28.32 52.20
CA GLY H 199 -19.43 28.49 51.29
C GLY H 199 -19.64 29.55 50.23
N TYR H 200 -18.62 29.76 49.39
CA TYR H 200 -18.70 30.74 48.31
C TYR H 200 -19.67 30.28 47.23
N THR H 201 -20.09 31.23 46.40
CA THR H 201 -20.97 30.91 45.28
C THR H 201 -20.20 30.25 44.15
N SER H 202 -19.10 30.86 43.75
CA SER H 202 -18.27 30.34 42.68
C SER H 202 -16.81 30.20 43.11
N PRO H 203 -16.14 29.14 42.64
CA PRO H 203 -14.72 28.91 42.93
C PRO H 203 -13.80 29.87 42.18
N TYR H 204 -14.39 30.81 41.43
CA TYR H 204 -13.62 31.77 40.64
C TYR H 204 -13.24 33.00 41.47
N PHE H 205 -13.72 33.04 42.71
CA PHE H 205 -13.44 34.17 43.60
C PHE H 205 -12.17 33.95 44.39
N VAL H 206 -11.47 32.88 44.20
CA VAL H 206 -10.29 32.56 44.99
C VAL H 206 -9.21 33.63 44.83
N THR H 207 -8.76 34.19 45.79
CA THR H 207 -7.79 35.28 45.79
C THR H 207 -6.38 34.77 45.49
N ASP H 208 -5.92 33.79 46.26
CA ASP H 208 -4.56 33.29 46.11
C ASP H 208 -4.46 31.76 46.15
N PRO H 209 -4.49 31.12 44.97
CA PRO H 209 -4.21 29.69 44.82
C PRO H 209 -2.74 29.41 45.14
N GLU H 210 -2.37 28.17 45.47
CA GLU H 210 -3.27 27.01 45.45
C GLU H 210 -4.07 26.87 46.74
N ARG H 211 -3.97 27.86 47.62
CA ARG H 211 -4.74 27.87 48.85
C ARG H 211 -6.21 28.10 48.56
N MET H 212 -6.48 28.67 47.37
CA MET H 212 -7.83 29.01 46.89
C MET H 212 -8.77 29.53 47.98
N ILE H 213 -8.22 30.33 48.89
CA ILE H 213 -8.99 30.93 49.97
C ILE H 213 -9.04 32.44 49.81
N CYS H 214 -10.25 32.98 49.76
CA CYS H 214 -10.46 34.41 49.55
C CYS H 214 -10.35 35.20 50.86
N GLU H 215 -9.25 35.98 50.91
CA GLU H 215 -8.99 36.85 52.06
C GLU H 215 -8.94 38.32 51.69
N TYR H 216 -9.66 39.16 52.50
CA TYR H 216 -9.66 40.58 52.22
C TYR H 216 -9.56 41.41 53.50
N GLU H 217 -8.83 42.51 53.44
CA GLU H 217 -8.59 43.33 54.63
C GLU H 217 -9.27 44.70 54.52
N ASN H 218 -9.84 45.15 55.63
CA ASN H 218 -10.52 46.44 55.71
C ASN H 218 -11.60 46.58 54.65
N CYS H 219 -12.69 45.82 54.80
CA CYS H 219 -13.76 45.81 53.82
C CYS H 219 -15.14 45.89 54.47
N LYS H 220 -16.12 46.34 53.70
CA LYS H 220 -17.49 46.46 54.18
C LYS H 220 -18.31 45.22 53.85
N ILE H 221 -19.36 44.97 54.65
CA ILE H 221 -20.18 43.77 54.49
C ILE H 221 -21.65 44.15 54.29
N LEU H 222 -22.35 43.38 53.45
CA LEU H 222 -23.74 43.69 53.13
C LEU H 222 -24.62 42.44 53.18
N LEU H 223 -25.77 42.55 53.84
CA LEU H 223 -26.66 41.40 54.01
C LEU H 223 -28.14 41.73 53.86
N VAL H 224 -28.83 40.96 53.02
CA VAL H 224 -30.29 40.97 52.95
C VAL H 224 -30.76 39.52 52.96
N ASP H 225 -32.01 39.28 53.36
CA ASP H 225 -32.52 37.92 53.48
C ASP H 225 -33.08 37.36 52.17
N LYS H 226 -33.69 38.22 51.37
CA LYS H 226 -34.33 37.78 50.13
C LYS H 226 -33.32 37.51 49.02
N LYS H 227 -33.77 36.81 47.98
CA LYS H 227 -32.92 36.51 46.84
C LYS H 227 -32.65 37.78 46.02
N ILE H 228 -31.47 37.84 45.42
CA ILE H 228 -31.10 39.00 44.62
C ILE H 228 -30.89 38.63 43.15
N SER H 229 -31.42 39.45 42.26
CA SER H 229 -31.31 39.21 40.82
C SER H 229 -31.09 40.51 40.07
N THR H 230 -31.69 41.59 40.58
CA THR H 230 -31.52 42.91 39.98
C THR H 230 -30.08 43.38 40.14
N ALA H 231 -29.70 44.37 39.34
CA ALA H 231 -28.32 44.85 39.33
C ALA H 231 -28.21 46.33 39.64
N ARG H 232 -29.21 47.10 39.23
CA ARG H 232 -29.19 48.56 39.34
C ARG H 232 -28.98 49.04 40.78
N ASP H 233 -29.45 48.26 41.73
CA ASP H 233 -29.23 48.58 43.14
C ASP H 233 -27.77 48.37 43.50
N ILE H 234 -27.19 47.31 42.98
CA ILE H 234 -25.80 46.95 43.31
C ILE H 234 -24.81 47.91 42.64
N ILE H 235 -25.11 48.32 41.41
CA ILE H 235 -24.22 49.24 40.69
C ILE H 235 -24.19 50.62 41.35
N THR H 236 -25.19 50.90 42.19
CA THR H 236 -25.19 52.13 42.98
C THR H 236 -24.33 51.94 44.22
N ILE H 237 -24.30 50.72 44.73
CA ILE H 237 -23.41 50.36 45.83
C ILE H 237 -22.00 50.24 45.28
N LEU H 238 -21.91 49.89 43.99
CA LEU H 238 -20.63 49.87 43.28
C LEU H 238 -20.07 51.29 43.24
N GLU H 239 -20.95 52.26 43.01
CA GLU H 239 -20.57 53.66 43.04
C GLU H 239 -20.19 54.07 44.46
N SER H 240 -20.80 53.38 45.42
CA SER H 240 -20.46 53.58 46.82
C SER H 240 -19.19 52.79 47.17
N ALA H 241 -18.82 51.88 46.29
CA ALA H 241 -17.59 51.11 46.44
C ALA H 241 -16.46 51.73 45.63
N ILE H 242 -16.81 52.66 44.74
CA ILE H 242 -15.83 53.38 43.94
C ILE H 242 -15.50 54.71 44.61
N ARG H 243 -16.51 55.32 45.23
CA ARG H 243 -16.33 56.53 46.03
C ARG H 243 -15.24 56.34 47.07
N GLY H 244 -15.26 55.19 47.73
CA GLY H 244 -14.19 54.77 48.61
C GLY H 244 -13.63 53.46 48.10
N ASN H 245 -12.47 53.53 47.45
CA ASN H 245 -11.86 52.35 46.82
C ASN H 245 -11.64 51.21 47.80
N TYR H 246 -12.73 50.52 48.15
CA TYR H 246 -12.68 49.41 49.08
C TYR H 246 -13.53 48.24 48.59
N PRO H 247 -13.07 47.00 48.85
CA PRO H 247 -13.83 45.79 48.52
C PRO H 247 -15.15 45.71 49.27
N LEU H 248 -16.07 44.88 48.78
CA LEU H 248 -17.38 44.76 49.41
C LEU H 248 -17.75 43.30 49.65
N LEU H 249 -18.37 43.03 50.79
CA LEU H 249 -18.79 41.67 51.14
C LEU H 249 -20.29 41.49 50.95
N ILE H 250 -20.68 40.44 50.25
CA ILE H 250 -22.09 40.13 50.02
C ILE H 250 -22.40 38.66 50.23
N MET H 251 -23.36 38.38 51.10
CA MET H 251 -23.83 37.01 51.29
C MET H 251 -25.34 36.98 51.55
N ALA H 252 -26.10 37.24 50.50
CA ALA H 252 -27.57 37.27 50.60
C ALA H 252 -28.19 36.04 49.94
N GLU H 253 -27.97 34.88 50.55
CA GLU H 253 -28.50 33.60 50.07
C GLU H 253 -28.12 33.32 48.62
N GLU H 254 -29.12 33.37 47.73
CA GLU H 254 -28.92 32.98 46.34
C GLU H 254 -28.78 34.19 45.42
N VAL H 255 -27.63 34.28 44.75
CA VAL H 255 -27.42 35.28 43.72
C VAL H 255 -27.53 34.62 42.35
N GLU H 256 -28.45 35.11 41.53
CA GLU H 256 -28.73 34.48 40.25
C GLU H 256 -27.58 34.67 39.26
N GLN H 257 -27.67 34.00 38.12
CA GLN H 257 -26.62 34.01 37.12
C GLN H 257 -26.31 35.40 36.58
N GLU H 258 -27.32 36.27 36.53
CA GLU H 258 -27.14 37.62 36.01
C GLU H 258 -26.19 38.44 36.87
N ALA H 259 -26.50 38.55 38.16
CA ALA H 259 -25.69 39.33 39.07
C ALA H 259 -24.34 38.66 39.32
N LEU H 260 -24.32 37.33 39.29
CA LEU H 260 -23.10 36.56 39.51
C LEU H 260 -22.11 36.78 38.37
N ALA H 261 -22.63 36.83 37.14
CA ALA H 261 -21.79 37.04 35.97
C ALA H 261 -21.22 38.46 35.97
N THR H 262 -22.04 39.42 36.38
CA THR H 262 -21.61 40.80 36.48
C THR H 262 -20.54 40.95 37.57
N LEU H 263 -20.68 40.16 38.63
CA LEU H 263 -19.76 40.20 39.75
C LEU H 263 -18.37 39.66 39.38
N VAL H 264 -18.35 38.52 38.69
CA VAL H 264 -17.08 37.88 38.33
C VAL H 264 -16.37 38.61 37.20
N VAL H 265 -17.13 39.35 36.39
CA VAL H 265 -16.55 40.14 35.30
C VAL H 265 -15.88 41.39 35.87
N ASN H 266 -16.58 42.08 36.76
CA ASN H 266 -16.06 43.28 37.40
C ASN H 266 -14.89 42.98 38.34
N LYS H 267 -14.81 41.73 38.78
CA LYS H 267 -13.73 41.30 39.67
C LYS H 267 -12.50 40.88 38.86
N LEU H 268 -12.73 40.35 37.68
CA LEU H 268 -11.65 39.86 36.82
C LEU H 268 -10.81 41.01 36.27
N ARG H 269 -11.42 42.18 36.12
CA ARG H 269 -10.72 43.35 35.61
C ARG H 269 -10.02 44.11 36.72
N GLY H 270 -10.43 43.88 37.96
CA GLY H 270 -9.80 44.50 39.11
C GLY H 270 -10.40 45.85 39.48
N THR H 271 -11.45 46.25 38.77
CA THR H 271 -12.12 47.52 39.05
C THR H 271 -12.92 47.42 40.34
N LEU H 272 -13.61 46.30 40.54
CA LEU H 272 -14.40 46.09 41.74
C LEU H 272 -14.02 44.78 42.44
N LYS H 273 -13.63 44.88 43.71
CA LYS H 273 -13.29 43.70 44.49
C LYS H 273 -14.54 43.19 45.20
N VAL H 274 -15.16 42.14 44.65
CA VAL H 274 -16.42 41.65 45.18
C VAL H 274 -16.28 40.23 45.73
N VAL H 275 -17.17 39.87 46.65
CA VAL H 275 -17.16 38.54 47.26
C VAL H 275 -18.58 37.96 47.29
N ALA H 276 -18.69 36.67 46.96
CA ALA H 276 -19.97 35.98 46.96
C ALA H 276 -20.01 34.84 47.97
N ILE H 277 -21.11 34.50 48.40
CA ILE H 277 -21.39 33.40 49.25
C ILE H 277 -22.84 33.18 49.55
N LYS H 278 -23.17 32.32 50.62
CA LYS H 278 -24.55 31.87 50.82
C LYS H 278 -25.05 32.26 52.20
N ALA H 279 -26.30 31.94 52.49
CA ALA H 279 -26.92 32.31 53.77
C ALA H 279 -26.93 31.15 54.76
N PRO H 280 -26.66 31.46 56.04
CA PRO H 280 -26.74 30.48 57.12
C PRO H 280 -28.17 30.26 57.61
N GLY H 281 -28.49 29.05 58.03
CA GLY H 281 -29.81 28.73 58.54
C GLY H 281 -30.87 28.73 57.45
N PHE H 282 -32.14 28.71 57.87
CA PHE H 282 -33.26 28.67 56.94
C PHE H 282 -34.51 29.31 57.53
N GLY H 283 -35.29 29.97 56.67
CA GLY H 283 -36.53 30.58 57.09
C GLY H 283 -36.35 31.78 58.00
N GLU H 284 -37.03 31.74 59.15
CA GLU H 284 -36.95 32.83 60.12
C GLU H 284 -35.56 32.89 60.77
N ARG H 285 -34.82 31.79 60.66
CA ARG H 285 -33.46 31.74 61.19
C ARG H 285 -32.53 32.67 60.40
N ARG H 286 -32.73 32.72 59.10
CA ARG H 286 -31.92 33.57 58.22
C ARG H 286 -32.00 35.03 58.64
N SER H 287 -33.23 35.53 58.78
CA SER H 287 -33.45 36.92 59.16
C SER H 287 -33.05 37.19 60.61
N SER H 288 -32.74 36.12 61.34
CA SER H 288 -32.32 36.24 62.74
C SER H 288 -30.82 36.01 62.88
N TYR H 289 -30.18 35.60 61.79
CA TYR H 289 -28.74 35.34 61.79
C TYR H 289 -27.97 36.46 61.11
N LEU H 290 -28.55 37.03 60.06
CA LEU H 290 -27.90 38.11 59.33
C LEU H 290 -27.91 39.39 60.15
N GLU H 291 -28.94 39.56 60.97
CA GLU H 291 -29.03 40.71 61.85
C GLU H 291 -28.19 40.49 63.10
N ASP H 292 -27.71 39.26 63.26
CA ASP H 292 -26.85 38.90 64.38
C ASP H 292 -25.40 39.24 64.06
N ILE H 293 -25.11 39.37 62.77
CA ILE H 293 -23.76 39.66 62.30
C ILE H 293 -23.68 41.06 61.69
N ALA H 294 -24.83 41.64 61.37
CA ALA H 294 -24.88 42.97 60.78
C ALA H 294 -24.38 44.01 61.78
N ILE H 295 -24.95 44.01 62.97
CA ILE H 295 -24.56 44.95 64.02
C ILE H 295 -23.22 44.54 64.62
N LEU H 296 -22.91 43.25 64.56
CA LEU H 296 -21.62 42.75 64.99
C LEU H 296 -20.52 43.33 64.11
N THR H 297 -20.88 43.59 62.85
CA THR H 297 -19.98 44.25 61.91
C THR H 297 -20.27 45.74 61.87
N GLY H 298 -21.22 46.18 62.69
CA GLY H 298 -21.55 47.60 62.78
C GLY H 298 -22.40 48.11 61.64
N GLY H 299 -23.37 47.30 61.22
CA GLY H 299 -24.26 47.68 60.13
C GLY H 299 -25.70 47.36 60.44
N THR H 300 -26.61 47.89 59.63
CA THR H 300 -28.03 47.66 59.82
C THR H 300 -28.57 46.67 58.81
N VAL H 301 -29.86 46.37 58.90
CA VAL H 301 -30.50 45.41 58.03
C VAL H 301 -31.30 46.10 56.93
N VAL H 302 -31.08 45.68 55.69
CA VAL H 302 -31.80 46.25 54.55
C VAL H 302 -32.95 45.35 54.13
N ARG H 303 -33.70 44.86 55.12
CA ARG H 303 -34.82 43.97 54.86
C ARG H 303 -36.11 44.78 54.64
N ASP H 304 -37.02 44.24 53.84
CA ASP H 304 -38.25 44.93 53.50
C ASP H 304 -39.36 44.68 54.51
N GLU H 305 -39.01 44.03 55.62
CA GLU H 305 -39.99 43.71 56.65
C GLU H 305 -40.39 44.94 57.47
N MET H 306 -39.52 45.94 57.50
CA MET H 306 -39.80 47.18 58.21
C MET H 306 -40.47 48.28 57.37
N GLY H 307 -39.95 48.65 56.19
CA GLY H 307 -38.75 48.08 55.58
C GLY H 307 -38.15 49.01 54.53
N VAL H 308 -36.85 49.23 54.62
CA VAL H 308 -36.15 50.09 53.67
C VAL H 308 -35.35 49.28 52.65
N SER H 309 -35.67 49.47 51.38
CA SER H 309 -34.97 48.77 50.30
C SER H 309 -35.15 49.51 48.97
N LEU H 310 -34.25 50.45 48.69
CA LEU H 310 -34.33 51.23 47.47
C LEU H 310 -33.08 51.09 46.60
N GLU H 311 -32.74 52.15 45.88
CA GLU H 311 -31.64 52.12 44.94
C GLU H 311 -30.32 52.52 45.60
N GLN H 312 -30.34 53.60 46.36
CA GLN H 312 -29.14 54.13 47.00
C GLN H 312 -28.84 53.43 48.33
N ALA H 313 -27.67 52.82 48.41
CA ALA H 313 -27.20 52.22 49.66
C ALA H 313 -25.98 52.99 50.16
N THR H 314 -25.92 53.24 51.47
CA THR H 314 -24.90 54.11 52.01
C THR H 314 -23.95 53.41 52.99
N ASP H 315 -23.27 54.21 53.80
CA ASP H 315 -22.21 53.71 54.68
C ASP H 315 -22.73 52.80 55.81
N ALA H 316 -23.86 53.16 56.40
CA ALA H 316 -24.35 52.42 57.56
C ALA H 316 -25.45 51.42 57.22
N VAL H 317 -25.65 51.17 55.92
CA VAL H 317 -26.52 50.07 55.51
C VAL H 317 -25.66 48.83 55.35
N LEU H 318 -24.34 49.04 55.39
CA LEU H 318 -23.38 47.97 55.28
C LEU H 318 -22.37 48.02 56.42
N GLY H 319 -22.21 46.90 57.13
CA GLY H 319 -21.31 46.82 58.26
C GLY H 319 -19.85 46.84 57.84
N THR H 320 -18.95 46.87 58.82
CA THR H 320 -17.52 46.88 58.53
C THR H 320 -16.83 45.63 59.08
N ALA H 321 -15.83 45.15 58.35
CA ALA H 321 -15.06 43.98 58.76
C ALA H 321 -13.60 44.19 58.43
N ALA H 322 -12.75 44.22 59.45
CA ALA H 322 -11.32 44.45 59.26
C ALA H 322 -10.69 43.37 58.39
N LYS H 323 -11.00 42.12 58.69
CA LYS H 323 -10.47 41.00 57.91
C LYS H 323 -11.51 39.89 57.78
N ILE H 324 -11.66 39.36 56.58
CA ILE H 324 -12.56 38.23 56.35
C ILE H 324 -11.87 37.14 55.53
N THR H 325 -11.94 35.90 56.04
CA THR H 325 -11.33 34.76 55.36
C THR H 325 -12.37 33.67 55.13
N ILE H 326 -12.66 33.38 53.87
CA ILE H 326 -13.64 32.36 53.52
C ILE H 326 -13.03 31.24 52.69
N THR H 327 -13.59 30.04 52.82
CA THR H 327 -13.11 28.89 52.07
C THR H 327 -14.26 28.10 51.46
N LYS H 328 -14.05 26.80 51.25
CA LYS H 328 -15.02 25.96 50.56
C LYS H 328 -16.33 25.80 51.34
N GLU H 329 -16.23 25.36 52.59
CA GLU H 329 -17.42 25.10 53.40
C GLU H 329 -17.48 25.97 54.64
N ARG H 330 -16.58 26.93 54.76
CA ARG H 330 -16.55 27.82 55.91
C ARG H 330 -16.39 29.29 55.49
N THR H 331 -16.97 30.18 56.28
CA THR H 331 -16.84 31.61 56.08
C THR H 331 -16.56 32.30 57.40
N THR H 332 -15.41 32.95 57.51
CA THR H 332 -14.98 33.54 58.79
C THR H 332 -14.75 35.04 58.72
N VAL H 333 -15.24 35.75 59.73
CA VAL H 333 -14.99 37.18 59.88
C VAL H 333 -14.25 37.45 61.19
N VAL H 334 -13.41 38.48 61.21
CA VAL H 334 -12.60 38.79 62.39
C VAL H 334 -11.94 40.16 62.27
N GLY H 335 -11.56 40.73 63.43
CA GLY H 335 -10.72 41.91 63.46
C GLY H 335 -11.44 43.23 63.68
N ASP H 336 -12.66 43.36 63.16
CA ASP H 336 -13.37 44.64 63.20
C ASP H 336 -13.61 45.13 64.63
N GLY H 337 -13.25 46.39 64.87
CA GLY H 337 -13.44 47.00 66.17
C GLY H 337 -14.76 47.73 66.24
N SER H 338 -15.85 46.98 66.16
CA SER H 338 -17.19 47.56 66.20
C SER H 338 -17.81 47.45 67.58
N THR H 339 -19.14 47.48 67.63
CA THR H 339 -19.87 47.39 68.89
C THR H 339 -19.69 46.02 69.54
N ALA H 340 -18.75 45.93 70.47
CA ALA H 340 -18.53 44.70 71.21
C ALA H 340 -19.66 44.47 72.19
N ALA H 341 -20.39 45.54 72.51
CA ALA H 341 -21.55 45.45 73.39
C ALA H 341 -22.64 44.62 72.72
N ASP H 342 -22.73 44.71 71.40
CA ASP H 342 -23.66 43.90 70.63
C ASP H 342 -23.39 42.41 70.86
N VAL H 343 -22.12 42.02 70.78
CA VAL H 343 -21.72 40.65 71.01
C VAL H 343 -22.00 40.24 72.46
N ALA H 344 -22.09 41.24 73.34
CA ALA H 344 -22.33 40.99 74.76
C ALA H 344 -23.80 41.17 75.13
N ALA H 345 -24.59 41.71 74.19
CA ALA H 345 -26.01 41.94 74.45
C ALA H 345 -26.87 40.92 73.73
N ARG H 346 -26.44 40.49 72.55
CA ARG H 346 -27.19 39.49 71.80
C ARG H 346 -27.14 38.15 72.52
N VAL H 347 -26.04 37.88 73.20
CA VAL H 347 -25.91 36.66 74.00
C VAL H 347 -26.87 36.69 75.18
N LYS H 348 -27.20 37.91 75.64
CA LYS H 348 -28.16 38.08 76.72
C LYS H 348 -29.57 37.82 76.19
N GLN H 349 -29.82 38.21 74.95
CA GLN H 349 -31.10 38.00 74.31
C GLN H 349 -31.32 36.52 74.03
N ILE H 350 -30.23 35.82 73.71
CA ILE H 350 -30.28 34.39 73.48
C ILE H 350 -30.64 33.65 74.77
N ARG H 351 -30.00 34.05 75.86
CA ARG H 351 -30.30 33.47 77.17
C ARG H 351 -31.74 33.76 77.58
N ASN H 352 -32.24 34.92 77.17
CA ASN H 352 -33.63 35.29 77.43
C ASN H 352 -34.59 34.41 76.67
N LEU H 353 -34.28 34.16 75.40
CA LEU H 353 -35.10 33.27 74.57
C LEU H 353 -34.96 31.82 75.00
N GLN H 354 -33.79 31.49 75.55
CA GLN H 354 -33.49 30.12 75.98
C GLN H 354 -34.33 29.70 77.20
N MET H 355 -34.50 30.61 78.14
CA MET H 355 -35.19 30.29 79.39
C MET H 355 -36.72 30.28 79.20
N GLN H 356 -37.21 31.06 78.25
CA GLN H 356 -38.64 31.11 77.96
C GLN H 356 -39.05 30.08 76.90
N THR H 357 -38.07 29.35 76.38
CA THR H 357 -38.33 28.35 75.34
C THR H 357 -38.89 27.06 75.94
N ASP H 358 -40.02 26.61 75.39
CA ASP H 358 -40.62 25.35 75.79
C ASP H 358 -40.32 24.25 74.79
N GLN H 359 -39.91 24.66 73.59
CA GLN H 359 -39.60 23.72 72.52
C GLN H 359 -38.26 23.02 72.74
N ASP H 360 -37.79 22.31 71.72
CA ASP H 360 -36.54 21.58 71.82
C ASP H 360 -35.56 22.05 70.76
N TYR H 361 -36.04 22.22 69.53
CA TYR H 361 -35.19 22.64 68.42
C TYR H 361 -34.69 24.07 68.64
N GLU H 362 -35.54 24.90 69.24
CA GLU H 362 -35.16 26.29 69.53
C GLU H 362 -34.07 26.34 70.59
N ARG H 363 -34.08 25.38 71.51
CA ARG H 363 -33.09 25.32 72.58
C ARG H 363 -31.70 25.05 72.03
N GLU H 364 -31.60 24.14 71.06
CA GLU H 364 -30.31 23.78 70.49
C GLU H 364 -29.85 24.78 69.42
N LYS H 365 -30.81 25.45 68.80
CA LYS H 365 -30.50 26.50 67.83
C LYS H 365 -29.96 27.73 68.55
N LEU H 366 -30.53 28.02 69.72
CA LEU H 366 -30.02 29.10 70.56
C LEU H 366 -28.72 28.67 71.22
N GLN H 367 -28.55 27.36 71.38
CA GLN H 367 -27.35 26.82 71.99
C GLN H 367 -26.17 26.83 71.03
N GLU H 368 -26.45 26.59 69.75
CA GLU H 368 -25.39 26.60 68.74
C GLU H 368 -25.01 28.03 68.37
N ARG H 369 -25.94 28.96 68.58
CA ARG H 369 -25.68 30.36 68.28
C ARG H 369 -24.93 31.01 69.44
N ILE H 370 -25.32 30.67 70.66
CA ILE H 370 -24.63 31.19 71.84
C ILE H 370 -23.23 30.60 71.94
N ALA H 371 -23.04 29.45 71.30
CA ALA H 371 -21.74 28.78 71.29
C ALA H 371 -20.73 29.56 70.47
N ARG H 372 -21.03 29.73 69.18
CA ARG H 372 -20.14 30.43 68.26
C ARG H 372 -19.97 31.90 68.64
N LEU H 373 -21.03 32.49 69.19
CA LEU H 373 -20.99 33.88 69.63
C LEU H 373 -20.02 34.05 70.80
N SER H 374 -20.14 33.18 71.80
CA SER H 374 -19.26 33.23 72.96
C SER H 374 -17.85 32.78 72.60
N GLY H 375 -17.75 31.88 71.63
CA GLY H 375 -16.46 31.38 71.18
C GLY H 375 -15.64 32.46 70.50
N GLY H 376 -16.31 33.33 69.76
CA GLY H 376 -15.65 34.41 69.06
C GLY H 376 -14.70 33.91 67.99
N VAL H 377 -13.48 34.47 67.81
CA VAL H 377 -12.49 34.03 66.84
C VAL H 377 -11.09 34.51 67.23
N ALA H 378 -10.40 33.76 68.00
CA ALA H 378 -9.06 34.11 68.47
C ALA H 378 -8.04 34.01 67.34
N ILE H 379 -7.41 35.14 67.02
CA ILE H 379 -6.39 35.18 65.99
C ILE H 379 -4.99 35.22 66.60
N ILE H 380 -4.12 34.35 66.11
CA ILE H 380 -2.76 34.23 66.65
C ILE H 380 -1.73 34.85 65.69
N GLN H 381 -0.72 35.49 66.25
CA GLN H 381 0.36 36.07 65.45
C GLN H 381 1.70 35.38 65.74
N VAL H 382 2.34 34.89 64.69
CA VAL H 382 3.60 34.16 64.83
C VAL H 382 4.79 35.11 64.74
N GLY H 383 5.94 34.67 65.23
CA GLY H 383 7.15 35.47 65.18
C GLY H 383 7.82 35.43 63.83
N ALA H 384 9.06 35.91 63.76
CA ALA H 384 9.80 35.93 62.50
C ALA H 384 11.30 36.03 62.72
N GLN H 385 12.03 35.00 62.29
CA GLN H 385 13.49 35.01 62.36
C GLN H 385 14.07 35.67 61.12
N THR H 386 13.77 35.09 59.95
CA THR H 386 14.12 35.69 58.67
C THR H 386 12.86 36.00 57.88
N GLU H 387 12.95 35.91 56.55
CA GLU H 387 11.78 36.14 55.70
C GLU H 387 11.25 34.81 55.16
N THR H 388 12.14 33.83 55.03
CA THR H 388 11.75 32.51 54.57
C THR H 388 11.38 31.61 55.74
N GLU H 389 11.84 31.98 56.93
CA GLU H 389 11.55 31.21 58.13
C GLU H 389 10.12 31.45 58.58
N LEU H 390 9.64 32.68 58.44
CA LEU H 390 8.28 33.02 58.83
C LEU H 390 7.27 32.36 57.91
N LYS H 391 7.62 32.21 56.63
CA LYS H 391 6.75 31.55 55.67
C LYS H 391 6.74 30.04 55.89
N GLU H 392 7.91 29.49 56.18
CA GLU H 392 8.01 28.05 56.46
C GLU H 392 7.27 27.71 57.75
N LYS H 393 7.38 28.61 58.73
CA LYS H 393 6.63 28.48 59.97
C LYS H 393 5.13 28.55 59.70
N LYS H 394 4.70 29.60 59.00
CA LYS H 394 3.29 29.84 58.71
C LYS H 394 2.64 28.63 58.04
N LEU H 395 3.40 27.95 57.19
CA LEU H 395 2.92 26.74 56.54
C LEU H 395 2.89 25.58 57.51
N ARG H 396 3.90 25.51 58.38
CA ARG H 396 3.98 24.44 59.37
C ARG H 396 2.89 24.59 60.43
N VAL H 397 2.58 25.83 60.80
CA VAL H 397 1.53 26.07 61.78
C VAL H 397 0.15 25.96 61.14
N GLU H 398 0.11 26.06 59.81
CA GLU H 398 -1.14 25.91 59.09
C GLU H 398 -1.55 24.44 59.08
N ASP H 399 -0.57 23.59 58.79
CA ASP H 399 -0.78 22.14 58.79
C ASP H 399 -0.92 21.63 60.22
N ALA H 400 -0.35 22.37 61.17
CA ALA H 400 -0.44 22.01 62.58
C ALA H 400 -1.85 22.22 63.10
N LEU H 401 -2.40 23.42 62.86
CA LEU H 401 -3.73 23.77 63.33
C LEU H 401 -4.80 22.86 62.74
N ASN H 402 -4.71 22.62 61.43
CA ASN H 402 -5.68 21.79 60.73
C ASN H 402 -5.62 20.34 61.19
N ALA H 403 -4.44 19.91 61.62
CA ALA H 403 -4.25 18.54 62.11
C ALA H 403 -4.78 18.42 63.54
N THR H 404 -4.50 19.43 64.36
CA THR H 404 -4.94 19.44 65.75
C THR H 404 -6.46 19.52 65.84
N ARG H 405 -7.06 20.36 64.98
CA ARG H 405 -8.51 20.49 64.96
C ARG H 405 -9.18 19.20 64.50
N ALA H 406 -8.61 18.56 63.49
CA ALA H 406 -9.16 17.33 62.96
C ALA H 406 -8.98 16.17 63.94
N ALA H 407 -8.04 16.32 64.86
CA ALA H 407 -7.75 15.29 65.85
C ALA H 407 -8.69 15.39 67.05
N VAL H 408 -8.87 16.60 67.55
CA VAL H 408 -9.69 16.81 68.74
C VAL H 408 -11.19 16.70 68.41
N GLU H 409 -11.52 16.85 67.14
CA GLU H 409 -12.91 16.84 66.70
C GLU H 409 -13.57 15.47 66.85
N GLU H 410 -12.92 14.45 66.29
CA GLU H 410 -13.50 13.10 66.26
C GLU H 410 -12.73 12.11 67.13
N GLY H 411 -11.64 12.57 67.73
CA GLY H 411 -10.79 11.70 68.53
C GLY H 411 -9.53 11.30 67.78
N VAL H 412 -8.68 10.51 68.44
CA VAL H 412 -7.39 10.15 67.86
C VAL H 412 -7.19 8.63 67.79
N VAL H 413 -6.55 8.18 66.72
CA VAL H 413 -6.25 6.76 66.52
C VAL H 413 -4.78 6.59 66.12
N PRO H 414 -4.19 5.43 66.41
CA PRO H 414 -2.78 5.20 66.03
C PRO H 414 -2.57 5.29 64.52
N GLY H 415 -1.62 6.14 64.11
CA GLY H 415 -1.36 6.38 62.71
C GLY H 415 -0.60 5.28 62.02
N GLY H 416 0.04 5.61 60.90
CA GLY H 416 0.82 4.65 60.14
C GLY H 416 -0.05 3.67 59.36
N GLY H 417 -1.37 3.88 59.42
CA GLY H 417 -2.30 3.00 58.74
C GLY H 417 -2.45 1.66 59.43
N CYS H 418 -1.89 1.56 60.64
CA CYS H 418 -1.93 0.32 61.41
C CYS H 418 -3.32 0.10 62.00
N THR H 419 -4.05 1.18 62.21
CA THR H 419 -5.40 1.10 62.73
C THR H 419 -6.33 0.41 61.73
N LEU H 420 -5.94 0.44 60.47
CA LEU H 420 -6.71 -0.21 59.42
C LEU H 420 -6.60 -1.74 59.54
N LEU H 421 -5.47 -2.20 60.06
CA LEU H 421 -5.28 -3.63 60.28
C LEU H 421 -6.09 -4.11 61.48
N ARG H 422 -6.05 -3.33 62.56
CA ARG H 422 -6.80 -3.63 63.76
C ARG H 422 -8.30 -3.64 63.49
N LEU H 423 -8.71 -2.82 62.53
CA LEU H 423 -10.11 -2.80 62.10
C LEU H 423 -10.39 -3.98 61.17
N SER H 424 -9.39 -4.33 60.36
CA SER H 424 -9.54 -5.42 59.40
C SER H 424 -9.65 -6.76 60.12
N GLU H 425 -8.97 -6.88 61.25
CA GLU H 425 -8.98 -8.12 62.01
C GLU H 425 -10.12 -8.11 63.04
N LYS H 426 -11.27 -7.59 62.61
CA LYS H 426 -12.47 -7.60 63.45
C LYS H 426 -13.70 -7.90 62.60
N VAL H 427 -13.48 -8.22 61.33
CA VAL H 427 -14.57 -8.58 60.44
C VAL H 427 -14.75 -10.10 60.43
N ASP H 428 -13.77 -10.81 60.96
CA ASP H 428 -13.81 -12.27 61.02
C ASP H 428 -14.82 -12.74 62.05
N VAL H 429 -15.14 -11.87 63.01
CA VAL H 429 -16.09 -12.21 64.05
C VAL H 429 -17.49 -11.73 63.70
N ILE H 430 -17.60 -10.99 62.61
CA ILE H 430 -18.88 -10.42 62.19
C ILE H 430 -19.75 -11.46 61.48
N LYS H 431 -20.74 -11.95 62.22
CA LYS H 431 -21.76 -12.85 61.66
C LYS H 431 -23.01 -12.05 61.34
N ARG H 432 -23.21 -11.75 60.06
CA ARG H 432 -24.28 -10.85 59.65
C ARG H 432 -25.60 -11.57 59.35
N ARG H 433 -26.59 -10.80 58.91
CA ARG H 433 -27.93 -11.32 58.59
C ARG H 433 -28.31 -10.91 57.18
N MET H 434 -28.78 -11.86 56.37
CA MET H 434 -29.02 -13.24 56.80
C MET H 434 -27.82 -14.14 56.51
N THR H 435 -26.61 -13.61 56.71
CA THR H 435 -25.37 -14.37 56.59
C THR H 435 -25.24 -15.10 55.25
N ASP H 436 -25.84 -14.54 54.20
CA ASP H 436 -25.68 -15.09 52.86
C ASP H 436 -24.20 -14.94 52.45
N PRO H 437 -23.68 -15.94 51.72
CA PRO H 437 -22.26 -15.98 51.36
C PRO H 437 -21.77 -14.70 50.67
N GLU H 438 -22.63 -14.05 49.90
CA GLU H 438 -22.26 -12.83 49.19
C GLU H 438 -21.83 -11.71 50.13
N GLN H 439 -22.60 -11.51 51.20
CA GLN H 439 -22.27 -10.48 52.18
C GLN H 439 -20.99 -10.84 52.94
N GLN H 440 -20.73 -12.13 53.05
CA GLN H 440 -19.49 -12.59 53.68
C GLN H 440 -18.31 -12.29 52.76
N MET H 441 -18.52 -12.41 51.45
CA MET H 441 -17.50 -12.07 50.48
C MET H 441 -17.16 -10.59 50.59
N GLY H 442 -18.19 -9.76 50.77
CA GLY H 442 -18.00 -8.33 50.95
C GLY H 442 -17.20 -7.99 52.18
N ALA H 443 -17.38 -8.79 53.23
CA ALA H 443 -16.62 -8.60 54.46
C ALA H 443 -15.15 -8.93 54.25
N ASP H 444 -14.89 -10.04 53.55
CA ASP H 444 -13.52 -10.45 53.23
C ASP H 444 -12.88 -9.46 52.25
N ILE H 445 -13.71 -8.82 51.43
CA ILE H 445 -13.24 -7.81 50.50
C ILE H 445 -12.69 -6.61 51.27
N ILE H 446 -13.46 -6.16 52.26
CA ILE H 446 -13.03 -5.06 53.12
C ILE H 446 -11.74 -5.43 53.86
N LYS H 447 -11.65 -6.68 54.30
CA LYS H 447 -10.47 -7.17 55.00
C LYS H 447 -9.21 -7.03 54.15
N ARG H 448 -9.24 -7.62 52.97
CA ARG H 448 -8.09 -7.61 52.06
C ARG H 448 -7.83 -6.21 51.51
N ALA H 449 -8.87 -5.37 51.52
CA ALA H 449 -8.75 -4.01 51.02
C ALA H 449 -8.06 -3.11 52.05
N LEU H 450 -8.38 -3.31 53.32
CA LEU H 450 -7.75 -2.56 54.40
C LEU H 450 -6.30 -2.96 54.58
N CYS H 451 -5.94 -4.09 53.99
CA CYS H 451 -4.58 -4.60 54.03
C CYS H 451 -3.69 -3.85 53.05
N TYR H 452 -4.29 -3.33 51.99
CA TYR H 452 -3.56 -2.64 50.93
C TYR H 452 -2.79 -1.38 51.36
N PRO H 453 -3.43 -0.47 52.14
CA PRO H 453 -2.70 0.77 52.46
C PRO H 453 -1.36 0.54 53.18
N ILE H 454 -1.36 -0.27 54.22
CA ILE H 454 -0.13 -0.52 54.98
C ILE H 454 0.91 -1.23 54.12
N LYS H 455 0.44 -2.01 53.15
CA LYS H 455 1.34 -2.73 52.26
C LYS H 455 2.05 -1.75 51.32
N LEU H 456 1.29 -0.82 50.75
CA LEU H 456 1.85 0.17 49.83
C LEU H 456 2.81 1.13 50.56
N ILE H 457 2.51 1.41 51.83
CA ILE H 457 3.38 2.27 52.62
C ILE H 457 4.73 1.60 52.87
N ALA H 458 4.69 0.37 53.34
CA ALA H 458 5.90 -0.37 53.66
C ALA H 458 6.71 -0.69 52.41
N GLN H 459 6.04 -1.11 51.35
CA GLN H 459 6.71 -1.52 50.11
C GLN H 459 7.46 -0.38 49.45
N ASN H 460 6.78 0.74 49.24
CA ASN H 460 7.39 1.88 48.57
C ASN H 460 8.41 2.57 49.47
N ALA H 461 8.42 2.19 50.74
CA ALA H 461 9.41 2.69 51.68
C ALA H 461 10.73 1.96 51.48
N GLY H 462 10.65 0.68 51.17
CA GLY H 462 11.83 -0.12 50.88
C GLY H 462 11.91 -1.43 51.65
N VAL H 463 10.78 -1.87 52.20
CA VAL H 463 10.76 -3.11 52.97
C VAL H 463 9.50 -3.92 52.66
N ASN H 464 9.59 -5.23 52.78
CA ASN H 464 8.45 -6.11 52.56
C ASN H 464 7.30 -5.81 53.53
N GLY H 465 6.09 -5.72 53.00
CA GLY H 465 4.93 -5.40 53.81
C GLY H 465 4.31 -6.63 54.45
N SER H 466 4.56 -7.79 53.84
CA SER H 466 4.00 -9.05 54.35
C SER H 466 4.53 -9.39 55.73
N VAL H 467 5.83 -9.23 55.92
CA VAL H 467 6.46 -9.50 57.20
C VAL H 467 6.02 -8.48 58.25
N VAL H 468 5.89 -7.23 57.83
CA VAL H 468 5.42 -6.16 58.70
C VAL H 468 4.01 -6.45 59.20
N MET H 469 3.14 -6.84 58.27
CA MET H 469 1.76 -7.18 58.60
C MET H 469 1.71 -8.35 59.56
N ASN H 470 2.55 -9.36 59.33
CA ASN H 470 2.60 -10.54 60.17
C ASN H 470 3.04 -10.21 61.59
N GLU H 471 4.12 -9.44 61.72
CA GLU H 471 4.68 -9.10 63.01
C GLU H 471 3.74 -8.28 63.88
N VAL H 472 2.99 -7.38 63.24
CA VAL H 472 2.04 -6.54 63.96
C VAL H 472 0.79 -7.30 64.35
N MET H 473 0.28 -8.10 63.43
CA MET H 473 -0.99 -8.80 63.64
C MET H 473 -0.84 -10.00 64.58
N LYS H 474 0.26 -10.73 64.45
CA LYS H 474 0.49 -11.90 65.31
C LYS H 474 0.65 -11.48 66.77
N ASN H 475 1.29 -10.34 66.98
CA ASN H 475 1.42 -9.78 68.32
C ASN H 475 0.08 -9.29 68.84
N LEU H 476 0.01 -8.98 70.13
CA LEU H 476 -1.22 -8.48 70.74
C LEU H 476 -1.58 -7.12 70.13
N ASP H 477 -2.78 -7.03 69.57
CA ASP H 477 -3.21 -5.84 68.85
C ASP H 477 -3.69 -4.72 69.77
N ARG H 478 -3.70 -4.99 71.07
CA ARG H 478 -4.22 -4.04 72.05
C ARG H 478 -3.17 -3.10 72.68
N PRO H 479 -1.98 -3.61 73.05
CA PRO H 479 -1.02 -2.68 73.67
C PRO H 479 -0.40 -1.65 72.72
N HIS H 480 -1.20 -1.11 71.80
CA HIS H 480 -0.76 -0.04 70.91
C HIS H 480 0.50 -0.39 70.11
N TYR H 481 0.70 -1.67 69.83
CA TYR H 481 1.84 -2.10 69.03
C TYR H 481 1.72 -1.56 67.61
N GLY H 482 2.85 -1.19 67.02
CA GLY H 482 2.86 -0.64 65.68
C GLY H 482 4.22 -0.71 65.01
N TYR H 483 4.31 -0.18 63.80
CA TYR H 483 5.54 -0.18 63.03
C TYR H 483 5.78 1.16 62.37
N ASN H 484 6.78 1.90 62.85
CA ASN H 484 7.11 3.20 62.27
C ASN H 484 8.07 3.06 61.11
N ALA H 485 7.60 3.36 59.91
CA ALA H 485 8.40 3.21 58.69
C ALA H 485 9.49 4.28 58.62
N ALA H 486 9.34 5.33 59.41
CA ALA H 486 10.32 6.42 59.43
C ALA H 486 11.61 6.00 60.11
N THR H 487 11.52 5.01 61.00
CA THR H 487 12.69 4.55 61.74
C THR H 487 12.95 3.05 61.53
N ASP H 488 11.95 2.36 60.99
CA ASP H 488 12.02 0.91 60.77
C ASP H 488 12.36 0.18 62.06
N SER H 489 11.40 0.14 62.98
CA SER H 489 11.59 -0.52 64.26
C SER H 489 10.25 -0.78 64.96
N PHE H 490 10.21 -1.84 65.76
CA PHE H 490 9.01 -2.16 66.54
C PHE H 490 8.82 -1.12 67.64
N GLU H 491 7.74 -0.36 67.53
CA GLU H 491 7.47 0.72 68.48
C GLU H 491 5.97 0.96 68.67
N ASN H 492 5.59 1.44 69.84
CA ASN H 492 4.22 1.85 70.07
C ASN H 492 3.97 3.22 69.45
N LEU H 493 2.98 3.28 68.56
CA LEU H 493 2.73 4.48 67.76
C LEU H 493 2.33 5.69 68.60
N MET H 494 1.84 5.44 69.82
CA MET H 494 1.37 6.51 70.68
C MET H 494 2.52 7.28 71.30
N GLU H 495 3.37 6.59 72.06
CA GLU H 495 4.45 7.25 72.78
C GLU H 495 5.55 7.77 71.86
N THR H 496 5.68 7.16 70.69
CA THR H 496 6.71 7.57 69.74
C THR H 496 6.36 8.88 69.05
N GLY H 497 5.10 9.03 68.65
CA GLY H 497 4.65 10.27 68.05
C GLY H 497 4.13 10.13 66.64
N ILE H 498 3.60 8.95 66.31
CA ILE H 498 3.01 8.71 65.01
C ILE H 498 1.51 8.46 65.18
N ILE H 499 0.73 9.51 64.99
CA ILE H 499 -0.71 9.45 65.23
C ILE H 499 -1.51 10.02 64.05
N ASP H 500 -2.68 9.46 63.81
CA ASP H 500 -3.59 9.97 62.79
C ASP H 500 -4.94 10.36 63.41
N PRO H 501 -5.52 11.47 62.93
CA PRO H 501 -6.84 11.89 63.40
C PRO H 501 -7.93 10.91 62.96
N SER H 502 -8.80 10.53 63.89
CA SER H 502 -9.84 9.54 63.61
C SER H 502 -10.85 10.02 62.57
N LYS H 503 -10.98 11.34 62.46
CA LYS H 503 -11.89 11.94 61.48
C LYS H 503 -11.45 11.60 60.06
N VAL H 504 -10.14 11.66 59.82
CA VAL H 504 -9.57 11.35 58.52
C VAL H 504 -9.82 9.90 58.14
N VAL H 505 -9.53 8.98 59.06
CA VAL H 505 -9.72 7.56 58.83
C VAL H 505 -11.17 7.23 58.51
N ARG H 506 -12.09 7.77 59.31
CA ARG H 506 -13.52 7.51 59.12
C ARG H 506 -14.03 8.06 57.79
N CYS H 507 -13.72 9.32 57.53
CA CYS H 507 -14.18 9.99 56.32
C CYS H 507 -13.66 9.32 55.05
N SER H 508 -12.37 9.04 55.04
CA SER H 508 -11.74 8.38 53.89
C SER H 508 -12.28 6.97 53.71
N MET H 509 -12.71 6.35 54.80
CA MET H 509 -13.21 4.99 54.77
C MET H 509 -14.63 4.95 54.22
N GLU H 510 -15.49 5.81 54.77
CA GLU H 510 -16.89 5.86 54.35
C GLU H 510 -17.03 6.31 52.90
N ASN H 511 -16.24 7.32 52.52
CA ASN H 511 -16.30 7.83 51.15
C ASN H 511 -15.80 6.81 50.13
N ALA H 512 -14.75 6.07 50.50
CA ALA H 512 -14.17 5.07 49.61
C ALA H 512 -15.18 3.96 49.33
N VAL H 513 -15.93 3.59 50.37
CA VAL H 513 -16.98 2.60 50.23
C VAL H 513 -18.13 3.20 49.42
N SER H 514 -18.37 4.49 49.62
CA SER H 514 -19.43 5.20 48.91
C SER H 514 -19.21 5.21 47.40
N VAL H 515 -17.98 5.45 46.97
CA VAL H 515 -17.69 5.46 45.54
C VAL H 515 -17.56 4.04 45.01
N ALA H 516 -17.08 3.12 45.84
CA ALA H 516 -17.03 1.71 45.47
C ALA H 516 -18.44 1.17 45.35
N LYS H 517 -19.35 1.76 46.13
CA LYS H 517 -20.76 1.42 46.06
C LYS H 517 -21.33 1.75 44.68
N THR H 518 -21.12 2.99 44.26
CA THR H 518 -21.65 3.46 42.99
C THR H 518 -20.77 3.04 41.81
N PHE H 519 -19.71 2.29 42.11
CA PHE H 519 -18.80 1.81 41.07
C PHE H 519 -19.17 0.39 40.65
N LEU H 520 -19.28 -0.49 41.63
CA LEU H 520 -19.58 -1.90 41.37
C LEU H 520 -21.05 -2.09 40.99
N LEU H 521 -21.88 -1.13 41.39
CA LEU H 521 -23.30 -1.18 41.07
C LEU H 521 -23.53 -0.79 39.61
N ALA H 522 -22.55 -0.12 39.02
CA ALA H 522 -22.63 0.30 37.62
C ALA H 522 -22.60 -0.91 36.70
N ASP H 523 -23.29 -0.80 35.56
CA ASP H 523 -23.34 -1.88 34.59
C ASP H 523 -23.26 -1.34 33.16
N VAL H 524 -23.69 -0.10 32.98
CA VAL H 524 -23.64 0.55 31.66
C VAL H 524 -23.11 1.98 31.77
N VAL H 525 -22.14 2.31 30.91
CA VAL H 525 -21.53 3.64 30.92
C VAL H 525 -21.75 4.36 29.60
N VAL H 526 -22.04 5.65 29.67
CA VAL H 526 -22.24 6.46 28.47
C VAL H 526 -21.23 7.60 28.40
N THR H 527 -20.92 8.04 27.18
CA THR H 527 -19.93 9.08 26.96
C THR H 527 -20.11 9.74 25.60
N GLU H 528 -19.99 11.07 25.55
CA GLU H 528 -20.01 11.79 24.29
C GLU H 528 -18.73 11.55 23.50
N LEU H 529 -18.84 11.42 22.19
CA LEU H 529 -17.67 11.24 21.33
C LEU H 529 -17.39 12.52 20.53
N LYS H 530 -16.25 12.53 19.85
CA LYS H 530 -15.80 13.71 19.12
C LYS H 530 -16.67 14.04 17.92
N GLU H 531 -16.79 13.08 17.01
CA GLU H 531 -17.54 13.29 15.77
C GLU H 531 -19.02 12.93 15.93
N GLU I 4 27.89 -16.93 6.31
CA GLU I 4 27.00 -17.93 6.87
C GLU I 4 27.11 -17.97 8.39
N LEU I 5 27.64 -16.89 8.96
CA LEU I 5 27.77 -16.77 10.40
C LEU I 5 27.21 -15.44 10.89
N HIS I 6 26.33 -15.50 11.88
CA HIS I 6 25.73 -14.28 12.43
C HIS I 6 26.54 -13.81 13.64
N PHE I 7 26.58 -12.50 13.86
CA PHE I 7 27.41 -11.91 14.90
C PHE I 7 26.56 -11.20 15.97
N ASN I 8 26.83 -11.53 17.24
CA ASN I 8 26.12 -10.90 18.35
C ASN I 8 27.09 -10.37 19.40
N LYS I 9 27.03 -9.07 19.66
CA LYS I 9 27.97 -8.43 20.57
C LYS I 9 27.30 -7.48 21.56
N ASP I 10 28.12 -6.81 22.35
CA ASP I 10 27.70 -5.78 23.30
C ASP I 10 26.90 -6.37 24.47
N MET I 11 26.14 -5.52 25.14
CA MET I 11 25.44 -5.86 26.36
C MET I 11 24.09 -6.51 26.11
N GLN I 12 23.40 -6.07 25.06
CA GLN I 12 22.05 -6.56 24.76
C GLN I 12 22.07 -8.01 24.28
N ALA I 13 23.18 -8.45 23.71
CA ALA I 13 23.29 -9.83 23.24
C ALA I 13 23.29 -10.79 24.42
N LEU I 14 23.83 -10.32 25.54
CA LEU I 14 23.84 -11.10 26.77
C LEU I 14 22.42 -11.26 27.32
N LYS I 15 21.63 -10.20 27.22
CA LYS I 15 20.27 -10.21 27.72
C LYS I 15 19.36 -11.11 26.89
N ARG I 16 19.73 -11.33 25.64
CA ARG I 16 18.94 -12.17 24.74
C ARG I 16 18.88 -13.61 25.24
N MET I 17 20.05 -14.21 25.45
CA MET I 17 20.10 -15.57 25.96
C MET I 17 19.74 -15.62 27.43
N GLN I 18 19.85 -14.49 28.11
CA GLN I 18 19.42 -14.41 29.50
C GLN I 18 17.92 -14.60 29.59
N ALA I 19 17.22 -14.02 28.63
CA ALA I 19 15.76 -14.15 28.54
C ALA I 19 15.37 -15.60 28.27
N GLY I 20 16.12 -16.26 27.40
CA GLY I 20 15.87 -17.66 27.09
C GLY I 20 16.15 -18.55 28.28
N VAL I 21 17.20 -18.21 29.03
CA VAL I 21 17.51 -18.90 30.27
C VAL I 21 16.39 -18.70 31.27
N ASP I 22 15.93 -17.46 31.39
CA ASP I 22 14.86 -17.11 32.33
C ASP I 22 13.55 -17.81 32.00
N LYS I 23 13.32 -18.06 30.71
CA LYS I 23 12.11 -18.75 30.26
C LYS I 23 12.17 -20.24 30.56
N LEU I 24 13.38 -20.80 30.51
CA LEU I 24 13.58 -22.20 30.87
C LEU I 24 13.36 -22.38 32.36
N ALA I 25 13.90 -21.46 33.15
CA ALA I 25 13.77 -21.52 34.60
C ALA I 25 12.34 -21.20 35.02
N THR I 26 11.58 -20.58 34.12
CA THR I 26 10.20 -20.21 34.42
C THR I 26 9.30 -21.45 34.44
N VAL I 27 9.44 -22.33 33.44
CA VAL I 27 8.60 -23.51 33.34
C VAL I 27 9.05 -24.60 34.33
N VAL I 28 10.35 -24.70 34.55
CA VAL I 28 10.90 -25.64 35.50
C VAL I 28 10.69 -25.07 36.90
N GLY I 29 10.49 -23.76 36.98
CA GLY I 29 10.25 -23.08 38.24
C GLY I 29 8.90 -23.42 38.86
N VAL I 30 7.89 -23.59 38.02
CA VAL I 30 6.55 -23.94 38.49
C VAL I 30 6.46 -25.44 38.76
N THR I 31 7.49 -26.15 38.34
CA THR I 31 7.60 -27.59 38.54
C THR I 31 8.01 -27.88 39.98
N ILE I 32 8.95 -27.09 40.50
CA ILE I 32 9.51 -27.30 41.82
C ILE I 32 8.45 -27.16 42.91
N GLY I 33 8.75 -27.68 44.09
CA GLY I 33 7.85 -27.57 45.23
C GLY I 33 6.96 -28.79 45.40
N PRO I 34 6.58 -29.09 46.64
CA PRO I 34 5.65 -30.19 46.94
C PRO I 34 4.30 -30.00 46.25
N LYS I 35 3.86 -28.75 46.20
CA LYS I 35 2.62 -28.41 45.49
C LYS I 35 2.95 -27.93 44.08
N GLY I 36 3.80 -28.67 43.39
CA GLY I 36 4.24 -28.31 42.06
C GLY I 36 3.11 -28.31 41.05
N ARG I 37 3.25 -27.49 40.01
CA ARG I 37 2.22 -27.36 38.98
C ARG I 37 2.50 -28.28 37.81
N ASN I 38 1.43 -28.77 37.20
CA ASN I 38 1.54 -29.65 36.04
C ASN I 38 1.92 -28.87 34.78
N VAL I 39 2.72 -29.49 33.92
CA VAL I 39 3.09 -28.88 32.64
C VAL I 39 2.66 -29.78 31.50
N VAL I 40 1.78 -29.27 30.64
CA VAL I 40 1.24 -30.07 29.55
C VAL I 40 2.12 -30.02 28.31
N LEU I 41 2.52 -31.20 27.84
CA LEU I 41 3.35 -31.31 26.63
C LEU I 41 2.56 -31.87 25.46
N GLU I 42 2.77 -31.31 24.28
CA GLU I 42 2.11 -31.83 23.08
C GLU I 42 2.77 -33.12 22.65
N SER I 43 1.96 -34.15 22.42
CA SER I 43 2.48 -35.46 22.05
C SER I 43 3.06 -35.48 20.65
N LYS I 44 3.92 -36.46 20.39
CA LYS I 44 4.48 -36.65 19.06
C LYS I 44 3.40 -37.11 18.09
N PHE I 45 2.46 -37.91 18.59
CA PHE I 45 1.36 -38.43 17.79
C PHE I 45 0.30 -39.07 18.69
N GLY I 46 -0.74 -38.30 19.02
CA GLY I 46 -1.82 -38.81 19.83
C GLY I 46 -2.14 -37.97 21.05
N ALA I 47 -2.45 -38.64 22.16
CA ALA I 47 -2.85 -37.97 23.39
C ALA I 47 -1.67 -37.32 24.10
N PRO I 48 -1.86 -36.10 24.64
CA PRO I 48 -0.82 -35.31 25.30
C PRO I 48 -0.18 -35.99 26.52
N LYS I 49 0.74 -35.28 27.16
CA LYS I 49 1.49 -35.84 28.29
C LYS I 49 1.71 -34.80 29.39
N ILE I 50 1.17 -35.08 30.57
CA ILE I 50 1.33 -34.19 31.72
C ILE I 50 2.62 -34.51 32.48
N VAL I 51 3.31 -33.47 32.93
CA VAL I 51 4.61 -33.65 33.57
C VAL I 51 4.71 -32.96 34.93
N ASN I 52 5.12 -33.72 35.94
CA ASN I 52 5.34 -33.17 37.28
C ASN I 52 6.83 -33.02 37.58
N ASP I 53 7.65 -33.60 36.71
CA ASP I 53 9.10 -33.61 36.88
C ASP I 53 9.75 -32.46 36.13
N GLY I 54 10.93 -32.05 36.58
CA GLY I 54 11.68 -31.01 35.90
C GLY I 54 12.64 -31.58 34.88
N VAL I 55 12.91 -32.87 35.00
CA VAL I 55 13.84 -33.55 34.10
C VAL I 55 13.29 -33.61 32.68
N THR I 56 12.04 -34.03 32.56
CA THR I 56 11.39 -34.19 31.26
C THR I 56 11.22 -32.84 30.58
N ILE I 57 10.95 -31.81 31.36
CA ILE I 57 10.79 -30.46 30.83
C ILE I 57 12.09 -29.94 30.23
N ALA I 58 13.17 -30.07 30.99
CA ALA I 58 14.48 -29.60 30.55
C ALA I 58 14.95 -30.32 29.29
N ARG I 59 14.43 -31.53 29.08
CA ARG I 59 14.77 -32.32 27.91
C ARG I 59 14.13 -31.79 26.63
N GLU I 60 12.93 -31.23 26.77
CA GLU I 60 12.12 -30.87 25.61
C GLU I 60 12.16 -29.39 25.27
N VAL I 61 12.74 -28.57 26.15
CA VAL I 61 12.75 -27.12 25.94
C VAL I 61 13.85 -26.67 24.97
N GLU I 62 13.45 -25.93 23.95
CA GLU I 62 14.38 -25.30 23.01
C GLU I 62 13.65 -24.23 22.21
N LEU I 63 14.10 -22.99 22.35
CA LEU I 63 13.40 -21.84 21.76
C LEU I 63 13.73 -21.62 20.30
N SER I 64 13.00 -20.71 19.67
CA SER I 64 13.18 -20.39 18.26
C SER I 64 14.45 -19.58 18.02
N ASP I 65 14.53 -18.42 18.69
CA ASP I 65 15.69 -17.54 18.60
C ASP I 65 16.94 -18.28 19.06
N PRO I 66 17.88 -18.53 18.12
CA PRO I 66 19.07 -19.35 18.35
C PRO I 66 19.90 -18.96 19.57
N VAL I 67 20.08 -17.66 19.81
CA VAL I 67 20.91 -17.21 20.92
C VAL I 67 20.29 -17.55 22.26
N GLU I 68 18.98 -17.37 22.39
CA GLU I 68 18.30 -17.70 23.64
C GLU I 68 18.02 -19.18 23.72
N ASN I 69 18.19 -19.88 22.59
CA ASN I 69 18.07 -21.32 22.55
C ASN I 69 19.33 -21.98 23.11
N ILE I 70 20.49 -21.52 22.67
CA ILE I 70 21.75 -22.05 23.16
C ILE I 70 22.02 -21.58 24.58
N GLY I 71 21.37 -20.49 24.97
CA GLY I 71 21.44 -20.00 26.33
C GLY I 71 20.70 -20.95 27.25
N ALA I 72 19.49 -21.35 26.82
CA ALA I 72 18.70 -22.31 27.55
C ALA I 72 19.38 -23.68 27.53
N THR I 73 20.02 -24.00 26.41
CA THR I 73 20.75 -25.25 26.28
C THR I 73 21.96 -25.27 27.20
N LEU I 74 22.54 -24.10 27.45
CA LEU I 74 23.70 -23.99 28.31
C LEU I 74 23.34 -24.30 29.77
N VAL I 75 22.10 -24.00 30.13
CA VAL I 75 21.59 -24.32 31.47
C VAL I 75 21.22 -25.79 31.54
N ARG I 76 20.68 -26.31 30.44
CA ARG I 76 20.33 -27.73 30.33
C ARG I 76 21.55 -28.61 30.56
N GLN I 77 22.72 -28.12 30.13
CA GLN I 77 23.97 -28.82 30.36
C GLN I 77 24.24 -29.00 31.86
N ALA I 78 23.99 -27.95 32.62
CA ALA I 78 24.18 -27.99 34.06
C ALA I 78 23.16 -28.90 34.73
N ALA I 79 21.91 -28.81 34.28
CA ALA I 79 20.83 -29.61 34.84
C ALA I 79 21.04 -31.09 34.56
N ALA I 80 21.38 -31.41 33.31
CA ALA I 80 21.60 -32.79 32.92
C ALA I 80 22.83 -33.37 33.62
N ARG I 81 23.89 -32.58 33.69
CA ARG I 81 25.12 -33.01 34.33
C ARG I 81 24.90 -33.25 35.83
N THR I 82 24.10 -32.38 36.44
CA THR I 82 23.73 -32.55 37.85
C THR I 82 22.93 -33.83 38.03
N ASN I 83 22.08 -34.14 37.07
CA ASN I 83 21.24 -35.32 37.12
C ASN I 83 22.04 -36.62 37.02
N ASP I 84 23.00 -36.67 36.10
CA ASP I 84 23.76 -37.89 35.89
C ASP I 84 25.02 -37.95 36.78
N THR I 85 25.05 -37.13 37.82
CA THR I 85 26.17 -37.15 38.76
C THR I 85 25.65 -37.18 40.19
N ALA I 86 24.34 -37.03 40.35
CA ALA I 86 23.73 -37.04 41.67
C ALA I 86 22.46 -37.89 41.70
N GLY I 87 21.72 -37.86 40.60
CA GLY I 87 20.48 -38.63 40.50
C GLY I 87 19.24 -37.77 40.66
N ASP I 88 19.42 -36.53 41.10
CA ASP I 88 18.31 -35.62 41.31
C ASP I 88 18.82 -34.18 41.38
N GLY I 89 17.88 -33.23 41.38
CA GLY I 89 18.22 -31.83 41.53
C GLY I 89 18.25 -31.05 40.23
N THR I 90 17.54 -31.55 39.22
CA THR I 90 17.46 -30.87 37.93
C THR I 90 16.74 -29.54 38.08
N THR I 91 15.66 -29.54 38.85
CA THR I 91 14.90 -28.31 39.10
C THR I 91 15.74 -27.33 39.89
N THR I 92 16.48 -27.84 40.87
CA THR I 92 17.34 -27.01 41.72
C THR I 92 18.49 -26.44 40.91
N ALA I 93 19.03 -27.22 40.00
CA ALA I 93 20.16 -26.80 39.18
C ALA I 93 19.78 -25.64 38.26
N THR I 94 18.62 -25.75 37.61
CA THR I 94 18.17 -24.75 36.66
C THR I 94 17.84 -23.42 37.35
N VAL I 95 17.05 -23.48 38.40
CA VAL I 95 16.61 -22.26 39.08
C VAL I 95 17.79 -21.53 39.73
N LEU I 96 18.75 -22.29 40.24
CA LEU I 96 19.94 -21.69 40.85
C LEU I 96 20.83 -21.09 39.78
N SER I 97 20.92 -21.79 38.65
CA SER I 97 21.69 -21.31 37.51
C SER I 97 21.18 -19.96 37.03
N ALA I 98 19.87 -19.87 36.82
CA ALA I 98 19.25 -18.63 36.38
C ALA I 98 19.29 -17.57 37.48
N ALA I 99 19.30 -18.02 38.72
CA ALA I 99 19.42 -17.12 39.86
C ALA I 99 20.77 -16.42 39.85
N PHE I 100 21.84 -17.18 39.64
CA PHE I 100 23.18 -16.63 39.57
C PHE I 100 23.33 -15.72 38.36
N ILE I 101 22.63 -16.05 37.28
CA ILE I 101 22.68 -15.27 36.06
C ILE I 101 21.90 -13.96 36.19
N ALA I 102 20.69 -14.05 36.71
CA ALA I 102 19.82 -12.88 36.86
C ALA I 102 20.44 -11.83 37.77
N GLU I 103 20.84 -12.25 38.98
CA GLU I 103 21.47 -11.36 39.94
C GLU I 103 22.84 -10.91 39.46
N GLY I 104 23.48 -11.75 38.65
CA GLY I 104 24.78 -11.44 38.10
C GLY I 104 24.69 -10.31 37.09
N MET I 105 23.82 -10.47 36.11
CA MET I 105 23.58 -9.45 35.10
C MET I 105 23.06 -8.16 35.73
N LYS I 106 22.33 -8.32 36.82
CA LYS I 106 21.77 -7.19 37.56
C LYS I 106 22.88 -6.28 38.09
N ILE I 107 24.01 -6.89 38.43
CA ILE I 107 25.18 -6.16 38.92
C ILE I 107 26.11 -5.80 37.77
N VAL I 108 26.22 -6.70 36.80
CA VAL I 108 27.06 -6.48 35.62
C VAL I 108 26.64 -5.21 34.88
N SER I 109 25.34 -4.96 34.84
CA SER I 109 24.79 -3.80 34.14
C SER I 109 25.28 -2.47 34.72
N ALA I 110 25.89 -2.52 35.91
CA ALA I 110 26.45 -1.34 36.53
C ALA I 110 27.93 -1.17 36.17
N GLY I 111 28.33 -1.74 35.03
CA GLY I 111 29.69 -1.63 34.55
C GLY I 111 30.72 -2.29 35.45
N THR I 112 30.27 -3.27 36.23
CA THR I 112 31.14 -3.95 37.16
C THR I 112 32.02 -4.98 36.43
N ASN I 113 33.27 -5.10 36.87
CA ASN I 113 34.21 -6.03 36.27
C ASN I 113 33.75 -7.48 36.42
N PRO I 114 33.49 -8.16 35.30
CA PRO I 114 33.01 -9.54 35.28
C PRO I 114 34.02 -10.53 35.87
N VAL I 115 35.30 -10.25 35.68
CA VAL I 115 36.36 -11.15 36.15
C VAL I 115 36.37 -11.28 37.67
N GLN I 116 36.32 -10.14 38.36
CA GLN I 116 36.35 -10.14 39.81
C GLN I 116 35.03 -10.65 40.38
N LEU I 117 33.95 -10.43 39.62
CA LEU I 117 32.63 -10.91 40.02
C LEU I 117 32.57 -12.43 40.08
N VAL I 118 32.93 -13.08 38.98
CA VAL I 118 32.88 -14.54 38.90
C VAL I 118 33.87 -15.18 39.86
N ARG I 119 35.00 -14.50 40.08
CA ARG I 119 35.98 -14.97 41.05
C ARG I 119 35.39 -14.97 42.45
N GLY I 120 34.60 -13.93 42.74
CA GLY I 120 33.90 -13.84 44.01
C GLY I 120 32.87 -14.95 44.15
N MET I 121 32.16 -15.22 43.06
CA MET I 121 31.15 -16.28 43.04
C MET I 121 31.78 -17.65 43.25
N GLU I 122 32.83 -17.94 42.49
CA GLU I 122 33.51 -19.23 42.54
C GLU I 122 34.02 -19.56 43.94
N LYS I 123 34.68 -18.59 44.56
CA LYS I 123 35.27 -18.79 45.87
C LYS I 123 34.20 -18.87 46.96
N THR I 124 33.14 -18.08 46.80
CA THR I 124 32.06 -18.05 47.78
C THR I 124 31.32 -19.38 47.85
N VAL I 125 30.98 -19.92 46.68
CA VAL I 125 30.26 -21.18 46.61
C VAL I 125 31.17 -22.34 47.00
N GLN I 126 32.46 -22.20 46.73
CA GLN I 126 33.41 -23.26 47.05
C GLN I 126 33.59 -23.36 48.56
N GLU I 127 33.64 -22.22 49.22
CA GLU I 127 33.71 -22.18 50.67
C GLU I 127 32.36 -22.57 51.26
N LEU I 128 31.30 -22.38 50.48
CA LEU I 128 29.97 -22.78 50.91
C LEU I 128 29.78 -24.28 50.74
N VAL I 129 30.59 -24.88 49.86
CA VAL I 129 30.63 -26.33 49.72
C VAL I 129 31.36 -26.93 50.91
N LYS I 130 32.47 -26.29 51.29
CA LYS I 130 33.21 -26.69 52.48
C LYS I 130 32.33 -26.48 53.72
N GLU I 131 31.44 -25.50 53.63
CA GLU I 131 30.48 -25.23 54.69
C GLU I 131 29.30 -26.21 54.61
N LEU I 132 28.97 -26.63 53.40
CA LEU I 132 27.88 -27.57 53.19
C LEU I 132 28.20 -28.92 53.82
N ARG I 133 29.45 -29.34 53.70
CA ARG I 133 29.90 -30.59 54.29
C ARG I 133 29.81 -30.53 55.82
N LYS I 134 29.97 -29.33 56.36
CA LYS I 134 29.77 -29.10 57.78
C LYS I 134 28.29 -29.21 58.12
N MET I 135 27.44 -28.64 57.26
CA MET I 135 26.00 -28.69 57.43
C MET I 135 25.48 -30.11 57.31
N SER I 136 26.19 -30.93 56.55
CA SER I 136 25.76 -32.29 56.24
C SER I 136 25.71 -33.21 57.47
N SER I 137 24.62 -33.97 57.57
CA SER I 137 24.49 -35.00 58.59
C SER I 137 24.97 -36.33 58.04
N VAL I 138 25.37 -37.24 58.93
CA VAL I 138 25.98 -38.50 58.50
C VAL I 138 25.16 -39.70 58.95
N VAL I 139 25.42 -40.84 58.34
CA VAL I 139 24.76 -42.08 58.72
C VAL I 139 25.78 -43.20 58.90
N GLN I 140 25.73 -43.85 60.07
CA GLN I 140 26.70 -44.88 60.42
C GLN I 140 26.02 -46.22 60.71
N THR I 141 25.13 -46.21 61.70
CA THR I 141 24.39 -47.40 62.09
C THR I 141 23.37 -47.80 61.03
N ASP I 142 23.18 -49.11 60.86
CA ASP I 142 22.26 -49.64 59.87
C ASP I 142 20.80 -49.41 60.24
N LYS I 143 20.56 -49.11 61.52
CA LYS I 143 19.21 -48.86 62.00
C LYS I 143 18.81 -47.41 61.75
N ASP I 144 19.78 -46.49 61.84
CA ASP I 144 19.54 -45.11 61.46
C ASP I 144 19.46 -45.02 59.95
N LEU I 145 20.24 -45.88 59.29
CA LEU I 145 20.19 -46.02 57.85
C LEU I 145 18.82 -46.54 57.43
N ALA I 146 18.25 -47.40 58.26
CA ALA I 146 16.93 -47.95 58.03
C ALA I 146 15.87 -46.86 58.12
N ASN I 147 16.05 -45.96 59.08
CA ASN I 147 15.11 -44.86 59.26
C ASN I 147 15.21 -43.86 58.12
N VAL I 148 16.43 -43.64 57.64
CA VAL I 148 16.66 -42.74 56.52
C VAL I 148 16.11 -43.34 55.23
N ALA I 149 16.34 -44.63 55.03
CA ALA I 149 15.91 -45.31 53.80
C ALA I 149 14.40 -45.39 53.69
N CYS I 150 13.73 -45.63 54.81
CA CYS I 150 12.27 -45.80 54.81
C CYS I 150 11.54 -44.47 54.64
N VAL I 151 12.12 -43.40 55.19
CA VAL I 151 11.53 -42.07 55.08
C VAL I 151 11.75 -41.50 53.69
N SER I 152 12.96 -41.66 53.16
CA SER I 152 13.28 -41.21 51.82
C SER I 152 12.42 -41.95 50.79
N ALA I 153 12.07 -43.19 51.10
CA ALA I 153 11.13 -43.94 50.29
C ALA I 153 9.72 -43.38 50.46
N GLY I 154 8.94 -43.42 49.40
CA GLY I 154 7.61 -42.83 49.40
C GLY I 154 6.63 -43.53 50.33
N GLY I 155 6.05 -42.78 51.24
CA GLY I 155 5.01 -43.28 52.12
C GLY I 155 5.51 -44.21 53.21
N ASN I 156 4.95 -45.42 53.24
CA ASN I 156 5.24 -46.40 54.29
C ASN I 156 6.70 -46.86 54.29
N THR I 157 7.05 -47.64 55.31
CA THR I 157 8.45 -47.99 55.57
C THR I 157 8.87 -49.33 54.97
N ASP I 158 8.06 -50.36 55.22
CA ASP I 158 8.38 -51.76 54.93
C ASP I 158 9.36 -52.03 53.78
N ILE I 159 9.12 -51.40 52.63
CA ILE I 159 9.98 -51.61 51.48
C ILE I 159 11.33 -50.90 51.66
N GLY I 160 11.31 -49.71 52.24
CA GLY I 160 12.54 -49.00 52.55
C GLY I 160 13.25 -49.71 53.69
N SER I 161 12.48 -50.43 54.50
CA SER I 161 13.03 -51.25 55.57
C SER I 161 13.66 -52.51 55.00
N LEU I 162 13.30 -52.84 53.77
CA LEU I 162 13.89 -53.99 53.07
C LEU I 162 15.19 -53.58 52.39
N ILE I 163 15.20 -52.39 51.80
CA ILE I 163 16.41 -51.83 51.19
C ILE I 163 17.47 -51.60 52.26
N SER I 164 17.02 -51.31 53.48
CA SER I 164 17.91 -51.07 54.60
C SER I 164 18.80 -52.27 54.89
N ASP I 165 18.19 -53.44 55.07
CA ASP I 165 18.95 -54.66 55.34
C ASP I 165 19.62 -55.17 54.06
N ALA I 166 19.17 -54.69 52.92
CA ALA I 166 19.76 -55.07 51.64
C ALA I 166 21.15 -54.47 51.49
N MET I 167 21.33 -53.26 52.02
CA MET I 167 22.62 -52.60 51.98
C MET I 167 23.36 -52.80 53.31
N ALA I 168 22.65 -53.32 54.30
CA ALA I 168 23.27 -53.67 55.57
C ALA I 168 24.14 -54.91 55.41
N LYS I 169 23.81 -55.72 54.41
CA LYS I 169 24.61 -56.90 54.10
C LYS I 169 25.89 -56.49 53.37
N VAL I 170 25.73 -55.87 52.21
CA VAL I 170 26.87 -55.35 51.47
C VAL I 170 27.22 -53.95 51.99
N GLY I 171 28.26 -53.89 52.80
CA GLY I 171 28.64 -52.67 53.49
C GLY I 171 28.87 -51.46 52.61
N ARG I 172 29.98 -51.46 51.89
CA ARG I 172 30.35 -50.33 51.04
C ARG I 172 30.38 -50.70 49.57
N THR I 173 31.02 -49.84 48.77
CA THR I 173 31.26 -50.02 47.33
C THR I 173 30.07 -50.55 46.50
N GLY I 174 28.90 -50.69 47.11
CA GLY I 174 27.73 -51.20 46.42
C GLY I 174 27.93 -52.62 45.93
N VAL I 175 27.13 -53.03 44.95
CA VAL I 175 26.10 -52.17 44.37
C VAL I 175 24.76 -52.88 44.31
N VAL I 176 23.71 -52.22 44.78
CA VAL I 176 22.38 -52.82 44.83
C VAL I 176 21.58 -52.55 43.56
N THR I 177 21.08 -53.63 42.95
CA THR I 177 20.22 -53.52 41.76
C THR I 177 18.91 -54.25 42.04
N MET I 178 17.80 -53.69 41.57
CA MET I 178 16.49 -54.26 41.86
C MET I 178 15.84 -54.88 40.64
N GLU I 179 14.84 -55.73 40.88
CA GLU I 179 14.05 -56.34 39.82
C GLU I 179 12.77 -56.92 40.40
N GLU I 180 11.71 -56.97 39.58
CA GLU I 180 10.42 -57.46 40.03
C GLU I 180 10.23 -58.93 39.67
N GLY I 181 9.15 -59.52 40.17
CA GLY I 181 8.85 -60.91 39.91
C GLY I 181 9.41 -61.84 40.97
N LYS I 182 8.75 -62.97 41.19
CA LYS I 182 7.53 -63.31 40.45
C LYS I 182 6.36 -63.55 41.40
N THR I 183 6.68 -63.89 42.65
CA THR I 183 5.66 -64.14 43.66
C THR I 183 5.74 -63.08 44.77
N ALA I 184 4.59 -62.75 45.35
CA ALA I 184 4.49 -61.67 46.32
C ALA I 184 5.23 -61.98 47.63
N GLU I 185 6.52 -61.68 47.66
CA GLU I 185 7.33 -61.77 48.88
C GLU I 185 8.54 -60.85 48.78
N ASP I 186 9.45 -60.96 49.75
CA ASP I 186 10.70 -60.21 49.71
C ASP I 186 11.88 -61.14 49.52
N GLN I 187 12.32 -61.29 48.27
CA GLN I 187 13.38 -62.22 47.92
C GLN I 187 14.71 -61.50 47.72
N LEU I 188 15.63 -61.70 48.66
CA LEU I 188 16.98 -61.15 48.55
C LEU I 188 17.93 -62.18 47.96
N VAL I 189 18.71 -61.75 46.97
CA VAL I 189 19.63 -62.66 46.28
C VAL I 189 21.01 -62.02 46.13
N PHE I 190 22.05 -62.71 46.61
CA PHE I 190 23.42 -62.25 46.42
C PHE I 190 24.16 -63.22 45.50
N VAL I 191 24.75 -62.69 44.44
CA VAL I 191 25.47 -63.51 43.48
C VAL I 191 26.77 -62.84 43.03
N GLU I 192 27.46 -63.49 42.08
CA GLU I 192 28.72 -62.96 41.58
C GLU I 192 28.48 -61.87 40.55
N GLY I 193 28.55 -60.61 41.00
CA GLY I 193 28.33 -59.48 40.12
C GLY I 193 29.41 -58.42 40.25
N MET I 194 29.55 -57.60 39.22
CA MET I 194 30.57 -56.56 39.20
C MET I 194 30.09 -55.30 38.48
N GLN I 195 30.77 -54.19 38.68
CA GLN I 195 30.44 -52.95 38.00
C GLN I 195 31.66 -52.07 37.76
N PHE I 196 31.52 -51.13 36.84
CA PHE I 196 32.59 -50.18 36.54
C PHE I 196 32.01 -48.79 36.26
N GLU I 197 32.86 -47.77 36.33
CA GLU I 197 32.42 -46.40 36.12
C GLU I 197 32.62 -45.95 34.68
N ARG I 198 32.44 -46.87 33.74
CA ARG I 198 32.52 -46.55 32.32
C ARG I 198 31.12 -46.46 31.74
N GLY I 199 31.02 -45.95 30.51
CA GLY I 199 29.73 -45.77 29.87
C GLY I 199 29.66 -46.34 28.47
N TYR I 200 28.48 -46.27 27.86
CA TYR I 200 28.27 -46.77 26.51
C TYR I 200 28.99 -45.89 25.50
N THR I 201 29.18 -46.42 24.29
CA THR I 201 29.83 -45.67 23.22
C THR I 201 28.87 -44.66 22.61
N SER I 202 27.66 -45.12 22.31
CA SER I 202 26.64 -44.25 21.72
C SER I 202 25.33 -44.34 22.49
N PRO I 203 24.63 -43.20 22.63
CA PRO I 203 23.33 -43.13 23.29
C PRO I 203 22.20 -43.75 22.46
N TYR I 204 22.57 -44.41 21.36
CA TYR I 204 21.59 -45.01 20.47
C TYR I 204 21.36 -46.48 20.81
N PHE I 205 22.08 -46.98 21.81
CA PHE I 205 21.95 -48.38 22.23
C PHE I 205 20.90 -48.54 23.31
N VAL I 206 20.14 -47.51 23.68
CA VAL I 206 19.24 -47.72 24.84
C VAL I 206 18.15 -48.76 24.62
N THR I 207 18.01 -49.66 25.59
CA THR I 207 17.06 -50.77 25.52
C THR I 207 15.57 -50.41 25.53
N ASP I 208 15.24 -49.47 26.41
CA ASP I 208 13.89 -49.04 26.74
C ASP I 208 13.83 -47.64 27.36
N PRO I 209 13.64 -46.61 26.52
CA PRO I 209 13.37 -45.23 26.96
C PRO I 209 12.03 -45.16 27.69
N GLU I 210 11.80 -44.16 28.54
CA GLU I 210 12.72 -43.05 28.76
C GLU I 210 13.81 -43.38 29.78
N ARG I 211 13.85 -44.63 30.21
CA ARG I 211 14.89 -45.07 31.15
C ARG I 211 16.25 -45.08 30.46
N MET I 212 16.23 -45.13 29.13
CA MET I 212 17.42 -45.17 28.26
C MET I 212 18.57 -46.00 28.82
N ILE I 213 18.21 -47.11 29.46
CA ILE I 213 19.20 -48.03 30.04
C ILE I 213 19.17 -49.37 29.31
N CYS I 214 20.34 -49.79 28.82
CA CYS I 214 20.46 -51.03 28.07
C CYS I 214 20.57 -52.25 28.98
N GLU I 215 19.46 -53.05 29.00
CA GLU I 215 19.43 -54.28 29.77
C GLU I 215 19.23 -55.51 28.87
N TYR I 216 20.06 -56.58 29.12
CA TYR I 216 19.93 -57.81 28.36
C TYR I 216 20.08 -59.03 29.25
N GLU I 217 19.40 -60.11 28.90
CA GLU I 217 19.40 -61.31 29.74
C GLU I 217 19.98 -62.52 29.01
N ASN I 218 20.80 -63.29 29.74
CA ASN I 218 21.44 -64.49 29.22
C ASN I 218 22.23 -64.24 27.95
N CYS I 219 23.35 -63.53 28.09
CA CYS I 219 24.18 -63.17 26.93
C CYS I 219 25.66 -63.40 27.20
N LYS I 220 26.41 -63.65 26.13
CA LYS I 220 27.85 -63.87 26.24
C LYS I 220 28.62 -62.55 26.23
N ILE I 221 29.86 -62.59 26.68
CA ILE I 221 30.69 -61.39 26.77
C ILE I 221 32.03 -61.59 26.06
N LEU I 222 32.59 -60.50 25.54
CA LEU I 222 33.86 -60.57 24.81
C LEU I 222 34.59 -59.23 24.87
N LEU I 223 35.88 -59.27 25.22
CA LEU I 223 36.65 -58.04 25.33
C LEU I 223 38.15 -58.26 25.10
N VAL I 224 38.79 -57.24 24.52
CA VAL I 224 40.24 -57.21 24.35
C VAL I 224 40.74 -55.83 24.81
N ASP I 225 42.05 -55.67 24.93
CA ASP I 225 42.62 -54.41 25.40
C ASP I 225 42.90 -53.44 24.24
N LYS I 226 43.23 -53.97 23.08
CA LYS I 226 43.56 -53.14 21.92
C LYS I 226 42.33 -52.55 21.26
N LYS I 227 42.53 -51.46 20.51
CA LYS I 227 41.45 -50.81 19.80
C LYS I 227 40.96 -51.67 18.63
N ILE I 228 39.65 -51.75 18.45
CA ILE I 228 39.06 -52.55 17.39
C ILE I 228 38.54 -51.66 16.26
N SER I 229 38.97 -51.97 15.03
CA SER I 229 38.55 -51.23 13.86
C SER I 229 38.14 -52.18 12.75
N THR I 230 38.82 -53.32 12.68
CA THR I 230 38.50 -54.35 11.70
C THR I 230 37.12 -54.93 11.98
N ALA I 231 36.45 -55.38 10.93
CA ALA I 231 35.08 -55.88 11.05
C ALA I 231 35.00 -57.38 10.77
N ARG I 232 35.90 -57.88 9.94
CA ARG I 232 35.86 -59.27 9.50
C ARG I 232 35.96 -60.25 10.68
N ASP I 233 36.69 -59.86 11.71
CA ASP I 233 36.80 -60.68 12.91
C ASP I 233 35.47 -60.68 13.66
N ILE I 234 34.78 -59.55 13.60
CA ILE I 234 33.53 -59.39 14.33
C ILE I 234 32.35 -60.06 13.62
N ILE I 235 32.39 -60.05 12.29
CA ILE I 235 31.31 -60.68 11.51
C ILE I 235 31.40 -62.20 11.56
N THR I 236 32.56 -62.72 11.94
CA THR I 236 32.73 -64.15 12.17
C THR I 236 32.16 -64.53 13.53
N ILE I 237 32.33 -63.63 14.49
CA ILE I 237 31.73 -63.79 15.81
C ILE I 237 30.24 -63.52 15.71
N LEU I 238 29.86 -62.70 14.73
CA LEU I 238 28.46 -62.45 14.42
C LEU I 238 27.80 -63.74 13.96
N GLU I 239 28.52 -64.51 13.14
CA GLU I 239 28.05 -65.80 12.67
C GLU I 239 27.95 -66.77 13.84
N SER I 240 28.81 -66.57 14.84
CA SER I 240 28.77 -67.35 16.06
C SER I 240 27.61 -66.89 16.95
N ALA I 241 27.15 -65.66 16.70
CA ALA I 241 26.01 -65.11 17.42
C ALA I 241 24.72 -65.34 16.64
N ILE I 242 24.84 -65.92 15.46
CA ILE I 242 23.67 -66.24 14.64
C ILE I 242 23.33 -67.73 14.77
N ARG I 243 24.37 -68.56 14.89
CA ARG I 243 24.19 -69.98 15.15
C ARG I 243 23.42 -70.18 16.45
N GLY I 244 23.72 -69.34 17.44
CA GLY I 244 22.98 -69.30 18.68
C GLY I 244 22.34 -67.93 18.85
N ASN I 245 21.04 -67.84 18.58
CA ASN I 245 20.34 -66.56 18.63
C ASN I 245 20.43 -65.88 20.00
N TYR I 246 21.57 -65.27 20.27
CA TYR I 246 21.81 -64.59 21.53
C TYR I 246 22.56 -63.27 21.32
N PRO I 247 22.23 -62.25 22.13
CA PRO I 247 22.95 -60.98 22.11
C PRO I 247 24.42 -61.13 22.51
N LEU I 248 25.22 -60.11 22.24
CA LEU I 248 26.65 -60.17 22.54
C LEU I 248 27.13 -58.93 23.28
N LEU I 249 28.09 -59.12 24.18
CA LEU I 249 28.65 -58.01 24.96
C LEU I 249 30.07 -57.70 24.53
N ILE I 250 30.34 -56.43 24.23
CA ILE I 250 31.67 -56.00 23.80
C ILE I 250 32.10 -54.73 24.54
N MET I 251 33.28 -54.79 25.14
CA MET I 251 33.86 -53.60 25.78
C MET I 251 35.37 -53.55 25.60
N ALA I 252 35.82 -53.23 24.39
CA ALA I 252 37.24 -53.17 24.08
C ALA I 252 37.71 -51.75 23.83
N GLU I 253 37.65 -50.93 24.88
CA GLU I 253 38.06 -49.53 24.83
C GLU I 253 37.39 -48.76 23.70
N GLU I 254 38.15 -48.48 22.64
CA GLU I 254 37.67 -47.63 21.56
C GLU I 254 37.30 -48.43 20.32
N VAL I 255 36.01 -48.41 20.00
CA VAL I 255 35.52 -48.97 18.75
C VAL I 255 35.33 -47.85 17.74
N GLU I 256 36.07 -47.92 16.63
CA GLU I 256 36.09 -46.82 15.67
C GLU I 256 34.75 -46.68 14.94
N GLN I 257 34.61 -45.59 14.19
CA GLN I 257 33.37 -45.26 13.52
C GLN I 257 32.88 -46.34 12.56
N GLU I 258 33.82 -47.09 11.99
CA GLU I 258 33.46 -48.14 11.04
C GLU I 258 32.72 -49.29 11.71
N ALA I 259 33.34 -49.87 12.74
CA ALA I 259 32.73 -50.98 13.46
C ALA I 259 31.51 -50.52 14.25
N LEU I 260 31.54 -49.28 14.72
CA LEU I 260 30.43 -48.71 15.48
C LEU I 260 29.18 -48.55 14.59
N ALA I 261 29.40 -48.08 13.36
CA ALA I 261 28.31 -47.90 12.42
C ALA I 261 27.73 -49.26 12.02
N THR I 262 28.59 -50.25 11.85
CA THR I 262 28.16 -51.60 11.53
C THR I 262 27.34 -52.18 12.67
N LEU I 263 27.72 -51.82 13.90
CA LEU I 263 27.05 -52.31 15.09
C LEU I 263 25.64 -51.75 15.23
N VAL I 264 25.50 -50.44 15.08
CA VAL I 264 24.21 -49.79 15.26
C VAL I 264 23.24 -50.10 14.12
N VAL I 265 23.78 -50.41 12.94
CA VAL I 265 22.96 -50.79 11.80
C VAL I 265 22.40 -52.19 11.98
N ASN I 266 23.26 -53.11 12.43
CA ASN I 266 22.85 -54.48 12.69
C ASN I 266 21.93 -54.59 13.90
N LYS I 267 21.90 -53.54 14.72
CA LYS I 267 21.07 -53.53 15.92
C LYS I 267 19.70 -52.91 15.65
N LEU I 268 19.66 -51.95 14.72
CA LEU I 268 18.42 -51.25 14.41
C LEU I 268 17.44 -52.17 13.68
N ARG I 269 17.95 -53.13 12.95
CA ARG I 269 17.11 -54.07 12.20
C ARG I 269 16.67 -55.25 13.06
N GLY I 270 17.34 -55.43 14.20
CA GLY I 270 17.00 -56.48 15.12
C GLY I 270 17.62 -57.82 14.77
N THR I 271 18.45 -57.83 13.73
CA THR I 271 19.14 -59.05 13.31
C THR I 271 20.24 -59.41 14.31
N LEU I 272 20.95 -58.39 14.78
CA LEU I 272 22.03 -58.59 15.74
C LEU I 272 21.87 -57.69 16.96
N LYS I 273 21.69 -58.31 18.12
CA LYS I 273 21.60 -57.57 19.37
C LYS I 273 22.99 -57.30 19.92
N VAL I 274 23.49 -56.07 19.74
CA VAL I 274 24.87 -55.76 20.11
C VAL I 274 24.92 -54.67 21.19
N VAL I 275 26.03 -54.64 21.93
CA VAL I 275 26.24 -53.65 22.97
C VAL I 275 27.64 -53.05 22.87
N ALA I 276 27.72 -51.73 23.00
CA ALA I 276 29.01 -51.04 22.94
C ALA I 276 29.37 -50.44 24.30
N ILE I 277 30.49 -50.11 24.67
CA ILE I 277 31.00 -49.40 25.80
C ILE I 277 32.49 -49.22 25.83
N LYS I 278 33.17 -49.00 26.90
CA LYS I 278 34.56 -48.59 26.95
C LYS I 278 35.35 -49.45 27.93
N ALA I 279 36.64 -49.19 28.06
CA ALA I 279 37.51 -49.98 28.92
C ALA I 279 37.78 -49.28 30.26
N PRO I 280 37.81 -50.06 31.35
CA PRO I 280 38.14 -49.55 32.68
C PRO I 280 39.65 -49.42 32.89
N GLY I 281 40.05 -48.45 33.71
CA GLY I 281 41.46 -48.25 34.01
C GLY I 281 42.25 -47.73 32.82
N PHE I 282 43.58 -47.81 32.91
CA PHE I 282 44.45 -47.34 31.85
C PHE I 282 45.81 -48.04 31.90
N GLY I 283 46.38 -48.31 30.73
CA GLY I 283 47.68 -48.94 30.64
C GLY I 283 47.66 -50.41 31.05
N GLU I 284 48.55 -50.78 31.96
CA GLU I 284 48.64 -52.14 32.44
C GLU I 284 47.43 -52.53 33.28
N ARG I 285 46.71 -51.51 33.76
CA ARG I 285 45.50 -51.74 34.55
C ARG I 285 44.40 -52.36 33.70
N ARG I 286 44.30 -51.92 32.45
CA ARG I 286 43.29 -52.43 31.53
C ARG I 286 43.43 -53.94 31.35
N SER I 287 44.64 -54.39 31.02
CA SER I 287 44.90 -55.81 30.80
C SER I 287 44.89 -56.61 32.09
N SER I 288 44.70 -55.91 33.21
CA SER I 288 44.62 -56.57 34.51
C SER I 288 43.19 -56.51 35.06
N TYR I 289 42.35 -55.73 34.40
CA TYR I 289 40.95 -55.61 34.81
C TYR I 289 40.02 -56.41 33.92
N LEU I 290 40.35 -56.49 32.63
CA LEU I 290 39.53 -57.23 31.68
C LEU I 290 39.69 -58.73 31.88
N GLU I 291 40.88 -59.14 32.31
CA GLU I 291 41.13 -60.55 32.61
C GLU I 291 40.58 -60.88 33.99
N ASP I 292 40.31 -59.85 34.78
CA ASP I 292 39.73 -60.01 36.10
C ASP I 292 38.24 -60.28 35.99
N ILE I 293 37.65 -59.90 34.86
CA ILE I 293 36.23 -60.08 34.63
C ILE I 293 35.99 -61.16 33.57
N ALA I 294 37.06 -61.56 32.89
CA ALA I 294 36.97 -62.57 31.84
C ALA I 294 36.61 -63.93 32.41
N ILE I 295 37.46 -64.43 33.31
CA ILE I 295 37.22 -65.72 33.96
C ILE I 295 36.02 -65.61 34.89
N LEU I 296 35.79 -64.42 35.43
CA LEU I 296 34.64 -64.15 36.28
C LEU I 296 33.34 -64.43 35.51
N THR I 297 33.39 -64.23 34.20
CA THR I 297 32.26 -64.55 33.34
C THR I 297 32.45 -65.90 32.68
N GLY I 298 33.56 -66.56 32.99
CA GLY I 298 33.84 -67.88 32.46
C GLY I 298 34.31 -67.85 31.01
N GLY I 299 35.38 -67.09 30.76
CA GLY I 299 35.93 -66.98 29.42
C GLY I 299 37.40 -66.60 29.43
N THR I 300 38.13 -67.08 28.43
CA THR I 300 39.55 -66.78 28.33
C THR I 300 39.78 -65.39 27.75
N VAL I 301 41.05 -64.97 27.70
CA VAL I 301 41.40 -63.67 27.17
C VAL I 301 42.00 -63.79 25.78
N VAL I 302 41.51 -62.97 24.85
CA VAL I 302 41.96 -63.02 23.47
C VAL I 302 42.97 -61.90 23.19
N ARG I 303 44.00 -61.82 24.02
CA ARG I 303 45.03 -60.79 23.88
C ARG I 303 46.23 -61.31 23.10
N ASP I 304 46.88 -60.41 22.34
CA ASP I 304 48.00 -60.79 21.50
C ASP I 304 49.31 -60.90 22.26
N GLU I 305 49.25 -60.71 23.57
CA GLU I 305 50.44 -60.75 24.42
C GLU I 305 50.95 -62.18 24.60
N MET I 306 50.07 -63.15 24.37
CA MET I 306 50.43 -64.56 24.51
C MET I 306 50.88 -65.26 23.21
N GLY I 307 50.16 -65.14 22.10
CA GLY I 307 48.92 -64.40 21.95
C GLY I 307 48.10 -64.89 20.77
N VAL I 308 46.78 -64.72 20.86
CA VAL I 308 45.88 -65.17 19.81
C VAL I 308 44.88 -64.10 19.40
N SER I 309 44.80 -63.84 18.10
CA SER I 309 43.82 -62.91 17.56
C SER I 309 43.58 -63.19 16.08
N LEU I 310 42.73 -64.17 15.80
CA LEU I 310 42.46 -64.57 14.42
C LEU I 310 41.03 -64.29 14.00
N GLU I 311 40.60 -64.95 12.94
CA GLU I 311 39.27 -64.74 12.37
C GLU I 311 38.17 -65.36 13.24
N GLN I 312 38.37 -66.63 13.57
CA GLN I 312 37.34 -67.40 14.28
C GLN I 312 37.37 -67.17 15.79
N ALA I 313 36.27 -67.52 16.45
CA ALA I 313 36.15 -67.40 17.90
C ALA I 313 35.11 -68.38 18.43
N THR I 314 35.44 -69.09 19.50
CA THR I 314 34.54 -70.10 20.05
C THR I 314 34.00 -69.71 21.42
N ASP I 315 33.35 -70.66 22.08
CA ASP I 315 32.72 -70.42 23.37
C ASP I 315 33.73 -70.14 24.48
N ALA I 316 34.91 -70.73 24.37
CA ALA I 316 35.91 -70.62 25.42
C ALA I 316 36.61 -69.27 25.41
N VAL I 317 36.48 -68.53 24.32
CA VAL I 317 37.11 -67.22 24.21
C VAL I 317 36.16 -66.12 24.67
N LEU I 318 34.90 -66.48 24.88
CA LEU I 318 33.90 -65.53 25.33
C LEU I 318 33.18 -66.01 26.59
N GLY I 319 33.19 -65.19 27.63
CA GLY I 319 32.54 -65.54 28.88
C GLY I 319 31.04 -65.43 28.79
N THR I 320 30.35 -65.75 29.88
CA THR I 320 28.90 -65.68 29.91
C THR I 320 28.38 -64.77 31.02
N ALA I 321 27.25 -64.11 30.76
CA ALA I 321 26.63 -63.22 31.73
C ALA I 321 25.11 -63.34 31.66
N ALA I 322 24.50 -63.73 32.78
CA ALA I 322 23.06 -63.95 32.81
C ALA I 322 22.28 -62.67 32.60
N LYS I 323 22.71 -61.58 33.24
CA LYS I 323 22.06 -60.29 33.10
C LYS I 323 23.06 -59.14 33.17
N ILE I 324 22.90 -58.16 32.28
CA ILE I 324 23.76 -56.97 32.32
C ILE I 324 22.93 -55.70 32.14
N THR I 325 23.15 -54.74 33.04
CA THR I 325 22.47 -53.46 33.00
C THR I 325 23.46 -52.30 33.00
N ILE I 326 23.51 -51.56 31.91
CA ILE I 326 24.44 -50.44 31.79
C ILE I 326 23.69 -49.11 31.58
N THR I 327 24.27 -48.03 32.06
CA THR I 327 23.67 -46.71 31.91
C THR I 327 24.68 -45.69 31.40
N LYS I 328 24.47 -44.42 31.75
CA LYS I 328 25.31 -43.34 31.24
C LYS I 328 26.75 -43.46 31.70
N GLU I 329 26.97 -43.52 33.00
CA GLU I 329 28.33 -43.54 33.54
C GLU I 329 28.63 -44.81 34.33
N ARG I 330 27.71 -45.78 34.27
CA ARG I 330 27.91 -47.03 34.98
C ARG I 330 27.64 -48.24 34.07
N THR I 331 28.38 -49.32 34.32
CA THR I 331 28.18 -50.58 33.61
C THR I 331 28.18 -51.74 34.59
N THR I 332 27.02 -52.37 34.77
CA THR I 332 26.87 -53.42 35.78
C THR I 332 26.58 -54.78 35.18
N VAL I 333 27.22 -55.82 35.73
CA VAL I 333 26.98 -57.20 35.33
C VAL I 333 26.58 -58.03 36.56
N VAL I 334 25.71 -59.02 36.36
CA VAL I 334 25.19 -59.81 37.46
C VAL I 334 24.47 -61.08 36.99
N GLY I 335 24.30 -62.04 37.90
CA GLY I 335 23.44 -63.18 37.64
C GLY I 335 24.13 -64.46 37.21
N ASP I 336 25.20 -64.33 36.42
CA ASP I 336 25.87 -65.49 35.82
C ASP I 336 26.37 -66.48 36.86
N GLY I 337 26.10 -67.76 36.61
CA GLY I 337 26.55 -68.82 37.51
C GLY I 337 27.83 -69.47 37.00
N SER I 338 28.90 -68.69 36.96
CA SER I 338 30.18 -69.19 36.49
C SER I 338 31.08 -69.59 37.65
N THR I 339 32.39 -69.48 37.45
CA THR I 339 33.37 -69.86 38.45
C THR I 339 33.36 -68.87 39.62
N ALA I 340 32.73 -69.25 40.71
CA ALA I 340 32.71 -68.42 41.92
C ALA I 340 34.06 -68.49 42.61
N ALA I 341 34.83 -69.52 42.28
CA ALA I 341 36.18 -69.68 42.83
C ALA I 341 37.10 -68.59 42.33
N ASP I 342 36.83 -68.11 41.11
CA ASP I 342 37.60 -67.02 40.52
C ASP I 342 37.49 -65.76 41.38
N VAL I 343 36.26 -65.41 41.74
CA VAL I 343 36.02 -64.24 42.58
C VAL I 343 36.60 -64.44 43.98
N ALA I 344 36.84 -65.70 44.33
CA ALA I 344 37.39 -66.03 45.64
C ALA I 344 38.89 -66.28 45.59
N ALA I 345 39.46 -66.34 44.39
CA ALA I 345 40.89 -66.58 44.23
C ALA I 345 41.62 -65.32 43.76
N ARG I 346 40.93 -64.50 42.96
CA ARG I 346 41.53 -63.26 42.49
C ARG I 346 41.70 -62.30 43.67
N VAL I 347 40.79 -62.38 44.63
CA VAL I 347 40.89 -61.58 45.85
C VAL I 347 42.09 -62.04 46.68
N LYS I 348 42.45 -63.31 46.54
CA LYS I 348 43.63 -63.85 47.21
C LYS I 348 44.88 -63.33 46.51
N GLN I 349 44.80 -63.19 45.19
CA GLN I 349 45.91 -62.67 44.41
C GLN I 349 46.14 -61.19 44.70
N ILE I 350 45.05 -60.47 44.96
CA ILE I 350 45.13 -59.06 45.29
C ILE I 350 45.76 -58.85 46.67
N ARG I 351 45.35 -59.70 47.63
CA ARG I 351 45.91 -59.64 48.97
C ARG I 351 47.41 -59.93 48.95
N ASN I 352 47.82 -60.85 48.09
CA ASN I 352 49.22 -61.19 47.92
C ASN I 352 50.00 -60.04 47.31
N LEU I 353 49.40 -59.38 46.32
CA LEU I 353 50.02 -58.22 45.69
C LEU I 353 50.08 -57.04 46.67
N GLN I 354 49.05 -56.92 47.51
CA GLN I 354 48.98 -55.86 48.51
C GLN I 354 50.07 -56.00 49.57
N MET I 355 50.36 -57.24 49.94
CA MET I 355 51.36 -57.54 50.97
C MET I 355 52.77 -57.17 50.53
N GLN I 356 53.07 -57.41 49.25
CA GLN I 356 54.41 -57.20 48.73
C GLN I 356 54.57 -55.84 48.06
N THR I 357 53.50 -55.06 48.02
CA THR I 357 53.52 -53.75 47.38
C THR I 357 54.22 -52.71 48.26
N ASP I 358 55.22 -52.04 47.67
CA ASP I 358 55.94 -50.99 48.37
C ASP I 358 55.46 -49.62 47.93
N GLN I 359 54.80 -49.58 46.78
CA GLN I 359 54.30 -48.33 46.21
C GLN I 359 53.08 -47.82 46.98
N ASP I 360 52.47 -46.74 46.48
CA ASP I 360 51.31 -46.14 47.12
C ASP I 360 50.09 -46.23 46.21
N TYR I 361 50.29 -45.93 44.93
CA TYR I 361 49.18 -45.95 43.97
C TYR I 361 48.70 -47.38 43.73
N GLU I 362 49.61 -48.34 43.78
CA GLU I 362 49.25 -49.74 43.58
C GLU I 362 48.44 -50.25 44.76
N ARG I 363 48.69 -49.71 45.95
CA ARG I 363 47.96 -50.12 47.14
C ARG I 363 46.48 -49.74 47.07
N GLU I 364 46.20 -48.55 46.56
CA GLU I 364 44.83 -48.07 46.48
C GLU I 364 44.10 -48.61 45.24
N LYS I 365 44.86 -48.93 44.20
CA LYS I 365 44.30 -49.55 43.00
C LYS I 365 43.88 -50.97 43.30
N LEU I 366 44.67 -51.67 44.10
CA LEU I 366 44.32 -53.01 44.55
C LEU I 366 43.23 -52.92 45.60
N GLN I 367 43.16 -51.79 46.29
CA GLN I 367 42.16 -51.58 47.32
C GLN I 367 40.79 -51.28 46.71
N GLU I 368 40.77 -50.55 45.61
CA GLU I 368 39.51 -50.24 44.94
C GLU I 368 39.02 -51.44 44.15
N ARG I 369 39.95 -52.34 43.79
CA ARG I 369 39.58 -53.55 43.07
C ARG I 369 39.10 -54.62 44.04
N ILE I 370 39.77 -54.74 45.18
CA ILE I 370 39.36 -55.69 46.21
C ILE I 370 38.04 -55.26 46.83
N ALA I 371 37.71 -53.98 46.69
CA ALA I 371 36.47 -53.42 47.22
C ALA I 371 35.27 -53.90 46.41
N ARG I 372 35.25 -53.52 45.13
CA ARG I 372 34.14 -53.87 44.24
C ARG I 372 34.03 -55.38 44.03
N LEU I 373 35.16 -56.08 44.13
CA LEU I 373 35.17 -57.53 44.02
C LEU I 373 34.47 -58.17 45.22
N SER I 374 34.81 -57.70 46.42
CA SER I 374 34.22 -58.22 47.64
C SER I 374 32.77 -57.80 47.80
N GLY I 375 32.46 -56.58 47.38
CA GLY I 375 31.11 -56.05 47.48
C GLY I 375 30.13 -56.82 46.61
N GLY I 376 30.60 -57.25 45.45
CA GLY I 376 29.78 -58.00 44.52
C GLY I 376 28.63 -57.18 43.98
N VAL I 377 27.41 -57.80 43.82
CA VAL I 377 26.26 -57.08 43.32
C VAL I 377 24.97 -57.75 43.81
N ALA I 378 24.44 -57.31 45.00
CA ALA I 378 23.24 -57.90 45.59
C ALA I 378 21.99 -57.46 44.84
N ILE I 379 21.23 -58.42 44.34
CA ILE I 379 19.99 -58.14 43.61
C ILE I 379 18.77 -58.47 44.46
N ILE I 380 17.81 -57.55 44.49
CA ILE I 380 16.62 -57.71 45.32
C ILE I 380 15.37 -57.94 44.47
N GLN I 381 14.50 -58.84 44.92
CA GLN I 381 13.24 -59.11 44.23
C GLN I 381 12.06 -58.60 45.05
N VAL I 382 11.22 -57.78 44.42
CA VAL I 382 10.07 -57.19 45.11
C VAL I 382 8.84 -58.08 44.98
N GLY I 383 7.87 -57.87 45.86
CA GLY I 383 6.62 -58.62 45.82
C GLY I 383 5.71 -58.18 44.70
N ALA I 384 4.49 -58.70 44.69
CA ALA I 384 3.53 -58.38 43.64
C ALA I 384 2.09 -58.63 44.07
N GLN I 385 1.36 -57.55 44.36
CA GLN I 385 -0.04 -57.64 44.71
C GLN I 385 -0.89 -57.82 43.45
N THR I 386 -0.92 -56.78 42.61
CA THR I 386 -1.58 -56.86 41.31
C THR I 386 -0.54 -56.76 40.21
N GLU I 387 -0.92 -56.22 39.06
CA GLU I 387 0.02 -56.02 37.96
C GLU I 387 0.46 -54.56 37.88
N THR I 388 -0.40 -53.66 38.32
CA THR I 388 -0.09 -52.24 38.33
C THR I 388 0.57 -51.85 39.64
N GLU I 389 0.40 -52.68 40.66
CA GLU I 389 0.98 -52.43 41.97
C GLU I 389 2.47 -52.74 41.98
N LEU I 390 2.85 -53.83 41.29
CA LEU I 390 4.25 -54.23 41.23
C LEU I 390 5.07 -53.22 40.44
N LYS I 391 4.45 -52.64 39.42
CA LYS I 391 5.11 -51.62 38.61
C LYS I 391 5.20 -50.31 39.38
N GLU I 392 4.14 -49.97 40.09
CA GLU I 392 4.13 -48.77 40.91
C GLU I 392 5.13 -48.91 42.05
N LYS I 393 5.25 -50.14 42.56
CA LYS I 393 6.29 -50.45 43.54
C LYS I 393 7.67 -50.30 42.93
N LYS I 394 7.91 -51.01 41.83
CA LYS I 394 9.21 -51.03 41.17
C LYS I 394 9.72 -49.63 40.85
N LEU I 395 8.81 -48.73 40.50
CA LEU I 395 9.17 -47.34 40.25
C LEU I 395 9.47 -46.62 41.55
N ARG I 396 8.70 -46.92 42.58
CA ARG I 396 8.88 -46.29 43.88
C ARG I 396 10.16 -46.79 44.56
N VAL I 397 10.50 -48.05 44.36
CA VAL I 397 11.72 -48.60 44.93
C VAL I 397 12.93 -48.18 44.12
N GLU I 398 12.70 -47.74 42.88
CA GLU I 398 13.78 -47.27 42.02
C GLU I 398 14.23 -45.88 42.48
N ASP I 399 13.25 -45.01 42.69
CA ASP I 399 13.51 -43.67 43.16
C ASP I 399 13.99 -43.70 44.60
N ALA I 400 13.58 -44.74 45.34
CA ALA I 400 14.02 -44.93 46.71
C ALA I 400 15.50 -45.27 46.78
N LEU I 401 15.91 -46.24 45.97
CA LEU I 401 17.30 -46.67 45.93
C LEU I 401 18.23 -45.55 45.49
N ASN I 402 17.84 -44.85 44.43
CA ASN I 402 18.64 -43.76 43.88
C ASN I 402 18.78 -42.61 44.88
N ALA I 403 17.74 -42.40 45.68
CA ALA I 403 17.75 -41.34 46.69
C ALA I 403 18.59 -41.75 47.89
N THR I 404 18.44 -43.00 48.32
CA THR I 404 19.20 -43.51 49.46
C THR I 404 20.69 -43.55 49.16
N ARG I 405 21.05 -43.98 47.96
CA ARG I 405 22.44 -44.04 47.55
C ARG I 405 23.05 -42.64 47.47
N ALA I 406 22.28 -41.70 46.94
CA ALA I 406 22.73 -40.32 46.79
C ALA I 406 22.85 -39.63 48.15
N ALA I 407 22.12 -40.15 49.13
CA ALA I 407 22.13 -39.58 50.47
C ALA I 407 23.31 -40.09 51.28
N VAL I 408 23.53 -41.41 51.23
CA VAL I 408 24.59 -42.04 52.01
C VAL I 408 25.97 -41.72 51.43
N GLU I 409 26.00 -41.30 50.18
CA GLU I 409 27.25 -41.05 49.48
C GLU I 409 27.98 -39.81 50.00
N GLU I 410 27.26 -38.70 50.10
CA GLU I 410 27.86 -37.42 50.47
C GLU I 410 27.34 -36.89 51.80
N GLY I 411 26.38 -37.59 52.40
CA GLY I 411 25.77 -37.13 53.63
C GLY I 411 24.39 -36.57 53.40
N VAL I 412 23.73 -36.12 54.46
CA VAL I 412 22.36 -35.63 54.35
C VAL I 412 22.23 -34.21 54.91
N VAL I 413 21.34 -33.43 54.30
CA VAL I 413 21.08 -32.06 54.72
C VAL I 413 19.57 -31.80 54.77
N PRO I 414 19.13 -30.90 55.67
CA PRO I 414 17.70 -30.58 55.76
C PRO I 414 17.12 -30.04 54.46
N GLY I 415 16.11 -30.71 53.93
CA GLY I 415 15.56 -30.38 52.63
C GLY I 415 14.63 -29.17 52.62
N GLY I 416 13.71 -29.15 51.67
CA GLY I 416 12.77 -28.05 51.54
C GLY I 416 13.42 -26.80 50.99
N GLY I 417 14.67 -26.91 50.56
CA GLY I 417 15.43 -25.79 50.05
C GLY I 417 15.85 -24.83 51.15
N CYS I 418 15.63 -25.25 52.40
CA CYS I 418 15.93 -24.42 53.55
C CYS I 418 17.44 -24.40 53.83
N THR I 419 18.13 -25.43 53.37
CA THR I 419 19.58 -25.52 53.53
C THR I 419 20.29 -24.44 52.71
N LEU I 420 19.60 -23.92 51.71
CA LEU I 420 20.14 -22.87 50.86
C LEU I 420 20.10 -21.52 51.58
N LEU I 421 19.16 -21.36 52.50
CA LEU I 421 19.05 -20.14 53.30
C LEU I 421 20.17 -20.11 54.33
N ARG I 422 20.37 -21.23 55.01
CA ARG I 422 21.41 -21.38 56.01
C ARG I 422 22.78 -21.21 55.38
N LEU I 423 22.91 -21.60 54.12
CA LEU I 423 24.16 -21.42 53.38
C LEU I 423 24.31 -19.97 52.94
N SER I 424 23.20 -19.32 52.63
CA SER I 424 23.22 -17.94 52.16
C SER I 424 23.52 -16.97 53.29
N GLU I 425 23.12 -17.32 54.51
CA GLU I 425 23.33 -16.44 55.66
C GLU I 425 24.69 -16.73 56.32
N LYS I 426 25.65 -17.15 55.51
CA LYS I 426 27.01 -17.34 55.97
C LYS I 426 28.00 -16.77 54.97
N VAL I 427 27.50 -15.95 54.05
CA VAL I 427 28.35 -15.23 53.12
C VAL I 427 28.54 -13.80 53.64
N ASP I 428 27.72 -13.43 54.62
CA ASP I 428 27.82 -12.13 55.26
C ASP I 428 29.04 -12.07 56.17
N VAL I 429 29.54 -13.25 56.53
CA VAL I 429 30.70 -13.36 57.40
C VAL I 429 31.97 -13.58 56.58
N ILE I 430 31.82 -13.63 55.26
CA ILE I 430 32.95 -13.89 54.38
C ILE I 430 33.58 -12.61 53.85
N LYS I 431 34.66 -12.20 54.48
CA LYS I 431 35.50 -11.11 53.98
C LYS I 431 36.67 -11.73 53.21
N ARG I 432 36.69 -11.51 51.90
CA ARG I 432 37.68 -12.17 51.06
C ARG I 432 38.91 -11.31 50.77
N ARG I 433 39.77 -11.81 49.89
CA ARG I 433 41.02 -11.13 49.51
C ARG I 433 41.02 -10.85 48.02
N MET I 434 41.36 -9.62 47.62
CA MET I 434 41.77 -8.56 48.54
C MET I 434 40.59 -7.66 48.92
N THR I 435 39.44 -8.28 49.18
CA THR I 435 38.24 -7.60 49.64
C THR I 435 37.83 -6.44 48.73
N ASP I 436 38.12 -6.55 47.44
CA ASP I 436 37.66 -5.58 46.47
C ASP I 436 36.14 -5.65 46.39
N PRO I 437 35.49 -4.48 46.21
CA PRO I 437 34.02 -4.40 46.23
C PRO I 437 33.34 -5.34 45.23
N GLU I 438 34.00 -5.63 44.12
CA GLU I 438 33.43 -6.49 43.08
C GLU I 438 33.17 -7.91 43.59
N GLN I 439 34.15 -8.47 44.28
CA GLN I 439 34.01 -9.81 44.83
C GLN I 439 32.94 -9.85 45.92
N GLN I 440 32.77 -8.73 46.61
CA GLN I 440 31.73 -8.61 47.62
C GLN I 440 30.36 -8.58 46.96
N MET I 441 30.27 -7.98 45.78
CA MET I 441 29.04 -7.96 45.01
C MET I 441 28.66 -9.39 44.62
N GLY I 442 29.65 -10.15 44.17
CA GLY I 442 29.44 -11.53 43.78
C GLY I 442 28.98 -12.39 44.94
N ALA I 443 29.42 -12.04 46.14
CA ALA I 443 28.99 -12.72 47.34
C ALA I 443 27.53 -12.40 47.63
N ASP I 444 27.18 -11.13 47.48
CA ASP I 444 25.79 -10.70 47.65
C ASP I 444 24.93 -11.26 46.54
N ILE I 445 25.54 -11.51 45.38
CA ILE I 445 24.86 -12.13 44.26
C ILE I 445 24.45 -13.56 44.61
N ILE I 446 25.40 -14.31 45.17
CA ILE I 446 25.13 -15.68 45.63
C ILE I 446 24.09 -15.68 46.73
N LYS I 447 24.14 -14.68 47.61
CA LYS I 447 23.17 -14.54 48.69
C LYS I 447 21.74 -14.42 48.17
N ARG I 448 21.53 -13.44 47.28
CA ARG I 448 20.20 -13.19 46.73
C ARG I 448 19.76 -14.29 45.77
N ALA I 449 20.71 -15.03 45.23
CA ALA I 449 20.40 -16.11 44.30
C ALA I 449 19.95 -17.36 45.03
N LEU I 450 20.50 -17.58 46.23
CA LEU I 450 20.11 -18.71 47.06
C LEU I 450 18.75 -18.47 47.70
N CYS I 451 18.29 -17.23 47.64
CA CYS I 451 17.00 -16.85 48.20
C CYS I 451 15.87 -17.24 47.23
N TYR I 452 16.18 -17.30 45.95
CA TYR I 452 15.21 -17.59 44.91
C TYR I 452 14.51 -18.96 45.01
N PRO I 453 15.28 -20.06 45.21
CA PRO I 453 14.62 -21.37 45.19
C PRO I 453 13.51 -21.54 46.22
N ILE I 454 13.77 -21.14 47.47
CA ILE I 454 12.77 -21.27 48.51
C ILE I 454 11.59 -20.33 48.23
N LYS I 455 11.87 -19.21 47.58
CA LYS I 455 10.84 -18.24 47.23
C LYS I 455 9.89 -18.85 46.21
N LEU I 456 10.44 -19.55 45.23
CA LEU I 456 9.63 -20.18 44.19
C LEU I 456 8.84 -21.37 44.73
N ILE I 457 9.42 -22.10 45.69
CA ILE I 457 8.74 -23.24 46.29
C ILE I 457 7.53 -22.79 47.09
N ALA I 458 7.72 -21.79 47.95
CA ALA I 458 6.64 -21.28 48.79
C ALA I 458 5.57 -20.57 47.96
N GLN I 459 6.00 -19.75 47.02
CA GLN I 459 5.08 -18.99 46.17
C GLN I 459 4.18 -19.88 45.34
N ASN I 460 4.78 -20.78 44.57
CA ASN I 460 4.02 -21.64 43.66
C ASN I 460 3.21 -22.68 44.43
N ALA I 461 3.47 -22.80 45.73
CA ALA I 461 2.66 -23.64 46.59
C ALA I 461 1.36 -22.93 46.95
N GLY I 462 1.46 -21.63 47.22
CA GLY I 462 0.29 -20.82 47.49
C GLY I 462 0.44 -19.90 48.69
N VAL I 463 1.67 -19.66 49.12
CA VAL I 463 1.91 -18.82 50.29
C VAL I 463 3.07 -17.85 50.04
N ASN I 464 2.99 -16.66 50.62
CA ASN I 464 4.07 -15.68 50.53
C ASN I 464 5.38 -16.22 51.07
N GLY I 465 6.44 -16.10 50.28
CA GLY I 465 7.73 -16.62 50.65
C GLY I 465 8.54 -15.68 51.53
N SER I 466 8.19 -14.40 51.49
CA SER I 466 8.90 -13.39 52.27
C SER I 466 8.72 -13.60 53.77
N VAL I 467 7.49 -13.94 54.17
CA VAL I 467 7.19 -14.16 55.58
C VAL I 467 7.78 -15.49 56.06
N VAL I 468 7.80 -16.48 55.17
CA VAL I 468 8.37 -17.78 55.48
C VAL I 468 9.88 -17.65 55.68
N MET I 469 10.52 -16.92 54.78
CA MET I 469 11.96 -16.67 54.88
C MET I 469 12.29 -15.92 56.16
N ASN I 470 11.42 -14.99 56.53
CA ASN I 470 11.59 -14.21 57.75
C ASN I 470 11.50 -15.06 59.00
N GLU I 471 10.50 -15.94 59.05
CA GLU I 471 10.27 -16.78 60.22
C GLU I 471 11.41 -17.75 60.48
N VAL I 472 11.92 -18.36 59.41
CA VAL I 472 13.00 -19.33 59.52
C VAL I 472 14.33 -18.67 59.87
N MET I 473 14.61 -17.55 59.21
CA MET I 473 15.90 -16.87 59.38
C MET I 473 16.02 -16.14 60.72
N LYS I 474 14.95 -15.47 61.13
CA LYS I 474 14.97 -14.73 62.39
C LYS I 474 15.11 -15.68 63.57
N ASN I 475 14.50 -16.85 63.46
CA ASN I 475 14.66 -17.89 64.47
C ASN I 475 16.06 -18.50 64.39
N LEU I 476 16.43 -19.27 65.42
CA LEU I 476 17.73 -19.91 65.46
C LEU I 476 17.87 -20.92 64.32
N ASP I 477 18.91 -20.74 63.51
CA ASP I 477 19.11 -21.54 62.31
C ASP I 477 19.69 -22.92 62.60
N ARG I 478 20.17 -23.12 63.83
CA ARG I 478 20.84 -24.35 64.21
C ARG I 478 19.92 -25.51 64.65
N PRO I 479 18.86 -25.22 65.43
CA PRO I 479 18.01 -26.36 65.83
C PRO I 479 17.16 -26.97 64.71
N HIS I 480 17.72 -27.06 63.51
CA HIS I 480 17.06 -27.71 62.37
C HIS I 480 15.67 -27.16 62.07
N TYR I 481 15.45 -25.89 62.37
CA TYR I 481 14.18 -25.24 62.07
C TYR I 481 13.95 -25.17 60.56
N GLY I 482 12.72 -25.46 60.14
CA GLY I 482 12.39 -25.44 58.73
C GLY I 482 10.91 -25.21 58.47
N TYR I 483 10.53 -25.29 57.20
CA TYR I 483 9.15 -25.06 56.80
C TYR I 483 8.71 -26.07 55.75
N ASN I 484 7.81 -26.97 56.11
CA ASN I 484 7.28 -27.95 55.18
C ASN I 484 6.11 -27.39 54.39
N ALA I 485 6.30 -27.22 53.09
CA ALA I 485 5.28 -26.65 52.23
C ALA I 485 4.13 -27.62 51.98
N ALA I 486 4.36 -28.90 52.27
CA ALA I 486 3.36 -29.93 52.06
C ALA I 486 2.27 -29.89 53.13
N THR I 487 2.64 -29.43 54.32
CA THR I 487 1.69 -29.37 55.44
C THR I 487 1.47 -27.93 55.90
N ASP I 488 2.34 -27.03 55.47
CA ASP I 488 2.27 -25.62 55.83
C ASP I 488 2.24 -25.43 57.34
N SER I 489 3.39 -25.64 57.98
CA SER I 489 3.51 -25.48 59.43
C SER I 489 4.98 -25.41 59.86
N PHE I 490 5.22 -24.75 60.99
CA PHE I 490 6.57 -24.66 61.53
C PHE I 490 7.01 -26.02 62.09
N GLU I 491 8.00 -26.62 61.45
CA GLU I 491 8.45 -27.97 61.81
C GLU I 491 9.94 -28.15 61.55
N ASN I 492 10.59 -29.00 62.36
CA ASN I 492 11.97 -29.37 62.11
C ASN I 492 12.07 -30.38 60.97
N LEU I 493 12.83 -30.04 59.94
CA LEU I 493 12.90 -30.84 58.72
C LEU I 493 13.43 -32.25 58.94
N MET I 494 14.22 -32.41 60.00
CA MET I 494 14.85 -33.69 60.28
C MET I 494 13.85 -34.73 60.79
N GLU I 495 13.17 -34.40 61.89
CA GLU I 495 12.26 -35.34 62.53
C GLU I 495 10.96 -35.55 61.76
N THR I 496 10.61 -34.59 60.91
CA THR I 496 9.38 -34.68 60.14
C THR I 496 9.49 -35.67 58.98
N GLY I 497 10.55 -35.54 58.20
CA GLY I 497 10.78 -36.45 57.09
C GLY I 497 11.03 -35.76 55.77
N ILE I 498 11.37 -34.48 55.83
CA ILE I 498 11.69 -33.72 54.63
C ILE I 498 13.20 -33.47 54.58
N ILE I 499 13.91 -34.35 53.89
CA ILE I 499 15.36 -34.30 53.83
C ILE I 499 15.86 -34.38 52.39
N ASP I 500 16.94 -33.67 52.10
CA ASP I 500 17.57 -33.72 50.78
C ASP I 500 18.99 -34.27 50.88
N PRO I 501 19.42 -35.07 49.89
CA PRO I 501 20.80 -35.56 49.83
C PRO I 501 21.79 -34.43 49.56
N SER I 502 22.88 -34.39 50.32
CA SER I 502 23.86 -33.31 50.21
C SER I 502 24.59 -33.33 48.87
N LYS I 503 24.64 -34.50 48.24
CA LYS I 503 25.28 -34.65 46.94
C LYS I 503 24.53 -33.85 45.88
N VAL I 504 23.20 -33.89 45.95
CA VAL I 504 22.36 -33.15 45.03
C VAL I 504 22.56 -31.64 45.19
N VAL I 505 22.54 -31.19 46.44
CA VAL I 505 22.71 -29.77 46.75
C VAL I 505 24.07 -29.26 46.26
N ARG I 506 25.12 -30.02 46.54
CA ARG I 506 26.47 -29.63 46.18
C ARG I 506 26.68 -29.58 44.67
N CYS I 507 26.25 -30.63 43.98
CA CYS I 507 26.45 -30.74 42.53
C CYS I 507 25.66 -29.67 41.77
N SER I 508 24.40 -29.47 42.15
CA SER I 508 23.55 -28.48 41.52
C SER I 508 24.05 -27.07 41.78
N MET I 509 24.71 -26.89 42.91
CA MET I 509 25.23 -25.59 43.30
C MET I 509 26.51 -25.27 42.54
N GLU I 510 27.44 -26.22 42.50
CA GLU I 510 28.71 -26.05 41.81
C GLU I 510 28.52 -25.88 40.30
N ASN I 511 27.63 -26.70 39.73
CA ASN I 511 27.36 -26.64 38.30
C ASN I 511 26.69 -25.33 37.89
N ALA I 512 25.80 -24.85 38.75
CA ALA I 512 25.09 -23.60 38.48
C ALA I 512 26.06 -22.42 38.44
N VAL I 513 27.05 -22.46 39.31
CA VAL I 513 28.09 -21.44 39.32
C VAL I 513 29.03 -21.65 38.13
N SER I 514 29.25 -22.92 37.78
CA SER I 514 30.11 -23.25 36.65
C SER I 514 29.57 -22.72 35.33
N VAL I 515 28.25 -22.80 35.14
CA VAL I 515 27.64 -22.31 33.91
C VAL I 515 27.42 -20.80 34.00
N ALA I 516 27.23 -20.29 35.21
CA ALA I 516 27.15 -18.85 35.42
C ALA I 516 28.51 -18.23 35.17
N LYS I 517 29.56 -19.01 35.44
CA LYS I 517 30.92 -18.60 35.15
C LYS I 517 31.11 -18.36 33.66
N THR I 518 30.78 -19.39 32.87
CA THR I 518 30.96 -19.35 31.43
C THR I 518 29.83 -18.57 30.74
N PHE I 519 28.97 -17.94 31.53
CA PHE I 519 27.89 -17.14 30.99
C PHE I 519 28.22 -15.66 31.07
N LEU I 520 28.51 -15.18 32.27
CA LEU I 520 28.82 -13.78 32.49
C LEU I 520 30.16 -13.42 31.88
N LEU I 521 31.03 -14.42 31.74
CA LEU I 521 32.34 -14.21 31.14
C LEU I 521 32.22 -13.95 29.64
N ALA I 522 31.16 -14.48 29.04
CA ALA I 522 30.92 -14.32 27.61
C ALA I 522 30.69 -12.85 27.25
N ASP I 523 31.13 -12.47 26.06
CA ASP I 523 30.99 -11.09 25.60
C ASP I 523 30.64 -11.05 24.12
N VAL I 524 30.94 -12.12 23.40
CA VAL I 524 30.61 -12.23 21.98
C VAL I 524 30.04 -13.62 21.66
N VAL I 525 28.89 -13.64 20.99
CA VAL I 525 28.25 -14.89 20.61
C VAL I 525 28.04 -14.97 19.10
N VAL I 526 28.37 -16.12 18.52
CA VAL I 526 28.16 -16.33 17.09
C VAL I 526 27.12 -17.42 16.84
N THR I 527 26.55 -17.41 15.63
CA THR I 527 25.48 -18.34 15.28
C THR I 527 25.33 -18.45 13.77
N GLU I 528 25.29 -19.68 13.27
CA GLU I 528 25.06 -19.88 11.84
C GLU I 528 23.60 -19.60 11.51
N LEU I 529 23.37 -18.77 10.50
CA LEU I 529 22.02 -18.38 10.15
C LEU I 529 21.47 -19.23 8.99
N LYS I 530 20.21 -19.00 8.65
CA LYS I 530 19.52 -19.78 7.62
C LYS I 530 20.16 -19.62 6.25
N GLU I 531 20.15 -18.39 5.75
CA GLU I 531 20.67 -18.10 4.41
C GLU I 531 22.13 -17.66 4.46
N GLU J 4 27.71 -11.63 -14.19
CA GLU J 4 27.99 -12.55 -13.09
C GLU J 4 29.17 -12.07 -12.26
N LEU J 5 29.59 -10.83 -12.51
CA LEU J 5 30.67 -10.22 -11.74
C LEU J 5 30.23 -8.83 -11.26
N HIS J 6 30.37 -8.58 -9.97
CA HIS J 6 29.99 -7.30 -9.40
C HIS J 6 31.22 -6.39 -9.27
N PHE J 7 30.98 -5.08 -9.25
CA PHE J 7 32.05 -4.10 -9.28
C PHE J 7 32.04 -3.21 -8.04
N ASN J 8 33.21 -3.03 -7.43
CA ASN J 8 33.33 -2.19 -6.25
C ASN J 8 34.56 -1.29 -6.32
N LYS J 9 34.35 0.02 -6.25
CA LYS J 9 35.43 0.97 -6.45
C LYS J 9 35.41 2.13 -5.45
N ASP J 10 36.36 3.04 -5.64
CA ASP J 10 36.48 4.29 -4.88
C ASP J 10 36.88 4.06 -3.43
N MET J 11 36.62 5.06 -2.60
CA MET J 11 37.07 5.09 -1.21
C MET J 11 36.18 4.26 -0.28
N GLN J 12 34.89 4.27 -0.54
CA GLN J 12 33.93 3.60 0.33
C GLN J 12 34.02 2.07 0.23
N ALA J 13 34.40 1.57 -0.93
CA ALA J 13 34.55 0.13 -1.12
C ALA J 13 35.64 -0.40 -0.20
N LEU J 14 36.65 0.43 0.01
CA LEU J 14 37.74 0.10 0.93
C LEU J 14 37.24 0.03 2.37
N LYS J 15 36.32 0.93 2.71
CA LYS J 15 35.79 1.01 4.06
C LYS J 15 34.84 -0.14 4.38
N ARG J 16 34.29 -0.74 3.33
CA ARG J 16 33.37 -1.86 3.51
C ARG J 16 34.08 -3.08 4.07
N MET J 17 35.15 -3.49 3.41
CA MET J 17 35.92 -4.64 3.87
C MET J 17 36.75 -4.28 5.10
N GLN J 18 36.99 -2.98 5.30
CA GLN J 18 37.68 -2.53 6.49
C GLN J 18 36.83 -2.77 7.73
N ALA J 19 35.52 -2.61 7.55
CA ALA J 19 34.56 -2.85 8.62
C ALA J 19 34.51 -4.33 8.98
N GLY J 20 34.49 -5.19 7.95
CA GLY J 20 34.46 -6.62 8.15
C GLY J 20 35.73 -7.12 8.82
N VAL J 21 36.86 -6.52 8.44
CA VAL J 21 38.12 -6.76 9.12
C VAL J 21 38.01 -6.33 10.57
N ASP J 22 37.47 -5.13 10.78
CA ASP J 22 37.31 -4.59 12.12
C ASP J 22 36.37 -5.44 12.97
N LYS J 23 35.42 -6.11 12.32
CA LYS J 23 34.51 -7.01 13.01
C LYS J 23 35.23 -8.27 13.46
N LEU J 24 36.14 -8.76 12.63
CA LEU J 24 36.94 -9.92 12.97
C LEU J 24 37.88 -9.58 14.11
N ALA J 25 38.46 -8.39 14.06
CA ALA J 25 39.38 -7.95 15.10
C ALA J 25 38.63 -7.62 16.39
N THR J 26 37.33 -7.41 16.28
CA THR J 26 36.51 -7.08 17.43
C THR J 26 36.28 -8.31 18.32
N VAL J 27 36.01 -9.46 17.70
CA VAL J 27 35.73 -10.70 18.43
C VAL J 27 37.02 -11.38 18.92
N VAL J 28 38.03 -11.40 18.06
CA VAL J 28 39.33 -11.95 18.44
C VAL J 28 39.98 -11.01 19.44
N GLY J 29 39.59 -9.74 19.37
CA GLY J 29 40.12 -8.72 20.27
C GLY J 29 39.74 -8.94 21.73
N VAL J 30 38.51 -9.41 21.96
CA VAL J 30 38.05 -9.67 23.32
C VAL J 30 38.52 -11.03 23.79
N THR J 31 39.14 -11.78 22.88
CA THR J 31 39.70 -13.09 23.18
C THR J 31 41.10 -12.94 23.79
N ILE J 32 41.81 -11.92 23.34
CA ILE J 32 43.19 -11.71 23.75
C ILE J 32 43.28 -11.35 25.24
N GLY J 33 44.47 -11.50 25.80
CA GLY J 33 44.71 -11.12 27.18
C GLY J 33 44.58 -12.29 28.16
N PRO J 34 45.28 -12.21 29.29
CA PRO J 34 45.19 -13.22 30.35
C PRO J 34 43.77 -13.34 30.88
N LYS J 35 43.10 -12.19 31.02
CA LYS J 35 41.70 -12.17 31.41
C LYS J 35 40.80 -12.14 30.17
N GLY J 36 41.02 -13.10 29.28
CA GLY J 36 40.26 -13.17 28.04
C GLY J 36 38.79 -13.47 28.26
N ARG J 37 37.96 -13.10 27.29
CA ARG J 37 36.53 -13.33 27.37
C ARG J 37 36.12 -14.56 26.58
N ASN J 38 35.03 -15.20 27.01
CA ASN J 38 34.53 -16.39 26.32
C ASN J 38 33.73 -16.02 25.08
N VAL J 39 33.84 -16.85 24.03
CA VAL J 39 33.05 -16.67 22.83
C VAL J 39 32.25 -17.94 22.52
N VAL J 40 30.94 -17.85 22.63
CA VAL J 40 30.08 -19.02 22.48
C VAL J 40 29.71 -19.28 21.02
N LEU J 41 29.99 -20.50 20.56
CA LEU J 41 29.71 -20.89 19.19
C LEU J 41 28.49 -21.80 19.11
N GLU J 42 27.68 -21.60 18.07
CA GLU J 42 26.56 -22.50 17.83
C GLU J 42 27.06 -23.79 17.20
N SER J 43 26.71 -24.91 17.82
CA SER J 43 27.15 -26.22 17.36
C SER J 43 26.56 -26.57 15.99
N LYS J 44 27.22 -27.48 15.29
CA LYS J 44 26.72 -27.99 14.03
C LYS J 44 25.46 -28.82 14.29
N PHE J 45 25.41 -29.46 15.45
CA PHE J 45 24.27 -30.26 15.87
C PHE J 45 24.40 -30.65 17.34
N GLY J 46 23.74 -29.88 18.21
CA GLY J 46 23.72 -30.21 19.63
C GLY J 46 24.19 -29.09 20.55
N ALA J 47 24.90 -29.47 21.60
CA ALA J 47 25.33 -28.54 22.63
C ALA J 47 26.39 -27.56 22.13
N PRO J 48 26.27 -26.28 22.52
CA PRO J 48 27.18 -25.20 22.10
C PRO J 48 28.62 -25.43 22.52
N LYS J 49 29.52 -24.59 22.03
CA LYS J 49 30.95 -24.72 22.33
C LYS J 49 31.56 -23.38 22.71
N ILE J 50 32.04 -23.28 23.94
CA ILE J 50 32.70 -22.06 24.41
C ILE J 50 34.18 -22.08 24.03
N VAL J 51 34.70 -20.93 23.61
CA VAL J 51 36.06 -20.85 23.10
C VAL J 51 36.85 -19.71 23.73
N ASN J 52 38.05 -20.01 24.21
CA ASN J 52 38.95 -18.99 24.74
C ASN J 52 40.15 -18.77 23.82
N ASP J 53 40.20 -19.55 22.75
CA ASP J 53 41.30 -19.49 21.79
C ASP J 53 40.98 -18.51 20.67
N GLY J 54 42.03 -17.95 20.07
CA GLY J 54 41.87 -17.04 18.95
C GLY J 54 41.93 -17.78 17.64
N VAL J 55 42.46 -18.99 17.67
CA VAL J 55 42.61 -19.82 16.48
C VAL J 55 41.26 -20.31 15.97
N THR J 56 40.49 -20.92 16.86
CA THR J 56 39.19 -21.50 16.50
C THR J 56 38.22 -20.43 16.00
N ILE J 57 38.27 -19.25 16.61
CA ILE J 57 37.41 -18.15 16.21
C ILE J 57 37.74 -17.69 14.79
N ALA J 58 39.03 -17.52 14.52
CA ALA J 58 39.49 -17.07 13.21
C ALA J 58 39.16 -18.08 12.12
N ARG J 59 38.90 -19.31 12.52
CA ARG J 59 38.52 -20.38 11.60
C ARG J 59 37.05 -20.29 11.20
N GLU J 60 36.22 -19.84 12.15
CA GLU J 60 34.77 -19.89 11.98
C GLU J 60 34.18 -18.61 11.39
N VAL J 61 34.83 -17.48 11.63
CA VAL J 61 34.28 -16.19 11.25
C VAL J 61 34.24 -15.96 9.73
N GLU J 62 33.05 -15.64 9.24
CA GLU J 62 32.87 -15.25 7.84
C GLU J 62 31.50 -14.59 7.68
N LEU J 63 31.52 -13.27 7.48
CA LEU J 63 30.30 -12.47 7.46
C LEU J 63 29.49 -12.68 6.18
N SER J 64 28.35 -12.00 6.11
CA SER J 64 27.45 -12.12 4.96
C SER J 64 27.97 -11.37 3.74
N ASP J 65 28.10 -10.06 3.88
CA ASP J 65 28.57 -9.19 2.79
C ASP J 65 29.93 -9.65 2.27
N PRO J 66 29.96 -10.11 1.00
CA PRO J 66 31.13 -10.71 0.34
C PRO J 66 32.41 -9.88 0.45
N VAL J 67 32.31 -8.57 0.26
CA VAL J 67 33.51 -7.73 0.30
C VAL J 67 34.14 -7.70 1.69
N GLU J 68 33.30 -7.58 2.72
CA GLU J 68 33.81 -7.56 4.09
C GLU J 68 34.06 -8.98 4.58
N ASN J 69 33.70 -9.95 3.76
CA ASN J 69 33.99 -11.35 4.05
C ASN J 69 35.38 -11.72 3.58
N ILE J 70 35.71 -11.33 2.34
CA ILE J 70 37.03 -11.61 1.78
C ILE J 70 38.08 -10.70 2.41
N GLY J 71 37.63 -9.58 2.98
CA GLY J 71 38.52 -8.69 3.69
C GLY J 71 38.92 -9.31 5.01
N ALA J 72 37.93 -9.87 5.70
CA ALA J 72 38.18 -10.59 6.94
C ALA J 72 38.98 -11.85 6.68
N THR J 73 38.75 -12.47 5.51
CA THR J 73 39.49 -13.65 5.10
C THR J 73 40.94 -13.29 4.80
N LEU J 74 41.15 -12.07 4.32
CA LEU J 74 42.48 -11.59 3.99
C LEU J 74 43.36 -11.50 5.24
N VAL J 75 42.74 -11.12 6.35
CA VAL J 75 43.43 -11.07 7.65
C VAL J 75 43.56 -12.47 8.21
N ARG J 76 42.56 -13.31 7.93
CA ARG J 76 42.60 -14.70 8.36
C ARG J 76 43.80 -15.42 7.77
N GLN J 77 44.19 -15.03 6.56
CA GLN J 77 45.38 -15.58 5.92
C GLN J 77 46.63 -15.24 6.72
N ALA J 78 46.69 -14.00 7.20
CA ALA J 78 47.82 -13.57 8.03
C ALA J 78 47.84 -14.32 9.35
N ALA J 79 46.67 -14.47 9.96
CA ALA J 79 46.55 -15.17 11.23
C ALA J 79 46.89 -16.64 11.08
N ALA J 80 46.43 -17.24 9.98
CA ALA J 80 46.70 -18.64 9.71
C ALA J 80 48.18 -18.85 9.37
N ARG J 81 48.72 -17.98 8.54
CA ARG J 81 50.11 -18.09 8.12
C ARG J 81 51.06 -17.95 9.31
N THR J 82 50.74 -17.03 10.20
CA THR J 82 51.51 -16.85 11.43
C THR J 82 51.40 -18.08 12.34
N ASN J 83 50.22 -18.67 12.37
CA ASN J 83 49.96 -19.82 13.21
C ASN J 83 50.74 -21.06 12.80
N ASP J 84 50.90 -21.26 11.49
CA ASP J 84 51.59 -22.44 11.00
C ASP J 84 53.05 -22.17 10.65
N THR J 85 53.56 -21.02 11.09
CA THR J 85 54.96 -20.68 10.88
C THR J 85 55.62 -20.29 12.21
N ALA J 86 54.80 -20.17 13.25
CA ALA J 86 55.30 -19.79 14.57
C ALA J 86 54.68 -20.64 15.67
N GLY J 87 53.53 -21.24 15.38
CA GLY J 87 52.85 -22.09 16.33
C GLY J 87 51.80 -21.36 17.16
N ASP J 88 51.96 -20.05 17.27
CA ASP J 88 51.05 -19.24 18.07
C ASP J 88 50.95 -17.83 17.51
N GLY J 89 50.16 -16.99 18.16
CA GLY J 89 50.05 -15.58 17.78
C GLY J 89 49.05 -15.31 16.69
N THR J 90 47.85 -15.87 16.84
CA THR J 90 46.76 -15.60 15.91
C THR J 90 46.02 -14.33 16.34
N THR J 91 45.86 -14.16 17.65
CA THR J 91 45.22 -12.98 18.20
C THR J 91 46.08 -11.74 17.95
N THR J 92 47.37 -11.88 18.21
CA THR J 92 48.32 -10.78 18.03
C THR J 92 48.43 -10.37 16.57
N ALA J 93 48.42 -11.36 15.68
CA ALA J 93 48.51 -11.11 14.24
C ALA J 93 47.29 -10.34 13.74
N THR J 94 46.11 -10.74 14.20
CA THR J 94 44.86 -10.12 13.76
C THR J 94 44.71 -8.70 14.24
N VAL J 95 44.93 -8.47 15.54
CA VAL J 95 44.77 -7.15 16.12
C VAL J 95 45.79 -6.17 15.55
N LEU J 96 46.97 -6.67 15.20
CA LEU J 96 48.00 -5.84 14.58
C LEU J 96 47.66 -5.57 13.13
N SER J 97 47.12 -6.58 12.45
CA SER J 97 46.73 -6.45 11.06
C SER J 97 45.68 -5.36 10.89
N ALA J 98 44.64 -5.42 11.71
CA ALA J 98 43.57 -4.43 11.67
C ALA J 98 44.08 -3.07 12.15
N ALA J 99 45.05 -3.09 13.05
CA ALA J 99 45.67 -1.86 13.54
C ALA J 99 46.37 -1.11 12.41
N PHE J 100 47.15 -1.84 11.62
CA PHE J 100 47.86 -1.26 10.49
C PHE J 100 46.88 -0.75 9.43
N ILE J 101 45.74 -1.43 9.32
CA ILE J 101 44.72 -1.07 8.35
C ILE J 101 43.88 0.11 8.82
N ALA J 102 43.39 0.05 10.06
CA ALA J 102 42.56 1.11 10.62
C ALA J 102 43.31 2.44 10.67
N GLU J 103 44.51 2.41 11.23
CA GLU J 103 45.36 3.60 11.28
C GLU J 103 45.85 3.97 9.89
N GLY J 104 45.88 2.97 9.00
CA GLY J 104 46.29 3.20 7.62
C GLY J 104 45.25 3.99 6.88
N MET J 105 44.00 3.50 6.91
CA MET J 105 42.88 4.17 6.27
C MET J 105 42.64 5.56 6.85
N LYS J 106 42.98 5.73 8.13
CA LYS J 106 42.77 6.99 8.83
C LYS J 106 43.66 8.09 8.25
N ILE J 107 44.79 7.68 7.67
CA ILE J 107 45.73 8.61 7.05
C ILE J 107 45.47 8.70 5.53
N VAL J 108 45.18 7.56 4.92
CA VAL J 108 44.89 7.50 3.48
C VAL J 108 43.70 8.40 3.14
N SER J 109 42.75 8.52 4.06
CA SER J 109 41.57 9.35 3.86
C SER J 109 41.93 10.83 3.67
N ALA J 110 43.16 11.19 4.02
CA ALA J 110 43.63 12.56 3.82
C ALA J 110 44.32 12.73 2.47
N GLY J 111 43.98 11.85 1.52
CA GLY J 111 44.51 11.92 0.17
C GLY J 111 46.00 11.64 0.08
N THR J 112 46.55 11.02 1.11
CA THR J 112 47.98 10.71 1.15
C THR J 112 48.31 9.55 0.21
N ASN J 113 49.43 9.67 -0.51
CA ASN J 113 49.86 8.64 -1.44
C ASN J 113 50.07 7.29 -0.75
N PRO J 114 49.29 6.27 -1.16
CA PRO J 114 49.35 4.92 -0.58
C PRO J 114 50.69 4.24 -0.83
N VAL J 115 51.34 4.57 -1.96
CA VAL J 115 52.60 3.94 -2.33
C VAL J 115 53.72 4.29 -1.35
N GLN J 116 53.84 5.56 -1.02
CA GLN J 116 54.88 6.01 -0.11
C GLN J 116 54.55 5.60 1.33
N LEU J 117 53.27 5.40 1.60
CA LEU J 117 52.81 4.98 2.92
C LEU J 117 53.21 3.53 3.21
N VAL J 118 52.91 2.64 2.29
CA VAL J 118 53.21 1.22 2.46
C VAL J 118 54.72 0.99 2.42
N ARG J 119 55.43 1.82 1.66
CA ARG J 119 56.89 1.77 1.65
C ARG J 119 57.43 2.17 3.02
N GLY J 120 56.79 3.16 3.62
CA GLY J 120 57.14 3.60 4.96
C GLY J 120 56.85 2.52 5.98
N MET J 121 55.73 1.81 5.80
CA MET J 121 55.35 0.73 6.70
C MET J 121 56.34 -0.44 6.60
N GLU J 122 56.60 -0.89 5.38
CA GLU J 122 57.47 -2.04 5.14
C GLU J 122 58.87 -1.85 5.72
N LYS J 123 59.46 -0.70 5.45
CA LYS J 123 60.83 -0.42 5.88
C LYS J 123 60.90 -0.21 7.39
N THR J 124 59.88 0.42 7.97
CA THR J 124 59.85 0.69 9.40
C THR J 124 59.74 -0.61 10.20
N VAL J 125 58.87 -1.50 9.77
CA VAL J 125 58.65 -2.75 10.48
C VAL J 125 59.82 -3.72 10.25
N GLN J 126 60.48 -3.61 9.11
CA GLN J 126 61.60 -4.48 8.80
C GLN J 126 62.81 -4.10 9.65
N GLU J 127 63.02 -2.81 9.83
CA GLU J 127 64.09 -2.33 10.71
C GLU J 127 63.73 -2.59 12.17
N LEU J 128 62.43 -2.72 12.43
CA LEU J 128 61.96 -3.05 13.77
C LEU J 128 62.13 -4.53 14.04
N VAL J 129 62.19 -5.33 12.98
CA VAL J 129 62.51 -6.74 13.08
C VAL J 129 64.00 -6.88 13.39
N LYS J 130 64.81 -6.08 12.71
CA LYS J 130 66.24 -6.00 13.00
C LYS J 130 66.45 -5.48 14.42
N GLU J 131 65.50 -4.66 14.86
CA GLU J 131 65.49 -4.15 16.23
C GLU J 131 64.98 -5.22 17.20
N LEU J 132 64.04 -6.03 16.72
CA LEU J 132 63.46 -7.10 17.54
C LEU J 132 64.48 -8.18 17.85
N ARG J 133 65.37 -8.44 16.90
CA ARG J 133 66.43 -9.43 17.09
C ARG J 133 67.45 -8.92 18.12
N LYS J 134 67.48 -7.61 18.31
CA LYS J 134 68.30 -7.00 19.36
C LYS J 134 67.60 -7.09 20.71
N MET J 135 66.30 -6.85 20.69
CA MET J 135 65.47 -6.92 21.90
C MET J 135 65.45 -8.33 22.49
N SER J 136 65.59 -9.32 21.61
CA SER J 136 65.46 -10.73 22.01
C SER J 136 66.56 -11.17 22.98
N SER J 137 66.21 -12.12 23.84
CA SER J 137 67.18 -12.73 24.75
C SER J 137 67.48 -14.15 24.30
N VAL J 138 68.74 -14.55 24.43
CA VAL J 138 69.17 -15.85 23.92
C VAL J 138 69.41 -16.86 25.04
N VAL J 139 69.08 -18.12 24.77
CA VAL J 139 69.36 -19.20 25.71
C VAL J 139 70.43 -20.13 25.15
N GLN J 140 71.50 -20.35 25.91
CA GLN J 140 72.62 -21.14 25.44
C GLN J 140 72.98 -22.28 26.40
N THR J 141 72.46 -22.20 27.62
CA THR J 141 72.70 -23.24 28.61
C THR J 141 71.43 -24.05 28.86
N ASP J 142 71.61 -25.36 29.06
CA ASP J 142 70.48 -26.27 29.24
C ASP J 142 69.73 -26.01 30.54
N LYS J 143 70.42 -25.40 31.52
CA LYS J 143 69.81 -25.11 32.80
C LYS J 143 68.95 -23.86 32.74
N ASP J 144 69.39 -22.87 31.95
CA ASP J 144 68.57 -21.70 31.70
C ASP J 144 67.44 -22.08 30.75
N LEU J 145 67.73 -23.06 29.90
CA LEU J 145 66.72 -23.63 29.01
C LEU J 145 65.67 -24.37 29.84
N ALA J 146 66.14 -24.97 30.94
CA ALA J 146 65.25 -25.68 31.84
C ALA J 146 64.30 -24.71 32.55
N ASN J 147 64.84 -23.55 32.94
CA ASN J 147 64.04 -22.53 33.61
C ASN J 147 63.05 -21.90 32.64
N VAL J 148 63.48 -21.76 31.39
CA VAL J 148 62.61 -21.23 30.34
C VAL J 148 61.50 -22.22 30.02
N ALA J 149 61.86 -23.50 29.89
CA ALA J 149 60.90 -24.54 29.53
C ALA J 149 59.86 -24.77 30.61
N CYS J 150 60.29 -24.76 31.87
CA CYS J 150 59.39 -25.05 32.99
C CYS J 150 58.42 -23.90 33.24
N VAL J 151 58.89 -22.67 33.04
CA VAL J 151 58.05 -21.49 33.22
C VAL J 151 57.05 -21.38 32.08
N SER J 152 57.52 -21.61 30.85
CA SER J 152 56.65 -21.57 29.68
C SER J 152 55.59 -22.66 29.77
N ALA J 153 55.94 -23.76 30.44
CA ALA J 153 54.98 -24.83 30.70
C ALA J 153 53.95 -24.36 31.74
N GLY J 154 52.72 -24.83 31.60
CA GLY J 154 51.64 -24.41 32.47
C GLY J 154 51.82 -24.80 33.92
N GLY J 155 51.86 -23.81 34.80
CA GLY J 155 51.93 -24.03 36.23
C GLY J 155 53.27 -24.58 36.71
N ASN J 156 53.22 -25.74 37.35
CA ASN J 156 54.41 -26.34 37.96
C ASN J 156 55.48 -26.70 36.94
N THR J 157 56.67 -27.00 37.44
CA THR J 157 57.84 -27.20 36.60
C THR J 157 57.97 -28.65 36.11
N ASP J 158 58.14 -29.57 37.07
CA ASP J 158 58.42 -31.00 36.85
C ASP J 158 58.35 -31.51 35.41
N ILE J 159 57.22 -31.29 34.75
CA ILE J 159 57.06 -31.78 33.38
C ILE J 159 57.87 -30.92 32.39
N GLY J 160 57.91 -29.62 32.63
CA GLY J 160 58.75 -28.74 31.82
C GLY J 160 60.21 -29.01 32.11
N SER J 161 60.46 -29.53 33.31
CA SER J 161 61.80 -29.94 33.71
C SER J 161 62.17 -31.27 33.05
N LEU J 162 61.15 -31.97 32.54
CA LEU J 162 61.37 -33.23 31.85
C LEU J 162 61.66 -32.98 30.36
N ILE J 163 60.94 -32.03 29.78
CA ILE J 163 61.16 -31.64 28.40
C ILE J 163 62.52 -30.96 28.24
N SER J 164 62.97 -30.35 29.34
CA SER J 164 64.25 -29.66 29.36
C SER J 164 65.41 -30.62 29.10
N ASP J 165 65.46 -31.70 29.88
CA ASP J 165 66.50 -32.71 29.70
C ASP J 165 66.25 -33.55 28.47
N ALA J 166 65.01 -33.51 27.97
CA ALA J 166 64.65 -34.24 26.76
C ALA J 166 65.32 -33.61 25.54
N MET J 167 65.40 -32.28 25.52
CA MET J 167 66.05 -31.57 24.43
C MET J 167 67.52 -31.32 24.78
N ALA J 168 67.88 -31.54 26.04
CA ALA J 168 69.26 -31.44 26.46
C ALA J 168 70.06 -32.61 25.90
N LYS J 169 69.36 -33.70 25.61
CA LYS J 169 69.98 -34.87 24.99
C LYS J 169 70.22 -34.62 23.51
N VAL J 170 69.14 -34.39 22.77
CA VAL J 170 69.24 -34.05 21.36
C VAL J 170 69.45 -32.54 21.20
N GLY J 171 70.70 -32.16 20.93
CA GLY J 171 71.11 -30.77 20.90
C GLY J 171 70.30 -29.86 20.00
N ARG J 172 70.52 -29.97 18.69
CA ARG J 172 69.86 -29.08 17.73
C ARG J 172 68.93 -29.84 16.79
N THR J 173 68.57 -29.18 15.69
CA THR J 173 67.76 -29.73 14.59
C THR J 173 66.55 -30.58 15.00
N GLY J 174 66.21 -30.60 16.28
CA GLY J 174 65.09 -31.41 16.76
C GLY J 174 65.33 -32.89 16.55
N VAL J 175 64.26 -33.68 16.57
CA VAL J 175 62.91 -33.17 16.79
C VAL J 175 62.18 -34.01 17.84
N VAL J 176 61.56 -33.34 18.80
CA VAL J 176 60.89 -34.02 19.90
C VAL J 176 59.41 -34.24 19.64
N THR J 177 58.96 -35.48 19.78
CA THR J 177 57.55 -35.83 19.65
C THR J 177 57.06 -36.48 20.93
N MET J 178 55.85 -36.16 21.36
CA MET J 178 55.33 -36.67 22.63
C MET J 178 54.30 -37.76 22.43
N GLU J 179 54.02 -38.48 23.52
CA GLU J 179 52.96 -39.49 23.54
C GLU J 179 52.66 -39.89 24.98
N GLU J 180 51.42 -40.31 25.22
CA GLU J 180 51.01 -40.69 26.57
C GLU J 180 51.06 -42.21 26.74
N GLY J 181 50.86 -42.66 27.98
CA GLY J 181 50.86 -44.08 28.28
C GLY J 181 52.24 -44.59 28.65
N LYS J 182 52.28 -45.67 29.43
CA LYS J 182 51.08 -46.33 29.91
C LYS J 182 51.07 -46.40 31.44
N THR J 183 52.25 -46.33 32.04
CA THR J 183 52.39 -46.37 33.49
C THR J 183 52.89 -45.03 34.01
N ALA J 184 52.44 -44.67 35.22
CA ALA J 184 52.74 -43.35 35.79
C ALA J 184 54.22 -43.17 36.12
N GLU J 185 55.00 -42.77 35.12
CA GLU J 185 56.42 -42.41 35.32
C GLU J 185 56.88 -41.46 34.22
N ASP J 186 58.19 -41.24 34.14
CA ASP J 186 58.77 -40.44 33.07
C ASP J 186 59.67 -41.30 32.19
N GLN J 187 59.14 -41.74 31.06
CA GLN J 187 59.84 -42.64 30.17
C GLN J 187 60.37 -41.93 28.93
N LEU J 188 61.69 -41.75 28.87
CA LEU J 188 62.33 -41.16 27.71
C LEU J 188 62.81 -42.26 26.76
N VAL J 189 62.50 -42.10 25.48
CA VAL J 189 62.86 -43.11 24.48
C VAL J 189 63.48 -42.47 23.24
N PHE J 190 64.68 -42.89 22.89
CA PHE J 190 65.32 -42.43 21.67
C PHE J 190 65.47 -43.58 20.67
N VAL J 191 64.97 -43.37 19.46
CA VAL J 191 65.01 -44.40 18.42
C VAL J 191 65.36 -43.81 17.06
N GLU J 192 65.34 -44.65 16.04
CA GLU J 192 65.68 -44.21 14.68
C GLU J 192 64.48 -43.54 14.01
N GLY J 193 64.44 -42.22 14.09
CA GLY J 193 63.37 -41.45 13.49
C GLY J 193 63.88 -40.30 12.63
N MET J 194 63.03 -39.84 11.71
CA MET J 194 63.43 -38.78 10.79
C MET J 194 62.26 -37.86 10.46
N GLN J 195 62.56 -36.67 9.94
CA GLN J 195 61.52 -35.73 9.54
C GLN J 195 61.94 -34.90 8.33
N PHE J 196 60.96 -34.24 7.73
CA PHE J 196 61.20 -33.36 6.59
C PHE J 196 60.26 -32.15 6.63
N GLU J 197 60.61 -31.11 5.89
CA GLU J 197 59.82 -29.88 5.89
C GLU J 197 58.85 -29.82 4.72
N ARG J 198 58.27 -30.96 4.37
CA ARG J 198 57.24 -31.02 3.35
C ARG J 198 55.88 -31.31 3.98
N GLY J 199 54.81 -31.17 3.20
CA GLY J 199 53.48 -31.40 3.71
C GLY J 199 52.67 -32.39 2.89
N TYR J 200 51.54 -32.82 3.43
CA TYR J 200 50.68 -33.75 2.73
C TYR J 200 49.99 -33.07 1.55
N THR J 201 49.44 -33.89 0.65
CA THR J 201 48.84 -33.38 -0.58
C THR J 201 47.54 -32.63 -0.32
N SER J 202 46.56 -33.31 0.27
CA SER J 202 45.25 -32.72 0.52
C SER J 202 44.91 -32.68 2.01
N PRO J 203 44.23 -31.60 2.44
CA PRO J 203 43.79 -31.43 3.83
C PRO J 203 42.60 -32.33 4.20
N TYR J 204 42.30 -33.30 3.33
CA TYR J 204 41.18 -34.20 3.57
C TYR J 204 41.66 -35.53 4.16
N PHE J 205 42.97 -35.63 4.39
CA PHE J 205 43.56 -36.84 4.95
C PHE J 205 43.68 -36.78 6.47
N VAL J 206 43.36 -35.67 7.15
CA VAL J 206 43.74 -35.69 8.57
C VAL J 206 42.92 -36.65 9.44
N THR J 207 43.61 -37.45 10.22
CA THR J 207 42.98 -38.48 11.06
C THR J 207 42.09 -38.05 12.24
N ASP J 208 42.51 -37.04 12.98
CA ASP J 208 41.77 -36.62 14.16
C ASP J 208 41.77 -35.10 14.37
N PRO J 209 40.73 -34.41 13.87
CA PRO J 209 40.49 -32.99 14.13
C PRO J 209 40.15 -32.76 15.60
N GLU J 210 40.30 -31.56 16.13
CA GLU J 210 40.72 -30.38 15.38
C GLU J 210 42.24 -30.26 15.28
N ARG J 211 42.95 -31.30 15.68
CA ARG J 211 44.39 -31.32 15.57
C ARG J 211 44.84 -31.44 14.12
N MET J 212 43.91 -31.88 13.27
CA MET J 212 44.10 -32.09 11.83
C MET J 212 45.48 -32.64 11.47
N ILE J 213 45.97 -33.58 12.28
CA ILE J 213 47.25 -34.21 12.05
C ILE J 213 47.08 -35.71 11.83
N CYS J 214 47.58 -36.20 10.71
CA CYS J 214 47.46 -37.61 10.35
C CYS J 214 48.52 -38.47 11.03
N GLU J 215 48.07 -39.38 11.90
CA GLU J 215 48.97 -40.28 12.60
C GLU J 215 48.60 -41.76 12.37
N TYR J 216 49.59 -42.59 12.11
CA TYR J 216 49.37 -44.00 11.83
C TYR J 216 50.37 -44.88 12.56
N GLU J 217 49.90 -46.01 13.08
CA GLU J 217 50.76 -46.92 13.83
C GLU J 217 50.95 -48.24 13.11
N ASN J 218 52.20 -48.72 13.08
CA ASN J 218 52.57 -49.96 12.42
C ASN J 218 52.14 -50.00 10.95
N CYS J 219 52.84 -49.25 10.11
CA CYS J 219 52.51 -49.15 8.70
C CYS J 219 53.74 -49.21 7.80
N LYS J 220 53.57 -49.75 6.60
CA LYS J 220 54.66 -49.84 5.64
C LYS J 220 54.79 -48.56 4.82
N ILE J 221 55.99 -48.32 4.29
CA ILE J 221 56.27 -47.10 3.53
C ILE J 221 56.58 -47.43 2.08
N LEU J 222 56.44 -46.44 1.20
CA LEU J 222 56.70 -46.63 -0.23
C LEU J 222 57.03 -45.30 -0.89
N LEU J 223 58.12 -45.26 -1.66
CA LEU J 223 58.54 -44.02 -2.30
C LEU J 223 59.27 -44.22 -3.62
N VAL J 224 58.97 -43.34 -4.58
CA VAL J 224 59.71 -43.25 -5.84
C VAL J 224 59.98 -41.77 -6.12
N ASP J 225 60.86 -41.49 -7.07
CA ASP J 225 61.23 -40.10 -7.37
C ASP J 225 60.33 -39.47 -8.44
N LYS J 226 59.92 -40.27 -9.42
CA LYS J 226 59.13 -39.77 -10.54
C LYS J 226 57.69 -39.48 -10.14
N LYS J 227 56.98 -38.72 -10.98
CA LYS J 227 55.58 -38.40 -10.73
C LYS J 227 54.69 -39.60 -11.00
N ILE J 228 53.71 -39.80 -10.13
CA ILE J 228 52.78 -40.93 -10.26
C ILE J 228 51.42 -40.47 -10.78
N SER J 229 50.92 -41.17 -11.79
CA SER J 229 49.63 -40.85 -12.39
C SER J 229 48.83 -42.11 -12.65
N THR J 230 49.52 -43.18 -13.02
CA THR J 230 48.87 -44.47 -13.26
C THR J 230 48.35 -45.04 -11.94
N ALA J 231 47.32 -45.88 -12.03
CA ALA J 231 46.69 -46.43 -10.85
C ALA J 231 46.83 -47.94 -10.76
N ARG J 232 46.97 -48.59 -11.91
CA ARG J 232 47.01 -50.06 -11.97
C ARG J 232 48.15 -50.63 -11.14
N ASP J 233 49.26 -49.90 -11.05
CA ASP J 233 50.36 -50.31 -10.21
C ASP J 233 49.99 -50.15 -8.74
N ILE J 234 49.25 -49.09 -8.45
CA ILE J 234 48.87 -48.76 -7.08
C ILE J 234 47.79 -49.72 -6.56
N ILE J 235 46.89 -50.13 -7.43
CA ILE J 235 45.82 -51.04 -7.03
C ILE J 235 46.33 -52.47 -6.82
N THR J 236 47.51 -52.75 -7.36
CA THR J 236 48.18 -54.03 -7.11
C THR J 236 48.88 -53.99 -5.76
N ILE J 237 49.38 -52.82 -5.40
CA ILE J 237 49.96 -52.61 -4.08
C ILE J 237 48.82 -52.46 -3.06
N LEU J 238 47.67 -52.01 -3.56
CA LEU J 238 46.45 -51.98 -2.75
C LEU J 238 46.06 -53.41 -2.39
N GLU J 239 46.25 -54.32 -3.34
CA GLU J 239 46.01 -55.74 -3.12
C GLU J 239 47.03 -56.27 -2.11
N SER J 240 48.21 -55.65 -2.10
CA SER J 240 49.25 -55.99 -1.13
C SER J 240 48.96 -55.28 0.19
N ALA J 241 48.08 -54.28 0.15
CA ALA J 241 47.65 -53.57 1.34
C ALA J 241 46.42 -54.23 1.95
N ILE J 242 45.76 -55.06 1.15
CA ILE J 242 44.62 -55.85 1.63
C ILE J 242 45.14 -57.23 2.06
N ARG J 243 46.20 -57.67 1.40
CA ARG J 243 46.92 -58.89 1.76
C ARG J 243 47.22 -58.93 3.26
N GLY J 244 47.55 -57.78 3.81
CA GLY J 244 47.68 -57.59 5.25
C GLY J 244 47.00 -56.30 5.64
N ASN J 245 45.89 -56.41 6.38
CA ASN J 245 45.09 -55.25 6.75
C ASN J 245 45.89 -54.17 7.45
N TYR J 246 46.66 -53.41 6.67
CA TYR J 246 47.51 -52.36 7.21
C TYR J 246 47.50 -51.14 6.30
N PRO J 247 47.59 -49.93 6.89
CA PRO J 247 47.71 -48.68 6.13
C PRO J 247 48.99 -48.63 5.30
N LEU J 248 49.04 -47.71 4.34
CA LEU J 248 50.21 -47.58 3.48
C LEU J 248 50.71 -46.14 3.41
N LEU J 249 52.03 -45.98 3.32
CA LEU J 249 52.64 -44.66 3.28
C LEU J 249 53.22 -44.34 1.91
N ILE J 250 52.81 -43.22 1.33
CA ILE J 250 53.27 -42.81 0.01
C ILE J 250 53.68 -41.34 -0.02
N MET J 251 54.87 -41.08 -0.55
CA MET J 251 55.34 -39.70 -0.71
C MET J 251 56.23 -39.56 -1.96
N ALA J 252 55.61 -39.63 -3.13
CA ALA J 252 56.34 -39.54 -4.39
C ALA J 252 56.09 -38.22 -5.11
N GLU J 253 56.58 -37.13 -4.53
CA GLU J 253 56.46 -35.79 -5.11
C GLU J 253 55.02 -35.42 -5.45
N GLU J 254 54.70 -35.44 -6.74
CA GLU J 254 53.41 -34.96 -7.23
C GLU J 254 52.48 -36.10 -7.63
N VAL J 255 51.44 -36.33 -6.84
CA VAL J 255 50.40 -37.27 -7.20
C VAL J 255 49.26 -36.51 -7.90
N GLU J 256 48.97 -36.90 -9.13
CA GLU J 256 48.00 -36.18 -9.94
C GLU J 256 46.58 -36.38 -9.42
N GLN J 257 45.64 -35.62 -9.98
CA GLN J 257 44.26 -35.61 -9.50
C GLN J 257 43.57 -36.97 -9.63
N GLU J 258 44.02 -37.79 -10.57
CA GLU J 258 43.43 -39.11 -10.77
C GLU J 258 43.70 -40.04 -9.59
N ALA J 259 44.98 -40.23 -9.28
CA ALA J 259 45.37 -41.10 -8.18
C ALA J 259 44.96 -40.51 -6.84
N LEU J 260 44.97 -39.18 -6.75
CA LEU J 260 44.59 -38.49 -5.52
C LEU J 260 43.11 -38.68 -5.22
N ALA J 261 42.28 -38.60 -6.25
CA ALA J 261 40.85 -38.80 -6.09
C ALA J 261 40.53 -40.23 -5.71
N THR J 262 41.26 -41.17 -6.30
CA THR J 262 41.12 -42.59 -5.97
C THR J 262 41.53 -42.83 -4.53
N LEU J 263 42.53 -42.09 -4.07
CA LEU J 263 43.05 -42.23 -2.71
C LEU J 263 42.06 -41.72 -1.66
N VAL J 264 41.49 -40.53 -1.90
CA VAL J 264 40.58 -39.94 -0.93
C VAL J 264 39.23 -40.65 -0.89
N VAL J 265 38.89 -41.32 -1.98
CA VAL J 265 37.65 -42.08 -2.04
C VAL J 265 37.80 -43.42 -1.31
N ASN J 266 38.92 -44.09 -1.55
CA ASN J 266 39.20 -45.35 -0.88
C ASN J 266 39.46 -45.17 0.61
N LYS J 267 39.81 -43.95 1.02
CA LYS J 267 40.07 -43.65 2.42
C LYS J 267 38.79 -43.24 3.13
N LEU J 268 37.88 -42.61 2.39
CA LEU J 268 36.63 -42.11 2.95
C LEU J 268 35.72 -43.25 3.38
N ARG J 269 35.86 -44.40 2.74
CA ARG J 269 35.04 -45.56 3.04
C ARG J 269 35.66 -46.42 4.14
N GLY J 270 36.96 -46.25 4.36
CA GLY J 270 37.66 -46.98 5.40
C GLY J 270 38.19 -48.32 4.94
N THR J 271 38.07 -48.60 3.64
CA THR J 271 38.57 -49.84 3.08
C THR J 271 40.08 -49.80 2.99
N LEU J 272 40.62 -48.70 2.47
CA LEU J 272 42.06 -48.53 2.36
C LEU J 272 42.54 -47.30 3.13
N LYS J 273 43.44 -47.52 4.08
CA LYS J 273 44.05 -46.43 4.83
C LYS J 273 45.29 -45.95 4.09
N VAL J 274 45.21 -44.77 3.47
CA VAL J 274 46.29 -44.29 2.61
C VAL J 274 46.86 -42.96 3.10
N VAL J 275 48.09 -42.67 2.72
CA VAL J 275 48.77 -41.44 3.09
C VAL J 275 49.34 -40.73 1.85
N ALA J 276 49.09 -39.42 1.73
CA ALA J 276 49.49 -38.64 0.56
C ALA J 276 50.45 -37.49 0.91
N ILE J 277 51.55 -37.36 0.17
CA ILE J 277 52.65 -36.45 0.54
C ILE J 277 53.55 -36.00 -0.59
N LYS J 278 54.48 -35.08 -0.32
CA LYS J 278 55.34 -34.59 -1.39
C LYS J 278 56.78 -35.08 -1.19
N ALA J 279 57.67 -34.72 -2.11
CA ALA J 279 59.06 -35.15 -2.02
C ALA J 279 59.96 -34.04 -1.49
N PRO J 280 60.96 -34.43 -0.68
CA PRO J 280 61.94 -33.49 -0.14
C PRO J 280 63.05 -33.17 -1.14
N GLY J 281 63.53 -31.93 -1.12
CA GLY J 281 64.61 -31.51 -2.00
C GLY J 281 64.17 -31.35 -3.45
N PHE J 282 65.15 -31.26 -4.34
CA PHE J 282 64.87 -31.08 -5.77
C PHE J 282 66.00 -31.63 -6.63
N GLY J 283 65.65 -32.15 -7.80
CA GLY J 283 66.63 -32.67 -8.73
C GLY J 283 67.28 -33.95 -8.26
N GLU J 284 68.61 -33.97 -8.28
CA GLU J 284 69.37 -35.15 -7.86
C GLU J 284 69.29 -35.36 -6.35
N ARG J 285 68.82 -34.34 -5.63
CA ARG J 285 68.67 -34.43 -4.19
C ARG J 285 67.55 -35.37 -3.81
N ARG J 286 66.48 -35.36 -4.60
CA ARG J 286 65.31 -36.20 -4.34
C ARG J 286 65.67 -37.69 -4.35
N SER J 287 66.38 -38.12 -5.38
CA SER J 287 66.77 -39.51 -5.52
C SER J 287 67.86 -39.90 -4.53
N SER J 288 68.37 -38.92 -3.79
CA SER J 288 69.39 -39.15 -2.78
C SER J 288 68.81 -38.98 -1.37
N TYR J 289 67.54 -38.61 -1.30
CA TYR J 289 66.87 -38.41 -0.01
C TYR J 289 65.87 -39.54 0.28
N LEU J 290 65.17 -40.00 -0.76
CA LEU J 290 64.18 -41.06 -0.58
C LEU J 290 64.85 -42.40 -0.33
N GLU J 291 66.05 -42.58 -0.89
CA GLU J 291 66.82 -43.79 -0.67
C GLU J 291 67.50 -43.74 0.69
N ASP J 292 67.61 -42.54 1.25
CA ASP J 292 68.18 -42.35 2.58
C ASP J 292 67.18 -42.75 3.64
N ILE J 293 65.89 -42.72 3.29
CA ILE J 293 64.82 -43.09 4.21
C ILE J 293 64.24 -44.46 3.83
N ALA J 294 64.64 -44.95 2.66
CA ALA J 294 64.16 -46.26 2.19
C ALA J 294 64.74 -47.39 3.03
N ILE J 295 66.07 -47.49 3.05
CA ILE J 295 66.75 -48.51 3.83
C ILE J 295 66.59 -48.23 5.32
N LEU J 296 66.47 -46.94 5.67
CA LEU J 296 66.22 -46.53 7.04
C LEU J 296 64.90 -47.13 7.52
N THR J 297 63.95 -47.25 6.61
CA THR J 297 62.68 -47.90 6.90
C THR J 297 62.73 -49.38 6.54
N GLY J 298 63.87 -49.82 6.04
CA GLY J 298 64.07 -51.22 5.70
C GLY J 298 63.40 -51.62 4.39
N GLY J 299 63.61 -50.83 3.36
CA GLY J 299 63.04 -51.10 2.05
C GLY J 299 63.94 -50.68 0.92
N THR J 300 63.86 -51.39 -0.20
CA THR J 300 64.66 -51.07 -1.37
C THR J 300 64.05 -49.92 -2.15
N VAL J 301 64.75 -49.48 -3.20
CA VAL J 301 64.28 -48.37 -4.03
C VAL J 301 63.65 -48.88 -5.32
N VAL J 302 62.47 -48.38 -5.63
CA VAL J 302 61.74 -48.80 -6.82
C VAL J 302 61.91 -47.77 -7.94
N ARG J 303 63.14 -47.29 -8.12
CA ARG J 303 63.44 -46.31 -9.15
C ARG J 303 63.83 -46.99 -10.46
N ASP J 304 63.55 -46.34 -11.58
CA ASP J 304 63.81 -46.92 -12.89
C ASP J 304 65.25 -46.71 -13.36
N GLU J 305 66.07 -46.14 -12.49
CA GLU J 305 67.46 -45.86 -12.84
C GLU J 305 68.32 -47.13 -12.88
N MET J 306 67.86 -48.17 -12.19
CA MET J 306 68.57 -49.45 -12.17
C MET J 306 68.11 -50.45 -13.25
N GLY J 307 66.81 -50.73 -13.41
CA GLY J 307 65.71 -50.18 -12.61
C GLY J 307 64.49 -51.08 -12.62
N VAL J 308 63.94 -51.33 -11.44
CA VAL J 308 62.77 -52.18 -11.29
C VAL J 308 61.51 -51.35 -11.03
N SER J 309 60.51 -51.49 -11.91
CA SER J 309 59.26 -50.76 -11.78
C SER J 309 58.17 -51.43 -12.62
N LEU J 310 57.38 -52.29 -11.97
CA LEU J 310 56.33 -53.02 -12.69
C LEU J 310 55.00 -52.98 -11.94
N GLU J 311 54.13 -53.93 -12.29
CA GLU J 311 52.79 -54.00 -11.71
C GLU J 311 52.82 -54.41 -10.24
N GLN J 312 53.40 -55.58 -9.97
CA GLN J 312 53.42 -56.14 -8.63
C GLN J 312 54.41 -55.42 -7.72
N ALA J 313 54.26 -55.67 -6.41
CA ALA J 313 55.16 -55.09 -5.41
C ALA J 313 55.11 -55.90 -4.12
N THR J 314 56.27 -56.37 -3.69
CA THR J 314 56.36 -57.21 -2.49
C THR J 314 56.92 -56.43 -1.30
N ASP J 315 57.28 -57.17 -0.25
CA ASP J 315 57.80 -56.57 0.97
C ASP J 315 59.19 -55.97 0.78
N ALA J 316 59.88 -56.43 -0.27
CA ALA J 316 61.25 -55.98 -0.53
C ALA J 316 61.30 -54.54 -1.03
N VAL J 317 60.26 -54.13 -1.76
CA VAL J 317 60.25 -52.80 -2.36
C VAL J 317 59.66 -51.75 -1.43
N LEU J 318 59.07 -52.20 -0.32
CA LEU J 318 58.47 -51.28 0.64
C LEU J 318 59.06 -51.43 2.03
N GLY J 319 59.39 -50.30 2.66
CA GLY J 319 59.97 -50.31 3.99
C GLY J 319 58.91 -50.36 5.07
N THR J 320 59.33 -50.22 6.32
CA THR J 320 58.39 -50.27 7.44
C THR J 320 58.57 -49.07 8.38
N ALA J 321 57.48 -48.68 9.04
CA ALA J 321 57.51 -47.58 9.99
C ALA J 321 56.49 -47.81 11.11
N ALA J 322 56.98 -47.84 12.34
CA ALA J 322 56.11 -48.12 13.49
C ALA J 322 55.08 -47.03 13.71
N LYS J 323 55.51 -45.77 13.71
CA LYS J 323 54.60 -44.65 13.90
C LYS J 323 55.00 -43.45 13.04
N ILE J 324 54.05 -42.96 12.25
CA ILE J 324 54.27 -41.77 11.42
C ILE J 324 53.29 -40.67 11.78
N THR J 325 53.81 -39.46 12.00
CA THR J 325 52.99 -38.31 12.32
C THR J 325 53.30 -37.14 11.40
N ILE J 326 52.34 -36.77 10.55
CA ILE J 326 52.55 -35.70 9.59
C ILE J 326 51.58 -34.55 9.81
N THR J 327 52.05 -33.33 9.55
CA THR J 327 51.20 -32.15 9.70
C THR J 327 51.29 -31.26 8.46
N LYS J 328 50.94 -29.98 8.62
CA LYS J 328 50.82 -29.06 7.50
C LYS J 328 52.14 -28.88 6.74
N GLU J 329 53.20 -28.50 7.45
CA GLU J 329 54.48 -28.22 6.81
C GLU J 329 55.58 -29.18 7.26
N ARG J 330 55.21 -30.19 8.04
CA ARG J 330 56.18 -31.16 8.54
C ARG J 330 55.68 -32.60 8.35
N THR J 331 56.62 -33.51 8.13
CA THR J 331 56.31 -34.93 8.02
C THR J 331 57.31 -35.75 8.83
N THR J 332 56.84 -36.39 9.89
CA THR J 332 57.73 -37.10 10.80
C THR J 332 57.46 -38.60 10.86
N VAL J 333 58.54 -39.38 10.93
CA VAL J 333 58.45 -40.83 11.12
C VAL J 333 59.33 -41.26 12.29
N VAL J 334 58.91 -42.28 13.01
CA VAL J 334 59.63 -42.71 14.21
C VAL J 334 59.16 -44.07 14.71
N GLY J 335 60.03 -44.75 15.45
CA GLY J 335 59.64 -45.97 16.15
C GLY J 335 60.10 -47.28 15.52
N ASP J 336 60.24 -47.30 14.20
CA ASP J 336 60.55 -48.53 13.48
C ASP J 336 61.87 -49.16 13.92
N GLY J 337 61.84 -50.45 14.19
CA GLY J 337 63.03 -51.18 14.57
C GLY J 337 63.73 -51.79 13.38
N SER J 338 64.13 -50.94 12.44
CA SER J 338 64.79 -51.40 11.23
C SER J 338 66.30 -51.38 11.37
N THR J 339 66.99 -51.33 10.23
CA THR J 339 68.45 -51.31 10.23
C THR J 339 68.99 -50.02 10.82
N ALA J 340 69.33 -50.06 12.11
CA ALA J 340 69.92 -48.91 12.78
C ALA J 340 71.34 -48.69 12.28
N ALA J 341 71.92 -49.72 11.68
CA ALA J 341 73.24 -49.63 11.09
C ALA J 341 73.24 -48.64 9.93
N ASP J 342 72.15 -48.64 9.17
CA ASP J 342 71.97 -47.72 8.05
C ASP J 342 72.09 -46.27 8.51
N VAL J 343 71.40 -45.95 9.60
CA VAL J 343 71.43 -44.60 10.16
C VAL J 343 72.84 -44.25 10.63
N ALA J 344 73.59 -45.27 11.03
CA ALA J 344 74.94 -45.07 11.53
C ALA J 344 75.99 -45.29 10.45
N ALA J 345 75.53 -45.49 9.21
CA ALA J 345 76.44 -45.74 8.10
C ALA J 345 76.26 -44.71 6.99
N ARG J 346 75.03 -44.25 6.79
CA ARG J 346 74.78 -43.20 5.80
C ARG J 346 75.44 -41.91 6.25
N VAL J 347 75.53 -41.73 7.57
CA VAL J 347 76.24 -40.59 8.13
C VAL J 347 77.73 -40.70 7.85
N LYS J 348 78.23 -41.93 7.73
CA LYS J 348 79.62 -42.16 7.40
C LYS J 348 79.85 -41.84 5.92
N GLN J 349 78.86 -42.15 5.10
CA GLN J 349 78.93 -41.85 3.67
C GLN J 349 78.86 -40.35 3.44
N ILE J 350 78.07 -39.67 4.27
CA ILE J 350 77.98 -38.21 4.21
C ILE J 350 79.32 -37.59 4.56
N ARG J 351 79.95 -38.09 5.62
CA ARG J 351 81.26 -37.60 6.04
C ARG J 351 82.32 -37.82 4.96
N ASN J 352 82.21 -38.93 4.23
CA ASN J 352 83.12 -39.19 3.13
C ASN J 352 82.93 -38.20 2.00
N LEU J 353 81.67 -37.97 1.63
CA LEU J 353 81.34 -36.95 0.63
C LEU J 353 81.71 -35.57 1.14
N GLN J 354 81.54 -35.37 2.44
CA GLN J 354 81.90 -34.12 3.10
C GLN J 354 83.38 -33.81 2.95
N MET J 355 84.20 -34.86 2.99
CA MET J 355 85.65 -34.70 2.91
C MET J 355 86.12 -34.51 1.47
N GLN J 356 85.39 -35.11 0.53
CA GLN J 356 85.82 -35.12 -0.87
C GLN J 356 85.00 -34.21 -1.77
N THR J 357 84.23 -33.31 -1.18
CA THR J 357 83.47 -32.33 -1.96
C THR J 357 84.42 -31.22 -2.43
N ASP J 358 83.88 -30.27 -3.17
CA ASP J 358 84.66 -29.13 -3.63
C ASP J 358 83.75 -27.91 -3.80
N GLN J 359 82.45 -28.13 -3.68
CA GLN J 359 81.48 -27.05 -3.84
C GLN J 359 81.10 -26.45 -2.49
N ASP J 360 80.07 -25.61 -2.49
CA ASP J 360 79.62 -24.96 -1.27
C ASP J 360 78.21 -25.40 -0.91
N TYR J 361 77.34 -25.48 -1.91
CA TYR J 361 75.95 -25.87 -1.70
C TYR J 361 75.85 -27.33 -1.30
N GLU J 362 76.72 -28.17 -1.85
CA GLU J 362 76.70 -29.59 -1.56
C GLU J 362 77.09 -29.88 -0.11
N ARG J 363 77.99 -29.06 0.43
CA ARG J 363 78.48 -29.26 1.79
C ARG J 363 77.46 -28.86 2.85
N GLU J 364 76.61 -27.89 2.54
CA GLU J 364 75.56 -27.46 3.46
C GLU J 364 74.33 -28.35 3.34
N LYS J 365 74.17 -28.99 2.18
CA LYS J 365 73.13 -29.97 1.98
C LYS J 365 73.48 -31.26 2.72
N LEU J 366 74.77 -31.58 2.71
CA LEU J 366 75.26 -32.72 3.48
C LEU J 366 75.22 -32.39 4.97
N GLN J 367 75.39 -31.11 5.29
CA GLN J 367 75.40 -30.66 6.68
C GLN J 367 73.99 -30.66 7.26
N GLU J 368 73.00 -30.28 6.45
CA GLU J 368 71.63 -30.27 6.91
C GLU J 368 71.07 -31.69 6.96
N ARG J 369 71.66 -32.57 6.15
CA ARG J 369 71.24 -33.97 6.14
C ARG J 369 71.85 -34.72 7.31
N ILE J 370 73.14 -34.48 7.56
CA ILE J 370 73.83 -35.11 8.69
C ILE J 370 73.28 -34.56 10.01
N ALA J 371 72.66 -33.39 9.95
CA ALA J 371 72.07 -32.77 11.14
C ALA J 371 70.84 -33.55 11.58
N ARG J 372 69.85 -33.62 10.70
CA ARG J 372 68.60 -34.30 10.99
C ARG J 372 68.80 -35.80 11.19
N LEU J 373 69.81 -36.36 10.52
CA LEU J 373 70.15 -37.77 10.68
C LEU J 373 70.71 -38.04 12.08
N SER J 374 71.63 -37.20 12.52
CA SER J 374 72.24 -37.35 13.84
C SER J 374 71.26 -36.98 14.94
N GLY J 375 70.43 -35.98 14.68
CA GLY J 375 69.44 -35.53 15.64
C GLY J 375 68.41 -36.60 15.94
N GLY J 376 68.01 -37.31 14.89
CA GLY J 376 67.03 -38.39 15.03
C GLY J 376 65.67 -37.87 15.44
N VAL J 377 64.97 -38.70 16.36
CA VAL J 377 63.65 -38.25 16.80
C VAL J 377 63.33 -38.82 18.18
N ALA J 378 63.62 -38.11 19.15
CA ALA J 378 63.41 -38.57 20.52
C ALA J 378 61.93 -38.45 20.91
N ILE J 379 61.34 -39.55 21.34
CA ILE J 379 59.95 -39.57 21.77
C ILE J 379 59.83 -39.69 23.29
N ILE J 380 58.98 -38.86 23.88
CA ILE J 380 58.81 -38.84 25.33
C ILE J 380 57.47 -39.45 25.73
N GLN J 381 57.46 -40.17 26.85
CA GLN J 381 56.23 -40.77 27.37
C GLN J 381 55.86 -40.16 28.72
N VAL J 382 54.66 -39.59 28.79
CA VAL J 382 54.20 -38.93 30.01
C VAL J 382 53.56 -39.94 30.96
N GLY J 383 53.45 -39.57 32.23
CA GLY J 383 52.84 -40.43 33.23
C GLY J 383 51.33 -40.40 33.17
N ALA J 384 50.68 -40.98 34.18
CA ALA J 384 49.23 -41.05 34.21
C ALA J 384 48.69 -41.24 35.63
N GLN J 385 48.04 -40.20 36.16
CA GLN J 385 47.41 -40.28 37.46
C GLN J 385 46.00 -40.88 37.32
N THR J 386 45.13 -40.16 36.61
CA THR J 386 43.82 -40.67 36.25
C THR J 386 43.74 -40.84 34.74
N GLU J 387 42.54 -40.73 34.18
CA GLU J 387 42.37 -40.81 32.73
C GLU J 387 42.18 -39.42 32.14
N THR J 388 41.65 -38.51 32.93
CA THR J 388 41.45 -37.12 32.50
C THR J 388 42.72 -36.31 32.78
N GLU J 389 43.53 -36.79 33.71
CA GLU J 389 44.76 -36.10 34.07
C GLU J 389 45.84 -36.29 33.00
N LEU J 390 45.89 -37.48 32.41
CA LEU J 390 46.88 -37.78 31.39
C LEU J 390 46.57 -37.01 30.10
N LYS J 391 45.29 -36.81 29.82
CA LYS J 391 44.88 -36.05 28.65
C LYS J 391 45.09 -34.56 28.87
N GLU J 392 44.80 -34.10 30.08
CA GLU J 392 45.02 -32.69 30.43
C GLU J 392 46.51 -32.39 30.41
N LYS J 393 47.32 -33.35 30.85
CA LYS J 393 48.77 -33.24 30.78
C LYS J 393 49.21 -33.20 29.32
N LYS J 394 48.80 -34.19 28.55
CA LYS J 394 49.20 -34.32 27.15
C LYS J 394 48.94 -33.05 26.35
N LEU J 395 47.85 -32.36 26.67
CA LEU J 395 47.53 -31.09 26.05
C LEU J 395 48.45 -29.99 26.55
N ARG J 396 48.70 -29.99 27.86
CA ARG J 396 49.59 -29.01 28.46
C ARG J 396 51.03 -29.18 28.00
N VAL J 397 51.46 -30.43 27.83
CA VAL J 397 52.82 -30.70 27.36
C VAL J 397 52.90 -30.48 25.85
N GLU J 398 51.76 -30.47 25.19
CA GLU J 398 51.71 -30.19 23.76
C GLU J 398 51.96 -28.71 23.54
N ASP J 399 51.25 -27.90 24.31
CA ASP J 399 51.39 -26.44 24.25
C ASP J 399 52.74 -26.01 24.82
N ALA J 400 53.29 -26.82 25.72
CA ALA J 400 54.58 -26.53 26.32
C ALA J 400 55.70 -26.73 25.31
N LEU J 401 55.67 -27.86 24.62
CA LEU J 401 56.69 -28.20 23.63
C LEU J 401 56.71 -27.20 22.48
N ASN J 402 55.53 -26.88 21.96
CA ASN J 402 55.40 -25.97 20.84
C ASN J 402 55.84 -24.55 21.20
N ALA J 403 55.64 -24.17 22.46
CA ALA J 403 56.03 -22.85 22.94
C ALA J 403 57.53 -22.78 23.17
N THR J 404 58.08 -23.85 23.74
CA THR J 404 59.51 -23.92 24.00
C THR J 404 60.31 -23.91 22.71
N ARG J 405 59.86 -24.69 21.72
CA ARG J 405 60.52 -24.74 20.42
C ARG J 405 60.49 -23.39 19.73
N ALA J 406 59.35 -22.73 19.78
CA ALA J 406 59.19 -21.42 19.15
C ALA J 406 60.00 -20.35 19.86
N ALA J 407 60.39 -20.63 21.10
CA ALA J 407 61.17 -19.69 21.89
C ALA J 407 62.67 -19.87 21.67
N VAL J 408 63.10 -21.12 21.58
CA VAL J 408 64.52 -21.43 21.42
C VAL J 408 64.96 -21.23 19.96
N GLU J 409 64.00 -21.20 19.06
CA GLU J 409 64.31 -21.11 17.63
C GLU J 409 64.77 -19.72 17.21
N GLU J 410 64.10 -18.69 17.73
CA GLU J 410 64.38 -17.32 17.33
C GLU J 410 64.81 -16.42 18.50
N GLY J 411 64.76 -16.97 19.71
CA GLY J 411 65.08 -16.19 20.89
C GLY J 411 63.83 -15.83 21.67
N VAL J 412 64.00 -15.08 22.76
CA VAL J 412 62.89 -14.75 23.64
C VAL J 412 62.78 -13.25 23.88
N VAL J 413 61.53 -12.76 23.94
CA VAL J 413 61.26 -11.34 24.18
C VAL J 413 60.25 -11.19 25.32
N PRO J 414 60.28 -10.04 26.02
CA PRO J 414 59.32 -9.82 27.10
C PRO J 414 57.88 -9.87 26.62
N GLY J 415 57.08 -10.72 27.26
CA GLY J 415 55.70 -10.95 26.84
C GLY J 415 54.75 -9.83 27.22
N GLY J 416 53.46 -10.15 27.23
CA GLY J 416 52.43 -9.19 27.58
C GLY J 416 52.26 -8.10 26.53
N GLY J 417 52.89 -8.30 25.37
CA GLY J 417 52.82 -7.34 24.29
C GLY J 417 53.54 -6.04 24.59
N CYS J 418 54.33 -6.04 25.66
CA CYS J 418 55.08 -4.86 26.07
C CYS J 418 56.29 -4.64 25.17
N THR J 419 56.74 -5.72 24.52
CA THR J 419 57.85 -5.62 23.58
C THR J 419 57.42 -4.80 22.36
N LEU J 420 56.11 -4.74 22.13
CA LEU J 420 55.57 -3.94 21.04
C LEU J 420 55.65 -2.45 21.36
N LEU J 421 55.56 -2.11 22.64
CA LEU J 421 55.73 -0.74 23.08
C LEU J 421 57.17 -0.29 22.92
N ARG J 422 58.09 -1.15 23.35
CA ARG J 422 59.51 -0.88 23.25
C ARG J 422 59.93 -0.76 21.79
N LEU J 423 59.28 -1.53 20.92
CA LEU J 423 59.52 -1.45 19.49
C LEU J 423 58.87 -0.20 18.91
N SER J 424 57.75 0.21 19.49
CA SER J 424 57.03 1.38 19.01
C SER J 424 57.77 2.67 19.34
N GLU J 425 58.43 2.69 20.49
CA GLU J 425 59.15 3.88 20.92
C GLU J 425 60.58 3.88 20.40
N LYS J 426 60.74 3.46 19.14
CA LYS J 426 62.02 3.52 18.47
C LYS J 426 61.84 3.88 17.00
N VAL J 427 60.63 4.34 16.67
CA VAL J 427 60.35 4.80 15.31
C VAL J 427 60.49 6.32 15.24
N ASP J 428 60.51 6.96 16.41
CA ASP J 428 60.65 8.40 16.50
C ASP J 428 62.06 8.84 16.13
N VAL J 429 63.02 7.92 16.28
CA VAL J 429 64.41 8.21 15.95
C VAL J 429 64.72 7.86 14.51
N ILE J 430 63.75 7.20 13.85
CA ILE J 430 63.95 6.76 12.48
C ILE J 430 63.81 7.92 11.47
N LYS J 431 64.95 8.35 10.95
CA LYS J 431 64.99 9.36 9.90
C LYS J 431 65.29 8.69 8.56
N ARG J 432 64.24 8.41 7.79
CA ARG J 432 64.37 7.62 6.57
C ARG J 432 64.78 8.45 5.34
N ARG J 433 64.81 7.78 4.19
CA ARG J 433 65.22 8.39 2.92
C ARG J 433 64.17 8.11 1.85
N MET J 434 63.75 9.14 1.11
CA MET J 434 64.28 10.49 1.24
C MET J 434 63.45 11.34 2.20
N THR J 435 63.03 10.73 3.30
CA THR J 435 62.34 11.43 4.39
C THR J 435 61.11 12.22 3.91
N ASP J 436 60.44 11.73 2.88
CA ASP J 436 59.19 12.33 2.44
C ASP J 436 58.15 12.13 3.54
N PRO J 437 57.31 13.15 3.77
CA PRO J 437 56.35 13.16 4.88
C PRO J 437 55.44 11.92 4.91
N GLU J 438 55.15 11.36 3.74
CA GLU J 438 54.28 10.19 3.65
C GLU J 438 54.87 8.99 4.37
N GLN J 439 56.16 8.75 4.16
CA GLN J 439 56.84 7.64 4.84
C GLN J 439 56.90 7.88 6.34
N GLN J 440 56.94 9.14 6.73
CA GLN J 440 56.92 9.50 8.14
C GLN J 440 55.55 9.20 8.74
N MET J 441 54.50 9.43 7.94
CA MET J 441 53.15 9.09 8.36
C MET J 441 53.03 7.59 8.57
N GLY J 442 53.63 6.82 7.67
CA GLY J 442 53.64 5.37 7.76
C GLY J 442 54.36 4.89 9.01
N ALA J 443 55.36 5.66 9.44
CA ALA J 443 56.09 5.34 10.65
C ALA J 443 55.23 5.60 11.89
N ASP J 444 54.52 6.72 11.87
CA ASP J 444 53.62 7.07 12.96
C ASP J 444 52.43 6.11 13.01
N ILE J 445 52.06 5.58 11.85
CA ILE J 445 50.99 4.59 11.78
C ILE J 445 51.40 3.34 12.52
N ILE J 446 52.63 2.87 12.27
CA ILE J 446 53.17 1.71 12.96
C ILE J 446 53.22 1.95 14.47
N LYS J 447 53.56 3.18 14.85
CA LYS J 447 53.62 3.54 16.26
C LYS J 447 52.27 3.38 16.96
N ARG J 448 51.26 4.04 16.43
CA ARG J 448 49.92 4.01 17.03
C ARG J 448 49.27 2.64 16.90
N ALA J 449 49.71 1.86 15.91
CA ALA J 449 49.15 0.53 15.67
C ALA J 449 49.71 -0.49 16.66
N LEU J 450 50.97 -0.32 17.02
CA LEU J 450 51.62 -1.19 18.00
C LEU J 450 51.09 -0.90 19.40
N CYS J 451 50.47 0.26 19.55
CA CYS J 451 49.88 0.67 20.82
C CYS J 451 48.54 -0.02 21.06
N TYR J 452 47.92 -0.47 19.97
CA TYR J 452 46.61 -1.10 20.03
C TYR J 452 46.55 -2.43 20.81
N PRO J 453 47.47 -3.38 20.52
CA PRO J 453 47.33 -4.68 21.20
C PRO J 453 47.39 -4.61 22.72
N ILE J 454 48.34 -3.86 23.26
CA ILE J 454 48.47 -3.73 24.71
C ILE J 454 47.26 -3.01 25.30
N LYS J 455 46.67 -2.10 24.52
CA LYS J 455 45.52 -1.34 24.97
C LYS J 455 44.29 -2.26 25.10
N LEU J 456 44.08 -3.11 24.10
CA LEU J 456 42.97 -4.05 24.12
C LEU J 456 43.13 -5.07 25.24
N ILE J 457 44.37 -5.44 25.53
CA ILE J 457 44.65 -6.40 26.59
C ILE J 457 44.29 -5.83 27.96
N ALA J 458 44.76 -4.61 28.23
CA ALA J 458 44.50 -3.96 29.50
C ALA J 458 43.04 -3.59 29.66
N GLN J 459 42.45 -3.05 28.59
CA GLN J 459 41.06 -2.61 28.62
C GLN J 459 40.08 -3.73 28.92
N ASN J 460 40.09 -4.78 28.09
CA ASN J 460 39.16 -5.88 28.25
C ASN J 460 39.46 -6.72 29.49
N ALA J 461 40.57 -6.41 30.16
CA ALA J 461 40.91 -7.04 31.42
C ALA J 461 40.17 -6.34 32.56
N GLY J 462 39.97 -5.04 32.41
CA GLY J 462 39.23 -4.27 33.39
C GLY J 462 39.98 -3.07 33.95
N VAL J 463 41.00 -2.61 33.23
CA VAL J 463 41.80 -1.47 33.67
C VAL J 463 42.16 -0.57 32.49
N ASN J 464 42.21 0.73 32.74
CA ASN J 464 42.56 1.71 31.71
C ASN J 464 43.93 1.46 31.11
N GLY J 465 44.00 1.38 29.79
CA GLY J 465 45.25 1.12 29.10
C GLY J 465 46.12 2.35 28.95
N SER J 466 45.51 3.53 29.11
CA SER J 466 46.24 4.78 28.96
C SER J 466 47.25 4.99 30.08
N VAL J 467 46.81 4.75 31.32
CA VAL J 467 47.67 4.92 32.48
C VAL J 467 48.74 3.84 32.52
N VAL J 468 48.40 2.64 32.05
CA VAL J 468 49.34 1.52 32.01
C VAL J 468 50.46 1.79 31.02
N MET J 469 50.10 2.23 29.82
CA MET J 469 51.07 2.56 28.78
C MET J 469 52.01 3.67 29.26
N ASN J 470 51.44 4.66 29.93
CA ASN J 470 52.22 5.78 30.46
C ASN J 470 53.22 5.33 31.53
N GLU J 471 52.77 4.48 32.44
CA GLU J 471 53.61 3.99 33.53
C GLU J 471 54.79 3.17 33.00
N VAL J 472 54.54 2.36 31.98
CA VAL J 472 55.57 1.51 31.39
C VAL J 472 56.55 2.32 30.55
N MET J 473 56.03 3.28 29.80
CA MET J 473 56.84 4.05 28.87
C MET J 473 57.64 5.16 29.54
N LYS J 474 57.02 5.83 30.52
CA LYS J 474 57.70 6.93 31.21
C LYS J 474 58.91 6.42 31.99
N ASN J 475 58.77 5.23 32.57
CA ASN J 475 59.90 4.59 33.23
C ASN J 475 60.94 4.13 32.21
N LEU J 476 62.13 3.78 32.68
CA LEU J 476 63.19 3.31 31.81
C LEU J 476 62.77 2.02 31.09
N ASP J 477 62.84 2.05 29.77
CA ASP J 477 62.35 0.94 28.95
C ASP J 477 63.32 -0.22 28.88
N ARG J 478 64.51 -0.03 29.44
CA ARG J 478 65.57 -1.04 29.36
C ARG J 478 65.57 -2.08 30.48
N PRO J 479 65.36 -1.68 31.75
CA PRO J 479 65.41 -2.71 32.80
C PRO J 479 64.23 -3.69 32.81
N HIS J 480 63.75 -4.09 31.64
CA HIS J 480 62.70 -5.10 31.51
C HIS J 480 61.44 -4.78 32.31
N TYR J 481 61.12 -3.51 32.47
CA TYR J 481 59.91 -3.10 33.15
C TYR J 481 58.67 -3.54 32.37
N GLY J 482 57.62 -3.93 33.08
CA GLY J 482 56.40 -4.39 32.45
C GLY J 482 55.19 -4.32 33.35
N TYR J 483 54.09 -4.88 32.87
CA TYR J 483 52.83 -4.87 33.60
C TYR J 483 52.07 -6.17 33.39
N ASN J 484 52.05 -7.02 34.42
CA ASN J 484 51.33 -8.29 34.34
C ASN J 484 49.84 -8.10 34.59
N ALA J 485 49.04 -8.40 33.57
CA ALA J 485 47.59 -8.24 33.66
C ALA J 485 46.96 -9.30 34.57
N ALA J 486 47.70 -10.38 34.80
CA ALA J 486 47.20 -11.48 35.62
C ALA J 486 47.13 -11.08 37.10
N THR J 487 48.06 -10.24 37.54
CA THR J 487 48.15 -9.85 38.94
C THR J 487 47.90 -8.36 39.15
N ASP J 488 47.96 -7.59 38.06
CA ASP J 488 47.81 -6.13 38.12
C ASP J 488 48.79 -5.52 39.10
N SER J 489 50.06 -5.46 38.70
CA SER J 489 51.12 -4.90 39.53
C SER J 489 52.37 -4.61 38.71
N PHE J 490 53.15 -3.64 39.15
CA PHE J 490 54.40 -3.29 38.48
C PHE J 490 55.44 -4.38 38.70
N GLU J 491 55.76 -5.12 37.65
CA GLU J 491 56.70 -6.24 37.75
C GLU J 491 57.54 -6.38 36.47
N ASN J 492 58.73 -6.94 36.61
CA ASN J 492 59.58 -7.22 35.45
C ASN J 492 59.15 -8.52 34.77
N LEU J 493 58.83 -8.41 33.49
CA LEU J 493 58.24 -9.52 32.74
C LEU J 493 59.15 -10.75 32.65
N MET J 494 60.46 -10.54 32.68
CA MET J 494 61.40 -11.63 32.47
C MET J 494 61.40 -12.63 33.63
N GLU J 495 61.73 -12.17 34.83
CA GLU J 495 61.89 -13.08 35.96
C GLU J 495 60.61 -13.27 36.76
N THR J 496 59.47 -12.87 36.20
CA THR J 496 58.18 -13.10 36.84
C THR J 496 57.51 -14.33 36.25
N GLY J 497 57.60 -14.49 34.93
CA GLY J 497 57.06 -15.66 34.27
C GLY J 497 56.22 -15.36 33.04
N ILE J 498 56.20 -14.10 32.63
CA ILE J 498 55.43 -13.69 31.46
C ILE J 498 56.37 -13.39 30.29
N ILE J 499 56.53 -14.37 29.41
CA ILE J 499 57.45 -14.25 28.29
C ILE J 499 56.81 -14.71 26.97
N ASP J 500 57.09 -13.99 25.89
CA ASP J 500 56.63 -14.38 24.56
C ASP J 500 57.80 -14.77 23.67
N PRO J 501 57.62 -15.77 22.80
CA PRO J 501 58.65 -16.14 21.83
C PRO J 501 58.79 -15.08 20.74
N SER J 502 60.03 -14.72 20.40
CA SER J 502 60.29 -13.67 19.42
C SER J 502 59.85 -14.07 18.02
N LYS J 503 59.80 -15.38 17.77
CA LYS J 503 59.39 -15.90 16.48
C LYS J 503 57.93 -15.56 16.21
N VAL J 504 57.10 -15.66 17.23
CA VAL J 504 55.68 -15.32 17.13
C VAL J 504 55.51 -13.83 16.88
N VAL J 505 56.21 -13.02 17.66
CA VAL J 505 56.13 -11.57 17.54
C VAL J 505 56.57 -11.09 16.15
N ARG J 506 57.66 -11.67 15.65
CA ARG J 506 58.19 -11.28 14.34
C ARG J 506 57.26 -11.69 13.20
N CYS J 507 56.83 -12.95 13.21
CA CYS J 507 56.00 -13.49 12.13
C CYS J 507 54.64 -12.79 12.05
N SER J 508 54.01 -12.58 13.19
CA SER J 508 52.71 -11.92 13.26
C SER J 508 52.82 -10.47 12.80
N MET J 509 53.93 -9.83 13.14
CA MET J 509 54.15 -8.43 12.81
C MET J 509 54.40 -8.25 11.31
N GLU J 510 55.25 -9.09 10.75
CA GLU J 510 55.57 -9.05 9.33
C GLU J 510 54.36 -9.38 8.47
N ASN J 511 53.65 -10.45 8.84
CA ASN J 511 52.46 -10.88 8.11
C ASN J 511 51.36 -9.82 8.17
N ALA J 512 51.26 -9.13 9.30
CA ALA J 512 50.24 -8.10 9.47
C ALA J 512 50.50 -6.93 8.53
N VAL J 513 51.77 -6.56 8.39
CA VAL J 513 52.16 -5.52 7.44
C VAL J 513 52.00 -6.02 6.02
N SER J 514 52.25 -7.32 5.83
CA SER J 514 52.14 -7.94 4.51
C SER J 514 50.72 -7.89 3.96
N VAL J 515 49.74 -8.22 4.80
CA VAL J 515 48.34 -8.19 4.37
C VAL J 515 47.82 -6.75 4.34
N ALA J 516 48.37 -5.90 5.20
CA ALA J 516 48.01 -4.49 5.20
C ALA J 516 48.59 -3.84 3.95
N LYS J 517 49.69 -4.39 3.46
CA LYS J 517 50.30 -3.94 2.22
C LYS J 517 49.34 -4.16 1.05
N THR J 518 48.90 -5.41 0.88
CA THR J 518 48.02 -5.76 -0.22
C THR J 518 46.58 -5.31 0.04
N PHE J 519 46.37 -4.64 1.17
CA PHE J 519 45.05 -4.13 1.52
C PHE J 519 44.89 -2.69 1.07
N LEU J 520 45.80 -1.83 1.56
CA LEU J 520 45.75 -0.41 1.26
C LEU J 520 46.20 -0.13 -0.18
N LEU J 521 46.84 -1.12 -0.80
CA LEU J 521 47.28 -0.99 -2.18
C LEU J 521 46.12 -1.27 -3.13
N ALA J 522 45.10 -1.93 -2.62
CA ALA J 522 43.91 -2.24 -3.42
C ALA J 522 43.07 -0.99 -3.63
N ASP J 523 42.45 -0.90 -4.81
CA ASP J 523 41.62 0.25 -5.15
C ASP J 523 40.34 -0.19 -5.85
N VAL J 524 40.36 -1.39 -6.42
CA VAL J 524 39.19 -1.95 -7.08
C VAL J 524 38.97 -3.41 -6.66
N VAL J 525 37.75 -3.71 -6.20
CA VAL J 525 37.42 -5.05 -5.75
C VAL J 525 36.27 -5.66 -6.57
N VAL J 526 36.44 -6.91 -6.99
CA VAL J 526 35.41 -7.61 -7.75
C VAL J 526 34.80 -8.75 -6.93
N THR J 527 33.60 -9.16 -7.30
CA THR J 527 32.88 -10.19 -6.58
C THR J 527 31.77 -10.80 -7.43
N GLU J 528 31.69 -12.13 -7.46
CA GLU J 528 30.61 -12.81 -8.15
C GLU J 528 29.34 -12.74 -7.32
N LEU J 529 28.22 -12.40 -7.95
CA LEU J 529 26.97 -12.22 -7.24
C LEU J 529 26.01 -13.39 -7.44
N LYS J 530 24.84 -13.29 -6.81
CA LYS J 530 23.84 -14.36 -6.84
C LYS J 530 23.33 -14.64 -8.24
N GLU J 531 22.44 -13.78 -8.72
CA GLU J 531 21.83 -13.95 -10.03
C GLU J 531 22.77 -13.48 -11.15
N GLU K 4 -6.22 14.83 28.96
CA GLU K 4 -5.29 15.89 28.60
C GLU K 4 -4.01 15.80 29.43
N LEU K 5 -3.82 14.65 30.08
CA LEU K 5 -2.61 14.40 30.85
C LEU K 5 -2.04 13.03 30.49
N HIS K 6 -0.73 12.96 30.33
CA HIS K 6 -0.07 11.70 29.98
C HIS K 6 0.60 11.10 31.22
N PHE K 7 0.79 9.79 31.20
CA PHE K 7 1.31 9.07 32.36
C PHE K 7 2.62 8.34 32.05
N ASN K 8 3.67 8.69 32.78
CA ASN K 8 4.95 8.00 32.63
C ASN K 8 5.38 7.37 33.95
N LYS K 9 5.62 6.06 33.91
CA LYS K 9 5.99 5.33 35.12
C LYS K 9 7.15 4.37 34.90
N ASP K 10 7.48 3.63 35.96
CA ASP K 10 8.48 2.57 35.95
C ASP K 10 9.91 3.09 35.81
N MET K 11 10.82 2.19 35.48
CA MET K 11 12.26 2.46 35.45
C MET K 11 12.68 3.21 34.19
N GLN K 12 11.99 2.95 33.09
CA GLN K 12 12.35 3.54 31.81
C GLN K 12 11.99 5.02 31.74
N ALA K 13 10.97 5.43 32.50
CA ALA K 13 10.56 6.83 32.53
C ALA K 13 11.66 7.69 33.14
N LEU K 14 12.40 7.11 34.07
CA LEU K 14 13.53 7.80 34.68
C LEU K 14 14.67 7.97 33.68
N LYS K 15 14.89 6.95 32.85
CA LYS K 15 15.96 6.96 31.88
C LYS K 15 15.70 7.94 30.75
N ARG K 16 14.43 8.22 30.49
CA ARG K 16 14.05 9.17 29.44
C ARG K 16 14.55 10.56 29.76
N MET K 17 14.20 11.07 30.93
CA MET K 17 14.63 12.39 31.35
C MET K 17 16.11 12.39 31.73
N GLN K 18 16.64 11.22 32.08
CA GLN K 18 18.06 11.08 32.37
C GLN K 18 18.86 11.31 31.10
N ALA K 19 18.32 10.86 29.98
CA ALA K 19 18.94 11.06 28.68
C ALA K 19 18.95 12.54 28.30
N GLY K 20 17.84 13.22 28.59
CA GLY K 20 17.74 14.64 28.31
C GLY K 20 18.71 15.43 29.16
N VAL K 21 18.85 15.01 30.42
CA VAL K 21 19.86 15.59 31.30
C VAL K 21 21.24 15.32 30.74
N ASP K 22 21.44 14.11 30.25
CA ASP K 22 22.72 13.72 29.66
C ASP K 22 23.02 14.52 28.39
N LYS K 23 21.97 14.96 27.70
CA LYS K 23 22.14 15.76 26.48
C LYS K 23 22.53 17.19 26.81
N LEU K 24 22.00 17.72 27.90
CA LEU K 24 22.33 19.06 28.35
C LEU K 24 23.77 19.12 28.82
N ALA K 25 24.16 18.12 29.61
CA ALA K 25 25.52 18.05 30.13
C ALA K 25 26.51 17.74 29.03
N THR K 26 26.00 17.32 27.87
CA THR K 26 26.86 17.02 26.73
C THR K 26 27.34 18.30 26.04
N VAL K 27 26.43 19.24 25.84
CA VAL K 27 26.76 20.49 25.17
C VAL K 27 27.44 21.48 26.11
N VAL K 28 27.02 21.49 27.36
CA VAL K 28 27.66 22.32 28.38
C VAL K 28 28.97 21.65 28.80
N GLY K 29 29.09 20.36 28.50
CA GLY K 29 30.27 19.60 28.83
C GLY K 29 31.47 19.95 27.95
N VAL K 30 31.20 20.18 26.67
CA VAL K 30 32.25 20.55 25.74
C VAL K 30 32.60 22.03 25.88
N THR K 31 31.78 22.74 26.65
CA THR K 31 32.00 24.14 26.95
C THR K 31 33.08 24.33 28.00
N ILE K 32 33.07 23.45 29.00
CA ILE K 32 33.99 23.55 30.13
C ILE K 32 35.44 23.40 29.68
N GLY K 33 36.35 23.86 30.53
CA GLY K 33 37.77 23.75 30.25
C GLY K 33 38.34 25.02 29.64
N PRO K 34 39.62 25.31 29.93
CA PRO K 34 40.31 26.47 29.36
C PRO K 34 40.35 26.39 27.83
N LYS K 35 40.57 25.18 27.32
CA LYS K 35 40.52 24.96 25.87
C LYS K 35 39.12 24.49 25.47
N GLY K 36 38.11 25.21 25.96
CA GLY K 36 36.73 24.89 25.67
C GLY K 36 36.38 25.08 24.21
N ARG K 37 35.34 24.40 23.75
CA ARG K 37 34.93 24.47 22.35
C ARG K 37 33.84 25.52 22.16
N ASN K 38 33.58 25.85 20.90
CA ASN K 38 32.54 26.81 20.58
C ASN K 38 31.22 26.13 20.24
N VAL K 39 30.11 26.71 20.70
CA VAL K 39 28.80 26.18 20.41
C VAL K 39 28.02 27.15 19.52
N VAL K 40 27.69 26.69 18.32
CA VAL K 40 27.02 27.53 17.33
C VAL K 40 25.52 27.59 17.56
N LEU K 41 24.99 28.79 17.76
CA LEU K 41 23.57 28.99 18.00
C LEU K 41 22.90 29.66 16.82
N GLU K 42 21.75 29.12 16.40
CA GLU K 42 20.97 29.74 15.33
C GLU K 42 20.32 31.02 15.83
N SER K 43 20.48 32.10 15.06
CA SER K 43 19.94 33.39 15.45
C SER K 43 18.42 33.45 15.32
N LYS K 44 17.80 34.38 16.04
CA LYS K 44 16.37 34.61 15.93
C LYS K 44 16.03 35.18 14.55
N PHE K 45 16.96 35.96 14.00
CA PHE K 45 16.81 36.55 12.68
C PHE K 45 18.12 37.13 12.19
N GLY K 46 18.86 36.35 11.40
CA GLY K 46 20.11 36.82 10.83
C GLY K 46 21.32 35.96 11.10
N ALA K 47 22.45 36.59 11.39
CA ALA K 47 23.72 35.90 11.58
C ALA K 47 23.79 35.16 12.91
N PRO K 48 24.29 33.92 12.88
CA PRO K 48 24.40 33.04 14.06
C PRO K 48 25.23 33.64 15.20
N LYS K 49 25.20 32.99 16.35
CA LYS K 49 25.91 33.47 17.54
C LYS K 49 26.73 32.37 18.20
N ILE K 50 28.05 32.50 18.14
CA ILE K 50 28.94 31.54 18.77
C ILE K 50 29.05 31.81 20.27
N VAL K 51 29.05 30.74 21.06
CA VAL K 51 29.06 30.89 22.52
C VAL K 51 30.14 30.02 23.18
N ASN K 52 30.94 30.66 24.03
CA ASN K 52 31.94 29.93 24.80
C ASN K 52 31.54 29.83 26.27
N ASP K 53 30.39 30.42 26.59
CA ASP K 53 29.88 30.46 27.96
C ASP K 53 28.88 29.33 28.19
N GLY K 54 28.88 28.78 29.40
CA GLY K 54 27.94 27.72 29.75
C GLY K 54 26.61 28.28 30.20
N VAL K 55 26.58 29.58 30.49
CA VAL K 55 25.37 30.24 30.95
C VAL K 55 24.36 30.42 29.82
N THR K 56 24.83 30.93 28.69
CA THR K 56 23.97 31.18 27.54
C THR K 56 23.39 29.89 26.99
N ILE K 57 24.21 28.83 27.02
CA ILE K 57 23.77 27.53 26.54
C ILE K 57 22.64 26.96 27.38
N ALA K 58 22.83 26.98 28.70
CA ALA K 58 21.84 26.44 29.63
C ALA K 58 20.52 27.19 29.57
N ARG K 59 20.57 28.43 29.08
CA ARG K 59 19.37 29.25 28.93
C ARG K 59 18.55 28.82 27.71
N GLU K 60 19.24 28.47 26.63
CA GLU K 60 18.59 28.22 25.35
C GLU K 60 18.14 26.78 25.16
N VAL K 61 18.80 25.84 25.83
CA VAL K 61 18.54 24.43 25.61
C VAL K 61 17.17 23.97 26.12
N GLU K 62 16.41 23.32 25.24
CA GLU K 62 15.13 22.70 25.59
C GLU K 62 14.70 21.77 24.47
N LEU K 63 14.67 20.47 24.78
CA LEU K 63 14.41 19.45 23.76
C LEU K 63 12.92 19.31 23.42
N SER K 64 12.63 18.42 22.47
CA SER K 64 11.27 18.20 22.02
C SER K 64 10.48 17.36 23.02
N ASP K 65 10.94 16.14 23.26
CA ASP K 65 10.30 15.22 24.19
C ASP K 65 10.18 15.84 25.58
N PRO K 66 8.94 16.10 26.03
CA PRO K 66 8.64 16.83 27.27
C PRO K 66 9.32 16.28 28.51
N VAL K 67 9.36 14.95 28.66
CA VAL K 67 9.95 14.34 29.84
C VAL K 67 11.45 14.62 29.93
N GLU K 68 12.16 14.49 28.81
CA GLU K 68 13.59 14.77 28.81
C GLU K 68 13.84 16.26 28.70
N ASN K 69 12.78 17.01 28.41
CA ASN K 69 12.85 18.47 28.41
C ASN K 69 12.76 19.00 29.83
N ILE K 70 11.82 18.49 30.61
CA ILE K 70 11.66 18.92 31.99
C ILE K 70 12.75 18.34 32.86
N GLY K 71 13.41 17.29 32.37
CA GLY K 71 14.54 16.73 33.07
C GLY K 71 15.74 17.65 32.93
N ALA K 72 16.00 18.08 31.71
CA ALA K 72 17.08 19.01 31.43
C ALA K 72 16.81 20.36 32.09
N THR K 73 15.54 20.76 32.10
CA THR K 73 15.13 22.01 32.72
C THR K 73 15.30 21.93 34.24
N LEU K 74 15.12 20.73 34.78
CA LEU K 74 15.26 20.51 36.22
C LEU K 74 16.71 20.73 36.64
N VAL K 75 17.63 20.39 35.74
CA VAL K 75 19.06 20.64 35.96
C VAL K 75 19.37 22.12 35.73
N ARG K 76 18.67 22.72 34.77
CA ARG K 76 18.80 24.14 34.48
C ARG K 76 18.50 24.98 35.71
N GLN K 77 17.56 24.50 36.52
CA GLN K 77 17.22 25.18 37.78
C GLN K 77 18.42 25.19 38.72
N ALA K 78 19.17 24.10 38.73
CA ALA K 78 20.38 24.01 39.56
C ALA K 78 21.46 24.93 39.02
N ALA K 79 21.65 24.92 37.70
CA ALA K 79 22.66 25.74 37.05
C ALA K 79 22.35 27.22 37.21
N ALA K 80 21.08 27.59 37.04
CA ALA K 80 20.66 28.97 37.16
C ALA K 80 20.75 29.45 38.60
N ARG K 81 20.29 28.61 39.53
CA ARG K 81 20.31 28.96 40.95
C ARG K 81 21.75 29.10 41.46
N THR K 82 22.65 28.27 40.93
CA THR K 82 24.06 28.37 41.26
C THR K 82 24.64 29.68 40.76
N ASN K 83 24.21 30.08 39.56
CA ASN K 83 24.71 31.29 38.94
C ASN K 83 24.29 32.56 39.68
N ASP K 84 23.06 32.59 40.17
CA ASP K 84 22.54 33.78 40.84
C ASP K 84 22.76 33.75 42.36
N THR K 85 23.59 32.83 42.83
CA THR K 85 23.90 32.74 44.25
C THR K 85 25.40 32.70 44.48
N ALA K 86 26.16 32.50 43.40
CA ALA K 86 27.62 32.43 43.47
C ALA K 86 28.28 33.35 42.44
N GLY K 87 27.59 33.55 41.33
CA GLY K 87 28.11 34.41 40.27
C GLY K 87 28.69 33.62 39.11
N ASP K 88 29.06 32.37 39.37
CA ASP K 88 29.66 31.52 38.35
C ASP K 88 29.53 30.05 38.73
N GLY K 89 29.85 29.17 37.79
CA GLY K 89 29.86 27.73 38.05
C GLY K 89 28.66 27.01 37.49
N THR K 90 28.11 27.53 36.39
CA THR K 90 26.98 26.88 35.73
C THR K 90 27.41 25.59 35.06
N THR K 91 28.59 25.61 34.45
CA THR K 91 29.13 24.43 33.77
C THR K 91 29.44 23.33 34.77
N THR K 92 30.05 23.71 35.89
CA THR K 92 30.41 22.76 36.93
C THR K 92 29.18 22.16 37.59
N ALA K 93 28.15 22.98 37.78
CA ALA K 93 26.91 22.53 38.40
C ALA K 93 26.20 21.50 37.53
N THR K 94 26.13 21.77 36.23
CA THR K 94 25.45 20.89 35.30
C THR K 94 26.14 19.53 35.18
N VAL K 95 27.46 19.55 35.00
CA VAL K 95 28.21 18.31 34.81
C VAL K 95 28.20 17.48 36.10
N LEU K 96 28.16 18.15 37.25
CA LEU K 96 28.10 17.44 38.52
C LEU K 96 26.70 16.90 38.76
N SER K 97 25.70 17.68 38.39
CA SER K 97 24.30 17.25 38.53
C SER K 97 24.06 15.99 37.72
N ALA K 98 24.49 15.98 36.47
CA ALA K 98 24.34 14.82 35.61
C ALA K 98 25.24 13.68 36.08
N ALA K 99 26.34 14.03 36.74
CA ALA K 99 27.24 13.04 37.31
C ALA K 99 26.55 12.26 38.43
N PHE K 100 25.92 12.99 39.34
CA PHE K 100 25.19 12.38 40.45
C PHE K 100 24.02 11.56 39.93
N ILE K 101 23.39 12.05 38.85
CA ILE K 101 22.26 11.36 38.24
C ILE K 101 22.70 10.09 37.52
N ALA K 102 23.75 10.20 36.71
CA ALA K 102 24.26 9.06 35.96
C ALA K 102 24.76 7.95 36.89
N GLU K 103 25.65 8.32 37.81
CA GLU K 103 26.20 7.36 38.77
C GLU K 103 25.12 6.88 39.74
N GLY K 104 24.11 7.72 39.97
CA GLY K 104 23.02 7.38 40.86
C GLY K 104 22.13 6.31 40.24
N MET K 105 21.68 6.57 39.02
CA MET K 105 20.85 5.61 38.29
C MET K 105 21.63 4.33 38.00
N LYS K 106 22.95 4.46 37.90
CA LYS K 106 23.83 3.33 37.65
C LYS K 106 23.78 2.31 38.78
N ILE K 107 23.49 2.80 39.98
CA ILE K 107 23.38 1.95 41.16
C ILE K 107 21.91 1.60 41.45
N VAL K 108 21.03 2.58 41.23
CA VAL K 108 19.59 2.38 41.42
C VAL K 108 19.05 1.23 40.57
N SER K 109 19.60 1.10 39.36
CA SER K 109 19.16 0.05 38.44
C SER K 109 19.39 -1.36 38.99
N ALA K 110 20.17 -1.47 40.06
CA ALA K 110 20.41 -2.74 40.72
C ALA K 110 19.37 -2.99 41.81
N GLY K 111 18.28 -2.24 41.76
CA GLY K 111 17.19 -2.39 42.72
C GLY K 111 17.54 -1.86 44.10
N THR K 112 18.49 -0.92 44.16
CA THR K 112 18.92 -0.36 45.44
C THR K 112 17.92 0.67 45.95
N ASN K 113 17.75 0.72 47.27
CA ASN K 113 16.83 1.66 47.91
C ASN K 113 17.23 3.11 47.65
N PRO K 114 16.35 3.86 46.97
CA PRO K 114 16.60 5.27 46.63
C PRO K 114 16.69 6.16 47.87
N VAL K 115 15.95 5.81 48.91
CA VAL K 115 15.90 6.60 50.13
C VAL K 115 17.26 6.62 50.84
N GLN K 116 17.84 5.45 51.03
CA GLN K 116 19.12 5.35 51.73
C GLN K 116 20.26 5.86 50.85
N LEU K 117 20.09 5.77 49.54
CA LEU K 117 21.08 6.26 48.59
C LEU K 117 21.21 7.78 48.66
N VAL K 118 20.08 8.46 48.52
CA VAL K 118 20.07 9.92 48.55
C VAL K 118 20.43 10.42 49.94
N ARG K 119 20.10 9.63 50.97
CA ARG K 119 20.50 9.95 52.33
C ARG K 119 22.01 9.90 52.45
N GLY K 120 22.61 8.91 51.80
CA GLY K 120 24.06 8.79 51.76
C GLY K 120 24.68 9.93 50.98
N MET K 121 24.01 10.35 49.92
CA MET K 121 24.48 11.45 49.09
C MET K 121 24.46 12.77 49.86
N GLU K 122 23.34 13.07 50.49
CA GLU K 122 23.16 14.30 51.24
C GLU K 122 24.19 14.47 52.34
N LYS K 123 24.35 13.42 53.14
CA LYS K 123 25.24 13.47 54.29
C LYS K 123 26.71 13.51 53.87
N THR K 124 27.05 12.78 52.81
CA THR K 124 28.43 12.75 52.33
C THR K 124 28.87 14.11 51.80
N VAL K 125 28.02 14.73 50.98
CA VAL K 125 28.35 16.01 50.38
C VAL K 125 28.29 17.13 51.42
N GLN K 126 27.45 16.95 52.45
CA GLN K 126 27.31 17.96 53.49
C GLN K 126 28.56 18.01 54.36
N GLU K 127 29.10 16.83 54.67
CA GLU K 127 30.35 16.74 55.41
C GLU K 127 31.51 17.16 54.52
N LEU K 128 31.31 17.06 53.21
CA LEU K 128 32.31 17.51 52.26
C LEU K 128 32.25 19.02 52.10
N VAL K 129 31.10 19.61 52.42
CA VAL K 129 30.97 21.06 52.49
C VAL K 129 31.69 21.57 53.72
N LYS K 130 31.54 20.84 54.83
CA LYS K 130 32.26 21.13 56.05
C LYS K 130 33.76 20.89 55.84
N GLU K 131 34.07 20.03 54.87
CA GLU K 131 35.44 19.74 54.50
C GLU K 131 35.98 20.79 53.52
N LEU K 132 35.11 21.29 52.67
CA LEU K 132 35.49 22.31 51.69
C LEU K 132 35.87 23.61 52.40
N ARG K 133 35.23 23.88 53.54
CA ARG K 133 35.54 25.05 54.34
C ARG K 133 36.93 24.91 54.96
N LYS K 134 37.39 23.67 55.10
CA LYS K 134 38.74 23.39 55.57
C LYS K 134 39.75 23.53 54.44
N MET K 135 39.36 23.09 53.26
CA MET K 135 40.20 23.19 52.06
C MET K 135 40.42 24.63 51.64
N SER K 136 39.50 25.51 52.02
CA SER K 136 39.51 26.90 51.58
C SER K 136 40.68 27.69 52.15
N SER K 137 41.19 28.63 51.36
CA SER K 137 42.25 29.53 51.80
C SER K 137 41.66 30.90 52.09
N VAL K 138 42.09 31.52 53.19
CA VAL K 138 41.51 32.78 53.64
C VAL K 138 42.41 33.97 53.29
N VAL K 139 41.79 35.10 52.95
CA VAL K 139 42.52 36.34 52.69
C VAL K 139 42.18 37.38 53.75
N GLN K 140 43.20 37.91 54.42
CA GLN K 140 42.99 38.85 55.52
C GLN K 140 43.76 40.15 55.34
N THR K 141 44.65 40.18 54.36
CA THR K 141 45.44 41.38 54.09
C THR K 141 45.07 41.98 52.74
N ASP K 142 45.06 43.32 52.69
CA ASP K 142 44.69 44.03 51.47
C ASP K 142 45.72 43.86 50.36
N LYS K 143 46.95 43.51 50.74
CA LYS K 143 48.02 43.30 49.77
C LYS K 143 47.94 41.90 49.18
N ASP K 144 47.56 40.93 49.99
CA ASP K 144 47.31 39.58 49.48
C ASP K 144 45.99 39.58 48.73
N LEU K 145 45.07 40.43 49.17
CA LEU K 145 43.82 40.64 48.47
C LEU K 145 44.11 41.25 47.10
N ALA K 146 45.12 42.10 47.06
CA ALA K 146 45.55 42.72 45.81
C ALA K 146 46.11 41.68 44.84
N ASN K 147 46.84 40.72 45.38
CA ASN K 147 47.42 39.67 44.57
C ASN K 147 46.36 38.69 44.07
N VAL K 148 45.38 38.42 44.93
CA VAL K 148 44.27 37.56 44.55
C VAL K 148 43.40 38.25 43.50
N ALA K 149 43.14 39.54 43.70
CA ALA K 149 42.29 40.30 42.80
C ALA K 149 42.91 40.47 41.42
N CYS K 150 44.20 40.79 41.38
CA CYS K 150 44.90 41.02 40.11
C CYS K 150 45.05 39.73 39.32
N VAL K 151 45.24 38.62 40.01
CA VAL K 151 45.37 37.33 39.37
C VAL K 151 44.00 36.85 38.85
N SER K 152 42.98 36.98 39.68
CA SER K 152 41.62 36.62 39.29
C SER K 152 41.15 37.46 38.12
N ALA K 153 41.68 38.69 38.03
CA ALA K 153 41.41 39.55 36.90
C ALA K 153 42.15 39.04 35.66
N GLY K 154 41.57 39.28 34.49
CA GLY K 154 42.15 38.79 33.25
C GLY K 154 43.46 39.43 32.87
N GLY K 155 44.49 38.60 32.70
CA GLY K 155 45.79 39.07 32.24
C GLY K 155 46.55 39.89 33.25
N ASN K 156 46.90 41.12 32.85
CA ASN K 156 47.72 41.99 33.69
C ASN K 156 47.03 42.44 34.97
N THR K 157 47.79 43.10 35.84
CA THR K 157 47.31 43.46 37.17
C THR K 157 46.61 44.81 37.22
N ASP K 158 47.40 45.88 37.10
CA ASP K 158 46.98 47.29 37.21
C ASP K 158 45.51 47.56 37.55
N ILE K 159 44.60 47.07 36.72
CA ILE K 159 43.18 47.30 36.95
C ILE K 159 42.68 46.46 38.13
N GLY K 160 43.20 45.25 38.27
CA GLY K 160 42.90 44.41 39.42
C GLY K 160 43.56 45.00 40.65
N SER K 161 44.64 45.74 40.42
CA SER K 161 45.33 46.45 41.48
C SER K 161 44.59 47.73 41.83
N LEU K 162 43.64 48.11 40.99
CA LEU K 162 42.79 49.28 41.25
C LEU K 162 41.58 48.88 42.06
N ILE K 163 40.99 47.74 41.73
CA ILE K 163 39.85 47.20 42.47
C ILE K 163 40.29 46.80 43.88
N SER K 164 41.58 46.46 44.01
CA SER K 164 42.14 46.06 45.28
C SER K 164 42.05 47.20 46.30
N ASP K 165 42.53 48.37 45.92
CA ASP K 165 42.48 49.53 46.79
C ASP K 165 41.07 50.10 46.87
N ALA K 166 40.24 49.73 45.90
CA ALA K 166 38.84 50.17 45.88
C ALA K 166 38.07 49.50 47.01
N MET K 167 38.41 48.25 47.30
CA MET K 167 37.76 47.52 48.39
C MET K 167 38.61 47.62 49.66
N ALA K 168 39.85 48.07 49.51
CA ALA K 168 40.70 48.30 50.67
C ALA K 168 40.19 49.51 51.44
N LYS K 169 39.51 50.40 50.72
CA LYS K 169 38.89 51.56 51.34
C LYS K 169 37.65 51.16 52.13
N VAL K 170 36.67 50.60 51.42
CA VAL K 170 35.46 50.08 52.07
C VAL K 170 35.71 48.64 52.53
N GLY K 171 35.98 48.49 53.81
CA GLY K 171 36.38 47.21 54.38
C GLY K 171 35.48 46.03 54.09
N ARG K 172 34.29 46.03 54.69
CA ARG K 172 33.36 44.92 54.54
C ARG K 172 32.04 45.37 53.93
N THR K 173 31.02 44.50 54.06
CA THR K 173 29.64 44.74 53.62
C THR K 173 29.44 45.37 52.24
N GLY K 174 30.53 45.59 51.50
CA GLY K 174 30.46 46.20 50.19
C GLY K 174 29.94 47.62 50.24
N VAL K 175 29.44 48.13 49.11
CA VAL K 175 29.41 47.36 47.87
C VAL K 175 30.00 48.18 46.73
N VAL K 176 30.94 47.57 46.00
CA VAL K 176 31.62 48.26 44.91
C VAL K 176 30.85 48.17 43.60
N THR K 177 30.56 49.33 43.02
CA THR K 177 29.89 49.41 41.72
C THR K 177 30.84 50.04 40.70
N MET K 178 30.73 49.63 39.44
CA MET K 178 31.63 50.14 38.41
C MET K 178 30.90 50.93 37.33
N GLU K 179 31.67 51.72 36.59
CA GLU K 179 31.14 52.47 35.46
C GLU K 179 32.29 53.01 34.62
N GLU K 180 32.04 53.24 33.33
CA GLU K 180 33.06 53.72 32.42
C GLU K 180 32.93 55.22 32.18
N GLY K 181 33.92 55.80 31.52
CA GLY K 181 33.91 57.23 31.22
C GLY K 181 34.60 58.05 32.29
N LYS K 182 35.12 59.21 31.90
CA LYS K 182 35.05 59.68 30.52
C LYS K 182 36.45 59.94 29.97
N THR K 183 37.39 60.22 30.86
CA THR K 183 38.77 60.48 30.48
C THR K 183 39.68 59.35 30.96
N ALA K 184 40.69 59.02 30.18
CA ALA K 184 41.56 57.87 30.44
C ALA K 184 42.39 58.04 31.71
N GLU K 185 41.79 57.67 32.85
CA GLU K 185 42.50 57.63 34.14
C GLU K 185 41.83 56.64 35.08
N ASP K 186 42.24 56.67 36.35
CA ASP K 186 41.60 55.85 37.37
C ASP K 186 40.90 56.73 38.40
N GLN K 187 39.59 56.89 38.24
CA GLN K 187 38.82 57.79 39.07
C GLN K 187 37.99 57.03 40.11
N LEU K 188 38.40 57.12 41.37
CA LEU K 188 37.65 56.51 42.46
C LEU K 188 36.70 57.53 43.08
N VAL K 189 35.44 57.15 43.24
CA VAL K 189 34.41 58.04 43.78
C VAL K 189 33.59 57.36 44.87
N PHE K 190 33.54 57.98 46.04
CA PHE K 190 32.70 57.48 47.13
C PHE K 190 31.60 58.49 47.44
N VAL K 191 30.36 58.02 47.40
CA VAL K 191 29.21 58.88 47.65
C VAL K 191 28.17 58.19 48.52
N GLU K 192 27.05 58.86 48.75
CA GLU K 192 25.98 58.32 49.59
C GLU K 192 25.17 57.30 48.81
N GLY K 193 25.45 56.02 49.04
CA GLY K 193 24.74 54.95 48.37
C GLY K 193 24.36 53.81 49.30
N MET K 194 23.35 53.05 48.92
CA MET K 194 22.84 51.96 49.75
C MET K 194 22.41 50.77 48.90
N GLN K 195 22.20 49.62 49.54
CA GLN K 195 21.72 48.43 48.84
C GLN K 195 20.91 47.51 49.75
N PHE K 196 20.16 46.62 49.13
CA PHE K 196 19.38 45.61 49.87
C PHE K 196 19.37 44.28 49.12
N GLU K 197 19.06 43.21 49.83
CA GLU K 197 19.04 41.88 49.23
C GLU K 197 17.64 41.50 48.75
N ARG K 198 16.93 42.46 48.16
CA ARG K 198 15.63 42.21 47.56
C ARG K 198 15.73 42.30 46.05
N GLY K 199 14.67 41.89 45.35
CA GLY K 199 14.67 41.91 43.90
C GLY K 199 13.43 42.58 43.31
N TYR K 200 13.48 42.89 42.02
CA TYR K 200 12.35 43.51 41.35
C TYR K 200 11.21 42.50 41.17
N THR K 201 10.01 43.02 40.92
CA THR K 201 8.81 42.19 40.85
C THR K 201 8.82 41.24 39.65
N SER K 202 8.92 41.82 38.45
CA SER K 202 8.86 41.02 37.23
C SER K 202 10.13 41.14 36.39
N PRO K 203 10.58 40.01 35.81
CA PRO K 203 11.77 39.97 34.94
C PRO K 203 11.56 40.66 33.60
N TYR K 204 10.45 41.38 33.45
CA TYR K 204 10.12 42.06 32.21
C TYR K 204 10.56 43.52 32.25
N PHE K 205 11.09 43.94 33.40
CA PHE K 205 11.54 45.32 33.59
C PHE K 205 13.00 45.51 33.17
N VAL K 206 13.67 44.41 32.72
CA VAL K 206 15.09 44.45 32.38
C VAL K 206 15.36 45.51 31.31
N THR K 207 16.23 46.42 31.52
CA THR K 207 16.56 47.53 30.62
C THR K 207 17.41 47.07 29.44
N ASP K 208 18.56 46.47 29.74
CA ASP K 208 19.50 46.07 28.69
C ASP K 208 20.01 44.64 28.83
N PRO K 209 19.38 43.70 28.11
CA PRO K 209 19.85 42.32 28.00
C PRO K 209 21.17 42.27 27.23
N GLU K 210 21.97 41.20 27.36
CA GLU K 210 21.63 40.03 28.16
C GLU K 210 22.02 40.17 29.63
N ARG K 211 22.39 41.39 30.03
CA ARG K 211 22.75 41.65 31.41
C ARG K 211 21.52 41.65 32.31
N MET K 212 20.35 41.76 31.67
CA MET K 212 19.03 41.80 32.33
C MET K 212 19.02 42.55 33.66
N ILE K 213 19.71 43.68 33.70
CA ILE K 213 19.78 44.53 34.87
C ILE K 213 19.21 45.91 34.58
N CYS K 214 18.23 46.32 35.38
CA CYS K 214 17.56 47.60 35.20
C CYS K 214 18.35 48.75 35.83
N GLU K 215 18.93 49.61 34.94
CA GLU K 215 19.67 50.79 35.35
C GLU K 215 19.02 52.08 34.85
N TYR K 216 18.88 53.14 35.82
CA TYR K 216 18.28 54.43 35.49
C TYR K 216 19.08 55.58 36.07
N GLU K 217 19.14 56.69 35.33
CA GLU K 217 19.90 57.85 35.77
C GLU K 217 19.00 59.06 35.98
N ASN K 218 19.27 59.82 37.05
CA ASN K 218 18.51 61.00 37.42
C ASN K 218 17.01 60.71 37.56
N CYS K 219 16.66 59.98 38.62
CA CYS K 219 15.28 59.59 38.83
C CYS K 219 14.85 59.73 40.29
N LYS K 220 13.57 60.03 40.52
CA LYS K 220 13.04 60.20 41.86
C LYS K 220 12.63 58.84 42.46
N ILE K 221 12.49 58.80 43.78
CA ILE K 221 12.15 57.56 44.48
C ILE K 221 10.83 57.72 45.24
N LEU K 222 10.20 56.60 45.60
CA LEU K 222 8.94 56.63 46.31
C LEU K 222 8.71 55.31 47.05
N LEU K 223 8.37 55.39 48.33
CA LEU K 223 8.18 54.17 49.12
C LEU K 223 7.12 54.29 50.21
N VAL K 224 6.33 53.22 50.36
CA VAL K 224 5.38 53.09 51.45
C VAL K 224 5.50 51.67 52.00
N ASP K 225 4.95 51.42 53.18
CA ASP K 225 5.05 50.11 53.81
C ASP K 225 3.88 49.20 53.44
N LYS K 226 2.70 49.77 53.29
CA LYS K 226 1.49 48.99 53.02
C LYS K 226 1.44 48.47 51.58
N LYS K 227 0.64 47.45 51.36
CA LYS K 227 0.45 46.87 50.03
C LYS K 227 -0.31 47.85 49.13
N ILE K 228 0.06 47.88 47.85
CA ILE K 228 -0.59 48.78 46.90
C ILE K 228 -1.41 47.98 45.88
N SER K 229 -2.65 48.43 45.64
CA SER K 229 -3.53 47.77 44.69
C SER K 229 -4.28 48.80 43.86
N THR K 230 -4.59 49.94 44.47
CA THR K 230 -5.24 51.03 43.78
C THR K 230 -4.32 51.63 42.72
N ALA K 231 -4.88 52.38 41.79
CA ALA K 231 -4.11 52.91 40.67
C ALA K 231 -4.30 54.42 40.49
N ARG K 232 -5.45 54.93 40.93
CA ARG K 232 -5.79 56.34 40.75
C ARG K 232 -4.78 57.27 41.40
N ASP K 233 -4.20 56.82 42.52
CA ASP K 233 -3.16 57.60 43.17
C ASP K 233 -1.89 57.58 42.33
N ILE K 234 -1.65 56.46 41.67
CA ILE K 234 -0.46 56.28 40.86
C ILE K 234 -0.52 57.09 39.57
N ILE K 235 -1.70 57.10 38.94
CA ILE K 235 -1.87 57.85 37.70
C ILE K 235 -1.80 59.35 37.91
N THR K 236 -1.95 59.78 39.16
CA THR K 236 -1.79 61.19 39.51
C THR K 236 -0.31 61.50 39.67
N ILE K 237 0.44 60.55 40.23
CA ILE K 237 1.89 60.66 40.33
C ILE K 237 2.49 60.47 38.93
N LEU K 238 1.78 59.72 38.10
CA LEU K 238 2.16 59.55 36.70
C LEU K 238 2.12 60.91 36.00
N GLU K 239 1.10 61.70 36.31
CA GLU K 239 0.99 63.06 35.78
C GLU K 239 2.12 63.93 36.31
N SER K 240 2.54 63.64 37.54
CA SER K 240 3.67 64.33 38.15
C SER K 240 4.98 63.84 37.52
N ALA K 241 4.92 62.67 36.90
CA ALA K 241 6.08 62.11 36.19
C ALA K 241 5.99 62.43 34.71
N ILE K 242 4.91 63.09 34.30
CA ILE K 242 4.75 63.49 32.90
C ILE K 242 5.09 64.97 32.72
N ARG K 243 4.77 65.77 33.74
CA ARG K 243 5.14 67.19 33.74
C ARG K 243 6.66 67.32 33.69
N GLY K 244 7.34 66.40 34.38
CA GLY K 244 8.78 66.29 34.33
C GLY K 244 9.17 64.95 33.77
N ASN K 245 9.61 64.93 32.51
CA ASN K 245 9.96 63.69 31.82
C ASN K 245 11.10 62.94 32.51
N TYR K 246 10.76 62.25 33.60
CA TYR K 246 11.74 61.49 34.36
C TYR K 246 11.14 60.17 34.86
N PRO K 247 11.95 59.11 34.87
CA PRO K 247 11.52 57.81 35.40
C PRO K 247 11.23 57.86 36.90
N LEU K 248 10.52 56.86 37.42
CA LEU K 248 10.13 56.84 38.83
C LEU K 248 10.51 55.53 39.50
N LEU K 249 10.84 55.61 40.78
CA LEU K 249 11.21 54.42 41.56
C LEU K 249 10.16 54.09 42.60
N ILE K 250 9.71 52.83 42.61
CA ILE K 250 8.72 52.36 43.56
C ILE K 250 9.12 51.01 44.16
N MET K 251 9.12 50.93 45.49
CA MET K 251 9.41 49.67 46.18
C MET K 251 8.56 49.53 47.45
N ALA K 252 7.27 49.26 47.27
CA ALA K 252 6.36 49.12 48.40
C ALA K 252 5.88 47.68 48.56
N GLU K 253 6.80 46.81 48.95
CA GLU K 253 6.52 45.38 49.16
C GLU K 253 5.83 44.73 47.97
N GLU K 254 4.54 44.43 48.12
CA GLU K 254 3.81 43.65 47.13
C GLU K 254 2.91 44.53 46.27
N VAL K 255 3.22 44.58 44.98
CA VAL K 255 2.36 45.23 44.01
C VAL K 255 1.51 44.17 43.31
N GLU K 256 0.19 44.30 43.44
CA GLU K 256 -0.72 43.28 42.93
C GLU K 256 -0.76 43.25 41.41
N GLN K 257 -1.47 42.27 40.86
CA GLN K 257 -1.51 42.03 39.42
C GLN K 257 -2.05 43.22 38.62
N GLU K 258 -2.95 43.99 39.22
CA GLU K 258 -3.55 45.13 38.54
C GLU K 258 -2.54 46.25 38.27
N ALA K 259 -1.92 46.74 39.33
CA ALA K 259 -0.96 47.82 39.21
C ALA K 259 0.29 47.37 38.45
N LEU K 260 0.65 46.11 38.61
CA LEU K 260 1.81 45.55 37.93
C LEU K 260 1.59 45.49 36.42
N ALA K 261 0.38 45.13 36.03
CA ALA K 261 0.02 45.05 34.61
C ALA K 261 0.01 46.44 33.98
N THR K 262 -0.52 47.41 34.72
CA THR K 262 -0.54 48.79 34.26
C THR K 262 0.87 49.33 34.13
N LEU K 263 1.75 48.88 35.02
CA LEU K 263 3.13 49.33 35.02
C LEU K 263 3.92 48.81 33.82
N VAL K 264 3.77 47.52 33.52
CA VAL K 264 4.52 46.91 32.42
C VAL K 264 3.97 47.35 31.06
N VAL K 265 2.70 47.73 31.02
CA VAL K 265 2.08 48.22 29.79
C VAL K 265 2.55 49.64 29.48
N ASN K 266 2.55 50.48 30.51
CA ASN K 266 3.00 51.86 30.37
C ASN K 266 4.51 51.95 30.13
N LYS K 267 5.23 50.88 30.46
CA LYS K 267 6.68 50.83 30.27
C LYS K 267 7.02 50.27 28.89
N LEU K 268 6.17 49.40 28.37
CA LEU K 268 6.40 48.77 27.07
C LEU K 268 6.25 49.77 25.92
N ARG K 269 5.48 50.82 26.15
CA ARG K 269 5.24 51.83 25.13
C ARG K 269 6.27 52.96 25.18
N GLY K 270 6.93 53.08 26.32
CA GLY K 270 7.97 54.09 26.49
C GLY K 270 7.42 55.42 26.97
N THR K 271 6.12 55.48 27.24
CA THR K 271 5.50 56.69 27.74
C THR K 271 5.87 56.92 29.21
N LEU K 272 5.88 55.84 29.98
CA LEU K 272 6.24 55.92 31.39
C LEU K 272 7.36 54.94 31.73
N LYS K 273 8.47 55.48 32.23
CA LYS K 273 9.59 54.65 32.67
C LYS K 273 9.41 54.28 34.14
N VAL K 274 8.97 53.06 34.41
CA VAL K 274 8.65 52.66 35.76
C VAL K 274 9.52 51.49 36.24
N VAL K 275 9.47 51.21 37.55
CA VAL K 275 9.80 49.86 38.02
C VAL K 275 9.16 49.46 39.35
N ALA K 276 9.03 48.15 39.56
CA ALA K 276 8.43 47.60 40.77
C ALA K 276 9.39 46.70 41.54
N ILE K 277 9.54 46.96 42.84
CA ILE K 277 10.48 46.22 43.69
C ILE K 277 9.88 45.98 45.08
N LYS K 278 10.46 45.04 45.81
CA LYS K 278 9.83 44.56 47.04
C LYS K 278 10.34 45.35 48.25
N ALA K 279 9.91 44.96 49.44
CA ALA K 279 10.31 45.66 50.66
C ALA K 279 11.37 44.89 51.45
N PRO K 280 12.34 45.62 52.02
CA PRO K 280 13.38 45.02 52.87
C PRO K 280 12.87 44.75 54.29
N GLY K 281 13.39 43.70 54.92
CA GLY K 281 13.02 43.36 56.28
C GLY K 281 11.57 42.89 56.38
N PHE K 282 11.03 42.93 57.60
CA PHE K 282 9.66 42.50 57.84
C PHE K 282 9.05 43.21 59.05
N GLY K 283 7.77 43.53 58.94
CA GLY K 283 7.03 44.14 60.03
C GLY K 283 7.48 45.56 60.35
N GLU K 284 7.80 45.80 61.62
CA GLU K 284 8.24 47.11 62.07
C GLU K 284 9.59 47.49 61.45
N ARG K 285 10.32 46.48 60.98
CA ARG K 285 11.59 46.72 60.31
C ARG K 285 11.36 47.45 58.98
N ARG K 286 10.31 47.06 58.27
CA ARG K 286 9.98 47.67 56.98
C ARG K 286 9.76 49.17 57.11
N SER K 287 8.92 49.57 58.06
CA SER K 287 8.63 50.98 58.30
C SER K 287 9.83 51.70 58.91
N SER K 288 10.84 50.93 59.30
CA SER K 288 12.06 51.49 59.87
C SER K 288 13.22 51.42 58.88
N TYR K 289 12.94 50.88 57.69
CA TYR K 289 13.95 50.76 56.65
C TYR K 289 13.66 51.67 55.46
N LEU K 290 12.38 51.88 55.16
CA LEU K 290 11.99 52.72 54.04
C LEU K 290 12.16 54.19 54.39
N GLU K 291 12.00 54.53 55.67
CA GLU K 291 12.21 55.90 56.13
C GLU K 291 13.70 56.13 56.34
N ASP K 292 14.46 55.04 56.32
CA ASP K 292 15.91 55.12 56.43
C ASP K 292 16.53 55.43 55.07
N ILE K 293 15.74 55.21 54.02
CA ILE K 293 16.18 55.48 52.66
C ILE K 293 15.40 56.65 52.04
N ALA K 294 14.35 57.06 52.74
CA ALA K 294 13.51 58.16 52.27
C ALA K 294 14.25 59.50 52.36
N ILE K 295 14.67 59.85 53.57
CA ILE K 295 15.40 61.10 53.79
C ILE K 295 16.78 61.02 53.14
N LEU K 296 17.34 59.82 53.11
CA LEU K 296 18.63 59.58 52.46
C LEU K 296 18.55 59.99 50.99
N THR K 297 17.38 59.76 50.39
CA THR K 297 17.12 60.18 49.01
C THR K 297 16.51 61.58 48.97
N GLY K 298 16.29 62.15 50.14
CA GLY K 298 15.73 63.50 50.24
C GLY K 298 14.24 63.52 50.01
N GLY K 299 13.51 62.71 50.77
CA GLY K 299 12.07 62.63 50.67
C GLY K 299 11.41 62.23 51.97
N THR K 300 10.17 62.65 52.17
CA THR K 300 9.43 62.33 53.38
C THR K 300 8.77 60.96 53.26
N VAL K 301 8.03 60.57 54.28
CA VAL K 301 7.36 59.28 54.31
C VAL K 301 5.85 59.43 54.13
N VAL K 302 5.29 58.64 53.22
CA VAL K 302 3.86 58.69 52.94
C VAL K 302 3.13 57.51 53.57
N ARG K 303 3.45 57.24 54.84
CA ARG K 303 2.85 56.12 55.55
C ARG K 303 1.52 56.51 56.20
N ASP K 304 0.56 55.60 56.18
CA ASP K 304 -0.76 55.84 56.75
C ASP K 304 -0.83 55.51 58.23
N GLU K 305 0.33 55.45 58.88
CA GLU K 305 0.40 55.11 60.29
C GLU K 305 -0.10 56.26 61.16
N MET K 306 -0.22 57.44 60.57
CA MET K 306 -0.67 58.63 61.29
C MET K 306 -1.91 59.33 60.68
N GLY K 307 -1.93 59.64 59.38
CA GLY K 307 -0.88 59.40 58.40
C GLY K 307 -1.27 59.94 57.04
N VAL K 308 -0.41 60.81 56.50
CA VAL K 308 -0.70 61.48 55.23
C VAL K 308 -0.64 60.53 54.03
N SER K 309 -1.76 60.42 53.32
CA SER K 309 -1.87 59.60 52.12
C SER K 309 -3.15 59.90 51.36
N LEU K 310 -3.02 60.57 50.22
CA LEU K 310 -4.18 60.93 49.42
C LEU K 310 -3.96 60.70 47.92
N GLU K 311 -4.61 61.52 47.11
CA GLU K 311 -4.55 61.39 45.65
C GLU K 311 -3.30 62.03 45.07
N GLN K 312 -3.04 63.26 45.47
CA GLN K 312 -1.94 64.05 44.91
C GLN K 312 -0.60 63.73 45.58
N ALA K 313 0.49 64.08 44.90
CA ALA K 313 1.82 63.87 45.43
C ALA K 313 2.81 64.87 44.83
N THR K 314 3.64 65.46 45.68
CA THR K 314 4.61 66.46 45.23
C THR K 314 6.04 66.01 45.46
N ASP K 315 6.99 66.94 45.32
CA ASP K 315 8.40 66.65 45.48
C ASP K 315 8.75 66.32 46.94
N ALA K 316 7.90 66.79 47.86
CA ALA K 316 8.14 66.60 49.28
C ALA K 316 7.96 65.13 49.71
N VAL K 317 7.09 64.41 49.00
CA VAL K 317 6.79 63.03 49.36
C VAL K 317 7.69 62.03 48.64
N LEU K 318 8.45 62.50 47.67
CA LEU K 318 9.34 61.63 46.90
C LEU K 318 10.79 62.10 46.96
N GLY K 319 11.69 61.18 47.23
CA GLY K 319 13.12 61.49 47.30
C GLY K 319 13.76 61.49 45.92
N THR K 320 15.06 61.72 45.87
CA THR K 320 15.79 61.74 44.61
C THR K 320 16.97 60.77 44.61
N ALA K 321 17.28 60.25 43.43
CA ALA K 321 18.40 59.33 43.27
C ALA K 321 19.07 59.53 41.92
N ALA K 322 20.37 59.82 41.93
CA ALA K 322 21.11 60.07 40.71
C ALA K 322 21.14 58.84 39.81
N LYS K 323 21.56 57.71 40.37
CA LYS K 323 21.63 56.46 39.62
C LYS K 323 21.19 55.27 40.48
N ILE K 324 20.43 54.36 39.88
CA ILE K 324 20.01 53.15 40.57
C ILE K 324 20.18 51.91 39.69
N THR K 325 20.84 50.90 40.21
CA THR K 325 21.08 49.65 39.49
C THR K 325 20.54 48.46 40.30
N ILE K 326 19.56 47.76 39.74
CA ILE K 326 18.96 46.63 40.42
C ILE K 326 19.07 45.35 39.59
N THR K 327 19.29 44.23 40.28
CA THR K 327 19.39 42.94 39.60
C THR K 327 18.43 41.93 40.22
N LYS K 328 18.73 40.65 40.03
CA LYS K 328 17.83 39.57 40.44
C LYS K 328 17.58 39.58 41.95
N GLU K 329 18.65 39.50 42.75
CA GLU K 329 18.50 39.41 44.19
C GLU K 329 19.09 40.62 44.92
N ARG K 330 19.49 41.64 44.18
CA ARG K 330 20.06 42.84 44.78
C ARG K 330 19.45 44.11 44.19
N THR K 331 19.31 45.12 45.04
CA THR K 331 18.83 46.44 44.62
C THR K 331 19.75 47.52 45.16
N THR K 332 20.42 48.24 44.27
CA THR K 332 21.43 49.21 44.68
C THR K 332 21.12 50.64 44.23
N VAL K 333 21.32 51.59 45.14
CA VAL K 333 21.18 53.01 44.83
C VAL K 333 22.49 53.75 45.12
N VAL K 334 22.77 54.80 44.36
CA VAL K 334 24.04 55.52 44.49
C VAL K 334 24.03 56.85 43.73
N GLY K 335 24.91 57.76 44.12
CA GLY K 335 25.15 58.97 43.35
C GLY K 335 24.44 60.22 43.82
N ASP K 336 23.25 60.07 44.38
CA ASP K 336 22.43 61.22 44.76
C ASP K 336 23.11 62.13 45.78
N GLY K 337 23.09 63.43 45.51
CA GLY K 337 23.69 64.41 46.39
C GLY K 337 22.66 65.04 47.31
N SER K 338 22.06 64.22 48.16
CA SER K 338 21.04 64.70 49.09
C SER K 338 21.65 65.01 50.45
N THR K 339 20.85 64.85 51.50
CA THR K 339 21.29 65.12 52.86
C THR K 339 22.31 64.08 53.33
N ALA K 340 23.59 64.43 53.26
CA ALA K 340 24.65 63.55 53.73
C ALA K 340 24.67 63.52 55.26
N ALA K 341 24.08 64.54 55.87
CA ALA K 341 23.98 64.60 57.32
C ALA K 341 23.06 63.51 57.84
N ASP K 342 22.08 63.12 57.02
CA ASP K 342 21.17 62.04 57.35
C ASP K 342 21.91 60.72 57.54
N VAL K 343 22.82 60.43 56.61
CA VAL K 343 23.62 59.21 56.68
C VAL K 343 24.60 59.27 57.85
N ALA K 344 24.83 60.48 58.35
CA ALA K 344 25.76 60.68 59.46
C ALA K 344 25.04 60.86 60.79
N ALA K 345 23.71 60.98 60.74
CA ALA K 345 22.90 61.17 61.94
C ALA K 345 22.11 59.91 62.29
N ARG K 346 21.69 59.17 61.28
CA ARG K 346 20.95 57.93 61.51
C ARG K 346 21.87 56.88 62.11
N VAL K 347 23.15 56.95 61.77
CA VAL K 347 24.14 56.05 62.35
C VAL K 347 24.34 56.37 63.83
N LYS K 348 24.11 57.63 64.20
CA LYS K 348 24.19 58.05 65.59
C LYS K 348 22.98 57.52 66.34
N GLN K 349 21.84 57.49 65.66
CA GLN K 349 20.61 56.97 66.25
C GLN K 349 20.71 55.47 66.49
N ILE K 350 21.37 54.78 65.57
CA ILE K 350 21.58 53.34 65.69
C ILE K 350 22.50 53.03 66.87
N ARG K 351 23.57 53.81 67.01
CA ARG K 351 24.49 53.66 68.13
C ARG K 351 23.78 53.92 69.46
N ASN K 352 22.87 54.88 69.46
CA ASN K 352 22.07 55.20 70.64
C ASN K 352 21.15 54.03 71.01
N LEU K 353 20.50 53.47 70.01
CA LEU K 353 19.63 52.33 70.21
C LEU K 353 20.44 51.09 70.59
N GLN K 354 21.64 50.97 70.02
CA GLN K 354 22.52 49.85 70.31
C GLN K 354 23.00 49.88 71.77
N MET K 355 23.16 51.10 72.29
CA MET K 355 23.62 51.28 73.67
C MET K 355 22.54 50.87 74.67
N GLN K 356 21.29 51.12 74.33
CA GLN K 356 20.18 50.86 75.25
C GLN K 356 19.45 49.55 74.94
N THR K 357 19.99 48.78 73.99
CA THR K 357 19.37 47.52 73.61
C THR K 357 19.76 46.39 74.55
N ASP K 358 18.77 45.65 75.04
CA ASP K 358 19.00 44.53 75.93
C ASP K 358 18.78 43.20 75.21
N GLN K 359 18.03 43.24 74.11
CA GLN K 359 17.72 42.05 73.35
C GLN K 359 18.95 41.55 72.58
N ASP K 360 18.73 40.55 71.71
CA ASP K 360 19.81 39.97 70.94
C ASP K 360 19.59 40.20 69.44
N TYR K 361 18.36 39.98 68.98
CA TYR K 361 18.04 40.13 67.57
C TYR K 361 18.09 41.60 67.14
N GLU K 362 17.75 42.50 68.06
CA GLU K 362 17.80 43.92 67.77
C GLU K 362 19.24 44.40 67.62
N ARG K 363 20.16 43.76 68.34
CA ARG K 363 21.57 44.12 68.28
C ARG K 363 22.17 43.81 66.91
N GLU K 364 21.79 42.66 66.34
CA GLU K 364 22.34 42.26 65.05
C GLU K 364 21.60 42.92 63.88
N LYS K 365 20.34 43.30 64.12
CA LYS K 365 19.58 44.02 63.11
C LYS K 365 20.09 45.46 62.99
N LEU K 366 20.45 46.03 64.13
CA LEU K 366 21.07 47.36 64.15
C LEU K 366 22.51 47.27 63.65
N GLN K 367 23.10 46.09 63.79
CA GLN K 367 24.48 45.87 63.36
C GLN K 367 24.56 45.67 61.85
N GLU K 368 23.55 45.03 61.27
CA GLU K 368 23.53 44.81 59.83
C GLU K 368 23.11 46.08 59.10
N ARG K 369 22.43 46.97 59.82
CA ARG K 369 22.00 48.23 59.22
C ARG K 369 23.12 49.28 59.33
N ILE K 370 23.81 49.29 60.48
CA ILE K 370 24.94 50.19 60.67
C ILE K 370 26.10 49.79 59.77
N ALA K 371 26.09 48.54 59.32
CA ALA K 371 27.13 48.03 58.44
C ALA K 371 26.98 48.59 57.03
N ARG K 372 25.82 48.33 56.43
CA ARG K 372 25.54 48.77 55.07
C ARG K 372 25.47 50.29 54.98
N LEU K 373 25.06 50.94 56.07
CA LEU K 373 25.01 52.39 56.12
C LEU K 373 26.42 53.00 56.10
N SER K 374 27.30 52.43 56.91
CA SER K 374 28.68 52.92 57.02
C SER K 374 29.49 52.56 55.79
N GLY K 375 29.22 51.39 55.22
CA GLY K 375 29.94 50.93 54.04
C GLY K 375 29.65 51.78 52.82
N GLY K 376 28.43 52.28 52.72
CA GLY K 376 28.02 53.10 51.61
C GLY K 376 28.01 52.34 50.30
N VAL K 377 28.48 53.00 49.19
CA VAL K 377 28.56 52.37 47.87
C VAL K 377 29.61 53.07 47.02
N ALA K 378 30.73 52.58 47.08
CA ALA K 378 31.82 53.16 46.30
C ALA K 378 31.68 52.83 44.83
N ILE K 379 31.75 53.85 43.98
CA ILE K 379 31.67 53.68 42.54
C ILE K 379 33.01 54.01 41.88
N ILE K 380 33.49 53.10 41.02
CA ILE K 380 34.78 53.26 40.38
C ILE K 380 34.64 53.61 38.90
N GLN K 381 35.52 54.48 38.40
CA GLN K 381 35.51 54.85 36.99
C GLN K 381 36.80 54.38 36.30
N VAL K 382 36.63 53.66 35.20
CA VAL K 382 37.76 53.10 34.46
C VAL K 382 38.23 54.07 33.38
N GLY K 383 39.44 53.86 32.88
CA GLY K 383 39.99 54.70 31.83
C GLY K 383 39.44 54.37 30.46
N ALA K 384 40.02 54.94 29.42
CA ALA K 384 39.55 54.72 28.06
C ALA K 384 40.64 54.99 27.02
N GLN K 385 41.14 53.93 26.41
CA GLN K 385 42.13 54.05 25.32
C GLN K 385 41.41 54.38 24.01
N THR K 386 40.65 53.41 23.52
CA THR K 386 39.80 53.63 22.35
C THR K 386 38.33 53.57 22.77
N GLU K 387 37.47 53.11 21.86
CA GLU K 387 36.06 52.96 22.17
C GLU K 387 35.72 51.48 22.37
N THR K 388 36.51 50.61 21.76
CA THR K 388 36.34 49.17 21.92
C THR K 388 37.17 48.66 23.08
N GLU K 389 38.17 49.44 23.48
CA GLU K 389 39.03 49.07 24.59
C GLU K 389 38.35 49.32 25.94
N LEU K 390 37.56 50.39 26.01
CA LEU K 390 36.86 50.74 27.24
C LEU K 390 35.74 49.74 27.52
N LYS K 391 35.11 49.23 26.46
CA LYS K 391 34.07 48.22 26.60
C LYS K 391 34.66 46.87 26.95
N GLU K 392 35.78 46.53 26.32
CA GLU K 392 36.48 45.28 26.62
C GLU K 392 36.99 45.30 28.06
N LYS K 393 37.45 46.46 28.50
CA LYS K 393 37.86 46.65 29.89
C LYS K 393 36.67 46.49 30.82
N LYS K 394 35.60 47.23 30.55
CA LYS K 394 34.41 47.24 31.39
C LYS K 394 33.84 45.83 31.59
N LEU K 395 33.96 44.99 30.57
CA LEU K 395 33.53 43.60 30.68
C LEU K 395 34.51 42.79 31.51
N ARG K 396 35.81 43.06 31.31
CA ARG K 396 36.86 42.37 32.05
C ARG K 396 36.85 42.74 33.53
N VAL K 397 36.49 43.99 33.84
CA VAL K 397 36.45 44.43 35.22
C VAL K 397 35.13 44.01 35.88
N GLU K 398 34.14 43.70 35.05
CA GLU K 398 32.86 43.24 35.56
C GLU K 398 32.98 41.82 36.08
N ASP K 399 33.63 40.98 35.27
CA ASP K 399 33.86 39.59 35.64
C ASP K 399 34.93 39.51 36.74
N ALA K 400 35.79 40.52 36.80
CA ALA K 400 36.83 40.58 37.82
C ALA K 400 36.23 40.87 39.19
N LEU K 401 35.39 41.90 39.25
CA LEU K 401 34.74 42.28 40.50
C LEU K 401 33.87 41.15 41.04
N ASN K 402 33.12 40.51 40.16
CA ASN K 402 32.23 39.42 40.54
C ASN K 402 33.00 38.20 41.03
N ALA K 403 34.20 38.00 40.47
CA ALA K 403 35.04 36.88 40.85
C ALA K 403 35.74 37.16 42.18
N THR K 404 36.20 38.39 42.35
CA THR K 404 36.89 38.80 43.57
C THR K 404 35.96 38.77 44.77
N ARG K 405 34.73 39.24 44.58
CA ARG K 405 33.73 39.22 45.64
C ARG K 405 33.37 37.80 46.03
N ALA K 406 33.23 36.93 45.04
CA ALA K 406 32.88 35.53 45.28
C ALA K 406 34.03 34.78 45.92
N ALA K 407 35.24 35.31 45.77
CA ALA K 407 36.43 34.67 46.33
C ALA K 407 36.69 35.12 47.76
N VAL K 408 36.34 36.37 48.06
CA VAL K 408 36.58 36.94 49.38
C VAL K 408 35.41 36.61 50.32
N GLU K 409 34.27 36.23 49.74
CA GLU K 409 33.08 35.96 50.52
C GLU K 409 33.16 34.62 51.27
N GLU K 410 33.45 33.55 50.54
CA GLU K 410 33.46 32.21 51.11
C GLU K 410 34.85 31.59 51.15
N GLY K 411 35.87 32.41 50.91
CA GLY K 411 37.23 31.91 50.87
C GLY K 411 37.61 31.43 49.48
N VAL K 412 38.83 30.91 49.35
CA VAL K 412 39.34 30.52 48.05
C VAL K 412 39.89 29.08 48.07
N VAL K 413 39.70 28.38 46.96
CA VAL K 413 40.17 27.00 46.83
C VAL K 413 40.94 26.84 45.52
N PRO K 414 41.89 25.89 45.47
CA PRO K 414 42.62 25.62 44.23
C PRO K 414 41.70 25.21 43.09
N GLY K 415 41.73 25.96 41.99
CA GLY K 415 40.83 25.73 40.88
C GLY K 415 41.19 24.55 40.00
N GLY K 416 40.73 24.59 38.75
CA GLY K 416 41.00 23.54 37.80
C GLY K 416 40.17 22.29 38.05
N GLY K 417 39.28 22.36 39.04
CA GLY K 417 38.45 21.23 39.41
C GLY K 417 39.24 20.17 40.16
N CYS K 418 40.46 20.51 40.55
CA CYS K 418 41.33 19.58 41.27
C CYS K 418 40.91 19.46 42.72
N THR K 419 40.25 20.49 43.23
CA THR K 419 39.74 20.48 44.59
C THR K 419 38.62 19.47 44.75
N LEU K 420 38.03 19.09 43.61
CA LEU K 420 36.99 18.06 43.61
C LEU K 420 37.59 16.68 43.85
N LEU K 421 38.79 16.45 43.33
CA LEU K 421 39.50 15.19 43.55
C LEU K 421 39.92 15.07 45.01
N ARG K 422 40.46 16.16 45.55
CA ARG K 422 40.90 16.21 46.94
C ARG K 422 39.71 16.00 47.88
N LEU K 423 38.54 16.43 47.45
CA LEU K 423 37.32 16.20 48.20
C LEU K 423 36.82 14.78 48.01
N SER K 424 37.04 14.24 46.81
CA SER K 424 36.57 12.90 46.47
C SER K 424 37.38 11.82 47.18
N GLU K 425 38.66 12.11 47.42
CA GLU K 425 39.53 11.14 48.07
C GLU K 425 39.47 11.30 49.59
N LYS K 426 38.32 11.75 50.09
CA LYS K 426 38.11 11.87 51.53
C LYS K 426 36.80 11.20 51.94
N VAL K 427 36.12 10.59 50.98
CA VAL K 427 34.89 9.86 51.26
C VAL K 427 35.22 8.41 51.61
N ASP K 428 36.45 8.00 51.32
CA ASP K 428 36.90 6.64 51.59
C ASP K 428 37.11 6.42 53.08
N VAL K 429 37.26 7.51 53.82
CA VAL K 429 37.48 7.43 55.26
C VAL K 429 36.20 7.71 56.03
N ILE K 430 35.12 8.02 55.31
CA ILE K 430 33.86 8.35 55.95
C ILE K 430 33.05 7.09 56.28
N LYS K 431 33.08 6.72 57.56
CA LYS K 431 32.27 5.62 58.06
C LYS K 431 31.00 6.18 58.70
N ARG K 432 29.86 5.97 58.05
CA ARG K 432 28.62 6.58 58.49
C ARG K 432 27.78 5.67 59.39
N ARG K 433 26.58 6.14 59.73
CA ARG K 433 25.67 5.44 60.62
C ARG K 433 24.29 5.33 59.97
N MET K 434 23.71 4.12 59.95
CA MET K 434 24.29 2.94 60.59
C MET K 434 25.13 2.12 59.60
N THR K 435 25.87 2.82 58.75
CA THR K 435 26.82 2.20 57.83
C THR K 435 26.17 1.11 56.96
N ASP K 436 24.90 1.28 56.64
CA ASP K 436 24.22 0.37 55.71
C ASP K 436 24.88 0.50 54.35
N PRO K 437 24.98 -0.62 53.61
CA PRO K 437 25.67 -0.66 52.32
C PRO K 437 25.17 0.39 51.33
N GLU K 438 23.87 0.70 51.38
CA GLU K 438 23.27 1.65 50.45
C GLU K 438 23.89 3.04 50.58
N GLN K 439 24.08 3.49 51.81
CA GLN K 439 24.70 4.80 52.05
C GLN K 439 26.15 4.79 51.60
N GLN K 440 26.80 3.63 51.70
CA GLN K 440 28.17 3.48 51.23
C GLN K 440 28.19 3.57 49.70
N MET K 441 27.15 3.05 49.06
CA MET K 441 27.03 3.16 47.61
C MET K 441 26.87 4.63 47.22
N GLY K 442 26.07 5.36 47.99
CA GLY K 442 25.86 6.78 47.76
C GLY K 442 27.14 7.56 47.92
N ALA K 443 28.00 7.11 48.83
CA ALA K 443 29.31 7.71 49.03
C ALA K 443 30.21 7.44 47.83
N ASP K 444 30.20 6.21 47.35
CA ASP K 444 30.98 5.83 46.18
C ASP K 444 30.43 6.51 44.93
N ILE K 445 29.13 6.80 44.93
CA ILE K 445 28.50 7.52 43.83
C ILE K 445 29.06 8.94 43.78
N ILE K 446 29.17 9.57 44.94
CA ILE K 446 29.73 10.91 45.05
C ILE K 446 31.20 10.91 44.59
N LYS K 447 31.92 9.85 44.92
CA LYS K 447 33.33 9.72 44.52
C LYS K 447 33.49 9.69 43.01
N ARG K 448 32.78 8.77 42.35
CA ARG K 448 32.90 8.61 40.91
C ARG K 448 32.29 9.79 40.15
N ALA K 449 31.42 10.54 40.81
CA ALA K 449 30.78 11.70 40.19
C ALA K 449 31.73 12.89 40.18
N LEU K 450 32.49 13.06 41.26
CA LEU K 450 33.45 14.15 41.38
C LEU K 450 34.63 13.96 40.44
N CYS K 451 34.77 12.74 39.93
CA CYS K 451 35.84 12.42 38.99
C CYS K 451 35.49 12.90 37.59
N TYR K 452 34.19 13.05 37.33
CA TYR K 452 33.70 13.44 36.01
C TYR K 452 34.13 14.83 35.52
N PRO K 453 34.00 15.89 36.37
CA PRO K 453 34.33 17.22 35.84
C PRO K 453 35.77 17.34 35.34
N ILE K 454 36.74 16.95 36.15
CA ILE K 454 38.15 17.05 35.78
C ILE K 454 38.46 16.17 34.56
N LYS K 455 37.71 15.09 34.41
CA LYS K 455 37.89 14.18 33.29
C LYS K 455 37.45 14.84 32.00
N LEU K 456 36.29 15.48 32.03
CA LEU K 456 35.76 16.19 30.86
C LEU K 456 36.61 17.41 30.51
N ILE K 457 37.21 18.02 31.52
CA ILE K 457 38.08 19.16 31.31
C ILE K 457 39.33 18.76 30.53
N ALA K 458 39.99 17.72 31.00
CA ALA K 458 41.20 17.24 30.36
C ALA K 458 40.92 16.64 28.99
N GLN K 459 39.83 15.89 28.89
CA GLN K 459 39.46 15.21 27.65
C GLN K 459 39.20 16.18 26.51
N ASN K 460 38.27 17.10 26.70
CA ASN K 460 37.90 18.04 25.64
C ASN K 460 39.03 19.03 25.34
N ALA K 461 39.98 19.12 26.26
CA ALA K 461 41.18 19.94 26.04
C ALA K 461 42.08 19.27 25.00
N GLY K 462 42.26 17.96 25.13
CA GLY K 462 43.05 17.20 24.19
C GLY K 462 44.04 16.24 24.81
N VAL K 463 43.75 15.78 26.03
CA VAL K 463 44.64 14.86 26.74
C VAL K 463 43.83 13.86 27.59
N ASN K 464 44.35 12.65 27.74
CA ASN K 464 43.70 11.63 28.55
C ASN K 464 43.58 12.06 30.02
N GLY K 465 42.36 11.96 30.56
CA GLY K 465 42.10 12.37 31.92
C GLY K 465 42.49 11.33 32.95
N SER K 466 42.65 10.08 32.49
CA SER K 466 43.01 8.97 33.37
C SER K 466 44.40 9.18 33.96
N VAL K 467 45.35 9.51 33.10
CA VAL K 467 46.73 9.72 33.54
C VAL K 467 46.83 11.00 34.38
N VAL K 468 45.99 11.98 34.07
CA VAL K 468 45.97 13.24 34.81
C VAL K 468 45.51 13.01 36.25
N MET K 469 44.40 12.30 36.40
CA MET K 469 43.88 11.97 37.72
C MET K 469 44.89 11.16 38.52
N ASN K 470 45.56 10.23 37.84
CA ASN K 470 46.56 9.38 38.49
C ASN K 470 47.72 10.19 39.06
N GLU K 471 48.26 11.11 38.26
CA GLU K 471 49.39 11.92 38.67
C GLU K 471 49.05 12.83 39.86
N VAL K 472 47.87 13.42 39.83
CA VAL K 472 47.44 14.33 40.90
C VAL K 472 47.12 13.57 42.18
N MET K 473 46.47 12.42 42.04
CA MET K 473 45.99 11.66 43.19
C MET K 473 47.10 10.85 43.86
N LYS K 474 47.95 10.23 43.06
CA LYS K 474 49.04 9.41 43.60
C LYS K 474 50.04 10.27 44.37
N ASN K 475 50.25 11.49 43.89
CA ASN K 475 51.11 12.45 44.58
C ASN K 475 50.42 12.97 45.83
N LEU K 476 51.18 13.65 46.69
CA LEU K 476 50.62 14.23 47.91
C LEU K 476 49.60 15.30 47.58
N ASP K 477 48.39 15.14 48.11
CA ASP K 477 47.27 16.02 47.81
C ASP K 477 47.33 17.34 48.58
N ARG K 478 48.26 17.45 49.51
CA ARG K 478 48.35 18.61 50.39
C ARG K 478 49.20 19.78 49.85
N PRO K 479 50.39 19.50 49.27
CA PRO K 479 51.18 20.64 48.81
C PRO K 479 50.63 21.36 47.57
N HIS K 480 49.31 21.54 47.50
CA HIS K 480 48.66 22.28 46.42
C HIS K 480 49.01 21.79 45.03
N TYR K 481 49.33 20.50 44.91
CA TYR K 481 49.64 19.90 43.62
C TYR K 481 48.42 19.92 42.70
N GLY K 482 48.64 20.30 41.45
CA GLY K 482 47.56 20.38 40.48
C GLY K 482 48.03 20.22 39.04
N TYR K 483 47.12 20.46 38.11
CA TYR K 483 47.42 20.33 36.69
C TYR K 483 46.72 21.40 35.87
N ASN K 484 47.48 22.36 35.36
CA ASN K 484 46.92 23.43 34.54
C ASN K 484 46.81 23.01 33.07
N ALA K 485 45.58 22.92 32.59
CA ALA K 485 45.33 22.48 31.22
C ALA K 485 45.70 23.55 30.20
N ALA K 486 45.76 24.80 30.64
CA ALA K 486 46.10 25.92 29.77
C ALA K 486 47.53 25.80 29.25
N THR K 487 48.42 25.32 30.09
CA THR K 487 49.82 25.16 29.71
C THR K 487 50.18 23.69 29.55
N ASP K 488 49.26 22.82 29.97
CA ASP K 488 49.47 21.37 29.96
C ASP K 488 50.75 21.01 30.72
N SER K 489 50.72 21.13 32.04
CA SER K 489 51.90 20.89 32.84
C SER K 489 51.60 20.77 34.34
N PHE K 490 52.37 19.93 35.00
CA PHE K 490 52.47 19.90 36.46
C PHE K 490 52.66 21.32 36.98
N GLU K 491 51.89 21.70 38.00
CA GLU K 491 51.99 23.02 38.60
C GLU K 491 51.13 23.16 39.86
N ASN K 492 51.63 23.91 40.83
CA ASN K 492 50.85 24.24 42.01
C ASN K 492 49.85 25.35 41.68
N LEU K 493 48.57 25.04 41.83
CA LEU K 493 47.49 25.90 41.36
C LEU K 493 47.45 27.28 42.03
N MET K 494 48.13 27.41 43.16
CA MET K 494 48.11 28.65 43.92
C MET K 494 49.09 29.68 43.36
N GLU K 495 50.36 29.29 43.24
CA GLU K 495 51.41 30.21 42.81
C GLU K 495 51.39 30.49 41.32
N THR K 496 50.57 29.76 40.57
CA THR K 496 50.50 29.92 39.13
C THR K 496 49.45 30.93 38.71
N GLY K 497 48.26 30.83 39.30
CA GLY K 497 47.20 31.77 39.02
C GLY K 497 45.88 31.15 38.62
N ILE K 498 45.74 29.85 38.87
CA ILE K 498 44.50 29.15 38.56
C ILE K 498 43.75 28.85 39.87
N ILE K 499 42.86 29.75 40.24
CA ILE K 499 42.14 29.64 41.52
C ILE K 499 40.64 29.81 41.33
N ASP K 500 39.86 29.01 42.05
CA ASP K 500 38.40 29.11 42.03
C ASP K 500 37.87 29.58 43.38
N PRO K 501 36.82 30.41 43.36
CA PRO K 501 36.17 30.83 44.60
C PRO K 501 35.43 29.67 45.27
N SER K 502 35.56 29.55 46.57
CA SER K 502 34.97 28.44 47.31
C SER K 502 33.45 28.49 47.29
N LYS K 503 32.89 29.68 47.11
CA LYS K 503 31.45 29.87 47.06
C LYS K 503 30.85 29.16 45.85
N VAL K 504 31.53 29.27 44.71
CA VAL K 504 31.08 28.63 43.48
C VAL K 504 31.08 27.11 43.61
N VAL K 505 32.18 26.57 44.11
CA VAL K 505 32.32 25.13 44.28
C VAL K 505 31.27 24.56 45.23
N ARG K 506 31.06 25.25 46.35
CA ARG K 506 30.12 24.79 47.37
C ARG K 506 28.68 24.84 46.87
N CYS K 507 28.28 25.96 46.29
CA CYS K 507 26.91 26.15 45.85
C CYS K 507 26.55 25.23 44.68
N SER K 508 27.47 25.08 43.73
CA SER K 508 27.24 24.19 42.59
C SER K 508 27.16 22.74 43.03
N MET K 509 27.88 22.41 44.10
CA MET K 509 27.92 21.05 44.61
C MET K 509 26.65 20.72 45.38
N GLU K 510 26.20 21.64 46.22
CA GLU K 510 25.00 21.45 47.02
C GLU K 510 23.74 21.41 46.15
N ASN K 511 23.68 22.29 45.16
CA ASN K 511 22.53 22.35 44.25
C ASN K 511 22.45 21.13 43.35
N ALA K 512 23.61 20.61 42.96
CA ALA K 512 23.67 19.43 42.10
C ALA K 512 23.12 18.21 42.84
N VAL K 513 23.46 18.09 44.11
CA VAL K 513 22.93 17.03 44.95
C VAL K 513 21.45 17.26 45.21
N SER K 514 21.07 18.53 45.32
CA SER K 514 19.69 18.91 45.58
C SER K 514 18.75 18.49 44.46
N VAL K 515 19.17 18.69 43.22
CA VAL K 515 18.34 18.31 42.08
C VAL K 515 18.47 16.82 41.78
N ALA K 516 19.61 16.24 42.17
CA ALA K 516 19.78 14.79 42.05
C ALA K 516 18.94 14.10 43.12
N LYS K 517 18.72 14.80 44.22
CA LYS K 517 17.84 14.31 45.28
C LYS K 517 16.42 14.16 44.78
N THR K 518 15.90 15.23 44.17
CA THR K 518 14.54 15.25 43.67
C THR K 518 14.43 14.58 42.30
N PHE K 519 15.53 13.95 41.87
CA PHE K 519 15.55 13.25 40.60
C PHE K 519 15.42 11.74 40.82
N LEU K 520 16.31 11.20 41.64
CA LEU K 520 16.33 9.77 41.93
C LEU K 520 15.16 9.37 42.83
N LEU K 521 14.68 10.33 43.62
CA LEU K 521 13.54 10.09 44.50
C LEU K 521 12.26 9.96 43.70
N ALA K 522 12.26 10.55 42.51
CA ALA K 522 11.10 10.51 41.63
C ALA K 522 10.85 9.10 41.10
N ASP K 523 9.58 8.75 40.90
CA ASP K 523 9.21 7.44 40.40
C ASP K 523 8.11 7.54 39.36
N VAL K 524 7.36 8.64 39.38
CA VAL K 524 6.29 8.88 38.42
C VAL K 524 6.34 10.29 37.86
N VAL K 525 6.24 10.41 36.53
CA VAL K 525 6.27 11.70 35.86
C VAL K 525 5.01 11.91 35.01
N VAL K 526 4.38 13.08 35.15
CA VAL K 526 3.19 13.40 34.38
C VAL K 526 3.45 14.54 33.39
N THR K 527 2.67 14.58 32.32
CA THR K 527 2.88 15.54 31.26
C THR K 527 1.62 15.79 30.43
N GLU K 528 1.23 17.05 30.29
CA GLU K 528 0.10 17.40 29.45
C GLU K 528 0.45 17.21 27.98
N LEU K 529 -0.39 16.49 27.25
CA LEU K 529 -0.12 16.18 25.85
C LEU K 529 -0.90 17.08 24.90
N LYS K 530 -0.68 16.88 23.60
CA LYS K 530 -1.26 17.74 22.56
C LYS K 530 -2.78 17.61 22.50
N GLU K 531 -3.25 16.41 22.17
CA GLU K 531 -4.68 16.18 21.98
C GLU K 531 -5.32 15.62 23.24
N GLU L 4 -7.47 -21.03 -24.86
CA GLU L 4 -6.08 -21.16 -25.27
C GLU L 4 -5.81 -20.42 -26.57
N LEU L 5 -6.78 -19.62 -27.00
CA LEU L 5 -6.63 -18.80 -28.20
C LEU L 5 -6.95 -17.33 -27.89
N HIS L 6 -6.14 -16.43 -28.43
CA HIS L 6 -6.33 -15.00 -28.18
C HIS L 6 -6.89 -14.32 -29.44
N PHE L 7 -7.60 -13.22 -29.24
CA PHE L 7 -8.27 -12.52 -30.34
C PHE L 7 -7.79 -11.07 -30.49
N ASN L 8 -7.45 -10.70 -31.71
CA ASN L 8 -7.04 -9.34 -32.01
C ASN L 8 -7.76 -8.80 -33.24
N LYS L 9 -8.49 -7.70 -33.05
CA LYS L 9 -9.33 -7.16 -34.13
C LYS L 9 -9.20 -5.65 -34.29
N ASP L 10 -9.97 -5.12 -35.25
CA ASP L 10 -10.10 -3.68 -35.52
C ASP L 10 -8.83 -3.07 -36.12
N MET L 11 -8.80 -1.74 -36.14
CA MET L 11 -7.76 -0.96 -36.78
C MET L 11 -6.42 -1.03 -36.05
N GLN L 12 -6.47 -1.07 -34.73
CA GLN L 12 -5.26 -1.05 -33.92
C GLN L 12 -4.50 -2.36 -33.98
N ALA L 13 -5.19 -3.44 -34.30
CA ALA L 13 -4.54 -4.75 -34.41
C ALA L 13 -3.56 -4.76 -35.58
N LEU L 14 -3.94 -4.10 -36.67
CA LEU L 14 -3.09 -3.98 -37.83
C LEU L 14 -1.84 -3.15 -37.52
N LYS L 15 -2.03 -2.08 -36.74
CA LYS L 15 -0.94 -1.18 -36.38
C LYS L 15 0.08 -1.86 -35.49
N ARG L 16 -0.37 -2.83 -34.69
CA ARG L 16 0.51 -3.55 -33.79
C ARG L 16 1.59 -4.31 -34.55
N MET L 17 1.17 -5.16 -35.49
CA MET L 17 2.12 -5.92 -36.29
C MET L 17 2.77 -5.03 -37.33
N GLN L 18 2.14 -3.89 -37.63
CA GLN L 18 2.75 -2.90 -38.49
C GLN L 18 3.96 -2.29 -37.80
N ALA L 19 3.86 -2.13 -36.49
CA ALA L 19 4.95 -1.61 -35.68
C ALA L 19 6.10 -2.60 -35.61
N GLY L 20 5.77 -3.89 -35.54
CA GLY L 20 6.77 -4.93 -35.50
C GLY L 20 7.49 -5.08 -36.82
N VAL L 21 6.74 -4.91 -37.91
CA VAL L 21 7.32 -4.85 -39.24
C VAL L 21 8.22 -3.64 -39.36
N ASP L 22 7.74 -2.51 -38.86
CA ASP L 22 8.51 -1.26 -38.88
C ASP L 22 9.78 -1.40 -38.07
N LYS L 23 9.75 -2.26 -37.03
CA LYS L 23 10.93 -2.52 -36.22
C LYS L 23 11.95 -3.36 -36.97
N LEU L 24 11.46 -4.30 -37.78
CA LEU L 24 12.34 -5.16 -38.56
C LEU L 24 13.00 -4.36 -39.69
N ALA L 25 12.23 -3.48 -40.32
CA ALA L 25 12.74 -2.67 -41.41
C ALA L 25 13.67 -1.58 -40.89
N THR L 26 13.60 -1.31 -39.60
CA THR L 26 14.43 -0.29 -38.99
C THR L 26 15.88 -0.75 -38.86
N VAL L 27 16.07 -2.00 -38.41
CA VAL L 27 17.40 -2.55 -38.20
C VAL L 27 18.05 -2.98 -39.52
N VAL L 28 17.26 -3.54 -40.42
CA VAL L 28 17.74 -3.93 -41.74
C VAL L 28 17.92 -2.67 -42.58
N GLY L 29 17.25 -1.60 -42.17
CA GLY L 29 17.33 -0.33 -42.85
C GLY L 29 18.67 0.36 -42.70
N VAL L 30 19.27 0.22 -41.52
CA VAL L 30 20.58 0.82 -41.26
C VAL L 30 21.70 -0.10 -41.79
N THR L 31 21.30 -1.25 -42.32
CA THR L 31 22.22 -2.21 -42.91
C THR L 31 22.49 -1.88 -44.37
N ILE L 32 21.43 -1.48 -45.07
CA ILE L 32 21.51 -1.20 -46.50
C ILE L 32 22.45 -0.03 -46.79
N GLY L 33 22.89 0.07 -48.03
CA GLY L 33 23.75 1.16 -48.46
C GLY L 33 25.21 0.78 -48.45
N PRO L 34 25.99 1.37 -49.37
CA PRO L 34 27.44 1.15 -49.43
C PRO L 34 28.11 1.53 -48.13
N LYS L 35 27.63 2.59 -47.49
CA LYS L 35 28.12 2.99 -46.17
C LYS L 35 27.21 2.42 -45.08
N GLY L 36 26.99 1.11 -45.12
CA GLY L 36 26.13 0.45 -44.17
C GLY L 36 26.68 0.44 -42.77
N ARG L 37 25.82 0.19 -41.79
CA ARG L 37 26.22 0.17 -40.39
C ARG L 37 26.34 -1.26 -39.87
N ASN L 38 27.05 -1.41 -38.76
CA ASN L 38 27.23 -2.72 -38.14
C ASN L 38 26.18 -2.99 -37.06
N VAL L 39 25.60 -4.18 -37.10
CA VAL L 39 24.64 -4.58 -36.08
C VAL L 39 25.24 -5.65 -35.18
N VAL L 40 25.44 -5.30 -33.91
CA VAL L 40 26.08 -6.20 -32.97
C VAL L 40 25.12 -7.28 -32.47
N LEU L 41 25.48 -8.54 -32.69
CA LEU L 41 24.66 -9.66 -32.25
C LEU L 41 25.29 -10.38 -31.06
N GLU L 42 24.46 -10.71 -30.07
CA GLU L 42 24.93 -11.47 -28.91
C GLU L 42 25.14 -12.93 -29.30
N SER L 43 26.27 -13.49 -28.88
CA SER L 43 26.60 -14.87 -29.20
C SER L 43 25.75 -15.85 -28.40
N LYS L 44 25.62 -17.07 -28.92
CA LYS L 44 24.92 -18.13 -28.20
C LYS L 44 25.73 -18.52 -26.97
N PHE L 45 27.04 -18.36 -27.06
CA PHE L 45 27.96 -18.64 -25.96
C PHE L 45 29.35 -18.11 -26.27
N GLY L 46 29.65 -16.89 -25.86
CA GLY L 46 30.97 -16.33 -26.03
C GLY L 46 31.01 -14.96 -26.67
N ALA L 47 32.01 -14.75 -27.52
CA ALA L 47 32.26 -13.44 -28.14
C ALA L 47 31.19 -13.07 -29.16
N PRO L 48 30.76 -11.79 -29.14
CA PRO L 48 29.69 -11.27 -30.01
C PRO L 48 29.98 -11.41 -31.50
N LYS L 49 29.02 -11.00 -32.33
CA LYS L 49 29.13 -11.15 -33.78
C LYS L 49 28.58 -9.93 -34.52
N ILE L 50 29.48 -9.13 -35.08
CA ILE L 50 29.07 -7.95 -35.84
C ILE L 50 28.62 -8.34 -37.25
N VAL L 51 27.56 -7.71 -37.73
CA VAL L 51 26.97 -8.06 -39.02
C VAL L 51 26.78 -6.85 -39.92
N ASN L 52 27.24 -6.97 -41.17
CA ASN L 52 27.04 -5.92 -42.17
C ASN L 52 26.01 -6.34 -43.20
N ASP L 53 25.66 -7.62 -43.19
CA ASP L 53 24.72 -8.19 -44.15
C ASP L 53 23.28 -8.04 -43.65
N GLY L 54 22.33 -8.08 -44.58
CA GLY L 54 20.93 -8.01 -44.22
C GLY L 54 20.31 -9.38 -44.05
N VAL L 55 21.04 -10.39 -44.51
CA VAL L 55 20.55 -11.77 -44.43
C VAL L 55 20.56 -12.30 -43.01
N THR L 56 21.70 -12.20 -42.34
CA THR L 56 21.86 -12.70 -40.98
C THR L 56 20.93 -11.98 -40.01
N ILE L 57 20.72 -10.69 -40.26
CA ILE L 57 19.83 -9.89 -39.44
C ILE L 57 18.39 -10.37 -39.59
N ALA L 58 17.97 -10.63 -40.82
CA ALA L 58 16.61 -11.09 -41.10
C ALA L 58 16.37 -12.52 -40.63
N ARG L 59 17.44 -13.18 -40.19
CA ARG L 59 17.34 -14.55 -39.70
C ARG L 59 17.13 -14.60 -38.20
N GLU L 60 17.73 -13.66 -37.48
CA GLU L 60 17.78 -13.70 -36.03
C GLU L 60 16.64 -12.94 -35.34
N VAL L 61 16.13 -11.90 -36.00
CA VAL L 61 15.17 -11.01 -35.37
C VAL L 61 13.79 -11.65 -35.13
N GLU L 62 13.29 -11.46 -33.91
CA GLU L 62 11.95 -11.89 -33.53
C GLU L 62 11.58 -11.25 -32.19
N LEU L 63 10.50 -10.49 -32.19
CA LEU L 63 10.13 -9.69 -31.02
C LEU L 63 9.31 -10.48 -30.00
N SER L 64 8.91 -9.81 -28.93
CA SER L 64 8.18 -10.45 -27.83
C SER L 64 6.69 -10.61 -28.14
N ASP L 65 6.03 -9.49 -28.40
CA ASP L 65 4.58 -9.48 -28.70
C ASP L 65 4.28 -10.30 -29.94
N PRO L 66 3.55 -11.42 -29.76
CA PRO L 66 3.25 -12.41 -30.80
C PRO L 66 2.68 -11.82 -32.09
N VAL L 67 1.87 -10.77 -32.00
CA VAL L 67 1.28 -10.18 -33.19
C VAL L 67 2.32 -9.45 -34.04
N GLU L 68 3.16 -8.66 -33.38
CA GLU L 68 4.19 -7.91 -34.10
C GLU L 68 5.38 -8.80 -34.42
N ASN L 69 5.43 -9.97 -33.79
CA ASN L 69 6.46 -10.96 -34.08
C ASN L 69 6.14 -11.69 -35.39
N ILE L 70 4.90 -12.15 -35.51
CA ILE L 70 4.47 -12.84 -36.72
C ILE L 70 4.27 -11.85 -37.86
N GLY L 71 4.17 -10.57 -37.52
CA GLY L 71 4.08 -9.52 -38.52
C GLY L 71 5.42 -9.34 -39.20
N ALA L 72 6.47 -9.20 -38.39
CA ALA L 72 7.82 -9.10 -38.90
C ALA L 72 8.27 -10.41 -39.53
N THR L 73 7.74 -11.52 -39.02
CA THR L 73 8.02 -12.83 -39.59
C THR L 73 7.40 -12.96 -40.97
N LEU L 74 6.25 -12.32 -41.16
CA LEU L 74 5.54 -12.38 -42.44
C LEU L 74 6.36 -11.69 -43.53
N VAL L 75 7.10 -10.65 -43.13
CA VAL L 75 7.98 -9.93 -44.04
C VAL L 75 9.24 -10.77 -44.29
N ARG L 76 9.71 -11.44 -43.24
CA ARG L 76 10.87 -12.31 -43.33
C ARG L 76 10.66 -13.41 -44.35
N GLN L 77 9.41 -13.83 -44.52
CA GLN L 77 9.07 -14.81 -45.54
C GLN L 77 9.37 -14.27 -46.94
N ALA L 78 8.99 -13.02 -47.17
CA ALA L 78 9.25 -12.37 -48.45
C ALA L 78 10.74 -12.17 -48.66
N ALA L 79 11.44 -11.79 -47.60
CA ALA L 79 12.88 -11.56 -47.65
C ALA L 79 13.61 -12.86 -47.96
N ALA L 80 13.25 -13.92 -47.24
CA ALA L 80 13.87 -15.22 -47.43
C ALA L 80 13.54 -15.78 -48.81
N ARG L 81 12.28 -15.62 -49.23
CA ARG L 81 11.85 -16.11 -50.53
C ARG L 81 12.59 -15.41 -51.66
N THR L 82 12.77 -14.10 -51.51
CA THR L 82 13.51 -13.30 -52.49
C THR L 82 14.96 -13.76 -52.57
N ASN L 83 15.55 -14.05 -51.43
CA ASN L 83 16.95 -14.44 -51.35
C ASN L 83 17.23 -15.78 -52.04
N ASP L 84 16.35 -16.76 -51.86
CA ASP L 84 16.56 -18.08 -52.44
C ASP L 84 15.91 -18.21 -53.82
N THR L 85 15.55 -17.09 -54.43
CA THR L 85 14.98 -17.09 -55.77
C THR L 85 15.70 -16.08 -56.66
N ALA L 86 16.57 -15.28 -56.06
CA ALA L 86 17.31 -14.25 -56.80
C ALA L 86 18.78 -14.23 -56.40
N GLY L 87 19.07 -14.74 -55.20
CA GLY L 87 20.44 -14.80 -54.72
C GLY L 87 20.85 -13.61 -53.88
N ASP L 88 20.09 -12.52 -54.00
CA ASP L 88 20.38 -11.31 -53.25
C ASP L 88 19.12 -10.46 -53.12
N GLY L 89 19.24 -9.31 -52.46
CA GLY L 89 18.13 -8.38 -52.32
C GLY L 89 17.27 -8.65 -51.12
N THR L 90 17.89 -8.99 -50.00
CA THR L 90 17.18 -9.20 -48.75
C THR L 90 16.83 -7.85 -48.13
N THR L 91 17.77 -6.93 -48.18
CA THR L 91 17.56 -5.60 -47.63
C THR L 91 16.55 -4.82 -48.46
N THR L 92 16.61 -4.99 -49.78
CA THR L 92 15.71 -4.31 -50.69
C THR L 92 14.28 -4.82 -50.53
N ALA L 93 14.14 -6.13 -50.35
CA ALA L 93 12.82 -6.74 -50.20
C ALA L 93 12.13 -6.30 -48.91
N THR L 94 12.88 -6.22 -47.82
CA THR L 94 12.33 -5.82 -46.54
C THR L 94 11.90 -4.36 -46.51
N VAL L 95 12.75 -3.49 -47.04
CA VAL L 95 12.48 -2.05 -46.99
C VAL L 95 11.35 -1.68 -47.95
N LEU L 96 11.18 -2.46 -49.02
CA LEU L 96 10.08 -2.24 -49.95
C LEU L 96 8.77 -2.77 -49.37
N SER L 97 8.87 -3.90 -48.68
CA SER L 97 7.71 -4.52 -48.04
C SER L 97 7.07 -3.59 -47.01
N ALA L 98 7.89 -3.09 -46.09
CA ALA L 98 7.42 -2.19 -45.05
C ALA L 98 6.96 -0.86 -45.65
N ALA L 99 7.56 -0.48 -46.77
CA ALA L 99 7.20 0.74 -47.46
C ALA L 99 5.77 0.66 -47.99
N PHE L 100 5.44 -0.48 -48.60
CA PHE L 100 4.09 -0.72 -49.11
C PHE L 100 3.09 -0.83 -47.96
N ILE L 101 3.57 -1.33 -46.82
CA ILE L 101 2.74 -1.49 -45.64
C ILE L 101 2.53 -0.16 -44.92
N ALA L 102 3.60 0.61 -44.76
CA ALA L 102 3.54 1.90 -44.09
C ALA L 102 2.62 2.86 -44.83
N GLU L 103 2.90 3.08 -46.11
CA GLU L 103 2.09 3.97 -46.94
C GLU L 103 0.70 3.40 -47.17
N GLY L 104 0.58 2.08 -47.07
CA GLY L 104 -0.71 1.42 -47.25
C GLY L 104 -1.63 1.70 -46.09
N MET L 105 -1.15 1.41 -44.88
CA MET L 105 -1.90 1.67 -43.65
C MET L 105 -2.12 3.18 -43.47
N LYS L 106 -1.24 3.98 -44.05
CA LYS L 106 -1.33 5.43 -44.01
C LYS L 106 -2.61 5.89 -44.70
N ILE L 107 -2.93 5.24 -45.82
CA ILE L 107 -4.10 5.55 -46.61
C ILE L 107 -5.33 4.81 -46.09
N VAL L 108 -5.14 3.54 -45.72
CA VAL L 108 -6.23 2.72 -45.19
C VAL L 108 -6.86 3.37 -43.96
N SER L 109 -6.05 4.08 -43.18
CA SER L 109 -6.53 4.77 -41.98
C SER L 109 -7.60 5.82 -42.30
N ALA L 110 -7.74 6.18 -43.57
CA ALA L 110 -8.75 7.12 -44.00
C ALA L 110 -10.02 6.41 -44.45
N GLY L 111 -10.19 5.17 -43.99
CA GLY L 111 -11.39 4.40 -44.29
C GLY L 111 -11.52 4.00 -45.75
N THR L 112 -10.39 3.91 -46.45
CA THR L 112 -10.38 3.55 -47.86
C THR L 112 -10.53 2.04 -48.03
N ASN L 113 -11.29 1.64 -49.05
CA ASN L 113 -11.51 0.22 -49.35
C ASN L 113 -10.20 -0.52 -49.63
N PRO L 114 -9.87 -1.49 -48.77
CA PRO L 114 -8.63 -2.26 -48.87
C PRO L 114 -8.58 -3.12 -50.14
N VAL L 115 -9.75 -3.54 -50.63
CA VAL L 115 -9.82 -4.41 -51.80
C VAL L 115 -9.34 -3.71 -53.05
N GLN L 116 -9.80 -2.48 -53.27
CA GLN L 116 -9.43 -1.72 -54.45
C GLN L 116 -8.00 -1.21 -54.35
N LEU L 117 -7.55 -0.96 -53.13
CA LEU L 117 -6.19 -0.49 -52.88
C LEU L 117 -5.15 -1.54 -53.28
N VAL L 118 -5.32 -2.77 -52.80
CA VAL L 118 -4.39 -3.84 -53.10
C VAL L 118 -4.47 -4.23 -54.58
N ARG L 119 -5.65 -4.10 -55.17
CA ARG L 119 -5.82 -4.33 -56.60
C ARG L 119 -5.06 -3.27 -57.37
N GLY L 120 -5.04 -2.05 -56.83
CA GLY L 120 -4.29 -0.95 -57.42
C GLY L 120 -2.80 -1.20 -57.31
N MET L 121 -2.38 -1.82 -56.21
CA MET L 121 -0.98 -2.13 -55.98
C MET L 121 -0.51 -3.27 -56.88
N GLU L 122 -1.30 -4.31 -56.97
CA GLU L 122 -0.95 -5.51 -57.75
C GLU L 122 -0.73 -5.20 -59.21
N LYS L 123 -1.66 -4.48 -59.82
CA LYS L 123 -1.60 -4.17 -61.23
C LYS L 123 -0.52 -3.12 -61.54
N THR L 124 -0.30 -2.21 -60.60
CA THR L 124 0.71 -1.17 -60.80
C THR L 124 2.11 -1.76 -60.80
N VAL L 125 2.38 -2.65 -59.86
CA VAL L 125 3.69 -3.27 -59.76
C VAL L 125 3.90 -4.31 -60.87
N GLN L 126 2.80 -4.89 -61.34
CA GLN L 126 2.88 -5.89 -62.41
C GLN L 126 3.23 -5.23 -63.74
N GLU L 127 2.66 -4.04 -63.96
CA GLU L 127 2.97 -3.26 -65.15
C GLU L 127 4.35 -2.61 -65.02
N LEU L 128 4.82 -2.46 -63.79
CA LEU L 128 6.15 -1.92 -63.55
C LEU L 128 7.21 -3.01 -63.73
N VAL L 129 6.80 -4.27 -63.56
CA VAL L 129 7.67 -5.39 -63.86
C VAL L 129 7.82 -5.52 -65.38
N LYS L 130 6.72 -5.31 -66.09
CA LYS L 130 6.74 -5.24 -67.54
C LYS L 130 7.60 -4.06 -67.99
N GLU L 131 7.60 -3.01 -67.18
CA GLU L 131 8.45 -1.85 -67.42
C GLU L 131 9.90 -2.15 -67.04
N LEU L 132 10.07 -2.97 -66.01
CA LEU L 132 11.40 -3.34 -65.55
C LEU L 132 12.15 -4.16 -66.60
N ARG L 133 11.41 -4.94 -67.37
CA ARG L 133 11.99 -5.74 -68.46
C ARG L 133 12.41 -4.84 -69.62
N LYS L 134 11.84 -3.64 -69.66
CA LYS L 134 12.23 -2.62 -70.64
C LYS L 134 13.46 -1.86 -70.15
N MET L 135 13.46 -1.55 -68.86
CA MET L 135 14.58 -0.84 -68.24
C MET L 135 15.86 -1.68 -68.23
N SER L 136 15.70 -2.99 -68.34
CA SER L 136 16.82 -3.91 -68.24
C SER L 136 17.79 -3.80 -69.41
N SER L 137 19.06 -4.11 -69.14
CA SER L 137 20.09 -4.14 -70.17
C SER L 137 20.55 -5.57 -70.41
N VAL L 138 20.55 -5.99 -71.67
CA VAL L 138 20.85 -7.37 -72.02
C VAL L 138 22.32 -7.56 -72.39
N VAL L 139 22.89 -8.68 -72.00
CA VAL L 139 24.25 -9.05 -72.37
C VAL L 139 24.23 -10.24 -73.33
N GLN L 140 24.88 -10.09 -74.48
CA GLN L 140 24.83 -11.12 -75.52
C GLN L 140 26.22 -11.50 -76.04
N THR L 141 27.24 -10.77 -75.61
CA THR L 141 28.61 -11.08 -76.02
C THR L 141 29.46 -11.48 -74.82
N ASP L 142 30.34 -12.44 -75.01
CA ASP L 142 31.16 -12.98 -73.93
C ASP L 142 32.18 -11.96 -73.40
N LYS L 143 32.48 -10.95 -74.21
CA LYS L 143 33.44 -9.93 -73.82
C LYS L 143 32.76 -8.83 -73.02
N ASP L 144 31.50 -8.56 -73.32
CA ASP L 144 30.70 -7.65 -72.51
C ASP L 144 30.27 -8.38 -71.25
N LEU L 145 30.10 -9.70 -71.37
CA LEU L 145 29.82 -10.55 -70.24
C LEU L 145 31.03 -10.55 -69.31
N ALA L 146 32.21 -10.44 -69.91
CA ALA L 146 33.46 -10.38 -69.16
C ALA L 146 33.55 -9.09 -68.34
N ASN L 147 33.13 -7.99 -68.95
CA ASN L 147 33.16 -6.69 -68.29
C ASN L 147 32.12 -6.62 -67.18
N VAL L 148 30.96 -7.22 -67.41
CA VAL L 148 29.92 -7.28 -66.40
C VAL L 148 30.34 -8.15 -65.23
N ALA L 149 30.95 -9.30 -65.54
CA ALA L 149 31.37 -10.24 -64.51
C ALA L 149 32.48 -9.69 -63.62
N CYS L 150 33.46 -9.03 -64.24
CA CYS L 150 34.62 -8.51 -63.52
C CYS L 150 34.25 -7.32 -62.64
N VAL L 151 33.35 -6.48 -63.14
CA VAL L 151 32.88 -5.33 -62.37
C VAL L 151 32.00 -5.77 -61.22
N SER L 152 31.10 -6.70 -61.49
CA SER L 152 30.23 -7.25 -60.45
C SER L 152 31.06 -7.96 -59.39
N ALA L 153 32.20 -8.51 -59.80
CA ALA L 153 33.15 -9.10 -58.87
C ALA L 153 33.82 -8.00 -58.05
N GLY L 154 34.24 -8.34 -56.83
CA GLY L 154 34.82 -7.36 -55.93
C GLY L 154 36.19 -6.86 -56.33
N GLY L 155 36.32 -5.55 -56.48
CA GLY L 155 37.59 -4.92 -56.77
C GLY L 155 38.15 -5.24 -58.14
N ASN L 156 39.32 -5.87 -58.16
CA ASN L 156 40.04 -6.16 -59.39
C ASN L 156 39.29 -7.15 -60.29
N THR L 157 39.73 -7.26 -61.53
CA THR L 157 39.01 -8.01 -62.55
C THR L 157 39.44 -9.49 -62.62
N ASP L 158 40.73 -9.71 -62.87
CA ASP L 158 41.34 -11.01 -63.16
C ASP L 158 40.51 -12.26 -62.83
N ILE L 159 40.02 -12.34 -61.61
CA ILE L 159 39.25 -13.51 -61.20
C ILE L 159 37.86 -13.52 -61.85
N GLY L 160 37.27 -12.33 -61.98
CA GLY L 160 36.00 -12.20 -62.68
C GLY L 160 36.20 -12.43 -64.16
N SER L 161 37.42 -12.18 -64.63
CA SER L 161 37.78 -12.44 -66.02
C SER L 161 37.97 -13.93 -66.23
N LEU L 162 38.20 -14.67 -65.15
CA LEU L 162 38.33 -16.13 -65.22
C LEU L 162 36.96 -16.78 -65.30
N ILE L 163 36.02 -16.26 -64.52
CA ILE L 163 34.64 -16.73 -64.53
C ILE L 163 34.00 -16.43 -65.88
N SER L 164 34.46 -15.36 -66.51
CA SER L 164 33.95 -14.94 -67.81
C SER L 164 34.17 -16.01 -68.87
N ASP L 165 35.41 -16.46 -69.01
CA ASP L 165 35.74 -17.51 -69.97
C ASP L 165 35.23 -18.85 -69.48
N ALA L 166 35.00 -18.96 -68.17
CA ALA L 166 34.46 -20.18 -67.59
C ALA L 166 33.02 -20.39 -68.04
N MET L 167 32.30 -19.30 -68.23
CA MET L 167 30.92 -19.38 -68.72
C MET L 167 30.88 -19.17 -70.23
N ALA L 168 31.97 -18.64 -70.78
CA ALA L 168 32.07 -18.49 -72.23
C ALA L 168 32.19 -19.85 -72.90
N LYS L 169 32.71 -20.83 -72.15
CA LYS L 169 32.81 -22.19 -72.65
C LYS L 169 31.45 -22.86 -72.65
N VAL L 170 30.87 -23.02 -71.46
CA VAL L 170 29.52 -23.57 -71.34
C VAL L 170 28.49 -22.47 -71.59
N GLY L 171 27.89 -22.51 -72.78
CA GLY L 171 26.99 -21.46 -73.25
C GLY L 171 25.84 -21.13 -72.32
N ARG L 172 24.82 -21.98 -72.31
CA ARG L 172 23.63 -21.74 -71.50
C ARG L 172 23.43 -22.81 -70.44
N THR L 173 22.20 -22.88 -69.92
CA THR L 173 21.74 -23.89 -68.95
C THR L 173 22.70 -24.22 -67.79
N GLY L 174 23.77 -23.46 -67.65
CA GLY L 174 24.75 -23.71 -66.59
C GLY L 174 25.43 -25.05 -66.74
N VAL L 175 26.04 -25.53 -65.66
CA VAL L 175 26.09 -24.81 -64.39
C VAL L 175 27.51 -24.82 -63.83
N VAL L 176 27.98 -23.65 -63.38
CA VAL L 176 29.34 -23.53 -62.87
C VAL L 176 29.42 -23.68 -61.36
N THR L 177 30.26 -24.61 -60.91
CA THR L 177 30.51 -24.83 -59.49
C THR L 177 31.97 -24.51 -59.18
N MET L 178 32.23 -23.98 -57.99
CA MET L 178 33.58 -23.55 -57.63
C MET L 178 34.20 -24.40 -56.52
N GLU L 179 35.52 -24.33 -56.41
CA GLU L 179 36.26 -25.01 -55.34
C GLU L 179 37.69 -24.47 -55.27
N GLU L 180 38.29 -24.53 -54.10
CA GLU L 180 39.65 -24.03 -53.92
C GLU L 180 40.67 -25.16 -53.94
N GLY L 181 41.95 -24.80 -53.95
CA GLY L 181 43.02 -25.78 -53.99
C GLY L 181 43.45 -26.13 -55.39
N LYS L 182 44.68 -26.61 -55.54
CA LYS L 182 45.58 -26.81 -54.42
C LYS L 182 46.83 -25.95 -54.56
N THR L 183 47.17 -25.61 -55.80
CA THR L 183 48.34 -24.80 -56.08
C THR L 183 47.92 -23.45 -56.67
N ALA L 184 48.69 -22.42 -56.39
CA ALA L 184 48.36 -21.06 -56.83
C ALA L 184 48.38 -20.88 -58.35
N GLU L 185 47.24 -21.17 -58.98
CA GLU L 185 47.06 -20.94 -60.42
C GLU L 185 45.58 -20.81 -60.76
N ASP L 186 45.23 -21.13 -62.01
CA ASP L 186 43.83 -21.17 -62.42
C ASP L 186 43.54 -22.45 -63.18
N GLN L 187 42.78 -23.34 -62.56
CA GLN L 187 42.50 -24.66 -63.13
C GLN L 187 41.03 -24.83 -63.49
N LEU L 188 40.73 -24.75 -64.78
CA LEU L 188 39.38 -24.99 -65.27
C LEU L 188 39.21 -26.47 -65.60
N VAL L 189 38.13 -27.07 -65.08
CA VAL L 189 37.88 -28.49 -65.27
C VAL L 189 36.45 -28.75 -65.71
N PHE L 190 36.29 -29.48 -66.82
CA PHE L 190 34.97 -29.88 -67.27
C PHE L 190 34.84 -31.40 -67.20
N VAL L 191 33.81 -31.87 -66.50
CA VAL L 191 33.59 -33.31 -66.34
C VAL L 191 32.11 -33.65 -66.48
N GLU L 192 31.79 -34.93 -66.34
CA GLU L 192 30.41 -35.39 -66.46
C GLU L 192 29.61 -35.08 -65.20
N GLY L 193 28.88 -33.96 -65.22
CA GLY L 193 28.08 -33.55 -64.08
C GLY L 193 26.68 -33.15 -64.48
N MET L 194 25.76 -33.17 -63.52
CA MET L 194 24.36 -32.86 -63.78
C MET L 194 23.72 -32.15 -62.58
N GLN L 195 22.56 -31.54 -62.80
CA GLN L 195 21.83 -30.88 -61.72
C GLN L 195 20.32 -30.92 -61.93
N PHE L 196 19.58 -30.64 -60.87
CA PHE L 196 18.12 -30.59 -60.93
C PHE L 196 17.59 -29.49 -60.01
N GLU L 197 16.36 -29.03 -60.28
CA GLU L 197 15.75 -27.98 -59.48
C GLU L 197 14.93 -28.53 -58.32
N ARG L 198 15.41 -29.62 -57.73
CA ARG L 198 14.78 -30.19 -56.55
C ARG L 198 15.59 -29.86 -55.31
N GLY L 199 14.98 -30.06 -54.13
CA GLY L 199 15.64 -29.76 -52.88
C GLY L 199 15.63 -30.92 -51.90
N TYR L 200 16.40 -30.80 -50.83
CA TYR L 200 16.46 -31.84 -49.81
C TYR L 200 15.15 -31.90 -49.03
N THR L 201 14.94 -33.01 -48.32
CA THR L 201 13.71 -33.24 -47.58
C THR L 201 13.62 -32.36 -46.33
N SER L 202 14.68 -32.38 -45.51
CA SER L 202 14.69 -31.62 -44.27
C SER L 202 15.92 -30.72 -44.18
N PRO L 203 15.74 -29.51 -43.62
CA PRO L 203 16.82 -28.53 -43.41
C PRO L 203 17.77 -28.92 -42.28
N TYR L 204 17.71 -30.18 -41.86
CA TYR L 204 18.57 -30.66 -40.77
C TYR L 204 19.76 -31.44 -41.32
N PHE L 205 19.80 -31.59 -42.64
CA PHE L 205 20.88 -32.31 -43.30
C PHE L 205 22.03 -31.38 -43.68
N VAL L 206 21.94 -30.09 -43.37
CA VAL L 206 22.98 -29.22 -43.90
C VAL L 206 24.32 -29.64 -43.30
N THR L 207 25.35 -29.74 -44.14
CA THR L 207 26.66 -30.15 -43.66
C THR L 207 27.49 -29.08 -42.94
N ASP L 208 27.51 -27.86 -43.49
CA ASP L 208 28.30 -26.75 -42.96
C ASP L 208 27.60 -25.40 -43.04
N PRO L 209 26.88 -25.03 -41.97
CA PRO L 209 26.31 -23.68 -41.80
C PRO L 209 27.43 -22.65 -41.65
N GLU L 210 27.17 -21.37 -41.92
CA GLU L 210 25.86 -20.85 -42.28
C GLU L 210 25.53 -21.03 -43.76
N ARG L 211 26.40 -21.72 -44.49
CA ARG L 211 26.16 -22.00 -45.90
C ARG L 211 25.02 -23.00 -46.05
N MET L 212 24.76 -23.74 -44.98
CA MET L 212 23.71 -24.78 -44.91
C MET L 212 23.56 -25.60 -46.18
N ILE L 213 24.70 -25.88 -46.82
CA ILE L 213 24.73 -26.67 -48.04
C ILE L 213 25.41 -28.03 -47.79
N CYS L 214 24.69 -29.10 -48.09
CA CYS L 214 25.26 -30.42 -47.89
C CYS L 214 26.22 -30.74 -49.03
N GLU L 215 27.45 -31.07 -48.66
CA GLU L 215 28.47 -31.46 -49.63
C GLU L 215 29.10 -32.77 -49.23
N TYR L 216 29.26 -33.68 -50.17
CA TYR L 216 29.92 -34.95 -49.87
C TYR L 216 30.86 -35.36 -50.99
N GLU L 217 31.97 -36.00 -50.63
CA GLU L 217 32.97 -36.40 -51.61
C GLU L 217 33.15 -37.92 -51.65
N ASN L 218 33.26 -38.45 -52.87
CA ASN L 218 33.43 -39.89 -53.11
C ASN L 218 32.35 -40.73 -52.43
N CYS L 219 31.13 -40.65 -52.96
CA CYS L 219 30.00 -41.38 -52.38
C CYS L 219 29.16 -42.07 -53.45
N LYS L 220 28.43 -43.10 -53.03
CA LYS L 220 27.57 -43.85 -53.94
C LYS L 220 26.17 -43.27 -54.00
N ILE L 221 25.46 -43.54 -55.08
CA ILE L 221 24.11 -43.00 -55.29
C ILE L 221 23.10 -44.13 -55.40
N LEU L 222 21.83 -43.82 -55.14
CA LEU L 222 20.76 -44.82 -55.20
C LEU L 222 19.41 -44.15 -55.43
N LEU L 223 18.65 -44.66 -56.39
CA LEU L 223 17.37 -44.06 -56.71
C LEU L 223 16.31 -45.06 -57.22
N VAL L 224 15.08 -44.86 -56.78
CA VAL L 224 13.92 -45.61 -57.26
C VAL L 224 12.80 -44.60 -57.52
N ASP L 225 11.80 -45.00 -58.30
CA ASP L 225 10.71 -44.08 -58.65
C ASP L 225 9.57 -44.11 -57.62
N LYS L 226 9.34 -45.28 -57.03
CA LYS L 226 8.23 -45.46 -56.09
C LYS L 226 8.53 -44.86 -54.73
N LYS L 227 7.48 -44.57 -53.98
CA LYS L 227 7.62 -44.05 -52.62
C LYS L 227 8.24 -45.09 -51.70
N ILE L 228 9.02 -44.63 -50.73
CA ILE L 228 9.68 -45.54 -49.79
C ILE L 228 9.21 -45.27 -48.36
N SER L 229 8.87 -46.33 -47.64
CA SER L 229 8.43 -46.22 -46.25
C SER L 229 9.03 -47.32 -45.40
N THR L 230 9.31 -48.46 -46.04
CA THR L 230 9.96 -49.57 -45.36
C THR L 230 11.39 -49.19 -44.99
N ALA L 231 11.96 -49.91 -44.04
CA ALA L 231 13.29 -49.58 -43.53
C ALA L 231 14.26 -50.76 -43.65
N ARG L 232 13.74 -51.97 -43.59
CA ARG L 232 14.56 -53.18 -43.57
C ARG L 232 15.44 -53.30 -44.81
N ASP L 233 14.95 -52.80 -45.94
CA ASP L 233 15.75 -52.79 -47.16
C ASP L 233 16.89 -51.81 -47.04
N ILE L 234 16.62 -50.68 -46.37
CA ILE L 234 17.60 -49.62 -46.22
C ILE L 234 18.70 -50.01 -45.23
N ILE L 235 18.31 -50.67 -44.14
CA ILE L 235 19.27 -51.07 -43.12
C ILE L 235 20.21 -52.17 -43.65
N THR L 236 19.83 -52.82 -44.73
CA THR L 236 20.69 -53.79 -45.39
C THR L 236 21.68 -53.07 -46.29
N ILE L 237 21.23 -51.98 -46.91
CA ILE L 237 22.12 -51.12 -47.69
C ILE L 237 22.99 -50.31 -46.73
N LEU L 238 22.47 -50.09 -45.53
CA LEU L 238 23.23 -49.45 -44.46
C LEU L 238 24.43 -50.34 -44.10
N GLU L 239 24.18 -51.64 -44.07
CA GLU L 239 25.25 -52.62 -43.82
C GLU L 239 26.24 -52.60 -44.97
N SER L 240 25.74 -52.31 -46.17
CA SER L 240 26.58 -52.18 -47.35
C SER L 240 27.32 -50.84 -47.32
N ALA L 241 26.78 -49.91 -46.54
CA ALA L 241 27.41 -48.60 -46.36
C ALA L 241 28.35 -48.61 -45.15
N ILE L 242 28.30 -49.70 -44.39
CA ILE L 242 29.16 -49.85 -43.22
C ILE L 242 30.37 -50.73 -43.58
N ARG L 243 30.14 -51.69 -44.47
CA ARG L 243 31.20 -52.54 -45.00
C ARG L 243 32.32 -51.68 -45.59
N GLY L 244 31.92 -50.64 -46.30
CA GLY L 244 32.84 -49.62 -46.76
C GLY L 244 32.37 -48.27 -46.24
N ASN L 245 33.05 -47.75 -45.23
CA ASN L 245 32.64 -46.52 -44.57
C ASN L 245 32.50 -45.34 -45.53
N TYR L 246 31.41 -45.34 -46.28
CA TYR L 246 31.13 -44.28 -47.24
C TYR L 246 29.69 -43.80 -47.11
N PRO L 247 29.48 -42.48 -47.28
CA PRO L 247 28.13 -41.90 -47.29
C PRO L 247 27.28 -42.45 -48.44
N LEU L 248 25.97 -42.27 -48.35
CA LEU L 248 25.06 -42.78 -49.37
C LEU L 248 24.11 -41.69 -49.87
N LEU L 249 23.80 -41.74 -51.16
CA LEU L 249 22.91 -40.76 -51.78
C LEU L 249 21.55 -41.37 -52.12
N ILE L 250 20.49 -40.73 -51.65
CA ILE L 250 19.13 -41.22 -51.89
C ILE L 250 18.21 -40.08 -52.33
N MET L 251 17.52 -40.26 -53.44
CA MET L 251 16.54 -39.28 -53.91
C MET L 251 15.35 -39.97 -54.59
N ALA L 252 14.57 -40.69 -53.80
CA ALA L 252 13.43 -41.44 -54.33
C ALA L 252 12.10 -40.76 -53.97
N GLU L 253 11.87 -39.59 -54.56
CA GLU L 253 10.64 -38.83 -54.38
C GLU L 253 10.33 -38.56 -52.90
N GLU L 254 9.32 -39.25 -52.37
CA GLU L 254 8.82 -38.96 -51.03
C GLU L 254 9.26 -40.02 -50.02
N VAL L 255 10.07 -39.59 -49.05
CA VAL L 255 10.44 -40.44 -47.93
C VAL L 255 9.56 -40.09 -46.73
N GLU L 256 8.83 -41.07 -46.22
CA GLU L 256 7.86 -40.83 -45.16
C GLU L 256 8.55 -40.53 -43.83
N GLN L 257 7.74 -40.20 -42.83
CA GLN L 257 8.24 -39.79 -41.52
C GLN L 257 9.08 -40.86 -40.82
N GLU L 258 8.78 -42.12 -41.11
CA GLU L 258 9.49 -43.23 -40.46
C GLU L 258 10.95 -43.31 -40.92
N ALA L 259 11.15 -43.44 -42.22
CA ALA L 259 12.50 -43.56 -42.77
C ALA L 259 13.29 -42.27 -42.60
N LEU L 260 12.59 -41.14 -42.67
CA LEU L 260 13.23 -39.84 -42.51
C LEU L 260 13.78 -39.66 -41.10
N ALA L 261 13.02 -40.15 -40.12
CA ALA L 261 13.44 -40.06 -38.72
C ALA L 261 14.64 -40.97 -38.46
N THR L 262 14.63 -42.15 -39.07
CA THR L 262 15.73 -43.09 -38.94
C THR L 262 16.99 -42.52 -39.58
N LEU L 263 16.80 -41.76 -40.65
CA LEU L 263 17.91 -41.15 -41.38
C LEU L 263 18.59 -40.05 -40.58
N VAL L 264 17.80 -39.15 -40.01
CA VAL L 264 18.36 -38.01 -39.28
C VAL L 264 18.96 -38.43 -37.94
N VAL L 265 18.49 -39.55 -37.39
CA VAL L 265 19.03 -40.06 -36.14
C VAL L 265 20.38 -40.73 -36.36
N ASN L 266 20.46 -41.55 -37.42
CA ASN L 266 21.70 -42.22 -37.77
C ASN L 266 22.75 -41.23 -38.28
N LYS L 267 22.31 -40.06 -38.70
CA LYS L 267 23.21 -39.02 -39.20
C LYS L 267 23.70 -38.13 -38.07
N LEU L 268 22.86 -37.95 -37.05
CA LEU L 268 23.19 -37.08 -35.92
C LEU L 268 24.27 -37.70 -35.03
N ARG L 269 24.40 -39.02 -35.09
CA ARG L 269 25.39 -39.73 -34.27
C ARG L 269 26.71 -39.89 -35.02
N GLY L 270 26.66 -39.75 -36.34
CA GLY L 270 27.86 -39.84 -37.16
C GLY L 270 28.19 -41.26 -37.60
N THR L 271 27.32 -42.20 -37.25
CA THR L 271 27.50 -43.59 -37.63
C THR L 271 27.23 -43.77 -39.12
N LEU L 272 26.14 -43.20 -39.58
CA LEU L 272 25.77 -43.27 -41.00
C LEU L 272 25.64 -41.88 -41.61
N LYS L 273 26.34 -41.65 -42.71
CA LYS L 273 26.24 -40.39 -43.43
C LYS L 273 25.20 -40.54 -44.54
N VAL L 274 24.06 -39.88 -44.37
CA VAL L 274 22.96 -40.04 -45.32
C VAL L 274 22.50 -38.70 -45.90
N VAL L 275 21.86 -38.75 -47.06
CA VAL L 275 21.37 -37.56 -47.74
C VAL L 275 19.93 -37.76 -48.22
N ALA L 276 19.07 -36.77 -47.96
CA ALA L 276 17.68 -36.84 -48.39
C ALA L 276 17.41 -35.85 -49.52
N ILE L 277 16.47 -35.98 -50.34
CA ILE L 277 15.95 -35.08 -51.32
C ILE L 277 14.77 -35.60 -52.09
N LYS L 278 14.43 -35.15 -53.26
CA LYS L 278 13.18 -35.47 -53.93
C LYS L 278 13.44 -35.95 -55.37
N ALA L 279 12.37 -36.25 -56.10
CA ALA L 279 12.50 -36.75 -57.46
C ALA L 279 12.17 -35.67 -58.49
N PRO L 280 12.92 -35.63 -59.60
CA PRO L 280 12.69 -34.69 -60.69
C PRO L 280 11.55 -35.13 -61.61
N GLY L 281 10.82 -34.18 -62.18
CA GLY L 281 9.74 -34.47 -63.10
C GLY L 281 8.54 -35.12 -62.42
N PHE L 282 7.67 -35.70 -63.22
CA PHE L 282 6.45 -36.34 -62.71
C PHE L 282 5.96 -37.42 -63.68
N GLY L 283 5.37 -38.47 -63.12
CA GLY L 283 4.82 -39.56 -63.91
C GLY L 283 5.89 -40.37 -64.63
N GLU L 284 5.73 -40.51 -65.95
CA GLU L 284 6.66 -41.27 -66.76
C GLU L 284 8.01 -40.56 -66.88
N ARG L 285 8.02 -39.27 -66.57
CA ARG L 285 9.25 -38.48 -66.61
C ARG L 285 10.21 -38.90 -65.52
N ARG L 286 9.66 -39.24 -64.35
CA ARG L 286 10.47 -39.65 -63.21
C ARG L 286 11.32 -40.88 -63.53
N SER L 287 10.67 -41.93 -64.02
CA SER L 287 11.35 -43.17 -64.35
C SER L 287 12.24 -43.04 -65.58
N SER L 288 12.14 -41.89 -66.26
CA SER L 288 12.96 -41.62 -67.42
C SER L 288 14.10 -40.65 -67.11
N TYR L 289 14.06 -40.09 -65.89
CA TYR L 289 15.09 -39.14 -65.47
C TYR L 289 16.06 -39.77 -64.48
N LEU L 290 15.56 -40.64 -63.62
CA LEU L 290 16.41 -41.32 -62.64
C LEU L 290 17.29 -42.36 -63.32
N GLU L 291 16.80 -42.92 -64.42
CA GLU L 291 17.59 -43.87 -65.19
C GLU L 291 18.60 -43.11 -66.05
N ASP L 292 18.33 -41.83 -66.27
CA ASP L 292 19.22 -40.98 -67.04
C ASP L 292 20.43 -40.59 -66.21
N ILE L 293 20.28 -40.65 -64.89
CA ILE L 293 21.36 -40.30 -63.98
C ILE L 293 21.95 -41.56 -63.33
N ALA L 294 21.26 -42.69 -63.52
CA ALA L 294 21.70 -43.96 -62.94
C ALA L 294 22.99 -44.45 -63.59
N ILE L 295 22.94 -44.66 -64.90
CA ILE L 295 24.10 -45.13 -65.66
C ILE L 295 25.17 -44.05 -65.70
N LEU L 296 24.75 -42.79 -65.69
CA LEU L 296 25.66 -41.66 -65.65
C LEU L 296 26.55 -41.74 -64.41
N THR L 297 25.98 -42.24 -63.32
CA THR L 297 26.72 -42.46 -62.09
C THR L 297 27.29 -43.87 -62.04
N GLY L 298 27.03 -44.65 -63.09
CA GLY L 298 27.53 -46.00 -63.18
C GLY L 298 26.77 -46.97 -62.30
N GLY L 299 25.44 -46.99 -62.44
CA GLY L 299 24.60 -47.88 -61.66
C GLY L 299 23.32 -48.25 -62.38
N THR L 300 22.76 -49.40 -62.03
CA THR L 300 21.52 -49.86 -62.65
C THR L 300 20.30 -49.29 -61.92
N VAL L 301 19.12 -49.58 -62.45
CA VAL L 301 17.88 -49.09 -61.88
C VAL L 301 17.19 -50.17 -61.05
N VAL L 302 16.76 -49.81 -59.84
CA VAL L 302 16.13 -50.77 -58.93
C VAL L 302 14.61 -50.59 -58.95
N ARG L 303 14.04 -50.46 -60.14
CA ARG L 303 12.60 -50.27 -60.27
C ARG L 303 11.88 -51.61 -60.41
N ASP L 304 10.63 -51.66 -59.96
CA ASP L 304 9.85 -52.90 -59.97
C ASP L 304 9.16 -53.14 -61.31
N GLU L 305 9.49 -52.32 -62.31
CA GLU L 305 8.87 -52.44 -63.63
C GLU L 305 9.47 -53.59 -64.43
N MET L 306 10.69 -54.00 -64.08
CA MET L 306 11.36 -55.10 -64.76
C MET L 306 11.14 -56.48 -64.11
N GLY L 307 11.35 -56.66 -62.80
CA GLY L 307 11.80 -55.65 -61.86
C GLY L 307 12.43 -56.24 -60.62
N VAL L 308 13.65 -55.82 -60.31
CA VAL L 308 14.37 -56.31 -59.14
C VAL L 308 14.25 -55.33 -57.97
N SER L 309 13.72 -55.82 -56.85
CA SER L 309 13.55 -55.02 -55.65
C SER L 309 13.40 -55.91 -54.43
N LEU L 310 14.51 -56.17 -53.75
CA LEU L 310 14.50 -57.06 -52.59
C LEU L 310 15.21 -56.46 -51.39
N GLU L 311 15.64 -57.32 -50.47
CA GLU L 311 16.29 -56.90 -49.24
C GLU L 311 17.70 -56.38 -49.49
N GLN L 312 18.53 -57.22 -50.10
CA GLN L 312 19.94 -56.92 -50.30
C GLN L 312 20.17 -55.95 -51.44
N ALA L 313 21.37 -55.36 -51.47
CA ALA L 313 21.76 -54.44 -52.53
C ALA L 313 23.27 -54.41 -52.69
N THR L 314 23.73 -54.54 -53.94
CA THR L 314 25.16 -54.57 -54.22
C THR L 314 25.62 -53.34 -54.98
N ASP L 315 26.85 -53.38 -55.47
CA ASP L 315 27.44 -52.26 -56.20
C ASP L 315 26.77 -52.09 -57.57
N ALA L 316 26.11 -53.13 -58.04
CA ALA L 316 25.47 -53.11 -59.35
C ALA L 316 24.20 -52.27 -59.35
N VAL L 317 23.55 -52.15 -58.19
CA VAL L 317 22.29 -51.42 -58.11
C VAL L 317 22.49 -49.97 -57.68
N LEU L 318 23.72 -49.63 -57.28
CA LEU L 318 24.03 -48.27 -56.86
C LEU L 318 25.18 -47.67 -57.67
N GLY L 319 24.99 -46.45 -58.16
CA GLY L 319 26.01 -45.77 -58.93
C GLY L 319 27.02 -45.08 -58.05
N THR L 320 27.92 -44.32 -58.65
CA THR L 320 28.95 -43.61 -57.90
C THR L 320 29.04 -42.14 -58.29
N ALA L 321 29.42 -41.30 -57.34
CA ALA L 321 29.59 -39.87 -57.59
C ALA L 321 30.75 -39.32 -56.76
N ALA L 322 31.69 -38.68 -57.44
CA ALA L 322 32.88 -38.16 -56.77
C ALA L 322 32.54 -37.03 -55.80
N LYS L 323 31.71 -36.10 -56.26
CA LYS L 323 31.30 -34.96 -55.44
C LYS L 323 29.85 -34.55 -55.72
N ILE L 324 29.11 -34.25 -54.67
CA ILE L 324 27.73 -33.78 -54.81
C ILE L 324 27.44 -32.59 -53.89
N THR L 325 26.92 -31.52 -54.46
CA THR L 325 26.58 -30.32 -53.71
C THR L 325 25.10 -29.98 -53.88
N ILE L 326 24.33 -30.06 -52.80
CA ILE L 326 22.90 -29.78 -52.85
C ILE L 326 22.52 -28.61 -51.95
N THR L 327 21.49 -27.87 -52.35
CA THR L 327 21.02 -26.73 -51.57
C THR L 327 19.50 -26.73 -51.46
N LYS L 328 18.93 -25.55 -51.19
CA LYS L 328 17.50 -25.42 -50.92
C LYS L 328 16.65 -25.84 -52.11
N GLU L 329 16.93 -25.28 -53.28
CA GLU L 329 16.11 -25.56 -54.46
C GLU L 329 16.91 -26.17 -55.60
N ARG L 330 18.15 -26.57 -55.32
CA ARG L 330 19.00 -27.18 -56.34
C ARG L 330 19.73 -28.40 -55.79
N THR L 331 19.98 -29.37 -56.68
CA THR L 331 20.76 -30.56 -56.34
C THR L 331 21.76 -30.86 -57.46
N THR L 332 23.05 -30.74 -57.16
CA THR L 332 24.08 -30.86 -58.19
C THR L 332 25.04 -32.02 -57.94
N VAL L 333 25.36 -32.76 -59.00
CA VAL L 333 26.36 -33.82 -58.94
C VAL L 333 27.48 -33.56 -59.94
N VAL L 334 28.69 -33.98 -59.60
CA VAL L 334 29.86 -33.70 -60.44
C VAL L 334 31.08 -34.52 -60.04
N GLY L 335 32.03 -34.67 -60.96
CA GLY L 335 33.33 -35.23 -60.65
C GLY L 335 33.55 -36.70 -61.00
N ASP L 336 32.49 -37.49 -60.90
CA ASP L 336 32.61 -38.94 -61.07
C ASP L 336 33.14 -39.33 -62.46
N GLY L 337 34.09 -40.25 -62.48
CA GLY L 337 34.67 -40.72 -63.73
C GLY L 337 34.04 -42.03 -64.18
N SER L 338 32.76 -41.97 -64.51
CA SER L 338 32.03 -43.16 -64.95
C SER L 338 31.96 -43.23 -66.47
N THR L 339 30.91 -43.84 -66.98
CA THR L 339 30.73 -43.99 -68.42
C THR L 339 30.38 -42.65 -69.06
N ALA L 340 31.38 -42.00 -69.65
CA ALA L 340 31.18 -40.73 -70.35
C ALA L 340 30.43 -40.98 -71.65
N ALA L 341 30.47 -42.22 -72.13
CA ALA L 341 29.76 -42.60 -73.34
C ALA L 341 28.25 -42.52 -73.11
N ASP L 342 27.83 -42.76 -71.87
CA ASP L 342 26.43 -42.63 -71.50
C ASP L 342 25.93 -41.22 -71.75
N VAL L 343 26.71 -40.23 -71.31
CA VAL L 343 26.35 -38.83 -71.51
C VAL L 343 26.40 -38.47 -72.98
N ALA L 344 27.11 -39.27 -73.76
CA ALA L 344 27.25 -39.03 -75.20
C ALA L 344 26.31 -39.90 -76.02
N ALA L 345 25.65 -40.85 -75.37
CA ALA L 345 24.72 -41.75 -76.06
C ALA L 345 23.27 -41.40 -75.73
N ARG L 346 23.02 -40.95 -74.51
CA ARG L 346 21.67 -40.57 -74.11
C ARG L 346 21.24 -39.31 -74.86
N VAL L 347 22.21 -38.47 -75.20
CA VAL L 347 21.93 -37.27 -75.99
C VAL L 347 21.57 -37.66 -77.42
N LYS L 348 22.05 -38.81 -77.85
CA LYS L 348 21.72 -39.35 -79.17
C LYS L 348 20.29 -39.89 -79.16
N GLN L 349 19.90 -40.47 -78.04
CA GLN L 349 18.55 -41.01 -77.87
C GLN L 349 17.53 -39.88 -77.85
N ILE L 350 17.89 -38.76 -77.22
CA ILE L 350 17.02 -37.59 -77.15
C ILE L 350 16.83 -36.99 -78.55
N ARG L 351 17.91 -36.91 -79.31
CA ARG L 351 17.84 -36.41 -80.68
C ARG L 351 16.96 -37.30 -81.54
N ASN L 352 17.04 -38.62 -81.31
CA ASN L 352 16.22 -39.57 -82.03
C ASN L 352 14.75 -39.41 -81.68
N LEU L 353 14.47 -39.21 -80.40
CA LEU L 353 13.11 -38.99 -79.92
C LEU L 353 12.58 -37.64 -80.41
N GLN L 354 13.45 -36.64 -80.45
CA GLN L 354 13.07 -35.31 -80.90
C GLN L 354 12.69 -35.30 -82.38
N MET L 355 13.36 -36.15 -83.16
CA MET L 355 13.11 -36.24 -84.59
C MET L 355 11.75 -36.84 -84.90
N GLN L 356 11.33 -37.81 -84.09
CA GLN L 356 10.09 -38.53 -84.32
C GLN L 356 8.93 -38.00 -83.48
N THR L 357 9.22 -37.00 -82.66
CA THR L 357 8.19 -36.42 -81.78
C THR L 357 7.24 -35.53 -82.57
N ASP L 358 5.95 -35.81 -82.44
CA ASP L 358 4.92 -35.01 -83.08
C ASP L 358 4.26 -34.06 -82.09
N GLN L 359 4.42 -34.36 -80.81
CA GLN L 359 3.85 -33.55 -79.74
C GLN L 359 4.62 -32.24 -79.55
N ASP L 360 4.23 -31.47 -78.54
CA ASP L 360 4.88 -30.20 -78.26
C ASP L 360 5.58 -30.22 -76.90
N TYR L 361 4.88 -30.74 -75.89
CA TYR L 361 5.43 -30.79 -74.55
C TYR L 361 6.62 -31.76 -74.47
N GLU L 362 6.58 -32.82 -75.28
CA GLU L 362 7.68 -33.76 -75.33
C GLU L 362 8.91 -33.13 -75.97
N ARG L 363 8.68 -32.24 -76.93
CA ARG L 363 9.76 -31.55 -77.61
C ARG L 363 10.57 -30.66 -76.67
N GLU L 364 9.87 -29.96 -75.78
CA GLU L 364 10.53 -29.05 -74.85
C GLU L 364 11.09 -29.79 -73.64
N LYS L 365 10.47 -30.91 -73.29
CA LYS L 365 10.97 -31.76 -72.21
C LYS L 365 12.27 -32.44 -72.64
N LEU L 366 12.33 -32.82 -73.91
CA LEU L 366 13.55 -33.37 -74.48
C LEU L 366 14.56 -32.25 -74.72
N GLN L 367 14.05 -31.04 -74.93
CA GLN L 367 14.90 -29.89 -75.17
C GLN L 367 15.54 -29.39 -73.87
N GLU L 368 14.80 -29.49 -72.77
CA GLU L 368 15.34 -29.07 -71.48
C GLU L 368 16.25 -30.15 -70.92
N ARG L 369 16.08 -31.38 -71.39
CA ARG L 369 16.93 -32.48 -70.95
C ARG L 369 18.21 -32.53 -71.78
N ILE L 370 18.09 -32.25 -73.08
CA ILE L 370 19.26 -32.20 -73.95
C ILE L 370 20.10 -30.98 -73.61
N ALA L 371 19.49 -30.00 -72.95
CA ALA L 371 20.18 -28.78 -72.56
C ALA L 371 21.13 -29.05 -71.40
N ARG L 372 20.57 -29.50 -70.28
CA ARG L 372 21.35 -29.75 -69.06
C ARG L 372 22.35 -30.89 -69.27
N LEU L 373 22.01 -31.83 -70.14
CA LEU L 373 22.91 -32.94 -70.45
C LEU L 373 24.14 -32.45 -71.21
N SER L 374 23.90 -31.59 -72.21
CA SER L 374 24.98 -31.04 -73.02
C SER L 374 25.80 -30.01 -72.25
N GLY L 375 25.13 -29.27 -71.38
CA GLY L 375 25.79 -28.26 -70.57
C GLY L 375 26.80 -28.85 -69.60
N GLY L 376 26.46 -30.01 -69.05
CA GLY L 376 27.34 -30.68 -68.10
C GLY L 376 27.49 -29.90 -66.81
N VAL L 377 28.62 -29.76 -66.13
CA VAL L 377 28.87 -29.00 -64.91
C VAL L 377 30.35 -28.65 -64.80
N ALA L 378 30.77 -27.53 -65.39
CA ALA L 378 32.14 -27.04 -65.37
C ALA L 378 32.53 -26.56 -63.97
N ILE L 379 33.56 -27.18 -63.41
CA ILE L 379 34.06 -26.81 -62.09
C ILE L 379 35.38 -26.05 -62.21
N ILE L 380 35.50 -24.96 -61.45
CA ILE L 380 36.68 -24.11 -61.50
C ILE L 380 37.51 -24.22 -60.21
N GLN L 381 38.83 -24.18 -60.35
CA GLN L 381 39.73 -24.22 -59.20
C GLN L 381 40.48 -22.90 -59.06
N VAL L 382 40.35 -22.26 -57.90
CA VAL L 382 40.99 -20.97 -57.67
C VAL L 382 42.41 -21.17 -57.14
N GLY L 383 43.23 -20.13 -57.25
CA GLY L 383 44.59 -20.17 -56.75
C GLY L 383 44.67 -20.02 -55.25
N ALA L 384 45.88 -19.86 -54.74
CA ALA L 384 46.09 -19.74 -53.30
C ALA L 384 47.42 -19.06 -52.96
N GLN L 385 47.35 -17.80 -52.57
CA GLN L 385 48.54 -17.07 -52.13
C GLN L 385 48.91 -17.48 -50.71
N THR L 386 48.01 -17.24 -49.77
CA THR L 386 48.18 -17.72 -48.40
C THR L 386 47.04 -18.67 -48.06
N GLU L 387 46.76 -18.85 -46.78
CA GLU L 387 45.66 -19.72 -46.36
C GLU L 387 44.40 -18.92 -46.08
N THR L 388 44.57 -17.65 -45.77
CA THR L 388 43.45 -16.76 -45.54
C THR L 388 43.09 -16.02 -46.84
N GLU L 389 44.03 -16.00 -47.78
CA GLU L 389 43.80 -15.36 -49.07
C GLU L 389 42.91 -16.24 -49.94
N LEU L 390 43.09 -17.55 -49.85
CA LEU L 390 42.30 -18.49 -50.64
C LEU L 390 40.86 -18.55 -50.13
N LYS L 391 40.69 -18.36 -48.83
CA LYS L 391 39.35 -18.36 -48.24
C LYS L 391 38.62 -17.06 -48.55
N GLU L 392 39.34 -15.94 -48.47
CA GLU L 392 38.77 -14.64 -48.81
C GLU L 392 38.39 -14.59 -50.28
N LYS L 393 39.24 -15.20 -51.11
CA LYS L 393 38.94 -15.35 -52.54
C LYS L 393 37.70 -16.20 -52.74
N LYS L 394 37.69 -17.37 -52.12
CA LYS L 394 36.60 -18.34 -52.27
C LYS L 394 35.24 -17.73 -51.92
N LEU L 395 35.23 -16.83 -50.93
CA LEU L 395 34.02 -16.14 -50.53
C LEU L 395 33.66 -15.04 -51.54
N ARG L 396 34.69 -14.35 -52.02
CA ARG L 396 34.50 -13.29 -53.00
C ARG L 396 34.02 -13.84 -54.34
N VAL L 397 34.54 -14.99 -54.73
CA VAL L 397 34.15 -15.61 -55.99
C VAL L 397 32.80 -16.30 -55.84
N GLU L 398 32.41 -16.56 -54.60
CA GLU L 398 31.11 -17.17 -54.32
C GLU L 398 30.01 -16.15 -54.55
N ASP L 399 30.23 -14.95 -54.01
CA ASP L 399 29.29 -13.85 -54.18
C ASP L 399 29.35 -13.31 -55.60
N ALA L 400 30.49 -13.51 -56.26
CA ALA L 400 30.66 -13.05 -57.64
C ALA L 400 29.84 -13.92 -58.60
N LEU L 401 29.96 -15.24 -58.46
CA LEU L 401 29.24 -16.17 -59.31
C LEU L 401 27.72 -16.01 -59.15
N ASN L 402 27.27 -15.90 -57.91
CA ASN L 402 25.86 -15.75 -57.61
C ASN L 402 25.30 -14.45 -58.16
N ALA L 403 26.13 -13.42 -58.18
CA ALA L 403 25.74 -12.11 -58.70
C ALA L 403 25.71 -12.12 -60.23
N THR L 404 26.73 -12.71 -60.83
CA THR L 404 26.82 -12.79 -62.29
C THR L 404 25.70 -13.64 -62.86
N ARG L 405 25.38 -14.74 -62.19
CA ARG L 405 24.29 -15.61 -62.62
C ARG L 405 22.95 -14.89 -62.55
N ALA L 406 22.74 -14.17 -61.45
CA ALA L 406 21.50 -13.44 -61.23
C ALA L 406 21.36 -12.27 -62.19
N ALA L 407 22.49 -11.84 -62.76
CA ALA L 407 22.50 -10.71 -63.67
C ALA L 407 22.27 -11.15 -65.11
N VAL L 408 22.91 -12.24 -65.50
CA VAL L 408 22.80 -12.74 -66.87
C VAL L 408 21.47 -13.45 -67.08
N GLU L 409 20.80 -13.80 -65.99
CA GLU L 409 19.54 -14.54 -66.06
C GLU L 409 18.37 -13.66 -66.49
N GLU L 410 18.16 -12.57 -65.76
CA GLU L 410 16.99 -11.71 -65.99
C GLU L 410 17.36 -10.36 -66.60
N GLY L 411 18.64 -10.17 -66.91
CA GLY L 411 19.10 -8.91 -67.46
C GLY L 411 19.70 -8.02 -66.37
N VAL L 412 20.12 -6.83 -66.77
CA VAL L 412 20.81 -5.92 -65.85
C VAL L 412 20.13 -4.55 -65.79
N VAL L 413 20.08 -3.98 -64.59
CA VAL L 413 19.51 -2.65 -64.38
C VAL L 413 20.47 -1.81 -63.54
N PRO L 414 20.40 -0.47 -63.68
CA PRO L 414 21.27 0.41 -62.89
C PRO L 414 21.04 0.28 -61.39
N GLY L 415 22.12 0.04 -60.65
CA GLY L 415 22.02 -0.19 -59.21
C GLY L 415 21.86 1.07 -58.40
N GLY L 416 22.17 0.99 -57.11
CA GLY L 416 22.05 2.12 -56.21
C GLY L 416 20.62 2.41 -55.80
N GLY L 417 19.70 1.57 -56.28
CA GLY L 417 18.29 1.75 -56.00
C GLY L 417 17.67 2.86 -56.82
N CYS L 418 18.44 3.37 -57.78
CA CYS L 418 17.97 4.46 -58.63
C CYS L 418 16.96 3.97 -59.65
N THR L 419 16.99 2.67 -59.94
CA THR L 419 16.03 2.07 -60.87
C THR L 419 14.62 2.11 -60.28
N LEU L 420 14.54 2.22 -58.96
CA LEU L 420 13.25 2.31 -58.28
C LEU L 420 12.63 3.68 -58.47
N LEU L 421 13.46 4.70 -58.66
CA LEU L 421 12.98 6.05 -58.92
C LEU L 421 12.44 6.16 -60.35
N ARG L 422 13.20 5.61 -61.29
CA ARG L 422 12.82 5.60 -62.68
C ARG L 422 11.54 4.79 -62.90
N LEU L 423 11.32 3.81 -62.04
CA LEU L 423 10.10 3.02 -62.07
C LEU L 423 8.97 3.77 -61.37
N SER L 424 9.33 4.57 -60.36
CA SER L 424 8.34 5.32 -59.59
C SER L 424 7.77 6.49 -60.39
N GLU L 425 8.60 7.08 -61.24
CA GLU L 425 8.17 8.22 -62.05
C GLU L 425 7.61 7.76 -63.38
N LYS L 426 6.87 6.66 -63.34
CA LYS L 426 6.16 6.16 -64.51
C LYS L 426 4.78 5.65 -64.11
N VAL L 427 4.38 5.95 -62.88
CA VAL L 427 3.05 5.59 -62.40
C VAL L 427 2.11 6.78 -62.53
N ASP L 428 2.68 7.95 -62.79
CA ASP L 428 1.90 9.18 -62.94
C ASP L 428 1.18 9.21 -64.29
N VAL L 429 1.60 8.35 -65.20
CA VAL L 429 1.01 8.29 -66.53
C VAL L 429 0.05 7.10 -66.65
N ILE L 430 0.05 6.24 -65.65
CA ILE L 430 -0.79 5.05 -65.66
C ILE L 430 -2.25 5.38 -65.37
N LYS L 431 -3.06 5.44 -66.41
CA LYS L 431 -4.50 5.64 -66.28
C LYS L 431 -5.20 4.29 -66.37
N ARG L 432 -5.60 3.75 -65.21
CA ARG L 432 -6.14 2.40 -65.15
C ARG L 432 -7.65 2.33 -65.37
N ARG L 433 -8.20 1.14 -65.17
CA ARG L 433 -9.62 0.88 -65.37
C ARG L 433 -10.20 0.15 -64.15
N MET L 434 -11.31 0.64 -63.60
CA MET L 434 -12.06 1.77 -64.17
C MET L 434 -11.62 3.10 -63.54
N THR L 435 -10.33 3.22 -63.25
CA THR L 435 -9.74 4.46 -62.75
C THR L 435 -10.44 5.00 -61.50
N ASP L 436 -10.91 4.10 -60.65
CA ASP L 436 -11.48 4.51 -59.37
C ASP L 436 -10.38 5.12 -58.52
N PRO L 437 -10.73 6.15 -57.72
CA PRO L 437 -9.74 6.90 -56.94
C PRO L 437 -8.92 6.03 -55.99
N GLU L 438 -9.49 4.92 -55.53
CA GLU L 438 -8.80 4.01 -54.62
C GLU L 438 -7.56 3.41 -55.25
N GLN L 439 -7.70 2.90 -56.47
CA GLN L 439 -6.57 2.30 -57.17
C GLN L 439 -5.51 3.34 -57.50
N GLN L 440 -5.93 4.60 -57.63
CA GLN L 440 -5.02 5.70 -57.86
C GLN L 440 -4.19 5.97 -56.60
N MET L 441 -4.81 5.79 -55.44
CA MET L 441 -4.11 5.93 -54.18
C MET L 441 -3.05 4.83 -54.05
N GLY L 442 -3.43 3.62 -54.45
CA GLY L 442 -2.52 2.48 -54.43
C GLY L 442 -1.32 2.69 -55.32
N ALA L 443 -1.53 3.40 -56.42
CA ALA L 443 -0.43 3.75 -57.33
C ALA L 443 0.46 4.80 -56.70
N ASP L 444 -0.16 5.78 -56.03
CA ASP L 444 0.58 6.81 -55.33
C ASP L 444 1.32 6.22 -54.13
N ILE L 445 0.77 5.13 -53.58
CA ILE L 445 1.42 4.41 -52.50
C ILE L 445 2.71 3.76 -52.99
N ILE L 446 2.63 3.08 -54.12
CA ILE L 446 3.79 2.47 -54.76
C ILE L 446 4.85 3.54 -55.07
N LYS L 447 4.40 4.71 -55.50
CA LYS L 447 5.30 5.82 -55.80
C LYS L 447 6.09 6.27 -54.58
N ARG L 448 5.39 6.55 -53.49
CA ARG L 448 6.03 7.05 -52.28
C ARG L 448 6.73 5.93 -51.51
N ALA L 449 6.47 4.69 -51.88
CA ALA L 449 7.10 3.54 -51.24
C ALA L 449 8.43 3.20 -51.91
N LEU L 450 8.47 3.36 -53.23
CA LEU L 450 9.69 3.14 -53.99
C LEU L 450 10.71 4.24 -53.73
N CYS L 451 10.24 5.31 -53.10
CA CYS L 451 11.09 6.44 -52.75
C CYS L 451 11.89 6.16 -51.49
N TYR L 452 11.37 5.27 -50.65
CA TYR L 452 11.99 4.94 -49.37
C TYR L 452 13.41 4.35 -49.46
N PRO L 453 13.63 3.32 -50.31
CA PRO L 453 14.96 2.68 -50.31
C PRO L 453 16.12 3.63 -50.59
N ILE L 454 16.01 4.41 -51.66
CA ILE L 454 17.07 5.33 -52.04
C ILE L 454 17.29 6.40 -50.97
N LYS L 455 16.20 6.79 -50.30
CA LYS L 455 16.27 7.80 -49.25
C LYS L 455 17.01 7.25 -48.04
N LEU L 456 16.72 6.01 -47.68
CA LEU L 456 17.39 5.36 -46.55
C LEU L 456 18.86 5.13 -46.84
N ILE L 457 19.17 4.81 -48.10
CA ILE L 457 20.56 4.60 -48.51
C ILE L 457 21.36 5.88 -48.37
N ALA L 458 20.83 6.98 -48.90
CA ALA L 458 21.51 8.27 -48.85
C ALA L 458 21.59 8.81 -47.43
N GLN L 459 20.50 8.70 -46.68
CA GLN L 459 20.42 9.23 -45.33
C GLN L 459 21.42 8.58 -44.38
N ASN L 460 21.38 7.26 -44.29
CA ASN L 460 22.25 6.53 -43.38
C ASN L 460 23.71 6.56 -43.84
N ALA L 461 23.93 7.02 -45.07
CA ALA L 461 25.28 7.21 -45.58
C ALA L 461 25.90 8.48 -45.03
N GLY L 462 25.07 9.51 -44.86
CA GLY L 462 25.52 10.77 -44.29
C GLY L 462 25.17 11.99 -45.12
N VAL L 463 24.13 11.87 -45.94
CA VAL L 463 23.70 12.97 -46.78
C VAL L 463 22.17 12.96 -46.95
N ASN L 464 21.58 14.15 -47.10
CA ASN L 464 20.14 14.26 -47.31
C ASN L 464 19.70 13.56 -48.59
N GLY L 465 18.63 12.79 -48.49
CA GLY L 465 18.13 12.03 -49.63
C GLY L 465 17.18 12.82 -50.51
N SER L 466 16.62 13.89 -49.95
CA SER L 466 15.67 14.73 -50.68
C SER L 466 16.35 15.45 -51.84
N VAL L 467 17.55 15.96 -51.58
CA VAL L 467 18.30 16.66 -52.62
C VAL L 467 18.83 15.66 -53.65
N VAL L 468 19.20 14.47 -53.19
CA VAL L 468 19.68 13.41 -54.08
C VAL L 468 18.59 12.96 -55.02
N MET L 469 17.40 12.68 -54.48
CA MET L 469 16.25 12.30 -55.28
C MET L 469 15.88 13.40 -56.27
N ASN L 470 16.02 14.65 -55.83
CA ASN L 470 15.72 15.80 -56.67
C ASN L 470 16.65 15.89 -57.88
N GLU L 471 17.94 15.73 -57.65
CA GLU L 471 18.94 15.85 -58.70
C GLU L 471 18.81 14.77 -59.77
N VAL L 472 18.52 13.55 -59.34
CA VAL L 472 18.43 12.41 -60.26
C VAL L 472 17.13 12.45 -61.05
N MET L 473 16.05 12.87 -60.41
CA MET L 473 14.73 12.86 -61.05
C MET L 473 14.52 14.06 -61.98
N LYS L 474 14.94 15.25 -61.53
CA LYS L 474 14.77 16.45 -62.35
C LYS L 474 15.58 16.37 -63.63
N ASN L 475 16.76 15.78 -63.56
CA ASN L 475 17.57 15.54 -64.74
C ASN L 475 16.92 14.50 -65.63
N LEU L 476 17.41 14.39 -66.86
CA LEU L 476 16.88 13.41 -67.81
C LEU L 476 17.10 11.99 -67.27
N ASP L 477 16.00 11.28 -67.09
CA ASP L 477 16.04 9.95 -66.46
C ASP L 477 16.58 8.86 -67.39
N ARG L 478 16.78 9.21 -68.65
CA ARG L 478 17.18 8.23 -69.66
C ARG L 478 18.69 8.03 -69.82
N PRO L 479 19.50 9.12 -69.83
CA PRO L 479 20.93 8.89 -70.02
C PRO L 479 21.65 8.24 -68.82
N HIS L 480 21.02 7.25 -68.18
CA HIS L 480 21.64 6.46 -67.11
C HIS L 480 22.19 7.30 -65.97
N TYR L 481 21.61 8.48 -65.75
CA TYR L 481 22.02 9.33 -64.64
C TYR L 481 21.77 8.65 -63.30
N GLY L 482 22.68 8.85 -62.35
CA GLY L 482 22.55 8.25 -61.03
C GLY L 482 23.40 8.93 -59.99
N TYR L 483 23.33 8.42 -58.75
CA TYR L 483 24.10 8.97 -57.65
C TYR L 483 24.79 7.86 -56.87
N ASN L 484 26.12 7.81 -56.97
CA ASN L 484 26.90 6.82 -56.24
C ASN L 484 27.23 7.30 -54.84
N ALA L 485 26.64 6.65 -53.84
CA ALA L 485 26.81 7.06 -52.45
C ALA L 485 28.22 6.76 -51.94
N ALA L 486 28.91 5.84 -52.60
CA ALA L 486 30.26 5.45 -52.19
C ALA L 486 31.26 6.58 -52.46
N THR L 487 31.01 7.36 -53.50
CA THR L 487 31.91 8.45 -53.87
C THR L 487 31.26 9.82 -53.67
N ASP L 488 29.94 9.82 -53.51
CA ASP L 488 29.17 11.05 -53.33
C ASP L 488 29.42 12.03 -54.49
N SER L 489 28.90 11.69 -55.66
CA SER L 489 29.08 12.52 -56.85
C SER L 489 28.10 12.14 -57.95
N PHE L 490 27.81 13.10 -58.84
CA PHE L 490 26.95 12.85 -59.98
C PHE L 490 27.66 11.95 -61.00
N GLU L 491 27.16 10.73 -61.15
CA GLU L 491 27.79 9.74 -62.02
C GLU L 491 26.79 8.80 -62.67
N ASN L 492 27.04 8.44 -63.92
CA ASN L 492 26.23 7.43 -64.60
C ASN L 492 26.54 6.04 -64.03
N LEU L 493 25.49 5.34 -63.60
CA LEU L 493 25.65 4.11 -62.85
C LEU L 493 26.23 2.94 -63.66
N MET L 494 26.14 3.03 -64.98
CA MET L 494 26.61 1.95 -65.84
C MET L 494 28.13 1.94 -66.01
N GLU L 495 28.67 3.06 -66.49
CA GLU L 495 30.10 3.14 -66.77
C GLU L 495 30.94 3.15 -65.49
N THR L 496 30.36 3.62 -64.39
CA THR L 496 31.08 3.65 -63.12
C THR L 496 31.31 2.25 -62.57
N GLY L 497 30.23 1.48 -62.46
CA GLY L 497 30.35 0.10 -62.01
C GLY L 497 29.38 -0.30 -60.92
N ILE L 498 28.34 0.51 -60.73
CA ILE L 498 27.31 0.22 -59.73
C ILE L 498 26.08 -0.35 -60.42
N ILE L 499 25.99 -1.68 -60.46
CA ILE L 499 24.92 -2.36 -61.18
C ILE L 499 24.20 -3.38 -60.29
N ASP L 500 22.88 -3.44 -60.42
CA ASP L 500 22.08 -4.46 -59.75
C ASP L 500 21.42 -5.39 -60.76
N PRO L 501 21.35 -6.69 -60.44
CA PRO L 501 20.66 -7.64 -61.31
C PRO L 501 19.15 -7.42 -61.32
N SER L 502 18.53 -7.54 -62.49
CA SER L 502 17.10 -7.28 -62.63
C SER L 502 16.27 -8.35 -61.91
N LYS L 503 16.85 -9.52 -61.74
CA LYS L 503 16.17 -10.62 -61.05
C LYS L 503 15.93 -10.26 -59.59
N VAL L 504 16.94 -9.65 -58.97
CA VAL L 504 16.84 -9.24 -57.57
C VAL L 504 15.78 -8.16 -57.39
N VAL L 505 15.79 -7.15 -58.26
CA VAL L 505 14.85 -6.05 -58.17
C VAL L 505 13.42 -6.53 -58.40
N ARG L 506 13.23 -7.38 -59.41
CA ARG L 506 11.90 -7.87 -59.76
C ARG L 506 11.30 -8.75 -58.66
N CYS L 507 12.06 -9.73 -58.20
CA CYS L 507 11.59 -10.67 -57.19
C CYS L 507 11.29 -9.99 -55.86
N SER L 508 12.18 -9.09 -55.44
CA SER L 508 12.01 -8.37 -54.18
C SER L 508 10.81 -7.44 -54.24
N MET L 509 10.52 -6.94 -55.44
CA MET L 509 9.43 -6.00 -55.64
C MET L 509 8.08 -6.72 -55.64
N GLU L 510 8.03 -7.86 -56.34
CA GLU L 510 6.81 -8.65 -56.42
C GLU L 510 6.45 -9.29 -55.08
N ASN L 511 7.46 -9.82 -54.40
CA ASN L 511 7.25 -10.45 -53.10
C ASN L 511 6.83 -9.45 -52.04
N ALA L 512 7.36 -8.23 -52.12
CA ALA L 512 7.03 -7.17 -51.17
C ALA L 512 5.56 -6.78 -51.31
N VAL L 513 5.09 -6.74 -52.54
CA VAL L 513 3.68 -6.46 -52.81
C VAL L 513 2.82 -7.65 -52.35
N SER L 514 3.35 -8.85 -52.52
CA SER L 514 2.64 -10.07 -52.15
C SER L 514 2.35 -10.15 -50.66
N VAL L 515 3.32 -9.77 -49.84
CA VAL L 515 3.13 -9.79 -48.39
C VAL L 515 2.34 -8.59 -47.92
N ALA L 516 2.50 -7.46 -48.62
CA ALA L 516 1.71 -6.27 -48.33
C ALA L 516 0.28 -6.49 -48.78
N LYS L 517 0.10 -7.40 -49.72
CA LYS L 517 -1.23 -7.82 -50.16
C LYS L 517 -1.95 -8.54 -49.04
N THR L 518 -1.31 -9.56 -48.50
CA THR L 518 -1.91 -10.39 -47.45
C THR L 518 -1.72 -9.78 -46.06
N PHE L 519 -1.32 -8.51 -46.02
CA PHE L 519 -1.16 -7.80 -44.77
C PHE L 519 -2.29 -6.80 -44.56
N LEU L 520 -2.56 -6.02 -45.59
CA LEU L 520 -3.63 -5.02 -45.55
C LEU L 520 -4.97 -5.68 -45.76
N LEU L 521 -4.96 -6.85 -46.41
CA LEU L 521 -6.18 -7.62 -46.62
C LEU L 521 -6.68 -8.19 -45.31
N ALA L 522 -5.75 -8.39 -44.38
CA ALA L 522 -6.08 -8.92 -43.06
C ALA L 522 -6.87 -7.93 -42.23
N ASP L 523 -7.73 -8.44 -41.36
CA ASP L 523 -8.55 -7.57 -40.50
C ASP L 523 -8.65 -8.17 -39.10
N VAL L 524 -8.45 -9.48 -39.00
CA VAL L 524 -8.50 -10.17 -37.71
C VAL L 524 -7.31 -11.12 -37.56
N VAL L 525 -6.59 -10.97 -36.44
CA VAL L 525 -5.42 -11.81 -36.16
C VAL L 525 -5.61 -12.59 -34.87
N VAL L 526 -5.31 -13.89 -34.93
CA VAL L 526 -5.41 -14.74 -33.74
C VAL L 526 -4.05 -15.26 -33.30
N THR L 527 -3.88 -15.40 -31.99
CA THR L 527 -2.63 -15.90 -31.44
C THR L 527 -2.88 -16.80 -30.24
N GLU L 528 -1.95 -17.70 -29.97
CA GLU L 528 -2.06 -18.59 -28.82
C GLU L 528 -1.30 -18.00 -27.64
N LEU L 529 -1.92 -17.99 -26.48
CA LEU L 529 -1.32 -17.38 -25.29
C LEU L 529 -0.79 -18.43 -24.33
N LYS L 530 -0.10 -17.98 -23.29
CA LYS L 530 0.54 -18.88 -22.33
C LYS L 530 -0.45 -19.74 -21.57
N GLU L 531 -1.31 -19.10 -20.78
CA GLU L 531 -2.27 -19.82 -19.94
C GLU L 531 -3.57 -20.09 -20.70
N GLU M 4 15.75 29.17 1.51
CA GLU M 4 14.72 29.70 0.62
C GLU M 4 15.29 29.97 -0.77
N LEU M 5 16.50 29.47 -1.02
CA LEU M 5 17.13 29.57 -2.32
C LEU M 5 17.60 28.21 -2.81
N HIS M 6 17.07 27.77 -3.95
CA HIS M 6 17.43 26.46 -4.50
C HIS M 6 18.66 26.59 -5.40
N PHE M 7 19.40 25.49 -5.54
CA PHE M 7 20.67 25.50 -6.27
C PHE M 7 20.64 24.57 -7.48
N ASN M 8 21.15 25.06 -8.61
CA ASN M 8 21.25 24.26 -9.82
C ASN M 8 22.61 24.42 -10.47
N LYS M 9 23.33 23.31 -10.64
CA LYS M 9 24.70 23.37 -11.14
C LYS M 9 25.00 22.35 -12.24
N ASP M 10 26.26 22.35 -12.66
CA ASP M 10 26.80 21.39 -13.62
C ASP M 10 26.22 21.55 -15.03
N MET M 11 26.33 20.48 -15.81
CA MET M 11 25.98 20.49 -17.23
C MET M 11 24.48 20.39 -17.47
N GLN M 12 23.79 19.64 -16.62
CA GLN M 12 22.37 19.38 -16.80
C GLN M 12 21.51 20.60 -16.46
N ALA M 13 22.02 21.47 -15.59
CA ALA M 13 21.29 22.68 -15.23
C ALA M 13 21.13 23.60 -16.44
N LEU M 14 22.10 23.55 -17.33
CA LEU M 14 22.07 24.32 -18.56
C LEU M 14 21.04 23.77 -19.53
N LYS M 15 20.98 22.44 -19.63
CA LYS M 15 20.09 21.77 -20.57
C LYS M 15 18.63 21.95 -20.18
N ARG M 16 18.38 22.14 -18.88
CA ARG M 16 17.03 22.33 -18.39
C ARG M 16 16.39 23.58 -18.98
N MET M 17 17.05 24.73 -18.77
CA MET M 17 16.55 25.99 -19.30
C MET M 17 16.70 26.04 -20.82
N GLN M 18 17.63 25.26 -21.35
CA GLN M 18 17.80 25.17 -22.80
C GLN M 18 16.57 24.49 -23.39
N ALA M 19 16.03 23.52 -22.66
CA ALA M 19 14.81 22.83 -23.08
C ALA M 19 13.63 23.79 -23.07
N GLY M 20 13.61 24.69 -22.10
CA GLY M 20 12.56 25.69 -21.99
C GLY M 20 12.67 26.70 -23.12
N VAL M 21 13.90 27.07 -23.43
CA VAL M 21 14.19 27.93 -24.57
C VAL M 21 13.74 27.25 -25.86
N ASP M 22 14.06 25.97 -25.98
CA ASP M 22 13.69 25.18 -27.16
C ASP M 22 12.17 25.09 -27.32
N LYS M 23 11.46 25.03 -26.20
CA LYS M 23 10.00 24.95 -26.23
C LYS M 23 9.39 26.26 -26.69
N LEU M 24 9.96 27.38 -26.26
CA LEU M 24 9.47 28.69 -26.65
C LEU M 24 9.67 28.91 -28.14
N ALA M 25 10.81 28.45 -28.66
CA ALA M 25 11.11 28.61 -30.07
C ALA M 25 10.38 27.57 -30.92
N THR M 26 9.76 26.60 -30.25
CA THR M 26 9.01 25.56 -30.94
C THR M 26 7.64 26.09 -31.35
N VAL M 27 7.02 26.87 -30.47
CA VAL M 27 5.68 27.41 -30.73
C VAL M 27 5.74 28.67 -31.59
N VAL M 28 6.71 29.53 -31.33
CA VAL M 28 6.93 30.72 -32.15
C VAL M 28 7.53 30.28 -33.48
N GLY M 29 8.09 29.07 -33.48
CA GLY M 29 8.68 28.51 -34.69
C GLY M 29 7.66 28.16 -35.74
N VAL M 30 6.54 27.60 -35.32
CA VAL M 30 5.46 27.25 -36.24
C VAL M 30 4.63 28.48 -36.59
N THR M 31 4.97 29.60 -35.95
CA THR M 31 4.33 30.88 -36.22
C THR M 31 4.94 31.54 -37.44
N ILE M 32 6.25 31.45 -37.55
CA ILE M 32 6.99 32.12 -38.61
C ILE M 32 6.62 31.56 -39.98
N GLY M 33 6.92 32.33 -41.03
CA GLY M 33 6.64 31.91 -42.39
C GLY M 33 5.36 32.49 -42.93
N PRO M 34 5.30 32.69 -44.26
CA PRO M 34 4.10 33.20 -44.93
C PRO M 34 2.89 32.28 -44.70
N LYS M 35 3.12 30.98 -44.72
CA LYS M 35 2.08 30.01 -44.41
C LYS M 35 2.10 29.64 -42.93
N GLY M 36 2.13 30.66 -42.08
CA GLY M 36 2.19 30.47 -40.65
C GLY M 36 1.01 29.68 -40.10
N ARG M 37 1.24 28.95 -39.01
CA ARG M 37 0.20 28.15 -38.38
C ARG M 37 -0.47 28.92 -37.27
N ASN M 38 -1.75 28.64 -37.03
CA ASN M 38 -2.50 29.31 -35.98
C ASN M 38 -2.15 28.74 -34.60
N VAL M 39 -2.10 29.62 -33.61
CA VAL M 39 -1.86 29.20 -32.23
C VAL M 39 -3.01 29.67 -31.34
N VAL M 40 -3.77 28.73 -30.80
CA VAL M 40 -4.96 29.05 -30.03
C VAL M 40 -4.64 29.32 -28.55
N LEU M 41 -5.14 30.44 -28.06
CA LEU M 41 -4.92 30.83 -26.66
C LEU M 41 -6.20 30.72 -25.84
N GLU M 42 -6.06 30.25 -24.61
CA GLU M 42 -7.20 30.21 -23.69
C GLU M 42 -7.46 31.62 -23.15
N SER M 43 -8.71 32.06 -23.25
CA SER M 43 -9.08 33.40 -22.81
C SER M 43 -8.99 33.54 -21.29
N LYS M 44 -8.92 34.78 -20.83
CA LYS M 44 -8.97 35.08 -19.41
C LYS M 44 -10.36 34.77 -18.87
N PHE M 45 -11.36 34.94 -19.75
CA PHE M 45 -12.75 34.67 -19.41
C PHE M 45 -13.62 34.69 -20.67
N GLY M 46 -13.94 33.52 -21.19
CA GLY M 46 -14.83 33.42 -22.34
C GLY M 46 -14.23 32.81 -23.58
N ALA M 47 -14.51 33.42 -24.72
CA ALA M 47 -14.11 32.89 -26.02
C ALA M 47 -12.59 33.01 -26.25
N PRO M 48 -11.97 31.93 -26.75
CA PRO M 48 -10.53 31.84 -27.00
C PRO M 48 -10.01 32.90 -27.97
N LYS M 49 -8.69 32.97 -28.12
CA LYS M 49 -8.07 33.96 -28.99
C LYS M 49 -7.02 33.32 -29.90
N ILE M 50 -7.30 33.26 -31.19
CA ILE M 50 -6.35 32.72 -32.16
C ILE M 50 -5.29 33.76 -32.51
N VAL M 51 -4.04 33.31 -32.60
CA VAL M 51 -2.93 34.22 -32.85
C VAL M 51 -2.05 33.74 -34.00
N ASN M 52 -1.73 34.65 -34.92
CA ASN M 52 -0.83 34.34 -36.03
C ASN M 52 0.48 35.10 -35.89
N ASP M 53 0.53 36.01 -34.92
CA ASP M 53 1.73 36.81 -34.67
C ASP M 53 2.70 36.07 -33.76
N GLY M 54 3.94 36.55 -33.70
CA GLY M 54 4.93 35.97 -32.82
C GLY M 54 5.10 36.79 -31.57
N VAL M 55 4.60 38.02 -31.60
CA VAL M 55 4.72 38.94 -30.47
C VAL M 55 3.82 38.53 -29.31
N THR M 56 2.54 38.30 -29.62
CA THR M 56 1.57 37.93 -28.60
C THR M 56 1.96 36.61 -27.93
N ILE M 57 2.47 35.68 -28.72
CA ILE M 57 2.87 34.39 -28.21
C ILE M 57 4.02 34.51 -27.22
N ALA M 58 5.02 35.32 -27.58
CA ALA M 58 6.18 35.53 -26.73
C ALA M 58 5.81 36.21 -25.41
N ARG M 59 4.70 36.94 -25.42
CA ARG M 59 4.22 37.64 -24.24
C ARG M 59 3.65 36.68 -23.20
N GLU M 60 2.84 35.73 -23.66
CA GLU M 60 2.06 34.87 -22.78
C GLU M 60 2.84 33.70 -22.20
N VAL M 61 3.74 33.12 -23.01
CA VAL M 61 4.39 31.86 -22.63
C VAL M 61 5.33 31.97 -21.42
N GLU M 62 5.12 31.08 -20.46
CA GLU M 62 5.99 30.92 -19.31
C GLU M 62 5.73 29.58 -18.64
N LEU M 63 6.66 28.65 -18.80
CA LEU M 63 6.47 27.28 -18.36
C LEU M 63 6.43 27.14 -16.85
N SER M 64 6.14 25.93 -16.39
CA SER M 64 6.03 25.64 -14.96
C SER M 64 7.39 25.69 -14.27
N ASP M 65 8.26 24.75 -14.63
CA ASP M 65 9.61 24.65 -14.04
C ASP M 65 10.35 25.98 -14.14
N PRO M 66 10.60 26.62 -12.98
CA PRO M 66 11.18 27.96 -12.87
C PRO M 66 12.50 28.13 -13.64
N VAL M 67 13.35 27.12 -13.64
CA VAL M 67 14.64 27.22 -14.34
C VAL M 67 14.45 27.31 -15.85
N GLU M 68 13.51 26.54 -16.38
CA GLU M 68 13.24 26.57 -17.82
C GLU M 68 12.23 27.67 -18.11
N ASN M 69 11.74 28.31 -17.05
CA ASN M 69 10.86 29.46 -17.19
C ASN M 69 11.68 30.74 -17.38
N ILE M 70 12.70 30.89 -16.55
CA ILE M 70 13.59 32.05 -16.65
C ILE M 70 14.50 31.91 -17.87
N GLY M 71 14.65 30.68 -18.37
CA GLY M 71 15.41 30.43 -19.56
C GLY M 71 14.68 30.94 -20.78
N ALA M 72 13.40 30.57 -20.89
CA ALA M 72 12.55 31.04 -21.96
C ALA M 72 12.32 32.55 -21.82
N THR M 73 12.31 33.03 -20.59
CA THR M 73 12.15 34.46 -20.33
C THR M 73 13.39 35.23 -20.77
N LEU M 74 14.56 34.59 -20.65
CA LEU M 74 15.82 35.21 -21.03
C LEU M 74 15.89 35.43 -22.55
N VAL M 75 15.14 34.62 -23.29
CA VAL M 75 15.03 34.78 -24.74
C VAL M 75 13.95 35.80 -25.05
N ARG M 76 12.91 35.83 -24.22
CA ARG M 76 11.82 36.78 -24.34
C ARG M 76 12.33 38.22 -24.27
N GLN M 77 13.35 38.44 -23.44
CA GLN M 77 13.97 39.76 -23.33
C GLN M 77 14.57 40.20 -24.65
N ALA M 78 15.19 39.27 -25.36
CA ALA M 78 15.81 39.55 -26.65
C ALA M 78 14.75 39.88 -27.70
N ALA M 79 13.69 39.07 -27.72
CA ALA M 79 12.59 39.26 -28.67
C ALA M 79 11.86 40.56 -28.40
N ALA M 80 11.65 40.87 -27.12
CA ALA M 80 10.99 42.10 -26.73
C ALA M 80 11.85 43.31 -27.05
N ARG M 81 13.15 43.20 -26.76
CA ARG M 81 14.08 44.28 -27.04
C ARG M 81 14.16 44.57 -28.53
N THR M 82 14.17 43.50 -29.34
CA THR M 82 14.17 43.65 -30.79
C THR M 82 12.87 44.29 -31.27
N ASN M 83 11.77 43.94 -30.60
CA ASN M 83 10.46 44.45 -30.98
C ASN M 83 10.32 45.95 -30.71
N ASP M 84 10.86 46.41 -29.59
CA ASP M 84 10.71 47.83 -29.23
C ASP M 84 11.91 48.68 -29.64
N THR M 85 12.73 48.16 -30.55
CA THR M 85 13.87 48.91 -31.06
C THR M 85 13.94 48.82 -32.58
N ALA M 86 13.17 47.91 -33.16
CA ALA M 86 13.14 47.72 -34.60
C ALA M 86 11.71 47.76 -35.13
N GLY M 87 10.78 47.25 -34.32
CA GLY M 87 9.37 47.27 -34.69
C GLY M 87 8.86 45.93 -35.18
N ASP M 88 9.78 44.98 -35.40
CA ASP M 88 9.40 43.67 -35.92
C ASP M 88 10.51 42.66 -35.64
N GLY M 89 10.28 41.41 -36.07
CA GLY M 89 11.29 40.38 -35.96
C GLY M 89 11.37 39.74 -34.59
N THR M 90 10.22 39.36 -34.04
CA THR M 90 10.18 38.65 -32.77
C THR M 90 10.32 37.15 -33.01
N THR M 91 9.71 36.67 -34.10
CA THR M 91 9.83 35.28 -34.49
C THR M 91 11.26 34.95 -34.89
N THR M 92 11.88 35.88 -35.62
CA THR M 92 13.23 35.68 -36.12
C THR M 92 14.25 35.76 -34.99
N ALA M 93 14.03 36.69 -34.06
CA ALA M 93 14.94 36.87 -32.92
C ALA M 93 14.94 35.65 -32.00
N THR M 94 13.75 35.10 -31.76
CA THR M 94 13.61 33.93 -30.89
C THR M 94 14.25 32.70 -31.51
N VAL M 95 13.89 32.41 -32.76
CA VAL M 95 14.38 31.21 -33.43
C VAL M 95 15.89 31.27 -33.64
N LEU M 96 16.43 32.48 -33.73
CA LEU M 96 17.87 32.66 -33.85
C LEU M 96 18.54 32.50 -32.49
N SER M 97 17.89 33.02 -31.45
CA SER M 97 18.42 32.93 -30.10
C SER M 97 18.55 31.48 -29.65
N ALA M 98 17.52 30.68 -29.93
CA ALA M 98 17.53 29.27 -29.57
C ALA M 98 18.52 28.52 -30.45
N ALA M 99 18.66 28.96 -31.70
CA ALA M 99 19.61 28.37 -32.64
C ALA M 99 21.03 28.48 -32.10
N PHE M 100 21.40 29.68 -31.66
CA PHE M 100 22.73 29.92 -31.10
C PHE M 100 22.93 29.10 -29.83
N ILE M 101 21.84 28.85 -29.11
CA ILE M 101 21.88 28.11 -27.86
C ILE M 101 21.91 26.60 -28.10
N ALA M 102 21.07 26.13 -29.01
CA ALA M 102 21.00 24.72 -29.36
C ALA M 102 22.31 24.24 -29.97
N GLU M 103 22.72 24.90 -31.06
CA GLU M 103 23.98 24.58 -31.72
C GLU M 103 25.18 24.91 -30.83
N GLY M 104 25.00 25.87 -29.93
CA GLY M 104 26.04 26.27 -29.02
C GLY M 104 26.37 25.18 -28.02
N MET M 105 25.37 24.77 -27.24
CA MET M 105 25.57 23.74 -26.22
C MET M 105 25.79 22.37 -26.86
N LYS M 106 25.48 22.26 -28.14
CA LYS M 106 25.76 21.06 -28.91
C LYS M 106 27.27 20.89 -29.03
N ILE M 107 27.98 22.01 -28.98
CA ILE M 107 29.43 22.04 -29.05
C ILE M 107 30.05 22.03 -27.65
N VAL M 108 29.43 22.78 -26.73
CA VAL M 108 29.91 22.89 -25.35
C VAL M 108 29.93 21.53 -24.66
N SER M 109 29.04 20.65 -25.09
CA SER M 109 28.93 19.31 -24.50
C SER M 109 30.19 18.48 -24.68
N ALA M 110 31.08 18.93 -25.55
CA ALA M 110 32.36 18.26 -25.78
C ALA M 110 33.47 18.90 -24.95
N GLY M 111 33.09 19.67 -23.95
CA GLY M 111 34.05 20.29 -23.04
C GLY M 111 34.83 21.44 -23.66
N THR M 112 34.25 22.08 -24.68
CA THR M 112 34.89 23.18 -25.37
C THR M 112 34.85 24.45 -24.52
N ASN M 113 35.94 25.21 -24.53
CA ASN M 113 36.02 26.46 -23.78
C ASN M 113 34.92 27.45 -24.18
N PRO M 114 34.02 27.76 -23.24
CA PRO M 114 32.90 28.67 -23.48
C PRO M 114 33.33 30.08 -23.81
N VAL M 115 34.40 30.55 -23.15
CA VAL M 115 34.87 31.92 -23.33
C VAL M 115 35.33 32.18 -24.75
N GLN M 116 36.08 31.24 -25.32
CA GLN M 116 36.58 31.38 -26.68
C GLN M 116 35.46 31.19 -27.70
N LEU M 117 34.46 30.39 -27.32
CA LEU M 117 33.31 30.15 -28.19
C LEU M 117 32.48 31.41 -28.38
N VAL M 118 32.10 32.04 -27.27
CA VAL M 118 31.27 33.24 -27.31
C VAL M 118 32.04 34.42 -27.92
N ARG M 119 33.36 34.44 -27.72
CA ARG M 119 34.20 35.45 -28.35
C ARG M 119 34.18 35.27 -29.86
N GLY M 120 34.14 34.01 -30.29
CA GLY M 120 34.03 33.69 -31.70
C GLY M 120 32.68 34.08 -32.24
N MET M 121 31.64 33.94 -31.43
CA MET M 121 30.29 34.30 -31.81
C MET M 121 30.13 35.82 -31.94
N GLU M 122 30.60 36.54 -30.92
CA GLU M 122 30.48 38.00 -30.88
C GLU M 122 31.11 38.67 -32.09
N LYS M 123 32.35 38.30 -32.40
CA LYS M 123 33.07 38.89 -33.50
C LYS M 123 32.49 38.47 -34.86
N THR M 124 32.03 37.23 -34.95
CA THR M 124 31.47 36.71 -36.19
C THR M 124 30.21 37.46 -36.59
N VAL M 125 29.33 37.66 -35.62
CA VAL M 125 28.07 38.36 -35.88
C VAL M 125 28.32 39.86 -36.03
N GLN M 126 29.36 40.36 -35.37
CA GLN M 126 29.68 41.77 -35.46
C GLN M 126 30.21 42.11 -36.84
N GLU M 127 31.02 41.22 -37.38
CA GLU M 127 31.54 41.38 -38.73
C GLU M 127 30.45 41.04 -39.75
N LEU M 128 29.42 40.34 -39.31
CA LEU M 128 28.28 40.01 -40.16
C LEU M 128 27.27 41.15 -40.15
N VAL M 129 27.36 42.00 -39.14
CA VAL M 129 26.58 43.24 -39.10
C VAL M 129 27.20 44.24 -40.07
N LYS M 130 28.53 44.31 -40.06
CA LYS M 130 29.27 45.14 -41.01
C LYS M 130 29.03 44.63 -42.43
N GLU M 131 28.82 43.32 -42.55
CA GLU M 131 28.52 42.69 -43.83
C GLU M 131 27.07 42.95 -44.23
N LEU M 132 26.19 43.02 -43.23
CA LEU M 132 24.77 43.27 -43.47
C LEU M 132 24.56 44.67 -44.08
N ARG M 133 25.33 45.64 -43.61
CA ARG M 133 25.23 47.01 -44.11
C ARG M 133 25.65 47.06 -45.59
N LYS M 134 26.62 46.24 -45.95
CA LYS M 134 27.03 46.09 -47.34
C LYS M 134 25.93 45.40 -48.14
N MET M 135 25.32 44.39 -47.54
CA MET M 135 24.21 43.67 -48.15
C MET M 135 22.99 44.56 -48.34
N SER M 136 22.85 45.55 -47.47
CA SER M 136 21.66 46.40 -47.45
C SER M 136 21.55 47.29 -48.69
N SER M 137 20.30 47.60 -49.05
CA SER M 137 20.01 48.51 -50.15
C SER M 137 19.18 49.69 -49.65
N VAL M 138 19.74 50.89 -49.74
CA VAL M 138 19.10 52.08 -49.21
C VAL M 138 18.23 52.75 -50.27
N VAL M 139 17.28 53.57 -49.82
CA VAL M 139 16.41 54.30 -50.73
C VAL M 139 16.68 55.80 -50.63
N GLN M 140 16.77 56.47 -51.78
CA GLN M 140 17.09 57.89 -51.81
C GLN M 140 15.99 58.72 -52.48
N THR M 141 15.48 58.24 -53.61
CA THR M 141 14.44 58.95 -54.34
C THR M 141 13.06 58.67 -53.75
N ASP M 142 12.20 59.68 -53.79
CA ASP M 142 10.85 59.58 -53.22
C ASP M 142 9.94 58.67 -54.04
N LYS M 143 10.31 58.43 -55.30
CA LYS M 143 9.52 57.58 -56.17
C LYS M 143 9.87 56.11 -55.98
N ASP M 144 11.13 55.84 -55.67
CA ASP M 144 11.54 54.49 -55.29
C ASP M 144 11.07 54.22 -53.88
N LEU M 145 10.96 55.29 -53.09
CA LEU M 145 10.41 55.20 -51.74
C LEU M 145 8.92 54.90 -51.83
N ALA M 146 8.29 55.41 -52.88
CA ALA M 146 6.87 55.15 -53.12
C ALA M 146 6.63 53.69 -53.48
N ASN M 147 7.57 53.11 -54.22
CA ASN M 147 7.47 51.72 -54.63
C ASN M 147 7.77 50.78 -53.47
N VAL M 148 8.70 51.18 -52.61
CA VAL M 148 9.03 50.40 -51.42
C VAL M 148 7.87 50.45 -50.42
N ALA M 149 7.30 51.63 -50.24
CA ALA M 149 6.22 51.82 -49.27
C ALA M 149 4.96 51.07 -49.67
N CYS M 150 4.63 51.08 -50.95
CA CYS M 150 3.40 50.47 -51.44
C CYS M 150 3.46 48.95 -51.40
N VAL M 151 4.65 48.41 -51.63
CA VAL M 151 4.86 46.96 -51.58
C VAL M 151 4.91 46.48 -50.14
N SER M 152 5.60 47.23 -49.29
CA SER M 152 5.67 46.90 -47.87
C SER M 152 4.28 46.99 -47.25
N ALA M 153 3.45 47.87 -47.79
CA ALA M 153 2.06 47.95 -47.39
C ALA M 153 1.28 46.77 -47.95
N GLY M 154 0.26 46.33 -47.23
CA GLY M 154 -0.51 45.15 -47.61
C GLY M 154 -1.25 45.29 -48.92
N GLY M 155 -0.96 44.39 -49.85
CA GLY M 155 -1.68 44.31 -51.11
C GLY M 155 -1.48 45.49 -52.03
N ASN M 156 -2.58 46.17 -52.35
CA ASN M 156 -2.56 47.28 -53.31
C ASN M 156 -1.72 48.47 -52.84
N THR M 157 -1.44 49.37 -53.77
CA THR M 157 -0.59 50.52 -53.52
C THR M 157 -1.38 51.65 -52.86
N ASP M 158 -1.97 52.51 -53.69
CA ASP M 158 -2.77 53.68 -53.30
C ASP M 158 -2.48 54.26 -51.92
N ILE M 159 -2.79 53.50 -50.87
CA ILE M 159 -2.58 53.99 -49.51
C ILE M 159 -1.10 54.04 -49.17
N GLY M 160 -0.33 53.09 -49.68
CA GLY M 160 1.12 53.11 -49.53
C GLY M 160 1.69 54.23 -50.38
N SER M 161 0.96 54.59 -51.42
CA SER M 161 1.34 55.70 -52.28
C SER M 161 0.96 57.03 -51.65
N LEU M 162 0.14 56.96 -50.60
CA LEU M 162 -0.26 58.16 -49.85
C LEU M 162 0.76 58.47 -48.77
N ILE M 163 1.23 57.43 -48.08
CA ILE M 163 2.26 57.57 -47.06
C ILE M 163 3.58 58.00 -47.70
N SER M 164 3.75 57.64 -48.97
CA SER M 164 4.95 57.98 -49.71
C SER M 164 5.12 59.49 -49.82
N ASP M 165 4.07 60.17 -50.31
CA ASP M 165 4.10 61.62 -50.44
C ASP M 165 3.98 62.28 -49.07
N ALA M 166 3.48 61.53 -48.10
CA ALA M 166 3.36 62.03 -46.74
C ALA M 166 4.73 62.22 -46.10
N MET M 167 5.66 61.36 -46.46
CA MET M 167 7.03 61.45 -45.97
C MET M 167 7.92 62.13 -47.02
N ALA M 168 7.41 62.26 -48.24
CA ALA M 168 8.11 63.00 -49.27
C ALA M 168 8.05 64.49 -48.95
N LYS M 169 7.04 64.87 -48.16
CA LYS M 169 6.92 66.24 -47.67
C LYS M 169 7.91 66.49 -46.55
N VAL M 170 7.76 65.76 -45.45
CA VAL M 170 8.70 65.86 -44.34
C VAL M 170 9.90 64.94 -44.61
N GLY M 171 10.99 65.56 -45.06
CA GLY M 171 12.17 64.84 -45.51
C GLY M 171 12.74 63.82 -44.53
N ARG M 172 13.39 64.32 -43.48
CA ARG M 172 14.03 63.44 -42.50
C ARG M 172 13.43 63.60 -41.11
N THR M 173 14.16 63.13 -40.10
CA THR M 173 13.84 63.24 -38.67
C THR M 173 12.37 63.01 -38.28
N GLY M 174 11.55 62.52 -39.21
CA GLY M 174 10.14 62.26 -38.94
C GLY M 174 9.38 63.52 -38.58
N VAL M 175 8.21 63.37 -37.97
CA VAL M 175 7.66 62.05 -37.66
C VAL M 175 6.19 61.97 -38.08
N VAL M 176 5.84 60.93 -38.82
CA VAL M 176 4.49 60.76 -39.34
C VAL M 176 3.57 60.00 -38.38
N THR M 177 2.46 60.63 -38.02
CA THR M 177 1.45 60.00 -37.17
C THR M 177 0.16 59.85 -37.96
N MET M 178 -0.58 58.77 -37.73
CA MET M 178 -1.79 58.50 -38.49
C MET M 178 -3.04 58.60 -37.62
N GLU M 179 -4.18 58.74 -38.28
CA GLU M 179 -5.48 58.75 -37.60
C GLU M 179 -6.60 58.55 -38.61
N GLU M 180 -7.73 58.00 -38.14
CA GLU M 180 -8.86 57.75 -39.02
C GLU M 180 -9.89 58.88 -38.94
N GLY M 181 -10.90 58.82 -39.80
CA GLY M 181 -11.94 59.84 -39.84
C GLY M 181 -11.55 61.01 -40.69
N LYS M 182 -12.54 61.76 -41.17
CA LYS M 182 -13.94 61.45 -40.90
C LYS M 182 -14.69 61.12 -42.18
N THR M 183 -14.25 61.72 -43.29
CA THR M 183 -14.89 61.49 -44.58
C THR M 183 -13.97 60.68 -45.50
N ALA M 184 -14.57 59.90 -46.39
CA ALA M 184 -13.81 58.99 -47.25
C ALA M 184 -12.97 59.71 -48.30
N GLU M 185 -11.79 60.15 -47.89
CA GLU M 185 -10.81 60.75 -48.80
C GLU M 185 -9.40 60.59 -48.24
N ASP M 186 -8.46 61.37 -48.79
CA ASP M 186 -7.09 61.37 -48.28
C ASP M 186 -6.73 62.76 -47.76
N GLN M 187 -6.78 62.92 -46.44
CA GLN M 187 -6.55 64.22 -45.82
C GLN M 187 -5.18 64.29 -45.17
N LEU M 188 -4.27 65.05 -45.78
CA LEU M 188 -2.96 65.27 -45.20
C LEU M 188 -2.95 66.58 -44.42
N VAL M 189 -2.43 66.54 -43.20
CA VAL M 189 -2.42 67.70 -42.32
C VAL M 189 -1.06 67.89 -41.66
N PHE M 190 -0.47 69.08 -41.83
CA PHE M 190 0.78 69.39 -41.16
C PHE M 190 0.56 70.50 -40.13
N VAL M 191 0.93 70.22 -38.89
CA VAL M 191 0.74 71.17 -37.80
C VAL M 191 1.96 71.22 -36.88
N GLU M 192 1.91 72.11 -35.90
CA GLU M 192 3.02 72.29 -34.97
C GLU M 192 3.10 71.13 -33.98
N GLY M 193 3.91 70.13 -34.31
CA GLY M 193 4.08 68.96 -33.46
C GLY M 193 5.53 68.65 -33.18
N MET M 194 5.79 67.92 -32.10
CA MET M 194 7.14 67.59 -31.69
C MET M 194 7.21 66.20 -31.05
N GLN M 195 8.41 65.66 -30.90
CA GLN M 195 8.59 64.38 -30.24
C GLN M 195 9.96 64.26 -29.57
N PHE M 196 10.09 63.27 -28.69
CA PHE M 196 11.35 63.00 -28.02
C PHE M 196 11.53 61.48 -27.85
N GLU M 197 12.75 61.08 -27.51
CA GLU M 197 13.06 59.66 -27.36
C GLU M 197 13.00 59.20 -25.90
N ARG M 198 12.12 59.82 -25.13
CA ARG M 198 11.90 59.41 -23.74
C ARG M 198 10.66 58.52 -23.66
N GLY M 199 10.44 57.92 -22.50
CA GLY M 199 9.31 57.02 -22.32
C GLY M 199 8.52 57.29 -21.06
N TYR M 200 7.46 56.51 -20.86
CA TYR M 200 6.62 56.63 -19.67
C TYR M 200 7.37 56.16 -18.43
N THR M 201 6.87 56.55 -17.26
CA THR M 201 7.46 56.14 -16.00
C THR M 201 7.06 54.71 -15.66
N SER M 202 5.76 54.43 -15.77
CA SER M 202 5.23 53.11 -15.47
C SER M 202 4.36 52.59 -16.61
N PRO M 203 4.45 51.28 -16.90
CA PRO M 203 3.65 50.63 -17.94
C PRO M 203 2.19 50.45 -17.56
N TYR M 204 1.76 51.11 -16.48
CA TYR M 204 0.39 50.99 -15.99
C TYR M 204 -0.48 52.14 -16.50
N PHE M 205 0.14 53.08 -17.20
CA PHE M 205 -0.57 54.24 -17.74
C PHE M 205 -1.15 53.95 -19.11
N VAL M 206 -1.08 52.72 -19.59
CA VAL M 206 -1.51 52.50 -20.96
C VAL M 206 -3.01 52.73 -21.12
N THR M 207 -3.36 53.60 -22.06
CA THR M 207 -4.75 53.94 -22.36
C THR M 207 -5.62 52.85 -22.99
N ASP M 208 -5.07 52.11 -23.96
CA ASP M 208 -5.80 51.08 -24.71
C ASP M 208 -4.90 49.94 -25.19
N PRO M 209 -4.85 48.85 -24.41
CA PRO M 209 -4.19 47.59 -24.82
C PRO M 209 -4.95 46.96 -25.98
N GLU M 210 -4.31 46.10 -26.77
CA GLU M 210 -2.94 45.65 -26.55
C GLU M 210 -1.91 46.57 -27.19
N ARG M 211 -2.36 47.74 -27.64
CA ARG M 211 -1.45 48.72 -28.24
C ARG M 211 -0.60 49.41 -27.16
N MET M 212 -1.03 49.26 -25.91
CA MET M 212 -0.38 49.83 -24.72
C MET M 212 0.22 51.23 -24.94
N ILE M 213 -0.51 52.07 -25.68
CA ILE M 213 -0.08 53.43 -25.97
C ILE M 213 -1.06 54.44 -25.40
N CYS M 214 -0.56 55.34 -24.55
CA CYS M 214 -1.40 56.35 -23.91
C CYS M 214 -1.65 57.54 -24.82
N GLU M 215 -2.91 57.77 -25.16
CA GLU M 215 -3.32 58.88 -26.01
C GLU M 215 -4.38 59.76 -25.35
N TYR M 216 -4.25 61.07 -25.48
CA TYR M 216 -5.17 62.01 -24.87
C TYR M 216 -5.46 63.19 -25.80
N GLU M 217 -6.72 63.61 -25.83
CA GLU M 217 -7.12 64.70 -26.72
C GLU M 217 -7.54 65.95 -25.94
N ASN M 218 -7.10 67.11 -26.43
CA ASN M 218 -7.38 68.40 -25.82
C ASN M 218 -6.99 68.45 -24.35
N CYS M 219 -5.68 68.42 -24.09
CA CYS M 219 -5.16 68.40 -22.73
C CYS M 219 -4.01 69.39 -22.55
N LYS M 220 -3.87 69.92 -21.34
CA LYS M 220 -2.86 70.93 -21.06
C LYS M 220 -1.58 70.31 -20.51
N ILE M 221 -0.44 70.92 -20.84
CA ILE M 221 0.87 70.36 -20.53
C ILE M 221 1.52 71.07 -19.34
N LEU M 222 2.50 70.43 -18.72
CA LEU M 222 3.22 70.99 -17.58
C LEU M 222 4.59 70.32 -17.43
N LEU M 223 5.61 71.13 -17.20
CA LEU M 223 6.98 70.60 -17.10
C LEU M 223 7.84 71.32 -16.06
N VAL M 224 8.72 70.55 -15.41
CA VAL M 224 9.68 71.08 -14.44
C VAL M 224 11.04 70.43 -14.69
N ASP M 225 12.12 71.15 -14.42
CA ASP M 225 13.46 70.60 -14.63
C ASP M 225 13.96 69.81 -13.43
N LYS M 226 13.51 70.19 -12.24
CA LYS M 226 13.96 69.56 -11.00
C LYS M 226 13.14 68.32 -10.67
N LYS M 227 13.67 67.48 -9.79
CA LYS M 227 12.97 66.28 -9.35
C LYS M 227 11.79 66.64 -8.45
N ILE M 228 10.64 66.03 -8.71
CA ILE M 228 9.44 66.31 -7.94
C ILE M 228 9.17 65.17 -6.95
N SER M 229 8.85 65.53 -5.71
CA SER M 229 8.54 64.56 -4.67
C SER M 229 7.36 65.01 -3.83
N THR M 230 7.26 66.33 -3.64
CA THR M 230 6.13 66.91 -2.92
C THR M 230 4.84 66.70 -3.71
N ALA M 231 3.72 66.69 -3.01
CA ALA M 231 2.44 66.40 -3.66
C ALA M 231 1.47 67.57 -3.54
N ARG M 232 1.61 68.37 -2.49
CA ARG M 232 0.67 69.45 -2.20
C ARG M 232 0.56 70.46 -3.34
N ASP M 233 1.65 70.62 -4.08
CA ASP M 233 1.64 71.51 -5.24
C ASP M 233 0.80 70.89 -6.36
N ILE M 234 0.92 69.57 -6.52
CA ILE M 234 0.23 68.85 -7.58
C ILE M 234 -1.28 68.78 -7.30
N ILE M 235 -1.65 68.55 -6.04
CA ILE M 235 -3.06 68.45 -5.69
C ILE M 235 -3.78 69.79 -5.83
N THR M 236 -3.02 70.87 -5.90
CA THR M 236 -3.59 72.19 -6.18
C THR M 236 -3.79 72.36 -7.68
N ILE M 237 -2.90 71.76 -8.46
CA ILE M 237 -3.04 71.73 -9.91
C ILE M 237 -4.10 70.68 -10.26
N LEU M 238 -4.27 69.70 -9.37
CA LEU M 238 -5.35 68.73 -9.49
C LEU M 238 -6.68 69.45 -9.35
N GLU M 239 -6.72 70.42 -8.44
CA GLU M 239 -7.90 71.26 -8.26
C GLU M 239 -8.10 72.14 -9.50
N SER M 240 -6.99 72.43 -10.16
CA SER M 240 -7.03 73.17 -11.43
C SER M 240 -7.36 72.21 -12.57
N ALA M 241 -7.15 70.91 -12.33
CA ALA M 241 -7.50 69.89 -13.29
C ALA M 241 -8.94 69.42 -13.10
N ILE M 242 -9.51 69.77 -11.95
CA ILE M 242 -10.90 69.46 -11.66
C ILE M 242 -11.78 70.67 -12.01
N ARG M 243 -11.22 71.86 -11.84
CA ARG M 243 -11.87 73.11 -12.25
C ARG M 243 -12.34 73.03 -13.69
N GLY M 244 -11.50 72.45 -14.54
CA GLY M 244 -11.88 72.14 -15.90
C GLY M 244 -11.58 70.67 -16.16
N ASN M 245 -12.63 69.86 -16.24
CA ASN M 245 -12.48 68.40 -16.36
C ASN M 245 -11.65 68.00 -17.57
N TYR M 246 -10.33 68.15 -17.45
CA TYR M 246 -9.41 67.81 -18.52
C TYR M 246 -8.17 67.11 -17.96
N PRO M 247 -7.64 66.12 -18.70
CA PRO M 247 -6.41 65.43 -18.33
C PRO M 247 -5.22 66.38 -18.24
N LEU M 248 -4.18 65.98 -17.51
CA LEU M 248 -3.01 66.83 -17.33
C LEU M 248 -1.74 66.13 -17.80
N LEU M 249 -0.84 66.89 -18.41
CA LEU M 249 0.41 66.34 -18.92
C LEU M 249 1.60 66.78 -18.08
N ILE M 250 2.39 65.81 -17.63
CA ILE M 250 3.57 66.08 -16.80
C ILE M 250 4.77 65.28 -17.27
N MET M 251 5.90 65.95 -17.49
CA MET M 251 7.15 65.28 -17.83
C MET M 251 8.34 65.98 -17.16
N ALA M 252 8.45 65.80 -15.84
CA ALA M 252 9.49 66.47 -15.07
C ALA M 252 10.56 65.49 -14.58
N GLU M 253 11.32 64.94 -15.51
CA GLU M 253 12.40 64.00 -15.22
C GLU M 253 11.95 62.84 -14.33
N GLU M 254 12.40 62.84 -13.08
CA GLU M 254 12.14 61.73 -12.17
C GLU M 254 11.05 62.05 -11.16
N VAL M 255 9.99 61.26 -11.19
CA VAL M 255 8.93 61.36 -10.19
C VAL M 255 9.06 60.19 -9.22
N GLU M 256 9.19 60.50 -7.93
CA GLU M 256 9.46 59.49 -6.92
C GLU M 256 8.24 58.60 -6.68
N GLN M 257 8.40 57.59 -5.84
CA GLN M 257 7.37 56.59 -5.61
C GLN M 257 6.11 57.17 -4.98
N GLU M 258 6.25 58.25 -4.21
CA GLU M 258 5.11 58.84 -3.53
C GLU M 258 4.14 59.48 -4.52
N ALA M 259 4.64 60.40 -5.33
CA ALA M 259 3.80 61.10 -6.30
C ALA M 259 3.32 60.15 -7.40
N LEU M 260 4.15 59.16 -7.72
CA LEU M 260 3.79 58.17 -8.74
C LEU M 260 2.64 57.30 -8.27
N ALA M 261 2.66 56.94 -6.99
CA ALA M 261 1.59 56.13 -6.40
C ALA M 261 0.28 56.92 -6.34
N THR M 262 0.39 58.20 -6.00
CA THR M 262 -0.78 59.07 -5.94
C THR M 262 -1.37 59.25 -7.33
N LEU M 263 -0.50 59.27 -8.34
CA LEU M 263 -0.92 59.46 -9.73
C LEU M 263 -1.65 58.23 -10.28
N VAL M 264 -1.10 57.04 -10.03
CA VAL M 264 -1.70 55.82 -10.57
C VAL M 264 -2.99 55.44 -9.85
N VAL M 265 -3.14 55.90 -8.61
CA VAL M 265 -4.36 55.65 -7.84
C VAL M 265 -5.47 56.58 -8.30
N ASN M 266 -5.13 57.85 -8.51
CA ASN M 266 -6.09 58.82 -8.99
C ASN M 266 -6.50 58.56 -10.44
N LYS M 267 -5.71 57.76 -11.15
CA LYS M 267 -5.99 57.43 -12.54
C LYS M 267 -6.80 56.14 -12.65
N LEU M 268 -6.58 55.22 -11.72
CA LEU M 268 -7.27 53.93 -11.73
C LEU M 268 -8.75 54.07 -11.41
N ARG M 269 -9.10 55.15 -10.70
CA ARG M 269 -10.49 55.40 -10.34
C ARG M 269 -11.20 56.23 -11.40
N GLY M 270 -10.43 56.97 -12.18
CA GLY M 270 -10.99 57.78 -13.26
C GLY M 270 -11.28 59.20 -12.86
N THR M 271 -10.99 59.54 -11.61
CA THR M 271 -11.22 60.90 -11.12
C THR M 271 -10.23 61.87 -11.74
N LEU M 272 -8.97 61.46 -11.82
CA LEU M 272 -7.92 62.29 -12.41
C LEU M 272 -7.21 61.56 -13.55
N LYS M 273 -7.26 62.14 -14.74
CA LYS M 273 -6.56 61.59 -15.89
C LYS M 273 -5.15 62.17 -15.94
N VAL M 274 -4.15 61.36 -15.58
CA VAL M 274 -2.79 61.85 -15.47
C VAL M 274 -1.84 61.09 -16.40
N VAL M 275 -0.71 61.70 -16.73
CA VAL M 275 0.28 61.10 -17.61
C VAL M 275 1.69 61.22 -17.00
N ALA M 276 2.47 60.16 -17.10
CA ALA M 276 3.84 60.15 -16.59
C ALA M 276 4.87 60.05 -17.70
N ILE M 277 6.03 60.50 -17.48
CA ILE M 277 7.17 60.28 -18.32
C ILE M 277 8.44 60.92 -17.86
N LYS M 278 9.42 61.30 -18.72
CA LYS M 278 10.74 61.73 -18.24
C LYS M 278 11.18 63.01 -18.96
N ALA M 279 12.40 63.46 -18.66
CA ALA M 279 12.91 64.68 -19.26
C ALA M 279 13.93 64.39 -20.38
N PRO M 280 13.89 65.18 -21.45
CA PRO M 280 14.83 65.06 -22.57
C PRO M 280 16.19 65.71 -22.26
N GLY M 281 17.26 65.09 -22.75
CA GLY M 281 18.60 65.64 -22.55
C GLY M 281 19.09 65.53 -21.13
N PHE M 282 20.18 66.22 -20.83
CA PHE M 282 20.76 66.20 -19.48
C PHE M 282 21.48 67.50 -19.17
N GLY M 283 21.44 67.92 -17.91
CA GLY M 283 22.12 69.12 -17.47
C GLY M 283 21.45 70.39 -17.95
N GLU M 284 22.23 71.26 -18.59
CA GLU M 284 21.72 72.53 -19.11
C GLU M 284 20.80 72.31 -20.30
N ARG M 285 20.88 71.13 -20.91
CA ARG M 285 20.03 70.79 -22.05
C ARG M 285 18.57 70.65 -21.64
N ARG M 286 18.34 70.08 -20.47
CA ARG M 286 16.99 69.87 -19.96
C ARG M 286 16.21 71.18 -19.86
N SER M 287 16.80 72.16 -19.19
CA SER M 287 16.14 73.46 -19.00
C SER M 287 16.10 74.26 -20.31
N SER M 288 16.75 73.74 -21.34
CA SER M 288 16.76 74.39 -22.64
C SER M 288 15.86 73.64 -23.63
N TYR M 289 15.32 72.51 -23.19
CA TYR M 289 14.43 71.71 -24.04
C TYR M 289 12.98 71.82 -23.58
N LEU M 290 12.77 71.91 -22.27
CA LEU M 290 11.43 72.02 -21.72
C LEU M 290 10.85 73.41 -22.01
N GLU M 291 11.72 74.41 -22.08
CA GLU M 291 11.30 75.76 -22.41
C GLU M 291 11.11 75.87 -23.92
N ASP M 292 11.75 74.96 -24.66
CA ASP M 292 11.62 74.90 -26.10
C ASP M 292 10.26 74.33 -26.49
N ILE M 293 9.64 73.61 -25.55
CA ILE M 293 8.35 73.01 -25.78
C ILE M 293 7.28 73.68 -24.93
N ALA M 294 7.71 74.52 -23.99
CA ALA M 294 6.78 75.23 -23.11
C ALA M 294 5.96 76.25 -23.90
N ILE M 295 6.65 77.19 -24.52
CA ILE M 295 6.00 78.24 -25.31
C ILE M 295 5.39 77.62 -26.57
N LEU M 296 6.00 76.55 -27.06
CA LEU M 296 5.49 75.81 -28.21
C LEU M 296 4.10 75.28 -27.90
N THR M 297 3.87 74.92 -26.65
CA THR M 297 2.55 74.48 -26.19
C THR M 297 1.75 75.66 -25.63
N GLY M 298 2.35 76.85 -25.65
CA GLY M 298 1.69 78.04 -25.17
C GLY M 298 1.63 78.12 -23.67
N GLY M 299 2.79 77.97 -23.02
CA GLY M 299 2.87 78.02 -21.57
C GLY M 299 4.22 78.49 -21.08
N THR M 300 4.23 79.12 -19.92
CA THR M 300 5.48 79.62 -19.34
C THR M 300 6.24 78.51 -18.64
N VAL M 301 7.41 78.84 -18.12
CA VAL M 301 8.25 77.86 -17.43
C VAL M 301 8.18 78.06 -15.92
N VAL M 302 7.95 76.96 -15.19
CA VAL M 302 7.85 77.01 -13.74
C VAL M 302 9.17 76.55 -13.10
N ARG M 303 10.25 77.25 -13.43
CA ARG M 303 11.57 76.90 -12.88
C ARG M 303 11.99 77.93 -11.82
N ASP M 304 12.76 77.47 -10.84
CA ASP M 304 13.15 78.31 -9.71
C ASP M 304 14.39 79.16 -9.99
N GLU M 305 14.79 79.23 -11.25
CA GLU M 305 15.97 79.99 -11.63
C GLU M 305 15.66 81.49 -11.74
N MET M 306 14.40 81.82 -12.00
CA MET M 306 13.99 83.21 -12.08
C MET M 306 13.56 83.84 -10.75
N GLY M 307 12.67 83.23 -9.96
CA GLY M 307 11.99 81.97 -10.25
C GLY M 307 10.68 81.84 -9.50
N VAL M 308 9.64 81.38 -10.20
CA VAL M 308 8.32 81.22 -9.59
C VAL M 308 7.97 79.74 -9.41
N SER M 309 7.70 79.35 -8.17
CA SER M 309 7.34 77.98 -7.85
C SER M 309 6.64 77.91 -6.49
N LEU M 310 5.31 77.94 -6.51
CA LEU M 310 4.54 77.93 -5.28
C LEU M 310 3.45 76.86 -5.28
N GLU M 311 2.46 77.06 -4.42
CA GLU M 311 1.36 76.10 -4.26
C GLU M 311 0.43 76.12 -5.47
N GLN M 312 -0.13 77.30 -5.75
CA GLN M 312 -1.13 77.44 -6.80
C GLN M 312 -0.52 77.41 -8.20
N ALA M 313 -1.37 77.18 -9.19
CA ALA M 313 -0.95 77.15 -10.59
C ALA M 313 -2.11 77.47 -11.52
N THR M 314 -1.94 78.49 -12.35
CA THR M 314 -3.00 78.93 -13.25
C THR M 314 -2.72 78.51 -14.69
N ASP M 315 -3.47 79.07 -15.63
CA ASP M 315 -3.34 78.73 -17.04
C ASP M 315 -2.03 79.22 -17.64
N ALA M 316 -1.42 80.21 -16.99
CA ALA M 316 -0.20 80.83 -17.48
C ALA M 316 1.02 79.92 -17.31
N VAL M 317 0.98 79.06 -16.29
CA VAL M 317 2.13 78.22 -15.97
C VAL M 317 2.08 76.89 -16.72
N LEU M 318 0.96 76.61 -17.38
CA LEU M 318 0.79 75.36 -18.10
C LEU M 318 0.31 75.59 -19.54
N GLY M 319 1.02 74.98 -20.49
CA GLY M 319 0.69 75.12 -21.90
C GLY M 319 -0.49 74.28 -22.31
N THR M 320 -0.75 74.21 -23.62
CA THR M 320 -1.87 73.41 -24.13
C THR M 320 -1.43 72.50 -25.28
N ALA M 321 -2.13 71.38 -25.42
CA ALA M 321 -1.84 70.42 -26.48
C ALA M 321 -3.12 69.71 -26.93
N ALA M 322 -3.40 69.77 -28.23
CA ALA M 322 -4.62 69.17 -28.77
C ALA M 322 -4.61 67.66 -28.62
N LYS M 323 -3.51 67.03 -29.03
CA LYS M 323 -3.39 65.57 -28.94
C LYS M 323 -1.97 65.15 -28.62
N ILE M 324 -1.82 64.19 -27.72
CA ILE M 324 -0.50 63.65 -27.38
C ILE M 324 -0.51 62.13 -27.36
N THR M 325 0.45 61.53 -28.08
CA THR M 325 0.58 60.08 -28.15
C THR M 325 1.96 59.64 -27.68
N ILE M 326 2.01 58.87 -26.60
CA ILE M 326 3.27 58.40 -26.06
C ILE M 326 3.34 56.88 -26.03
N THR M 327 4.54 56.33 -26.22
CA THR M 327 4.73 54.89 -26.21
C THR M 327 5.91 54.49 -25.31
N LYS M 328 6.56 53.37 -25.63
CA LYS M 328 7.61 52.83 -24.79
C LYS M 328 8.85 53.73 -24.78
N GLU M 329 9.40 54.01 -25.96
CA GLU M 329 10.64 54.78 -26.04
C GLU M 329 10.46 56.10 -26.78
N ARG M 330 9.21 56.47 -27.07
CA ARG M 330 8.92 57.72 -27.76
C ARG M 330 7.76 58.47 -27.11
N THR M 331 7.84 59.79 -27.13
CA THR M 331 6.77 60.66 -26.63
C THR M 331 6.46 61.75 -27.65
N THR M 332 5.27 61.72 -28.22
CA THR M 332 4.92 62.63 -29.31
C THR M 332 3.76 63.57 -28.96
N VAL M 333 3.89 64.83 -29.38
CA VAL M 333 2.83 65.81 -29.23
C VAL M 333 2.48 66.41 -30.60
N VAL M 334 1.21 66.78 -30.79
CA VAL M 334 0.75 67.29 -32.08
C VAL M 334 -0.64 67.90 -32.00
N GLY M 335 -0.95 68.80 -32.94
CA GLY M 335 -2.30 69.30 -33.11
C GLY M 335 -2.61 70.68 -32.56
N ASP M 336 -1.96 71.06 -31.47
CA ASP M 336 -2.28 72.30 -30.77
C ASP M 336 -2.08 73.53 -31.66
N GLY M 337 -3.05 74.44 -31.62
CA GLY M 337 -2.97 75.68 -32.38
C GLY M 337 -2.47 76.83 -31.54
N SER M 338 -1.21 76.73 -31.13
CA SER M 338 -0.60 77.76 -30.29
C SER M 338 0.26 78.71 -31.11
N THR M 339 1.28 79.27 -30.47
CA THR M 339 2.17 80.22 -31.12
C THR M 339 3.06 79.52 -32.14
N ALA M 340 2.68 79.62 -33.42
CA ALA M 340 3.48 79.06 -34.50
C ALA M 340 4.72 79.89 -34.73
N ALA M 341 4.69 81.14 -34.26
CA ALA M 341 5.84 82.03 -34.36
C ALA M 341 6.98 81.52 -33.49
N ASP M 342 6.64 80.87 -32.39
CA ASP M 342 7.65 80.28 -31.50
C ASP M 342 8.47 79.23 -32.24
N VAL M 343 7.77 78.34 -32.96
CA VAL M 343 8.44 77.30 -33.73
C VAL M 343 9.24 77.90 -34.88
N ALA M 344 8.93 79.14 -35.21
CA ALA M 344 9.62 79.85 -36.29
C ALA M 344 10.67 80.81 -35.74
N ALA M 345 10.68 81.01 -34.43
CA ALA M 345 11.64 81.93 -33.80
C ALA M 345 12.70 81.18 -33.00
N ARG M 346 12.36 79.99 -32.52
CA ARG M 346 13.33 79.19 -31.79
C ARG M 346 14.34 78.60 -32.77
N VAL M 347 13.88 78.25 -33.97
CA VAL M 347 14.77 77.79 -35.03
C VAL M 347 15.72 78.90 -35.44
N LYS M 348 15.29 80.15 -35.26
CA LYS M 348 16.12 81.29 -35.53
C LYS M 348 17.24 81.35 -34.50
N GLN M 349 16.86 81.33 -33.22
CA GLN M 349 17.80 81.39 -32.11
C GLN M 349 18.86 80.30 -32.19
N ILE M 350 18.46 79.13 -32.70
CA ILE M 350 19.38 78.01 -32.87
C ILE M 350 20.43 78.33 -33.93
N ARG M 351 20.02 79.04 -34.98
CA ARG M 351 20.92 79.37 -36.09
C ARG M 351 22.06 80.29 -35.67
N ASN M 352 21.82 81.13 -34.66
CA ASN M 352 22.89 81.97 -34.11
C ASN M 352 23.80 81.16 -33.21
N LEU M 353 23.19 80.35 -32.35
CA LEU M 353 23.94 79.48 -31.47
C LEU M 353 24.79 78.50 -32.28
N GLN M 354 24.36 78.23 -33.51
CA GLN M 354 25.13 77.44 -34.45
C GLN M 354 26.19 78.28 -35.14
N MET M 355 25.85 79.53 -35.41
CA MET M 355 26.75 80.46 -36.10
C MET M 355 27.95 80.85 -35.24
N GLN M 356 27.72 81.04 -33.94
CA GLN M 356 28.75 81.54 -33.04
C GLN M 356 29.44 80.42 -32.25
N THR M 357 29.03 79.18 -32.49
CA THR M 357 29.61 78.04 -31.78
C THR M 357 31.00 77.68 -32.30
N ASP M 358 31.96 77.59 -31.38
CA ASP M 358 33.30 77.15 -31.74
C ASP M 358 33.50 75.69 -31.35
N GLN M 359 32.62 75.19 -30.48
CA GLN M 359 32.68 73.80 -30.02
C GLN M 359 32.19 72.84 -31.10
N ASP M 360 32.03 71.58 -30.72
CA ASP M 360 31.59 70.55 -31.66
C ASP M 360 30.30 69.89 -31.21
N TYR M 361 30.21 69.56 -29.92
CA TYR M 361 29.03 68.90 -29.37
C TYR M 361 27.81 69.81 -29.43
N GLU M 362 28.03 71.11 -29.27
CA GLU M 362 26.93 72.07 -29.34
C GLU M 362 26.39 72.16 -30.76
N ARG M 363 27.26 72.01 -31.74
CA ARG M 363 26.85 72.06 -33.14
C ARG M 363 25.86 70.96 -33.51
N GLU M 364 26.09 69.77 -32.99
CA GLU M 364 25.23 68.63 -33.30
C GLU M 364 23.98 68.59 -32.41
N LYS M 365 24.10 69.13 -31.20
CA LYS M 365 22.96 69.22 -30.30
C LYS M 365 21.95 70.24 -30.82
N LEU M 366 22.47 71.32 -31.40
CA LEU M 366 21.62 72.32 -32.03
C LEU M 366 21.14 71.80 -33.38
N GLN M 367 21.91 70.88 -33.95
CA GLN M 367 21.54 70.28 -35.23
C GLN M 367 20.42 69.27 -35.08
N GLU M 368 20.43 68.54 -33.97
CA GLU M 368 19.38 67.55 -33.72
C GLU M 368 18.11 68.22 -33.23
N ARG M 369 18.25 69.39 -32.62
CA ARG M 369 17.10 70.14 -32.15
C ARG M 369 16.43 70.88 -33.31
N ILE M 370 17.25 71.49 -34.17
CA ILE M 370 16.74 72.18 -35.35
C ILE M 370 16.16 71.17 -36.34
N ALA M 371 16.57 69.91 -36.21
CA ALA M 371 16.08 68.85 -37.07
C ALA M 371 14.62 68.53 -36.74
N ARG M 372 14.40 68.07 -35.51
CA ARG M 372 13.07 67.68 -35.05
C ARG M 372 12.12 68.87 -35.01
N LEU M 373 12.65 70.07 -34.78
CA LEU M 373 11.86 71.28 -34.80
C LEU M 373 11.35 71.59 -36.20
N SER M 374 12.24 71.46 -37.18
CA SER M 374 11.89 71.73 -38.58
C SER M 374 11.03 70.62 -39.17
N GLY M 375 11.31 69.39 -38.76
CA GLY M 375 10.55 68.24 -39.24
C GLY M 375 9.11 68.28 -38.80
N GLY M 376 8.89 68.77 -37.57
CA GLY M 376 7.54 68.88 -37.03
C GLY M 376 6.88 67.53 -36.83
N VAL M 377 5.56 67.45 -37.14
CA VAL M 377 4.86 66.19 -37.00
C VAL M 377 3.65 66.12 -37.93
N ALA M 378 3.80 65.69 -39.12
CA ALA M 378 2.74 65.62 -40.10
C ALA M 378 1.78 64.48 -39.78
N ILE M 379 0.49 64.80 -39.67
CA ILE M 379 -0.53 63.81 -39.37
C ILE M 379 -1.40 63.51 -40.59
N ILE M 380 -1.61 62.23 -40.87
CA ILE M 380 -2.38 61.81 -42.04
C ILE M 380 -3.75 61.27 -41.63
N GLN M 381 -4.77 61.57 -42.43
CA GLN M 381 -6.12 61.07 -42.19
C GLN M 381 -6.55 60.13 -43.30
N VAL M 382 -6.99 58.93 -42.92
CA VAL M 382 -7.39 57.91 -43.89
C VAL M 382 -8.88 58.04 -44.21
N GLY M 383 -9.30 57.46 -45.33
CA GLY M 383 -10.69 57.48 -45.74
C GLY M 383 -11.53 56.49 -44.95
N ALA M 384 -12.75 56.26 -45.41
CA ALA M 384 -13.66 55.34 -44.73
C ALA M 384 -14.76 54.84 -45.67
N GLN M 385 -14.67 53.56 -46.04
CA GLN M 385 -15.69 52.93 -46.87
C GLN M 385 -16.87 52.47 -46.00
N THR M 386 -16.57 51.64 -45.02
CA THR M 386 -17.56 51.22 -44.02
C THR M 386 -17.07 51.59 -42.63
N GLU M 387 -17.41 50.76 -41.64
CA GLU M 387 -16.93 50.98 -40.28
C GLU M 387 -15.88 49.96 -39.90
N THR M 388 -15.92 48.80 -40.56
CA THR M 388 -14.93 47.76 -40.34
C THR M 388 -13.80 47.89 -41.35
N GLU M 389 -14.06 48.61 -42.44
CA GLU M 389 -13.04 48.83 -43.46
C GLU M 389 -12.04 49.89 -43.00
N LEU M 390 -12.52 50.89 -42.27
CA LEU M 390 -11.66 51.96 -41.78
C LEU M 390 -10.74 51.44 -40.68
N LYS M 391 -11.24 50.49 -39.89
CA LYS M 391 -10.44 49.87 -38.84
C LYS M 391 -9.42 48.91 -39.43
N GLU M 392 -9.85 48.15 -40.44
CA GLU M 392 -8.95 47.21 -41.12
C GLU M 392 -7.85 47.97 -41.85
N LYS M 393 -8.22 49.11 -42.43
CA LYS M 393 -7.25 49.99 -43.06
C LYS M 393 -6.27 50.54 -42.03
N LYS M 394 -6.81 51.12 -40.96
CA LYS M 394 -6.01 51.75 -39.92
C LYS M 394 -4.96 50.82 -39.34
N LEU M 395 -5.30 49.54 -39.25
CA LEU M 395 -4.36 48.53 -38.77
C LEU M 395 -3.31 48.22 -39.84
N ARG M 396 -3.74 48.17 -41.09
CA ARG M 396 -2.84 47.90 -42.20
C ARG M 396 -1.88 49.06 -42.45
N VAL M 397 -2.37 50.29 -42.28
CA VAL M 397 -1.52 51.45 -42.47
C VAL M 397 -0.63 51.68 -41.25
N GLU M 398 -0.98 51.03 -40.15
CA GLU M 398 -0.16 51.12 -38.94
C GLU M 398 1.06 50.23 -39.10
N ASP M 399 0.84 49.02 -39.60
CA ASP M 399 1.91 48.08 -39.86
C ASP M 399 2.74 48.52 -41.06
N ALA M 400 2.11 49.27 -41.96
CA ALA M 400 2.80 49.77 -43.14
C ALA M 400 3.78 50.88 -42.79
N LEU M 401 3.33 51.82 -41.97
CA LEU M 401 4.17 52.95 -41.57
C LEU M 401 5.40 52.49 -40.77
N ASN M 402 5.18 51.60 -39.81
CA ASN M 402 6.26 51.09 -38.98
C ASN M 402 7.26 50.28 -39.80
N ALA M 403 6.76 49.62 -40.84
CA ALA M 403 7.61 48.82 -41.72
C ALA M 403 8.45 49.73 -42.61
N THR M 404 7.82 50.75 -43.17
CA THR M 404 8.51 51.71 -44.02
C THR M 404 9.57 52.48 -43.24
N ARG M 405 9.23 52.84 -42.00
CA ARG M 405 10.17 53.55 -41.14
C ARG M 405 11.37 52.67 -40.78
N ALA M 406 11.11 51.40 -40.52
CA ALA M 406 12.17 50.46 -40.15
C ALA M 406 13.02 50.10 -41.36
N ALA M 407 12.48 50.32 -42.55
CA ALA M 407 13.19 50.00 -43.78
C ALA M 407 14.09 51.14 -44.25
N VAL M 408 13.61 52.37 -44.09
CA VAL M 408 14.35 53.54 -44.53
C VAL M 408 15.41 53.94 -43.52
N GLU M 409 15.27 53.43 -42.29
CA GLU M 409 16.17 53.81 -41.20
C GLU M 409 17.54 53.15 -41.30
N GLU M 410 17.57 51.87 -41.66
CA GLU M 410 18.82 51.12 -41.72
C GLU M 410 19.04 50.45 -43.08
N GLY M 411 18.27 50.86 -44.07
CA GLY M 411 18.37 50.26 -45.39
C GLY M 411 17.49 49.04 -45.53
N VAL M 412 17.49 48.45 -46.72
CA VAL M 412 16.63 47.31 -46.99
C VAL M 412 17.44 46.08 -47.43
N VAL M 413 16.98 44.90 -47.02
CA VAL M 413 17.62 43.64 -47.39
C VAL M 413 16.57 42.64 -47.88
N PRO M 414 16.98 41.69 -48.74
CA PRO M 414 16.03 40.70 -49.26
C PRO M 414 15.44 39.84 -48.15
N GLY M 415 14.11 39.81 -48.06
CA GLY M 415 13.43 39.09 -47.00
C GLY M 415 13.28 37.60 -47.27
N GLY M 416 12.35 36.97 -46.57
CA GLY M 416 12.12 35.55 -46.71
C GLY M 416 13.12 34.73 -45.94
N GLY M 417 13.98 35.42 -45.18
CA GLY M 417 15.01 34.76 -44.41
C GLY M 417 16.21 34.37 -45.24
N CYS M 418 16.19 34.74 -46.52
CA CYS M 418 17.27 34.39 -47.44
C CYS M 418 18.53 35.19 -47.15
N THR M 419 18.38 36.36 -46.55
CA THR M 419 19.52 37.21 -46.21
C THR M 419 20.37 36.56 -45.10
N LEU M 420 19.78 35.60 -44.40
CA LEU M 420 20.50 34.89 -43.34
C LEU M 420 21.41 33.82 -43.92
N LEU M 421 21.06 33.30 -45.10
CA LEU M 421 21.90 32.32 -45.78
C LEU M 421 23.10 33.02 -46.41
N ARG M 422 22.85 34.17 -47.02
CA ARG M 422 23.89 34.96 -47.66
C ARG M 422 24.90 35.47 -46.65
N LEU M 423 24.44 35.69 -45.41
CA LEU M 423 25.33 36.10 -44.33
C LEU M 423 26.01 34.88 -43.70
N SER M 424 25.44 33.70 -43.96
CA SER M 424 25.99 32.47 -43.41
C SER M 424 27.14 31.94 -44.26
N GLU M 425 27.02 32.11 -45.57
CA GLU M 425 28.05 31.63 -46.50
C GLU M 425 29.14 32.69 -46.68
N LYS M 426 29.53 33.33 -45.59
CA LYS M 426 30.61 34.30 -45.60
C LYS M 426 31.46 34.18 -44.33
N VAL M 427 31.15 33.17 -43.52
CA VAL M 427 31.94 32.90 -42.33
C VAL M 427 33.04 31.88 -42.67
N ASP M 428 32.89 31.23 -43.82
CA ASP M 428 33.85 30.24 -44.28
C ASP M 428 35.15 30.89 -44.75
N VAL M 429 35.09 32.19 -44.99
CA VAL M 429 36.27 32.93 -45.43
C VAL M 429 36.87 33.74 -44.28
N ILE M 430 36.15 33.80 -43.17
CA ILE M 430 36.60 34.55 -42.01
C ILE M 430 37.72 33.83 -41.27
N LYS M 431 38.95 34.30 -41.50
CA LYS M 431 40.11 33.81 -40.76
C LYS M 431 40.44 34.77 -39.63
N ARG M 432 40.12 34.36 -38.40
CA ARG M 432 40.24 35.26 -37.25
C ARG M 432 41.58 35.14 -36.53
N ARG M 433 41.70 35.88 -35.43
CA ARG M 433 42.92 35.93 -34.63
C ARG M 433 42.58 35.63 -33.16
N MET M 434 43.31 34.72 -32.53
CA MET M 434 44.48 34.05 -33.13
C MET M 434 44.09 32.72 -33.77
N THR M 435 42.93 32.69 -34.41
CA THR M 435 42.46 31.53 -35.17
C THR M 435 42.47 30.24 -34.35
N ASP M 436 42.25 30.36 -33.05
CA ASP M 436 42.12 29.18 -32.20
C ASP M 436 40.87 28.41 -32.60
N PRO M 437 40.94 27.08 -32.57
CA PRO M 437 39.86 26.21 -33.06
C PRO M 437 38.50 26.49 -32.42
N GLU M 438 38.50 26.93 -31.17
CA GLU M 438 37.24 27.22 -30.46
C GLU M 438 36.47 28.35 -31.12
N GLN M 439 37.17 29.42 -31.50
CA GLN M 439 36.53 30.54 -32.17
C GLN M 439 36.03 30.13 -33.55
N GLN M 440 36.71 29.16 -34.15
CA GLN M 440 36.28 28.63 -35.44
C GLN M 440 35.00 27.82 -35.28
N MET M 441 34.88 27.14 -34.15
CA MET M 441 33.66 26.41 -33.84
C MET M 441 32.50 27.39 -33.69
N GLY M 442 32.76 28.51 -33.02
CA GLY M 442 31.76 29.55 -32.83
C GLY M 442 31.29 30.15 -34.15
N ALA M 443 32.19 30.20 -35.12
CA ALA M 443 31.85 30.68 -36.45
C ALA M 443 30.98 29.66 -37.19
N ASP M 444 31.31 28.39 -37.02
CA ASP M 444 30.51 27.30 -37.58
C ASP M 444 29.16 27.20 -36.88
N ILE M 445 29.14 27.61 -35.61
CA ILE M 445 27.91 27.65 -34.85
C ILE M 445 26.94 28.67 -35.44
N ILE M 446 27.47 29.86 -35.71
CA ILE M 446 26.67 30.92 -36.34
C ILE M 446 26.19 30.48 -37.71
N LYS M 447 27.01 29.70 -38.41
CA LYS M 447 26.66 29.19 -39.73
C LYS M 447 25.43 28.28 -39.69
N ARG M 448 25.51 27.22 -38.88
CA ARG M 448 24.41 26.26 -38.79
C ARG M 448 23.19 26.83 -38.08
N ALA M 449 23.38 27.94 -37.38
CA ALA M 449 22.29 28.59 -36.65
C ALA M 449 21.47 29.48 -37.58
N LEU M 450 22.15 30.17 -38.49
CA LEU M 450 21.48 31.01 -39.47
C LEU M 450 20.78 30.15 -40.52
N CYS M 451 21.13 28.87 -40.54
CA CYS M 451 20.52 27.91 -41.44
C CYS M 451 19.13 27.51 -40.96
N TYR M 452 18.90 27.65 -39.66
CA TYR M 452 17.64 27.23 -39.05
C TYR M 452 16.39 28.03 -39.49
N PRO M 453 16.43 29.38 -39.45
CA PRO M 453 15.19 30.12 -39.73
C PRO M 453 14.58 29.85 -41.11
N ILE M 454 15.40 29.76 -42.14
CA ILE M 454 14.89 29.48 -43.48
C ILE M 454 14.34 28.07 -43.54
N LYS M 455 14.89 27.18 -42.72
CA LYS M 455 14.45 25.79 -42.69
C LYS M 455 13.06 25.69 -42.07
N LEU M 456 12.84 26.38 -40.96
CA LEU M 456 11.55 26.36 -40.29
C LEU M 456 10.45 27.01 -41.14
N ILE M 457 10.81 28.05 -41.88
CA ILE M 457 9.87 28.73 -42.75
C ILE M 457 9.39 27.80 -43.86
N ALA M 458 10.33 27.14 -44.52
CA ALA M 458 10.01 26.23 -45.62
C ALA M 458 9.31 24.97 -45.13
N GLN M 459 9.81 24.41 -44.03
CA GLN M 459 9.27 23.17 -43.48
C GLN M 459 7.82 23.30 -43.04
N ASN M 460 7.55 24.28 -42.18
CA ASN M 460 6.21 24.47 -41.64
C ASN M 460 5.25 25.00 -42.70
N ALA M 461 5.79 25.43 -43.83
CA ALA M 461 4.97 25.83 -44.97
C ALA M 461 4.43 24.60 -45.69
N GLY M 462 5.25 23.55 -45.72
CA GLY M 462 4.85 22.29 -46.32
C GLY M 462 5.78 21.80 -47.42
N VAL M 463 7.06 22.15 -47.31
CA VAL M 463 8.05 21.74 -48.30
C VAL M 463 9.42 21.54 -47.65
N ASN M 464 10.23 20.64 -48.23
CA ASN M 464 11.57 20.38 -47.73
C ASN M 464 12.45 21.62 -47.75
N GLY M 465 13.03 21.95 -46.59
CA GLY M 465 13.88 23.12 -46.47
C GLY M 465 15.29 22.86 -46.98
N SER M 466 15.65 21.59 -47.06
CA SER M 466 16.99 21.21 -47.51
C SER M 466 17.18 21.49 -49.00
N VAL M 467 16.19 21.12 -49.80
CA VAL M 467 16.27 21.32 -51.24
C VAL M 467 16.18 22.81 -51.58
N VAL M 468 15.43 23.55 -50.76
CA VAL M 468 15.30 24.99 -50.94
C VAL M 468 16.63 25.70 -50.66
N MET M 469 17.25 25.33 -49.54
CA MET M 469 18.55 25.88 -49.17
C MET M 469 19.59 25.56 -50.25
N ASN M 470 19.51 24.36 -50.79
CA ASN M 470 20.42 23.92 -51.85
C ASN M 470 20.29 24.77 -53.11
N GLU M 471 19.07 24.92 -53.58
CA GLU M 471 18.78 25.65 -54.81
C GLU M 471 19.20 27.12 -54.73
N VAL M 472 19.06 27.70 -53.55
CA VAL M 472 19.40 29.11 -53.34
C VAL M 472 20.90 29.30 -53.19
N MET M 473 21.54 28.43 -52.42
CA MET M 473 22.95 28.57 -52.11
C MET M 473 23.86 28.15 -53.27
N LYS M 474 23.53 27.03 -53.91
CA LYS M 474 24.32 26.53 -55.03
C LYS M 474 24.28 27.51 -56.20
N ASN M 475 23.14 28.14 -56.39
CA ASN M 475 23.01 29.19 -57.40
C ASN M 475 23.73 30.46 -56.96
N LEU M 476 23.79 31.44 -57.86
CA LEU M 476 24.45 32.70 -57.56
C LEU M 476 23.77 33.42 -56.40
N ASP M 477 24.57 33.91 -55.47
CA ASP M 477 24.04 34.54 -54.26
C ASP M 477 23.98 36.05 -54.39
N ARG M 478 24.27 36.57 -55.57
CA ARG M 478 24.34 38.01 -55.79
C ARG M 478 23.15 38.60 -56.57
N PRO M 479 22.71 37.97 -57.67
CA PRO M 479 21.58 38.56 -58.40
C PRO M 479 20.23 38.44 -57.68
N HIS M 480 20.23 38.61 -56.37
CA HIS M 480 19.00 38.60 -55.57
C HIS M 480 18.15 37.35 -55.75
N TYR M 481 18.79 36.22 -56.02
CA TYR M 481 18.08 34.94 -56.12
C TYR M 481 17.48 34.58 -54.76
N GLY M 482 16.27 34.02 -54.79
CA GLY M 482 15.59 33.65 -53.56
C GLY M 482 14.45 32.66 -53.79
N TYR M 483 13.71 32.39 -52.73
CA TYR M 483 12.59 31.45 -52.79
C TYR M 483 11.39 31.98 -52.02
N ASN M 484 10.39 32.44 -52.76
CA ASN M 484 9.17 32.94 -52.14
C ASN M 484 8.27 31.80 -51.71
N ALA M 485 8.17 31.58 -50.41
CA ALA M 485 7.37 30.50 -49.85
C ALA M 485 5.88 30.76 -50.04
N ALA M 486 5.52 32.01 -50.35
CA ALA M 486 4.13 32.37 -50.55
C ALA M 486 3.63 31.87 -51.90
N THR M 487 4.55 31.64 -52.84
CA THR M 487 4.18 31.19 -54.17
C THR M 487 4.85 29.86 -54.55
N ASP M 488 5.87 29.49 -53.79
CA ASP M 488 6.64 28.27 -54.05
C ASP M 488 7.19 28.28 -55.48
N SER M 489 8.20 29.11 -55.71
CA SER M 489 8.82 29.22 -57.02
C SER M 489 10.14 29.98 -56.95
N PHE M 490 11.03 29.69 -57.89
CA PHE M 490 12.30 30.40 -57.98
C PHE M 490 12.06 31.82 -58.50
N GLU M 491 12.26 32.80 -57.62
CA GLU M 491 12.00 34.19 -57.95
C GLU M 491 12.95 35.14 -57.23
N ASN M 492 13.27 36.26 -57.87
CA ASN M 492 14.08 37.29 -57.23
C ASN M 492 13.25 38.05 -56.20
N LEU M 493 13.76 38.10 -54.97
CA LEU M 493 13.01 38.65 -53.85
C LEU M 493 12.75 40.14 -53.98
N MET M 494 13.60 40.83 -54.74
CA MET M 494 13.48 42.28 -54.87
C MET M 494 12.34 42.68 -55.82
N GLU M 495 12.31 42.06 -57.00
CA GLU M 495 11.32 42.42 -58.02
C GLU M 495 9.92 41.87 -57.70
N THR M 496 9.87 40.76 -56.98
CA THR M 496 8.59 40.15 -56.62
C THR M 496 7.86 40.98 -55.56
N GLY M 497 8.54 41.25 -54.44
CA GLY M 497 7.96 42.07 -53.41
C GLY M 497 8.02 41.46 -52.02
N ILE M 498 9.06 40.68 -51.77
CA ILE M 498 9.27 40.08 -50.45
C ILE M 498 10.54 40.66 -49.84
N ILE M 499 10.37 41.71 -49.05
CA ILE M 499 11.51 42.45 -48.52
C ILE M 499 11.43 42.63 -47.00
N ASP M 500 12.58 42.53 -46.34
CA ASP M 500 12.68 42.76 -44.90
C ASP M 500 13.58 43.96 -44.61
N PRO M 501 13.22 44.77 -43.60
CA PRO M 501 14.05 45.90 -43.18
C PRO M 501 15.36 45.43 -42.56
N SER M 502 16.45 46.16 -42.80
CA SER M 502 17.76 45.75 -42.33
C SER M 502 17.92 45.94 -40.83
N LYS M 503 17.16 46.87 -40.26
CA LYS M 503 17.23 47.14 -38.83
C LYS M 503 16.70 45.97 -38.01
N VAL M 504 15.67 45.33 -38.53
CA VAL M 504 15.08 44.16 -37.87
C VAL M 504 16.07 42.99 -37.86
N VAL M 505 16.66 42.72 -39.02
CA VAL M 505 17.64 41.64 -39.15
C VAL M 505 18.83 41.87 -38.24
N ARG M 506 19.30 43.12 -38.18
CA ARG M 506 20.46 43.46 -37.38
C ARG M 506 20.20 43.30 -35.88
N CYS M 507 19.16 43.96 -35.39
CA CYS M 507 18.85 43.97 -33.97
C CYS M 507 18.48 42.59 -33.44
N SER M 508 17.71 41.84 -34.22
CA SER M 508 17.31 40.50 -33.84
C SER M 508 18.54 39.59 -33.76
N MET M 509 19.48 39.82 -34.66
CA MET M 509 20.70 39.02 -34.72
C MET M 509 21.61 39.36 -33.56
N GLU M 510 21.83 40.65 -33.33
CA GLU M 510 22.69 41.11 -32.25
C GLU M 510 22.15 40.73 -30.88
N ASN M 511 20.85 40.89 -30.69
CA ASN M 511 20.22 40.56 -29.41
C ASN M 511 20.21 39.05 -29.15
N ALA M 512 20.09 38.27 -30.22
CA ALA M 512 20.10 36.81 -30.11
C ALA M 512 21.46 36.32 -29.64
N VAL M 513 22.51 36.94 -30.16
CA VAL M 513 23.87 36.62 -29.75
C VAL M 513 24.13 37.12 -28.34
N SER M 514 23.55 38.28 -28.02
CA SER M 514 23.72 38.89 -26.70
C SER M 514 23.17 38.01 -25.58
N VAL M 515 21.99 37.43 -25.79
CA VAL M 515 21.40 36.57 -24.77
C VAL M 515 22.02 35.18 -24.79
N ALA M 516 22.46 34.75 -25.98
CA ALA M 516 23.18 33.48 -26.08
C ALA M 516 24.57 33.62 -25.48
N LYS M 517 25.06 34.86 -25.44
CA LYS M 517 26.32 35.17 -24.78
C LYS M 517 26.19 34.93 -23.28
N THR M 518 25.15 35.50 -22.69
CA THR M 518 24.92 35.41 -21.26
C THR M 518 24.17 34.14 -20.90
N PHE M 519 24.11 33.20 -21.84
CA PHE M 519 23.45 31.91 -21.60
C PHE M 519 24.47 30.80 -21.47
N LEU M 520 25.34 30.67 -22.47
CA LEU M 520 26.37 29.64 -22.47
C LEU M 520 27.50 29.99 -21.50
N LEU M 521 27.60 31.27 -21.16
CA LEU M 521 28.62 31.73 -20.21
C LEU M 521 28.22 31.38 -18.79
N ALA M 522 26.92 31.19 -18.58
CA ALA M 522 26.40 30.83 -17.26
C ALA M 522 26.77 29.40 -16.89
N ASP M 523 26.97 29.16 -15.60
CA ASP M 523 27.36 27.84 -15.13
C ASP M 523 26.58 27.45 -13.86
N VAL M 524 26.05 28.45 -13.16
CA VAL M 524 25.26 28.21 -11.96
C VAL M 524 23.97 29.04 -11.97
N VAL M 525 22.84 28.38 -11.73
CA VAL M 525 21.55 29.04 -11.70
C VAL M 525 20.84 28.82 -10.35
N VAL M 526 20.31 29.90 -9.78
CA VAL M 526 19.59 29.80 -8.52
C VAL M 526 18.11 30.12 -8.71
N THR M 527 17.29 29.73 -7.73
CA THR M 527 15.84 29.91 -7.81
C THR M 527 15.20 29.79 -6.44
N GLU M 528 14.38 30.78 -6.07
CA GLU M 528 13.65 30.72 -4.81
C GLU M 528 12.49 29.72 -4.92
N LEU M 529 12.37 28.86 -3.93
CA LEU M 529 11.34 27.81 -3.94
C LEU M 529 10.15 28.17 -3.06
N LYS M 530 9.14 27.31 -3.09
CA LYS M 530 7.91 27.53 -2.32
C LYS M 530 8.15 27.49 -0.81
N GLU M 531 8.56 26.33 -0.32
CA GLU M 531 8.75 26.12 1.11
C GLU M 531 10.10 26.64 1.59
N GLU N 4 11.90 22.71 21.21
CA GLU N 4 11.94 23.72 20.17
C GLU N 4 13.38 24.02 19.74
N LEU N 5 14.30 23.21 20.23
CA LEU N 5 15.72 23.32 19.86
C LEU N 5 16.26 21.97 19.41
N HIS N 6 16.87 21.94 18.23
CA HIS N 6 17.42 20.72 17.68
C HIS N 6 18.90 20.60 18.01
N PHE N 7 19.38 19.37 18.17
CA PHE N 7 20.77 19.13 18.57
C PHE N 7 21.59 18.45 17.47
N ASN N 8 22.77 18.98 17.19
CA ASN N 8 23.68 18.39 16.21
C ASN N 8 25.08 18.24 16.79
N LYS N 9 25.57 17.01 16.85
CA LYS N 9 26.85 16.74 17.48
C LYS N 9 27.75 15.83 16.65
N ASP N 10 28.94 15.56 17.20
CA ASP N 10 29.91 14.64 16.63
C ASP N 10 30.55 15.14 15.33
N MET N 11 31.24 14.23 14.65
CA MET N 11 32.04 14.55 13.46
C MET N 11 31.21 14.91 12.25
N GLN N 12 30.04 14.28 12.13
CA GLN N 12 29.19 14.47 10.95
C GLN N 12 28.44 15.81 10.97
N ALA N 13 28.20 16.35 12.16
CA ALA N 13 27.52 17.63 12.28
C ALA N 13 28.37 18.75 11.70
N LEU N 14 29.68 18.61 11.84
CA LEU N 14 30.62 19.55 11.26
C LEU N 14 30.61 19.47 9.74
N LYS N 15 30.57 18.24 9.23
CA LYS N 15 30.57 17.99 7.79
C LYS N 15 29.32 18.55 7.12
N ARG N 16 28.24 18.65 7.89
CA ARG N 16 26.98 19.18 7.35
C ARG N 16 27.12 20.63 6.93
N MET N 17 27.54 21.48 7.88
CA MET N 17 27.72 22.89 7.58
C MET N 17 28.98 23.11 6.75
N GLN N 18 29.88 22.15 6.76
CA GLN N 18 31.06 22.21 5.91
C GLN N 18 30.66 22.08 4.46
N ALA N 19 29.66 21.24 4.21
CA ALA N 19 29.13 21.03 2.87
C ALA N 19 28.42 22.29 2.37
N GLY N 20 27.71 22.97 3.27
CA GLY N 20 27.02 24.20 2.93
C GLY N 20 28.00 25.28 2.58
N VAL N 21 29.10 25.32 3.34
CA VAL N 21 30.21 26.21 3.04
C VAL N 21 30.81 25.88 1.67
N ASP N 22 31.01 24.59 1.42
CA ASP N 22 31.57 24.13 0.16
C ASP N 22 30.68 24.47 -1.02
N LYS N 23 29.37 24.48 -0.79
CA LYS N 23 28.41 24.82 -1.84
C LYS N 23 28.43 26.32 -2.13
N LEU N 24 28.64 27.12 -1.08
CA LEU N 24 28.72 28.56 -1.24
C LEU N 24 30.00 28.94 -1.99
N ALA N 25 31.08 28.24 -1.70
CA ALA N 25 32.35 28.50 -2.36
C ALA N 25 32.38 27.91 -3.77
N THR N 26 31.41 27.05 -4.06
CA THR N 26 31.33 26.43 -5.38
C THR N 26 30.74 27.41 -6.40
N VAL N 27 29.74 28.18 -5.98
CA VAL N 27 29.07 29.13 -6.87
C VAL N 27 29.87 30.44 -6.99
N VAL N 28 30.43 30.90 -5.86
CA VAL N 28 31.27 32.08 -5.88
C VAL N 28 32.61 31.71 -6.53
N GLY N 29 32.92 30.42 -6.50
CA GLY N 29 34.15 29.92 -7.08
C GLY N 29 34.20 30.00 -8.60
N VAL N 30 33.07 29.78 -9.24
CA VAL N 30 32.98 29.85 -10.69
C VAL N 30 32.83 31.29 -11.15
N THR N 31 32.68 32.19 -10.17
CA THR N 31 32.57 33.62 -10.43
C THR N 31 33.94 34.25 -10.56
N ILE N 32 34.89 33.76 -9.77
CA ILE N 32 36.24 34.33 -9.72
C ILE N 32 36.97 34.19 -11.05
N GLY N 33 38.00 34.99 -11.24
CA GLY N 33 38.81 34.94 -12.44
C GLY N 33 38.36 35.93 -13.49
N PRO N 34 39.30 36.40 -14.31
CA PRO N 34 39.00 37.32 -15.42
C PRO N 34 38.02 36.71 -16.41
N LYS N 35 38.13 35.40 -16.63
CA LYS N 35 37.18 34.67 -17.46
C LYS N 35 36.10 34.04 -16.59
N GLY N 36 35.57 34.82 -15.64
CA GLY N 36 34.56 34.35 -14.73
C GLY N 36 33.25 34.00 -15.43
N ARG N 37 32.42 33.21 -14.76
CA ARG N 37 31.16 32.78 -15.35
C ARG N 37 29.98 33.56 -14.77
N ASN N 38 28.91 33.65 -15.54
CA ASN N 38 27.71 34.35 -15.08
C ASN N 38 26.85 33.46 -14.20
N VAL N 39 26.19 34.07 -13.22
CA VAL N 39 25.28 33.34 -12.35
C VAL N 39 23.88 33.92 -12.47
N VAL N 40 22.95 33.11 -12.98
CA VAL N 40 21.59 33.57 -13.25
C VAL N 40 20.70 33.50 -12.02
N LEU N 41 20.23 34.66 -11.56
CA LEU N 41 19.36 34.74 -10.39
C LEU N 41 17.91 34.92 -10.79
N GLU N 42 17.01 34.26 -10.05
CA GLU N 42 15.59 34.43 -10.26
C GLU N 42 15.15 35.78 -9.70
N SER N 43 14.38 36.52 -10.49
CA SER N 43 13.92 37.84 -10.07
C SER N 43 12.80 37.73 -9.04
N LYS N 44 12.64 38.78 -8.24
CA LYS N 44 11.55 38.85 -7.28
C LYS N 44 10.21 38.94 -8.02
N PHE N 45 10.22 39.56 -9.19
CA PHE N 45 9.03 39.69 -10.02
C PHE N 45 9.39 40.17 -11.43
N GLY N 46 9.56 39.23 -12.35
CA GLY N 46 9.82 39.59 -13.74
C GLY N 46 11.05 38.94 -14.35
N ALA N 47 11.77 39.72 -15.16
CA ALA N 47 12.92 39.22 -15.90
C ALA N 47 14.12 38.95 -14.99
N PRO N 48 14.86 37.86 -15.26
CA PRO N 48 15.99 37.40 -14.44
C PRO N 48 17.10 38.43 -14.28
N LYS N 49 18.08 38.11 -13.45
CA LYS N 49 19.22 39.00 -13.20
C LYS N 49 20.54 38.25 -13.26
N ILE N 50 21.35 38.54 -14.27
CA ILE N 50 22.65 37.90 -14.42
C ILE N 50 23.72 38.61 -13.61
N VAL N 51 24.61 37.84 -13.00
CA VAL N 51 25.62 38.40 -12.09
C VAL N 51 27.02 37.88 -12.40
N ASN N 52 27.98 38.80 -12.54
CA ASN N 52 29.38 38.44 -12.71
C ASN N 52 30.18 38.74 -11.45
N ASP N 53 29.50 39.33 -10.47
CA ASP N 53 30.12 39.71 -9.20
C ASP N 53 29.99 38.59 -8.17
N GLY N 54 30.80 38.68 -7.11
CA GLY N 54 30.74 37.71 -6.05
C GLY N 54 30.01 38.25 -4.83
N VAL N 55 29.84 39.56 -4.79
CA VAL N 55 29.17 40.21 -3.67
C VAL N 55 27.66 39.93 -3.69
N THR N 56 27.04 40.13 -4.85
CA THR N 56 25.60 39.92 -5.01
C THR N 56 25.22 38.47 -4.74
N ILE N 57 26.07 37.55 -5.19
CA ILE N 57 25.81 36.13 -4.99
C ILE N 57 25.86 35.77 -3.52
N ALA N 58 26.89 36.25 -2.82
CA ALA N 58 27.06 35.96 -1.40
C ALA N 58 25.93 36.55 -0.56
N ARG N 59 25.28 37.57 -1.09
CA ARG N 59 24.16 38.22 -0.40
C ARG N 59 22.88 37.39 -0.50
N GLU N 60 22.69 36.73 -1.62
CA GLU N 60 21.44 36.05 -1.92
C GLU N 60 21.39 34.59 -1.45
N VAL N 61 22.54 33.95 -1.40
CA VAL N 61 22.60 32.52 -1.10
C VAL N 61 22.22 32.18 0.33
N GLU N 62 21.34 31.19 0.47
CA GLU N 62 20.94 30.65 1.77
C GLU N 62 20.23 29.32 1.56
N LEU N 63 20.88 28.24 2.00
CA LEU N 63 20.38 26.89 1.74
C LEU N 63 19.23 26.52 2.67
N SER N 64 18.55 25.41 2.35
CA SER N 64 17.40 24.96 3.12
C SER N 64 17.82 24.41 4.47
N ASP N 65 18.68 23.39 4.45
CA ASP N 65 19.16 22.74 5.67
C ASP N 65 19.84 23.75 6.59
N PRO N 66 19.21 24.03 7.74
CA PRO N 66 19.61 25.09 8.68
C PRO N 66 21.08 25.03 9.10
N VAL N 67 21.62 23.84 9.32
CA VAL N 67 23.01 23.72 9.73
C VAL N 67 23.96 24.14 8.62
N GLU N 68 23.70 23.69 7.40
CA GLU N 68 24.56 24.05 6.27
C GLU N 68 24.24 25.46 5.79
N ASN N 69 23.15 26.02 6.30
CA ASN N 69 22.78 27.40 6.02
C ASN N 69 23.57 28.37 6.91
N ILE N 70 23.62 28.07 8.20
CA ILE N 70 24.34 28.91 9.14
C ILE N 70 25.84 28.75 8.96
N GLY N 71 26.25 27.65 8.33
CA GLY N 71 27.63 27.42 8.00
C GLY N 71 28.04 28.31 6.85
N ALA N 72 27.21 28.33 5.81
CA ALA N 72 27.44 29.19 4.65
C ALA N 72 27.30 30.66 5.04
N THR N 73 26.39 30.94 5.98
CA THR N 73 26.20 32.28 6.49
C THR N 73 27.42 32.74 7.28
N LEU N 74 28.07 31.78 7.94
CA LEU N 74 29.24 32.09 8.76
C LEU N 74 30.41 32.54 7.89
N VAL N 75 30.47 32.02 6.68
CA VAL N 75 31.48 32.43 5.71
C VAL N 75 31.09 33.77 5.09
N ARG N 76 29.79 33.96 4.88
CA ARG N 76 29.24 35.22 4.36
C ARG N 76 29.64 36.39 5.26
N GLN N 77 29.76 36.13 6.55
CA GLN N 77 30.21 37.14 7.50
C GLN N 77 31.61 37.61 7.14
N ALA N 78 32.52 36.67 6.94
CA ALA N 78 33.90 36.99 6.56
C ALA N 78 33.94 37.70 5.21
N ALA N 79 33.08 37.26 4.30
CA ALA N 79 33.01 37.85 2.97
C ALA N 79 32.50 39.28 3.02
N ALA N 80 31.42 39.49 3.78
CA ALA N 80 30.85 40.82 3.93
C ALA N 80 31.75 41.73 4.74
N ARG N 81 32.38 41.17 5.77
CA ARG N 81 33.28 41.96 6.62
C ARG N 81 34.51 42.42 5.84
N THR N 82 35.04 41.54 5.00
CA THR N 82 36.17 41.88 4.14
C THR N 82 35.77 42.96 3.13
N ASN N 83 34.53 42.88 2.66
CA ASN N 83 34.03 43.81 1.67
C ASN N 83 33.91 45.24 2.20
N ASP N 84 33.38 45.39 3.41
CA ASP N 84 33.18 46.72 3.97
C ASP N 84 34.36 47.20 4.81
N THR N 85 35.51 46.53 4.65
CA THR N 85 36.72 46.94 5.35
C THR N 85 37.87 47.11 4.36
N ALA N 86 37.65 46.66 3.12
CA ALA N 86 38.68 46.75 2.08
C ALA N 86 38.09 47.33 0.80
N GLY N 87 36.85 46.98 0.50
CA GLY N 87 36.18 47.46 -0.69
C GLY N 87 36.08 46.40 -1.77
N ASP N 88 36.82 45.32 -1.61
CA ASP N 88 36.84 44.24 -2.59
C ASP N 88 37.40 42.96 -1.98
N GLY N 89 37.30 41.86 -2.73
CA GLY N 89 37.88 40.60 -2.29
C GLY N 89 36.90 39.66 -1.63
N THR N 90 35.63 39.75 -2.03
CA THR N 90 34.60 38.87 -1.50
C THR N 90 34.79 37.45 -2.01
N THR N 91 35.11 37.32 -3.29
CA THR N 91 35.35 36.03 -3.90
C THR N 91 36.58 35.36 -3.30
N THR N 92 37.64 36.16 -3.10
CA THR N 92 38.89 35.66 -2.54
C THR N 92 38.70 35.21 -1.10
N ALA N 93 37.92 35.97 -0.34
CA ALA N 93 37.68 35.66 1.07
C ALA N 93 36.89 34.36 1.23
N THR N 94 35.90 34.15 0.35
CA THR N 94 35.05 32.98 0.42
C THR N 94 35.82 31.70 0.10
N VAL N 95 36.53 31.70 -1.03
CA VAL N 95 37.25 30.52 -1.48
C VAL N 95 38.39 30.17 -0.51
N LEU N 96 39.00 31.18 0.09
CA LEU N 96 40.06 30.97 1.05
C LEU N 96 39.51 30.42 2.36
N SER N 97 38.37 30.96 2.79
CA SER N 97 37.71 30.50 3.99
C SER N 97 37.36 29.02 3.91
N ALA N 98 36.76 28.63 2.79
CA ALA N 98 36.40 27.24 2.56
C ALA N 98 37.64 26.38 2.37
N ALA N 99 38.70 26.99 1.86
CA ALA N 99 39.97 26.29 1.68
C ALA N 99 40.57 25.89 3.01
N PHE N 100 40.57 26.84 3.96
CA PHE N 100 41.05 26.57 5.31
C PHE N 100 40.17 25.53 6.00
N ILE N 101 38.88 25.58 5.70
CA ILE N 101 37.91 24.64 6.28
C ILE N 101 38.06 23.25 5.68
N ALA N 102 38.14 23.18 4.36
CA ALA N 102 38.25 21.90 3.66
C ALA N 102 39.51 21.13 4.06
N GLU N 103 40.66 21.77 3.91
CA GLU N 103 41.94 21.17 4.28
C GLU N 103 42.04 20.98 5.79
N GLY N 104 41.29 21.80 6.53
CA GLY N 104 41.26 21.71 7.98
C GLY N 104 40.61 20.42 8.42
N MET N 105 39.36 20.24 8.00
CA MET N 105 38.60 19.03 8.32
C MET N 105 39.26 17.79 7.71
N LYS N 106 40.01 17.99 6.64
CA LYS N 106 40.73 16.91 5.97
C LYS N 106 41.79 16.32 6.89
N ILE N 107 42.33 17.16 7.76
CA ILE N 107 43.34 16.74 8.74
C ILE N 107 42.71 16.42 10.08
N VAL N 108 41.68 17.17 10.46
CA VAL N 108 40.96 16.94 11.70
C VAL N 108 40.36 15.54 11.74
N SER N 109 39.97 15.05 10.56
CA SER N 109 39.39 13.72 10.43
C SER N 109 40.35 12.61 10.88
N ALA N 110 41.62 12.94 11.01
CA ALA N 110 42.62 11.99 11.48
C ALA N 110 42.80 12.06 12.99
N GLY N 111 41.77 12.56 13.68
CA GLY N 111 41.79 12.65 15.13
C GLY N 111 42.83 13.62 15.66
N THR N 112 43.10 14.68 14.91
CA THR N 112 44.12 15.65 15.29
C THR N 112 43.51 16.73 16.20
N ASN N 113 44.27 17.13 17.22
CA ASN N 113 43.83 18.15 18.16
C ASN N 113 43.52 19.47 17.48
N PRO N 114 42.25 19.90 17.54
CA PRO N 114 41.78 21.13 16.89
C PRO N 114 42.45 22.38 17.46
N VAL N 115 42.71 22.39 18.76
CA VAL N 115 43.29 23.56 19.42
C VAL N 115 44.69 23.87 18.91
N GLN N 116 45.50 22.84 18.71
CA GLN N 116 46.86 23.01 18.23
C GLN N 116 46.89 23.35 16.75
N LEU N 117 45.90 22.85 16.01
CA LEU N 117 45.79 23.12 14.59
C LEU N 117 45.47 24.59 14.33
N VAL N 118 44.43 25.10 14.99
CA VAL N 118 44.02 26.49 14.81
C VAL N 118 45.10 27.44 15.34
N ARG N 119 45.84 26.99 16.35
CA ARG N 119 46.97 27.76 16.85
C ARG N 119 48.05 27.88 15.79
N GLY N 120 48.26 26.78 15.06
CA GLY N 120 49.21 26.77 13.96
C GLY N 120 48.74 27.64 12.82
N MET N 121 47.43 27.67 12.59
CA MET N 121 46.85 28.47 11.53
C MET N 121 46.95 29.97 11.83
N GLU N 122 46.59 30.34 13.05
CA GLU N 122 46.62 31.74 13.47
C GLU N 122 48.00 32.35 13.36
N LYS N 123 49.00 31.63 13.86
CA LYS N 123 50.36 32.13 13.87
C LYS N 123 50.97 32.14 12.48
N THR N 124 50.61 31.16 11.65
CA THR N 124 51.14 31.07 10.30
C THR N 124 50.65 32.22 9.43
N VAL N 125 49.35 32.50 9.50
CA VAL N 125 48.77 33.57 8.71
C VAL N 125 49.19 34.94 9.24
N GLN N 126 49.43 35.03 10.54
CA GLN N 126 49.83 36.30 11.15
C GLN N 126 51.25 36.66 10.74
N GLU N 127 52.12 35.66 10.68
CA GLU N 127 53.49 35.87 10.21
C GLU N 127 53.52 36.04 8.70
N LEU N 128 52.48 35.56 8.04
CA LEU N 128 52.35 35.73 6.60
C LEU N 128 51.78 37.11 6.28
N VAL N 129 51.11 37.71 7.25
CA VAL N 129 50.67 39.10 7.14
C VAL N 129 51.88 40.01 7.31
N LYS N 130 52.74 39.65 8.26
CA LYS N 130 54.01 40.35 8.46
C LYS N 130 54.91 40.13 7.24
N GLU N 131 54.67 39.03 6.54
CA GLU N 131 55.39 38.73 5.30
C GLU N 131 54.74 39.45 4.13
N LEU N 132 53.44 39.66 4.21
CA LEU N 132 52.70 40.36 3.15
C LEU N 132 53.10 41.82 3.08
N ARG N 133 53.42 42.42 4.23
CA ARG N 133 53.87 43.81 4.27
C ARG N 133 55.24 43.95 3.61
N LYS N 134 55.97 42.85 3.52
CA LYS N 134 57.24 42.81 2.82
C LYS N 134 57.02 42.65 1.32
N MET N 135 56.06 41.81 0.95
CA MET N 135 55.72 41.57 -0.44
C MET N 135 55.09 42.78 -1.10
N SER N 136 54.62 43.71 -0.29
CA SER N 136 53.91 44.89 -0.80
C SER N 136 54.86 45.91 -1.40
N SER N 137 54.40 46.57 -2.47
CA SER N 137 55.14 47.66 -3.10
C SER N 137 54.50 49.00 -2.73
N VAL N 138 55.35 49.98 -2.42
CA VAL N 138 54.85 51.26 -1.94
C VAL N 138 54.87 52.34 -3.03
N VAL N 139 53.87 53.21 -3.01
CA VAL N 139 53.81 54.35 -3.90
C VAL N 139 54.02 55.65 -3.13
N GLN N 140 54.97 56.47 -3.58
CA GLN N 140 55.31 57.69 -2.86
C GLN N 140 55.33 58.93 -3.75
N THR N 141 55.27 58.72 -5.06
CA THR N 141 55.25 59.82 -6.01
C THR N 141 53.91 59.91 -6.72
N ASP N 142 53.45 61.14 -6.95
CA ASP N 142 52.15 61.37 -7.56
C ASP N 142 52.09 60.95 -9.03
N LYS N 143 53.25 60.78 -9.64
CA LYS N 143 53.32 60.38 -11.04
C LYS N 143 53.28 58.86 -11.17
N ASP N 144 53.87 58.16 -10.21
CA ASP N 144 53.74 56.71 -10.15
C ASP N 144 52.36 56.38 -9.61
N LEU N 145 51.84 57.28 -8.78
CA LEU N 145 50.47 57.18 -8.29
C LEU N 145 49.52 57.32 -9.47
N ALA N 146 49.90 58.16 -10.42
CA ALA N 146 49.13 58.37 -11.64
C ALA N 146 49.12 57.11 -12.50
N ASN N 147 50.27 56.44 -12.54
CA ASN N 147 50.42 55.22 -13.33
C ASN N 147 49.67 54.06 -12.70
N VAL N 148 49.64 54.03 -11.38
CA VAL N 148 48.90 53.01 -10.65
C VAL N 148 47.39 53.25 -10.76
N ALA N 149 46.98 54.51 -10.64
CA ALA N 149 45.57 54.86 -10.68
C ALA N 149 44.96 54.65 -12.07
N CYS N 150 45.74 54.91 -13.10
CA CYS N 150 45.24 54.79 -14.48
C CYS N 150 45.12 53.33 -14.90
N VAL N 151 46.02 52.48 -14.40
CA VAL N 151 45.98 51.07 -14.70
C VAL N 151 44.89 50.36 -13.90
N SER N 152 44.77 50.73 -12.62
CA SER N 152 43.74 50.17 -11.76
C SER N 152 42.35 50.54 -12.29
N ALA N 153 42.26 51.69 -12.95
CA ALA N 153 41.03 52.12 -13.58
C ALA N 153 40.79 51.29 -14.84
N GLY N 154 39.52 51.21 -15.26
CA GLY N 154 39.14 50.40 -16.40
C GLY N 154 39.61 50.94 -17.74
N GLY N 155 40.38 50.12 -18.46
CA GLY N 155 40.80 50.46 -19.80
C GLY N 155 41.78 51.62 -19.88
N ASN N 156 41.38 52.68 -20.58
CA ASN N 156 42.24 53.82 -20.83
C ASN N 156 42.57 54.61 -19.56
N THR N 157 43.46 55.59 -19.70
CA THR N 157 44.04 56.28 -18.56
C THR N 157 43.31 57.56 -18.16
N ASP N 158 43.11 58.45 -19.14
CA ASP N 158 42.62 59.83 -18.93
C ASP N 158 41.82 60.10 -17.66
N ILE N 159 40.83 59.27 -17.37
CA ILE N 159 40.01 59.48 -16.18
C ILE N 159 40.75 59.08 -14.91
N GLY N 160 41.57 58.04 -15.01
CA GLY N 160 42.41 57.64 -13.88
C GLY N 160 43.54 58.63 -13.71
N SER N 161 43.85 59.33 -14.81
CA SER N 161 44.84 60.39 -14.79
C SER N 161 44.24 61.67 -14.20
N LEU N 162 42.91 61.68 -14.08
CA LEU N 162 42.21 62.81 -13.47
C LEU N 162 42.10 62.62 -11.96
N ILE N 163 41.81 61.39 -11.54
CA ILE N 163 41.74 61.04 -10.13
C ILE N 163 43.13 61.16 -9.49
N SER N 164 44.15 60.96 -10.32
CA SER N 164 45.54 61.04 -9.86
C SER N 164 45.87 62.42 -9.33
N ASP N 165 45.57 63.45 -10.13
CA ASP N 165 45.82 64.82 -9.71
C ASP N 165 44.77 65.28 -8.71
N ALA N 166 43.65 64.58 -8.66
CA ALA N 166 42.59 64.87 -7.71
C ALA N 166 43.04 64.53 -6.29
N MET N 167 43.88 63.50 -6.19
CA MET N 167 44.42 63.09 -4.90
C MET N 167 45.83 63.66 -4.72
N ALA N 168 46.43 64.13 -5.81
CA ALA N 168 47.73 64.79 -5.74
C ALA N 168 47.57 66.15 -5.05
N LYS N 169 46.37 66.69 -5.11
CA LYS N 169 46.06 67.96 -4.44
C LYS N 169 45.91 67.72 -2.94
N VAL N 170 44.94 66.90 -2.56
CA VAL N 170 44.74 66.53 -1.16
C VAL N 170 45.67 65.37 -0.80
N GLY N 171 46.77 65.70 -0.13
CA GLY N 171 47.83 64.76 0.16
C GLY N 171 47.41 63.48 0.87
N ARG N 172 47.03 63.59 2.13
CA ARG N 172 46.66 62.43 2.92
C ARG N 172 45.24 62.51 3.46
N THR N 173 44.94 61.66 4.44
CA THR N 173 43.67 61.63 5.18
C THR N 173 42.38 61.72 4.34
N GLY N 174 42.51 61.71 3.02
CA GLY N 174 41.37 61.82 2.14
C GLY N 174 40.68 63.17 2.26
N VAL N 175 39.44 63.27 1.80
CA VAL N 175 38.74 62.14 1.18
C VAL N 175 38.06 62.58 -0.12
N VAL N 176 38.23 61.79 -1.17
CA VAL N 176 37.68 62.13 -2.47
C VAL N 176 36.29 61.53 -2.70
N THR N 177 35.34 62.39 -3.05
CA THR N 177 33.99 61.96 -3.40
C THR N 177 33.66 62.42 -4.81
N MET N 178 32.93 61.59 -5.57
CA MET N 178 32.67 61.89 -6.96
C MET N 178 31.19 62.19 -7.24
N GLU N 179 30.94 62.79 -8.40
CA GLU N 179 29.58 63.07 -8.86
C GLU N 179 29.59 63.41 -10.34
N GLU N 180 28.48 63.17 -11.03
CA GLU N 180 28.41 63.43 -12.46
C GLU N 180 27.70 64.75 -12.76
N GLY N 181 27.71 65.15 -14.03
CA GLY N 181 27.06 66.39 -14.44
C GLY N 181 28.03 67.56 -14.43
N LYS N 182 27.75 68.57 -15.25
CA LYS N 182 26.58 68.55 -16.13
C LYS N 182 26.99 68.75 -17.59
N THR N 183 28.18 69.31 -17.79
CA THR N 183 28.72 69.54 -19.12
C THR N 183 30.01 68.75 -19.32
N ALA N 184 30.22 68.23 -20.52
CA ALA N 184 31.32 67.33 -20.81
C ALA N 184 32.70 67.99 -20.69
N GLU N 185 33.29 67.89 -19.50
CA GLU N 185 34.67 68.32 -19.25
C GLU N 185 35.22 67.61 -18.02
N ASP N 186 36.26 68.19 -17.42
CA ASP N 186 36.80 67.67 -16.17
C ASP N 186 36.81 68.78 -15.10
N GLN N 187 35.79 68.78 -14.27
CA GLN N 187 35.60 69.84 -13.28
C GLN N 187 36.03 69.40 -11.88
N LEU N 188 37.12 69.98 -11.38
CA LEU N 188 37.58 69.71 -10.02
C LEU N 188 37.10 70.81 -9.08
N VAL N 189 36.52 70.41 -7.96
CA VAL N 189 35.97 71.37 -6.99
C VAL N 189 36.39 71.01 -5.57
N PHE N 190 36.99 71.97 -4.87
CA PHE N 190 37.34 71.78 -3.46
C PHE N 190 36.54 72.74 -2.59
N VAL N 191 35.85 72.19 -1.58
CA VAL N 191 35.04 73.01 -0.69
C VAL N 191 35.17 72.55 0.76
N GLU N 192 34.41 73.18 1.64
CA GLU N 192 34.47 72.86 3.07
C GLU N 192 33.67 71.61 3.38
N GLY N 193 34.35 70.48 3.41
CA GLY N 193 33.72 69.21 3.71
C GLY N 193 34.45 68.40 4.77
N MET N 194 33.75 67.49 5.42
CA MET N 194 34.32 66.69 6.50
C MET N 194 33.79 65.26 6.48
N GLN N 195 34.45 64.37 7.22
CA GLN N 195 33.99 62.98 7.32
C GLN N 195 34.37 62.35 8.65
N PHE N 196 33.71 61.25 8.98
CA PHE N 196 34.00 60.50 10.19
C PHE N 196 33.86 58.99 9.94
N GLU N 197 34.49 58.18 10.79
CA GLU N 197 34.46 56.74 10.62
C GLU N 197 33.38 56.09 11.49
N ARG N 198 32.17 56.63 11.41
CA ARG N 198 31.02 56.07 12.11
C ARG N 198 29.89 55.83 11.11
N GLY N 199 29.02 54.88 11.40
CA GLY N 199 27.94 54.54 10.49
C GLY N 199 26.57 54.93 10.99
N TYR N 200 25.57 54.80 10.14
CA TYR N 200 24.20 55.10 10.50
C TYR N 200 23.65 54.05 11.46
N THR N 201 22.52 54.36 12.10
CA THR N 201 21.93 53.48 13.10
C THR N 201 21.38 52.19 12.50
N SER N 202 20.41 52.32 11.61
CA SER N 202 19.76 51.17 11.02
C SER N 202 19.97 51.09 9.50
N PRO N 203 20.17 49.87 8.98
CA PRO N 203 20.34 49.63 7.54
C PRO N 203 19.05 49.76 6.74
N TYR N 204 18.08 50.48 7.30
CA TYR N 204 16.79 50.67 6.63
C TYR N 204 16.66 52.09 6.09
N PHE N 205 17.68 52.91 6.34
CA PHE N 205 17.68 54.29 5.88
C PHE N 205 18.29 54.44 4.48
N VAL N 206 18.67 53.35 3.87
CA VAL N 206 19.35 53.36 2.57
C VAL N 206 18.48 54.04 1.51
N THR N 207 18.89 54.98 0.83
CA THR N 207 18.14 55.75 -0.16
C THR N 207 18.01 55.02 -1.48
N ASP N 208 19.13 54.61 -2.06
CA ASP N 208 19.11 53.98 -3.37
C ASP N 208 19.98 52.72 -3.45
N PRO N 209 19.36 51.55 -3.25
CA PRO N 209 20.00 50.24 -3.47
C PRO N 209 20.32 50.05 -4.96
N GLU N 210 21.27 49.17 -5.30
CA GLU N 210 21.96 48.30 -4.35
C GLU N 210 23.19 48.96 -3.74
N ARG N 211 23.34 50.26 -3.96
CA ARG N 211 24.45 51.00 -3.39
C ARG N 211 24.24 51.19 -1.88
N MET N 212 22.99 51.04 -1.45
CA MET N 212 22.56 51.20 -0.06
C MET N 212 23.26 52.34 0.69
N ILE N 213 23.48 53.44 -0.01
CA ILE N 213 24.11 54.63 0.55
C ILE N 213 23.13 55.80 0.57
N CYS N 214 22.91 56.35 1.76
CA CYS N 214 21.97 57.45 1.95
C CYS N 214 22.59 58.79 1.58
N GLU N 215 22.13 59.34 0.45
CA GLU N 215 22.56 60.65 -0.03
C GLU N 215 21.42 61.66 -0.06
N TYR N 216 21.70 62.96 0.51
CA TYR N 216 20.69 64.01 0.58
C TYR N 216 21.28 65.36 0.16
N GLU N 217 20.51 66.13 -0.59
CA GLU N 217 20.98 67.42 -1.09
C GLU N 217 20.22 68.58 -0.45
N ASN N 218 20.95 69.63 -0.09
CA ASN N 218 20.39 70.82 0.55
C ASN N 218 19.59 70.49 1.80
N CYS N 219 20.28 70.08 2.86
CA CYS N 219 19.63 69.68 4.10
C CYS N 219 20.31 70.26 5.32
N LYS N 220 19.54 70.49 6.39
CA LYS N 220 20.05 71.08 7.61
C LYS N 220 20.46 70.02 8.63
N ILE N 221 21.46 70.34 9.44
CA ILE N 221 22.03 69.38 10.38
C ILE N 221 21.65 69.71 11.83
N LEU N 222 21.73 68.71 12.71
CA LEU N 222 21.40 68.89 14.11
C LEU N 222 22.12 67.86 14.97
N LEU N 223 22.81 68.31 16.01
CA LEU N 223 23.59 67.40 16.84
C LEU N 223 23.69 67.83 18.31
N VAL N 224 23.62 66.84 19.19
CA VAL N 224 23.87 67.04 20.63
C VAL N 224 24.76 65.90 21.10
N ASP N 225 25.26 66.00 22.34
CA ASP N 225 26.17 64.97 22.86
C ASP N 225 25.42 63.91 23.66
N LYS N 226 24.35 64.30 24.32
CA LYS N 226 23.58 63.39 25.18
C LYS N 226 22.71 62.44 24.38
N LYS N 227 22.34 61.33 25.01
CA LYS N 227 21.46 60.35 24.39
C LYS N 227 20.04 60.90 24.22
N ILE N 228 19.35 60.44 23.19
CA ILE N 228 17.99 60.91 22.92
C ILE N 228 16.98 59.78 23.03
N SER N 229 15.86 60.05 23.70
CA SER N 229 14.80 59.08 23.88
C SER N 229 13.43 59.73 23.78
N THR N 230 13.34 60.97 24.26
CA THR N 230 12.11 61.74 24.16
C THR N 230 11.82 62.07 22.70
N ALA N 231 10.58 62.42 22.41
CA ALA N 231 10.15 62.62 21.02
C ALA N 231 9.54 64.00 20.79
N ARG N 232 8.87 64.54 21.80
CA ARG N 232 8.13 65.79 21.67
C ARG N 232 8.99 66.96 21.21
N ASP N 233 10.27 66.93 21.55
CA ASP N 233 11.19 67.97 21.11
C ASP N 233 11.45 67.83 19.61
N ILE N 234 11.51 66.59 19.14
CA ILE N 234 11.81 66.31 17.75
C ILE N 234 10.60 66.61 16.86
N ILE N 235 9.40 66.30 17.36
CA ILE N 235 8.18 66.54 16.59
C ILE N 235 7.91 68.04 16.42
N THR N 236 8.56 68.86 17.24
CA THR N 236 8.49 70.31 17.10
C THR N 236 9.48 70.75 16.03
N ILE N 237 10.61 70.07 15.96
CA ILE N 237 11.59 70.30 14.90
C ILE N 237 11.05 69.70 13.60
N LEU N 238 10.20 68.68 13.74
CA LEU N 238 9.49 68.10 12.61
C LEU N 238 8.57 69.16 12.00
N GLU N 239 7.94 69.94 12.88
CA GLU N 239 7.09 71.04 12.44
C GLU N 239 7.94 72.12 11.79
N SER N 240 9.19 72.20 12.20
CA SER N 240 10.16 73.10 11.59
C SER N 240 10.68 72.50 10.29
N ALA N 241 10.57 71.18 10.18
CA ALA N 241 10.94 70.47 8.96
C ALA N 241 9.79 70.47 7.97
N ILE N 242 8.58 70.69 8.48
CA ILE N 242 7.40 70.80 7.62
C ILE N 242 7.20 72.26 7.21
N ARG N 243 7.57 73.17 8.11
CA ARG N 243 7.58 74.61 7.83
C ARG N 243 8.37 74.89 6.55
N GLY N 244 9.54 74.26 6.46
CA GLY N 244 10.33 74.27 5.24
C GLY N 244 10.58 72.84 4.82
N ASN N 245 9.76 72.34 3.89
CA ASN N 245 9.80 70.94 3.47
C ASN N 245 11.19 70.50 3.03
N TYR N 246 12.06 70.25 4.01
CA TYR N 246 13.43 69.80 3.75
C TYR N 246 13.81 68.68 4.70
N PRO N 247 14.65 67.74 4.22
CA PRO N 247 15.17 66.66 5.07
C PRO N 247 16.01 67.19 6.24
N LEU N 248 16.14 66.39 7.28
CA LEU N 248 16.90 66.80 8.46
C LEU N 248 18.00 65.81 8.81
N LEU N 249 19.11 66.32 9.33
CA LEU N 249 20.23 65.49 9.72
C LEU N 249 20.38 65.40 11.23
N ILE N 250 20.45 64.18 11.75
CA ILE N 250 20.59 63.94 13.17
C ILE N 250 21.73 62.97 13.45
N MET N 251 22.65 63.36 14.34
CA MET N 251 23.79 62.53 14.70
C MET N 251 24.18 62.73 16.15
N ALA N 252 23.34 62.23 17.06
CA ALA N 252 23.58 62.40 18.49
C ALA N 252 23.73 61.06 19.21
N GLU N 253 24.88 60.43 19.02
CA GLU N 253 25.23 59.15 19.63
C GLU N 253 24.13 58.09 19.49
N GLU N 254 23.48 57.77 20.60
CA GLU N 254 22.52 56.66 20.63
C GLU N 254 21.08 57.14 20.62
N VAL N 255 20.35 56.77 19.56
CA VAL N 255 18.91 57.01 19.50
C VAL N 255 18.18 55.72 19.87
N GLU N 256 17.36 55.77 20.92
CA GLU N 256 16.72 54.57 21.44
C GLU N 256 15.64 54.05 20.49
N GLN N 257 15.09 52.88 20.83
CA GLN N 257 14.14 52.19 19.97
C GLN N 257 12.87 53.00 19.68
N GLU N 258 12.46 53.83 20.63
CA GLU N 258 11.24 54.62 20.47
C GLU N 258 11.38 55.67 19.38
N ALA N 259 12.39 56.52 19.51
CA ALA N 259 12.63 57.59 18.54
C ALA N 259 13.05 57.01 17.19
N LEU N 260 13.77 55.90 17.22
CA LEU N 260 14.21 55.25 15.99
C LEU N 260 13.04 54.67 15.20
N ALA N 261 12.06 54.13 15.92
CA ALA N 261 10.88 53.57 15.29
C ALA N 261 10.01 54.66 14.68
N THR N 262 9.90 55.77 15.38
CA THR N 262 9.13 56.92 14.89
C THR N 262 9.82 57.51 13.65
N LEU N 263 11.14 57.43 13.63
CA LEU N 263 11.92 57.96 12.51
C LEU N 263 11.74 57.15 11.24
N VAL N 264 11.83 55.83 11.35
CA VAL N 264 11.72 54.95 10.18
C VAL N 264 10.28 54.88 9.67
N VAL N 265 9.32 55.12 10.55
CA VAL N 265 7.91 55.12 10.15
C VAL N 265 7.58 56.40 9.37
N ASN N 266 8.05 57.53 9.89
CA ASN N 266 7.84 58.82 9.23
C ASN N 266 8.64 58.93 7.93
N LYS N 267 9.62 58.06 7.76
CA LYS N 267 10.46 58.06 6.56
C LYS N 267 9.90 57.13 5.50
N LEU N 268 9.23 56.06 5.93
CA LEU N 268 8.70 55.06 5.01
C LEU N 268 7.50 55.60 4.23
N ARG N 269 6.84 56.62 4.76
CA ARG N 269 5.68 57.20 4.11
C ARG N 269 6.05 58.38 3.20
N GLY N 270 7.22 58.96 3.44
CA GLY N 270 7.70 60.06 2.63
C GLY N 270 7.30 61.42 3.16
N THR N 271 6.63 61.44 4.30
CA THR N 271 6.22 62.70 4.92
C THR N 271 7.43 63.42 5.51
N LEU N 272 8.29 62.66 6.18
CA LEU N 272 9.49 63.23 6.79
C LEU N 272 10.75 62.50 6.30
N LYS N 273 11.69 63.25 5.74
CA LYS N 273 12.97 62.68 5.31
C LYS N 273 13.98 62.81 6.44
N VAL N 274 14.31 61.69 7.09
CA VAL N 274 15.18 61.73 8.25
C VAL N 274 16.43 60.86 8.07
N VAL N 275 17.48 61.18 8.82
CA VAL N 275 18.73 60.44 8.76
C VAL N 275 19.20 60.08 10.17
N ALA N 276 19.72 58.87 10.34
CA ALA N 276 20.15 58.40 11.66
C ALA N 276 21.65 58.09 11.73
N ILE N 277 22.32 58.59 12.76
CA ILE N 277 23.77 58.38 12.91
C ILE N 277 24.27 58.47 14.35
N LYS N 278 25.50 57.98 14.59
CA LYS N 278 26.02 57.91 15.94
C LYS N 278 27.05 59.04 16.15
N ALA N 279 27.65 59.09 17.34
CA ALA N 279 28.61 60.15 17.66
C ALA N 279 30.05 59.68 17.51
N PRO N 280 30.93 60.56 17.01
CA PRO N 280 32.36 60.29 16.89
C PRO N 280 33.09 60.53 18.22
N GLY N 281 34.14 59.77 18.47
CA GLY N 281 34.92 59.92 19.68
C GLY N 281 34.18 59.44 20.93
N PHE N 282 34.71 59.82 22.09
CA PHE N 282 34.11 59.41 23.36
C PHE N 282 34.44 60.40 24.48
N GLY N 283 33.49 60.58 25.39
CA GLY N 283 33.69 61.46 26.54
C GLY N 283 33.70 62.93 26.16
N GLU N 284 34.72 63.64 26.60
CA GLU N 284 34.86 65.07 26.33
C GLU N 284 35.15 65.33 24.86
N ARG N 285 35.60 64.29 24.15
CA ARG N 285 35.89 64.40 22.73
C ARG N 285 34.61 64.64 21.93
N ARG N 286 33.52 63.99 22.34
CA ARG N 286 32.24 64.12 21.67
C ARG N 286 31.75 65.57 21.67
N SER N 287 31.77 66.20 22.84
CA SER N 287 31.32 67.58 22.97
C SER N 287 32.31 68.56 22.36
N SER N 288 33.45 68.04 21.89
CA SER N 288 34.47 68.85 21.26
C SER N 288 34.55 68.55 19.76
N TYR N 289 33.78 67.57 19.31
CA TYR N 289 33.76 67.20 17.89
C TYR N 289 32.47 67.66 17.21
N LEU N 290 31.36 67.62 17.92
CA LEU N 290 30.09 68.05 17.36
C LEU N 290 30.04 69.56 17.22
N GLU N 291 30.73 70.26 18.11
CA GLU N 291 30.81 71.71 18.03
C GLU N 291 31.83 72.12 16.96
N ASP N 292 32.66 71.17 16.55
CA ASP N 292 33.63 71.40 15.50
C ASP N 292 32.96 71.31 14.13
N ILE N 293 31.82 70.62 14.09
CA ILE N 293 31.07 70.46 12.84
C ILE N 293 29.79 71.31 12.88
N ALA N 294 29.50 71.88 14.04
CA ALA N 294 28.31 72.71 14.21
C ALA N 294 28.45 74.03 13.46
N ILE N 295 29.44 74.82 13.84
CA ILE N 295 29.70 76.11 13.20
C ILE N 295 30.17 75.90 11.76
N LEU N 296 30.85 74.78 11.53
CA LEU N 296 31.29 74.41 10.19
C LEU N 296 30.10 74.29 9.25
N THR N 297 28.97 73.83 9.80
CA THR N 297 27.72 73.75 9.04
C THR N 297 26.88 75.00 9.27
N GLY N 298 27.40 75.93 10.07
CA GLY N 298 26.71 77.17 10.35
C GLY N 298 25.56 77.00 11.32
N GLY N 299 25.85 76.44 12.49
CA GLY N 299 24.84 76.23 13.51
C GLY N 299 25.42 76.22 14.91
N THR N 300 24.62 76.62 15.88
CA THR N 300 25.06 76.66 17.27
C THR N 300 24.92 75.28 17.92
N VAL N 301 25.33 75.17 19.18
CA VAL N 301 25.27 73.91 19.90
C VAL N 301 24.11 73.90 20.89
N VAL N 302 23.30 72.85 20.83
CA VAL N 302 22.13 72.73 21.70
C VAL N 302 22.45 71.84 22.91
N ARG N 303 23.61 72.07 23.50
CA ARG N 303 24.04 71.28 24.66
C ARG N 303 23.59 71.95 25.96
N ASP N 304 23.33 71.15 26.98
CA ASP N 304 22.83 71.65 28.26
C ASP N 304 23.95 72.13 29.18
N GLU N 305 25.17 72.19 28.65
CA GLU N 305 26.32 72.63 29.43
C GLU N 305 26.34 74.15 29.59
N MET N 306 25.68 74.85 28.67
CA MET N 306 25.60 76.31 28.73
C MET N 306 24.41 76.86 29.56
N GLY N 307 23.16 76.42 29.32
CA GLY N 307 22.78 75.43 28.33
C GLY N 307 21.34 75.59 27.88
N VAL N 308 21.13 75.64 26.58
CA VAL N 308 19.79 75.79 26.02
C VAL N 308 19.29 74.47 25.43
N SER N 309 18.15 74.00 25.95
CA SER N 309 17.54 72.76 25.49
C SER N 309 16.07 72.71 25.89
N LEU N 310 15.19 73.10 24.98
CA LEU N 310 13.76 73.15 25.27
C LEU N 310 12.93 72.47 24.17
N GLU N 311 11.67 72.88 24.08
CA GLU N 311 10.74 72.30 23.12
C GLU N 311 11.03 72.75 21.70
N GLN N 312 11.02 74.07 21.49
CA GLN N 312 11.14 74.64 20.16
C GLN N 312 12.59 74.67 19.67
N ALA N 313 12.76 74.83 18.35
CA ALA N 313 14.08 74.92 17.74
C ALA N 313 14.02 75.75 16.46
N THR N 314 14.91 76.73 16.35
CA THR N 314 14.93 77.62 15.21
C THR N 314 16.13 77.36 14.30
N ASP N 315 16.38 78.28 13.37
CA ASP N 315 17.48 78.14 12.42
C ASP N 315 18.83 78.32 13.10
N ALA N 316 18.83 78.94 14.26
CA ALA N 316 20.07 79.23 14.99
C ALA N 316 20.66 77.98 15.64
N VAL N 317 19.81 77.04 16.01
CA VAL N 317 20.26 75.85 16.73
C VAL N 317 20.69 74.73 15.77
N LEU N 318 20.42 74.92 14.48
CA LEU N 318 20.76 73.91 13.49
C LEU N 318 21.56 74.48 12.32
N GLY N 319 22.58 73.74 11.89
CA GLY N 319 23.43 74.17 10.80
C GLY N 319 22.87 73.80 9.44
N THR N 320 23.67 73.97 8.39
CA THR N 320 23.23 73.62 7.05
C THR N 320 24.31 72.84 6.29
N ALA N 321 23.87 71.95 5.39
CA ALA N 321 24.77 71.16 4.58
C ALA N 321 24.20 70.95 3.18
N ALA N 322 24.97 71.34 2.16
CA ALA N 322 24.51 71.23 0.78
C ALA N 322 24.30 69.78 0.37
N LYS N 323 25.29 68.94 0.63
CA LYS N 323 25.20 67.51 0.29
C LYS N 323 25.86 66.65 1.36
N ILE N 324 25.23 65.53 1.68
CA ILE N 324 25.80 64.57 2.63
C ILE N 324 25.66 63.14 2.12
N THR N 325 26.77 62.41 2.12
CA THR N 325 26.80 61.02 1.67
C THR N 325 27.33 60.11 2.77
N ILE N 326 26.46 59.25 3.31
CA ILE N 326 26.86 58.36 4.38
C ILE N 326 26.73 56.89 3.98
N THR N 327 27.63 56.05 4.50
CA THR N 327 27.60 54.62 4.19
C THR N 327 27.70 53.78 5.46
N LYS N 328 28.10 52.53 5.29
CA LYS N 328 28.12 51.57 6.40
C LYS N 328 29.04 51.99 7.54
N GLU N 329 30.27 52.37 7.21
CA GLU N 329 31.24 52.71 8.24
C GLU N 329 31.79 54.14 8.09
N ARG N 330 31.23 54.90 7.16
CA ARG N 330 31.66 56.27 6.94
C ARG N 330 30.48 57.24 6.82
N THR N 331 30.70 58.47 7.24
CA THR N 331 29.72 59.54 7.09
C THR N 331 30.40 60.80 6.56
N THR N 332 30.05 61.20 5.34
CA THR N 332 30.73 62.33 4.69
C THR N 332 29.80 63.51 4.41
N VAL N 333 30.26 64.71 4.75
CA VAL N 333 29.53 65.94 4.44
C VAL N 333 30.36 66.82 3.52
N VAL N 334 29.71 67.60 2.66
CA VAL N 334 30.40 68.42 1.67
C VAL N 334 29.46 69.41 0.99
N GLY N 335 30.02 70.48 0.43
CA GLY N 335 29.27 71.38 -0.43
C GLY N 335 28.78 72.68 0.18
N ASP N 336 28.40 72.65 1.46
CA ASP N 336 27.80 73.80 2.11
C ASP N 336 28.71 75.03 2.11
N GLY N 337 28.13 76.18 1.73
CA GLY N 337 28.86 77.42 1.71
C GLY N 337 28.64 78.24 2.96
N SER N 338 29.15 77.74 4.08
CA SER N 338 29.00 78.42 5.36
C SER N 338 30.25 79.20 5.73
N THR N 339 30.48 79.36 7.03
CA THR N 339 31.64 80.09 7.51
C THR N 339 32.93 79.32 7.22
N ALA N 340 33.60 79.69 6.14
CA ALA N 340 34.88 79.07 5.78
C ALA N 340 35.96 79.52 6.75
N ALA N 341 35.71 80.63 7.43
CA ALA N 341 36.63 81.14 8.44
C ALA N 341 36.71 80.18 9.63
N ASP N 342 35.61 79.49 9.90
CA ASP N 342 35.57 78.50 10.96
C ASP N 342 36.56 77.37 10.70
N VAL N 343 36.56 76.87 9.47
CA VAL N 343 37.48 75.80 9.08
C VAL N 343 38.92 76.30 9.08
N ALA N 344 39.09 77.62 9.04
CA ALA N 344 40.40 78.23 9.01
C ALA N 344 40.82 78.78 10.37
N ALA N 345 39.89 78.75 11.33
CA ALA N 345 40.16 79.24 12.68
C ALA N 345 40.24 78.12 13.69
N ARG N 346 39.44 77.08 13.49
CA ARG N 346 39.46 75.93 14.39
C ARG N 346 40.78 75.19 14.25
N VAL N 347 41.37 75.24 13.06
CA VAL N 347 42.67 74.65 12.82
C VAL N 347 43.75 75.43 13.56
N LYS N 348 43.50 76.71 13.80
CA LYS N 348 44.41 77.55 14.56
C LYS N 348 44.31 77.21 16.05
N GLN N 349 43.10 76.86 16.49
CA GLN N 349 42.88 76.47 17.87
C GLN N 349 43.49 75.10 18.14
N ILE N 350 43.43 74.23 17.14
CA ILE N 350 44.03 72.90 17.24
C ILE N 350 45.54 73.01 17.33
N ARG N 351 46.12 73.86 16.47
CA ARG N 351 47.55 74.16 16.53
C ARG N 351 47.93 74.66 17.92
N ASN N 352 47.05 75.48 18.50
CA ASN N 352 47.26 76.01 19.84
C ASN N 352 47.18 74.92 20.91
N LEU N 353 46.17 74.07 20.83
CA LEU N 353 46.02 72.99 21.79
C LEU N 353 47.15 71.97 21.64
N GLN N 354 47.69 71.85 20.42
CA GLN N 354 48.78 70.94 20.13
C GLN N 354 50.10 71.40 20.72
N MET N 355 50.36 72.71 20.63
CA MET N 355 51.64 73.27 21.04
C MET N 355 51.77 73.42 22.55
N GLN N 356 50.66 73.27 23.28
CA GLN N 356 50.70 73.33 24.74
C GLN N 356 50.44 71.97 25.38
N THR N 357 50.24 70.94 24.55
CA THR N 357 49.98 69.59 25.06
C THR N 357 51.25 68.90 25.57
N ASP N 358 51.27 68.57 26.85
CA ASP N 358 52.39 67.87 27.45
C ASP N 358 52.17 66.35 27.41
N GLN N 359 50.91 65.96 27.21
CA GLN N 359 50.54 64.57 27.12
C GLN N 359 50.94 63.96 25.78
N ASP N 360 50.40 62.80 25.46
CA ASP N 360 50.73 62.11 24.22
C ASP N 360 49.48 61.78 23.41
N TYR N 361 48.43 61.34 24.09
CA TYR N 361 47.18 60.97 23.43
C TYR N 361 46.49 62.18 22.84
N GLU N 362 46.58 63.32 23.52
CA GLU N 362 45.97 64.55 23.02
C GLU N 362 46.70 65.06 21.79
N ARG N 363 47.99 64.77 21.69
CA ARG N 363 48.79 65.19 20.55
C ARG N 363 48.34 64.51 19.26
N GLU N 364 48.02 63.22 19.35
CA GLU N 364 47.60 62.46 18.18
C GLU N 364 46.11 62.64 17.89
N LYS N 365 45.34 62.99 18.93
CA LYS N 365 43.92 63.28 18.75
C LYS N 365 43.74 64.62 18.07
N LEU N 366 44.61 65.57 18.38
CA LEU N 366 44.61 66.87 17.71
C LEU N 366 45.27 66.74 16.34
N GLN N 367 46.10 65.72 16.18
CA GLN N 367 46.78 65.48 14.91
C GLN N 367 45.85 64.81 13.90
N GLU N 368 44.95 63.96 14.39
CA GLU N 368 43.99 63.30 13.51
C GLU N 368 42.84 64.24 13.18
N ARG N 369 42.61 65.23 14.03
CA ARG N 369 41.56 66.21 13.80
C ARG N 369 42.07 67.31 12.87
N ILE N 370 43.33 67.71 13.06
CA ILE N 370 43.94 68.70 12.17
C ILE N 370 44.17 68.10 10.79
N ALA N 371 44.19 66.77 10.72
CA ALA N 371 44.39 66.06 9.47
C ALA N 371 43.14 66.14 8.60
N ARG N 372 42.04 65.59 9.11
CA ARG N 372 40.77 65.56 8.37
C ARG N 372 40.22 66.95 8.12
N LEU N 373 40.53 67.89 9.01
CA LEU N 373 40.13 69.28 8.84
C LEU N 373 40.87 69.93 7.68
N SER N 374 42.18 69.71 7.63
CA SER N 374 43.01 70.28 6.57
C SER N 374 42.80 69.56 5.24
N GLY N 375 42.54 68.27 5.30
CA GLY N 375 42.31 67.47 4.11
C GLY N 375 41.05 67.88 3.38
N GLY N 376 40.03 68.27 4.15
CA GLY N 376 38.76 68.68 3.60
C GLY N 376 38.03 67.55 2.89
N VAL N 377 37.32 67.90 1.77
CA VAL N 377 36.65 66.89 0.98
C VAL N 377 36.53 67.33 -0.48
N ALA N 378 37.48 67.04 -1.22
CA ALA N 378 37.47 67.40 -2.62
C ALA N 378 36.45 66.58 -3.40
N ILE N 379 35.63 67.27 -4.19
CA ILE N 379 34.62 66.60 -5.02
C ILE N 379 34.92 66.81 -6.50
N ILE N 380 34.88 65.72 -7.27
CA ILE N 380 35.20 65.76 -8.69
C ILE N 380 33.95 65.62 -9.55
N GLN N 381 33.91 66.33 -10.68
CA GLN N 381 32.80 66.24 -11.61
C GLN N 381 33.25 65.63 -12.93
N VAL N 382 32.59 64.56 -13.36
CA VAL N 382 32.95 63.88 -14.60
C VAL N 382 32.21 64.49 -15.79
N GLY N 383 32.72 64.23 -16.99
CA GLY N 383 32.10 64.74 -18.21
C GLY N 383 30.86 63.97 -18.59
N ALA N 384 30.38 64.20 -19.81
CA ALA N 384 29.17 63.54 -20.29
C ALA N 384 29.09 63.51 -21.81
N GLN N 385 29.36 62.35 -22.40
CA GLN N 385 29.22 62.17 -23.84
C GLN N 385 27.76 61.95 -24.19
N THR N 386 27.21 60.83 -23.73
CA THR N 386 25.77 60.56 -23.88
C THR N 386 25.13 60.52 -22.50
N GLU N 387 24.09 59.71 -22.34
CA GLU N 387 23.44 59.54 -21.05
C GLU N 387 23.79 58.20 -20.43
N THR N 388 24.09 57.22 -21.29
CA THR N 388 24.52 55.91 -20.83
C THR N 388 26.03 55.87 -20.64
N GLU N 389 26.72 56.82 -21.26
CA GLU N 389 28.17 56.91 -21.16
C GLU N 389 28.58 57.53 -19.83
N LEU N 390 27.79 58.52 -19.37
CA LEU N 390 28.10 59.20 -18.11
C LEU N 390 27.85 58.26 -16.93
N LYS N 391 26.85 57.38 -17.06
CA LYS N 391 26.55 56.41 -16.02
C LYS N 391 27.58 55.28 -16.01
N GLU N 392 27.97 54.84 -17.21
CA GLU N 392 28.98 53.80 -17.34
C GLU N 392 30.32 54.31 -16.83
N LYS N 393 30.59 55.60 -17.07
CA LYS N 393 31.77 56.25 -16.52
C LYS N 393 31.69 56.33 -14.99
N LYS N 394 30.58 56.86 -14.50
CA LYS N 394 30.38 57.06 -13.06
C LYS N 394 30.59 55.77 -12.26
N LEU N 395 30.20 54.65 -12.85
CA LEU N 395 30.40 53.35 -12.20
C LEU N 395 31.86 52.93 -12.30
N ARG N 396 32.49 53.25 -13.43
CA ARG N 396 33.89 52.90 -13.64
C ARG N 396 34.82 53.75 -12.79
N VAL N 397 34.43 55.00 -12.53
CA VAL N 397 35.24 55.88 -11.69
C VAL N 397 34.97 55.60 -10.21
N GLU N 398 33.84 54.94 -9.93
CA GLU N 398 33.50 54.57 -8.57
C GLU N 398 34.37 53.41 -8.13
N ASP N 399 34.49 52.42 -9.01
CA ASP N 399 35.32 51.25 -8.75
C ASP N 399 36.80 51.63 -8.84
N ALA N 400 37.10 52.66 -9.61
CA ALA N 400 38.47 53.14 -9.75
C ALA N 400 38.94 53.81 -8.46
N LEU N 401 38.11 54.70 -7.93
CA LEU N 401 38.43 55.41 -6.70
C LEU N 401 38.60 54.46 -5.52
N ASN N 402 37.66 53.53 -5.39
CA ASN N 402 37.68 52.56 -4.30
C ASN N 402 38.88 51.62 -4.39
N ALA N 403 39.32 51.35 -5.62
CA ALA N 403 40.48 50.48 -5.84
C ALA N 403 41.77 51.24 -5.57
N THR N 404 41.82 52.49 -6.01
CA THR N 404 43.00 53.32 -5.80
C THR N 404 43.20 53.63 -4.32
N ARG N 405 42.11 53.87 -3.61
CA ARG N 405 42.17 54.13 -2.18
C ARG N 405 42.63 52.91 -1.40
N ALA N 406 42.09 51.74 -1.78
CA ALA N 406 42.42 50.50 -1.09
C ALA N 406 43.83 50.04 -1.40
N ALA N 407 44.40 50.58 -2.49
CA ALA N 407 45.75 50.22 -2.91
C ALA N 407 46.78 51.17 -2.30
N VAL N 408 46.40 52.44 -2.17
CA VAL N 408 47.30 53.45 -1.62
C VAL N 408 47.31 53.40 -0.09
N GLU N 409 46.34 52.70 0.47
CA GLU N 409 46.19 52.64 1.93
C GLU N 409 47.18 51.68 2.57
N GLU N 410 47.19 50.43 2.10
CA GLU N 410 48.01 49.38 2.70
C GLU N 410 49.19 48.99 1.83
N GLY N 411 49.26 49.54 0.62
CA GLY N 411 50.30 49.17 -0.32
C GLY N 411 49.76 48.33 -1.45
N VAL N 412 50.66 47.89 -2.33
CA VAL N 412 50.23 47.14 -3.52
C VAL N 412 51.02 45.83 -3.66
N VAL N 413 50.31 44.79 -4.10
CA VAL N 413 50.92 43.48 -4.33
C VAL N 413 50.53 42.95 -5.72
N PRO N 414 51.38 42.12 -6.33
CA PRO N 414 51.06 41.55 -7.65
C PRO N 414 49.77 40.73 -7.63
N GLY N 415 48.84 41.07 -8.52
CA GLY N 415 47.55 40.43 -8.55
C GLY N 415 47.55 39.05 -9.18
N GLY N 416 46.42 38.65 -9.73
CA GLY N 416 46.28 37.34 -10.36
C GLY N 416 46.27 36.21 -9.36
N GLY N 417 46.26 36.55 -8.08
CA GLY N 417 46.25 35.56 -7.01
C GLY N 417 47.59 34.86 -6.86
N CYS N 418 48.60 35.34 -7.58
CA CYS N 418 49.93 34.74 -7.55
C CYS N 418 50.68 35.10 -6.27
N THR N 419 50.25 36.19 -5.63
CA THR N 419 50.85 36.62 -4.38
C THR N 419 50.58 35.61 -3.27
N LEU N 420 49.52 34.83 -3.44
CA LEU N 420 49.16 33.80 -2.48
C LEU N 420 50.10 32.60 -2.58
N LEU N 421 50.67 32.38 -3.76
CA LEU N 421 51.62 31.30 -3.97
C LEU N 421 52.97 31.65 -3.35
N ARG N 422 53.38 32.90 -3.56
CA ARG N 422 54.63 33.40 -3.01
C ARG N 422 54.58 33.43 -1.49
N LEU N 423 53.39 33.64 -0.94
CA LEU N 423 53.18 33.59 0.50
C LEU N 423 53.11 32.15 0.98
N SER N 424 52.63 31.26 0.12
CA SER N 424 52.49 29.85 0.46
C SER N 424 53.85 29.15 0.49
N GLU N 425 54.76 29.59 -0.37
CA GLU N 425 56.07 28.98 -0.47
C GLU N 425 57.06 29.64 0.49
N LYS N 426 56.56 29.99 1.67
CA LYS N 426 57.39 30.56 2.72
C LYS N 426 57.01 29.98 4.08
N VAL N 427 56.08 29.04 4.07
CA VAL N 427 55.68 28.34 5.29
C VAL N 427 56.55 27.11 5.49
N ASP N 428 57.23 26.71 4.42
CA ASP N 428 58.11 25.54 4.46
C ASP N 428 59.34 25.82 5.31
N VAL N 429 59.67 27.09 5.49
CA VAL N 429 60.84 27.49 6.26
C VAL N 429 60.44 27.86 7.69
N ILE N 430 59.14 27.98 7.93
CA ILE N 430 58.65 28.37 9.25
C ILE N 430 58.75 27.24 10.26
N LYS N 431 59.73 27.34 11.15
CA LYS N 431 59.89 26.40 12.24
C LYS N 431 59.37 27.02 13.54
N ARG N 432 58.19 26.59 13.98
CA ARG N 432 57.52 27.21 15.12
C ARG N 432 57.89 26.57 16.45
N ARG N 433 57.22 27.06 17.51
CA ARG N 433 57.46 26.59 18.88
C ARG N 433 56.14 26.16 19.51
N MET N 434 56.11 24.98 20.15
CA MET N 434 57.28 24.12 20.32
C MET N 434 57.40 23.09 19.19
N THR N 435 57.07 23.51 17.98
CA THR N 435 57.21 22.68 16.77
C THR N 435 56.50 21.34 16.90
N ASP N 436 55.39 21.31 17.63
CA ASP N 436 54.56 20.11 17.70
C ASP N 436 53.98 19.83 16.33
N PRO N 437 53.86 18.53 15.97
CA PRO N 437 53.42 18.12 14.62
C PRO N 437 52.10 18.72 14.19
N GLU N 438 51.19 18.97 15.14
CA GLU N 438 49.86 19.50 14.83
C GLU N 438 49.94 20.90 14.19
N GLN N 439 50.74 21.77 14.79
CA GLN N 439 50.90 23.12 14.26
C GLN N 439 51.55 23.11 12.88
N GLN N 440 52.39 22.10 12.65
CA GLN N 440 53.02 21.93 11.34
C GLN N 440 51.98 21.52 10.31
N MET N 441 51.01 20.72 10.72
CA MET N 441 49.91 20.34 9.86
C MET N 441 49.08 21.57 9.51
N GLY N 442 48.87 22.43 10.50
CA GLY N 442 48.14 23.67 10.30
C GLY N 442 48.84 24.58 9.31
N ALA N 443 50.16 24.52 9.30
CA ALA N 443 50.95 25.29 8.35
C ALA N 443 50.80 24.70 6.95
N ASP N 444 50.80 23.37 6.86
CA ASP N 444 50.61 22.68 5.60
C ASP N 444 49.19 22.87 5.07
N ILE N 445 48.25 23.05 6.00
CA ILE N 445 46.86 23.32 5.64
C ILE N 445 46.76 24.68 4.96
N ILE N 446 47.40 25.68 5.54
CA ILE N 446 47.46 27.02 4.96
C ILE N 446 48.09 26.96 3.57
N LYS N 447 49.12 26.13 3.43
CA LYS N 447 49.82 25.97 2.16
C LYS N 447 48.90 25.46 1.06
N ARG N 448 48.23 24.34 1.33
CA ARG N 448 47.35 23.73 0.35
C ARG N 448 46.06 24.54 0.17
N ALA N 449 45.79 25.45 1.10
CA ALA N 449 44.62 26.29 1.02
C ALA N 449 44.85 27.50 0.13
N LEU N 450 46.07 28.05 0.20
CA LEU N 450 46.45 29.19 -0.63
C LEU N 450 46.65 28.77 -2.08
N CYS N 451 46.76 27.46 -2.29
CA CYS N 451 46.91 26.88 -3.62
C CYS N 451 45.57 26.84 -4.36
N TYR N 452 44.49 26.80 -3.59
CA TYR N 452 43.15 26.68 -4.15
C TYR N 452 42.68 27.88 -5.01
N PRO N 453 42.83 29.13 -4.52
CA PRO N 453 42.27 30.25 -5.30
C PRO N 453 42.83 30.36 -6.72
N ILE N 454 44.14 30.28 -6.87
CA ILE N 454 44.76 30.37 -8.19
C ILE N 454 44.35 29.17 -9.05
N LYS N 455 44.10 28.04 -8.41
CA LYS N 455 43.72 26.83 -9.11
C LYS N 455 42.32 27.00 -9.72
N LEU N 456 41.40 27.57 -8.95
CA LEU N 456 40.04 27.81 -9.42
C LEU N 456 40.00 28.86 -10.52
N ILE N 457 40.87 29.86 -10.40
CA ILE N 457 40.94 30.94 -11.39
C ILE N 457 41.37 30.40 -12.76
N ALA N 458 42.44 29.61 -12.76
CA ALA N 458 42.97 29.05 -13.99
C ALA N 458 42.04 27.99 -14.57
N GLN N 459 41.47 27.16 -13.70
CA GLN N 459 40.60 26.06 -14.12
C GLN N 459 39.34 26.56 -14.82
N ASN N 460 38.60 27.43 -14.15
CA ASN N 460 37.33 27.93 -14.70
C ASN N 460 37.56 28.84 -15.90
N ALA N 461 38.81 29.28 -16.07
CA ALA N 461 39.19 30.06 -17.24
C ALA N 461 39.27 29.15 -18.46
N GLY N 462 39.74 27.92 -18.25
CA GLY N 462 39.82 26.94 -19.32
C GLY N 462 41.20 26.38 -19.54
N VAL N 463 42.03 26.42 -18.49
CA VAL N 463 43.40 25.92 -18.59
C VAL N 463 43.80 25.20 -17.30
N ASN N 464 44.66 24.19 -17.43
CA ASN N 464 45.16 23.45 -16.28
C ASN N 464 45.93 24.35 -15.31
N GLY N 465 45.56 24.30 -14.04
CA GLY N 465 46.19 25.13 -13.03
C GLY N 465 47.42 24.51 -12.42
N SER N 466 47.56 23.20 -12.57
CA SER N 466 48.71 22.47 -12.02
C SER N 466 49.99 22.87 -12.74
N VAL N 467 49.92 22.94 -14.07
CA VAL N 467 51.08 23.31 -14.88
C VAL N 467 51.43 24.79 -14.69
N VAL N 468 50.40 25.62 -14.53
CA VAL N 468 50.59 27.05 -14.30
C VAL N 468 51.27 27.30 -12.96
N MET N 469 50.79 26.62 -11.92
CA MET N 469 51.39 26.72 -10.60
C MET N 469 52.85 26.27 -10.63
N ASN N 470 53.12 25.25 -11.43
CA ASN N 470 54.47 24.74 -11.60
C ASN N 470 55.41 25.79 -12.19
N GLU N 471 54.98 26.39 -13.29
CA GLU N 471 55.78 27.37 -14.00
C GLU N 471 56.09 28.60 -13.15
N VAL N 472 55.12 29.04 -12.36
CA VAL N 472 55.30 30.21 -11.51
C VAL N 472 56.20 29.92 -10.32
N MET N 473 56.02 28.74 -9.72
CA MET N 473 56.74 28.39 -8.51
C MET N 473 58.16 27.91 -8.79
N LYS N 474 58.34 27.10 -9.84
CA LYS N 474 59.66 26.59 -10.19
C LYS N 474 60.60 27.72 -10.59
N ASN N 475 60.06 28.70 -11.31
CA ASN N 475 60.84 29.88 -11.67
C ASN N 475 61.10 30.74 -10.43
N LEU N 476 62.02 31.70 -10.57
CA LEU N 476 62.35 32.60 -9.47
C LEU N 476 61.13 33.42 -9.07
N ASP N 477 60.76 33.31 -7.79
CA ASP N 477 59.54 33.95 -7.28
C ASP N 477 59.71 35.44 -7.02
N ARG N 478 60.92 35.94 -7.19
CA ARG N 478 61.23 37.33 -6.86
C ARG N 478 61.06 38.33 -8.03
N PRO N 479 61.51 37.99 -9.25
CA PRO N 479 61.36 38.99 -10.32
C PRO N 479 59.92 39.21 -10.81
N HIS N 480 58.96 39.25 -9.88
CA HIS N 480 57.56 39.55 -10.19
C HIS N 480 56.97 38.66 -11.28
N TYR N 481 57.45 37.43 -11.38
CA TYR N 481 56.90 36.48 -12.34
C TYR N 481 55.46 36.13 -11.99
N GLY N 482 54.62 36.04 -13.02
CA GLY N 482 53.22 35.70 -12.81
C GLY N 482 52.56 35.14 -14.06
N TYR N 483 51.26 34.94 -13.97
CA TYR N 483 50.49 34.39 -15.08
C TYR N 483 49.17 35.13 -15.26
N ASN N 484 49.05 35.88 -16.34
CA ASN N 484 47.81 36.60 -16.64
C ASN N 484 46.84 35.71 -17.42
N ALA N 485 45.73 35.36 -16.79
CA ALA N 485 44.73 34.49 -17.41
C ALA N 485 43.97 35.22 -18.51
N ALA N 486 44.01 36.54 -18.48
CA ALA N 486 43.30 37.35 -19.48
C ALA N 486 43.95 37.25 -20.85
N THR N 487 45.24 36.94 -20.88
CA THR N 487 45.98 36.83 -22.14
C THR N 487 46.59 35.45 -22.33
N ASP N 488 46.65 34.68 -21.25
CA ASP N 488 47.24 33.34 -21.26
C ASP N 488 48.68 33.38 -21.78
N SER N 489 49.58 33.90 -20.97
CA SER N 489 50.99 34.01 -21.35
C SER N 489 51.87 34.29 -20.14
N PHE N 490 53.15 33.95 -20.25
CA PHE N 490 54.11 34.23 -19.18
C PHE N 490 54.47 35.72 -19.17
N GLU N 491 54.07 36.40 -18.11
CA GLU N 491 54.26 37.85 -18.00
C GLU N 491 54.47 38.29 -16.56
N ASN N 492 55.18 39.40 -16.38
CA ASN N 492 55.31 40.02 -15.06
C ASN N 492 54.05 40.79 -14.70
N LEU N 493 53.53 40.54 -13.50
CA LEU N 493 52.24 41.09 -13.10
C LEU N 493 52.28 42.59 -12.84
N MET N 494 53.47 43.15 -12.72
CA MET N 494 53.60 44.57 -12.41
C MET N 494 53.55 45.45 -13.65
N GLU N 495 54.39 45.14 -14.64
CA GLU N 495 54.49 45.97 -15.84
C GLU N 495 53.32 45.74 -16.80
N THR N 496 52.64 44.60 -16.67
CA THR N 496 51.53 44.28 -17.54
C THR N 496 50.26 45.04 -17.15
N GLY N 497 49.95 45.04 -15.86
CA GLY N 497 48.81 45.79 -15.37
C GLY N 497 47.80 44.98 -14.58
N ILE N 498 48.25 43.87 -14.00
CA ILE N 498 47.38 43.03 -13.19
C ILE N 498 47.83 43.11 -11.73
N ILE N 499 47.21 44.02 -10.99
CA ILE N 499 47.62 44.31 -9.62
C ILE N 499 46.45 44.23 -8.65
N ASP N 500 46.70 43.70 -7.46
CA ASP N 500 45.71 43.65 -6.39
C ASP N 500 46.15 44.49 -5.20
N PRO N 501 45.21 45.20 -4.56
CA PRO N 501 45.53 45.98 -3.36
C PRO N 501 45.89 45.07 -2.18
N SER N 502 46.90 45.45 -1.40
CA SER N 502 47.37 44.62 -0.30
C SER N 502 46.35 44.54 0.84
N LYS N 503 45.53 45.58 0.95
CA LYS N 503 44.51 45.62 2.00
C LYS N 503 43.46 44.54 1.80
N VAL N 504 43.12 44.28 0.54
CA VAL N 504 42.15 43.24 0.20
C VAL N 504 42.70 41.86 0.54
N VAL N 505 43.94 41.60 0.14
CA VAL N 505 44.57 40.31 0.37
C VAL N 505 44.71 40.01 1.87
N ARG N 506 45.15 41.01 2.63
CA ARG N 506 45.36 40.85 4.07
C ARG N 506 44.05 40.60 4.83
N CYS N 507 43.07 41.47 4.61
CA CYS N 507 41.80 41.39 5.30
C CYS N 507 41.05 40.10 4.99
N SER N 508 41.05 39.71 3.71
CA SER N 508 40.37 38.49 3.29
C SER N 508 41.06 37.26 3.87
N MET N 509 42.39 37.33 4.00
CA MET N 509 43.16 36.22 4.53
C MET N 509 42.95 36.07 6.03
N GLU N 510 42.99 37.20 6.75
CA GLU N 510 42.81 37.20 8.19
C GLU N 510 41.40 36.76 8.58
N ASN N 511 40.41 37.29 7.89
CA ASN N 511 39.01 36.96 8.17
C ASN N 511 38.68 35.51 7.84
N ALA N 512 39.31 34.99 6.79
CA ALA N 512 39.09 33.60 6.38
C ALA N 512 39.60 32.65 7.46
N VAL N 513 40.76 32.98 8.04
CA VAL N 513 41.31 32.21 9.15
C VAL N 513 40.45 32.40 10.39
N SER N 514 39.94 33.62 10.56
CA SER N 514 39.12 33.96 11.71
C SER N 514 37.84 33.14 11.79
N VAL N 515 37.16 32.98 10.66
CA VAL N 515 35.93 32.18 10.64
C VAL N 515 36.24 30.69 10.61
N ALA N 516 37.38 30.33 10.04
CA ALA N 516 37.82 28.94 10.07
C ALA N 516 38.28 28.58 11.47
N LYS N 517 38.68 29.59 12.23
CA LYS N 517 39.02 29.44 13.64
C LYS N 517 37.79 29.01 14.43
N THR N 518 36.71 29.77 14.29
CA THR N 518 35.48 29.50 15.01
C THR N 518 34.61 28.45 14.31
N PHE N 519 35.18 27.82 13.30
CA PHE N 519 34.48 26.76 12.58
C PHE N 519 34.95 25.38 13.04
N LEU N 520 36.26 25.19 13.02
CA LEU N 520 36.85 23.92 13.42
C LEU N 520 36.88 23.77 14.94
N LEU N 521 36.84 24.90 15.64
CA LEU N 521 36.80 24.89 17.10
C LEU N 521 35.43 24.43 17.58
N ALA N 522 34.41 24.64 16.75
CA ALA N 522 33.05 24.22 17.06
C ALA N 522 32.94 22.70 17.06
N ASP N 523 32.09 22.18 17.95
CA ASP N 523 31.88 20.74 18.04
C ASP N 523 30.41 20.41 18.23
N VAL N 524 29.65 21.38 18.73
CA VAL N 524 28.21 21.22 18.92
C VAL N 524 27.43 22.37 18.28
N VAL N 525 26.46 22.03 17.45
CA VAL N 525 25.64 23.02 16.77
C VAL N 525 24.16 22.84 17.09
N VAL N 526 23.52 23.91 17.56
CA VAL N 526 22.10 23.86 17.88
C VAL N 526 21.29 24.61 16.82
N THR N 527 20.00 24.34 16.75
CA THR N 527 19.14 24.93 15.73
C THR N 527 17.66 24.84 16.11
N GLU N 528 16.96 25.97 16.05
CA GLU N 528 15.53 25.97 16.30
C GLU N 528 14.78 25.40 15.09
N LEU N 529 13.84 24.51 15.34
CA LEU N 529 13.11 23.84 14.27
C LEU N 529 11.67 24.31 14.18
N LYS N 530 10.94 23.80 13.18
CA LYS N 530 9.56 24.21 12.95
C LYS N 530 8.64 23.86 14.12
N GLU N 531 8.37 22.57 14.27
CA GLU N 531 7.45 22.10 15.30
C GLU N 531 8.11 22.05 16.69
#